data_6QPA
#
_entry.id   6QPA
#
_cell.length_a   200.840
_cell.length_b   212.450
_cell.length_c   215.980
_cell.angle_alpha   90.000
_cell.angle_beta   90.000
_cell.angle_gamma   90.000
#
_symmetry.space_group_name_H-M   'P 21 21 21'
#
loop_
_entity.id
_entity.type
_entity.pdbx_description
1 polymer 'Sulfur oxygenase/reductase'
2 non-polymer 'FE (III) ION'
3 non-polymer 'SULFATE ION'
4 water water
#
_entity_poly.entity_id   1
_entity_poly.type   'polypeptide(L)'
_entity_poly.pdbx_seq_one_letter_code
;MSNENPIIAINMAKIANKPDSYETMMKVGPKV(CSS)ITTASHPGFLGFEQLLQTGIHPMAGRYGGGAVDMRETLNPMGM
FQYTVWKDVHSHEEMHHDNFKEIFEL(CSS)SGCLGMVIEGPWEPYFEVVKSDLPQIMSMTDVPQVLGDSFAKQERVPKV
ALSSQRTVVIGDHWVMDGHEKAFEQGATETLEWMKANVPGMVGWMIMKQFGVSAIGSFQLDPEGAMKAVSTLGANPPEYN
TNYGNKVHDKPPIPGQTPTQYLVHIEWESPEHAHQGLGHVMVDYELRQIHNNGVLAHLDKGPYYMFFSPMMEQGLWRKHL
KQ
;
_entity_poly.pdbx_strand_id   A,B,C,D,E,F,G,H,I,J,K,L,M,N,O,P,Q,R,T,U,V,W,Y,Z
#
loop_
_chem_comp.id
_chem_comp.type
_chem_comp.name
_chem_comp.formula
FE non-polymer 'FE (III) ION' 'Fe 3'
SO4 non-polymer 'SULFATE ION' 'O4 S -2'
#
# COMPACT_ATOMS: atom_id res chain seq x y z
N GLU A 4 27.53 -22.29 64.08
CA GLU A 4 26.29 -22.81 63.52
C GLU A 4 26.52 -23.52 62.17
N ASN A 5 26.08 -24.78 62.09
CA ASN A 5 26.06 -25.55 60.85
C ASN A 5 24.61 -25.83 60.51
N PRO A 6 23.93 -24.93 59.80
CA PRO A 6 22.53 -25.18 59.46
C PRO A 6 22.38 -26.24 58.38
N ILE A 7 21.15 -26.69 58.24
CA ILE A 7 20.72 -27.65 57.23
C ILE A 7 20.05 -26.86 56.11
N ILE A 8 20.28 -27.26 54.86
CA ILE A 8 19.66 -26.58 53.73
C ILE A 8 18.80 -27.61 53.01
N ALA A 9 17.51 -27.33 52.92
CA ALA A 9 16.61 -28.08 52.06
C ALA A 9 16.52 -27.37 50.72
N ILE A 10 16.75 -28.10 49.64
CA ILE A 10 16.71 -27.53 48.30
C ILE A 10 15.52 -28.13 47.59
N ASN A 11 14.46 -27.35 47.42
CA ASN A 11 13.31 -27.75 46.64
C ASN A 11 13.65 -27.56 45.17
N MET A 12 13.77 -28.65 44.43
CA MET A 12 14.19 -28.65 43.03
C MET A 12 12.97 -28.95 42.17
N ALA A 13 12.69 -28.06 41.22
CA ALA A 13 11.60 -28.23 40.26
C ALA A 13 12.06 -27.71 38.91
N LYS A 14 11.37 -28.15 37.86
CA LYS A 14 11.53 -27.60 36.52
C LYS A 14 10.19 -27.06 36.08
N ILE A 15 10.15 -25.79 35.71
CA ILE A 15 8.90 -25.11 35.45
C ILE A 15 8.90 -24.56 34.03
N ALA A 16 7.68 -24.34 33.52
CA ALA A 16 7.49 -23.84 32.17
C ALA A 16 8.03 -22.43 32.06
N ASN A 17 8.75 -22.17 30.97
CA ASN A 17 9.34 -20.87 30.72
C ASN A 17 8.37 -20.06 29.85
N LYS A 18 7.42 -19.43 30.51
CA LYS A 18 6.42 -18.61 29.83
C LYS A 18 5.90 -17.58 30.83
N PRO A 19 5.34 -16.47 30.34
CA PRO A 19 4.94 -15.37 31.25
C PRO A 19 4.05 -15.79 32.43
N ASP A 20 3.15 -16.76 32.22
CA ASP A 20 2.27 -17.19 33.30
C ASP A 20 3.07 -17.68 34.50
N SER A 21 4.20 -18.36 34.25
CA SER A 21 5.03 -18.88 35.32
C SER A 21 5.70 -17.77 36.11
N TYR A 22 6.20 -16.73 35.41
CA TYR A 22 6.78 -15.59 36.10
C TYR A 22 5.73 -14.87 36.92
N GLU A 23 4.49 -14.80 36.43
CA GLU A 23 3.44 -14.15 37.19
C GLU A 23 3.13 -14.93 38.47
N THR A 24 2.93 -16.25 38.37
CA THR A 24 2.62 -17.01 39.56
C THR A 24 3.79 -17.09 40.54
N MET A 25 5.04 -16.96 40.06
CA MET A 25 6.18 -16.97 40.96
C MET A 25 6.24 -15.75 41.87
N MET A 26 5.81 -14.56 41.40
CA MET A 26 5.79 -13.42 42.30
C MET A 26 4.49 -13.32 43.10
N LYS A 27 3.41 -13.98 42.66
CA LYS A 27 2.14 -13.92 43.39
C LYS A 27 2.04 -15.02 44.46
N VAL A 28 2.53 -16.21 44.17
CA VAL A 28 2.40 -17.35 45.08
C VAL A 28 3.68 -17.58 45.89
N GLY A 29 4.85 -17.35 45.27
CA GLY A 29 6.14 -17.53 45.91
C GLY A 29 6.27 -16.88 47.29
N PRO A 30 6.06 -15.56 47.37
CA PRO A 30 6.10 -14.90 48.69
C PRO A 30 5.16 -15.53 49.71
N LYS A 31 3.99 -16.00 49.28
CA LYS A 31 3.07 -16.59 50.24
C LYS A 31 3.65 -17.85 50.86
N VAL A 32 4.40 -18.63 50.09
CA VAL A 32 5.05 -19.82 50.62
C VAL A 32 6.12 -19.43 51.65
N CSS A 33 6.90 -18.39 51.36
CA CSS A 33 7.93 -17.94 52.26
CB CSS A 33 8.80 -16.91 51.61
SG CSS A 33 9.75 -17.64 50.31
SD CSS A 33 10.52 -19.37 51.01
C CSS A 33 7.32 -17.38 53.51
O CSS A 33 7.89 -17.54 54.61
N ILE A 34 6.18 -16.71 53.40
CA ILE A 34 5.54 -16.15 54.59
C ILE A 34 5.12 -17.31 55.49
N THR A 35 4.58 -18.35 54.87
CA THR A 35 4.23 -19.55 55.63
C THR A 35 5.47 -20.17 56.29
N THR A 36 6.56 -20.29 55.53
CA THR A 36 7.78 -20.92 56.04
C THR A 36 8.33 -20.17 57.26
N ALA A 37 8.35 -18.84 57.19
CA ALA A 37 8.94 -18.00 58.25
C ALA A 37 8.07 -17.92 59.52
N SER A 38 6.97 -18.66 59.65
CA SER A 38 6.32 -18.76 60.95
C SER A 38 7.09 -19.66 61.91
N HIS A 39 8.09 -20.42 61.41
CA HIS A 39 8.70 -21.41 62.30
C HIS A 39 10.00 -20.87 62.89
N PRO A 40 10.21 -21.03 64.21
CA PRO A 40 11.40 -20.45 64.84
C PRO A 40 12.72 -21.07 64.39
N GLY A 41 12.69 -22.25 63.79
CA GLY A 41 13.89 -22.85 63.24
C GLY A 41 14.27 -22.38 61.84
N PHE A 42 13.44 -21.54 61.22
CA PHE A 42 13.68 -21.07 59.86
C PHE A 42 14.67 -19.93 59.85
N LEU A 43 15.73 -20.08 59.04
CA LEU A 43 16.85 -19.14 59.06
C LEU A 43 16.99 -18.29 57.80
N GLY A 44 16.40 -18.69 56.69
CA GLY A 44 16.50 -17.91 55.47
C GLY A 44 16.24 -18.77 54.25
N PHE A 45 16.32 -18.11 53.09
CA PHE A 45 16.01 -18.80 51.85
C PHE A 45 16.71 -18.14 50.67
N GLU A 46 16.78 -18.89 49.57
CA GLU A 46 17.32 -18.44 48.29
C GLU A 46 16.39 -18.95 47.21
N GLN A 47 15.81 -18.05 46.43
CA GLN A 47 15.01 -18.44 45.27
C GLN A 47 15.87 -18.28 44.02
N LEU A 48 16.23 -19.42 43.41
CA LEU A 48 17.15 -19.43 42.29
C LEU A 48 16.41 -19.86 41.03
N LEU A 49 16.49 -19.05 39.99
CA LEU A 49 15.90 -19.37 38.69
C LEU A 49 17.02 -19.65 37.70
N GLN A 50 16.94 -20.80 37.01
CA GLN A 50 18.03 -21.13 36.09
C GLN A 50 18.04 -20.19 34.90
N THR A 51 19.25 -19.75 34.52
CA THR A 51 19.47 -18.91 33.34
C THR A 51 20.26 -19.60 32.25
N GLY A 52 20.94 -20.71 32.55
CA GLY A 52 21.73 -21.39 31.56
C GLY A 52 22.60 -22.46 32.20
N ILE A 53 23.65 -22.85 31.49
CA ILE A 53 24.60 -23.85 31.96
C ILE A 53 26.01 -23.43 31.56
N HIS A 54 27.00 -24.15 32.09
CA HIS A 54 28.34 -24.02 31.58
C HIS A 54 28.56 -25.07 30.48
N PRO A 55 28.80 -24.67 29.23
CA PRO A 55 29.00 -25.66 28.16
C PRO A 55 30.30 -26.45 28.27
N MET A 56 31.22 -26.02 29.15
CA MET A 56 32.48 -26.71 29.44
C MET A 56 33.25 -27.04 28.16
N ALA A 57 33.49 -25.98 27.37
CA ALA A 57 34.34 -26.07 26.18
C ALA A 57 33.78 -27.08 25.18
N GLY A 58 32.46 -27.14 25.08
CA GLY A 58 31.79 -27.96 24.08
C GLY A 58 31.29 -29.30 24.56
N ARG A 59 31.62 -29.70 25.80
CA ARG A 59 31.07 -30.93 26.36
C ARG A 59 29.55 -30.88 26.41
N TYR A 60 28.98 -29.70 26.66
CA TYR A 60 27.54 -29.51 26.54
C TYR A 60 27.27 -28.40 25.54
N GLY A 61 27.71 -28.64 24.29
CA GLY A 61 27.67 -27.63 23.24
C GLY A 61 26.28 -27.23 22.81
N GLY A 62 25.26 -28.01 23.16
CA GLY A 62 23.90 -27.59 22.88
C GLY A 62 23.37 -26.55 23.85
N GLY A 63 24.04 -26.35 24.98
CA GLY A 63 23.64 -25.36 25.95
C GLY A 63 24.44 -24.08 25.78
N ALA A 64 24.19 -23.15 26.69
CA ALA A 64 24.86 -21.85 26.66
C ALA A 64 24.77 -21.24 28.04
N VAL A 65 25.67 -20.29 28.30
CA VAL A 65 25.63 -19.54 29.55
C VAL A 65 24.26 -18.89 29.73
N ASP A 66 23.77 -18.25 28.68
CA ASP A 66 22.49 -17.54 28.71
C ASP A 66 21.51 -18.30 27.84
N MET A 67 20.63 -19.07 28.49
CA MET A 67 19.55 -19.77 27.80
C MET A 67 18.19 -19.22 28.21
N ARG A 68 18.13 -17.99 28.72
CA ARG A 68 16.90 -17.49 29.33
C ARG A 68 15.73 -17.50 28.34
N GLU A 69 16.00 -17.36 27.05
CA GLU A 69 14.93 -17.31 26.06
C GLU A 69 14.47 -18.69 25.58
N THR A 70 15.29 -19.73 25.74
CA THR A 70 15.06 -21.02 25.10
C THR A 70 14.88 -22.19 26.05
N LEU A 71 15.32 -22.07 27.29
CA LEU A 71 15.25 -23.17 28.23
C LEU A 71 13.80 -23.42 28.58
N ASN A 72 13.31 -24.64 28.34
CA ASN A 72 11.96 -24.97 28.75
C ASN A 72 11.79 -26.48 28.89
N PRO A 73 11.64 -27.01 30.11
CA PRO A 73 11.54 -26.24 31.36
C PRO A 73 12.86 -25.63 31.82
N MET A 74 12.76 -24.72 32.77
CA MET A 74 13.91 -24.11 33.41
C MET A 74 13.95 -24.56 34.86
N GLY A 75 15.15 -24.75 35.39
CA GLY A 75 15.28 -25.14 36.77
C GLY A 75 14.84 -24.03 37.71
N MET A 76 14.23 -24.41 38.81
CA MET A 76 13.87 -23.45 39.87
C MET A 76 14.21 -24.13 41.19
N PHE A 77 15.21 -23.60 41.88
CA PHE A 77 15.70 -24.17 43.14
C PHE A 77 15.39 -23.19 44.24
N GLN A 78 14.72 -23.65 45.29
CA GLN A 78 14.44 -22.83 46.45
C GLN A 78 15.23 -23.41 47.62
N TYR A 79 16.24 -22.69 48.09
CA TYR A 79 16.89 -23.06 49.34
C TYR A 79 16.03 -22.59 50.48
N THR A 80 15.73 -23.47 51.43
CA THR A 80 15.28 -23.02 52.74
C THR A 80 16.28 -23.54 53.76
N VAL A 81 16.65 -22.68 54.69
CA VAL A 81 17.76 -22.93 55.61
C VAL A 81 17.19 -23.05 57.03
N TRP A 82 17.64 -24.08 57.76
CA TRP A 82 16.98 -24.53 58.97
C TRP A 82 18.00 -24.84 60.06
N LYS A 83 17.58 -24.66 61.31
CA LYS A 83 18.40 -25.09 62.43
C LYS A 83 18.65 -26.59 62.37
N ASP A 84 17.66 -27.37 61.91
CA ASP A 84 17.77 -28.81 61.85
C ASP A 84 16.67 -29.35 60.95
N VAL A 85 16.78 -30.65 60.65
CA VAL A 85 15.78 -31.32 59.81
C VAL A 85 14.40 -31.23 60.46
N HIS A 86 14.34 -31.44 61.78
CA HIS A 86 13.04 -31.49 62.46
C HIS A 86 12.28 -30.19 62.28
N SER A 87 12.98 -29.06 62.31
CA SER A 87 12.30 -27.78 62.15
C SER A 87 11.62 -27.69 60.79
N HIS A 88 12.29 -28.14 59.75
CA HIS A 88 11.68 -28.09 58.42
C HIS A 88 10.48 -29.03 58.34
N GLU A 89 10.64 -30.26 58.84
CA GLU A 89 9.54 -31.22 58.80
C GLU A 89 8.36 -30.75 59.62
N GLU A 90 8.63 -30.10 60.76
CA GLU A 90 7.55 -29.63 61.59
C GLU A 90 6.80 -28.48 60.93
N MET A 91 7.53 -27.54 60.33
CA MET A 91 6.88 -26.46 59.60
C MET A 91 5.97 -27.02 58.52
N HIS A 92 6.46 -27.97 57.71
CA HIS A 92 5.62 -28.59 56.68
C HIS A 92 4.39 -29.25 57.29
N HIS A 93 4.55 -29.91 58.45
CA HIS A 93 3.41 -30.54 59.09
C HIS A 93 2.43 -29.49 59.60
N ASP A 94 2.92 -28.49 60.33
CA ASP A 94 2.05 -27.50 60.95
C ASP A 94 1.32 -26.65 59.93
N ASN A 95 1.86 -26.49 58.73
CA ASN A 95 1.24 -25.64 57.72
C ASN A 95 0.85 -26.45 56.49
N PHE A 96 0.57 -27.73 56.70
CA PHE A 96 0.43 -28.63 55.56
C PHE A 96 -0.74 -28.21 54.66
N LYS A 97 -1.88 -27.87 55.24
CA LYS A 97 -3.04 -27.47 54.43
C LYS A 97 -2.73 -26.24 53.59
N GLU A 98 -2.09 -25.23 54.18
CA GLU A 98 -1.86 -23.98 53.45
C GLU A 98 -0.77 -24.15 52.40
N ILE A 99 0.30 -24.86 52.73
CA ILE A 99 1.32 -25.12 51.72
C ILE A 99 0.71 -25.91 50.57
N PHE A 100 -0.15 -26.87 50.88
CA PHE A 100 -0.81 -27.61 49.81
C PHE A 100 -1.64 -26.67 48.95
N GLU A 101 -2.38 -25.76 49.58
CA GLU A 101 -3.19 -24.82 48.80
C GLU A 101 -2.31 -23.98 47.87
N LEU A 102 -1.21 -23.46 48.40
CA LEU A 102 -0.33 -22.57 47.63
C LEU A 102 0.32 -23.33 46.49
N CSS A 103 0.85 -24.51 46.81
CA CSS A 103 1.59 -25.29 45.85
CB CSS A 103 2.41 -26.33 46.55
SG CSS A 103 3.82 -25.54 47.31
SD CSS A 103 4.80 -24.34 45.99
C CSS A 103 0.67 -25.90 44.83
O CSS A 103 1.15 -26.22 43.71
N SER A 104 -0.62 -26.02 45.12
CA SER A 104 -1.59 -26.48 44.12
C SER A 104 -1.70 -25.51 42.97
N GLY A 105 -1.64 -24.21 43.27
CA GLY A 105 -1.57 -23.23 42.21
C GLY A 105 -0.30 -23.34 41.38
N CYS A 106 0.82 -23.63 42.04
CA CYS A 106 2.10 -23.69 41.34
C CYS A 106 2.19 -24.90 40.41
N LEU A 107 1.46 -25.98 40.70
CA LEU A 107 1.59 -27.20 39.91
C LEU A 107 1.20 -27.00 38.45
N GLY A 108 0.38 -26.00 38.15
CA GLY A 108 0.03 -25.68 36.77
C GLY A 108 1.18 -25.20 35.92
N MET A 109 2.33 -24.90 36.53
CA MET A 109 3.51 -24.54 35.76
C MET A 109 4.64 -25.55 35.93
N VAL A 110 4.42 -26.63 36.70
CA VAL A 110 5.47 -27.61 37.00
C VAL A 110 5.50 -28.68 35.92
N ILE A 111 6.68 -28.93 35.38
CA ILE A 111 6.91 -29.98 34.42
C ILE A 111 7.66 -31.16 35.04
N GLU A 112 8.47 -30.91 36.06
CA GLU A 112 9.22 -31.96 36.74
C GLU A 112 9.43 -31.50 38.18
N GLY A 113 9.43 -32.45 39.12
CA GLY A 113 9.57 -32.13 40.51
C GLY A 113 8.22 -31.93 41.20
N PRO A 114 8.22 -31.43 42.46
CA PRO A 114 9.41 -31.03 43.22
C PRO A 114 10.12 -32.24 43.80
N TRP A 115 11.43 -32.10 44.01
CA TRP A 115 12.23 -33.07 44.74
C TRP A 115 13.04 -32.25 45.72
N GLU A 116 12.93 -32.55 47.02
CA GLU A 116 13.50 -31.67 48.04
C GLU A 116 14.48 -32.43 48.92
N PRO A 117 15.73 -32.57 48.50
CA PRO A 117 16.74 -33.22 49.35
C PRO A 117 17.26 -32.27 50.42
N TYR A 118 17.79 -32.87 51.48
CA TYR A 118 18.45 -32.17 52.57
C TYR A 118 19.97 -32.18 52.36
N PHE A 119 20.61 -31.05 52.66
CA PHE A 119 22.04 -30.89 52.44
C PHE A 119 22.74 -30.41 53.69
N GLU A 120 23.89 -31.00 53.93
CA GLU A 120 24.82 -30.55 54.93
C GLU A 120 25.81 -29.58 54.31
N VAL A 121 26.10 -28.50 55.02
CA VAL A 121 27.12 -27.55 54.58
C VAL A 121 28.45 -28.08 55.09
N VAL A 122 29.20 -28.73 54.20
CA VAL A 122 30.49 -29.34 54.55
C VAL A 122 31.52 -28.28 54.88
N LYS A 123 31.60 -27.25 54.04
CA LYS A 123 32.49 -26.13 54.23
C LYS A 123 31.97 -24.98 53.38
N SER A 124 32.29 -23.76 53.80
CA SER A 124 31.78 -22.61 53.07
C SER A 124 32.73 -21.43 53.28
N ASP A 125 32.68 -20.52 52.32
CA ASP A 125 33.26 -19.18 52.43
C ASP A 125 32.29 -18.28 51.67
N LEU A 126 31.18 -17.95 52.34
CA LEU A 126 30.07 -17.20 51.75
C LEU A 126 29.94 -15.88 52.46
N PRO A 127 30.08 -14.75 51.77
CA PRO A 127 29.88 -13.46 52.43
C PRO A 127 28.40 -13.13 52.64
N GLN A 128 28.15 -12.19 53.55
CA GLN A 128 26.82 -11.60 53.71
C GLN A 128 26.39 -10.85 52.46
N ILE A 129 25.10 -10.89 52.16
CA ILE A 129 24.66 -10.14 50.98
C ILE A 129 24.44 -8.68 51.37
N MET A 130 24.59 -7.79 50.40
CA MET A 130 24.49 -6.36 50.66
C MET A 130 24.15 -5.67 49.35
N SER A 131 24.05 -4.35 49.41
CA SER A 131 23.86 -3.59 48.20
C SER A 131 24.99 -2.57 48.08
N MET A 132 25.04 -1.93 46.90
CA MET A 132 26.08 -0.93 46.60
C MET A 132 26.13 0.17 47.65
N THR A 133 24.97 0.71 48.05
CA THR A 133 24.98 1.81 49.01
C THR A 133 25.38 1.36 50.41
N ASP A 134 25.49 0.04 50.64
CA ASP A 134 26.03 -0.48 51.89
C ASP A 134 27.56 -0.58 51.89
N VAL A 135 28.19 -0.52 50.73
CA VAL A 135 29.60 -0.91 50.66
C VAL A 135 30.51 0.04 51.44
N PRO A 136 30.37 1.37 51.37
CA PRO A 136 31.27 2.21 52.20
C PRO A 136 31.16 1.90 53.68
N GLN A 137 29.96 1.65 54.20
CA GLN A 137 29.85 1.35 55.63
C GLN A 137 30.45 -0.01 55.97
N VAL A 138 30.25 -1.01 55.09
CA VAL A 138 30.88 -2.31 55.31
C VAL A 138 32.40 -2.16 55.34
N LEU A 139 32.93 -1.36 54.43
CA LEU A 139 34.36 -1.10 54.41
C LEU A 139 34.81 -0.44 55.71
N GLY A 140 34.13 0.63 56.11
CA GLY A 140 34.49 1.32 57.34
C GLY A 140 34.39 0.42 58.56
N ASP A 141 33.33 -0.38 58.64
CA ASP A 141 33.18 -1.26 59.78
C ASP A 141 34.27 -2.33 59.81
N SER A 142 34.65 -2.82 58.63
CA SER A 142 35.71 -3.82 58.55
C SER A 142 37.03 -3.24 59.05
N PHE A 143 37.36 -2.01 58.66
CA PHE A 143 38.59 -1.42 59.17
C PHE A 143 38.54 -1.23 60.67
N ALA A 144 37.42 -0.73 61.18
CA ALA A 144 37.27 -0.49 62.62
C ALA A 144 37.49 -1.78 63.42
N LYS A 145 36.84 -2.88 63.00
CA LYS A 145 36.95 -4.16 63.67
C LYS A 145 38.21 -4.91 63.30
N GLN A 146 39.13 -4.30 62.55
CA GLN A 146 40.37 -4.94 62.11
C GLN A 146 40.09 -6.25 61.35
N GLU A 147 38.94 -6.36 60.71
CA GLU A 147 38.56 -7.57 59.99
C GLU A 147 38.71 -7.38 58.49
N ARG A 148 38.79 -8.49 57.79
CA ARG A 148 38.96 -8.44 56.35
C ARG A 148 37.68 -7.97 55.65
N VAL A 149 37.85 -7.14 54.63
CA VAL A 149 36.70 -6.75 53.82
C VAL A 149 36.28 -7.93 52.96
N PRO A 150 34.99 -8.27 52.90
CA PRO A 150 34.56 -9.40 52.10
C PRO A 150 34.47 -9.04 50.61
N LYS A 151 34.36 -10.09 49.80
CA LYS A 151 33.85 -9.93 48.44
C LYS A 151 32.43 -9.36 48.49
N VAL A 152 32.08 -8.55 47.50
CA VAL A 152 30.76 -7.91 47.50
C VAL A 152 29.74 -8.83 46.83
N ALA A 153 28.79 -9.34 47.64
CA ALA A 153 27.70 -10.21 47.16
C ALA A 153 26.43 -9.35 47.08
N LEU A 154 26.10 -8.88 45.88
CA LEU A 154 24.99 -7.93 45.72
C LEU A 154 23.67 -8.68 45.80
N SER A 155 22.80 -8.23 46.71
CA SER A 155 21.49 -8.83 46.93
C SER A 155 20.69 -8.87 45.64
N SER A 156 20.25 -10.06 45.24
CA SER A 156 19.47 -10.28 44.02
C SER A 156 20.12 -9.68 42.77
N GLN A 157 21.44 -9.57 42.73
CA GLN A 157 22.16 -8.95 41.62
C GLN A 157 23.52 -9.62 41.39
N ARG A 158 23.53 -10.95 41.26
CA ARG A 158 24.77 -11.67 40.96
C ARG A 158 24.37 -13.01 40.40
N THR A 159 25.37 -13.84 40.12
CA THR A 159 25.15 -15.14 39.50
C THR A 159 25.46 -16.24 40.51
N VAL A 160 24.58 -17.21 40.59
CA VAL A 160 24.83 -18.41 41.40
C VAL A 160 24.97 -19.59 40.46
N VAL A 161 26.04 -20.33 40.64
CA VAL A 161 26.32 -21.51 39.85
C VAL A 161 26.30 -22.72 40.78
N ILE A 162 25.69 -23.81 40.35
CA ILE A 162 25.66 -25.05 41.14
C ILE A 162 26.26 -26.18 40.33
N GLY A 163 27.33 -26.77 40.84
CA GLY A 163 27.99 -27.89 40.20
C GLY A 163 27.56 -29.22 40.81
N ASP A 164 26.94 -30.07 39.98
CA ASP A 164 26.43 -31.36 40.42
C ASP A 164 27.52 -32.43 40.31
N HIS A 165 27.86 -33.06 41.43
CA HIS A 165 28.87 -34.09 41.47
C HIS A 165 28.32 -35.33 42.15
N TRP A 166 28.49 -36.49 41.51
CA TRP A 166 28.26 -37.78 42.18
C TRP A 166 29.61 -38.40 42.46
N VAL A 167 29.89 -38.69 43.74
CA VAL A 167 31.20 -39.09 44.20
C VAL A 167 31.27 -40.60 44.37
N MET A 168 32.39 -41.20 43.94
CA MET A 168 32.59 -42.64 44.08
C MET A 168 32.53 -43.06 45.54
N ASP A 169 31.87 -44.18 45.78
CA ASP A 169 31.78 -44.76 47.11
C ASP A 169 33.16 -44.87 47.75
N GLY A 170 33.29 -44.29 48.94
CA GLY A 170 34.54 -44.26 49.66
C GLY A 170 35.44 -43.08 49.35
N HIS A 171 35.11 -42.25 48.36
CA HIS A 171 35.93 -41.10 48.01
C HIS A 171 35.40 -39.79 48.58
N GLU A 172 34.40 -39.85 49.46
CA GLU A 172 33.73 -38.62 49.91
C GLU A 172 34.71 -37.66 50.56
N LYS A 173 35.51 -38.17 51.49
CA LYS A 173 36.40 -37.29 52.23
C LYS A 173 37.46 -36.67 51.32
N ALA A 174 38.02 -37.47 50.41
CA ALA A 174 39.00 -36.95 49.45
C ALA A 174 38.37 -35.89 48.55
N PHE A 175 37.13 -36.12 48.10
CA PHE A 175 36.43 -35.12 47.30
C PHE A 175 36.28 -33.82 48.08
N GLU A 176 35.84 -33.92 49.33
CA GLU A 176 35.62 -32.73 50.13
C GLU A 176 36.90 -31.92 50.26
N GLN A 177 38.03 -32.60 50.51
CA GLN A 177 39.31 -31.92 50.63
C GLN A 177 39.73 -31.33 49.28
N GLY A 178 39.57 -32.07 48.20
CA GLY A 178 39.98 -31.56 46.89
C GLY A 178 39.11 -30.41 46.42
N ALA A 179 37.79 -30.51 46.62
CA ALA A 179 36.90 -29.42 46.27
C ALA A 179 37.21 -28.17 47.10
N THR A 180 37.46 -28.37 48.39
CA THR A 180 37.85 -27.25 49.24
C THR A 180 39.10 -26.57 48.71
N GLU A 181 40.13 -27.36 48.37
CA GLU A 181 41.36 -26.74 47.88
C GLU A 181 41.12 -26.01 46.56
N THR A 182 40.32 -26.60 45.66
CA THR A 182 39.98 -25.96 44.39
C THR A 182 39.33 -24.61 44.62
N LEU A 183 38.31 -24.58 45.49
CA LEU A 183 37.49 -23.39 45.69
C LEU A 183 38.26 -22.28 46.40
N GLU A 184 39.12 -22.66 47.35
CA GLU A 184 39.96 -21.68 48.02
C GLU A 184 40.94 -21.04 47.05
N TRP A 185 41.50 -21.83 46.13
CA TRP A 185 42.37 -21.27 45.11
C TRP A 185 41.62 -20.27 44.26
N MET A 186 40.40 -20.64 43.83
CA MET A 186 39.61 -19.77 42.97
C MET A 186 39.25 -18.47 43.68
N LYS A 187 38.84 -18.54 44.95
CA LYS A 187 38.45 -17.31 45.62
C LYS A 187 39.66 -16.40 45.82
N ALA A 188 40.83 -16.99 45.98
CA ALA A 188 42.05 -16.20 46.12
C ALA A 188 42.56 -15.63 44.79
N ASN A 189 42.27 -16.28 43.66
CA ASN A 189 43.00 -15.97 42.43
C ASN A 189 42.16 -15.63 41.21
N VAL A 190 40.85 -15.81 41.22
CA VAL A 190 40.04 -15.69 40.02
C VAL A 190 39.16 -14.46 40.15
N PRO A 191 39.15 -13.56 39.15
CA PRO A 191 38.37 -12.33 39.30
C PRO A 191 36.89 -12.62 39.40
N GLY A 192 36.21 -11.84 40.25
CA GLY A 192 34.77 -11.90 40.34
C GLY A 192 34.22 -13.05 41.15
N MET A 193 35.08 -13.80 41.84
CA MET A 193 34.66 -14.91 42.68
C MET A 193 34.12 -14.39 44.00
N VAL A 194 32.82 -14.52 44.21
CA VAL A 194 32.19 -13.91 45.38
C VAL A 194 32.20 -14.84 46.59
N GLY A 195 31.93 -16.13 46.38
CA GLY A 195 31.90 -17.03 47.52
C GLY A 195 31.55 -18.44 47.09
N TRP A 196 31.55 -19.35 48.06
CA TRP A 196 31.28 -20.73 47.70
C TRP A 196 30.81 -21.52 48.91
N MET A 197 30.26 -22.68 48.63
CA MET A 197 29.72 -23.59 49.65
C MET A 197 29.72 -24.99 49.07
N ILE A 198 30.14 -25.97 49.87
CA ILE A 198 30.10 -27.38 49.49
C ILE A 198 28.95 -28.02 50.25
N MET A 199 28.00 -28.59 49.51
CA MET A 199 26.80 -29.15 50.11
C MET A 199 26.71 -30.63 49.77
N LYS A 200 26.46 -31.45 50.80
CA LYS A 200 26.42 -32.91 50.69
C LYS A 200 25.00 -33.39 50.97
N GLN A 201 24.41 -34.10 50.02
CA GLN A 201 23.06 -34.62 50.22
C GLN A 201 23.10 -35.79 51.21
N PHE A 202 22.27 -35.74 52.26
CA PHE A 202 22.21 -36.83 53.22
C PHE A 202 20.79 -37.34 53.45
N GLY A 203 19.79 -36.84 52.71
CA GLY A 203 18.44 -37.35 52.85
C GLY A 203 17.50 -36.50 52.01
N VAL A 204 16.22 -36.92 52.00
CA VAL A 204 15.19 -36.25 51.22
C VAL A 204 13.92 -36.10 52.06
N SER A 205 13.23 -34.97 51.91
CA SER A 205 11.95 -34.78 52.59
C SER A 205 10.86 -35.38 51.72
N ALA A 206 10.09 -36.32 52.28
CA ALA A 206 9.00 -36.91 51.52
C ALA A 206 7.89 -35.90 51.29
N ILE A 207 7.48 -35.24 52.36
CA ILE A 207 6.43 -34.24 52.27
C ILE A 207 6.86 -33.11 51.34
N GLY A 208 8.10 -32.63 51.49
CA GLY A 208 8.56 -31.55 50.63
C GLY A 208 8.66 -31.95 49.17
N SER A 209 8.79 -33.24 48.89
CA SER A 209 8.84 -33.75 47.53
C SER A 209 7.48 -34.17 47.02
N PHE A 210 6.43 -33.86 47.77
CA PHE A 210 5.06 -34.23 47.38
C PHE A 210 4.93 -35.75 47.19
N GLN A 211 5.67 -36.52 47.97
CA GLN A 211 5.65 -37.99 47.88
C GLN A 211 4.78 -38.50 49.03
N LEU A 212 3.47 -38.57 48.80
CA LEU A 212 2.52 -38.97 49.82
C LEU A 212 2.28 -40.48 49.80
N ASP A 213 1.50 -40.97 50.78
CA ASP A 213 1.00 -42.33 50.73
C ASP A 213 0.05 -42.46 49.53
N PRO A 214 -0.28 -43.70 49.13
CA PRO A 214 -1.11 -43.85 47.91
C PRO A 214 -2.45 -43.15 47.98
N GLU A 215 -3.15 -43.23 49.12
CA GLU A 215 -4.45 -42.57 49.21
C GLU A 215 -4.29 -41.05 49.13
N GLY A 216 -3.25 -40.52 49.78
CA GLY A 216 -2.96 -39.10 49.68
C GLY A 216 -2.64 -38.65 48.26
N ALA A 217 -1.93 -39.50 47.51
CA ALA A 217 -1.66 -39.15 46.12
C ALA A 217 -2.95 -39.01 45.34
N MET A 218 -3.89 -39.92 45.57
CA MET A 218 -5.20 -39.85 44.94
C MET A 218 -5.92 -38.56 45.32
N LYS A 219 -5.99 -38.27 46.63
CA LYS A 219 -6.71 -37.08 47.09
C LYS A 219 -6.03 -35.79 46.63
N ALA A 220 -4.71 -35.82 46.45
CA ALA A 220 -3.98 -34.63 46.01
C ALA A 220 -4.45 -34.13 44.65
N VAL A 221 -4.87 -35.03 43.77
CA VAL A 221 -5.40 -34.64 42.47
C VAL A 221 -6.92 -34.67 42.40
N SER A 222 -7.60 -34.93 43.52
CA SER A 222 -9.06 -34.84 43.59
C SER A 222 -9.53 -33.47 44.07
N THR A 223 -8.65 -32.47 44.03
CA THR A 223 -8.93 -31.15 44.57
C THR A 223 -8.17 -30.13 43.75
N LEU A 224 -8.62 -28.89 43.82
CA LEU A 224 -7.89 -27.76 43.23
C LEU A 224 -7.07 -27.01 44.27
N GLY A 225 -7.06 -27.48 45.53
CA GLY A 225 -6.24 -26.89 46.58
C GLY A 225 -6.97 -26.70 47.89
N ALA A 226 -8.29 -26.70 47.86
CA ALA A 226 -9.07 -26.39 49.06
C ALA A 226 -9.31 -27.61 49.95
N ASN A 227 -9.17 -28.82 49.44
CA ASN A 227 -9.44 -30.04 50.22
C ASN A 227 -8.20 -30.91 50.21
N PRO A 228 -7.24 -30.60 51.06
CA PRO A 228 -5.94 -31.29 51.03
C PRO A 228 -6.06 -32.72 51.50
N PRO A 229 -5.14 -33.58 51.11
CA PRO A 229 -5.08 -34.91 51.72
C PRO A 229 -4.62 -34.82 53.16
N GLU A 230 -4.76 -35.94 53.88
CA GLU A 230 -4.16 -36.06 55.21
C GLU A 230 -2.64 -36.10 55.12
N TYR A 231 -1.98 -35.51 56.12
CA TYR A 231 -0.54 -35.58 56.24
C TYR A 231 -0.12 -37.04 56.44
N ASN A 232 0.49 -37.64 55.42
CA ASN A 232 0.89 -39.04 55.50
C ASN A 232 1.81 -39.36 54.33
N THR A 233 2.70 -40.32 54.54
CA THR A 233 3.68 -40.71 53.52
C THR A 233 3.86 -42.22 53.57
N ASN A 234 4.68 -42.76 52.65
CA ASN A 234 5.04 -44.16 52.76
C ASN A 234 5.94 -44.43 53.97
N TYR A 235 6.33 -43.38 54.69
CA TYR A 235 7.08 -43.50 55.94
C TYR A 235 6.21 -43.16 57.16
N GLY A 236 4.89 -43.23 57.04
CA GLY A 236 4.02 -42.92 58.16
C GLY A 236 3.71 -41.43 58.24
N ASN A 237 3.04 -41.03 59.33
CA ASN A 237 2.53 -39.67 59.47
C ASN A 237 3.17 -38.89 60.62
N LYS A 238 4.31 -39.31 61.12
CA LYS A 238 4.96 -38.56 62.19
C LYS A 238 5.89 -37.50 61.62
N VAL A 239 6.20 -36.51 62.45
CA VAL A 239 7.17 -35.47 62.12
C VAL A 239 8.56 -36.03 62.40
N HIS A 240 9.36 -36.16 61.36
CA HIS A 240 10.66 -36.82 61.47
C HIS A 240 11.75 -35.90 61.98
N ASP A 241 12.65 -36.48 62.79
CA ASP A 241 13.89 -35.85 63.22
C ASP A 241 15.00 -36.00 62.18
N LYS A 242 14.96 -37.07 61.40
CA LYS A 242 15.90 -37.38 60.34
C LYS A 242 15.13 -37.50 59.03
N PRO A 243 15.76 -37.23 57.89
CA PRO A 243 15.04 -37.34 56.61
C PRO A 243 14.41 -38.71 56.49
N PRO A 244 13.13 -38.79 56.11
CA PRO A 244 12.53 -40.11 55.93
C PRO A 244 13.14 -40.88 54.77
N ILE A 245 13.42 -40.19 53.67
CA ILE A 245 13.96 -40.82 52.46
C ILE A 245 15.48 -40.76 52.57
N PRO A 246 16.18 -41.88 52.41
CA PRO A 246 17.65 -41.87 52.49
C PRO A 246 18.27 -41.01 51.40
N GLY A 247 19.46 -40.48 51.68
CA GLY A 247 20.22 -39.83 50.63
C GLY A 247 20.54 -40.77 49.50
N GLN A 248 20.63 -40.23 48.28
CA GLN A 248 20.94 -41.11 47.18
C GLN A 248 22.38 -41.60 47.28
N THR A 249 22.64 -42.76 46.67
CA THR A 249 24.01 -43.16 46.37
C THR A 249 24.12 -43.38 44.87
N PRO A 250 25.27 -43.07 44.25
CA PRO A 250 26.49 -42.45 44.80
C PRO A 250 26.18 -41.09 45.43
N THR A 251 26.95 -40.73 46.46
CA THR A 251 26.70 -39.49 47.19
C THR A 251 26.72 -38.30 46.27
N GLN A 252 25.69 -37.47 46.37
CA GLN A 252 25.63 -36.24 45.59
C GLN A 252 26.22 -35.10 46.40
N TYR A 253 27.10 -34.33 45.77
CA TYR A 253 27.55 -33.05 46.30
C TYR A 253 27.14 -31.95 45.33
N LEU A 254 26.59 -30.87 45.87
CA LEU A 254 26.33 -29.65 45.10
C LEU A 254 27.36 -28.61 45.49
N VAL A 255 28.10 -28.12 44.51
CA VAL A 255 29.10 -27.09 44.75
C VAL A 255 28.50 -25.75 44.35
N HIS A 256 28.21 -24.91 45.34
CA HIS A 256 27.52 -23.63 45.16
C HIS A 256 28.57 -22.54 45.06
N ILE A 257 28.65 -21.85 43.91
CA ILE A 257 29.64 -20.79 43.71
C ILE A 257 28.94 -19.52 43.24
N GLU A 258 29.23 -18.42 43.90
CA GLU A 258 28.67 -17.13 43.55
C GLU A 258 29.71 -16.30 42.82
N TRP A 259 29.24 -15.60 41.80
CA TRP A 259 30.09 -14.83 40.90
C TRP A 259 29.45 -13.48 40.63
N GLU A 260 30.29 -12.52 40.24
CA GLU A 260 29.78 -11.17 39.96
C GLU A 260 28.72 -11.18 38.86
N SER A 261 28.91 -12.01 37.84
CA SER A 261 28.09 -11.96 36.63
C SER A 261 28.22 -13.32 35.93
N PRO A 262 27.35 -13.60 34.94
CA PRO A 262 27.52 -14.87 34.21
C PRO A 262 28.85 -14.96 33.48
N GLU A 263 29.38 -13.84 32.96
CA GLU A 263 30.67 -13.83 32.27
C GLU A 263 31.81 -14.16 33.23
N HIS A 264 31.79 -13.61 34.45
CA HIS A 264 32.82 -13.96 35.43
C HIS A 264 32.72 -15.43 35.82
N ALA A 265 31.49 -15.95 35.91
CA ALA A 265 31.28 -17.36 36.23
C ALA A 265 31.83 -18.27 35.14
N HIS A 266 31.53 -17.94 33.87
CA HIS A 266 31.96 -18.76 32.76
C HIS A 266 33.47 -18.79 32.66
N GLN A 267 34.07 -17.61 32.62
CA GLN A 267 35.53 -17.51 32.57
C GLN A 267 36.15 -18.07 33.84
N GLY A 268 35.49 -17.86 34.98
CA GLY A 268 36.08 -18.29 36.24
C GLY A 268 36.14 -19.80 36.36
N LEU A 269 35.01 -20.47 36.10
CA LEU A 269 35.02 -21.93 36.16
C LEU A 269 36.01 -22.54 35.19
N GLY A 270 36.23 -21.89 34.04
CA GLY A 270 37.16 -22.38 33.04
C GLY A 270 38.61 -22.46 33.51
N HIS A 271 38.95 -21.77 34.60
CA HIS A 271 40.33 -21.80 35.11
C HIS A 271 40.73 -23.21 35.54
N VAL A 272 39.79 -24.09 35.90
CA VAL A 272 40.20 -25.46 36.24
C VAL A 272 40.73 -26.19 35.03
N MET A 273 40.58 -25.62 33.84
CA MET A 273 41.16 -26.21 32.67
C MET A 273 42.29 -25.40 32.07
N VAL A 274 42.32 -24.08 32.24
CA VAL A 274 43.32 -23.24 31.57
C VAL A 274 44.36 -22.64 32.50
N ASP A 275 44.34 -22.97 33.79
CA ASP A 275 45.45 -22.66 34.69
C ASP A 275 46.10 -23.99 35.10
N TYR A 276 47.39 -24.13 34.85
CA TYR A 276 48.06 -25.41 35.08
C TYR A 276 47.94 -25.84 36.54
N GLU A 277 48.20 -24.92 37.46
CA GLU A 277 48.23 -25.28 38.87
C GLU A 277 46.85 -25.68 39.38
N LEU A 278 45.82 -24.87 39.08
CA LEU A 278 44.47 -25.22 39.49
C LEU A 278 44.01 -26.50 38.83
N ARG A 279 44.42 -26.71 37.57
CA ARG A 279 44.07 -27.93 36.86
C ARG A 279 44.54 -29.19 37.60
N GLN A 280 45.77 -29.18 38.14
CA GLN A 280 46.27 -30.33 38.88
C GLN A 280 45.46 -30.55 40.15
N ILE A 281 45.17 -29.47 40.88
CA ILE A 281 44.38 -29.55 42.11
C ILE A 281 43.00 -30.12 41.80
N HIS A 282 42.34 -29.59 40.76
CA HIS A 282 40.97 -30.02 40.47
C HIS A 282 40.96 -31.42 39.87
N ASN A 283 41.89 -31.72 38.95
CA ASN A 283 41.96 -33.05 38.38
C ASN A 283 42.15 -34.10 39.47
N ASN A 284 43.12 -33.90 40.36
CA ASN A 284 43.45 -34.92 41.35
C ASN A 284 42.52 -34.89 42.55
N GLY A 285 42.02 -33.73 42.93
CA GLY A 285 41.21 -33.62 44.11
C GLY A 285 39.72 -33.72 43.87
N VAL A 286 39.26 -33.50 42.65
CA VAL A 286 37.82 -33.52 42.36
C VAL A 286 37.50 -34.54 41.27
N LEU A 287 38.04 -34.34 40.07
CA LEU A 287 37.65 -35.19 38.94
C LEU A 287 37.95 -36.66 39.18
N ALA A 288 39.05 -36.95 39.88
CA ALA A 288 39.47 -38.32 40.14
C ALA A 288 38.50 -39.09 41.03
N HIS A 289 37.56 -38.42 41.70
CA HIS A 289 36.71 -39.09 42.68
C HIS A 289 35.26 -39.18 42.27
N LEU A 290 34.94 -38.87 41.02
CA LEU A 290 33.58 -38.72 40.57
C LEU A 290 33.08 -39.93 39.80
N ASP A 291 31.85 -40.34 40.09
CA ASP A 291 31.10 -41.18 39.18
C ASP A 291 30.40 -40.37 38.11
N LYS A 292 29.99 -39.16 38.43
CA LYS A 292 29.21 -38.36 37.50
C LYS A 292 29.56 -36.89 37.66
N GLY A 293 29.61 -36.17 36.55
CA GLY A 293 29.83 -34.75 36.60
C GLY A 293 31.28 -34.39 36.30
N PRO A 294 31.65 -33.12 36.55
CA PRO A 294 30.74 -32.09 37.07
C PRO A 294 29.80 -31.53 36.00
N TYR A 295 28.62 -31.06 36.44
CA TYR A 295 27.67 -30.37 35.59
C TYR A 295 27.27 -29.08 36.29
N TYR A 296 27.46 -27.94 35.63
CA TYR A 296 27.24 -26.64 36.25
C TYR A 296 26.02 -25.97 35.64
N MET A 297 25.00 -25.71 36.46
CA MET A 297 23.84 -24.92 36.07
C MET A 297 24.00 -23.49 36.58
N PHE A 298 23.62 -22.52 35.73
CA PHE A 298 23.66 -21.10 36.07
C PHE A 298 22.29 -20.64 36.56
N PHE A 299 22.27 -19.85 37.64
CA PHE A 299 21.05 -19.32 38.23
C PHE A 299 21.16 -17.83 38.53
N SER A 300 20.01 -17.16 38.54
CA SER A 300 19.89 -15.85 39.09
C SER A 300 19.13 -15.92 40.40
N PRO A 301 19.64 -15.35 41.48
CA PRO A 301 18.84 -15.31 42.73
C PRO A 301 17.73 -14.27 42.61
N MET A 302 16.48 -14.73 42.53
CA MET A 302 15.37 -13.81 42.36
C MET A 302 15.07 -13.07 43.66
N MET A 303 14.94 -13.81 44.75
CA MET A 303 14.59 -13.25 46.06
C MET A 303 15.52 -13.93 47.04
N GLU A 304 15.96 -13.19 48.05
CA GLU A 304 16.83 -13.77 49.06
C GLU A 304 16.46 -13.19 50.41
N GLN A 305 16.44 -14.04 51.42
CA GLN A 305 16.49 -13.57 52.80
C GLN A 305 17.76 -14.21 53.35
N GLY A 306 18.84 -13.42 53.39
CA GLY A 306 20.16 -13.96 53.54
C GLY A 306 20.74 -13.95 54.95
N LEU A 307 19.91 -13.77 55.99
CA LEU A 307 20.48 -13.70 57.33
C LEU A 307 21.09 -15.02 57.79
N TRP A 308 20.68 -16.14 57.20
CA TRP A 308 21.32 -17.40 57.52
C TRP A 308 22.82 -17.38 57.24
N ARG A 309 23.27 -16.59 56.25
CA ARG A 309 24.69 -16.54 55.95
C ARG A 309 25.49 -15.98 57.11
N LYS A 310 24.88 -15.11 57.91
CA LYS A 310 25.61 -14.41 58.97
C LYS A 310 26.14 -15.36 60.02
N HIS A 311 25.53 -16.54 60.19
CA HIS A 311 26.03 -17.54 61.13
C HIS A 311 26.33 -18.83 60.37
N LEU A 312 27.46 -18.82 59.66
CA LEU A 312 28.08 -20.01 59.09
C LEU A 312 29.42 -20.23 59.77
N LYS A 313 30.24 -21.11 59.19
CA LYS A 313 31.57 -21.45 59.70
C LYS A 313 31.43 -22.00 61.11
N GLU B 4 -37.43 4.35 62.50
CA GLU B 4 -36.22 3.54 62.46
C GLU B 4 -35.06 4.31 61.82
N ASN B 5 -34.02 4.61 62.61
CA ASN B 5 -32.78 5.10 62.02
C ASN B 5 -31.76 3.99 62.08
N PRO B 6 -31.51 3.33 60.97
CA PRO B 6 -30.52 2.26 60.96
C PRO B 6 -29.12 2.88 60.98
N ILE B 7 -28.12 2.02 61.17
CA ILE B 7 -26.74 2.47 61.07
C ILE B 7 -26.20 1.99 59.73
N ILE B 8 -25.26 2.75 59.16
CA ILE B 8 -24.70 2.45 57.85
C ILE B 8 -23.20 2.21 58.00
N ALA B 9 -22.76 1.03 57.59
CA ALA B 9 -21.35 0.73 57.43
C ALA B 9 -20.98 1.01 55.99
N ILE B 10 -19.95 1.81 55.77
CA ILE B 10 -19.53 2.14 54.40
C ILE B 10 -18.16 1.54 54.21
N ASN B 11 -18.11 0.46 53.43
CA ASN B 11 -16.85 -0.14 53.05
C ASN B 11 -16.20 0.69 51.95
N MET B 12 -15.08 1.33 52.26
CA MET B 12 -14.39 2.24 51.35
C MET B 12 -13.14 1.57 50.84
N ALA B 13 -13.01 1.48 49.52
CA ALA B 13 -11.83 0.95 48.88
C ALA B 13 -11.54 1.76 47.63
N LYS B 14 -10.30 1.66 47.18
CA LYS B 14 -9.91 2.22 45.89
C LYS B 14 -9.41 1.07 45.04
N ILE B 15 -9.98 0.89 43.85
CA ILE B 15 -9.71 -0.28 43.04
C ILE B 15 -9.17 0.13 41.69
N ALA B 16 -8.48 -0.83 41.05
CA ALA B 16 -7.88 -0.60 39.76
C ALA B 16 -8.97 -0.39 38.72
N ASN B 17 -8.77 0.62 37.88
CA ASN B 17 -9.70 0.95 36.81
C ASN B 17 -9.22 0.24 35.55
N LYS B 18 -9.64 -1.01 35.40
CA LYS B 18 -9.24 -1.83 34.26
C LYS B 18 -10.34 -2.86 34.03
N PRO B 19 -10.44 -3.43 32.82
CA PRO B 19 -11.55 -4.34 32.54
C PRO B 19 -11.68 -5.50 33.53
N ASP B 20 -10.56 -6.05 34.02
CA ASP B 20 -10.62 -7.16 34.97
C ASP B 20 -11.38 -6.80 36.24
N SER B 21 -11.27 -5.54 36.68
CA SER B 21 -11.91 -5.12 37.93
C SER B 21 -13.44 -5.13 37.81
N TYR B 22 -13.96 -4.67 36.67
CA TYR B 22 -15.40 -4.72 36.45
C TYR B 22 -15.88 -6.17 36.41
N GLU B 23 -15.07 -7.06 35.82
CA GLU B 23 -15.44 -8.47 35.74
C GLU B 23 -15.50 -9.11 37.13
N THR B 24 -14.47 -8.91 37.95
CA THR B 24 -14.48 -9.52 39.28
C THR B 24 -15.56 -8.91 40.18
N MET B 25 -15.94 -7.65 39.92
CA MET B 25 -17.05 -7.05 40.65
C MET B 25 -18.37 -7.72 40.30
N MET B 26 -18.51 -8.19 39.06
CA MET B 26 -19.72 -8.85 38.61
C MET B 26 -19.76 -10.31 39.02
N LYS B 27 -18.60 -10.92 39.32
CA LYS B 27 -18.43 -12.30 39.74
C LYS B 27 -18.51 -12.49 41.25
N VAL B 28 -17.90 -11.59 42.03
CA VAL B 28 -17.80 -11.79 43.46
C VAL B 28 -18.84 -10.94 44.19
N GLY B 29 -19.10 -9.75 43.67
CA GLY B 29 -20.02 -8.80 44.26
C GLY B 29 -21.35 -9.37 44.71
N PRO B 30 -22.11 -9.96 43.78
CA PRO B 30 -23.37 -10.59 44.19
C PRO B 30 -23.18 -11.62 45.29
N LYS B 31 -22.08 -12.39 45.25
CA LYS B 31 -21.87 -13.42 46.26
C LYS B 31 -21.65 -12.82 47.63
N VAL B 32 -20.95 -11.68 47.72
CA VAL B 32 -20.76 -11.04 49.01
C VAL B 32 -22.11 -10.54 49.57
N CSS B 33 -22.95 -9.95 48.71
CA CSS B 33 -24.24 -9.46 49.12
CB CSS B 33 -24.91 -8.75 47.99
SG CSS B 33 -24.02 -7.27 47.62
SD CSS B 33 -23.71 -6.34 49.39
C CSS B 33 -25.10 -10.57 49.61
O CSS B 33 -25.90 -10.38 50.57
N ILE B 34 -24.96 -11.75 49.00
CA ILE B 34 -25.77 -12.91 49.39
C ILE B 34 -25.39 -13.42 50.78
N THR B 35 -24.09 -13.50 51.08
CA THR B 35 -23.73 -13.87 52.45
C THR B 35 -24.23 -12.82 53.44
N THR B 36 -24.09 -11.54 53.10
CA THR B 36 -24.53 -10.48 54.00
C THR B 36 -26.02 -10.59 54.28
N ALA B 37 -26.82 -10.93 53.27
CA ALA B 37 -28.27 -11.00 53.47
C ALA B 37 -28.71 -12.25 54.24
N SER B 38 -27.79 -13.06 54.73
CA SER B 38 -28.16 -14.16 55.62
C SER B 38 -28.53 -13.69 57.02
N HIS B 39 -28.25 -12.46 57.35
CA HIS B 39 -28.42 -12.03 58.73
C HIS B 39 -29.71 -11.25 58.89
N PRO B 40 -30.50 -11.53 59.92
CA PRO B 40 -31.80 -10.86 60.06
C PRO B 40 -31.71 -9.36 60.32
N GLY B 41 -30.57 -8.85 60.76
CA GLY B 41 -30.43 -7.43 60.92
C GLY B 41 -30.09 -6.64 59.68
N PHE B 42 -29.93 -7.28 58.53
CA PHE B 42 -29.49 -6.62 57.30
C PHE B 42 -30.66 -5.96 56.58
N LEU B 43 -30.53 -4.68 56.29
CA LEU B 43 -31.64 -3.90 55.75
C LEU B 43 -31.49 -3.50 54.29
N GLY B 44 -30.29 -3.53 53.74
CA GLY B 44 -30.10 -3.15 52.35
C GLY B 44 -28.68 -2.71 52.09
N PHE B 45 -28.43 -2.35 50.83
CA PHE B 45 -27.08 -1.97 50.47
C PHE B 45 -27.09 -1.00 49.29
N GLU B 46 -25.98 -0.29 49.12
CA GLU B 46 -25.75 0.58 47.98
C GLU B 46 -24.33 0.29 47.52
N GLN B 47 -24.16 -0.14 46.27
CA GLN B 47 -22.83 -0.31 45.67
C GLN B 47 -22.54 0.92 44.80
N LEU B 48 -21.59 1.75 45.24
CA LEU B 48 -21.30 3.01 44.59
C LEU B 48 -19.90 2.97 43.95
N LEU B 49 -19.82 3.29 42.65
CA LEU B 49 -18.56 3.35 41.92
C LEU B 49 -18.25 4.81 41.58
N GLN B 50 -17.06 5.26 41.94
CA GLN B 50 -16.71 6.66 41.72
C GLN B 50 -16.61 6.93 40.22
N THR B 51 -17.22 8.04 39.79
CA THR B 51 -17.13 8.49 38.41
C THR B 51 -16.38 9.79 38.27
N GLY B 52 -16.16 10.52 39.37
CA GLY B 52 -15.46 11.79 39.28
C GLY B 52 -15.51 12.54 40.59
N ILE B 53 -15.31 13.86 40.50
CA ILE B 53 -15.35 14.77 41.64
C ILE B 53 -16.02 16.06 41.21
N HIS B 54 -16.34 16.89 42.19
CA HIS B 54 -16.73 18.26 41.89
C HIS B 54 -15.48 19.13 41.89
N PRO B 55 -15.10 19.72 40.76
CA PRO B 55 -13.88 20.56 40.76
C PRO B 55 -14.02 21.83 41.57
N MET B 56 -15.23 22.20 41.97
CA MET B 56 -15.49 23.35 42.85
C MET B 56 -14.81 24.62 42.32
N ALA B 57 -15.14 24.94 41.07
CA ALA B 57 -14.69 26.17 40.41
C ALA B 57 -13.17 26.29 40.41
N GLY B 58 -12.47 25.18 40.24
CA GLY B 58 -11.03 25.20 40.11
C GLY B 58 -10.29 24.90 41.40
N ARG B 59 -11.00 24.84 42.52
CA ARG B 59 -10.33 24.45 43.76
C ARG B 59 -9.68 23.07 43.62
N TYR B 60 -10.29 22.18 42.84
CA TYR B 60 -9.68 20.91 42.49
C TYR B 60 -9.63 20.79 40.98
N GLY B 61 -8.89 21.71 40.35
CA GLY B 61 -8.87 21.87 38.89
C GLY B 61 -8.26 20.73 38.12
N GLY B 62 -7.50 19.86 38.78
CA GLY B 62 -7.00 18.68 38.10
C GLY B 62 -8.03 17.59 37.92
N GLY B 63 -9.16 17.67 38.63
CA GLY B 63 -10.23 16.70 38.52
C GLY B 63 -11.33 17.16 37.58
N ALA B 64 -12.36 16.33 37.49
CA ALA B 64 -13.48 16.64 36.60
C ALA B 64 -14.69 15.84 37.06
N VAL B 65 -15.86 16.31 36.65
CA VAL B 65 -17.12 15.61 36.92
C VAL B 65 -17.06 14.17 36.43
N ASP B 66 -16.59 13.98 35.21
CA ASP B 66 -16.49 12.68 34.58
C ASP B 66 -15.00 12.36 34.45
N MET B 67 -14.50 11.51 35.34
CA MET B 67 -13.14 11.02 35.25
C MET B 67 -13.09 9.52 34.99
N ARG B 68 -14.17 8.96 34.44
CA ARG B 68 -14.32 7.50 34.37
C ARG B 68 -13.20 6.84 33.58
N GLU B 69 -12.62 7.53 32.61
CA GLU B 69 -11.57 6.98 31.77
C GLU B 69 -10.17 7.15 32.35
N THR B 70 -10.00 8.07 33.29
CA THR B 70 -8.66 8.42 33.76
C THR B 70 -8.44 8.10 35.23
N LEU B 71 -9.49 7.93 36.00
CA LEU B 71 -9.34 7.69 37.43
C LEU B 71 -8.71 6.33 37.66
N ASN B 72 -7.58 6.30 38.34
CA ASN B 72 -6.99 5.03 38.74
C ASN B 72 -6.05 5.25 39.92
N PRO B 73 -6.37 4.73 41.11
CA PRO B 73 -7.54 3.89 41.38
C PRO B 73 -8.84 4.70 41.41
N MET B 74 -9.97 4.01 41.34
CA MET B 74 -11.27 4.66 41.47
C MET B 74 -11.91 4.22 42.79
N GLY B 75 -12.59 5.14 43.44
CA GLY B 75 -13.24 4.83 44.69
C GLY B 75 -14.37 3.85 44.46
N MET B 76 -14.55 2.97 45.44
CA MET B 76 -15.66 2.04 45.39
C MET B 76 -16.19 1.98 46.81
N PHE B 77 -17.39 2.50 47.03
CA PHE B 77 -18.03 2.56 48.35
C PHE B 77 -19.21 1.61 48.36
N GLN B 78 -19.25 0.69 49.33
CA GLN B 78 -20.35 -0.23 49.52
C GLN B 78 -21.04 0.10 50.85
N TYR B 79 -22.25 0.65 50.77
CA TYR B 79 -23.09 0.81 51.96
C TYR B 79 -23.72 -0.51 52.30
N THR B 80 -23.63 -0.92 53.57
CA THR B 80 -24.54 -1.93 54.09
C THR B 80 -25.25 -1.31 55.29
N VAL B 81 -26.57 -1.49 55.34
CA VAL B 81 -27.44 -0.81 56.28
C VAL B 81 -27.98 -1.84 57.26
N TRP B 82 -27.98 -1.49 58.55
CA TRP B 82 -28.17 -2.47 59.61
C TRP B 82 -29.07 -1.94 60.71
N LYS B 83 -29.74 -2.86 61.41
CA LYS B 83 -30.49 -2.50 62.59
C LYS B 83 -29.57 -1.92 63.66
N ASP B 84 -28.36 -2.46 63.77
CA ASP B 84 -27.44 -2.01 64.80
C ASP B 84 -26.03 -2.47 64.43
N VAL B 85 -25.05 -1.97 65.18
CA VAL B 85 -23.65 -2.34 64.94
C VAL B 85 -23.45 -3.85 65.13
N HIS B 86 -24.09 -4.41 66.16
CA HIS B 86 -23.91 -5.81 66.51
C HIS B 86 -24.29 -6.73 65.35
N SER B 87 -25.37 -6.40 64.63
CA SER B 87 -25.82 -7.23 63.51
C SER B 87 -24.74 -7.31 62.44
N HIS B 88 -24.13 -6.18 62.10
CA HIS B 88 -23.07 -6.17 61.10
C HIS B 88 -21.86 -6.97 61.58
N GLU B 89 -21.42 -6.73 62.82
CA GLU B 89 -20.29 -7.49 63.35
C GLU B 89 -20.62 -8.98 63.43
N GLU B 90 -21.86 -9.33 63.77
CA GLU B 90 -22.20 -10.74 63.91
C GLU B 90 -22.24 -11.43 62.56
N MET B 91 -22.78 -10.75 61.56
CA MET B 91 -22.76 -11.27 60.19
C MET B 91 -21.32 -11.54 59.74
N HIS B 92 -20.42 -10.57 59.93
CA HIS B 92 -19.02 -10.75 59.56
C HIS B 92 -18.41 -11.94 60.28
N HIS B 93 -18.73 -12.12 61.57
CA HIS B 93 -18.21 -13.25 62.29
C HIS B 93 -18.81 -14.56 61.77
N ASP B 94 -20.13 -14.63 61.63
CA ASP B 94 -20.77 -15.89 61.25
C ASP B 94 -20.38 -16.35 59.86
N ASN B 95 -19.98 -15.44 58.99
CA ASN B 95 -19.61 -15.75 57.61
C ASN B 95 -18.15 -15.37 57.35
N PHE B 96 -17.32 -15.42 58.40
CA PHE B 96 -15.96 -14.91 58.27
C PHE B 96 -15.18 -15.68 57.20
N LYS B 97 -15.27 -17.01 57.23
CA LYS B 97 -14.55 -17.85 56.26
C LYS B 97 -15.01 -17.57 54.83
N GLU B 98 -16.33 -17.46 54.63
CA GLU B 98 -16.80 -17.30 53.25
C GLU B 98 -16.50 -15.89 52.74
N ILE B 99 -16.69 -14.87 53.58
CA ILE B 99 -16.32 -13.52 53.17
C ILE B 99 -14.82 -13.45 52.90
N PHE B 100 -14.02 -14.11 53.73
CA PHE B 100 -12.59 -14.10 53.46
C PHE B 100 -12.28 -14.75 52.11
N GLU B 101 -12.92 -15.88 51.81
CA GLU B 101 -12.68 -16.53 50.53
C GLU B 101 -13.07 -15.61 49.37
N LEU B 102 -14.23 -14.97 49.48
CA LEU B 102 -14.73 -14.13 48.40
C LEU B 102 -13.84 -12.90 48.22
N CSS B 103 -13.49 -12.23 49.32
CA CSS B 103 -12.71 -11.04 49.22
CB CSS B 103 -12.74 -10.25 50.49
SG CSS B 103 -14.31 -9.46 50.61
SD CSS B 103 -14.79 -8.42 48.93
C CSS B 103 -11.29 -11.30 48.82
O CSS B 103 -10.66 -10.38 48.25
N SER B 104 -10.75 -12.48 49.12
CA SER B 104 -9.41 -12.82 48.63
C SER B 104 -9.36 -12.70 47.12
N GLY B 105 -10.46 -13.06 46.45
CA GLY B 105 -10.54 -12.80 45.02
C GLY B 105 -10.50 -11.32 44.68
N CYS B 106 -11.15 -10.50 45.50
CA CYS B 106 -11.22 -9.08 45.24
C CYS B 106 -9.90 -8.35 45.49
N LEU B 107 -9.02 -8.89 46.36
CA LEU B 107 -7.82 -8.15 46.71
C LEU B 107 -6.89 -7.94 45.52
N GLY B 108 -6.99 -8.78 44.49
CA GLY B 108 -6.21 -8.61 43.28
C GLY B 108 -6.51 -7.31 42.51
N MET B 109 -7.58 -6.61 42.87
CA MET B 109 -7.89 -5.33 42.24
C MET B 109 -7.82 -4.17 43.21
N VAL B 110 -7.49 -4.42 44.48
CA VAL B 110 -7.50 -3.40 45.51
C VAL B 110 -6.18 -2.65 45.54
N ILE B 111 -6.25 -1.32 45.49
CA ILE B 111 -5.08 -0.48 45.63
C ILE B 111 -5.02 0.18 46.99
N GLU B 112 -6.17 0.46 47.60
CA GLU B 112 -6.21 1.05 48.94
C GLU B 112 -7.49 0.60 49.62
N GLY B 113 -7.42 0.40 50.94
CA GLY B 113 -8.56 -0.09 51.68
C GLY B 113 -8.55 -1.60 51.80
N PRO B 114 -9.66 -2.21 52.28
CA PRO B 114 -10.88 -1.51 52.69
C PRO B 114 -10.79 -0.86 54.07
N TRP B 115 -11.56 0.21 54.24
CA TRP B 115 -11.74 0.87 55.51
C TRP B 115 -13.23 1.04 55.67
N GLU B 116 -13.78 0.51 56.76
CA GLU B 116 -15.24 0.41 56.90
C GLU B 116 -15.72 1.12 58.16
N PRO B 117 -15.95 2.42 58.10
CA PRO B 117 -16.54 3.14 59.23
C PRO B 117 -18.04 2.93 59.33
N TYR B 118 -18.53 3.15 60.56
CA TYR B 118 -19.94 3.17 60.91
C TYR B 118 -20.45 4.60 60.96
N PHE B 119 -21.64 4.81 60.41
CA PHE B 119 -22.23 6.14 60.33
C PHE B 119 -23.61 6.12 60.93
N GLU B 120 -23.88 7.15 61.71
CA GLU B 120 -25.22 7.40 62.19
C GLU B 120 -25.92 8.31 61.19
N VAL B 121 -27.17 8.00 60.89
CA VAL B 121 -27.98 8.83 60.01
C VAL B 121 -28.53 9.97 60.86
N VAL B 122 -27.90 11.15 60.79
CA VAL B 122 -28.32 12.27 61.61
C VAL B 122 -29.67 12.81 61.15
N LYS B 123 -29.85 12.96 59.84
CA LYS B 123 -31.10 13.42 59.24
C LYS B 123 -31.09 13.01 57.78
N SER B 124 -32.28 12.89 57.21
CA SER B 124 -32.35 12.45 55.82
C SER B 124 -33.65 12.94 55.21
N ASP B 125 -33.63 13.06 53.88
CA ASP B 125 -34.85 13.22 53.09
C ASP B 125 -34.57 12.44 51.81
N LEU B 126 -34.71 11.11 51.92
CA LEU B 126 -34.34 10.16 50.88
C LEU B 126 -35.58 9.44 50.38
N PRO B 127 -35.92 9.53 49.11
CA PRO B 127 -37.07 8.77 48.60
C PRO B 127 -36.71 7.31 48.37
N GLN B 128 -37.74 6.49 48.31
CA GLN B 128 -37.58 5.14 47.82
C GLN B 128 -37.16 5.16 46.36
N ILE B 129 -36.37 4.17 45.97
CA ILE B 129 -36.00 4.02 44.57
C ILE B 129 -37.13 3.33 43.83
N MET B 130 -37.22 3.64 42.54
CA MET B 130 -38.23 3.13 41.65
C MET B 130 -37.67 3.19 40.23
N SER B 131 -38.48 2.73 39.28
CA SER B 131 -38.16 2.79 37.86
C SER B 131 -39.20 3.65 37.16
N MET B 132 -38.92 3.99 35.89
CA MET B 132 -39.83 4.82 35.09
C MET B 132 -41.24 4.26 35.05
N THR B 133 -41.38 2.95 34.78
CA THR B 133 -42.70 2.33 34.66
C THR B 133 -43.44 2.24 35.99
N ASP B 134 -42.77 2.55 37.12
CA ASP B 134 -43.43 2.64 38.41
C ASP B 134 -44.05 4.00 38.67
N VAL B 135 -43.65 5.01 37.91
CA VAL B 135 -43.96 6.39 38.26
C VAL B 135 -45.46 6.68 38.18
N PRO B 136 -46.20 6.25 37.16
CA PRO B 136 -47.65 6.54 37.18
C PRO B 136 -48.34 6.01 38.42
N GLN B 137 -48.01 4.79 38.84
CA GLN B 137 -48.69 4.21 40.01
C GLN B 137 -48.28 4.91 41.29
N VAL B 138 -46.99 5.26 41.42
CA VAL B 138 -46.55 6.02 42.58
C VAL B 138 -47.29 7.35 42.65
N LEU B 139 -47.46 8.00 41.50
CA LEU B 139 -48.22 9.24 41.45
C LEU B 139 -49.66 9.00 41.90
N GLY B 140 -50.30 7.97 41.32
CA GLY B 140 -51.67 7.65 41.69
C GLY B 140 -51.82 7.27 43.16
N ASP B 141 -50.88 6.49 43.69
CA ASP B 141 -50.91 6.10 45.11
C ASP B 141 -50.71 7.31 46.02
N SER B 142 -49.84 8.24 45.61
CA SER B 142 -49.62 9.45 46.40
C SER B 142 -50.91 10.26 46.53
N PHE B 143 -51.62 10.44 45.41
CA PHE B 143 -52.88 11.19 45.44
C PHE B 143 -53.93 10.49 46.28
N ALA B 144 -54.07 9.17 46.12
CA ALA B 144 -55.05 8.43 46.91
C ALA B 144 -54.77 8.56 48.40
N LYS B 145 -53.52 8.40 48.81
CA LYS B 145 -53.13 8.49 50.21
C LYS B 145 -52.95 9.93 50.70
N GLN B 146 -53.31 10.93 49.88
CA GLN B 146 -53.18 12.34 50.24
C GLN B 146 -51.74 12.69 50.63
N GLU B 147 -50.76 11.96 50.09
CA GLU B 147 -49.36 12.13 50.41
C GLU B 147 -48.62 12.83 49.28
N ARG B 148 -47.45 13.37 49.62
CA ARG B 148 -46.70 14.10 48.64
C ARG B 148 -46.03 13.12 47.66
N VAL B 149 -46.06 13.48 46.39
CA VAL B 149 -45.31 12.71 45.39
C VAL B 149 -43.83 12.95 45.62
N PRO B 150 -43.00 11.91 45.69
CA PRO B 150 -41.56 12.11 45.93
C PRO B 150 -40.82 12.57 44.68
N LYS B 151 -39.60 13.05 44.89
CA LYS B 151 -38.66 13.12 43.78
C LYS B 151 -38.45 11.72 43.25
N VAL B 152 -38.22 11.60 41.95
CA VAL B 152 -38.05 10.28 41.34
C VAL B 152 -36.57 9.88 41.40
N ALA B 153 -36.28 8.86 42.21
CA ALA B 153 -34.94 8.28 42.37
C ALA B 153 -34.87 6.98 41.57
N LEU B 154 -34.31 7.05 40.36
CA LEU B 154 -34.31 5.88 39.47
C LEU B 154 -33.29 4.85 39.93
N SER B 155 -33.77 3.63 40.13
CA SER B 155 -32.93 2.52 40.56
C SER B 155 -31.76 2.32 39.60
N SER B 156 -30.54 2.39 40.14
CA SER B 156 -29.30 2.26 39.37
C SER B 156 -29.25 3.18 38.16
N GLN B 157 -29.90 4.34 38.21
CA GLN B 157 -29.93 5.26 37.06
C GLN B 157 -29.94 6.71 37.54
N ARG B 158 -28.99 7.07 38.38
CA ARG B 158 -28.91 8.45 38.87
C ARG B 158 -27.52 8.65 39.43
N THR B 159 -27.28 9.82 39.98
CA THR B 159 -25.97 10.21 40.46
C THR B 159 -26.01 10.35 41.98
N VAL B 160 -25.02 9.77 42.64
CA VAL B 160 -24.82 9.94 44.08
C VAL B 160 -23.54 10.73 44.30
N VAL B 161 -23.63 11.76 45.11
CA VAL B 161 -22.51 12.61 45.45
C VAL B 161 -22.28 12.46 46.95
N ILE B 162 -21.02 12.36 47.37
CA ILE B 162 -20.67 12.28 48.79
C ILE B 162 -19.70 13.40 49.14
N GLY B 163 -20.11 14.28 50.05
CA GLY B 163 -19.29 15.37 50.50
C GLY B 163 -18.64 15.10 51.84
N ASP B 164 -17.30 15.09 51.84
CA ASP B 164 -16.51 14.78 53.03
C ASP B 164 -16.24 16.06 53.81
N HIS B 165 -16.66 16.08 55.08
CA HIS B 165 -16.48 17.23 55.96
C HIS B 165 -15.84 16.75 57.27
N TRP B 166 -14.79 17.43 57.71
CA TRP B 166 -14.27 17.25 59.06
C TRP B 166 -14.67 18.47 59.86
N VAL B 167 -15.36 18.26 60.97
CA VAL B 167 -15.96 19.35 61.73
C VAL B 167 -15.12 19.66 62.96
N MET B 168 -14.92 20.95 63.22
CA MET B 168 -14.16 21.42 64.38
C MET B 168 -14.76 20.87 65.68
N ASP B 169 -13.87 20.48 66.59
CA ASP B 169 -14.29 20.02 67.90
C ASP B 169 -15.26 21.02 68.53
N GLY B 170 -16.43 20.51 68.92
CA GLY B 170 -17.45 21.33 69.57
C GLY B 170 -18.44 22.00 68.64
N HIS B 171 -18.26 21.89 67.33
CA HIS B 171 -19.15 22.50 66.36
C HIS B 171 -20.12 21.49 65.76
N GLU B 172 -20.15 20.27 66.28
CA GLU B 172 -20.91 19.19 65.64
C GLU B 172 -22.38 19.56 65.50
N LYS B 173 -23.01 20.05 66.57
CA LYS B 173 -24.42 20.38 66.51
C LYS B 173 -24.68 21.54 65.55
N ALA B 174 -23.85 22.60 65.58
CA ALA B 174 -24.01 23.71 64.65
C ALA B 174 -23.88 23.22 63.21
N PHE B 175 -22.88 22.36 62.94
CA PHE B 175 -22.75 21.81 61.60
C PHE B 175 -24.00 21.03 61.21
N GLU B 176 -24.50 20.17 62.09
CA GLU B 176 -25.66 19.37 61.72
C GLU B 176 -26.84 20.26 61.34
N GLN B 177 -27.05 21.34 62.10
CA GLN B 177 -28.15 22.26 61.82
C GLN B 177 -27.92 23.00 60.52
N GLY B 178 -26.68 23.48 60.30
CA GLY B 178 -26.38 24.21 59.09
C GLY B 178 -26.45 23.33 57.85
N ALA B 179 -25.92 22.11 57.93
CA ALA B 179 -26.03 21.21 56.79
C ALA B 179 -27.49 20.88 56.50
N THR B 180 -28.29 20.64 57.54
CA THR B 180 -29.72 20.40 57.33
C THR B 180 -30.37 21.58 56.63
N GLU B 181 -30.11 22.79 57.12
CA GLU B 181 -30.72 23.95 56.49
C GLU B 181 -30.29 24.10 55.04
N THR B 182 -29.01 23.86 54.75
CA THR B 182 -28.50 23.92 53.37
C THR B 182 -29.22 22.95 52.46
N LEU B 183 -29.35 21.69 52.90
CA LEU B 183 -29.89 20.63 52.06
C LEU B 183 -31.40 20.80 51.86
N GLU B 184 -32.11 21.24 52.89
CA GLU B 184 -33.53 21.47 52.71
C GLU B 184 -33.77 22.60 51.72
N TRP B 185 -32.95 23.65 51.79
CA TRP B 185 -33.05 24.72 50.80
C TRP B 185 -32.81 24.17 49.40
N MET B 186 -31.76 23.37 49.25
CA MET B 186 -31.46 22.82 47.93
C MET B 186 -32.59 21.91 47.43
N LYS B 187 -33.18 21.10 48.31
CA LYS B 187 -34.22 20.20 47.82
C LYS B 187 -35.46 20.97 47.40
N ALA B 188 -35.75 22.08 48.07
CA ALA B 188 -36.89 22.88 47.67
C ALA B 188 -36.64 23.71 46.40
N ASN B 189 -35.38 24.01 46.05
CA ASN B 189 -35.16 25.08 45.08
C ASN B 189 -34.28 24.73 43.88
N VAL B 190 -33.57 23.62 43.87
CA VAL B 190 -32.55 23.33 42.87
C VAL B 190 -33.03 22.19 41.99
N PRO B 191 -33.01 22.33 40.67
CA PRO B 191 -33.53 21.25 39.81
C PRO B 191 -32.75 19.96 39.92
N GLY B 192 -33.48 18.85 39.88
CA GLY B 192 -32.85 17.56 39.81
C GLY B 192 -32.30 17.04 41.11
N MET B 193 -32.59 17.72 42.23
CA MET B 193 -32.13 17.26 43.53
C MET B 193 -33.08 16.17 44.02
N VAL B 194 -32.56 14.95 44.11
CA VAL B 194 -33.43 13.81 44.39
C VAL B 194 -33.59 13.58 45.90
N GLY B 195 -32.53 13.73 46.67
CA GLY B 195 -32.63 13.53 48.11
C GLY B 195 -31.27 13.68 48.75
N TRP B 196 -31.25 13.53 50.07
CA TRP B 196 -30.02 13.75 50.82
C TRP B 196 -30.06 13.00 52.14
N MET B 197 -28.88 12.88 52.75
CA MET B 197 -28.72 12.20 54.02
C MET B 197 -27.45 12.76 54.67
N ILE B 198 -27.52 13.09 55.95
CA ILE B 198 -26.33 13.53 56.70
C ILE B 198 -25.87 12.39 57.59
N MET B 199 -24.61 11.96 57.43
CA MET B 199 -24.08 10.80 58.14
C MET B 199 -22.91 11.20 59.03
N LYS B 200 -22.90 10.74 60.27
CA LYS B 200 -21.86 11.07 61.23
C LYS B 200 -21.07 9.80 61.54
N GLN B 201 -19.76 9.82 61.27
CA GLN B 201 -18.93 8.68 61.61
C GLN B 201 -18.78 8.57 63.12
N PHE B 202 -19.10 7.40 63.68
CA PHE B 202 -18.98 7.21 65.12
C PHE B 202 -18.12 5.99 65.46
N GLY B 203 -17.51 5.34 64.48
CA GLY B 203 -16.64 4.22 64.77
C GLY B 203 -16.26 3.50 63.50
N VAL B 204 -15.43 2.47 63.65
CA VAL B 204 -14.97 1.69 62.50
C VAL B 204 -15.02 0.20 62.83
N SER B 205 -15.37 -0.61 61.83
CA SER B 205 -15.31 -2.06 62.00
C SER B 205 -13.88 -2.53 61.74
N ALA B 206 -13.27 -3.21 62.72
CA ALA B 206 -11.92 -3.72 62.49
C ALA B 206 -11.94 -4.87 61.48
N ILE B 207 -12.86 -5.82 61.69
CA ILE B 207 -12.96 -6.97 60.79
C ILE B 207 -13.31 -6.51 59.38
N GLY B 208 -14.28 -5.60 59.25
CA GLY B 208 -14.65 -5.10 57.94
C GLY B 208 -13.56 -4.32 57.25
N SER B 209 -12.63 -3.75 58.02
CA SER B 209 -11.48 -3.04 57.47
C SER B 209 -10.29 -3.97 57.27
N PHE B 210 -10.48 -5.27 57.46
CA PHE B 210 -9.40 -6.24 57.31
C PHE B 210 -8.23 -5.92 58.25
N GLN B 211 -8.54 -5.43 59.44
CA GLN B 211 -7.52 -5.09 60.43
C GLN B 211 -7.51 -6.19 61.47
N LEU B 212 -6.68 -7.19 61.23
CA LEU B 212 -6.61 -8.35 62.11
C LEU B 212 -5.51 -8.17 63.15
N ASP B 213 -5.46 -9.13 64.07
CA ASP B 213 -4.32 -9.27 64.96
C ASP B 213 -3.09 -9.62 64.13
N PRO B 214 -1.87 -9.46 64.68
CA PRO B 214 -0.67 -9.64 63.84
C PRO B 214 -0.59 -11.04 63.24
N GLU B 215 -0.95 -12.07 64.01
CA GLU B 215 -0.90 -13.43 63.50
C GLU B 215 -1.94 -13.64 62.40
N GLY B 216 -3.13 -13.09 62.57
CA GLY B 216 -4.12 -13.15 61.51
C GLY B 216 -3.67 -12.43 60.26
N ALA B 217 -3.01 -11.28 60.42
CA ALA B 217 -2.49 -10.57 59.25
C ALA B 217 -1.52 -11.44 58.46
N MET B 218 -0.63 -12.15 59.17
CA MET B 218 0.30 -13.08 58.51
C MET B 218 -0.44 -14.19 57.78
N LYS B 219 -1.40 -14.85 58.46
CA LYS B 219 -2.11 -15.95 57.82
C LYS B 219 -2.94 -15.46 56.63
N ALA B 220 -3.45 -14.23 56.69
CA ALA B 220 -4.27 -13.71 55.61
C ALA B 220 -3.52 -13.70 54.27
N VAL B 221 -2.20 -13.49 54.30
CA VAL B 221 -1.43 -13.50 53.07
C VAL B 221 -0.67 -14.81 52.86
N SER B 222 -0.88 -15.81 53.72
CA SER B 222 -0.34 -17.16 53.53
C SER B 222 -1.32 -18.11 52.84
N THR B 223 -2.35 -17.59 52.18
CA THR B 223 -3.40 -18.41 51.60
C THR B 223 -3.92 -17.67 50.38
N LEU B 224 -4.58 -18.41 49.49
CA LEU B 224 -5.29 -17.80 48.37
C LEU B 224 -6.78 -17.65 48.65
N GLY B 225 -7.23 -18.02 49.85
CA GLY B 225 -8.61 -17.85 50.22
C GLY B 225 -9.23 -19.06 50.91
N ALA B 226 -8.63 -20.23 50.73
CA ALA B 226 -9.23 -21.46 51.24
C ALA B 226 -8.90 -21.74 52.70
N ASN B 227 -7.87 -21.09 53.26
CA ASN B 227 -7.42 -21.33 54.63
C ASN B 227 -7.42 -19.99 55.36
N PRO B 228 -8.58 -19.52 55.81
CA PRO B 228 -8.67 -18.18 56.39
C PRO B 228 -7.96 -18.12 57.74
N PRO B 229 -7.55 -16.94 58.18
CA PRO B 229 -7.07 -16.80 59.57
C PRO B 229 -8.22 -17.00 60.54
N GLU B 230 -7.87 -17.16 61.81
CA GLU B 230 -8.86 -17.10 62.87
C GLU B 230 -9.46 -15.70 62.98
N TYR B 231 -10.75 -15.65 63.30
CA TYR B 231 -11.43 -14.37 63.57
C TYR B 231 -10.81 -13.71 64.80
N ASN B 232 -10.11 -12.59 64.61
CA ASN B 232 -9.39 -11.97 65.70
C ASN B 232 -8.86 -10.62 65.25
N THR B 233 -8.75 -9.69 66.21
CA THR B 233 -8.34 -8.30 65.95
C THR B 233 -7.47 -7.85 67.13
N ASN B 234 -6.96 -6.61 67.03
CA ASN B 234 -6.27 -6.00 68.15
C ASN B 234 -7.22 -5.64 69.28
N TYR B 235 -8.53 -5.75 69.04
CA TYR B 235 -9.51 -5.63 70.11
C TYR B 235 -10.07 -7.00 70.52
N GLY B 236 -9.35 -8.09 70.24
CA GLY B 236 -9.80 -9.42 70.62
C GLY B 236 -10.73 -10.05 69.61
N ASN B 237 -11.33 -11.18 70.01
CA ASN B 237 -12.11 -11.98 69.08
C ASN B 237 -13.60 -11.97 69.42
N LYS B 238 -14.05 -11.01 70.19
CA LYS B 238 -15.49 -11.01 70.45
C LYS B 238 -16.22 -10.28 69.34
N VAL B 239 -17.51 -10.59 69.24
CA VAL B 239 -18.41 -9.88 68.34
C VAL B 239 -18.87 -8.64 69.10
N HIS B 240 -18.50 -7.46 68.60
CA HIS B 240 -18.72 -6.22 69.34
C HIS B 240 -20.13 -5.67 69.19
N ASP B 241 -20.64 -5.09 70.29
CA ASP B 241 -21.91 -4.36 70.30
C ASP B 241 -21.77 -2.94 69.81
N LYS B 242 -20.61 -2.34 70.02
CA LYS B 242 -20.19 -1.00 69.65
C LYS B 242 -18.97 -1.10 68.73
N PRO B 243 -18.72 -0.11 67.90
CA PRO B 243 -17.56 -0.18 67.03
C PRO B 243 -16.31 -0.41 67.85
N PRO B 244 -15.49 -1.39 67.46
CA PRO B 244 -14.22 -1.59 68.18
C PRO B 244 -13.27 -0.42 68.03
N ILE B 245 -13.19 0.17 66.84
CA ILE B 245 -12.28 1.28 66.57
C ILE B 245 -13.06 2.56 66.79
N PRO B 246 -12.55 3.49 67.59
CA PRO B 246 -13.27 4.76 67.82
C PRO B 246 -13.42 5.54 66.53
N GLY B 247 -14.50 6.34 66.45
CA GLY B 247 -14.61 7.27 65.36
C GLY B 247 -13.44 8.24 65.37
N GLN B 248 -13.03 8.67 64.19
CA GLN B 248 -11.92 9.60 64.12
C GLN B 248 -12.34 10.96 64.66
N THR B 249 -11.37 11.72 65.15
CA THR B 249 -11.53 13.14 65.39
C THR B 249 -10.48 13.87 64.56
N PRO B 250 -10.77 15.06 64.01
CA PRO B 250 -12.06 15.78 64.04
C PRO B 250 -13.17 14.92 63.44
N THR B 251 -14.39 15.06 63.96
CA THR B 251 -15.50 14.22 63.51
C THR B 251 -15.72 14.31 62.01
N GLN B 252 -15.83 13.15 61.36
CA GLN B 252 -16.14 13.12 59.95
C GLN B 252 -17.65 13.07 59.76
N TYR B 253 -18.16 13.96 58.91
CA TYR B 253 -19.54 13.87 58.43
C TYR B 253 -19.51 13.67 56.93
N LEU B 254 -20.28 12.69 56.43
CA LEU B 254 -20.44 12.51 54.99
C LEU B 254 -21.83 13.02 54.62
N VAL B 255 -21.88 13.95 53.69
CA VAL B 255 -23.14 14.48 53.18
C VAL B 255 -23.46 13.78 51.87
N HIS B 256 -24.48 12.94 51.90
CA HIS B 256 -24.91 12.10 50.79
C HIS B 256 -26.04 12.82 50.07
N ILE B 257 -25.82 13.16 48.79
CA ILE B 257 -26.83 13.86 48.00
C ILE B 257 -27.04 13.11 46.69
N GLU B 258 -28.31 12.87 46.35
CA GLU B 258 -28.63 12.19 45.11
C GLU B 258 -29.17 13.21 44.11
N TRP B 259 -28.80 13.02 42.84
CA TRP B 259 -29.14 13.94 41.78
C TRP B 259 -29.58 13.16 40.55
N GLU B 260 -30.33 13.84 39.68
CA GLU B 260 -30.80 13.18 38.46
C GLU B 260 -29.63 12.67 37.62
N SER B 261 -28.55 13.47 37.54
CA SER B 261 -27.48 13.22 36.59
C SER B 261 -26.23 13.93 37.10
N PRO B 262 -25.06 13.63 36.53
CA PRO B 262 -23.85 14.35 36.95
C PRO B 262 -23.92 15.85 36.69
N GLU B 263 -24.55 16.24 35.57
CA GLU B 263 -24.69 17.65 35.24
C GLU B 263 -25.58 18.36 36.26
N HIS B 264 -26.69 17.74 36.68
CA HIS B 264 -27.52 18.35 37.71
C HIS B 264 -26.77 18.45 39.03
N ALA B 265 -25.98 17.42 39.37
CA ALA B 265 -25.19 17.46 40.60
C ALA B 265 -24.14 18.57 40.52
N HIS B 266 -23.46 18.68 39.39
CA HIS B 266 -22.42 19.68 39.27
C HIS B 266 -23.02 21.08 39.40
N GLN B 267 -24.03 21.37 38.58
CA GLN B 267 -24.69 22.67 38.66
C GLN B 267 -25.43 22.86 39.98
N GLY B 268 -26.01 21.80 40.54
CA GLY B 268 -26.76 21.94 41.78
C GLY B 268 -25.89 22.32 42.96
N LEU B 269 -24.78 21.60 43.16
CA LEU B 269 -23.85 21.89 44.24
C LEU B 269 -23.26 23.29 44.11
N GLY B 270 -23.10 23.79 42.89
CA GLY B 270 -22.56 25.13 42.71
C GLY B 270 -23.46 26.22 43.28
N HIS B 271 -24.73 25.91 43.56
CA HIS B 271 -25.63 26.93 44.11
C HIS B 271 -25.16 27.44 45.47
N VAL B 272 -24.35 26.68 46.21
CA VAL B 272 -23.81 27.19 47.46
C VAL B 272 -22.83 28.33 47.23
N MET B 273 -22.43 28.57 45.99
CA MET B 273 -21.56 29.68 45.65
C MET B 273 -22.22 30.77 44.82
N VAL B 274 -23.20 30.42 43.98
CA VAL B 274 -23.77 31.35 43.01
C VAL B 274 -25.20 31.78 43.35
N ASP B 275 -25.75 31.33 44.48
CA ASP B 275 -27.00 31.89 44.99
C ASP B 275 -26.72 32.61 46.30
N TYR B 276 -27.04 33.91 46.34
CA TYR B 276 -26.65 34.71 47.49
C TYR B 276 -27.21 34.13 48.77
N GLU B 277 -28.49 33.73 48.75
CA GLU B 277 -29.14 33.23 49.96
C GLU B 277 -28.56 31.90 50.42
N LEU B 278 -28.44 30.92 49.52
CA LEU B 278 -27.87 29.63 49.92
C LEU B 278 -26.41 29.79 50.36
N ARG B 279 -25.68 30.70 49.70
CA ARG B 279 -24.30 30.96 50.08
C ARG B 279 -24.20 31.41 51.53
N GLN B 280 -25.11 32.28 51.97
CA GLN B 280 -25.08 32.68 53.38
C GLN B 280 -25.40 31.51 54.30
N ILE B 281 -26.42 30.71 53.94
CA ILE B 281 -26.76 29.56 54.77
C ILE B 281 -25.58 28.61 54.87
N HIS B 282 -24.96 28.30 53.73
CA HIS B 282 -23.87 27.33 53.71
C HIS B 282 -22.60 27.89 54.33
N ASN B 283 -22.28 29.17 54.06
CA ASN B 283 -21.07 29.75 54.64
C ASN B 283 -21.14 29.71 56.16
N ASN B 284 -22.24 30.19 56.73
CA ASN B 284 -22.37 30.32 58.17
C ASN B 284 -22.73 29.00 58.84
N GLY B 285 -23.47 28.13 58.16
CA GLY B 285 -23.94 26.92 58.78
C GLY B 285 -23.04 25.72 58.55
N VAL B 286 -22.19 25.75 57.53
CA VAL B 286 -21.33 24.59 57.23
C VAL B 286 -19.87 25.00 57.21
N LEU B 287 -19.48 25.86 56.27
CA LEU B 287 -18.06 26.19 56.07
C LEU B 287 -17.41 26.75 57.33
N ALA B 288 -18.16 27.52 58.13
CA ALA B 288 -17.63 28.12 59.34
C ALA B 288 -17.26 27.09 60.41
N HIS B 289 -17.67 25.83 60.26
CA HIS B 289 -17.47 24.81 61.28
C HIS B 289 -16.49 23.72 60.86
N LEU B 290 -15.78 23.92 59.76
CA LEU B 290 -14.96 22.86 59.19
C LEU B 290 -13.48 23.03 59.53
N ASP B 291 -12.86 21.91 59.91
CA ASP B 291 -11.40 21.75 59.87
C ASP B 291 -10.93 21.32 58.49
N LYS B 292 -11.74 20.55 57.76
CA LYS B 292 -11.36 20.03 56.45
C LYS B 292 -12.58 19.94 55.55
N GLY B 293 -12.37 20.19 54.26
CA GLY B 293 -13.40 20.04 53.28
C GLY B 293 -14.09 21.37 52.98
N PRO B 294 -15.21 21.31 52.25
CA PRO B 294 -15.82 20.09 51.75
C PRO B 294 -15.16 19.52 50.50
N TYR B 295 -15.20 18.20 50.33
CA TYR B 295 -14.71 17.54 49.14
C TYR B 295 -15.79 16.59 48.64
N TYR B 296 -16.20 16.74 47.38
CA TYR B 296 -17.35 16.02 46.84
C TYR B 296 -16.91 14.99 45.79
N MET B 297 -17.16 13.72 46.07
CA MET B 297 -16.92 12.65 45.12
C MET B 297 -18.24 12.29 44.42
N PHE B 298 -18.16 12.04 43.11
CA PHE B 298 -19.31 11.63 42.32
C PHE B 298 -19.32 10.13 42.16
N PHE B 299 -20.49 9.51 42.30
CA PHE B 299 -20.62 8.08 42.17
C PHE B 299 -21.80 7.69 41.30
N SER B 300 -21.72 6.51 40.75
CA SER B 300 -22.85 5.89 40.14
C SER B 300 -23.28 4.68 40.97
N PRO B 301 -24.57 4.56 41.31
CA PRO B 301 -25.03 3.35 42.02
C PRO B 301 -25.15 2.22 41.02
N MET B 302 -24.29 1.20 41.17
CA MET B 302 -24.30 0.06 40.25
C MET B 302 -25.38 -0.95 40.63
N MET B 303 -25.47 -1.29 41.91
CA MET B 303 -26.46 -2.22 42.44
C MET B 303 -27.04 -1.61 43.70
N GLU B 304 -28.32 -1.84 43.91
CA GLU B 304 -28.99 -1.30 45.09
C GLU B 304 -30.00 -2.31 45.58
N GLN B 305 -30.04 -2.48 46.88
CA GLN B 305 -31.18 -3.13 47.52
C GLN B 305 -31.72 -2.06 48.46
N GLY B 306 -32.74 -1.33 48.00
CA GLY B 306 -33.09 -0.09 48.66
C GLY B 306 -34.21 -0.16 49.70
N LEU B 307 -34.57 -1.36 50.16
CA LEU B 307 -35.69 -1.43 51.08
C LEU B 307 -35.42 -0.73 52.40
N TRP B 308 -34.15 -0.61 52.79
CA TRP B 308 -33.82 0.14 54.00
C TRP B 308 -34.33 1.57 53.93
N ARG B 309 -34.41 2.14 52.74
CA ARG B 309 -34.90 3.51 52.64
C ARG B 309 -36.33 3.60 53.09
N LYS B 310 -37.09 2.51 52.91
CA LYS B 310 -38.52 2.51 53.21
C LYS B 310 -38.80 2.79 54.68
N HIS B 311 -37.86 2.50 55.57
CA HIS B 311 -38.02 2.77 57.00
C HIS B 311 -36.88 3.65 57.50
N LEU B 312 -36.95 4.94 57.19
CA LEU B 312 -36.11 5.97 57.77
C LEU B 312 -36.95 6.97 58.56
N LYS B 313 -36.52 8.23 58.61
CA LYS B 313 -37.22 9.32 59.30
C LYS B 313 -37.58 8.92 60.72
N GLU C 4 -24.49 -59.16 35.36
CA GLU C 4 -24.50 -57.84 35.99
C GLU C 4 -25.40 -56.86 35.24
N ASN C 5 -26.48 -56.39 35.89
CA ASN C 5 -27.30 -55.32 35.34
C ASN C 5 -27.06 -54.04 36.13
N PRO C 6 -26.17 -53.16 35.67
CA PRO C 6 -25.79 -51.99 36.46
C PRO C 6 -26.76 -50.84 36.24
N ILE C 7 -26.63 -49.83 37.08
CA ILE C 7 -27.39 -48.60 36.99
C ILE C 7 -26.52 -47.54 36.34
N ILE C 8 -27.11 -46.70 35.50
CA ILE C 8 -26.36 -45.65 34.81
C ILE C 8 -26.94 -44.31 35.24
N ALA C 9 -26.09 -43.48 35.86
CA ALA C 9 -26.43 -42.09 36.13
C ALA C 9 -25.91 -41.22 34.99
N ILE C 10 -26.79 -40.43 34.40
CA ILE C 10 -26.38 -39.57 33.29
C ILE C 10 -26.49 -38.13 33.79
N ASN C 11 -25.34 -37.53 34.08
CA ASN C 11 -25.29 -36.12 34.43
C ASN C 11 -25.42 -35.32 33.15
N MET C 12 -26.52 -34.60 33.01
CA MET C 12 -26.83 -33.87 31.78
C MET C 12 -26.65 -32.38 32.03
N ALA C 13 -25.82 -31.75 31.22
CA ALA C 13 -25.61 -30.32 31.30
C ALA C 13 -25.52 -29.76 29.88
N LYS C 14 -25.75 -28.46 29.78
CA LYS C 14 -25.52 -27.70 28.55
C LYS C 14 -24.47 -26.63 28.87
N ILE C 15 -23.37 -26.63 28.12
CA ILE C 15 -22.22 -25.81 28.44
C ILE C 15 -21.91 -24.84 27.30
N ALA C 16 -21.21 -23.77 27.65
CA ALA C 16 -20.84 -22.77 26.67
C ALA C 16 -19.86 -23.37 25.67
N ASN C 17 -20.09 -23.09 24.39
CA ASN C 17 -19.24 -23.62 23.34
C ASN C 17 -18.18 -22.57 23.03
N LYS C 18 -17.10 -22.60 23.78
CA LYS C 18 -16.03 -21.62 23.62
C LYS C 18 -14.75 -22.26 24.13
N PRO C 19 -13.59 -21.76 23.68
CA PRO C 19 -12.32 -22.41 24.08
C PRO C 19 -12.14 -22.60 25.59
N ASP C 20 -12.63 -21.66 26.40
CA ASP C 20 -12.47 -21.79 27.85
C ASP C 20 -13.12 -23.08 28.37
N SER C 21 -14.26 -23.50 27.79
CA SER C 21 -14.94 -24.69 28.28
C SER C 21 -14.14 -25.96 28.04
N TYR C 22 -13.53 -26.08 26.86
CA TYR C 22 -12.68 -27.24 26.58
C TYR C 22 -11.51 -27.27 27.54
N GLU C 23 -11.02 -26.10 27.92
CA GLU C 23 -9.91 -25.99 28.87
C GLU C 23 -10.29 -26.58 30.23
N THR C 24 -11.40 -26.13 30.79
CA THR C 24 -11.80 -26.66 32.09
C THR C 24 -12.26 -28.11 32.01
N MET C 25 -12.72 -28.58 30.85
CA MET C 25 -13.09 -30.00 30.76
C MET C 25 -11.88 -30.91 30.86
N MET C 26 -10.72 -30.52 30.33
CA MET C 26 -9.55 -31.38 30.47
C MET C 26 -8.85 -31.18 31.82
N LYS C 27 -9.06 -30.04 32.48
CA LYS C 27 -8.41 -29.77 33.75
C LYS C 27 -9.21 -30.27 34.95
N VAL C 28 -10.53 -30.13 34.89
CA VAL C 28 -11.40 -30.45 36.02
C VAL C 28 -12.03 -31.83 35.86
N GLY C 29 -12.38 -32.19 34.62
CA GLY C 29 -13.00 -33.46 34.31
C GLY C 29 -12.31 -34.68 34.90
N PRO C 30 -11.00 -34.84 34.62
CA PRO C 30 -10.27 -35.97 35.22
C PRO C 30 -10.36 -36.02 36.73
N LYS C 31 -10.36 -34.87 37.39
CA LYS C 31 -10.38 -34.84 38.85
C LYS C 31 -11.70 -35.37 39.40
N VAL C 32 -12.81 -35.08 38.71
CA VAL C 32 -14.12 -35.58 39.12
C VAL C 32 -14.17 -37.10 38.99
N CSS C 33 -13.63 -37.63 37.89
CA CSS C 33 -13.63 -39.05 37.67
CB CSS C 33 -13.20 -39.36 36.27
SG CSS C 33 -14.41 -38.82 35.06
SD CSS C 33 -16.23 -39.44 35.71
C CSS C 33 -12.75 -39.71 38.69
O CSS C 33 -13.08 -40.83 39.18
N ILE C 34 -11.62 -39.09 39.07
CA ILE C 34 -10.74 -39.70 40.07
C ILE C 34 -11.47 -39.82 41.42
N THR C 35 -12.19 -38.76 41.77
CA THR C 35 -12.99 -38.76 42.98
C THR C 35 -14.04 -39.87 42.95
N THR C 36 -14.72 -40.00 41.81
CA THR C 36 -15.78 -41.01 41.66
C THR C 36 -15.23 -42.41 41.86
N ALA C 37 -14.06 -42.70 41.28
CA ALA C 37 -13.46 -44.04 41.33
C ALA C 37 -12.89 -44.38 42.67
N SER C 38 -13.04 -43.54 43.70
CA SER C 38 -12.68 -44.00 45.04
C SER C 38 -13.68 -45.00 45.59
N HIS C 39 -14.87 -45.14 44.94
CA HIS C 39 -15.94 -45.96 45.50
C HIS C 39 -15.95 -47.34 44.87
N PRO C 40 -16.05 -48.41 45.67
CA PRO C 40 -16.00 -49.76 45.09
C PRO C 40 -17.20 -50.10 44.22
N GLY C 41 -18.30 -49.38 44.31
CA GLY C 41 -19.39 -49.66 43.40
C GLY C 41 -19.28 -49.04 42.03
N PHE C 42 -18.22 -48.29 41.79
CA PHE C 42 -18.06 -47.57 40.54
C PHE C 42 -17.52 -48.49 39.46
N LEU C 43 -18.23 -48.57 38.34
CA LEU C 43 -17.91 -49.54 37.30
C LEU C 43 -17.32 -48.94 36.03
N GLY C 44 -17.51 -47.66 35.77
CA GLY C 44 -16.96 -47.04 34.58
C GLY C 44 -17.71 -45.76 34.25
N PHE C 45 -17.26 -45.11 33.17
CA PHE C 45 -17.86 -43.84 32.77
C PHE C 45 -17.72 -43.63 31.26
N GLU C 46 -18.55 -42.70 30.75
CA GLU C 46 -18.55 -42.23 29.36
C GLU C 46 -18.74 -40.72 29.39
N GLN C 47 -17.77 -39.96 28.84
CA GLN C 47 -17.89 -38.51 28.70
C GLN C 47 -18.27 -38.20 27.27
N LEU C 48 -19.51 -37.75 27.07
CA LEU C 48 -20.08 -37.54 25.73
C LEU C 48 -20.27 -36.05 25.50
N LEU C 49 -19.68 -35.54 24.43
CA LEU C 49 -19.83 -34.14 24.05
C LEU C 49 -20.68 -34.07 22.79
N GLN C 50 -21.76 -33.31 22.85
CA GLN C 50 -22.67 -33.23 21.72
C GLN C 50 -21.99 -32.58 20.51
N THR C 51 -22.15 -33.20 19.35
CA THR C 51 -21.62 -32.68 18.09
C THR C 51 -22.72 -32.26 17.12
N GLY C 52 -23.97 -32.67 17.36
CA GLY C 52 -25.04 -32.28 16.47
C GLY C 52 -26.31 -33.03 16.82
N ILE C 53 -27.21 -33.08 15.85
CA ILE C 53 -28.49 -33.79 15.96
C ILE C 53 -28.77 -34.47 14.62
N HIS C 54 -29.76 -35.35 14.62
CA HIS C 54 -30.28 -35.90 13.38
C HIS C 54 -31.41 -35.01 12.88
N PRO C 55 -31.31 -34.40 11.69
CA PRO C 55 -32.39 -33.53 11.23
C PRO C 55 -33.67 -34.28 10.84
N MET C 56 -33.61 -35.59 10.64
CA MET C 56 -34.79 -36.43 10.37
C MET C 56 -35.62 -35.86 9.21
N ALA C 57 -34.91 -35.67 8.10
CA ALA C 57 -35.50 -35.26 6.81
C ALA C 57 -36.22 -33.92 6.91
N GLY C 58 -35.68 -33.01 7.72
CA GLY C 58 -36.24 -31.67 7.78
C GLY C 58 -37.17 -31.43 8.95
N ARG C 59 -37.52 -32.48 9.70
CA ARG C 59 -38.29 -32.29 10.92
C ARG C 59 -37.57 -31.38 11.89
N TYR C 60 -36.23 -31.40 11.87
CA TYR C 60 -35.41 -30.43 12.60
C TYR C 60 -34.45 -29.75 11.63
N GLY C 61 -35.02 -29.04 10.66
CA GLY C 61 -34.25 -28.47 9.56
C GLY C 61 -33.31 -27.36 9.95
N GLY C 62 -33.47 -26.78 11.14
CA GLY C 62 -32.49 -25.81 11.60
C GLY C 62 -31.20 -26.41 12.14
N GLY C 63 -31.19 -27.71 12.41
CA GLY C 63 -30.01 -28.38 12.88
C GLY C 63 -29.27 -29.10 11.77
N ALA C 64 -28.23 -29.82 12.16
CA ALA C 64 -27.38 -30.54 11.22
C ALA C 64 -26.65 -31.64 11.97
N VAL C 65 -26.19 -32.63 11.22
CA VAL C 65 -25.38 -33.69 11.82
C VAL C 65 -24.16 -33.08 12.52
N ASP C 66 -23.50 -32.12 11.87
CA ASP C 66 -22.30 -31.50 12.41
C ASP C 66 -22.62 -30.06 12.77
N MET C 67 -22.82 -29.81 14.07
CA MET C 67 -23.06 -28.46 14.56
C MET C 67 -21.94 -27.98 15.47
N ARG C 68 -20.76 -28.59 15.34
CA ARG C 68 -19.69 -28.34 16.32
C ARG C 68 -19.29 -26.86 16.36
N GLU C 69 -19.45 -26.15 15.24
CA GLU C 69 -19.05 -24.75 15.12
C GLU C 69 -20.11 -23.77 15.60
N THR C 70 -21.38 -24.20 15.66
CA THR C 70 -22.48 -23.28 15.87
C THR C 70 -23.29 -23.54 17.13
N LEU C 71 -23.24 -24.75 17.69
CA LEU C 71 -24.07 -25.11 18.82
C LEU C 71 -23.62 -24.36 20.09
N ASN C 72 -24.51 -23.60 20.69
CA ASN C 72 -24.19 -22.95 21.96
C ASN C 72 -25.45 -22.60 22.75
N PRO C 73 -25.72 -23.26 23.88
CA PRO C 73 -24.85 -24.27 24.52
C PRO C 73 -24.79 -25.62 23.79
N MET C 74 -23.81 -26.43 24.15
CA MET C 74 -23.71 -27.77 23.61
C MET C 74 -23.96 -28.76 24.73
N GLY C 75 -24.63 -29.86 24.40
CA GLY C 75 -24.91 -30.88 25.40
C GLY C 75 -23.63 -31.56 25.88
N MET C 76 -23.61 -31.87 27.16
CA MET C 76 -22.52 -32.65 27.72
C MET C 76 -23.13 -33.69 28.67
N PHE C 77 -23.04 -34.96 28.29
CA PHE C 77 -23.61 -36.06 29.07
C PHE C 77 -22.49 -36.88 29.66
N GLN C 78 -22.52 -37.08 30.96
CA GLN C 78 -21.55 -37.93 31.66
C GLN C 78 -22.26 -39.14 32.23
N TYR C 79 -22.02 -40.30 31.61
CA TYR C 79 -22.47 -41.56 32.19
C TYR C 79 -21.51 -41.93 33.30
N THR C 80 -22.03 -42.22 34.48
CA THR C 80 -21.28 -42.99 35.46
C THR C 80 -22.10 -44.23 35.77
N VAL C 81 -21.44 -45.39 35.79
CA VAL C 81 -22.07 -46.69 35.86
C VAL C 81 -21.78 -47.31 37.22
N TRP C 82 -22.81 -47.86 37.85
CA TRP C 82 -22.76 -48.23 39.26
C TRP C 82 -23.39 -49.59 39.49
N LYS C 83 -22.90 -50.28 40.53
CA LYS C 83 -23.56 -51.51 40.95
C LYS C 83 -25.00 -51.24 41.37
N ASP C 84 -25.25 -50.10 42.00
CA ASP C 84 -26.58 -49.75 42.49
C ASP C 84 -26.64 -48.26 42.79
N VAL C 85 -27.86 -47.77 43.03
CA VAL C 85 -28.07 -46.37 43.34
C VAL C 85 -27.29 -45.98 44.59
N HIS C 86 -27.30 -46.86 45.60
CA HIS C 86 -26.67 -46.54 46.87
C HIS C 86 -25.19 -46.21 46.69
N SER C 87 -24.51 -46.93 45.79
CA SER C 87 -23.08 -46.67 45.55
C SER C 87 -22.87 -45.24 45.06
N HIS C 88 -23.69 -44.80 44.10
CA HIS C 88 -23.54 -43.45 43.57
C HIS C 88 -23.86 -42.42 44.65
N GLU C 89 -24.98 -42.58 45.36
CA GLU C 89 -25.36 -41.63 46.39
C GLU C 89 -24.33 -41.58 47.51
N GLU C 90 -23.77 -42.73 47.88
CA GLU C 90 -22.77 -42.75 48.95
C GLU C 90 -21.48 -42.06 48.51
N MET C 91 -21.06 -42.31 47.27
CA MET C 91 -19.90 -41.61 46.74
C MET C 91 -20.11 -40.11 46.77
N HIS C 92 -21.28 -39.65 46.31
CA HIS C 92 -21.56 -38.22 46.34
C HIS C 92 -21.50 -37.68 47.76
N HIS C 93 -22.01 -38.46 48.72
CA HIS C 93 -21.99 -38.03 50.10
C HIS C 93 -20.55 -38.01 50.65
N ASP C 94 -19.82 -39.11 50.47
CA ASP C 94 -18.48 -39.22 51.03
C ASP C 94 -17.50 -38.21 50.44
N ASN C 95 -17.77 -37.71 49.23
CA ASN C 95 -16.89 -36.79 48.54
C ASN C 95 -17.56 -35.45 48.26
N PHE C 96 -18.53 -35.08 49.10
CA PHE C 96 -19.36 -33.92 48.80
C PHE C 96 -18.51 -32.64 48.74
N LYS C 97 -17.62 -32.44 49.72
CA LYS C 97 -16.78 -31.25 49.71
C LYS C 97 -15.92 -31.17 48.46
N GLU C 98 -15.31 -32.29 48.05
CA GLU C 98 -14.38 -32.26 46.93
C GLU C 98 -15.13 -32.13 45.62
N ILE C 99 -16.24 -32.85 45.45
CA ILE C 99 -17.04 -32.69 44.25
C ILE C 99 -17.58 -31.26 44.15
N PHE C 100 -17.99 -30.69 45.29
CA PHE C 100 -18.46 -29.30 45.25
C PHE C 100 -17.35 -28.35 44.80
N GLU C 101 -16.14 -28.52 45.34
CA GLU C 101 -15.04 -27.67 44.94
C GLU C 101 -14.80 -27.77 43.43
N LEU C 102 -14.80 -28.98 42.90
CA LEU C 102 -14.50 -29.17 41.49
C LEU C 102 -15.61 -28.63 40.59
N CSS C 103 -16.86 -28.91 40.93
CA CSS C 103 -17.95 -28.54 40.08
CB CSS C 103 -19.18 -29.33 40.41
SG CSS C 103 -19.01 -30.97 39.74
SD CSS C 103 -18.41 -30.92 37.82
C CSS C 103 -18.16 -27.07 40.18
O CSS C 103 -18.72 -26.48 39.23
N SER C 104 -17.74 -26.45 41.29
CA SER C 104 -17.79 -24.99 41.41
C SER C 104 -16.99 -24.31 40.31
N GLY C 105 -15.87 -24.93 39.92
CA GLY C 105 -15.14 -24.45 38.75
C GLY C 105 -15.93 -24.62 37.46
N CYS C 106 -16.63 -25.75 37.31
CA CYS C 106 -17.37 -26.01 36.08
C CYS C 106 -18.59 -25.12 35.91
N LEU C 107 -19.11 -24.54 36.99
CA LEU C 107 -20.31 -23.71 36.88
C LEU C 107 -20.08 -22.47 36.03
N GLY C 108 -18.83 -22.03 35.87
CA GLY C 108 -18.54 -20.90 35.01
C GLY C 108 -18.78 -21.16 33.53
N MET C 109 -19.00 -22.42 33.15
CA MET C 109 -19.31 -22.75 31.77
C MET C 109 -20.72 -23.32 31.62
N VAL C 110 -21.46 -23.44 32.70
CA VAL C 110 -22.76 -24.08 32.65
C VAL C 110 -23.81 -23.05 32.25
N ILE C 111 -24.59 -23.41 31.24
CA ILE C 111 -25.74 -22.63 30.84
C ILE C 111 -27.04 -23.27 31.29
N GLU C 112 -27.08 -24.60 31.37
CA GLU C 112 -28.26 -25.31 31.85
C GLU C 112 -27.79 -26.60 32.51
N GLY C 113 -28.51 -27.03 33.56
CA GLY C 113 -28.13 -28.22 34.30
C GLY C 113 -27.26 -27.90 35.50
N PRO C 114 -26.68 -28.92 36.16
CA PRO C 114 -26.78 -30.34 35.80
C PRO C 114 -28.09 -30.95 36.23
N TRP C 115 -28.54 -31.96 35.51
CA TRP C 115 -29.67 -32.78 35.90
C TRP C 115 -29.25 -34.23 35.74
N GLU C 116 -29.36 -35.03 36.80
CA GLU C 116 -28.76 -36.36 36.81
C GLU C 116 -29.79 -37.46 37.10
N PRO C 117 -30.51 -37.92 36.08
CA PRO C 117 -31.42 -39.04 36.28
C PRO C 117 -30.66 -40.35 36.32
N TYR C 118 -31.30 -41.32 36.97
CA TYR C 118 -30.86 -42.71 37.04
C TYR C 118 -31.58 -43.53 35.97
N PHE C 119 -30.84 -44.43 35.32
CA PHE C 119 -31.37 -45.22 34.22
C PHE C 119 -31.15 -46.70 34.45
N GLU C 120 -32.17 -47.47 34.14
CA GLU C 120 -32.05 -48.92 34.10
C GLU C 120 -31.70 -49.35 32.68
N VAL C 121 -30.77 -50.28 32.55
CA VAL C 121 -30.41 -50.82 31.23
C VAL C 121 -31.43 -51.92 30.93
N VAL C 122 -32.42 -51.61 30.10
CA VAL C 122 -33.46 -52.58 29.80
C VAL C 122 -32.90 -53.73 28.98
N LYS C 123 -32.15 -53.41 27.94
CA LYS C 123 -31.50 -54.40 27.09
C LYS C 123 -30.39 -53.69 26.34
N SER C 124 -29.39 -54.47 25.94
CA SER C 124 -28.23 -53.89 25.30
C SER C 124 -27.57 -54.93 24.41
N ASP C 125 -26.85 -54.43 23.42
CA ASP C 125 -25.90 -55.21 22.63
C ASP C 125 -24.74 -54.25 22.36
N LEU C 126 -23.90 -54.08 23.38
CA LEU C 126 -22.81 -53.13 23.37
C LEU C 126 -21.50 -53.91 23.42
N PRO C 127 -20.64 -53.81 22.43
CA PRO C 127 -19.34 -54.49 22.51
C PRO C 127 -18.36 -53.77 23.42
N GLN C 128 -17.33 -54.51 23.84
CA GLN C 128 -16.19 -53.94 24.55
C GLN C 128 -15.51 -52.93 23.64
N ILE C 129 -14.99 -51.85 24.20
CA ILE C 129 -14.27 -50.89 23.38
C ILE C 129 -12.82 -51.39 23.20
N MET C 130 -12.21 -50.98 22.10
CA MET C 130 -10.87 -51.41 21.74
C MET C 130 -10.26 -50.37 20.80
N SER C 131 -9.03 -50.64 20.38
CA SER C 131 -8.37 -49.80 19.39
C SER C 131 -8.00 -50.67 18.18
N MET C 132 -7.59 -49.98 17.10
CA MET C 132 -7.20 -50.69 15.87
C MET C 132 -6.15 -51.75 16.13
N THR C 133 -5.12 -51.41 16.93
CA THR C 133 -4.05 -52.37 17.14
C THR C 133 -4.48 -53.56 17.97
N ASP C 134 -5.66 -53.53 18.59
CA ASP C 134 -6.20 -54.67 19.32
C ASP C 134 -6.97 -55.63 18.44
N VAL C 135 -7.36 -55.21 17.24
CA VAL C 135 -8.33 -55.98 16.45
C VAL C 135 -7.81 -57.34 16.04
N PRO C 136 -6.58 -57.48 15.50
CA PRO C 136 -6.12 -58.84 15.16
C PRO C 136 -6.16 -59.80 16.32
N GLN C 137 -5.79 -59.35 17.52
CA GLN C 137 -5.84 -60.26 18.66
C GLN C 137 -7.28 -60.58 19.06
N VAL C 138 -8.17 -59.58 19.03
CA VAL C 138 -9.57 -59.86 19.32
C VAL C 138 -10.13 -60.86 18.34
N LEU C 139 -9.75 -60.75 17.07
CA LEU C 139 -10.16 -61.72 16.06
C LEU C 139 -9.65 -63.10 16.42
N GLY C 140 -8.36 -63.23 16.70
CA GLY C 140 -7.81 -64.53 17.02
C GLY C 140 -8.40 -65.12 18.28
N ASP C 141 -8.55 -64.31 19.32
CA ASP C 141 -9.10 -64.83 20.57
C ASP C 141 -10.54 -65.28 20.36
N SER C 142 -11.30 -64.56 19.52
CA SER C 142 -12.66 -64.99 19.23
C SER C 142 -12.67 -66.36 18.54
N PHE C 143 -11.78 -66.58 17.58
CA PHE C 143 -11.71 -67.89 16.93
C PHE C 143 -11.31 -68.98 17.91
N ALA C 144 -10.32 -68.69 18.77
CA ALA C 144 -9.89 -69.66 19.75
C ALA C 144 -11.03 -70.07 20.68
N LYS C 145 -11.75 -69.08 21.22
CA LYS C 145 -12.83 -69.27 22.17
C LYS C 145 -14.16 -69.66 21.50
N GLN C 146 -14.14 -69.96 20.19
CA GLN C 146 -15.33 -70.34 19.44
C GLN C 146 -16.43 -69.28 19.53
N GLU C 147 -16.07 -68.02 19.77
CA GLU C 147 -17.05 -66.97 20.00
C GLU C 147 -17.15 -66.05 18.78
N ARG C 148 -18.23 -65.29 18.76
CA ARG C 148 -18.45 -64.36 17.66
C ARG C 148 -17.56 -63.13 17.80
N VAL C 149 -17.00 -62.71 16.67
CA VAL C 149 -16.21 -61.48 16.62
C VAL C 149 -17.15 -60.29 16.74
N PRO C 150 -16.90 -59.33 17.61
CA PRO C 150 -17.81 -58.20 17.76
C PRO C 150 -17.63 -57.16 16.67
N LYS C 151 -18.60 -56.26 16.57
CA LYS C 151 -18.37 -55.00 15.88
C LYS C 151 -17.24 -54.25 16.59
N VAL C 152 -16.47 -53.50 15.81
CA VAL C 152 -15.33 -52.78 16.35
C VAL C 152 -15.82 -51.43 16.88
N ALA C 153 -15.75 -51.28 18.20
CA ALA C 153 -16.09 -50.03 18.90
C ALA C 153 -14.78 -49.35 19.28
N LEU C 154 -14.35 -48.37 18.48
CA LEU C 154 -13.05 -47.74 18.71
C LEU C 154 -13.12 -46.77 19.88
N SER C 155 -12.25 -46.98 20.87
CA SER C 155 -12.18 -46.13 22.04
C SER C 155 -11.99 -44.66 21.68
N SER C 156 -12.91 -43.81 22.14
CA SER C 156 -12.87 -42.38 21.89
C SER C 156 -12.74 -42.05 20.41
N GLN C 157 -13.25 -42.91 19.53
CA GLN C 157 -13.10 -42.70 18.09
C GLN C 157 -14.32 -43.24 17.33
N ARG C 158 -15.52 -42.81 17.72
CA ARG C 158 -16.74 -43.24 17.02
C ARG C 158 -17.88 -42.32 17.42
N THR C 159 -19.09 -42.62 16.93
CA THR C 159 -20.24 -41.75 17.17
C THR C 159 -21.24 -42.45 18.10
N VAL C 160 -21.68 -41.72 19.12
CA VAL C 160 -22.74 -42.16 20.01
C VAL C 160 -23.94 -41.26 19.75
N VAL C 161 -25.08 -41.88 19.49
CA VAL C 161 -26.32 -41.18 19.23
C VAL C 161 -27.29 -41.53 20.34
N ILE C 162 -28.01 -40.54 20.86
CA ILE C 162 -28.98 -40.77 21.91
C ILE C 162 -30.35 -40.28 21.46
N GLY C 163 -31.31 -41.21 21.40
CA GLY C 163 -32.67 -40.90 21.03
C GLY C 163 -33.60 -40.78 22.22
N ASP C 164 -34.16 -39.58 22.38
CA ASP C 164 -35.02 -39.25 23.50
C ASP C 164 -36.46 -39.61 23.11
N HIS C 165 -37.09 -40.43 23.94
CA HIS C 165 -38.47 -40.89 23.75
C HIS C 165 -39.23 -40.71 25.05
N TRP C 166 -40.42 -40.13 24.98
CA TRP C 166 -41.38 -40.19 26.09
C TRP C 166 -42.48 -41.15 25.68
N VAL C 167 -42.69 -42.19 26.49
CA VAL C 167 -43.58 -43.27 26.12
C VAL C 167 -44.92 -43.09 26.83
N MET C 168 -46.00 -43.32 26.09
CA MET C 168 -47.35 -43.21 26.63
C MET C 168 -47.54 -44.13 27.84
N ASP C 169 -48.28 -43.61 28.81
CA ASP C 169 -48.64 -44.37 30.00
C ASP C 169 -49.25 -45.70 29.59
N GLY C 170 -48.70 -46.80 30.12
CA GLY C 170 -49.19 -48.13 29.80
C GLY C 170 -48.59 -48.78 28.58
N HIS C 171 -47.77 -48.06 27.81
CA HIS C 171 -47.14 -48.61 26.62
C HIS C 171 -45.68 -48.99 26.85
N GLU C 172 -45.22 -48.98 28.09
CA GLU C 172 -43.79 -49.13 28.37
C GLU C 172 -43.27 -50.45 27.83
N LYS C 173 -43.97 -51.55 28.09
CA LYS C 173 -43.50 -52.87 27.67
C LYS C 173 -43.52 -53.00 26.15
N ALA C 174 -44.60 -52.54 25.51
CA ALA C 174 -44.68 -52.58 24.06
C ALA C 174 -43.57 -51.73 23.44
N PHE C 175 -43.28 -50.56 24.00
CA PHE C 175 -42.16 -49.77 23.49
C PHE C 175 -40.85 -50.55 23.59
N GLU C 176 -40.61 -51.17 24.74
CA GLU C 176 -39.34 -51.88 24.93
C GLU C 176 -39.17 -52.98 23.88
N GLN C 177 -40.23 -53.73 23.60
CA GLN C 177 -40.14 -54.81 22.64
C GLN C 177 -39.96 -54.29 21.22
N GLY C 178 -40.70 -53.23 20.87
CA GLY C 178 -40.55 -52.67 19.53
C GLY C 178 -39.19 -52.02 19.32
N ALA C 179 -38.69 -51.29 20.33
CA ALA C 179 -37.35 -50.73 20.21
C ALA C 179 -36.30 -51.83 20.12
N THR C 180 -36.46 -52.88 20.92
CA THR C 180 -35.52 -54.00 20.84
C THR C 180 -35.50 -54.60 19.44
N GLU C 181 -36.69 -54.89 18.89
CA GLU C 181 -36.75 -55.49 17.56
C GLU C 181 -36.16 -54.55 16.51
N THR C 182 -36.43 -53.25 16.63
CA THR C 182 -35.84 -52.27 15.71
C THR C 182 -34.32 -52.30 15.81
N LEU C 183 -33.78 -52.25 17.03
CA LEU C 183 -32.34 -52.14 17.18
C LEU C 183 -31.64 -53.42 16.74
N GLU C 184 -32.25 -54.57 17.03
CA GLU C 184 -31.69 -55.85 16.60
C GLU C 184 -31.69 -55.96 15.07
N TRP C 185 -32.75 -55.51 14.42
CA TRP C 185 -32.78 -55.47 12.96
C TRP C 185 -31.67 -54.58 12.41
N MET C 186 -31.48 -53.41 13.01
CA MET C 186 -30.46 -52.49 12.52
C MET C 186 -29.07 -53.08 12.68
N LYS C 187 -28.78 -53.71 13.81
CA LYS C 187 -27.46 -54.27 14.00
C LYS C 187 -27.19 -55.40 13.03
N ALA C 188 -28.24 -56.10 12.59
CA ALA C 188 -28.06 -57.18 11.64
C ALA C 188 -27.86 -56.68 10.23
N ASN C 189 -28.41 -55.51 9.89
CA ASN C 189 -28.60 -55.16 8.48
C ASN C 189 -28.03 -53.83 8.03
N VAL C 190 -27.62 -52.94 8.93
CA VAL C 190 -27.26 -51.56 8.58
C VAL C 190 -25.76 -51.38 8.76
N PRO C 191 -25.05 -50.87 7.76
CA PRO C 191 -23.59 -50.72 7.88
C PRO C 191 -23.19 -49.76 8.98
N GLY C 192 -22.07 -50.08 9.65
CA GLY C 192 -21.48 -49.19 10.63
C GLY C 192 -22.17 -49.14 11.98
N MET C 193 -23.16 -49.99 12.20
CA MET C 193 -23.88 -50.08 13.46
C MET C 193 -23.05 -50.86 14.47
N VAL C 194 -22.57 -50.17 15.50
CA VAL C 194 -21.62 -50.78 16.41
C VAL C 194 -22.33 -51.45 17.58
N GLY C 195 -23.36 -50.83 18.13
CA GLY C 195 -24.04 -51.41 19.26
C GLY C 195 -25.15 -50.49 19.73
N TRP C 196 -25.88 -50.96 20.74
CA TRP C 196 -27.02 -50.21 21.21
C TRP C 196 -27.32 -50.59 22.65
N MET C 197 -28.13 -49.75 23.28
CA MET C 197 -28.53 -49.94 24.67
C MET C 197 -29.83 -49.17 24.87
N ILE C 198 -30.81 -49.81 25.52
CA ILE C 198 -32.08 -49.18 25.85
C ILE C 198 -32.07 -48.84 27.32
N MET C 199 -32.23 -47.56 27.65
CA MET C 199 -32.15 -47.07 29.02
C MET C 199 -33.49 -46.46 29.43
N LYS C 200 -33.96 -46.82 30.63
CA LYS C 200 -35.25 -46.38 31.15
C LYS C 200 -35.01 -45.54 32.39
N GLN C 201 -35.47 -44.29 32.37
CA GLN C 201 -35.30 -43.44 33.54
C GLN C 201 -36.22 -43.89 34.65
N PHE C 202 -35.69 -44.09 35.86
CA PHE C 202 -36.54 -44.46 36.98
C PHE C 202 -36.38 -43.58 38.20
N GLY C 203 -35.58 -42.52 38.13
CA GLY C 203 -35.42 -41.63 39.26
C GLY C 203 -34.34 -40.61 38.94
N VAL C 204 -34.13 -39.69 39.89
CA VAL C 204 -33.13 -38.64 39.74
C VAL C 204 -32.37 -38.47 41.05
N SER C 205 -31.07 -38.19 40.96
CA SER C 205 -30.27 -37.86 42.14
C SER C 205 -30.42 -36.38 42.46
N ALA C 206 -30.80 -36.05 43.70
CA ALA C 206 -30.90 -34.64 44.08
C ALA C 206 -29.52 -34.02 44.19
N ILE C 207 -28.62 -34.69 44.93
CA ILE C 207 -27.27 -34.16 45.10
C ILE C 207 -26.59 -34.02 43.76
N GLY C 208 -26.69 -35.04 42.91
CA GLY C 208 -26.04 -35.01 41.59
C GLY C 208 -26.62 -33.96 40.65
N SER C 209 -27.84 -33.53 40.90
CA SER C 209 -28.46 -32.45 40.13
C SER C 209 -28.28 -31.09 40.80
N PHE C 210 -27.44 -31.03 41.83
CA PHE C 210 -27.22 -29.78 42.56
C PHE C 210 -28.53 -29.20 43.09
N GLN C 211 -29.46 -30.07 43.48
CA GLN C 211 -30.75 -29.64 44.01
C GLN C 211 -30.67 -29.84 45.52
N LEU C 212 -30.24 -28.79 46.21
CA LEU C 212 -30.07 -28.83 47.66
C LEU C 212 -31.29 -28.26 48.37
N ASP C 213 -31.28 -28.35 49.70
CA ASP C 213 -32.23 -27.63 50.52
C ASP C 213 -32.02 -26.12 50.34
N PRO C 214 -32.99 -25.30 50.74
CA PRO C 214 -32.88 -23.85 50.47
C PRO C 214 -31.65 -23.21 51.08
N GLU C 215 -31.27 -23.57 52.31
CA GLU C 215 -30.09 -22.97 52.91
C GLU C 215 -28.82 -23.41 52.20
N GLY C 216 -28.75 -24.68 51.81
CA GLY C 216 -27.61 -25.11 51.01
C GLY C 216 -27.54 -24.35 49.70
N ALA C 217 -28.69 -24.10 49.07
CA ALA C 217 -28.67 -23.33 47.83
C ALA C 217 -28.09 -21.94 48.04
N MET C 218 -28.46 -21.28 49.14
CA MET C 218 -27.89 -19.97 49.44
C MET C 218 -26.38 -20.06 49.64
N LYS C 219 -25.95 -21.00 50.50
CA LYS C 219 -24.51 -21.10 50.75
C LYS C 219 -23.74 -21.50 49.50
N ALA C 220 -24.38 -22.28 48.60
CA ALA C 220 -23.72 -22.76 47.38
C ALA C 220 -23.22 -21.62 46.50
N VAL C 221 -23.90 -20.48 46.49
CA VAL C 221 -23.42 -19.34 45.73
C VAL C 221 -22.73 -18.30 46.62
N SER C 222 -22.55 -18.61 47.91
CA SER C 222 -21.80 -17.75 48.83
C SER C 222 -20.32 -18.14 48.94
N THR C 223 -19.83 -18.92 47.98
CA THR C 223 -18.47 -19.46 48.03
C THR C 223 -18.00 -19.59 46.59
N LEU C 224 -16.69 -19.65 46.41
CA LEU C 224 -16.15 -19.96 45.10
C LEU C 224 -15.75 -21.42 44.99
N GLY C 225 -16.03 -22.22 46.03
CA GLY C 225 -15.75 -23.64 46.03
C GLY C 225 -15.10 -24.16 47.29
N ALA C 226 -14.49 -23.28 48.09
CA ALA C 226 -13.76 -23.71 49.29
C ALA C 226 -14.63 -23.88 50.52
N ASN C 227 -15.85 -23.33 50.52
CA ASN C 227 -16.72 -23.38 51.70
C ASN C 227 -18.04 -24.00 51.29
N PRO C 228 -18.09 -25.33 51.20
CA PRO C 228 -19.28 -25.98 50.68
C PRO C 228 -20.44 -25.89 51.65
N PRO C 229 -21.66 -26.00 51.16
CA PRO C 229 -22.81 -26.14 52.06
C PRO C 229 -22.78 -27.50 52.74
N GLU C 230 -23.62 -27.63 53.76
CA GLU C 230 -23.85 -28.94 54.35
C GLU C 230 -24.55 -29.84 53.33
N TYR C 231 -24.22 -31.13 53.37
CA TYR C 231 -24.94 -32.12 52.58
C TYR C 231 -26.41 -32.19 53.01
N ASN C 232 -27.33 -31.76 52.15
CA ASN C 232 -28.74 -31.74 52.51
C ASN C 232 -29.56 -31.43 51.26
N THR C 233 -30.79 -31.94 51.24
CA THR C 233 -31.71 -31.78 50.13
C THR C 233 -33.11 -31.59 50.69
N ASN C 234 -34.06 -31.34 49.79
CA ASN C 234 -35.47 -31.31 50.14
C ASN C 234 -35.98 -32.69 50.53
N TYR C 235 -35.14 -33.71 50.36
CA TYR C 235 -35.42 -35.06 50.85
C TYR C 235 -34.58 -35.40 52.06
N GLY C 236 -34.05 -34.38 52.75
CA GLY C 236 -33.28 -34.64 53.94
C GLY C 236 -31.82 -34.89 53.63
N ASN C 237 -31.08 -35.29 54.67
CA ASN C 237 -29.64 -35.33 54.57
C ASN C 237 -29.05 -36.72 54.67
N LYS C 238 -29.86 -37.76 54.55
CA LYS C 238 -29.34 -39.12 54.62
C LYS C 238 -29.02 -39.66 53.22
N VAL C 239 -28.21 -40.71 53.19
CA VAL C 239 -27.85 -41.40 51.95
C VAL C 239 -28.94 -42.39 51.56
N HIS C 240 -29.54 -42.18 50.39
CA HIS C 240 -30.69 -42.95 49.92
C HIS C 240 -30.29 -44.24 49.21
N ASP C 241 -31.13 -45.27 49.39
CA ASP C 241 -31.01 -46.56 48.69
C ASP C 241 -31.64 -46.56 47.31
N LYS C 242 -32.66 -45.73 47.12
CA LYS C 242 -33.48 -45.49 45.96
C LYS C 242 -33.35 -44.02 45.56
N PRO C 243 -33.54 -43.67 44.30
CA PRO C 243 -33.44 -42.25 43.89
C PRO C 243 -34.36 -41.38 44.74
N PRO C 244 -33.86 -40.27 45.28
CA PRO C 244 -34.76 -39.39 46.07
C PRO C 244 -35.84 -38.75 45.23
N ILE C 245 -35.52 -38.32 44.01
CA ILE C 245 -36.48 -37.67 43.12
C ILE C 245 -37.09 -38.75 42.25
N PRO C 246 -38.42 -38.85 42.16
CA PRO C 246 -39.05 -39.87 41.31
C PRO C 246 -38.71 -39.65 39.85
N GLY C 247 -38.74 -40.75 39.08
CA GLY C 247 -38.63 -40.62 37.65
C GLY C 247 -39.77 -39.82 37.05
N GLN C 248 -39.48 -39.12 35.96
CA GLN C 248 -40.51 -38.31 35.33
C GLN C 248 -41.56 -39.19 34.64
N THR C 249 -42.78 -38.68 34.57
CA THR C 249 -43.77 -39.27 33.68
C THR C 249 -44.20 -38.20 32.69
N PRO C 250 -44.52 -38.56 31.43
CA PRO C 250 -44.43 -39.90 30.84
C PRO C 250 -43.02 -40.47 30.93
N THR C 251 -42.91 -41.80 31.03
CA THR C 251 -41.61 -42.44 31.18
C THR C 251 -40.65 -42.06 30.08
N GLN C 252 -39.44 -41.62 30.45
CA GLN C 252 -38.42 -41.34 29.47
C GLN C 252 -37.56 -42.57 29.21
N TYR C 253 -37.37 -42.89 27.93
CA TYR C 253 -36.40 -43.85 27.48
C TYR C 253 -35.38 -43.14 26.61
N LEU C 254 -34.10 -43.40 26.87
CA LEU C 254 -33.01 -42.96 26.01
C LEU C 254 -32.51 -44.19 25.26
N VAL C 255 -32.49 -44.09 23.94
CA VAL C 255 -31.98 -45.18 23.09
C VAL C 255 -30.57 -44.80 22.69
N HIS C 256 -29.60 -45.53 23.22
CA HIS C 256 -28.17 -45.27 23.03
C HIS C 256 -27.70 -46.15 21.89
N ILE C 257 -27.25 -45.55 20.78
CA ILE C 257 -26.81 -46.31 19.61
C ILE C 257 -25.42 -45.83 19.21
N GLU C 258 -24.50 -46.78 19.01
CA GLU C 258 -23.13 -46.46 18.60
C GLU C 258 -22.91 -46.77 17.13
N TRP C 259 -22.17 -45.89 16.48
CA TRP C 259 -21.96 -45.95 15.04
C TRP C 259 -20.50 -45.67 14.72
N GLU C 260 -20.08 -46.15 13.55
CA GLU C 260 -18.70 -45.93 13.14
C GLU C 260 -18.36 -44.45 13.04
N SER C 261 -19.29 -43.63 12.54
CA SER C 261 -19.01 -42.24 12.20
C SER C 261 -20.33 -41.48 12.15
N PRO C 262 -20.29 -40.14 12.13
CA PRO C 262 -21.55 -39.38 12.00
C PRO C 262 -22.30 -39.70 10.71
N GLU C 263 -21.58 -39.95 9.62
CA GLU C 263 -22.24 -40.28 8.37
C GLU C 263 -22.96 -41.62 8.47
N HIS C 264 -22.34 -42.62 9.08
CA HIS C 264 -23.00 -43.89 9.25
C HIS C 264 -24.22 -43.77 10.18
N ALA C 265 -24.12 -42.94 11.21
CA ALA C 265 -25.25 -42.74 12.12
C ALA C 265 -26.41 -42.06 11.40
N HIS C 266 -26.10 -41.01 10.64
CA HIS C 266 -27.16 -40.28 9.96
C HIS C 266 -27.88 -41.17 8.97
N GLN C 267 -27.11 -41.81 8.09
CA GLN C 267 -27.69 -42.71 7.09
C GLN C 267 -28.33 -43.93 7.76
N GLY C 268 -27.71 -44.43 8.82
CA GLY C 268 -28.24 -45.64 9.46
C GLY C 268 -29.59 -45.41 10.12
N LEU C 269 -29.71 -44.34 10.91
CA LEU C 269 -30.98 -44.02 11.52
C LEU C 269 -32.05 -43.78 10.46
N GLY C 270 -31.66 -43.26 9.29
CA GLY C 270 -32.62 -42.99 8.24
C GLY C 270 -33.32 -44.23 7.72
N HIS C 271 -32.76 -45.42 7.98
CA HIS C 271 -33.38 -46.65 7.49
C HIS C 271 -34.76 -46.92 8.08
N VAL C 272 -35.08 -46.36 9.25
CA VAL C 272 -36.44 -46.53 9.77
C VAL C 272 -37.47 -45.83 8.89
N MET C 273 -37.03 -45.02 7.93
CA MET C 273 -37.92 -44.37 6.99
C MET C 273 -37.79 -44.89 5.56
N VAL C 274 -36.61 -45.36 5.16
CA VAL C 274 -36.37 -45.71 3.76
C VAL C 274 -36.21 -47.21 3.54
N ASP C 275 -36.39 -48.03 4.58
CA ASP C 275 -36.50 -49.47 4.40
C ASP C 275 -37.90 -49.90 4.81
N TYR C 276 -38.64 -50.50 3.87
CA TYR C 276 -40.05 -50.79 4.14
C TYR C 276 -40.22 -51.68 5.36
N GLU C 277 -39.43 -52.75 5.46
CA GLU C 277 -39.59 -53.72 6.53
C GLU C 277 -39.29 -53.09 7.90
N LEU C 278 -38.15 -52.38 8.01
CA LEU C 278 -37.81 -51.72 9.27
C LEU C 278 -38.82 -50.64 9.63
N ARG C 279 -39.32 -49.92 8.62
CA ARG C 279 -40.31 -48.88 8.84
C ARG C 279 -41.58 -49.42 9.52
N GLN C 280 -42.04 -50.60 9.11
CA GLN C 280 -43.21 -51.21 9.77
C GLN C 280 -42.89 -51.58 11.21
N ILE C 281 -41.72 -52.16 11.45
CA ILE C 281 -41.31 -52.52 12.81
C ILE C 281 -41.26 -51.27 13.68
N HIS C 282 -40.63 -50.22 13.17
CA HIS C 282 -40.40 -49.02 13.95
C HIS C 282 -41.69 -48.24 14.16
N ASN C 283 -42.50 -48.11 13.11
CA ASN C 283 -43.79 -47.41 13.24
C ASN C 283 -44.67 -48.07 14.28
N ASN C 284 -44.84 -49.38 14.17
CA ASN C 284 -45.76 -50.09 15.05
C ASN C 284 -45.14 -50.36 16.41
N GLY C 285 -43.83 -50.56 16.48
CA GLY C 285 -43.21 -50.96 17.72
C GLY C 285 -42.69 -49.81 18.56
N VAL C 286 -42.47 -48.65 17.94
CA VAL C 286 -41.90 -47.51 18.66
C VAL C 286 -42.81 -46.30 18.51
N LEU C 287 -42.99 -45.83 17.28
CA LEU C 287 -43.69 -44.57 17.08
C LEU C 287 -45.12 -44.61 17.62
N ALA C 288 -45.78 -45.77 17.51
CA ALA C 288 -47.16 -45.85 17.98
C ALA C 288 -47.28 -45.66 19.48
N HIS C 289 -46.19 -45.70 20.22
CA HIS C 289 -46.24 -45.70 21.68
C HIS C 289 -45.68 -44.43 22.31
N LEU C 290 -45.42 -43.39 21.53
CA LEU C 290 -44.72 -42.20 22.00
C LEU C 290 -45.68 -41.06 22.32
N ASP C 291 -45.44 -40.41 23.45
CA ASP C 291 -45.96 -39.06 23.69
C ASP C 291 -45.05 -38.00 23.10
N LYS C 292 -43.73 -38.26 23.10
CA LYS C 292 -42.76 -37.28 22.62
C LYS C 292 -41.61 -38.00 21.94
N GLY C 293 -41.08 -37.38 20.89
CA GLY C 293 -39.94 -37.91 20.19
C GLY C 293 -40.33 -38.66 18.93
N PRO C 294 -39.37 -39.35 18.33
CA PRO C 294 -37.99 -39.43 18.80
C PRO C 294 -37.13 -38.20 18.43
N TYR C 295 -36.15 -37.90 19.28
CA TYR C 295 -35.20 -36.83 19.03
C TYR C 295 -33.82 -37.40 19.26
N TYR C 296 -32.96 -37.31 18.24
CA TYR C 296 -31.63 -37.92 18.27
C TYR C 296 -30.55 -36.85 18.32
N MET C 297 -29.78 -36.84 19.40
CA MET C 297 -28.59 -36.00 19.54
C MET C 297 -27.36 -36.83 19.21
N PHE C 298 -26.42 -36.22 18.50
CA PHE C 298 -25.16 -36.86 18.13
C PHE C 298 -24.08 -36.43 19.12
N PHE C 299 -23.27 -37.38 19.57
CA PHE C 299 -22.22 -37.10 20.54
C PHE C 299 -20.90 -37.70 20.08
N SER C 300 -19.81 -37.12 20.58
CA SER C 300 -18.49 -37.71 20.53
C SER C 300 -18.06 -38.14 21.93
N PRO C 301 -17.63 -39.39 22.12
CA PRO C 301 -17.10 -39.82 23.42
C PRO C 301 -15.69 -39.31 23.60
N MET C 302 -15.52 -38.32 24.48
CA MET C 302 -14.20 -37.72 24.70
C MET C 302 -13.30 -38.63 25.54
N MET C 303 -13.81 -39.11 26.66
CA MET C 303 -13.08 -40.00 27.55
C MET C 303 -14.00 -41.16 27.88
N GLU C 304 -13.42 -42.36 28.00
CA GLU C 304 -14.17 -43.55 28.34
C GLU C 304 -13.35 -44.41 29.29
N GLN C 305 -13.99 -44.89 30.33
CA GLN C 305 -13.47 -46.01 31.09
C GLN C 305 -14.55 -47.07 30.92
N GLY C 306 -14.33 -47.97 29.96
CA GLY C 306 -15.40 -48.81 29.44
C GLY C 306 -15.47 -50.22 29.99
N LEU C 307 -14.82 -50.50 31.12
CA LEU C 307 -14.88 -51.87 31.62
C LEU C 307 -16.28 -52.29 32.06
N TRP C 308 -17.16 -51.34 32.40
CA TRP C 308 -18.53 -51.69 32.75
C TRP C 308 -19.23 -52.47 31.63
N ARG C 309 -18.86 -52.22 30.38
CA ARG C 309 -19.47 -52.94 29.28
C ARG C 309 -19.19 -54.43 29.37
N LYS C 310 -18.05 -54.82 29.98
CA LYS C 310 -17.63 -56.23 29.99
C LYS C 310 -18.59 -57.11 30.78
N HIS C 311 -19.33 -56.56 31.73
CA HIS C 311 -20.31 -57.35 32.46
C HIS C 311 -21.70 -56.74 32.26
N LEU C 312 -22.24 -56.93 31.05
CA LEU C 312 -23.62 -56.65 30.72
C LEU C 312 -24.29 -57.96 30.29
N LYS C 313 -25.45 -57.85 29.62
CA LYS C 313 -26.13 -58.99 29.01
C LYS C 313 -26.43 -60.03 30.06
N GLU D 4 34.81 -24.90 -59.97
CA GLU D 4 33.51 -25.35 -59.46
C GLU D 4 32.61 -24.16 -59.08
N ASN D 5 31.42 -24.09 -59.68
CA ASN D 5 30.44 -23.06 -59.36
CA ASN D 5 30.45 -23.07 -59.31
C ASN D 5 29.10 -23.72 -59.04
N PRO D 6 28.76 -23.87 -57.76
CA PRO D 6 27.51 -24.56 -57.41
C PRO D 6 26.28 -23.68 -57.59
N ILE D 7 25.13 -24.33 -57.50
CA ILE D 7 23.82 -23.68 -57.60
C ILE D 7 23.27 -23.47 -56.20
N ILE D 8 22.61 -22.33 -55.98
CA ILE D 8 22.05 -22.01 -54.67
C ILE D 8 20.53 -21.89 -54.82
N ALA D 9 19.82 -22.75 -54.09
CA ALA D 9 18.39 -22.60 -53.92
C ALA D 9 18.13 -21.80 -52.65
N ILE D 10 17.37 -20.73 -52.76
CA ILE D 10 17.06 -19.90 -51.60
C ILE D 10 15.58 -20.04 -51.30
N ASN D 11 15.26 -20.77 -50.25
CA ASN D 11 13.88 -20.84 -49.78
C ASN D 11 13.59 -19.55 -49.02
N MET D 12 12.67 -18.75 -49.55
CA MET D 12 12.32 -17.45 -48.98
C MET D 12 10.96 -17.55 -48.31
N ALA D 13 10.91 -17.19 -47.03
CA ALA D 13 9.64 -17.20 -46.33
C ALA D 13 9.57 -16.01 -45.40
N LYS D 14 8.35 -15.65 -45.02
CA LYS D 14 8.12 -14.66 -43.98
C LYS D 14 7.32 -15.34 -42.88
N ILE D 15 7.88 -15.32 -41.67
CA ILE D 15 7.34 -16.08 -40.56
C ILE D 15 6.98 -15.13 -39.43
N ALA D 16 6.11 -15.60 -38.55
CA ALA D 16 5.66 -14.79 -37.42
C ALA D 16 6.80 -14.52 -36.44
N ASN D 17 6.91 -13.28 -35.99
CA ASN D 17 7.96 -12.89 -35.06
C ASN D 17 7.40 -13.00 -33.65
N LYS D 18 7.47 -14.22 -33.11
CA LYS D 18 6.99 -14.51 -31.78
C LYS D 18 7.76 -15.71 -31.26
N PRO D 19 7.83 -15.88 -29.93
CA PRO D 19 8.66 -16.95 -29.36
C PRO D 19 8.37 -18.35 -29.88
N ASP D 20 7.11 -18.68 -30.17
CA ASP D 20 6.78 -20.01 -30.66
C ASP D 20 7.53 -20.33 -31.94
N SER D 21 7.73 -19.33 -32.81
CA SER D 21 8.42 -19.55 -34.08
C SER D 21 9.90 -19.87 -33.90
N TYR D 22 10.59 -19.20 -32.98
CA TYR D 22 12.00 -19.53 -32.70
C TYR D 22 12.13 -20.95 -32.16
N GLU D 23 11.14 -21.42 -31.39
CA GLU D 23 11.17 -22.77 -30.85
C GLU D 23 11.14 -23.80 -31.98
N THR D 24 10.17 -23.67 -32.90
CA THR D 24 10.05 -24.64 -33.99
C THR D 24 11.21 -24.56 -34.97
N MET D 25 11.87 -23.40 -35.11
CA MET D 25 13.03 -23.32 -35.99
C MET D 25 14.17 -24.16 -35.44
N MET D 26 14.26 -24.25 -34.12
CA MET D 26 15.24 -25.07 -33.43
C MET D 26 14.79 -26.51 -33.28
N LYS D 27 13.48 -26.76 -33.37
CA LYS D 27 12.92 -28.10 -33.20
C LYS D 27 12.77 -28.84 -34.54
N VAL D 28 12.33 -28.14 -35.58
CA VAL D 28 12.06 -28.78 -36.87
C VAL D 28 13.18 -28.48 -37.87
N GLY D 29 13.76 -27.28 -37.78
CA GLY D 29 14.81 -26.82 -38.65
C GLY D 29 15.95 -27.80 -38.88
N PRO D 30 16.58 -28.27 -37.79
CA PRO D 30 17.65 -29.28 -37.95
C PRO D 30 17.19 -30.52 -38.69
N LYS D 31 15.95 -30.95 -38.44
CA LYS D 31 15.45 -32.18 -39.05
C LYS D 31 15.35 -32.04 -40.57
N VAL D 32 15.01 -30.83 -41.05
CA VAL D 32 14.95 -30.57 -42.49
C VAL D 32 16.36 -30.69 -43.10
N CSS D 33 17.33 -30.05 -42.46
CA CSS D 33 18.69 -30.09 -42.89
CB CSS D 33 19.52 -29.23 -42.00
SG CSS D 33 19.00 -27.55 -42.20
SD CSS D 33 18.89 -27.18 -44.19
C CSS D 33 19.23 -31.50 -42.93
O CSS D 33 20.04 -31.83 -43.84
N ILE D 34 18.78 -32.35 -42.02
CA ILE D 34 19.25 -33.75 -41.97
C ILE D 34 18.72 -34.54 -43.15
N THR D 35 17.44 -34.31 -43.46
CA THR D 35 16.85 -34.89 -44.64
C THR D 35 17.60 -34.43 -45.89
N THR D 36 17.88 -33.12 -45.97
CA THR D 36 18.58 -32.55 -47.11
C THR D 36 19.97 -33.16 -47.29
N ALA D 37 20.70 -33.36 -46.18
CA ALA D 37 22.06 -33.86 -46.23
C ALA D 37 22.14 -35.35 -46.54
N SER D 38 21.01 -36.00 -46.81
CA SER D 38 21.08 -37.35 -47.31
C SER D 38 21.53 -37.43 -48.76
N HIS D 39 21.53 -36.30 -49.48
CA HIS D 39 21.79 -36.40 -50.91
C HIS D 39 23.23 -36.05 -51.24
N PRO D 40 23.92 -36.84 -52.05
CA PRO D 40 25.35 -36.60 -52.31
C PRO D 40 25.64 -35.32 -53.06
N GLY D 41 24.64 -34.72 -53.71
CA GLY D 41 24.85 -33.43 -54.33
C GLY D 41 24.71 -32.25 -53.40
N PHE D 42 24.43 -32.48 -52.11
CA PHE D 42 24.21 -31.41 -51.15
C PHE D 42 25.55 -30.90 -50.62
N LEU D 43 25.78 -29.58 -50.76
CA LEU D 43 27.07 -28.99 -50.44
C LEU D 43 27.08 -28.13 -49.19
N GLY D 44 25.94 -27.67 -48.72
CA GLY D 44 25.88 -26.87 -47.50
C GLY D 44 24.66 -25.98 -47.49
N PHE D 45 24.52 -25.24 -46.39
CA PHE D 45 23.35 -24.42 -46.22
C PHE D 45 23.68 -23.17 -45.39
N GLU D 46 22.79 -22.18 -45.50
CA GLU D 46 22.86 -20.95 -44.70
C GLU D 46 21.45 -20.65 -44.22
N GLN D 47 21.24 -20.61 -42.90
CA GLN D 47 19.95 -20.22 -42.36
C GLN D 47 20.03 -18.76 -41.94
N LEU D 48 19.33 -17.89 -42.67
CA LEU D 48 19.39 -16.44 -42.47
C LEU D 48 18.06 -15.94 -41.93
N LEU D 49 18.11 -15.23 -40.80
CA LEU D 49 16.95 -14.63 -40.18
C LEU D 49 17.04 -13.11 -40.30
N GLN D 50 16.00 -12.49 -40.84
CA GLN D 50 16.04 -11.05 -41.05
C GLN D 50 16.07 -10.31 -39.72
N THR D 51 16.96 -9.31 -39.63
CA THR D 51 17.06 -8.44 -38.47
C THR D 51 16.69 -6.99 -38.77
N GLY D 52 16.63 -6.60 -40.04
CA GLY D 52 16.27 -5.23 -40.37
C GLY D 52 16.49 -4.94 -41.83
N ILE D 53 16.64 -3.67 -42.16
CA ILE D 53 16.89 -3.22 -43.53
C ILE D 53 17.90 -2.09 -43.50
N HIS D 54 18.41 -1.73 -44.68
CA HIS D 54 19.15 -0.50 -44.81
C HIS D 54 18.20 0.63 -45.13
N PRO D 55 18.03 1.63 -44.26
CA PRO D 55 17.08 2.72 -44.56
C PRO D 55 17.53 3.62 -45.69
N MET D 56 18.80 3.53 -46.11
CA MET D 56 19.33 4.26 -47.25
C MET D 56 19.00 5.76 -47.16
N ALA D 57 19.42 6.33 -46.03
CA ALA D 57 19.36 7.78 -45.83
C ALA D 57 17.93 8.29 -45.97
N GLY D 58 16.96 7.51 -45.51
CA GLY D 58 15.58 7.94 -45.43
C GLY D 58 14.70 7.48 -46.57
N ARG D 59 15.29 6.90 -47.61
CA ARG D 59 14.49 6.33 -48.69
C ARG D 59 13.53 5.28 -48.16
N TYR D 60 13.95 4.53 -47.15
CA TYR D 60 13.05 3.63 -46.43
C TYR D 60 13.08 4.02 -44.97
N GLY D 61 12.67 5.25 -44.68
CA GLY D 61 12.78 5.83 -43.35
C GLY D 61 11.89 5.19 -42.32
N GLY D 62 10.88 4.42 -42.74
CA GLY D 62 10.11 3.67 -41.76
C GLY D 62 10.82 2.46 -41.22
N GLY D 63 11.93 2.05 -41.87
CA GLY D 63 12.69 0.91 -41.42
C GLY D 63 13.88 1.33 -40.59
N ALA D 64 14.67 0.32 -40.20
CA ALA D 64 15.83 0.53 -39.35
C ALA D 64 16.77 -0.65 -39.53
N VAL D 65 18.05 -0.41 -39.20
CA VAL D 65 19.03 -1.49 -39.22
C VAL D 65 18.57 -2.62 -38.30
N ASP D 66 18.13 -2.28 -37.09
CA ASP D 66 17.69 -3.27 -36.11
C ASP D 66 16.17 -3.15 -35.91
N MET D 67 15.44 -4.07 -36.53
CA MET D 67 14.00 -4.16 -36.37
C MET D 67 13.59 -5.45 -35.64
N ARG D 68 14.51 -6.05 -34.88
CA ARG D 68 14.28 -7.39 -34.33
C ARG D 68 13.06 -7.45 -33.40
N GLU D 69 12.75 -6.35 -32.74
CA GLU D 69 11.61 -6.34 -31.82
C GLU D 69 10.30 -6.08 -32.52
N THR D 70 10.33 -5.47 -33.71
CA THR D 70 9.12 -4.93 -34.30
C THR D 70 8.73 -5.59 -35.61
N LEU D 71 9.66 -6.22 -36.30
CA LEU D 71 9.39 -6.79 -37.61
C LEU D 71 8.44 -7.96 -37.48
N ASN D 72 7.29 -7.89 -38.15
CA ASN D 72 6.37 -9.03 -38.17
C ASN D 72 5.45 -8.94 -39.39
N PRO D 73 5.59 -9.85 -40.37
CA PRO D 73 6.51 -10.99 -40.35
C PRO D 73 7.97 -10.60 -40.59
N MET D 74 8.87 -11.52 -40.28
CA MET D 74 10.28 -11.33 -40.54
C MET D 74 10.74 -12.31 -41.61
N GLY D 75 11.63 -11.86 -42.47
CA GLY D 75 12.13 -12.73 -43.51
C GLY D 75 12.98 -13.85 -42.93
N MET D 76 12.85 -15.02 -43.53
CA MET D 76 13.68 -16.18 -43.19
C MET D 76 14.08 -16.82 -44.50
N PHE D 77 15.38 -16.76 -44.82
CA PHE D 77 15.93 -17.29 -46.06
C PHE D 77 16.79 -18.51 -45.73
N GLN D 78 16.55 -19.61 -46.41
CA GLN D 78 17.37 -20.81 -46.26
C GLN D 78 18.09 -21.06 -47.58
N TYR D 79 19.41 -20.84 -47.59
CA TYR D 79 20.22 -21.27 -48.74
C TYR D 79 20.47 -22.76 -48.61
N THR D 80 20.18 -23.52 -49.67
CA THR D 80 20.78 -24.84 -49.80
C THR D 80 21.59 -24.84 -51.08
N VAL D 81 22.81 -25.37 -51.00
CA VAL D 81 23.79 -25.26 -52.08
C VAL D 81 24.01 -26.66 -52.62
N TRP D 82 24.02 -26.77 -53.95
CA TRP D 82 23.93 -28.04 -54.65
C TRP D 82 24.90 -28.07 -55.83
N LYS D 83 25.37 -29.28 -56.17
CA LYS D 83 26.19 -29.42 -57.36
C LYS D 83 25.44 -28.98 -58.61
N ASP D 84 24.12 -29.20 -58.64
CA ASP D 84 23.31 -28.86 -59.79
C ASP D 84 21.84 -28.84 -59.39
N VAL D 85 21.01 -28.36 -60.31
CA VAL D 85 19.57 -28.29 -60.07
C VAL D 85 18.99 -29.67 -59.85
N HIS D 86 19.43 -30.66 -60.65
CA HIS D 86 18.86 -31.99 -60.55
C HIS D 86 19.01 -32.57 -59.15
N SER D 87 20.15 -32.29 -58.49
CA SER D 87 20.36 -32.81 -57.14
C SER D 87 19.28 -32.29 -56.17
N HIS D 88 18.96 -31.00 -56.26
CA HIS D 88 17.94 -30.44 -55.39
C HIS D 88 16.58 -31.05 -55.68
N GLU D 89 16.19 -31.10 -56.95
CA GLU D 89 14.87 -31.65 -57.31
C GLU D 89 14.78 -33.12 -56.92
N GLU D 90 15.87 -33.88 -57.09
CA GLU D 90 15.85 -35.29 -56.74
C GLU D 90 15.75 -35.49 -55.23
N MET D 91 16.49 -34.69 -54.47
CA MET D 91 16.40 -34.76 -53.01
C MET D 91 14.96 -34.50 -52.56
N HIS D 92 14.34 -33.43 -53.07
CA HIS D 92 12.95 -33.13 -52.72
C HIS D 92 12.02 -34.29 -53.08
N HIS D 93 12.25 -34.92 -54.23
CA HIS D 93 11.40 -36.03 -54.65
C HIS D 93 11.58 -37.25 -53.75
N ASP D 94 12.84 -37.66 -53.52
CA ASP D 94 13.11 -38.86 -52.74
C ASP D 94 12.69 -38.72 -51.28
N ASN D 95 12.62 -37.51 -50.77
CA ASN D 95 12.29 -37.29 -49.37
C ASN D 95 10.99 -36.52 -49.23
N PHE D 96 10.12 -36.64 -50.23
CA PHE D 96 8.93 -35.82 -50.31
C PHE D 96 7.99 -36.06 -49.13
N LYS D 97 7.78 -37.32 -48.77
CA LYS D 97 6.90 -37.63 -47.65
C LYS D 97 7.39 -36.99 -46.35
N GLU D 98 8.70 -37.11 -46.07
CA GLU D 98 9.27 -36.64 -44.81
C GLU D 98 9.42 -35.12 -44.79
N ILE D 99 9.85 -34.51 -45.90
CA ILE D 99 9.90 -33.06 -45.94
C ILE D 99 8.50 -32.48 -45.77
N PHE D 100 7.50 -33.09 -46.38
CA PHE D 100 6.13 -32.62 -46.20
C PHE D 100 5.72 -32.70 -44.73
N GLU D 101 6.02 -33.82 -44.05
CA GLU D 101 5.67 -33.94 -42.64
C GLU D 101 6.32 -32.83 -41.82
N LEU D 102 7.60 -32.55 -42.07
CA LEU D 102 8.33 -31.56 -41.31
C LEU D 102 7.81 -30.14 -41.60
N CSS D 103 7.56 -29.82 -42.87
CA CSS D 103 7.14 -28.49 -43.22
CB CSS D 103 7.38 -28.20 -44.68
SG CSS D 103 9.10 -27.88 -44.94
SD CSS D 103 9.83 -26.50 -43.67
C CSS D 103 5.69 -28.29 -42.87
O CSS D 103 5.28 -27.12 -42.68
N SER D 104 4.92 -29.37 -42.74
CA SER D 104 3.55 -29.24 -42.23
C SER D 104 3.57 -28.63 -40.84
N GLY D 105 4.57 -29.01 -40.05
CA GLY D 105 4.78 -28.34 -38.78
C GLY D 105 5.18 -26.88 -38.94
N CYS D 106 6.02 -26.58 -39.94
CA CYS D 106 6.52 -25.21 -40.11
C CYS D 106 5.44 -24.25 -40.58
N LEU D 107 4.42 -24.76 -41.29
CA LEU D 107 3.42 -23.86 -41.87
C LEU D 107 2.64 -23.08 -40.82
N GLY D 108 2.59 -23.56 -39.59
CA GLY D 108 1.91 -22.83 -38.53
C GLY D 108 2.55 -21.51 -38.15
N MET D 109 3.78 -21.24 -38.62
CA MET D 109 4.42 -19.96 -38.37
C MET D 109 4.63 -19.15 -39.65
N VAL D 110 4.17 -19.65 -40.80
CA VAL D 110 4.43 -19.01 -42.08
C VAL D 110 3.33 -17.98 -42.39
N ILE D 111 3.74 -16.77 -42.75
CA ILE D 111 2.83 -15.73 -43.18
C ILE D 111 2.89 -15.51 -44.70
N GLU D 112 4.04 -15.75 -45.32
CA GLU D 112 4.21 -15.64 -46.75
C GLU D 112 5.29 -16.64 -47.14
N GLY D 113 5.17 -17.18 -48.36
CA GLY D 113 6.09 -18.19 -48.83
C GLY D 113 5.58 -19.58 -48.51
N PRO D 114 6.43 -20.61 -48.72
CA PRO D 114 7.79 -20.47 -49.24
C PRO D 114 7.82 -20.28 -50.74
N TRP D 115 8.84 -19.58 -51.19
CA TRP D 115 9.16 -19.40 -52.61
C TRP D 115 10.64 -19.66 -52.74
N GLU D 116 11.02 -20.61 -53.59
CA GLU D 116 12.40 -21.10 -53.64
C GLU D 116 12.97 -20.91 -55.05
N PRO D 117 13.51 -19.74 -55.36
CA PRO D 117 14.17 -19.54 -56.64
C PRO D 117 15.56 -20.17 -56.64
N TYR D 118 16.02 -20.53 -57.84
CA TYR D 118 17.37 -21.03 -58.06
C TYR D 118 18.28 -19.90 -58.52
N PHE D 119 19.50 -19.87 -57.96
CA PHE D 119 20.43 -18.80 -58.26
C PHE D 119 21.76 -19.35 -58.75
N GLU D 120 22.28 -18.70 -59.78
CA GLU D 120 23.62 -18.93 -60.26
C GLU D 120 24.57 -17.95 -59.58
N VAL D 121 25.73 -18.45 -59.15
CA VAL D 121 26.76 -17.60 -58.55
C VAL D 121 27.55 -16.97 -59.70
N VAL D 122 27.22 -15.73 -60.04
CA VAL D 122 27.88 -15.11 -61.18
C VAL D 122 29.34 -14.84 -60.86
N LYS D 123 29.61 -14.32 -59.66
CA LYS D 123 30.97 -14.05 -59.21
C LYS D 123 30.92 -13.96 -57.69
N SER D 124 32.05 -14.24 -57.05
CA SER D 124 32.07 -14.26 -55.60
C SER D 124 33.47 -13.95 -55.09
N ASP D 125 33.52 -13.42 -53.89
CA ASP D 125 34.75 -13.31 -53.10
C ASP D 125 34.29 -13.55 -51.65
N LEU D 126 34.04 -14.82 -51.32
CA LEU D 126 33.48 -15.22 -50.04
C LEU D 126 34.49 -16.11 -49.30
N PRO D 127 34.96 -15.73 -48.11
CA PRO D 127 35.88 -16.60 -47.38
C PRO D 127 35.18 -17.75 -46.66
N GLN D 128 35.99 -18.76 -46.32
CA GLN D 128 35.53 -19.82 -45.44
C GLN D 128 35.19 -19.27 -44.06
N ILE D 129 34.17 -19.82 -43.43
CA ILE D 129 33.83 -19.38 -42.08
C ILE D 129 34.72 -20.09 -41.07
N MET D 130 34.94 -19.42 -39.95
CA MET D 130 35.82 -19.87 -38.88
C MET D 130 35.39 -19.21 -37.59
N SER D 131 36.11 -19.52 -36.52
CA SER D 131 35.91 -18.91 -35.22
C SER D 131 37.19 -18.22 -34.76
N MET D 132 37.06 -17.45 -33.67
CA MET D 132 38.20 -16.71 -33.11
C MET D 132 39.40 -17.62 -32.85
N THR D 133 39.17 -18.77 -32.22
CA THR D 133 40.27 -19.66 -31.84
C THR D 133 40.91 -20.36 -33.05
N ASP D 134 40.30 -20.25 -34.24
CA ASP D 134 40.88 -20.75 -35.48
C ASP D 134 41.83 -19.76 -36.14
N VAL D 135 41.76 -18.48 -35.76
CA VAL D 135 42.40 -17.42 -36.52
C VAL D 135 43.92 -17.50 -36.47
N PRO D 136 44.56 -17.72 -35.30
CA PRO D 136 46.02 -17.87 -35.31
C PRO D 136 46.50 -18.95 -36.26
N GLN D 137 45.82 -20.09 -36.30
CA GLN D 137 46.25 -21.15 -37.21
C GLN D 137 45.98 -20.77 -38.66
N VAL D 138 44.82 -20.16 -38.94
CA VAL D 138 44.57 -19.72 -40.30
C VAL D 138 45.66 -18.75 -40.74
N LEU D 139 46.04 -17.83 -39.86
CA LEU D 139 47.13 -16.90 -40.13
C LEU D 139 48.44 -17.64 -40.39
N GLY D 140 48.80 -18.56 -39.50
CA GLY D 140 50.04 -19.30 -39.68
C GLY D 140 50.05 -20.12 -40.96
N ASP D 141 48.92 -20.77 -41.27
CA ASP D 141 48.86 -21.57 -42.49
C ASP D 141 48.97 -20.70 -43.73
N SER D 142 48.38 -19.51 -43.70
CA SER D 142 48.46 -18.61 -44.86
C SER D 142 49.92 -18.26 -45.14
N PHE D 143 50.69 -17.92 -44.11
CA PHE D 143 52.10 -17.63 -44.30
C PHE D 143 52.82 -18.84 -44.85
N ALA D 144 52.51 -20.02 -44.31
CA ALA D 144 53.12 -21.25 -44.79
C ALA D 144 52.86 -21.47 -46.28
N LYS D 145 51.59 -21.35 -46.69
CA LYS D 145 51.19 -21.56 -48.07
C LYS D 145 51.44 -20.34 -48.96
N GLN D 146 52.09 -19.30 -48.43
CA GLN D 146 52.37 -18.06 -49.18
C GLN D 146 51.09 -17.43 -49.71
N GLU D 147 49.97 -17.65 -49.02
CA GLU D 147 48.67 -17.17 -49.47
C GLU D 147 48.25 -15.93 -48.70
N ARG D 148 47.29 -15.22 -49.26
CA ARG D 148 46.76 -14.05 -48.59
C ARG D 148 45.88 -14.48 -47.43
N VAL D 149 46.00 -13.78 -46.32
CA VAL D 149 45.10 -14.03 -45.19
C VAL D 149 43.71 -13.51 -45.54
N PRO D 150 42.65 -14.28 -45.34
CA PRO D 150 41.31 -13.81 -45.68
C PRO D 150 40.79 -12.81 -44.65
N LYS D 151 39.71 -12.13 -45.03
CA LYS D 151 38.87 -11.49 -44.01
C LYS D 151 38.28 -12.57 -43.11
N VAL D 152 38.07 -12.23 -41.85
CA VAL D 152 37.59 -13.19 -40.86
C VAL D 152 36.07 -13.22 -40.89
N ALA D 153 35.51 -14.37 -41.30
CA ALA D 153 34.06 -14.59 -41.32
C ALA D 153 33.71 -15.51 -40.13
N LEU D 154 33.24 -14.92 -39.04
CA LEU D 154 32.97 -15.68 -37.84
C LEU D 154 31.69 -16.48 -38.01
N SER D 155 31.79 -17.79 -37.80
CA SER D 155 30.66 -18.70 -37.92
C SER D 155 29.51 -18.23 -37.04
N SER D 156 28.35 -18.00 -37.66
CA SER D 156 27.13 -17.57 -36.96
C SER D 156 27.34 -16.34 -36.07
N GLN D 157 28.28 -15.47 -36.42
CA GLN D 157 28.62 -14.31 -35.59
C GLN D 157 29.03 -13.13 -36.48
N ARG D 158 28.18 -12.79 -37.45
CA ARG D 158 28.41 -11.67 -38.35
C ARG D 158 27.08 -11.33 -39.01
N THR D 159 27.11 -10.35 -39.90
CA THR D 159 25.91 -9.84 -40.55
C THR D 159 25.94 -10.15 -42.05
N VAL D 160 24.83 -10.65 -42.57
CA VAL D 160 24.66 -10.89 -44.00
C VAL D 160 23.63 -9.91 -44.51
N VAL D 161 23.98 -9.21 -45.57
CA VAL D 161 23.12 -8.24 -46.21
C VAL D 161 22.81 -8.77 -47.60
N ILE D 162 21.55 -8.65 -48.04
CA ILE D 162 21.15 -9.10 -49.38
C ILE D 162 20.52 -7.92 -50.10
N GLY D 163 21.11 -7.54 -51.23
CA GLY D 163 20.60 -6.45 -52.04
C GLY D 163 19.77 -6.94 -53.20
N ASP D 164 18.51 -6.53 -53.22
CA ASP D 164 17.60 -6.97 -54.26
C ASP D 164 17.66 -6.00 -55.42
N HIS D 165 18.00 -6.51 -56.62
CA HIS D 165 18.09 -5.72 -57.84
C HIS D 165 17.28 -6.40 -58.93
N TRP D 166 16.40 -5.65 -59.59
CA TRP D 166 15.79 -6.07 -60.85
C TRP D 166 16.46 -5.31 -61.99
N VAL D 167 17.01 -6.04 -62.96
CA VAL D 167 17.87 -5.47 -63.98
C VAL D 167 17.09 -5.27 -65.28
N MET D 168 17.28 -4.12 -65.91
CA MET D 168 16.61 -3.82 -67.18
C MET D 168 16.99 -4.87 -68.22
N ASP D 169 16.00 -5.28 -68.99
CA ASP D 169 16.20 -6.24 -70.08
C ASP D 169 17.36 -5.77 -70.97
N GLY D 170 18.34 -6.66 -71.17
CA GLY D 170 19.48 -6.36 -72.00
C GLY D 170 20.65 -5.72 -71.28
N HIS D 171 20.49 -5.36 -70.00
CA HIS D 171 21.55 -4.75 -69.22
C HIS D 171 22.24 -5.73 -68.27
N GLU D 172 21.94 -7.03 -68.39
CA GLU D 172 22.42 -8.00 -67.40
C GLU D 172 23.95 -8.01 -67.31
N LYS D 173 24.64 -8.05 -68.45
CA LYS D 173 26.08 -8.16 -68.43
C LYS D 173 26.74 -6.90 -67.87
N ALA D 174 26.24 -5.74 -68.27
CA ALA D 174 26.74 -4.48 -67.71
C ALA D 174 26.52 -4.42 -66.21
N PHE D 175 25.35 -4.87 -65.74
CA PHE D 175 25.12 -4.90 -64.30
C PHE D 175 26.15 -5.77 -63.59
N GLU D 176 26.42 -6.96 -64.14
CA GLU D 176 27.37 -7.87 -63.51
C GLU D 176 28.77 -7.25 -63.41
N GLN D 177 29.22 -6.55 -64.45
CA GLN D 177 30.53 -5.88 -64.40
C GLN D 177 30.52 -4.72 -63.41
N GLY D 178 29.46 -3.90 -63.41
CA GLY D 178 29.41 -2.79 -62.49
C GLY D 178 29.29 -3.22 -61.03
N ALA D 179 28.48 -4.24 -60.76
CA ALA D 179 28.38 -4.76 -59.41
C ALA D 179 29.69 -5.36 -58.94
N THR D 180 30.38 -6.11 -59.82
CA THR D 180 31.69 -6.65 -59.48
C THR D 180 32.66 -5.53 -59.13
N GLU D 181 32.70 -4.49 -59.98
CA GLU D 181 33.64 -3.42 -59.70
C GLU D 181 33.29 -2.71 -58.40
N THR D 182 31.99 -2.52 -58.15
CA THR D 182 31.55 -1.93 -56.89
C THR D 182 32.00 -2.76 -55.70
N LEU D 183 31.76 -4.08 -55.75
CA LEU D 183 32.05 -4.95 -54.61
C LEU D 183 33.55 -5.11 -54.39
N GLU D 184 34.32 -5.20 -55.47
CA GLU D 184 35.77 -5.30 -55.31
C GLU D 184 36.34 -4.03 -54.71
N TRP D 185 35.84 -2.87 -55.13
CA TRP D 185 36.27 -1.63 -54.51
C TRP D 185 35.94 -1.62 -53.02
N MET D 186 34.72 -2.00 -52.67
CA MET D 186 34.32 -2.00 -51.27
C MET D 186 35.17 -2.97 -50.45
N LYS D 187 35.45 -4.16 -50.99
CA LYS D 187 36.23 -5.12 -50.23
C LYS D 187 37.65 -4.63 -50.05
N ALA D 188 38.17 -3.85 -51.00
CA ALA D 188 39.51 -3.32 -50.81
C ALA D 188 39.56 -2.16 -49.84
N ASN D 189 38.47 -1.39 -49.69
CA ASN D 189 38.59 -0.06 -49.11
C ASN D 189 37.69 0.24 -47.91
N VAL D 190 36.71 -0.59 -47.60
CA VAL D 190 35.71 -0.28 -46.58
C VAL D 190 35.92 -1.20 -45.38
N PRO D 191 36.04 -0.67 -44.17
CA PRO D 191 36.32 -1.53 -43.01
C PRO D 191 35.20 -2.52 -42.76
N GLY D 192 35.58 -3.72 -42.36
CA GLY D 192 34.61 -4.70 -41.92
C GLY D 192 33.87 -5.44 -43.01
N MET D 193 34.25 -5.25 -44.27
CA MET D 193 33.63 -6.01 -45.35
C MET D 193 34.27 -7.40 -45.42
N VAL D 194 33.47 -8.42 -45.16
CA VAL D 194 33.99 -9.77 -45.03
C VAL D 194 34.03 -10.48 -46.37
N GLY D 195 33.02 -10.32 -47.20
CA GLY D 195 33.02 -10.97 -48.50
C GLY D 195 31.75 -10.68 -49.24
N TRP D 196 31.66 -11.20 -50.46
CA TRP D 196 30.49 -10.90 -51.27
C TRP D 196 30.27 -11.98 -52.31
N MET D 197 29.08 -11.95 -52.90
CA MET D 197 28.67 -12.91 -53.90
C MET D 197 27.52 -12.29 -54.70
N ILE D 198 27.58 -12.41 -56.03
CA ILE D 198 26.52 -11.95 -56.93
C ILE D 198 25.76 -13.18 -57.42
N MET D 199 24.45 -13.22 -57.15
CA MET D 199 23.61 -14.36 -57.49
C MET D 199 22.57 -13.92 -58.50
N LYS D 200 22.36 -14.72 -59.54
CA LYS D 200 21.40 -14.41 -60.61
C LYS D 200 20.30 -15.46 -60.59
N GLN D 201 19.05 -15.02 -60.43
CA GLN D 201 17.93 -15.95 -60.47
C GLN D 201 17.70 -16.41 -61.90
N PHE D 202 17.63 -17.74 -62.10
CA PHE D 202 17.37 -18.30 -63.42
C PHE D 202 16.23 -19.31 -63.42
N GLY D 203 15.55 -19.52 -62.32
CA GLY D 203 14.45 -20.45 -62.28
C GLY D 203 13.96 -20.61 -60.86
N VAL D 204 12.89 -21.39 -60.72
CA VAL D 204 12.25 -21.62 -59.43
C VAL D 204 11.89 -23.09 -59.32
N SER D 205 12.03 -23.64 -58.13
CA SER D 205 11.60 -25.02 -57.86
C SER D 205 10.11 -25.02 -57.54
N ALA D 206 9.34 -25.80 -58.31
CA ALA D 206 7.92 -25.90 -58.01
C ALA D 206 7.68 -26.63 -56.71
N ILE D 207 8.29 -27.81 -56.54
CA ILE D 207 8.12 -28.60 -55.31
C ILE D 207 8.58 -27.80 -54.10
N GLY D 208 9.76 -27.17 -54.19
CA GLY D 208 10.28 -26.40 -53.06
C GLY D 208 9.48 -25.16 -52.71
N SER D 209 8.71 -24.63 -53.64
CA SER D 209 7.83 -23.51 -53.37
C SER D 209 6.45 -23.95 -52.97
N PHE D 210 6.27 -25.26 -52.72
CA PHE D 210 4.99 -25.83 -52.33
C PHE D 210 3.91 -25.56 -53.37
N GLN D 211 4.28 -25.53 -54.64
CA GLN D 211 3.35 -25.22 -55.71
C GLN D 211 3.02 -26.55 -56.39
N LEU D 212 1.94 -27.15 -55.94
CA LEU D 212 1.54 -28.47 -56.42
C LEU D 212 0.47 -28.36 -57.50
N ASP D 213 0.14 -29.52 -58.07
CA ASP D 213 -1.04 -29.64 -58.90
C ASP D 213 -2.28 -29.39 -58.03
N PRO D 214 -3.44 -29.13 -58.65
CA PRO D 214 -4.62 -28.78 -57.84
C PRO D 214 -5.03 -29.85 -56.83
N GLU D 215 -5.01 -31.14 -57.20
CA GLU D 215 -5.39 -32.18 -56.24
C GLU D 215 -4.38 -32.31 -55.10
N GLY D 216 -3.09 -32.19 -55.43
CA GLY D 216 -2.08 -32.17 -54.38
C GLY D 216 -2.24 -30.99 -53.44
N ALA D 217 -2.60 -29.82 -53.99
CA ALA D 217 -2.85 -28.67 -53.15
C ALA D 217 -4.01 -28.91 -52.20
N MET D 218 -5.07 -29.55 -52.69
CA MET D 218 -6.20 -29.88 -51.82
C MET D 218 -5.77 -30.84 -50.71
N LYS D 219 -5.09 -31.92 -51.06
CA LYS D 219 -4.69 -32.90 -50.05
C LYS D 219 -3.71 -32.29 -49.06
N ALA D 220 -2.88 -31.35 -49.52
CA ALA D 220 -1.85 -30.77 -48.65
C ALA D 220 -2.44 -30.15 -47.40
N VAL D 221 -3.64 -29.59 -47.50
CA VAL D 221 -4.32 -29.01 -46.33
C VAL D 221 -5.37 -29.95 -45.76
N SER D 222 -5.51 -31.16 -46.28
CA SER D 222 -6.41 -32.16 -45.72
C SER D 222 -5.69 -33.06 -44.74
N THR D 223 -4.51 -32.66 -44.27
CA THR D 223 -3.68 -33.49 -43.43
C THR D 223 -2.88 -32.60 -42.49
N LEU D 224 -2.42 -33.21 -41.40
CA LEU D 224 -1.50 -32.54 -40.48
C LEU D 224 -0.05 -32.93 -40.73
N GLY D 225 0.21 -33.75 -41.75
CA GLY D 225 1.57 -34.09 -42.14
C GLY D 225 1.80 -35.56 -42.40
N ALA D 226 0.91 -36.41 -41.87
CA ALA D 226 1.12 -37.85 -41.96
C ALA D 226 0.61 -38.43 -43.26
N ASN D 227 -0.23 -37.72 -44.00
CA ASN D 227 -0.81 -38.23 -45.24
C ASN D 227 -0.51 -37.24 -46.36
N PRO D 228 0.70 -37.28 -46.90
CA PRO D 228 1.10 -36.30 -47.91
C PRO D 228 0.39 -36.53 -49.22
N PRO D 229 0.28 -35.50 -50.06
CA PRO D 229 -0.19 -35.70 -51.44
C PRO D 229 0.86 -36.45 -52.26
N GLU D 230 0.44 -36.92 -53.42
CA GLU D 230 1.38 -37.47 -54.39
C GLU D 230 2.30 -36.38 -54.92
N TYR D 231 3.55 -36.74 -55.17
CA TYR D 231 4.53 -35.84 -55.79
C TYR D 231 4.06 -35.48 -57.19
N ASN D 232 3.67 -34.23 -57.38
CA ASN D 232 3.16 -33.78 -58.67
C ASN D 232 3.07 -32.27 -58.67
N THR D 233 3.19 -31.68 -59.87
CA THR D 233 3.13 -30.24 -60.04
C THR D 233 2.37 -29.93 -61.33
N ASN D 234 2.20 -28.64 -61.60
CA ASN D 234 1.66 -28.20 -62.87
C ASN D 234 2.62 -28.46 -64.02
N TYR D 235 3.82 -28.91 -63.72
CA TYR D 235 4.80 -29.33 -64.72
C TYR D 235 5.00 -30.84 -64.71
N GLY D 236 4.02 -31.59 -64.20
CA GLY D 236 4.12 -33.04 -64.16
C GLY D 236 4.81 -33.53 -62.90
N ASN D 237 5.08 -34.83 -62.87
CA ASN D 237 5.58 -35.47 -61.66
C ASN D 237 6.99 -36.06 -61.87
N LYS D 238 7.71 -35.63 -62.88
CA LYS D 238 9.06 -36.13 -63.11
C LYS D 238 10.09 -35.25 -62.36
N VAL D 239 11.26 -35.82 -62.12
CA VAL D 239 12.35 -35.09 -61.48
C VAL D 239 13.09 -34.27 -62.54
N HIS D 240 13.08 -32.95 -62.38
CA HIS D 240 13.57 -32.06 -63.42
C HIS D 240 15.09 -31.88 -63.39
N ASP D 241 15.67 -31.73 -64.58
CA ASP D 241 17.06 -31.34 -64.75
C ASP D 241 17.25 -29.82 -64.73
N LYS D 242 16.25 -29.08 -65.15
CA LYS D 242 16.18 -27.62 -65.20
C LYS D 242 15.03 -27.16 -64.31
N PRO D 243 15.08 -25.95 -63.77
CA PRO D 243 13.97 -25.49 -62.91
C PRO D 243 12.66 -25.58 -63.66
N PRO D 244 11.64 -26.18 -63.06
CA PRO D 244 10.35 -26.26 -63.75
C PRO D 244 9.74 -24.89 -64.02
N ILE D 245 9.87 -23.95 -63.08
CA ILE D 245 9.32 -22.60 -63.21
C ILE D 245 10.39 -21.67 -63.79
N PRO D 246 10.09 -20.91 -64.83
CA PRO D 246 11.09 -20.00 -65.38
C PRO D 246 11.48 -18.92 -64.37
N GLY D 247 12.72 -18.45 -64.49
CA GLY D 247 13.12 -17.27 -63.75
C GLY D 247 12.27 -16.08 -64.13
N GLN D 248 12.08 -15.18 -63.17
CA GLN D 248 11.28 -14.01 -63.44
C GLN D 248 11.99 -13.06 -64.39
N THR D 249 11.20 -12.24 -65.08
CA THR D 249 11.73 -11.06 -65.73
C THR D 249 10.98 -9.85 -65.20
N PRO D 250 11.64 -8.68 -65.06
CA PRO D 250 13.07 -8.42 -65.26
C PRO D 250 13.95 -9.32 -64.41
N THR D 251 15.13 -9.70 -64.92
CA THR D 251 16.02 -10.60 -64.21
C THR D 251 16.33 -10.09 -62.81
N GLN D 252 16.21 -10.96 -61.81
CA GLN D 252 16.54 -10.62 -60.42
C GLN D 252 17.99 -10.98 -60.12
N TYR D 253 18.70 -10.03 -59.54
CA TYR D 253 20.01 -10.30 -58.95
C TYR D 253 19.94 -10.02 -57.46
N LEU D 254 20.49 -10.94 -56.67
CA LEU D 254 20.70 -10.76 -55.25
C LEU D 254 22.18 -10.54 -55.00
N VAL D 255 22.52 -9.41 -54.39
CA VAL D 255 23.90 -9.11 -54.05
C VAL D 255 24.09 -9.45 -52.57
N HIS D 256 24.87 -10.50 -52.30
CA HIS D 256 25.08 -11.02 -50.95
C HIS D 256 26.39 -10.45 -50.39
N ILE D 257 26.31 -9.66 -49.32
CA ILE D 257 27.49 -9.04 -48.72
C ILE D 257 27.54 -9.35 -47.24
N GLU D 258 28.71 -9.79 -46.78
CA GLU D 258 28.91 -10.10 -45.38
C GLU D 258 29.75 -9.02 -44.73
N TRP D 259 29.38 -8.67 -43.49
CA TRP D 259 29.99 -7.59 -42.73
C TRP D 259 30.25 -8.03 -41.31
N GLU D 260 31.21 -7.37 -40.66
CA GLU D 260 31.53 -7.72 -39.28
C GLU D 260 30.32 -7.58 -38.36
N SER D 261 29.49 -6.56 -38.58
CA SER D 261 28.40 -6.24 -37.67
C SER D 261 27.39 -5.41 -38.42
N PRO D 262 26.19 -5.22 -37.85
CA PRO D 262 25.21 -4.36 -38.54
C PRO D 262 25.69 -2.92 -38.75
N GLU D 263 26.45 -2.36 -37.81
CA GLU D 263 26.99 -1.01 -37.99
C GLU D 263 27.98 -0.95 -39.15
N HIS D 264 28.87 -1.94 -39.27
CA HIS D 264 29.77 -1.97 -40.41
C HIS D 264 28.99 -2.11 -41.71
N ALA D 265 27.93 -2.91 -41.71
CA ALA D 265 27.11 -3.02 -42.90
C ALA D 265 26.41 -1.70 -43.22
N HIS D 266 25.87 -1.04 -42.20
CA HIS D 266 25.14 0.20 -42.43
C HIS D 266 26.07 1.28 -42.99
N GLN D 267 27.14 1.55 -42.27
CA GLN D 267 28.12 2.54 -42.70
C GLN D 267 28.81 2.10 -43.98
N GLY D 268 29.01 0.79 -44.15
CA GLY D 268 29.71 0.29 -45.33
C GLY D 268 28.93 0.49 -46.61
N LEU D 269 27.65 0.09 -46.62
CA LEU D 269 26.81 0.29 -47.80
C LEU D 269 26.68 1.78 -48.15
N GLY D 270 26.75 2.66 -47.16
CA GLY D 270 26.62 4.08 -47.42
C GLY D 270 27.74 4.66 -48.26
N HIS D 271 28.86 3.93 -48.40
CA HIS D 271 29.98 4.43 -49.17
C HIS D 271 29.63 4.62 -50.64
N VAL D 272 28.64 3.87 -51.15
CA VAL D 272 28.22 4.10 -52.53
C VAL D 272 27.58 5.47 -52.72
N MET D 273 27.32 6.19 -51.62
CA MET D 273 26.78 7.55 -51.70
C MET D 273 27.74 8.62 -51.17
N VAL D 274 28.61 8.31 -50.20
CA VAL D 274 29.43 9.32 -49.56
C VAL D 274 30.92 9.19 -49.92
N ASP D 275 31.27 8.29 -50.83
CA ASP D 275 32.60 8.29 -51.41
C ASP D 275 32.47 8.64 -52.88
N TYR D 276 33.09 9.75 -53.30
CA TYR D 276 32.87 10.24 -54.65
C TYR D 276 33.24 9.18 -55.69
N GLU D 277 34.39 8.53 -55.51
CA GLU D 277 34.87 7.57 -56.49
C GLU D 277 33.97 6.34 -56.56
N LEU D 278 33.64 5.75 -55.41
CA LEU D 278 32.75 4.60 -55.42
C LEU D 278 31.37 4.97 -55.95
N ARG D 279 30.91 6.17 -55.62
CA ARG D 279 29.63 6.67 -56.10
C ARG D 279 29.54 6.67 -57.63
N GLN D 280 30.62 7.06 -58.32
CA GLN D 280 30.60 7.02 -59.78
C GLN D 280 30.55 5.59 -60.31
N ILE D 281 31.33 4.68 -59.71
CA ILE D 281 31.33 3.29 -60.15
C ILE D 281 29.93 2.68 -59.98
N HIS D 282 29.32 2.93 -58.83
CA HIS D 282 28.02 2.33 -58.52
C HIS D 282 26.89 2.97 -59.32
N ASN D 283 26.93 4.30 -59.48
CA ASN D 283 25.90 4.98 -60.25
C ASN D 283 25.86 4.48 -61.69
N ASN D 284 27.02 4.48 -62.36
CA ASN D 284 27.08 4.15 -63.78
C ASN D 284 27.03 2.65 -64.03
N GLY D 285 27.58 1.86 -63.09
CA GLY D 285 27.69 0.42 -63.26
C GLY D 285 26.55 -0.41 -62.67
N VAL D 286 25.79 0.17 -61.73
CA VAL D 286 24.72 -0.58 -61.08
C VAL D 286 23.39 0.16 -61.25
N LEU D 287 23.29 1.38 -60.70
CA LEU D 287 22.01 2.08 -60.67
C LEU D 287 21.46 2.33 -62.06
N ALA D 288 22.34 2.61 -63.04
CA ALA D 288 21.90 2.93 -64.39
C ALA D 288 21.24 1.75 -65.10
N HIS D 289 21.31 0.54 -64.55
CA HIS D 289 20.82 -0.64 -65.24
C HIS D 289 19.60 -1.27 -64.55
N LEU D 290 19.01 -0.59 -63.58
CA LEU D 290 17.98 -1.18 -62.72
C LEU D 290 16.57 -0.78 -63.15
N ASP D 291 15.67 -1.77 -63.17
CA ASP D 291 14.24 -1.50 -63.12
C ASP D 291 13.77 -1.35 -61.67
N LYS D 292 14.39 -2.05 -60.72
CA LYS D 292 13.91 -1.99 -59.35
C LYS D 292 15.09 -2.10 -58.40
N GLY D 293 15.02 -1.37 -57.30
CA GLY D 293 16.03 -1.46 -56.27
C GLY D 293 17.03 -0.34 -56.35
N PRO D 294 18.13 -0.45 -55.59
CA PRO D 294 18.44 -1.58 -54.71
C PRO D 294 17.68 -1.53 -53.37
N TYR D 295 17.39 -2.70 -52.81
CA TYR D 295 16.75 -2.81 -51.50
C TYR D 295 17.53 -3.82 -50.67
N TYR D 296 18.02 -3.39 -49.52
CA TYR D 296 18.96 -4.18 -48.73
C TYR D 296 18.28 -4.66 -47.44
N MET D 297 18.14 -5.99 -47.32
CA MET D 297 17.67 -6.62 -46.10
C MET D 297 18.86 -7.12 -45.31
N PHE D 298 18.81 -6.92 -43.99
CA PHE D 298 19.83 -7.37 -43.05
C PHE D 298 19.43 -8.71 -42.46
N PHE D 299 20.40 -9.63 -42.38
CA PHE D 299 20.13 -10.96 -41.87
C PHE D 299 21.20 -11.35 -40.85
N SER D 300 20.80 -12.22 -39.95
CA SER D 300 21.73 -12.87 -39.07
C SER D 300 21.80 -14.35 -39.42
N PRO D 301 23.00 -14.92 -39.62
CA PRO D 301 23.10 -16.36 -39.90
C PRO D 301 22.91 -17.19 -38.64
N MET D 302 21.76 -17.84 -38.48
CA MET D 302 21.53 -18.63 -37.27
C MET D 302 22.34 -19.93 -37.28
N MET D 303 22.22 -20.70 -38.35
CA MET D 303 22.95 -21.95 -38.49
C MET D 303 23.70 -21.88 -39.80
N GLU D 304 24.90 -22.44 -39.84
CA GLU D 304 25.65 -22.48 -41.09
C GLU D 304 26.35 -23.81 -41.20
N GLN D 305 26.27 -24.40 -42.39
CA GLN D 305 27.12 -25.49 -42.82
C GLN D 305 27.85 -24.93 -44.04
N GLY D 306 29.07 -24.45 -43.83
CA GLY D 306 29.72 -23.60 -44.81
C GLY D 306 30.77 -24.24 -45.71
N LEU D 307 30.84 -25.58 -45.79
CA LEU D 307 31.86 -26.18 -46.65
C LEU D 307 31.65 -25.88 -48.12
N TRP D 308 30.44 -25.54 -48.53
CA TRP D 308 30.22 -25.14 -49.91
C TRP D 308 31.10 -23.97 -50.29
N ARG D 309 31.42 -23.09 -49.34
CA ARG D 309 32.28 -21.94 -49.68
C ARG D 309 33.65 -22.38 -50.12
N LYS D 310 34.11 -23.53 -49.64
CA LYS D 310 35.46 -23.99 -49.89
C LYS D 310 35.72 -24.27 -51.37
N HIS D 311 34.68 -24.58 -52.15
CA HIS D 311 34.84 -24.82 -53.59
C HIS D 311 33.99 -23.81 -54.35
N LEU D 312 34.47 -22.56 -54.38
CA LEU D 312 33.96 -21.53 -55.26
C LEU D 312 35.10 -21.14 -56.21
N LYS D 313 34.93 -20.02 -56.90
CA LYS D 313 35.93 -19.51 -57.84
C LYS D 313 36.16 -20.50 -58.97
N GLU E 4 -62.87 -14.15 34.30
CA GLU E 4 -62.33 -15.14 33.37
C GLU E 4 -60.92 -15.55 33.78
N ASN E 5 -60.65 -16.85 33.77
CA ASN E 5 -59.29 -17.37 33.78
C ASN E 5 -59.14 -18.26 32.56
N PRO E 6 -58.51 -17.79 31.51
CA PRO E 6 -58.34 -18.56 30.29
C PRO E 6 -57.25 -19.62 30.40
N ILE E 7 -57.17 -20.44 29.38
CA ILE E 7 -56.15 -21.46 29.23
C ILE E 7 -55.06 -20.90 28.32
N ILE E 8 -53.79 -21.23 28.62
CA ILE E 8 -52.66 -20.77 27.82
C ILE E 8 -51.93 -21.98 27.26
N ALA E 9 -51.88 -22.08 25.95
CA ALA E 9 -50.99 -23.03 25.28
C ALA E 9 -49.69 -22.30 24.97
N ILE E 10 -48.57 -22.88 25.35
CA ILE E 10 -47.26 -22.30 25.08
C ILE E 10 -46.53 -23.21 24.11
N ASN E 11 -46.42 -22.79 22.86
CA ASN E 11 -45.67 -23.53 21.86
C ASN E 11 -44.19 -23.22 22.08
N MET E 12 -43.43 -24.22 22.51
CA MET E 12 -42.01 -24.07 22.85
C MET E 12 -41.14 -24.74 21.79
N ALA E 13 -40.25 -23.97 21.19
CA ALA E 13 -39.30 -24.46 20.20
C ALA E 13 -37.94 -23.79 20.40
N LYS E 14 -36.90 -24.40 19.85
CA LYS E 14 -35.58 -23.80 19.81
C LYS E 14 -35.21 -23.63 18.35
N ILE E 15 -34.84 -22.40 17.95
CA ILE E 15 -34.66 -22.10 16.54
C ILE E 15 -33.24 -21.62 16.30
N ALA E 16 -32.79 -21.78 15.06
CA ALA E 16 -31.45 -21.36 14.69
C ALA E 16 -31.34 -19.85 14.82
N ASN E 17 -30.23 -19.38 15.40
CA ASN E 17 -30.02 -17.96 15.58
C ASN E 17 -29.20 -17.46 14.38
N LYS E 18 -29.91 -17.15 13.31
CA LYS E 18 -29.28 -16.68 12.09
C LYS E 18 -30.28 -15.79 11.36
N PRO E 19 -29.81 -14.90 10.49
CA PRO E 19 -30.72 -13.94 9.84
C PRO E 19 -31.91 -14.58 9.14
N ASP E 20 -31.74 -15.75 8.52
CA ASP E 20 -32.85 -16.42 7.84
C ASP E 20 -34.01 -16.69 8.81
N SER E 21 -33.71 -16.99 10.07
CA SER E 21 -34.78 -17.30 11.02
C SER E 21 -35.63 -16.08 11.34
N TYR E 22 -35.00 -14.90 11.51
CA TYR E 22 -35.79 -13.69 11.72
C TYR E 22 -36.62 -13.34 10.50
N GLU E 23 -36.06 -13.55 9.30
CA GLU E 23 -36.80 -13.25 8.08
C GLU E 23 -38.04 -14.12 7.98
N THR E 24 -37.88 -15.43 8.14
CA THR E 24 -39.05 -16.29 8.06
C THR E 24 -40.00 -16.09 9.23
N MET E 25 -39.53 -15.61 10.38
CA MET E 25 -40.46 -15.36 11.50
C MET E 25 -41.42 -14.21 11.22
N MET E 26 -40.95 -13.17 10.53
CA MET E 26 -41.86 -12.07 10.21
C MET E 26 -42.66 -12.36 8.94
N LYS E 27 -42.26 -13.35 8.16
CA LYS E 27 -42.95 -13.73 6.94
C LYS E 27 -44.04 -14.76 7.24
N VAL E 28 -43.78 -15.70 8.13
CA VAL E 28 -44.71 -16.78 8.43
C VAL E 28 -45.47 -16.55 9.75
N GLY E 29 -44.82 -15.94 10.73
CA GLY E 29 -45.43 -15.69 12.04
C GLY E 29 -46.81 -15.07 12.01
N PRO E 30 -46.95 -13.89 11.38
CA PRO E 30 -48.29 -13.28 11.28
C PRO E 30 -49.33 -14.18 10.64
N LYS E 31 -48.94 -15.01 9.67
CA LYS E 31 -49.89 -15.87 8.97
C LYS E 31 -50.46 -16.94 9.88
N VAL E 32 -49.65 -17.46 10.80
CA VAL E 32 -50.11 -18.45 11.76
C VAL E 32 -51.13 -17.80 12.70
N CSS E 33 -50.79 -16.60 13.18
CA CSS E 33 -51.62 -15.85 14.08
CB CSS E 33 -50.88 -14.63 14.58
SG CSS E 33 -49.50 -15.08 15.63
SD CSS E 33 -50.22 -16.51 16.87
C CSS E 33 -52.92 -15.47 13.42
O CSS E 33 -53.95 -15.45 14.12
N ILE E 34 -52.91 -15.20 12.11
CA ILE E 34 -54.15 -14.87 11.41
C ILE E 34 -55.05 -16.10 11.33
N THR E 35 -54.42 -17.25 11.06
CA THR E 35 -55.16 -18.51 11.09
C THR E 35 -55.75 -18.78 12.46
N THR E 36 -54.96 -18.57 13.51
CA THR E 36 -55.43 -18.81 14.88
C THR E 36 -56.61 -17.90 15.23
N ALA E 37 -56.58 -16.63 14.82
CA ALA E 37 -57.65 -15.71 15.20
C ALA E 37 -58.94 -15.95 14.42
N SER E 38 -59.03 -17.01 13.59
CA SER E 38 -60.30 -17.36 12.97
C SER E 38 -61.26 -18.02 13.96
N HIS E 39 -60.77 -18.44 15.17
CA HIS E 39 -61.61 -19.20 16.10
C HIS E 39 -62.18 -18.28 17.17
N PRO E 40 -63.48 -18.36 17.48
CA PRO E 40 -64.07 -17.46 18.48
C PRO E 40 -63.60 -17.69 19.92
N GLY E 41 -63.01 -18.84 20.24
CA GLY E 41 -62.41 -19.02 21.55
C GLY E 41 -61.01 -18.45 21.71
N PHE E 42 -60.44 -17.85 20.66
CA PHE E 42 -59.08 -17.34 20.72
C PHE E 42 -59.05 -15.94 21.34
N LEU E 43 -58.24 -15.77 22.39
CA LEU E 43 -58.25 -14.53 23.15
C LEU E 43 -57.02 -13.65 22.98
N GLY E 44 -55.91 -14.17 22.47
CA GLY E 44 -54.72 -13.35 22.27
C GLY E 44 -53.46 -14.18 22.22
N PHE E 45 -52.34 -13.48 22.05
CA PHE E 45 -51.07 -14.17 21.94
C PHE E 45 -49.92 -13.31 22.44
N GLU E 46 -48.81 -13.99 22.72
CA GLU E 46 -47.54 -13.38 23.09
C GLU E 46 -46.47 -14.16 22.35
N GLN E 47 -45.70 -13.48 21.50
CA GLN E 47 -44.57 -14.09 20.81
C GLN E 47 -43.30 -13.68 21.56
N LEU E 48 -42.67 -14.65 22.23
CA LEU E 48 -41.52 -14.39 23.08
C LEU E 48 -40.27 -15.00 22.48
N LEU E 49 -39.24 -14.18 22.29
CA LEU E 49 -37.96 -14.64 21.78
C LEU E 49 -36.93 -14.53 22.88
N GLN E 50 -36.22 -15.63 23.13
CA GLN E 50 -35.25 -15.67 24.22
C GLN E 50 -34.07 -14.75 23.95
N THR E 51 -33.68 -13.97 24.96
CA THR E 51 -32.54 -13.09 24.86
C THR E 51 -31.40 -13.49 25.79
N GLY E 52 -31.66 -14.35 26.78
CA GLY E 52 -30.63 -14.76 27.72
C GLY E 52 -31.25 -15.57 28.84
N ILE E 53 -30.52 -15.63 29.97
CA ILE E 53 -30.95 -16.33 31.18
C ILE E 53 -30.53 -15.49 32.38
N HIS E 54 -31.00 -15.88 33.57
CA HIS E 54 -30.45 -15.33 34.79
C HIS E 54 -29.31 -16.22 35.26
N PRO E 55 -28.06 -15.72 35.32
CA PRO E 55 -26.95 -16.58 35.78
C PRO E 55 -27.03 -16.96 37.24
N MET E 56 -27.89 -16.30 38.03
CA MET E 56 -28.13 -16.63 39.44
C MET E 56 -26.83 -16.71 40.23
N ALA E 57 -26.06 -15.62 40.16
CA ALA E 57 -24.86 -15.44 40.96
C ALA E 57 -23.84 -16.55 40.72
N GLY E 58 -23.76 -17.01 39.47
CA GLY E 58 -22.75 -17.98 39.05
C GLY E 58 -23.25 -19.40 38.97
N ARG E 59 -24.47 -19.66 39.45
CA ARG E 59 -25.05 -21.00 39.33
C ARG E 59 -25.14 -21.42 37.88
N TYR E 60 -25.37 -20.47 36.98
CA TYR E 60 -25.31 -20.70 35.55
C TYR E 60 -24.33 -19.74 34.92
N GLY E 61 -23.06 -19.88 35.33
CA GLY E 61 -22.03 -18.94 34.96
C GLY E 61 -21.65 -18.98 33.49
N GLY E 62 -22.06 -20.02 32.77
CA GLY E 62 -21.83 -19.99 31.35
C GLY E 62 -22.77 -19.09 30.58
N GLY E 63 -23.89 -18.71 31.20
CA GLY E 63 -24.86 -17.85 30.55
C GLY E 63 -24.72 -16.39 30.96
N ALA E 64 -25.64 -15.57 30.47
CA ALA E 64 -25.65 -14.14 30.71
C ALA E 64 -27.06 -13.61 30.49
N VAL E 65 -27.34 -12.45 31.09
CA VAL E 65 -28.59 -11.74 30.85
C VAL E 65 -28.80 -11.52 29.35
N ASP E 66 -27.75 -11.09 28.65
CA ASP E 66 -27.80 -10.82 27.21
C ASP E 66 -26.94 -11.84 26.48
N MET E 67 -27.57 -12.83 25.89
CA MET E 67 -26.91 -13.81 25.05
C MET E 67 -27.36 -13.70 23.61
N ARG E 68 -27.89 -12.54 23.21
CA ARG E 68 -28.53 -12.45 21.90
C ARG E 68 -27.57 -12.79 20.76
N GLU E 69 -26.28 -12.54 20.94
CA GLU E 69 -25.28 -12.80 19.91
C GLU E 69 -24.78 -14.23 19.90
N THR E 70 -24.92 -14.96 21.00
CA THR E 70 -24.24 -16.23 21.15
C THR E 70 -25.19 -17.41 21.26
N LEU E 71 -26.43 -17.19 21.63
CA LEU E 71 -27.36 -18.28 21.87
C LEU E 71 -27.72 -18.93 20.54
N ASN E 72 -27.44 -20.23 20.41
CA ASN E 72 -27.86 -21.02 19.25
C ASN E 72 -27.96 -22.50 19.62
N PRO E 73 -29.17 -23.08 19.65
CA PRO E 73 -30.44 -22.43 19.30
C PRO E 73 -30.91 -21.45 20.36
N MET E 74 -31.88 -20.62 20.02
CA MET E 74 -32.50 -19.74 20.98
C MET E 74 -33.96 -20.16 21.15
N GLY E 75 -34.45 -20.03 22.38
CA GLY E 75 -35.83 -20.37 22.66
C GLY E 75 -36.78 -19.38 22.01
N MET E 76 -37.91 -19.91 21.56
CA MET E 76 -38.99 -19.10 21.01
C MET E 76 -40.28 -19.67 21.58
N PHE E 77 -40.95 -18.89 22.42
CA PHE E 77 -42.19 -19.33 23.08
C PHE E 77 -43.34 -18.52 22.48
N GLN E 78 -44.39 -19.23 22.02
CA GLN E 78 -45.60 -18.60 21.51
C GLN E 78 -46.74 -18.95 22.47
N TYR E 79 -47.18 -17.96 23.24
CA TYR E 79 -48.42 -18.12 23.99
C TYR E 79 -49.60 -17.90 23.05
N THR E 80 -50.56 -18.82 23.05
CA THR E 80 -51.89 -18.53 22.53
C THR E 80 -52.87 -18.77 23.67
N VAL E 81 -53.80 -17.83 23.86
CA VAL E 81 -54.66 -17.80 25.04
C VAL E 81 -56.10 -18.07 24.60
N TRP E 82 -56.79 -18.94 25.36
CA TRP E 82 -58.02 -19.56 24.90
C TRP E 82 -59.06 -19.62 26.00
N LYS E 83 -60.34 -19.60 25.60
CA LYS E 83 -61.42 -19.83 26.55
C LYS E 83 -61.29 -21.21 27.19
N ASP E 84 -60.83 -22.19 26.43
CA ASP E 84 -60.75 -23.57 26.90
C ASP E 84 -59.86 -24.36 25.97
N VAL E 85 -59.54 -25.59 26.39
CA VAL E 85 -58.70 -26.49 25.61
C VAL E 85 -59.37 -26.82 24.28
N HIS E 86 -60.68 -27.06 24.30
CA HIS E 86 -61.38 -27.48 23.11
C HIS E 86 -61.26 -26.45 21.99
N SER E 87 -61.30 -25.17 22.33
CA SER E 87 -61.18 -24.13 21.31
C SER E 87 -59.85 -24.24 20.57
N HIS E 88 -58.77 -24.47 21.30
CA HIS E 88 -57.46 -24.61 20.68
C HIS E 88 -57.38 -25.89 19.84
N GLU E 89 -57.85 -27.02 20.39
CA GLU E 89 -57.80 -28.26 19.62
C GLU E 89 -58.66 -28.17 18.37
N GLU E 90 -59.81 -27.50 18.48
CA GLU E 90 -60.70 -27.34 17.33
C GLU E 90 -60.08 -26.44 16.27
N MET E 91 -59.48 -25.32 16.68
CA MET E 91 -58.78 -24.46 15.72
C MET E 91 -57.70 -25.25 14.98
N HIS E 92 -56.87 -25.99 15.73
CA HIS E 92 -55.82 -26.78 15.10
C HIS E 92 -56.41 -27.80 14.14
N HIS E 93 -57.54 -28.41 14.50
CA HIS E 93 -58.17 -29.37 13.61
C HIS E 93 -58.75 -28.69 12.38
N ASP E 94 -59.51 -27.61 12.57
CA ASP E 94 -60.20 -26.95 11.45
C ASP E 94 -59.25 -26.30 10.47
N ASN E 95 -58.05 -25.94 10.91
CA ASN E 95 -57.06 -25.26 10.08
C ASN E 95 -55.81 -26.11 9.90
N PHE E 96 -55.98 -27.43 9.96
CA PHE E 96 -54.83 -28.33 10.02
C PHE E 96 -53.97 -28.20 8.77
N LYS E 97 -54.58 -28.20 7.59
CA LYS E 97 -53.83 -28.14 6.35
C LYS E 97 -53.02 -26.85 6.27
N GLU E 98 -53.64 -25.71 6.58
CA GLU E 98 -52.94 -24.44 6.41
C GLU E 98 -51.90 -24.24 7.49
N ILE E 99 -52.22 -24.61 8.73
CA ILE E 99 -51.20 -24.55 9.79
C ILE E 99 -50.05 -25.45 9.41
N PHE E 100 -50.34 -26.62 8.82
CA PHE E 100 -49.27 -27.51 8.37
C PHE E 100 -48.43 -26.83 7.30
N GLU E 101 -49.10 -26.20 6.32
CA GLU E 101 -48.37 -25.54 5.25
C GLU E 101 -47.42 -24.47 5.80
N LEU E 102 -47.91 -23.66 6.72
CA LEU E 102 -47.12 -22.55 7.28
C LEU E 102 -45.97 -23.06 8.15
N CSS E 103 -46.26 -24.02 9.00
CA CSS E 103 -45.27 -24.49 9.90
CB CSS E 103 -45.91 -25.18 11.07
SG CSS E 103 -46.60 -23.99 12.20
SD CSS E 103 -45.29 -22.56 12.73
C CSS E 103 -44.31 -25.39 9.19
O CSS E 103 -43.15 -25.56 9.64
N SER E 104 -44.73 -25.98 8.07
CA SER E 104 -43.81 -26.78 7.28
C SER E 104 -42.62 -25.93 6.89
N GLY E 105 -42.89 -24.66 6.59
CA GLY E 105 -41.81 -23.72 6.35
C GLY E 105 -40.97 -23.44 7.59
N CYS E 106 -41.61 -23.36 8.75
CA CYS E 106 -40.88 -23.00 9.96
C CYS E 106 -39.89 -24.08 10.38
N LEU E 107 -40.12 -25.34 9.99
CA LEU E 107 -39.24 -26.41 10.42
C LEU E 107 -37.81 -26.25 9.91
N GLY E 108 -37.62 -25.48 8.84
CA GLY E 108 -36.27 -25.24 8.36
C GLY E 108 -35.38 -24.45 9.32
N MET E 109 -35.95 -23.87 10.37
CA MET E 109 -35.17 -23.17 11.37
C MET E 109 -35.26 -23.81 12.73
N VAL E 110 -36.01 -24.90 12.86
CA VAL E 110 -36.22 -25.52 14.16
C VAL E 110 -35.11 -26.51 14.46
N ILE E 111 -34.51 -26.38 15.63
CA ILE E 111 -33.49 -27.32 16.10
C ILE E 111 -34.09 -28.30 17.11
N GLU E 112 -35.09 -27.84 17.86
CA GLU E 112 -35.77 -28.65 18.84
C GLU E 112 -37.20 -28.16 18.95
N GLY E 113 -38.12 -29.09 19.23
CA GLY E 113 -39.53 -28.77 19.33
C GLY E 113 -40.25 -28.99 18.01
N PRO E 114 -41.53 -28.55 17.92
CA PRO E 114 -42.28 -27.85 18.97
C PRO E 114 -42.85 -28.78 20.05
N TRP E 115 -42.99 -28.23 21.25
CA TRP E 115 -43.66 -28.91 22.35
C TRP E 115 -44.63 -27.91 22.95
N GLU E 116 -45.91 -28.26 22.98
CA GLU E 116 -46.95 -27.29 23.31
C GLU E 116 -47.78 -27.77 24.50
N PRO E 117 -47.32 -27.52 25.72
CA PRO E 117 -48.13 -27.83 26.90
C PRO E 117 -49.21 -26.78 27.13
N TYR E 118 -50.26 -27.22 27.81
CA TYR E 118 -51.37 -26.39 28.27
C TYR E 118 -51.14 -25.97 29.72
N PHE E 119 -51.43 -24.70 30.02
CA PHE E 119 -51.19 -24.18 31.35
C PHE E 119 -52.45 -23.53 31.92
N GLU E 120 -52.67 -23.78 33.21
CA GLU E 120 -53.69 -23.09 33.96
C GLU E 120 -53.10 -21.83 34.59
N VAL E 121 -53.85 -20.72 34.53
CA VAL E 121 -53.41 -19.51 35.22
C VAL E 121 -53.84 -19.65 36.68
N VAL E 122 -52.89 -20.01 37.55
CA VAL E 122 -53.19 -20.23 38.95
C VAL E 122 -53.53 -18.92 39.64
N LYS E 123 -52.69 -17.90 39.41
CA LYS E 123 -52.90 -16.56 39.97
C LYS E 123 -52.13 -15.59 39.09
N SER E 124 -52.56 -14.33 39.09
CA SER E 124 -51.91 -13.34 38.26
C SER E 124 -52.12 -11.94 38.83
N ASP E 125 -51.18 -11.07 38.48
CA ASP E 125 -51.31 -9.64 38.66
C ASP E 125 -50.61 -9.06 37.44
N LEU E 126 -51.31 -9.11 36.29
CA LEU E 126 -50.77 -8.70 35.00
C LEU E 126 -51.54 -7.49 34.49
N PRO E 127 -50.89 -6.37 34.26
CA PRO E 127 -51.61 -5.22 33.71
C PRO E 127 -51.84 -5.34 32.21
N GLN E 128 -52.80 -4.55 31.74
CA GLN E 128 -52.98 -4.39 30.30
C GLN E 128 -51.73 -3.76 29.69
N ILE E 129 -51.41 -4.15 28.48
CA ILE E 129 -50.29 -3.52 27.77
C ILE E 129 -50.76 -2.19 27.18
N MET E 130 -49.83 -1.26 27.03
CA MET E 130 -50.09 0.09 26.55
C MET E 130 -48.81 0.67 25.98
N SER E 131 -48.90 1.92 25.53
CA SER E 131 -47.72 2.65 25.06
C SER E 131 -47.56 3.91 25.89
N MET E 132 -46.40 4.57 25.73
CA MET E 132 -46.11 5.83 26.42
C MET E 132 -47.19 6.87 26.19
N THR E 133 -47.60 7.04 24.93
CA THR E 133 -48.59 8.08 24.63
C THR E 133 -49.97 7.74 25.19
N ASP E 134 -50.17 6.50 25.67
CA ASP E 134 -51.41 6.12 26.35
C ASP E 134 -51.39 6.46 27.83
N VAL E 135 -50.22 6.70 28.39
CA VAL E 135 -50.10 6.74 29.85
C VAL E 135 -50.87 7.90 30.47
N PRO E 136 -50.82 9.13 29.94
CA PRO E 136 -51.65 10.18 30.53
C PRO E 136 -53.13 9.83 30.58
N GLN E 137 -53.68 9.24 29.52
CA GLN E 137 -55.10 8.92 29.56
C GLN E 137 -55.40 7.76 30.51
N VAL E 138 -54.54 6.75 30.56
CA VAL E 138 -54.74 5.68 31.54
C VAL E 138 -54.69 6.26 32.94
N LEU E 139 -53.77 7.20 33.18
CA LEU E 139 -53.70 7.86 34.48
C LEU E 139 -54.99 8.59 34.78
N GLY E 140 -55.47 9.41 33.84
CA GLY E 140 -56.71 10.13 34.05
C GLY E 140 -57.90 9.22 34.24
N ASP E 141 -58.00 8.17 33.42
CA ASP E 141 -59.13 7.24 33.54
C ASP E 141 -59.12 6.52 34.87
N SER E 142 -57.93 6.19 35.39
CA SER E 142 -57.84 5.53 36.69
C SER E 142 -58.38 6.44 37.79
N PHE E 143 -57.97 7.71 37.79
CA PHE E 143 -58.45 8.65 38.80
C PHE E 143 -59.97 8.83 38.70
N ALA E 144 -60.49 8.94 37.49
CA ALA E 144 -61.93 9.09 37.31
C ALA E 144 -62.68 7.89 37.87
N LYS E 145 -62.23 6.68 37.52
CA LYS E 145 -62.87 5.47 37.99
C LYS E 145 -62.47 5.06 39.41
N GLN E 146 -61.78 5.93 40.15
CA GLN E 146 -61.37 5.66 41.54
C GLN E 146 -60.54 4.38 41.65
N GLU E 147 -59.86 4.00 40.58
CA GLU E 147 -59.09 2.76 40.53
C GLU E 147 -57.60 3.04 40.59
N ARG E 148 -56.86 1.99 40.94
CA ARG E 148 -55.43 2.12 41.07
C ARG E 148 -54.78 2.21 39.69
N VAL E 149 -53.82 3.10 39.56
CA VAL E 149 -53.01 3.19 38.34
C VAL E 149 -52.11 1.97 38.25
N PRO E 150 -52.09 1.27 37.13
CA PRO E 150 -51.25 0.08 37.01
C PRO E 150 -49.76 0.42 36.82
N LYS E 151 -48.93 -0.61 37.01
CA LYS E 151 -47.58 -0.55 36.43
C LYS E 151 -47.67 -0.45 34.92
N VAL E 152 -46.71 0.24 34.31
CA VAL E 152 -46.72 0.47 32.87
C VAL E 152 -46.09 -0.73 32.15
N ALA E 153 -46.90 -1.45 31.39
CA ALA E 153 -46.43 -2.57 30.57
C ALA E 153 -46.37 -2.10 29.12
N LEU E 154 -45.19 -1.71 28.66
CA LEU E 154 -45.07 -1.17 27.32
C LEU E 154 -45.16 -2.29 26.30
N SER E 155 -46.11 -2.15 25.37
CA SER E 155 -46.32 -3.16 24.32
C SER E 155 -45.03 -3.38 23.53
N SER E 156 -44.56 -4.63 23.51
CA SER E 156 -43.35 -5.02 22.79
C SER E 156 -42.13 -4.17 23.16
N GLN E 157 -42.06 -3.66 24.38
CA GLN E 157 -40.95 -2.81 24.81
C GLN E 157 -40.69 -3.03 26.31
N ARG E 158 -40.51 -4.29 26.71
CA ARG E 158 -40.22 -4.63 28.10
C ARG E 158 -39.64 -6.03 28.10
N THR E 159 -39.35 -6.55 29.29
CA THR E 159 -38.70 -7.85 29.41
C THR E 159 -39.65 -8.84 30.08
N VAL E 160 -39.73 -10.05 29.51
CA VAL E 160 -40.49 -11.15 30.11
C VAL E 160 -39.49 -12.22 30.53
N VAL E 161 -39.61 -12.64 31.78
CA VAL E 161 -38.77 -13.66 32.37
C VAL E 161 -39.68 -14.83 32.71
N ILE E 162 -39.22 -16.05 32.42
CA ILE E 162 -39.98 -17.26 32.76
C ILE E 162 -39.13 -18.13 33.65
N GLY E 163 -39.60 -18.39 34.87
CA GLY E 163 -38.92 -19.27 35.80
C GLY E 163 -39.51 -20.67 35.80
N ASP E 164 -38.69 -21.66 35.45
CA ASP E 164 -39.12 -23.04 35.33
C ASP E 164 -38.95 -23.75 36.68
N HIS E 165 -40.03 -24.31 37.21
CA HIS E 165 -40.01 -25.00 38.50
C HIS E 165 -40.66 -26.38 38.34
N TRP E 166 -40.00 -27.43 38.85
CA TRP E 166 -40.65 -28.72 39.02
C TRP E 166 -40.92 -28.92 40.51
N VAL E 167 -42.19 -29.14 40.85
CA VAL E 167 -42.62 -29.13 42.24
C VAL E 167 -42.74 -30.56 42.74
N MET E 168 -42.25 -30.80 43.96
CA MET E 168 -42.34 -32.12 44.57
C MET E 168 -43.79 -32.57 44.68
N ASP E 169 -44.01 -33.85 44.40
CA ASP E 169 -45.33 -34.48 44.52
C ASP E 169 -45.94 -34.16 45.88
N GLY E 170 -47.15 -33.58 45.86
CA GLY E 170 -47.84 -33.20 47.08
C GLY E 170 -47.52 -31.82 47.60
N HIS E 171 -46.56 -31.11 46.99
CA HIS E 171 -46.22 -29.77 47.46
C HIS E 171 -46.85 -28.68 46.60
N GLU E 172 -47.74 -29.06 45.68
CA GLU E 172 -48.24 -28.11 44.68
C GLU E 172 -48.90 -26.90 45.34
N LYS E 173 -49.79 -27.15 46.31
CA LYS E 173 -50.53 -26.07 46.95
C LYS E 173 -49.61 -25.16 47.74
N ALA E 174 -48.69 -25.74 48.51
CA ALA E 174 -47.71 -24.94 49.24
C ALA E 174 -46.88 -24.08 48.29
N PHE E 175 -46.49 -24.67 47.14
CA PHE E 175 -45.74 -23.90 46.15
C PHE E 175 -46.55 -22.72 45.65
N GLU E 176 -47.81 -22.96 45.29
CA GLU E 176 -48.63 -21.89 44.76
C GLU E 176 -48.75 -20.75 45.77
N GLN E 177 -48.90 -21.09 47.05
CA GLN E 177 -49.01 -20.09 48.10
C GLN E 177 -47.69 -19.34 48.29
N GLY E 178 -46.57 -20.06 48.33
CA GLY E 178 -45.28 -19.39 48.49
C GLY E 178 -44.88 -18.55 47.29
N ALA E 179 -45.11 -19.06 46.09
CA ALA E 179 -44.80 -18.26 44.91
C ALA E 179 -45.68 -17.01 44.88
N THR E 180 -46.95 -17.13 45.26
CA THR E 180 -47.84 -15.97 45.29
C THR E 180 -47.30 -14.92 46.26
N GLU E 181 -46.95 -15.33 47.47
CA GLU E 181 -46.45 -14.39 48.46
C GLU E 181 -45.13 -13.77 48.00
N THR E 182 -44.25 -14.55 47.37
CA THR E 182 -43.01 -14.00 46.84
C THR E 182 -43.29 -12.92 45.81
N LEU E 183 -44.16 -13.22 44.84
CA LEU E 183 -44.39 -12.31 43.73
C LEU E 183 -45.12 -11.05 44.18
N GLU E 184 -46.06 -11.18 45.13
CA GLU E 184 -46.75 -10.01 45.64
C GLU E 184 -45.79 -9.10 46.41
N TRP E 185 -44.86 -9.70 47.16
CA TRP E 185 -43.83 -8.91 47.83
C TRP E 185 -42.99 -8.15 46.82
N MET E 186 -42.59 -8.83 45.74
CA MET E 186 -41.75 -8.20 44.72
C MET E 186 -42.52 -7.09 44.02
N LYS E 187 -43.80 -7.31 43.72
CA LYS E 187 -44.55 -6.27 43.02
C LYS E 187 -44.72 -5.05 43.90
N ALA E 188 -44.82 -5.22 45.21
CA ALA E 188 -44.94 -4.07 46.09
C ALA E 188 -43.61 -3.36 46.33
N ASN E 189 -42.47 -4.06 46.25
CA ASN E 189 -41.25 -3.53 46.84
C ASN E 189 -40.06 -3.40 45.92
N VAL E 190 -40.09 -3.97 44.72
CA VAL E 190 -38.91 -4.05 43.85
C VAL E 190 -39.12 -3.14 42.63
N PRO E 191 -38.18 -2.26 42.32
CA PRO E 191 -38.37 -1.34 41.19
C PRO E 191 -38.50 -2.06 39.86
N GLY E 192 -39.37 -1.53 39.01
CA GLY E 192 -39.47 -2.03 37.66
C GLY E 192 -40.21 -3.32 37.50
N MET E 193 -40.83 -3.85 38.55
CA MET E 193 -41.61 -5.07 38.43
C MET E 193 -42.96 -4.71 37.85
N VAL E 194 -43.24 -5.20 36.65
CA VAL E 194 -44.41 -4.78 35.91
C VAL E 194 -45.60 -5.67 36.23
N GLY E 195 -45.38 -6.96 36.35
CA GLY E 195 -46.48 -7.86 36.65
C GLY E 195 -46.00 -9.30 36.66
N TRP E 196 -46.92 -10.20 37.00
CA TRP E 196 -46.55 -11.60 37.13
C TRP E 196 -47.76 -12.49 36.90
N MET E 197 -47.46 -13.78 36.70
CA MET E 197 -48.46 -14.81 36.45
C MET E 197 -47.87 -16.16 36.83
N ILE E 198 -48.62 -16.97 37.57
CA ILE E 198 -48.20 -18.34 37.92
C ILE E 198 -48.96 -19.33 37.05
N MET E 199 -48.24 -20.12 36.27
CA MET E 199 -48.87 -21.04 35.31
C MET E 199 -48.52 -22.48 35.68
N LYS E 200 -49.52 -23.34 35.66
CA LYS E 200 -49.39 -24.75 36.04
C LYS E 200 -49.67 -25.60 34.81
N GLN E 201 -48.70 -26.44 34.43
CA GLN E 201 -48.92 -27.36 33.31
C GLN E 201 -49.85 -28.49 33.73
N PHE E 202 -50.92 -28.71 32.93
CA PHE E 202 -51.85 -29.80 33.20
C PHE E 202 -52.07 -30.71 32.00
N GLY E 203 -51.36 -30.51 30.90
CA GLY E 203 -51.50 -31.37 29.73
C GLY E 203 -50.70 -30.81 28.58
N VAL E 204 -50.71 -31.57 27.48
CA VAL E 204 -49.97 -31.19 26.27
C VAL E 204 -50.86 -31.48 25.06
N SER E 205 -50.78 -30.61 24.06
CA SER E 205 -51.46 -30.82 22.79
C SER E 205 -50.58 -31.70 21.89
N ALA E 206 -51.12 -32.83 21.44
CA ALA E 206 -50.37 -33.68 20.53
C ALA E 206 -50.21 -33.03 19.18
N ILE E 207 -51.32 -32.53 18.63
CA ILE E 207 -51.29 -31.86 17.34
C ILE E 207 -50.38 -30.65 17.37
N GLY E 208 -50.52 -29.81 18.40
CA GLY E 208 -49.67 -28.64 18.49
C GLY E 208 -48.21 -28.97 18.70
N SER E 209 -47.92 -30.16 19.20
CA SER E 209 -46.55 -30.62 19.37
C SER E 209 -46.06 -31.43 18.18
N PHE E 210 -46.82 -31.46 17.07
CA PHE E 210 -46.41 -32.21 15.89
C PHE E 210 -46.18 -33.70 16.22
N GLN E 211 -46.91 -34.21 17.20
CA GLN E 211 -46.82 -35.62 17.59
C GLN E 211 -48.00 -36.35 16.93
N LEU E 212 -47.75 -36.85 15.73
CA LEU E 212 -48.77 -37.52 14.94
C LEU E 212 -48.70 -39.03 15.15
N ASP E 213 -49.68 -39.73 14.54
CA ASP E 213 -49.61 -41.18 14.41
C ASP E 213 -48.44 -41.58 13.51
N PRO E 214 -48.03 -42.85 13.52
CA PRO E 214 -46.84 -43.22 12.74
C PRO E 214 -46.95 -42.95 11.24
N GLU E 215 -48.09 -43.27 10.62
CA GLU E 215 -48.25 -43.02 9.20
C GLU E 215 -48.29 -41.53 8.90
N GLY E 216 -48.94 -40.76 9.75
CA GLY E 216 -48.92 -39.32 9.59
C GLY E 216 -47.52 -38.75 9.72
N ALA E 217 -46.73 -39.26 10.68
CA ALA E 217 -45.36 -38.79 10.83
C ALA E 217 -44.54 -39.04 9.58
N MET E 218 -44.73 -40.20 8.94
CA MET E 218 -44.03 -40.47 7.69
C MET E 218 -44.46 -39.48 6.61
N LYS E 219 -45.76 -39.28 6.44
CA LYS E 219 -46.23 -38.35 5.42
C LYS E 219 -45.79 -36.94 5.70
N ALA E 220 -45.65 -36.57 6.97
CA ALA E 220 -45.26 -35.20 7.31
C ALA E 220 -43.91 -34.82 6.69
N VAL E 221 -42.98 -35.78 6.56
CA VAL E 221 -41.69 -35.50 5.95
C VAL E 221 -41.63 -35.96 4.50
N SER E 222 -42.75 -36.42 3.94
CA SER E 222 -42.86 -36.76 2.53
C SER E 222 -43.42 -35.62 1.68
N THR E 223 -43.44 -34.40 2.22
CA THR E 223 -44.03 -33.26 1.55
C THR E 223 -43.25 -32.02 1.95
N LEU E 224 -43.35 -30.97 1.14
CA LEU E 224 -42.79 -29.68 1.52
C LEU E 224 -43.83 -28.75 2.12
N GLY E 225 -45.07 -29.23 2.25
CA GLY E 225 -46.12 -28.43 2.87
C GLY E 225 -47.46 -28.47 2.15
N ALA E 226 -47.44 -28.87 0.88
CA ALA E 226 -48.66 -28.82 0.07
C ALA E 226 -49.54 -30.05 0.24
N ASN E 227 -49.01 -31.15 0.80
CA ASN E 227 -49.74 -32.40 0.91
C ASN E 227 -49.71 -32.88 2.35
N PRO E 228 -50.58 -32.33 3.21
CA PRO E 228 -50.53 -32.68 4.62
C PRO E 228 -51.00 -34.10 4.85
N PRO E 229 -50.56 -34.71 5.96
CA PRO E 229 -51.13 -35.98 6.39
C PRO E 229 -52.54 -35.80 6.91
N GLU E 230 -53.22 -36.91 7.12
CA GLU E 230 -54.50 -36.88 7.78
C GLU E 230 -54.35 -36.39 9.22
N TYR E 231 -55.34 -35.64 9.69
CA TYR E 231 -55.40 -35.27 11.10
C TYR E 231 -55.52 -36.53 11.95
N ASN E 232 -54.48 -36.87 12.70
CA ASN E 232 -54.52 -38.09 13.52
C ASN E 232 -53.32 -38.09 14.45
N THR E 233 -53.48 -38.75 15.59
CA THR E 233 -52.45 -38.82 16.63
C THR E 233 -52.47 -40.23 17.24
N ASN E 234 -51.55 -40.48 18.17
CA ASN E 234 -51.63 -41.71 18.94
C ASN E 234 -52.81 -41.72 19.90
N TYR E 235 -53.54 -40.61 20.01
CA TYR E 235 -54.76 -40.52 20.80
C TYR E 235 -56.00 -40.41 19.91
N GLY E 236 -55.91 -40.81 18.64
CA GLY E 236 -57.03 -40.77 17.73
C GLY E 236 -57.18 -39.46 16.98
N ASN E 237 -58.29 -39.36 16.27
CA ASN E 237 -58.48 -38.26 15.32
C ASN E 237 -59.63 -37.33 15.70
N LYS E 238 -60.10 -37.39 16.93
CA LYS E 238 -61.16 -36.53 17.39
C LYS E 238 -60.57 -35.25 17.99
N VAL E 239 -61.42 -34.22 18.05
CA VAL E 239 -61.04 -32.97 18.68
C VAL E 239 -61.29 -33.14 20.18
N HIS E 240 -60.22 -33.01 20.97
CA HIS E 240 -60.32 -33.28 22.40
C HIS E 240 -60.84 -32.08 23.18
N ASP E 241 -61.68 -32.37 24.18
CA ASP E 241 -62.12 -31.39 25.17
C ASP E 241 -61.10 -31.24 26.30
N LYS E 242 -60.31 -32.29 26.55
CA LYS E 242 -59.22 -32.34 27.52
C LYS E 242 -57.91 -32.59 26.76
N PRO E 243 -56.78 -32.13 27.26
CA PRO E 243 -55.49 -32.38 26.57
C PRO E 243 -55.26 -33.88 26.35
N PRO E 244 -54.87 -34.30 25.15
CA PRO E 244 -54.62 -35.73 24.93
C PRO E 244 -53.43 -36.26 25.71
N ILE E 245 -52.37 -35.47 25.81
CA ILE E 245 -51.15 -35.90 26.50
C ILE E 245 -51.22 -35.44 27.96
N PRO E 246 -50.98 -36.33 28.92
CA PRO E 246 -51.02 -35.91 30.33
C PRO E 246 -49.96 -34.87 30.61
N GLY E 247 -50.24 -34.03 31.60
CA GLY E 247 -49.21 -33.16 32.12
C GLY E 247 -48.08 -33.98 32.70
N GLN E 248 -46.87 -33.44 32.63
CA GLN E 248 -45.72 -34.15 33.16
C GLN E 248 -45.77 -34.18 34.67
N THR E 249 -45.14 -35.19 35.24
CA THR E 249 -44.80 -35.18 36.65
C THR E 249 -43.29 -35.33 36.77
N PRO E 250 -42.65 -34.70 37.77
CA PRO E 250 -43.23 -33.78 38.77
C PRO E 250 -43.89 -32.57 38.11
N THR E 251 -44.95 -32.04 38.72
CA THR E 251 -45.71 -30.94 38.12
C THR E 251 -44.81 -29.75 37.77
N GLN E 252 -44.91 -29.28 36.53
CA GLN E 252 -44.18 -28.10 36.11
C GLN E 252 -45.00 -26.84 36.35
N TYR E 253 -44.40 -25.87 37.02
CA TYR E 253 -44.94 -24.52 37.11
C TYR E 253 -43.99 -23.55 36.40
N LEU E 254 -44.55 -22.67 35.56
CA LEU E 254 -43.82 -21.58 34.93
C LEU E 254 -44.22 -20.26 35.59
N VAL E 255 -43.25 -19.56 36.15
CA VAL E 255 -43.50 -18.27 36.79
C VAL E 255 -43.13 -17.18 35.78
N HIS E 256 -44.16 -16.47 35.29
CA HIS E 256 -44.04 -15.45 34.26
C HIS E 256 -43.97 -14.10 34.97
N ILE E 257 -42.86 -13.40 34.79
CA ILE E 257 -42.64 -12.11 35.44
C ILE E 257 -42.24 -11.10 34.38
N GLU E 258 -42.90 -9.95 34.39
CA GLU E 258 -42.58 -8.88 33.46
C GLU E 258 -41.84 -7.77 34.17
N TRP E 259 -40.84 -7.21 33.49
CA TRP E 259 -39.97 -6.20 34.07
C TRP E 259 -39.76 -5.08 33.04
N GLU E 260 -39.39 -3.91 33.54
CA GLU E 260 -39.15 -2.77 32.66
C GLU E 260 -38.05 -3.06 31.64
N SER E 261 -36.99 -3.77 32.06
CA SER E 261 -35.81 -3.94 31.22
C SER E 261 -35.07 -5.18 31.69
N PRO E 262 -34.12 -5.68 30.90
CA PRO E 262 -33.32 -6.83 31.39
C PRO E 262 -32.56 -6.50 32.68
N GLU E 263 -32.10 -5.26 32.83
CA GLU E 263 -31.37 -4.91 34.04
C GLU E 263 -32.29 -4.96 35.26
N HIS E 264 -33.51 -4.43 35.13
CA HIS E 264 -34.45 -4.49 36.26
C HIS E 264 -34.82 -5.93 36.59
N ALA E 265 -34.95 -6.79 35.58
CA ALA E 265 -35.23 -8.20 35.86
C ALA E 265 -34.06 -8.85 36.59
N HIS E 266 -32.83 -8.58 36.13
CA HIS E 266 -31.68 -9.22 36.75
C HIS E 266 -31.56 -8.79 38.21
N GLN E 267 -31.54 -7.48 38.45
CA GLN E 267 -31.46 -7.00 39.81
C GLN E 267 -32.70 -7.38 40.61
N GLY E 268 -33.87 -7.37 39.97
CA GLY E 268 -35.11 -7.66 40.68
C GLY E 268 -35.21 -9.11 41.14
N LEU E 269 -34.95 -10.06 40.24
CA LEU E 269 -34.95 -11.46 40.65
C LEU E 269 -33.90 -11.73 41.73
N GLY E 270 -32.79 -10.97 41.74
CA GLY E 270 -31.78 -11.16 42.77
C GLY E 270 -32.24 -10.86 44.18
N HIS E 271 -33.38 -10.17 44.34
CA HIS E 271 -33.85 -9.84 45.69
C HIS E 271 -34.20 -11.08 46.50
N VAL E 272 -34.57 -12.20 45.86
CA VAL E 272 -34.84 -13.40 46.66
C VAL E 272 -33.57 -13.88 47.35
N MET E 273 -32.42 -13.31 47.01
CA MET E 273 -31.17 -13.65 47.68
C MET E 273 -30.58 -12.53 48.54
N VAL E 274 -30.78 -11.26 48.18
CA VAL E 274 -30.10 -10.16 48.87
C VAL E 274 -31.02 -9.31 49.73
N ASP E 275 -32.30 -9.67 49.85
CA ASP E 275 -33.20 -9.08 50.85
C ASP E 275 -33.59 -10.16 51.83
N TYR E 276 -33.27 -9.96 53.11
CA TYR E 276 -33.44 -11.03 54.10
C TYR E 276 -34.90 -11.49 54.16
N GLU E 277 -35.83 -10.54 54.24
CA GLU E 277 -37.23 -10.91 54.42
C GLU E 277 -37.77 -11.69 53.22
N LEU E 278 -37.53 -11.18 52.00
CA LEU E 278 -37.98 -11.93 50.82
C LEU E 278 -37.27 -13.28 50.73
N ARG E 279 -36.01 -13.32 51.14
CA ARG E 279 -35.24 -14.56 51.15
C ARG E 279 -35.93 -15.63 52.01
N GLN E 280 -36.42 -15.27 53.19
CA GLN E 280 -37.14 -16.26 54.00
C GLN E 280 -38.42 -16.69 53.30
N ILE E 281 -39.16 -15.74 52.73
CA ILE E 281 -40.41 -16.07 52.03
C ILE E 281 -40.13 -17.03 50.87
N HIS E 282 -39.13 -16.71 50.05
CA HIS E 282 -38.87 -17.53 48.86
C HIS E 282 -38.25 -18.87 49.24
N ASN E 283 -37.34 -18.89 50.20
CA ASN E 283 -36.72 -20.15 50.62
C ASN E 283 -37.76 -21.14 51.12
N ASN E 284 -38.63 -20.68 52.02
CA ASN E 284 -39.59 -21.59 52.65
C ASN E 284 -40.81 -21.83 51.77
N GLY E 285 -41.22 -20.86 50.96
CA GLY E 285 -42.45 -21.01 50.20
C GLY E 285 -42.25 -21.57 48.81
N VAL E 286 -41.03 -21.47 48.29
CA VAL E 286 -40.77 -21.88 46.92
C VAL E 286 -39.66 -22.92 46.89
N LEU E 287 -38.44 -22.54 47.30
CA LEU E 287 -37.29 -23.44 47.14
C LEU E 287 -37.49 -24.74 47.91
N ALA E 288 -38.17 -24.69 49.06
CA ALA E 288 -38.35 -25.90 49.86
C ALA E 288 -39.22 -26.94 49.18
N HIS E 289 -39.91 -26.60 48.10
CA HIS E 289 -40.88 -27.50 47.48
C HIS E 289 -40.49 -28.00 46.10
N LEU E 290 -39.25 -27.80 45.67
CA LEU E 290 -38.86 -28.06 44.29
C LEU E 290 -38.08 -29.36 44.14
N ASP E 291 -38.42 -30.12 43.09
CA ASP E 291 -37.53 -31.13 42.55
C ASP E 291 -36.49 -30.55 41.59
N LYS E 292 -36.86 -29.52 40.85
CA LYS E 292 -35.96 -28.97 39.86
C LYS E 292 -36.17 -27.47 39.79
N GLY E 293 -35.08 -26.73 39.59
CA GLY E 293 -35.15 -25.30 39.42
C GLY E 293 -34.81 -24.54 40.68
N PRO E 294 -35.08 -23.23 40.69
CA PRO E 294 -35.69 -22.48 39.59
C PRO E 294 -34.70 -22.16 38.46
N TYR E 295 -35.18 -22.08 37.21
CA TYR E 295 -34.34 -21.70 36.08
C TYR E 295 -35.07 -20.61 35.30
N TYR E 296 -34.44 -19.46 35.16
CA TYR E 296 -35.07 -18.26 34.61
C TYR E 296 -34.50 -17.94 33.24
N MET E 297 -35.35 -17.99 32.22
CA MET E 297 -35.02 -17.56 30.87
C MET E 297 -35.54 -16.15 30.64
N PHE E 298 -34.73 -15.33 29.97
CA PHE E 298 -35.10 -13.96 29.62
C PHE E 298 -35.62 -13.92 28.18
N PHE E 299 -36.75 -13.22 27.97
CA PHE E 299 -37.36 -13.12 26.66
C PHE E 299 -37.68 -11.67 26.32
N SER E 300 -37.74 -11.41 25.02
CA SER E 300 -38.29 -10.16 24.57
C SER E 300 -39.62 -10.43 23.87
N PRO E 301 -40.71 -9.73 24.20
CA PRO E 301 -41.97 -9.92 23.47
C PRO E 301 -41.92 -9.25 22.12
N MET E 302 -41.89 -10.06 21.05
CA MET E 302 -41.80 -9.53 19.69
C MET E 302 -43.13 -8.95 19.22
N MET E 303 -44.19 -9.75 19.24
CA MET E 303 -45.53 -9.34 18.87
C MET E 303 -46.45 -9.71 20.02
N GLU E 304 -47.46 -8.89 20.27
CA GLU E 304 -48.43 -9.18 21.31
C GLU E 304 -49.81 -8.79 20.82
N GLN E 305 -50.78 -9.65 21.10
CA GLN E 305 -52.18 -9.30 21.04
C GLN E 305 -52.68 -9.51 22.46
N GLY E 306 -52.76 -8.43 23.24
CA GLY E 306 -52.88 -8.52 24.68
C GLY E 306 -54.29 -8.35 25.24
N LEU E 307 -55.34 -8.49 24.41
CA LEU E 307 -56.67 -8.29 24.98
C LEU E 307 -57.03 -9.32 26.03
N TRP E 308 -56.43 -10.51 25.99
CA TRP E 308 -56.71 -11.51 27.01
C TRP E 308 -56.39 -11.00 28.41
N ARG E 309 -55.38 -10.13 28.54
CA ARG E 309 -55.04 -9.62 29.86
C ARG E 309 -56.19 -8.80 30.45
N LYS E 310 -57.00 -8.16 29.60
CA LYS E 310 -58.02 -7.24 30.08
C LYS E 310 -59.07 -7.93 30.93
N HIS E 311 -59.29 -9.23 30.71
CA HIS E 311 -60.25 -9.99 31.52
C HIS E 311 -59.54 -11.16 32.19
N LEU E 312 -58.78 -10.83 33.23
CA LEU E 312 -58.22 -11.81 34.15
C LEU E 312 -58.84 -11.55 35.53
N LYS E 313 -58.08 -11.78 36.60
CA LYS E 313 -58.55 -11.61 37.98
C LYS E 313 -59.81 -12.41 38.22
N GLU F 4 -63.13 -7.95 -35.71
CA GLU F 4 -63.17 -8.29 -34.30
C GLU F 4 -62.62 -7.17 -33.41
N ASN F 5 -63.39 -6.78 -32.38
CA ASN F 5 -62.97 -5.80 -31.39
CA ASN F 5 -62.91 -5.81 -31.39
C ASN F 5 -62.84 -6.50 -30.04
N PRO F 6 -61.69 -7.08 -29.72
CA PRO F 6 -61.55 -7.79 -28.45
C PRO F 6 -61.55 -6.84 -27.25
N ILE F 7 -61.64 -7.46 -26.09
CA ILE F 7 -61.58 -6.79 -24.79
C ILE F 7 -60.17 -6.98 -24.25
N ILE F 8 -59.65 -5.94 -23.58
CA ILE F 8 -58.31 -5.99 -23.01
C ILE F 8 -58.45 -5.79 -21.52
N ALA F 9 -58.03 -6.78 -20.74
CA ALA F 9 -57.87 -6.63 -19.31
C ALA F 9 -56.44 -6.19 -19.07
N ILE F 10 -56.28 -5.10 -18.32
CA ILE F 10 -54.95 -4.59 -18.01
C ILE F 10 -54.72 -4.78 -16.52
N ASN F 11 -53.89 -5.75 -16.20
CA ASN F 11 -53.51 -5.99 -14.82
C ASN F 11 -52.42 -5.01 -14.45
N MET F 12 -52.73 -4.09 -13.54
CA MET F 12 -51.82 -3.02 -13.16
C MET F 12 -51.27 -3.27 -11.77
N ALA F 13 -49.94 -3.30 -11.67
CA ALA F 13 -49.27 -3.45 -10.39
C ALA F 13 -48.04 -2.56 -10.36
N LYS F 14 -47.55 -2.29 -9.16
CA LYS F 14 -46.27 -1.63 -8.98
C LYS F 14 -45.38 -2.56 -8.17
N ILE F 15 -44.18 -2.86 -8.70
CA ILE F 15 -43.33 -3.87 -8.12
C ILE F 15 -41.97 -3.29 -7.74
N ALA F 16 -41.31 -4.00 -6.81
CA ALA F 16 -40.00 -3.60 -6.35
C ALA F 16 -39.01 -3.68 -7.51
N ASN F 17 -38.15 -2.66 -7.62
CA ASN F 17 -37.14 -2.62 -8.68
C ASN F 17 -35.84 -3.18 -8.12
N LYS F 18 -35.72 -4.50 -8.17
CA LYS F 18 -34.54 -5.18 -7.65
C LYS F 18 -34.38 -6.51 -8.39
N PRO F 19 -33.18 -7.11 -8.38
CA PRO F 19 -32.96 -8.33 -9.18
C PRO F 19 -33.96 -9.46 -8.93
N ASP F 20 -34.35 -9.66 -7.67
CA ASP F 20 -35.30 -10.72 -7.36
C ASP F 20 -36.61 -10.55 -8.11
N SER F 21 -37.04 -9.32 -8.34
CA SER F 21 -38.30 -9.11 -9.06
C SER F 21 -38.18 -9.57 -10.51
N TYR F 22 -37.03 -9.29 -11.16
CA TYR F 22 -36.80 -9.81 -12.50
C TYR F 22 -36.73 -11.32 -12.49
N GLU F 23 -36.22 -11.91 -11.40
CA GLU F 23 -36.16 -13.35 -11.28
C GLU F 23 -37.54 -13.99 -11.28
N THR F 24 -38.45 -13.52 -10.39
CA THR F 24 -39.78 -14.12 -10.33
C THR F 24 -40.60 -13.80 -11.57
N MET F 25 -40.29 -12.72 -12.29
CA MET F 25 -40.99 -12.41 -13.53
C MET F 25 -40.64 -13.41 -14.63
N MET F 26 -39.39 -13.90 -14.65
CA MET F 26 -39.01 -14.91 -15.63
C MET F 26 -39.38 -16.33 -15.20
N LYS F 27 -39.58 -16.55 -13.91
CA LYS F 27 -39.92 -17.85 -13.37
C LYS F 27 -41.42 -18.07 -13.24
N VAL F 28 -42.18 -17.05 -12.83
CA VAL F 28 -43.61 -17.18 -12.58
C VAL F 28 -44.42 -16.62 -13.75
N GLY F 29 -43.91 -15.56 -14.36
CA GLY F 29 -44.57 -14.91 -15.48
C GLY F 29 -45.02 -15.86 -16.58
N PRO F 30 -44.10 -16.65 -17.13
CA PRO F 30 -44.51 -17.62 -18.18
C PRO F 30 -45.60 -18.57 -17.71
N LYS F 31 -45.56 -18.99 -16.44
CA LYS F 31 -46.52 -19.96 -15.93
C LYS F 31 -47.94 -19.39 -15.86
N VAL F 32 -48.07 -18.11 -15.55
CA VAL F 32 -49.38 -17.45 -15.52
C VAL F 32 -50.01 -17.41 -16.91
N CSS F 33 -49.19 -17.07 -17.90
CA CSS F 33 -49.64 -17.01 -19.27
CB CSS F 33 -48.56 -16.45 -20.14
SG CSS F 33 -48.27 -14.76 -19.75
SD CSS F 33 -50.06 -13.81 -19.68
C CSS F 33 -50.04 -18.36 -19.77
O CSS F 33 -51.00 -18.47 -20.58
N ILE F 34 -49.36 -19.41 -19.32
CA ILE F 34 -49.70 -20.76 -19.75
C ILE F 34 -51.08 -21.11 -19.19
N THR F 35 -51.32 -20.71 -17.94
CA THR F 35 -52.63 -20.88 -17.33
C THR F 35 -53.71 -20.14 -18.11
N THR F 36 -53.43 -18.89 -18.45
CA THR F 36 -54.38 -18.06 -19.19
C THR F 36 -54.71 -18.66 -20.55
N ALA F 37 -53.70 -19.18 -21.26
CA ALA F 37 -53.87 -19.67 -22.62
C ALA F 37 -54.60 -21.01 -22.71
N SER F 38 -55.07 -21.57 -21.59
CA SER F 38 -55.95 -22.73 -21.66
C SER F 38 -57.35 -22.37 -22.13
N HIS F 39 -57.71 -21.09 -22.16
CA HIS F 39 -59.08 -20.74 -22.46
C HIS F 39 -59.23 -20.33 -23.91
N PRO F 40 -60.26 -20.84 -24.60
CA PRO F 40 -60.41 -20.59 -26.05
C PRO F 40 -60.72 -19.16 -26.41
N GLY F 41 -61.20 -18.34 -25.48
CA GLY F 41 -61.38 -16.93 -25.75
C GLY F 41 -60.14 -16.08 -25.58
N PHE F 42 -59.01 -16.67 -25.22
CA PHE F 42 -57.81 -15.91 -24.97
C PHE F 42 -57.12 -15.62 -26.31
N LEU F 43 -56.84 -14.34 -26.56
CA LEU F 43 -56.32 -13.92 -27.86
C LEU F 43 -54.87 -13.46 -27.83
N GLY F 44 -54.31 -13.16 -26.67
CA GLY F 44 -52.92 -12.76 -26.60
C GLY F 44 -52.66 -11.92 -25.37
N PHE F 45 -51.40 -11.49 -25.25
CA PHE F 45 -51.00 -10.73 -24.09
C PHE F 45 -49.85 -9.79 -24.42
N GLU F 46 -49.67 -8.80 -23.55
CA GLU F 46 -48.56 -7.85 -23.60
C GLU F 46 -48.05 -7.67 -22.17
N GLN F 47 -46.78 -7.98 -21.94
CA GLN F 47 -46.13 -7.74 -20.64
C GLN F 47 -45.29 -6.45 -20.74
N LEU F 48 -45.74 -5.40 -20.06
CA LEU F 48 -45.11 -4.09 -20.13
C LEU F 48 -44.47 -3.73 -18.81
N LEU F 49 -43.19 -3.38 -18.86
CA LEU F 49 -42.44 -2.97 -17.68
C LEU F 49 -42.12 -1.49 -17.81
N GLN F 50 -42.44 -0.72 -16.77
CA GLN F 50 -42.24 0.72 -16.84
C GLN F 50 -40.75 1.05 -16.85
N THR F 51 -40.36 1.95 -17.74
CA THR F 51 -38.99 2.44 -17.82
C THR F 51 -38.86 3.91 -17.48
N GLY F 52 -39.97 4.66 -17.44
CA GLY F 52 -39.90 6.08 -17.14
C GLY F 52 -41.24 6.73 -17.40
N ILE F 53 -41.18 8.06 -17.57
CA ILE F 53 -42.35 8.89 -17.87
C ILE F 53 -41.93 9.96 -18.88
N HIS F 54 -42.92 10.66 -19.42
CA HIS F 54 -42.63 11.86 -20.20
C HIS F 54 -42.67 13.06 -19.27
N PRO F 55 -41.55 13.76 -19.05
CA PRO F 55 -41.59 14.93 -18.14
C PRO F 55 -42.40 16.11 -18.67
N MET F 56 -42.75 16.11 -19.95
CA MET F 56 -43.62 17.13 -20.56
C MET F 56 -43.12 18.54 -20.26
N ALA F 57 -41.86 18.79 -20.65
CA ALA F 57 -41.27 20.13 -20.56
C ALA F 57 -41.28 20.68 -19.14
N GLY F 58 -41.08 19.81 -18.16
CA GLY F 58 -40.93 20.22 -16.77
C GLY F 58 -42.17 20.10 -15.92
N ARG F 59 -43.33 19.81 -16.52
CA ARG F 59 -44.55 19.58 -15.75
C ARG F 59 -44.36 18.42 -14.78
N TYR F 60 -43.57 17.41 -15.14
CA TYR F 60 -43.16 16.36 -14.21
C TYR F 60 -41.63 16.32 -14.18
N GLY F 61 -41.03 17.42 -13.72
CA GLY F 61 -39.58 17.60 -13.78
C GLY F 61 -38.80 16.67 -12.87
N GLY F 62 -39.46 16.02 -11.91
CA GLY F 62 -38.76 15.04 -11.10
C GLY F 62 -38.54 13.72 -11.80
N GLY F 63 -39.25 13.47 -12.90
CA GLY F 63 -39.10 12.24 -13.66
C GLY F 63 -38.22 12.43 -14.87
N ALA F 64 -38.12 11.37 -15.65
CA ALA F 64 -37.25 11.36 -16.82
C ALA F 64 -37.74 10.24 -17.74
N VAL F 65 -37.36 10.36 -19.02
CA VAL F 65 -37.67 9.32 -19.98
C VAL F 65 -37.13 7.97 -19.49
N ASP F 66 -35.89 7.95 -19.02
CA ASP F 66 -35.22 6.73 -18.56
C ASP F 66 -35.02 6.82 -17.05
N MET F 67 -35.89 6.12 -16.32
CA MET F 67 -35.79 5.99 -14.87
C MET F 67 -35.50 4.55 -14.45
N ARG F 68 -34.94 3.74 -15.35
CA ARG F 68 -34.83 2.31 -15.10
C ARG F 68 -34.03 2.00 -13.85
N GLU F 69 -33.08 2.85 -13.50
CA GLU F 69 -32.26 2.61 -12.33
C GLU F 69 -32.84 3.16 -11.03
N THR F 70 -33.78 4.09 -11.09
CA THR F 70 -34.21 4.80 -9.90
C THR F 70 -35.66 4.58 -9.53
N LEU F 71 -36.50 4.15 -10.47
CA LEU F 71 -37.93 3.98 -10.22
C LEU F 71 -38.13 2.81 -9.26
N ASN F 72 -38.76 3.08 -8.11
CA ASN F 72 -39.11 2.00 -7.18
C ASN F 72 -40.26 2.43 -6.27
N PRO F 73 -41.46 1.84 -6.41
CA PRO F 73 -41.78 0.72 -7.31
C PRO F 73 -41.88 1.16 -8.75
N MET F 74 -41.83 0.18 -9.67
CA MET F 74 -41.99 0.45 -11.08
C MET F 74 -43.28 -0.18 -11.57
N GLY F 75 -43.94 0.50 -12.51
CA GLY F 75 -45.18 -0.03 -13.05
C GLY F 75 -44.95 -1.30 -13.84
N MET F 76 -45.89 -2.21 -13.71
CA MET F 76 -45.90 -3.44 -14.50
C MET F 76 -47.33 -3.66 -14.95
N PHE F 77 -47.57 -3.52 -16.24
CA PHE F 77 -48.89 -3.65 -16.82
C PHE F 77 -48.93 -4.93 -17.63
N GLN F 78 -49.91 -5.77 -17.36
CA GLN F 78 -50.14 -6.99 -18.10
C GLN F 78 -51.46 -6.89 -18.87
N TYR F 79 -51.38 -6.76 -20.20
CA TYR F 79 -52.54 -6.89 -21.08
C TYR F 79 -52.82 -8.36 -21.35
N THR F 80 -54.06 -8.78 -21.14
CA THR F 80 -54.55 -10.02 -21.70
C THR F 80 -55.75 -9.66 -22.55
N VAL F 81 -55.81 -10.23 -23.75
CA VAL F 81 -56.80 -9.84 -24.75
C VAL F 81 -57.79 -10.99 -24.94
N TRP F 82 -59.08 -10.65 -24.97
CA TRP F 82 -60.13 -11.65 -24.84
C TRP F 82 -61.23 -11.40 -25.85
N LYS F 83 -61.93 -12.48 -26.24
CA LYS F 83 -63.12 -12.34 -27.06
C LYS F 83 -64.21 -11.57 -26.35
N ASP F 84 -64.31 -11.72 -25.03
CA ASP F 84 -65.36 -11.06 -24.26
C ASP F 84 -64.98 -11.11 -22.79
N VAL F 85 -65.74 -10.36 -21.98
CA VAL F 85 -65.48 -10.32 -20.54
C VAL F 85 -65.62 -11.71 -19.94
N HIS F 86 -66.66 -12.46 -20.39
CA HIS F 86 -66.94 -13.76 -19.79
C HIS F 86 -65.76 -14.71 -19.93
N SER F 87 -65.07 -14.69 -21.07
CA SER F 87 -63.94 -15.60 -21.25
C SER F 87 -62.87 -15.36 -20.19
N HIS F 88 -62.56 -14.10 -19.90
CA HIS F 88 -61.56 -13.80 -18.88
C HIS F 88 -62.05 -14.20 -17.49
N GLU F 89 -63.30 -13.89 -17.16
CA GLU F 89 -63.82 -14.28 -15.85
C GLU F 89 -63.87 -15.79 -15.70
N GLU F 90 -64.25 -16.50 -16.77
CA GLU F 90 -64.34 -17.96 -16.69
C GLU F 90 -62.95 -18.58 -16.54
N MET F 91 -61.96 -18.05 -17.27
CA MET F 91 -60.59 -18.53 -17.12
C MET F 91 -60.11 -18.38 -15.68
N HIS F 92 -60.33 -17.21 -15.08
CA HIS F 92 -59.92 -16.99 -13.69
C HIS F 92 -60.63 -17.94 -12.74
N HIS F 93 -61.91 -18.21 -12.99
CA HIS F 93 -62.64 -19.15 -12.12
C HIS F 93 -62.08 -20.56 -12.28
N ASP F 94 -61.96 -21.04 -13.52
CA ASP F 94 -61.55 -22.41 -13.79
C ASP F 94 -60.13 -22.69 -13.32
N ASN F 95 -59.29 -21.67 -13.24
CA ASN F 95 -57.90 -21.85 -12.88
C ASN F 95 -57.58 -21.10 -11.60
N PHE F 96 -58.59 -20.91 -10.76
CA PHE F 96 -58.44 -20.06 -9.58
C PHE F 96 -57.34 -20.59 -8.66
N LYS F 97 -57.36 -21.90 -8.40
CA LYS F 97 -56.36 -22.53 -7.52
C LYS F 97 -54.95 -22.32 -8.04
N GLU F 98 -54.75 -22.51 -9.34
CA GLU F 98 -53.40 -22.45 -9.88
C GLU F 98 -52.91 -21.01 -10.00
N ILE F 99 -53.76 -20.09 -10.44
CA ILE F 99 -53.36 -18.68 -10.50
C ILE F 99 -53.06 -18.17 -9.10
N PHE F 100 -53.86 -18.58 -8.11
CA PHE F 100 -53.57 -18.17 -6.74
C PHE F 100 -52.21 -18.67 -6.30
N GLU F 101 -51.89 -19.94 -6.61
CA GLU F 101 -50.58 -20.48 -6.23
C GLU F 101 -49.45 -19.68 -6.85
N LEU F 102 -49.59 -19.33 -8.13
CA LEU F 102 -48.59 -18.61 -8.89
C LEU F 102 -48.44 -17.18 -8.41
N CSS F 103 -49.55 -16.49 -8.21
CA CSS F 103 -49.49 -15.11 -7.84
CB CSS F 103 -50.80 -14.44 -8.12
SG CSS F 103 -50.87 -14.20 -9.87
SD CSS F 103 -49.15 -13.33 -10.48
C CSS F 103 -49.08 -14.96 -6.40
O CSS F 103 -48.56 -13.88 -6.04
N SER F 104 -49.29 -15.99 -5.59
CA SER F 104 -48.81 -15.99 -4.21
C SER F 104 -47.30 -15.82 -4.19
N GLY F 105 -46.61 -16.41 -5.15
CA GLY F 105 -45.18 -16.14 -5.30
C GLY F 105 -44.90 -14.71 -5.71
N CYS F 106 -45.70 -14.16 -6.61
CA CYS F 106 -45.44 -12.81 -7.12
C CYS F 106 -45.72 -11.74 -6.08
N LEU F 107 -46.60 -11.99 -5.10
CA LEU F 107 -46.95 -10.94 -4.14
C LEU F 107 -45.76 -10.50 -3.29
N GLY F 108 -44.71 -11.31 -3.20
CA GLY F 108 -43.51 -10.90 -2.51
C GLY F 108 -42.76 -9.75 -3.15
N MET F 109 -43.12 -9.37 -4.38
CA MET F 109 -42.51 -8.21 -5.03
C MET F 109 -43.49 -7.08 -5.28
N VAL F 110 -44.75 -7.24 -4.87
CA VAL F 110 -45.78 -6.26 -5.14
C VAL F 110 -45.79 -5.19 -4.06
N ILE F 111 -45.79 -3.93 -4.49
CA ILE F 111 -45.88 -2.82 -3.56
C ILE F 111 -47.27 -2.21 -3.64
N GLU F 112 -47.90 -2.30 -4.80
CA GLU F 112 -49.25 -1.80 -5.00
C GLU F 112 -49.91 -2.64 -6.10
N GLY F 113 -51.22 -2.84 -5.97
CA GLY F 113 -51.96 -3.67 -6.89
C GLY F 113 -52.10 -5.11 -6.42
N PRO F 114 -52.61 -5.99 -7.29
CA PRO F 114 -53.06 -5.68 -8.65
C PRO F 114 -54.44 -5.03 -8.69
N TRP F 115 -54.63 -4.24 -9.73
CA TRP F 115 -55.91 -3.65 -10.07
C TRP F 115 -56.10 -3.92 -11.57
N GLU F 116 -57.19 -4.59 -11.94
CA GLU F 116 -57.35 -5.09 -13.30
C GLU F 116 -58.63 -4.56 -13.96
N PRO F 117 -58.59 -3.38 -14.56
CA PRO F 117 -59.75 -2.91 -15.30
C PRO F 117 -59.90 -3.57 -16.66
N TYR F 118 -61.13 -3.54 -17.15
CA TYR F 118 -61.48 -3.95 -18.50
C TYR F 118 -61.55 -2.73 -19.41
N PHE F 119 -61.03 -2.87 -20.62
CA PHE F 119 -60.99 -1.76 -21.56
C PHE F 119 -61.58 -2.18 -22.89
N GLU F 120 -62.35 -1.27 -23.47
CA GLU F 120 -62.82 -1.40 -24.83
C GLU F 120 -61.83 -0.70 -25.75
N VAL F 121 -61.53 -1.33 -26.88
CA VAL F 121 -60.67 -0.71 -27.90
C VAL F 121 -61.57 0.16 -28.77
N VAL F 122 -61.60 1.46 -28.47
CA VAL F 122 -62.45 2.39 -29.20
C VAL F 122 -62.00 2.52 -30.65
N LYS F 123 -60.70 2.69 -30.84
CA LYS F 123 -60.15 2.80 -32.19
C LYS F 123 -58.68 2.43 -32.11
N SER F 124 -58.13 1.98 -33.23
CA SER F 124 -56.76 1.55 -33.25
C SER F 124 -56.18 1.66 -34.65
N ASP F 125 -54.87 1.83 -34.69
CA ASP F 125 -54.05 1.67 -35.88
C ASP F 125 -52.75 1.05 -35.39
N LEU F 126 -52.79 -0.26 -35.13
CA LEU F 126 -51.69 -1.02 -34.54
C LEU F 126 -51.20 -2.04 -35.54
N PRO F 127 -49.96 -1.99 -35.97
CA PRO F 127 -49.46 -3.01 -36.89
C PRO F 127 -49.15 -4.30 -36.15
N GLN F 128 -49.06 -5.38 -36.93
CA GLN F 128 -48.57 -6.65 -36.41
C GLN F 128 -47.13 -6.50 -35.97
N ILE F 129 -46.75 -7.22 -34.92
CA ILE F 129 -45.35 -7.23 -34.51
C ILE F 129 -44.60 -8.20 -35.40
N MET F 130 -43.32 -7.94 -35.59
CA MET F 130 -42.46 -8.72 -36.47
C MET F 130 -41.02 -8.50 -36.01
N SER F 131 -40.09 -9.14 -36.70
CA SER F 131 -38.69 -8.94 -36.42
C SER F 131 -37.97 -8.44 -37.67
N MET F 132 -36.71 -8.03 -37.48
CA MET F 132 -35.92 -7.48 -38.58
C MET F 132 -35.92 -8.43 -39.77
N THR F 133 -35.67 -9.72 -39.50
CA THR F 133 -35.57 -10.69 -40.58
C THR F 133 -36.93 -10.98 -41.21
N ASP F 134 -38.02 -10.48 -40.65
CA ASP F 134 -39.32 -10.58 -41.30
C ASP F 134 -39.62 -9.46 -42.30
N VAL F 135 -38.89 -8.35 -42.23
CA VAL F 135 -39.26 -7.13 -42.96
C VAL F 135 -39.20 -7.30 -44.48
N PRO F 136 -38.14 -7.90 -45.06
CA PRO F 136 -38.14 -8.08 -46.51
C PRO F 136 -39.35 -8.86 -47.02
N GLN F 137 -39.74 -9.93 -46.33
CA GLN F 137 -40.91 -10.69 -46.78
C GLN F 137 -42.19 -9.88 -46.58
N VAL F 138 -42.28 -9.17 -45.47
CA VAL F 138 -43.43 -8.29 -45.25
C VAL F 138 -43.49 -7.24 -46.35
N LEU F 139 -42.33 -6.71 -46.75
CA LEU F 139 -42.29 -5.77 -47.84
C LEU F 139 -42.77 -6.41 -49.13
N GLY F 140 -42.21 -7.58 -49.46
CA GLY F 140 -42.59 -8.26 -50.70
C GLY F 140 -44.06 -8.64 -50.73
N ASP F 141 -44.57 -9.15 -49.62
CA ASP F 141 -45.97 -9.57 -49.59
C ASP F 141 -46.91 -8.38 -49.77
N SER F 142 -46.55 -7.22 -49.23
CA SER F 142 -47.39 -6.04 -49.38
C SER F 142 -47.54 -5.64 -50.84
N PHE F 143 -46.43 -5.65 -51.59
CA PHE F 143 -46.50 -5.32 -53.01
C PHE F 143 -47.34 -6.32 -53.78
N ALA F 144 -47.21 -7.61 -53.48
CA ALA F 144 -47.98 -8.62 -54.20
C ALA F 144 -49.48 -8.36 -54.09
N LYS F 145 -49.97 -8.14 -52.87
CA LYS F 145 -51.39 -7.84 -52.66
C LYS F 145 -51.70 -6.35 -52.86
N GLN F 146 -50.73 -5.56 -53.31
CA GLN F 146 -50.91 -4.12 -53.53
C GLN F 146 -51.42 -3.39 -52.29
N GLU F 147 -50.98 -3.83 -51.12
CA GLU F 147 -51.40 -3.27 -49.85
C GLU F 147 -50.30 -2.36 -49.30
N ARG F 148 -50.69 -1.50 -48.35
CA ARG F 148 -49.72 -0.57 -47.77
C ARG F 148 -48.76 -1.28 -46.83
N VAL F 149 -47.48 -0.93 -46.92
CA VAL F 149 -46.48 -1.45 -45.99
C VAL F 149 -46.70 -0.83 -44.62
N PRO F 150 -46.76 -1.61 -43.55
CA PRO F 150 -47.00 -1.04 -42.22
C PRO F 150 -45.75 -0.40 -41.65
N LYS F 151 -45.95 0.37 -40.59
CA LYS F 151 -44.85 0.71 -39.70
C LYS F 151 -44.27 -0.57 -39.10
N VAL F 152 -42.96 -0.60 -38.91
CA VAL F 152 -42.29 -1.81 -38.42
C VAL F 152 -42.37 -1.82 -36.91
N ALA F 153 -43.13 -2.75 -36.37
CA ALA F 153 -43.27 -2.93 -34.93
C ALA F 153 -42.41 -4.12 -34.53
N LEU F 154 -41.20 -3.85 -34.03
CA LEU F 154 -40.26 -4.91 -33.71
C LEU F 154 -40.64 -5.62 -32.41
N SER F 155 -40.80 -6.94 -32.50
CA SER F 155 -41.15 -7.77 -31.35
C SER F 155 -40.17 -7.58 -30.20
N SER F 156 -40.72 -7.21 -29.04
CA SER F 156 -39.95 -7.00 -27.80
C SER F 156 -38.76 -6.07 -27.99
N GLN F 157 -38.84 -5.14 -28.93
CA GLN F 157 -37.73 -4.23 -29.24
C GLN F 157 -38.26 -2.88 -29.70
N ARG F 158 -39.12 -2.27 -28.89
CA ARG F 158 -39.66 -0.93 -29.18
C ARG F 158 -40.19 -0.36 -27.88
N THR F 159 -40.77 0.84 -27.96
CA THR F 159 -41.26 1.53 -26.78
C THR F 159 -42.77 1.61 -26.84
N VAL F 160 -43.42 1.31 -25.71
CA VAL F 160 -44.87 1.50 -25.56
C VAL F 160 -45.11 2.61 -24.55
N VAL F 161 -45.92 3.58 -24.93
CA VAL F 161 -46.28 4.72 -24.10
C VAL F 161 -47.79 4.65 -23.84
N ILE F 162 -48.20 4.92 -22.60
CA ILE F 162 -49.61 4.90 -22.21
C ILE F 162 -49.94 6.25 -21.57
N GLY F 163 -50.86 6.98 -22.20
CA GLY F 163 -51.30 8.26 -21.69
C GLY F 163 -52.60 8.14 -20.92
N ASP F 164 -52.55 8.49 -19.64
CA ASP F 164 -53.70 8.40 -18.76
C ASP F 164 -54.51 9.67 -18.86
N HIS F 165 -55.79 9.55 -19.24
CA HIS F 165 -56.71 10.68 -19.37
C HIS F 165 -57.98 10.38 -18.58
N TRP F 166 -58.41 11.31 -17.72
CA TRP F 166 -59.75 11.26 -17.14
C TRP F 166 -60.61 12.31 -17.85
N VAL F 167 -61.70 11.89 -18.44
CA VAL F 167 -62.48 12.74 -19.32
C VAL F 167 -63.71 13.27 -18.59
N MET F 168 -64.00 14.56 -18.80
CA MET F 168 -65.16 15.19 -18.20
C MET F 168 -66.45 14.47 -18.61
N ASP F 169 -67.33 14.29 -17.63
CA ASP F 169 -68.64 13.71 -17.87
C ASP F 169 -69.34 14.41 -19.04
N GLY F 170 -69.80 13.62 -20.00
CA GLY F 170 -70.46 14.16 -21.18
C GLY F 170 -69.53 14.53 -22.32
N HIS F 171 -68.22 14.48 -22.10
CA HIS F 171 -67.25 14.83 -23.14
C HIS F 171 -66.62 13.59 -23.77
N GLU F 172 -67.12 12.41 -23.45
CA GLU F 172 -66.47 11.18 -23.87
C GLU F 172 -66.35 11.11 -25.39
N LYS F 173 -67.44 11.38 -26.09
CA LYS F 173 -67.42 11.27 -27.54
C LYS F 173 -66.50 12.30 -28.16
N ALA F 174 -66.58 13.55 -27.68
CA ALA F 174 -65.68 14.58 -28.19
C ALA F 174 -64.22 14.20 -27.93
N PHE F 175 -63.94 13.65 -26.75
CA PHE F 175 -62.57 13.21 -26.48
C PHE F 175 -62.14 12.17 -27.50
N GLU F 176 -63.00 11.19 -27.77
CA GLU F 176 -62.62 10.11 -28.68
C GLU F 176 -62.27 10.63 -30.07
N GLN F 177 -63.07 11.57 -30.59
CA GLN F 177 -62.79 12.11 -31.92
C GLN F 177 -61.51 12.93 -31.92
N GLY F 178 -61.31 13.75 -30.89
CA GLY F 178 -60.10 14.57 -30.84
C GLY F 178 -58.84 13.74 -30.69
N ALA F 179 -58.86 12.74 -29.82
CA ALA F 179 -57.68 11.89 -29.67
C ALA F 179 -57.38 11.14 -30.97
N THR F 180 -58.42 10.62 -31.62
CA THR F 180 -58.25 9.96 -32.91
C THR F 180 -57.58 10.88 -33.91
N GLU F 181 -58.07 12.11 -34.02
CA GLU F 181 -57.49 13.03 -34.99
C GLU F 181 -56.05 13.34 -34.63
N THR F 182 -55.76 13.52 -33.33
CA THR F 182 -54.38 13.76 -32.90
C THR F 182 -53.49 12.61 -33.32
N LEU F 183 -53.91 11.37 -33.04
CA LEU F 183 -53.06 10.22 -33.28
C LEU F 183 -52.90 9.94 -34.77
N GLU F 184 -53.96 10.16 -35.55
CA GLU F 184 -53.87 10.00 -37.00
C GLU F 184 -52.91 11.02 -37.60
N TRP F 185 -52.93 12.25 -37.08
CA TRP F 185 -51.97 13.26 -37.51
C TRP F 185 -50.55 12.82 -37.17
N MET F 186 -50.34 12.35 -35.94
CA MET F 186 -49.01 11.96 -35.52
C MET F 186 -48.49 10.77 -36.33
N LYS F 187 -49.35 9.79 -36.61
CA LYS F 187 -48.89 8.59 -37.33
C LYS F 187 -48.49 8.94 -38.75
N ALA F 188 -49.12 9.96 -39.32
CA ALA F 188 -48.79 10.43 -40.66
C ALA F 188 -47.55 11.32 -40.71
N ASN F 189 -47.22 12.04 -39.63
CA ASN F 189 -46.30 13.17 -39.75
C ASN F 189 -45.09 13.14 -38.83
N VAL F 190 -45.06 12.25 -37.85
CA VAL F 190 -44.03 12.28 -36.81
C VAL F 190 -43.14 11.05 -36.98
N PRO F 191 -41.82 11.21 -37.07
CA PRO F 191 -40.95 10.06 -37.29
C PRO F 191 -41.03 9.06 -36.15
N GLY F 192 -41.00 7.78 -36.51
CA GLY F 192 -40.90 6.76 -35.50
C GLY F 192 -42.19 6.42 -34.81
N MET F 193 -43.34 6.94 -35.25
CA MET F 193 -44.58 6.52 -34.62
C MET F 193 -45.02 5.20 -35.23
N VAL F 194 -45.09 4.16 -34.40
CA VAL F 194 -45.37 2.83 -34.93
C VAL F 194 -46.86 2.54 -34.98
N GLY F 195 -47.61 2.92 -33.96
CA GLY F 195 -49.03 2.64 -33.96
C GLY F 195 -49.68 3.14 -32.69
N TRP F 196 -51.00 2.99 -32.63
CA TRP F 196 -51.72 3.55 -31.50
C TRP F 196 -53.04 2.83 -31.29
N MET F 197 -53.61 3.08 -30.12
CA MET F 197 -54.86 2.46 -29.71
C MET F 197 -55.49 3.35 -28.64
N ILE F 198 -56.78 3.62 -28.75
CA ILE F 198 -57.52 4.36 -27.73
C ILE F 198 -58.36 3.35 -26.95
N MET F 199 -58.12 3.27 -25.64
CA MET F 199 -58.76 2.29 -24.78
C MET F 199 -59.64 2.97 -23.74
N LYS F 200 -60.86 2.49 -23.57
CA LYS F 200 -61.82 3.08 -22.66
C LYS F 200 -62.16 2.10 -21.55
N GLN F 201 -61.94 2.49 -20.31
CA GLN F 201 -62.28 1.61 -19.20
C GLN F 201 -63.80 1.54 -19.01
N PHE F 202 -64.35 0.31 -18.93
CA PHE F 202 -65.77 0.16 -18.69
C PHE F 202 -66.09 -0.73 -17.49
N GLY F 203 -65.09 -1.17 -16.76
CA GLY F 203 -65.32 -1.99 -15.59
C GLY F 203 -64.00 -2.51 -15.07
N VAL F 204 -64.09 -3.28 -13.98
CA VAL F 204 -62.94 -3.88 -13.31
C VAL F 204 -63.28 -5.32 -12.96
N SER F 205 -62.28 -6.20 -13.03
CA SER F 205 -62.42 -7.56 -12.56
C SER F 205 -62.10 -7.62 -11.07
N ALA F 206 -63.05 -8.12 -10.27
CA ALA F 206 -62.82 -8.27 -8.83
C ALA F 206 -61.80 -9.36 -8.56
N ILE F 207 -61.98 -10.53 -9.19
CA ILE F 207 -61.05 -11.63 -9.01
C ILE F 207 -59.66 -11.24 -9.52
N GLY F 208 -59.60 -10.61 -10.70
CA GLY F 208 -58.33 -10.19 -11.25
C GLY F 208 -57.64 -9.13 -10.42
N SER F 209 -58.40 -8.37 -9.64
CA SER F 209 -57.85 -7.37 -8.74
C SER F 209 -57.61 -7.92 -7.34
N PHE F 210 -57.71 -9.24 -7.18
CA PHE F 210 -57.52 -9.87 -5.87
C PHE F 210 -58.49 -9.31 -4.84
N GLN F 211 -59.69 -8.96 -5.28
CA GLN F 211 -60.67 -8.31 -4.42
C GLN F 211 -61.72 -9.35 -4.06
N LEU F 212 -61.47 -10.06 -2.95
CA LEU F 212 -62.31 -11.17 -2.51
C LEU F 212 -63.32 -10.72 -1.46
N ASP F 213 -64.22 -11.65 -1.12
CA ASP F 213 -65.08 -11.47 0.04
C ASP F 213 -64.21 -11.41 1.31
N PRO F 214 -64.75 -10.93 2.44
CA PRO F 214 -63.89 -10.77 3.63
C PRO F 214 -63.25 -12.07 4.11
N GLU F 215 -64.02 -13.16 4.14
CA GLU F 215 -63.45 -14.41 4.63
C GLU F 215 -62.40 -14.94 3.68
N GLY F 216 -62.62 -14.81 2.37
CA GLY F 216 -61.58 -15.19 1.41
C GLY F 216 -60.31 -14.37 1.57
N ALA F 217 -60.46 -13.07 1.83
CA ALA F 217 -59.31 -12.20 2.05
C ALA F 217 -58.50 -12.66 3.26
N MET F 218 -59.18 -13.05 4.34
CA MET F 218 -58.46 -13.56 5.50
C MET F 218 -57.69 -14.83 5.14
N LYS F 219 -58.38 -15.76 4.49
CA LYS F 219 -57.77 -17.03 4.12
C LYS F 219 -56.64 -16.84 3.11
N ALA F 220 -56.75 -15.80 2.27
CA ALA F 220 -55.74 -15.53 1.25
C ALA F 220 -54.36 -15.28 1.85
N VAL F 221 -54.28 -14.64 3.01
CA VAL F 221 -52.99 -14.40 3.67
C VAL F 221 -52.73 -15.41 4.78
N SER F 222 -53.59 -16.41 4.93
CA SER F 222 -53.36 -17.49 5.86
C SER F 222 -52.67 -18.66 5.18
N THR F 223 -52.07 -18.44 4.02
CA THR F 223 -51.48 -19.49 3.20
C THR F 223 -50.28 -18.93 2.45
N LEU F 224 -49.41 -19.83 2.01
CA LEU F 224 -48.32 -19.46 1.11
C LEU F 224 -48.65 -19.79 -0.33
N GLY F 225 -49.84 -20.32 -0.62
CA GLY F 225 -50.22 -20.59 -1.99
C GLY F 225 -50.85 -21.95 -2.21
N ALA F 226 -50.68 -22.88 -1.27
CA ALA F 226 -51.15 -24.24 -1.45
C ALA F 226 -52.59 -24.45 -1.00
N ASN F 227 -53.14 -23.56 -0.19
CA ASN F 227 -54.48 -23.68 0.38
C ASN F 227 -55.26 -22.43 0.01
N PRO F 228 -55.75 -22.35 -1.23
CA PRO F 228 -56.40 -21.12 -1.70
C PRO F 228 -57.73 -20.91 -1.02
N PRO F 229 -58.20 -19.66 -0.96
CA PRO F 229 -59.57 -19.41 -0.53
C PRO F 229 -60.56 -19.92 -1.56
N GLU F 230 -61.82 -20.02 -1.15
CA GLU F 230 -62.89 -20.28 -2.11
C GLU F 230 -63.06 -19.10 -3.04
N TYR F 231 -63.39 -19.40 -4.30
CA TYR F 231 -63.74 -18.39 -5.28
C TYR F 231 -65.01 -17.66 -4.83
N ASN F 232 -64.87 -16.38 -4.47
CA ASN F 232 -65.98 -15.59 -3.96
C ASN F 232 -65.54 -14.13 -3.91
N THR F 233 -66.50 -13.22 -4.05
CA THR F 233 -66.23 -11.80 -4.01
C THR F 233 -67.39 -11.14 -3.30
N ASN F 234 -67.28 -9.82 -3.13
CA ASN F 234 -68.41 -9.03 -2.64
C ASN F 234 -69.54 -8.96 -3.66
N TYR F 235 -69.34 -9.49 -4.87
CA TYR F 235 -70.38 -9.64 -5.89
C TYR F 235 -70.79 -11.09 -6.07
N GLY F 236 -70.55 -11.92 -5.06
CA GLY F 236 -70.95 -13.31 -5.14
C GLY F 236 -69.88 -14.15 -5.83
N ASN F 237 -70.26 -15.40 -6.09
CA ASN F 237 -69.30 -16.40 -6.57
C ASN F 237 -69.63 -16.91 -7.97
N LYS F 238 -70.46 -16.19 -8.72
CA LYS F 238 -70.78 -16.62 -10.07
C LYS F 238 -69.80 -16.00 -11.07
N VAL F 239 -69.69 -16.64 -12.23
CA VAL F 239 -68.86 -16.13 -13.31
C VAL F 239 -69.65 -15.09 -14.09
N HIS F 240 -69.18 -13.86 -14.08
CA HIS F 240 -69.90 -12.73 -14.64
C HIS F 240 -69.71 -12.62 -16.14
N ASP F 241 -70.79 -12.18 -16.82
CA ASP F 241 -70.77 -11.82 -18.24
C ASP F 241 -70.31 -10.38 -18.46
N LYS F 242 -70.56 -9.52 -17.49
CA LYS F 242 -70.22 -8.12 -17.43
C LYS F 242 -69.30 -7.91 -16.24
N PRO F 243 -68.41 -6.93 -16.28
CA PRO F 243 -67.51 -6.69 -15.15
C PRO F 243 -68.29 -6.49 -13.87
N PRO F 244 -67.91 -7.19 -12.80
CA PRO F 244 -68.62 -7.02 -11.53
C PRO F 244 -68.47 -5.64 -10.94
N ILE F 245 -67.28 -5.07 -11.04
CA ILE F 245 -67.01 -3.76 -10.46
C ILE F 245 -67.26 -2.73 -11.55
N PRO F 246 -68.03 -1.67 -11.27
CA PRO F 246 -68.28 -0.66 -12.31
C PRO F 246 -66.98 0.02 -12.71
N GLY F 247 -66.94 0.48 -13.97
CA GLY F 247 -65.86 1.36 -14.37
C GLY F 247 -65.86 2.64 -13.56
N GLN F 248 -64.68 3.22 -13.39
CA GLN F 248 -64.58 4.46 -12.61
C GLN F 248 -65.19 5.64 -13.36
N THR F 249 -65.64 6.64 -12.59
CA THR F 249 -65.91 7.97 -13.13
C THR F 249 -65.04 8.98 -12.40
N PRO F 250 -64.56 10.03 -13.09
CA PRO F 250 -64.72 10.31 -14.52
C PRO F 250 -64.15 9.19 -15.39
N THR F 251 -64.73 8.99 -16.58
CA THR F 251 -64.30 7.92 -17.45
C THR F 251 -62.81 8.00 -17.72
N GLN F 252 -62.12 6.88 -17.50
CA GLN F 252 -60.69 6.81 -17.78
C GLN F 252 -60.46 6.32 -19.20
N TYR F 253 -59.63 7.05 -19.93
CA TYR F 253 -59.12 6.59 -21.22
C TYR F 253 -57.61 6.44 -21.13
N LEU F 254 -57.11 5.32 -21.62
CA LEU F 254 -55.68 5.07 -21.79
C LEU F 254 -55.33 5.13 -23.28
N VAL F 255 -54.39 6.00 -23.62
CA VAL F 255 -53.92 6.16 -24.99
C VAL F 255 -52.60 5.40 -25.13
N HIS F 256 -52.64 4.32 -25.90
CA HIS F 256 -51.50 3.43 -26.10
C HIS F 256 -50.81 3.81 -27.40
N ILE F 257 -49.56 4.28 -27.32
CA ILE F 257 -48.82 4.69 -28.50
C ILE F 257 -47.50 3.94 -28.56
N GLU F 258 -47.19 3.36 -29.71
CA GLU F 258 -45.94 2.62 -29.88
C GLU F 258 -44.96 3.43 -30.71
N TRP F 259 -43.69 3.37 -30.32
CA TRP F 259 -42.65 4.19 -30.92
C TRP F 259 -41.42 3.33 -31.14
N GLU F 260 -40.58 3.77 -32.08
CA GLU F 260 -39.37 3.04 -32.38
C GLU F 260 -38.46 2.95 -31.15
N SER F 261 -38.40 4.01 -30.35
CA SER F 261 -37.44 4.11 -29.27
C SER F 261 -37.94 5.13 -28.26
N PRO F 262 -37.35 5.19 -27.06
CA PRO F 262 -37.76 6.22 -26.10
C PRO F 262 -37.55 7.63 -26.60
N GLU F 263 -36.47 7.86 -27.36
CA GLU F 263 -36.20 9.18 -27.90
C GLU F 263 -37.26 9.58 -28.90
N HIS F 264 -37.64 8.66 -29.80
CA HIS F 264 -38.70 8.96 -30.73
C HIS F 264 -40.00 9.22 -30.00
N ALA F 265 -40.23 8.50 -28.89
CA ALA F 265 -41.42 8.72 -28.09
C ALA F 265 -41.38 10.10 -27.44
N HIS F 266 -40.25 10.43 -26.82
CA HIS F 266 -40.12 11.70 -26.12
C HIS F 266 -40.29 12.88 -27.10
N GLN F 267 -39.53 12.87 -28.18
CA GLN F 267 -39.66 13.93 -29.17
C GLN F 267 -41.01 13.89 -29.88
N GLY F 268 -41.53 12.68 -30.14
CA GLY F 268 -42.77 12.56 -30.89
C GLY F 268 -43.96 13.13 -30.13
N LEU F 269 -44.08 12.76 -28.85
CA LEU F 269 -45.16 13.31 -28.02
C LEU F 269 -45.05 14.82 -27.89
N GLY F 270 -43.82 15.37 -27.95
CA GLY F 270 -43.66 16.81 -27.83
C GLY F 270 -44.30 17.59 -28.96
N HIS F 271 -44.63 16.93 -30.08
CA HIS F 271 -45.20 17.64 -31.22
C HIS F 271 -46.57 18.26 -30.91
N VAL F 272 -47.32 17.74 -29.94
CA VAL F 272 -48.57 18.38 -29.61
C VAL F 272 -48.36 19.76 -28.99
N MET F 273 -47.12 20.13 -28.66
CA MET F 273 -46.80 21.44 -28.15
C MET F 273 -45.96 22.29 -29.10
N VAL F 274 -45.14 21.68 -29.96
CA VAL F 274 -44.19 22.43 -30.79
C VAL F 274 -44.55 22.42 -32.27
N ASP F 275 -45.66 21.79 -32.65
CA ASP F 275 -46.21 21.96 -33.99
C ASP F 275 -47.54 22.70 -33.86
N TYR F 276 -47.64 23.86 -34.50
CA TYR F 276 -48.81 24.71 -34.32
C TYR F 276 -50.09 23.97 -34.69
N GLU F 277 -50.09 23.27 -35.82
CA GLU F 277 -51.30 22.64 -36.32
C GLU F 277 -51.76 21.52 -35.38
N LEU F 278 -50.85 20.60 -35.02
CA LEU F 278 -51.21 19.52 -34.12
C LEU F 278 -51.62 20.06 -32.75
N ARG F 279 -50.96 21.13 -32.31
CA ARG F 279 -51.31 21.76 -31.04
C ARG F 279 -52.77 22.22 -31.02
N GLN F 280 -53.27 22.79 -32.12
CA GLN F 280 -54.67 23.19 -32.16
C GLN F 280 -55.58 21.97 -32.06
N ILE F 281 -55.24 20.92 -32.79
CA ILE F 281 -56.04 19.69 -32.77
C ILE F 281 -56.08 19.09 -31.35
N HIS F 282 -54.91 19.00 -30.72
CA HIS F 282 -54.82 18.36 -29.41
C HIS F 282 -55.44 19.23 -28.31
N ASN F 283 -55.22 20.54 -28.38
CA ASN F 283 -55.80 21.44 -27.37
C ASN F 283 -57.32 21.35 -27.39
N ASN F 284 -57.93 21.49 -28.58
CA ASN F 284 -59.40 21.56 -28.67
C ASN F 284 -60.04 20.20 -28.64
N GLY F 285 -59.35 19.16 -29.11
CA GLY F 285 -59.93 17.83 -29.19
C GLY F 285 -59.64 16.93 -28.01
N VAL F 286 -58.59 17.24 -27.22
CA VAL F 286 -58.22 16.39 -26.09
C VAL F 286 -58.17 17.18 -24.78
N LEU F 287 -57.29 18.19 -24.72
CA LEU F 287 -57.07 18.87 -23.45
C LEU F 287 -58.34 19.56 -22.95
N ALA F 288 -59.16 20.09 -23.87
CA ALA F 288 -60.39 20.79 -23.49
C ALA F 288 -61.41 19.86 -22.84
N HIS F 289 -61.21 18.54 -22.88
CA HIS F 289 -62.20 17.61 -22.40
C HIS F 289 -61.77 16.85 -21.15
N LEU F 290 -60.67 17.26 -20.51
CA LEU F 290 -60.06 16.47 -19.45
C LEU F 290 -60.39 17.02 -18.07
N ASP F 291 -60.72 16.09 -17.16
CA ASP F 291 -60.64 16.33 -15.72
C ASP F 291 -59.23 16.09 -15.20
N LYS F 292 -58.50 15.15 -15.79
CA LYS F 292 -57.19 14.78 -15.30
C LYS F 292 -56.31 14.37 -16.47
N GLY F 293 -55.02 14.71 -16.38
CA GLY F 293 -54.05 14.30 -17.38
C GLY F 293 -53.76 15.40 -18.38
N PRO F 294 -53.06 15.06 -19.46
CA PRO F 294 -52.57 13.70 -19.71
C PRO F 294 -51.29 13.41 -18.92
N TYR F 295 -51.08 12.12 -18.61
CA TYR F 295 -49.87 11.65 -17.95
C TYR F 295 -49.36 10.44 -18.73
N TYR F 296 -48.10 10.52 -19.19
CA TYR F 296 -47.55 9.49 -20.08
C TYR F 296 -46.47 8.69 -19.35
N MET F 297 -46.72 7.40 -19.18
CA MET F 297 -45.73 6.47 -18.66
C MET F 297 -45.09 5.74 -19.83
N PHE F 298 -43.78 5.54 -19.74
CA PHE F 298 -43.02 4.82 -20.75
C PHE F 298 -42.83 3.37 -20.31
N PHE F 299 -43.01 2.43 -21.25
CA PHE F 299 -42.88 1.02 -20.97
C PHE F 299 -42.01 0.36 -22.02
N SER F 300 -41.41 -0.75 -21.61
CA SER F 300 -40.78 -1.68 -22.51
C SER F 300 -41.59 -2.97 -22.60
N PRO F 301 -41.91 -3.46 -23.81
CA PRO F 301 -42.60 -4.75 -23.94
C PRO F 301 -41.63 -5.89 -23.71
N MET F 302 -41.76 -6.58 -22.58
CA MET F 302 -40.91 -7.73 -22.27
C MET F 302 -41.30 -8.92 -23.14
N MET F 303 -42.41 -9.57 -22.80
CA MET F 303 -42.95 -10.68 -23.55
C MET F 303 -44.20 -10.21 -24.28
N GLU F 304 -44.42 -10.74 -25.49
CA GLU F 304 -45.61 -10.43 -26.26
C GLU F 304 -46.07 -11.70 -26.96
N GLN F 305 -47.38 -11.93 -26.92
CA GLN F 305 -48.03 -12.88 -27.82
C GLN F 305 -49.01 -12.00 -28.58
N GLY F 306 -48.62 -11.56 -29.77
CA GLY F 306 -49.30 -10.47 -30.45
C GLY F 306 -50.31 -10.82 -31.52
N LEU F 307 -50.77 -12.08 -31.62
CA LEU F 307 -51.73 -12.41 -32.67
C LEU F 307 -53.05 -11.71 -32.49
N TRP F 308 -53.37 -11.28 -31.27
CA TRP F 308 -54.58 -10.52 -31.05
C TRP F 308 -54.64 -9.28 -31.92
N ARG F 309 -53.47 -8.71 -32.26
CA ARG F 309 -53.43 -7.53 -33.13
C ARG F 309 -53.95 -7.85 -34.53
N LYS F 310 -53.83 -9.10 -34.96
CA LYS F 310 -54.20 -9.45 -36.33
C LYS F 310 -55.68 -9.28 -36.60
N HIS F 311 -56.55 -9.30 -35.58
CA HIS F 311 -57.97 -9.05 -35.79
C HIS F 311 -58.40 -7.83 -34.98
N LEU F 312 -58.02 -6.65 -35.46
CA LEU F 312 -58.52 -5.38 -34.94
C LEU F 312 -59.30 -4.65 -36.02
N LYS F 313 -59.35 -3.32 -35.96
CA LYS F 313 -59.99 -2.47 -36.98
C LYS F 313 -61.45 -2.82 -37.19
N GLU G 4 51.74 27.44 42.59
CA GLU G 4 51.66 28.37 41.47
C GLU G 4 50.28 28.99 41.33
N ASN G 5 50.23 30.24 40.85
CA ASN G 5 49.00 30.85 40.35
CA ASN G 5 48.98 30.78 40.33
C ASN G 5 49.19 31.13 38.86
N PRO G 6 48.81 30.20 37.99
CA PRO G 6 48.92 30.44 36.56
C PRO G 6 47.87 31.44 36.09
N ILE G 7 48.04 31.84 34.84
CA ILE G 7 47.12 32.70 34.12
C ILE G 7 46.30 31.81 33.21
N ILE G 8 45.03 32.15 33.04
CA ILE G 8 44.15 31.37 32.17
C ILE G 8 43.66 32.28 31.06
N ALA G 9 43.96 31.91 29.82
CA ALA G 9 43.33 32.54 28.67
C ALA G 9 42.16 31.68 28.26
N ILE G 10 40.99 32.29 28.15
CA ILE G 10 39.78 31.60 27.75
C ILE G 10 39.37 32.12 26.38
N ASN G 11 39.61 31.30 25.36
CA ASN G 11 39.17 31.62 24.01
C ASN G 11 37.68 31.30 23.90
N MET G 12 36.86 32.33 23.73
CA MET G 12 35.41 32.21 23.71
C MET G 12 34.90 32.36 22.28
N ALA G 13 34.16 31.37 21.81
CA ALA G 13 33.56 31.44 20.50
C ALA G 13 32.17 30.84 20.57
N LYS G 14 31.35 31.20 19.60
CA LYS G 14 30.04 30.59 19.43
C LYS G 14 30.03 29.94 18.06
N ILE G 15 29.75 28.64 18.03
CA ILE G 15 29.87 27.86 16.81
C ILE G 15 28.53 27.23 16.45
N ALA G 16 28.41 26.91 15.17
CA ALA G 16 27.21 26.29 14.64
C ALA G 16 27.01 24.90 15.24
N ASN G 17 25.78 24.60 15.62
CA ASN G 17 25.46 23.31 16.23
C ASN G 17 25.02 22.39 15.12
N LYS G 18 25.98 21.76 14.47
CA LYS G 18 25.69 20.87 13.36
C LYS G 18 26.82 19.85 13.28
N PRO G 19 26.57 18.68 12.69
CA PRO G 19 27.59 17.60 12.69
C PRO G 19 28.95 18.02 12.15
N ASP G 20 29.00 18.88 11.13
CA ASP G 20 30.26 19.31 10.55
C ASP G 20 31.16 19.95 11.60
N SER G 21 30.58 20.69 12.56
CA SER G 21 31.37 21.40 13.56
C SER G 21 32.06 20.44 14.51
N TYR G 22 31.36 19.38 14.94
CA TYR G 22 32.01 18.37 15.78
C TYR G 22 33.15 17.71 15.00
N GLU G 23 32.94 17.53 13.69
CA GLU G 23 33.95 16.92 12.84
C GLU G 23 35.21 17.79 12.78
N THR G 24 35.06 19.09 12.47
CA THR G 24 36.26 19.92 12.40
C THR G 24 36.90 20.10 13.77
N MET G 25 36.10 20.03 14.84
CA MET G 25 36.68 20.13 16.19
C MET G 25 37.55 18.93 16.53
N MET G 26 37.21 17.73 16.03
CA MET G 26 38.04 16.56 16.29
C MET G 26 39.23 16.45 15.34
N LYS G 27 39.18 17.10 14.18
CA LYS G 27 40.27 17.11 13.21
C LYS G 27 41.25 18.26 13.43
N VAL G 28 40.76 19.44 13.78
CA VAL G 28 41.60 20.62 13.93
C VAL G 28 41.95 20.88 15.39
N GLY G 29 41.00 20.62 16.30
CA GLY G 29 41.20 20.84 17.72
C GLY G 29 42.51 20.28 18.26
N PRO G 30 42.73 18.97 18.09
CA PRO G 30 44.01 18.39 18.53
C PRO G 30 45.22 19.09 17.94
N LYS G 31 45.14 19.54 16.69
CA LYS G 31 46.30 20.16 16.04
C LYS G 31 46.66 21.51 16.68
N VAL G 32 45.67 22.28 17.08
CA VAL G 32 45.91 23.55 17.74
C VAL G 32 46.60 23.32 19.10
N CSS G 33 46.13 22.32 19.84
CA CSS G 33 46.68 22.01 21.13
CB CSS G 33 45.86 20.97 21.84
SG CSS G 33 44.26 21.65 22.25
SD CSS G 33 44.54 23.46 23.09
C CSS G 33 48.10 21.56 21.00
O CSS G 33 48.93 21.89 21.88
N ILE G 34 48.44 20.83 19.94
CA ILE G 34 49.80 20.39 19.73
C ILE G 34 50.71 21.58 19.52
N THR G 35 50.24 22.54 18.71
CA THR G 35 51.00 23.77 18.49
C THR G 35 51.22 24.51 19.81
N THR G 36 50.17 24.61 20.62
CA THR G 36 50.27 25.31 21.90
C THR G 36 51.31 24.66 22.81
N ALA G 37 51.32 23.32 22.88
CA ALA G 37 52.20 22.60 23.80
C ALA G 37 53.64 22.61 23.34
N SER G 38 53.99 23.32 22.27
CA SER G 38 55.40 23.51 21.93
C SER G 38 56.09 24.48 22.88
N HIS G 39 55.32 25.24 23.71
CA HIS G 39 55.90 26.30 24.50
C HIS G 39 56.12 25.85 25.93
N PRO G 40 57.29 26.14 26.52
CA PRO G 40 57.58 25.65 27.87
C PRO G 40 56.73 26.27 28.96
N GLY G 41 56.08 27.42 28.68
CA GLY G 41 55.18 28.02 29.63
C GLY G 41 53.76 27.46 29.62
N PHE G 42 53.47 26.52 28.73
CA PHE G 42 52.12 25.98 28.61
C PHE G 42 51.89 24.89 29.64
N LEU G 43 50.81 25.04 30.42
CA LEU G 43 50.57 24.15 31.56
C LEU G 43 49.38 23.20 31.39
N GLY G 44 48.46 23.47 30.45
CA GLY G 44 47.32 22.60 30.25
C GLY G 44 46.16 23.33 29.60
N PHE G 45 45.08 22.56 29.36
CA PHE G 45 43.92 23.12 28.69
C PHE G 45 42.64 22.41 29.11
N GLU G 46 41.53 23.09 28.81
CA GLU G 46 40.16 22.61 29.01
C GLU G 46 39.36 23.01 27.79
N GLN G 47 38.84 22.03 27.05
CA GLN G 47 37.94 22.31 25.92
C GLN G 47 36.50 22.08 26.40
N LEU G 48 35.74 23.16 26.50
CA LEU G 48 34.39 23.13 27.06
C LEU G 48 33.35 23.44 25.99
N LEU G 49 32.38 22.56 25.81
CA LEU G 49 31.30 22.75 24.86
C LEU G 49 30.00 23.01 25.61
N GLN G 50 29.32 24.09 25.26
CA GLN G 50 28.11 24.47 25.97
C GLN G 50 27.00 23.45 25.74
N THR G 51 26.34 23.06 26.82
CA THR G 51 25.20 22.16 26.76
C THR G 51 23.89 22.80 27.18
N GLY G 52 23.93 23.95 27.85
CA GLY G 52 22.71 24.59 28.29
C GLY G 52 23.01 25.79 29.18
N ILE G 53 22.02 26.18 29.98
CA ILE G 53 22.13 27.29 30.92
C ILE G 53 21.39 26.92 32.20
N HIS G 54 21.57 27.72 33.24
CA HIS G 54 20.70 27.60 34.39
C HIS G 54 19.52 28.55 34.22
N PRO G 55 18.28 28.06 34.15
CA PRO G 55 17.15 28.98 33.99
C PRO G 55 16.86 29.81 35.22
N MET G 56 17.44 29.47 36.37
CA MET G 56 17.33 30.27 37.59
C MET G 56 15.87 30.60 37.91
N ALA G 57 15.08 29.53 38.06
CA ALA G 57 13.69 29.63 38.51
C ALA G 57 12.85 30.53 37.60
N GLY G 58 13.13 30.46 36.30
CA GLY G 58 12.33 31.18 35.32
C GLY G 58 12.90 32.51 34.88
N ARG G 59 13.94 32.99 35.54
CA ARG G 59 14.56 34.24 35.11
C ARG G 59 15.03 34.14 33.66
N TYR G 60 15.48 32.95 33.24
CA TYR G 60 15.79 32.66 31.85
C TYR G 60 14.97 31.47 31.39
N GLY G 61 13.65 31.64 31.39
CA GLY G 61 12.70 30.57 31.13
C GLY G 61 12.67 30.07 29.70
N GLY G 62 13.25 30.82 28.77
CA GLY G 62 13.35 30.25 27.44
C GLY G 62 14.46 29.24 27.28
N GLY G 63 15.39 29.15 28.24
CA GLY G 63 16.48 28.21 28.17
C GLY G 63 16.18 26.96 28.99
N ALA G 64 17.17 26.09 29.08
CA ALA G 64 17.03 24.83 29.80
C ALA G 64 18.41 24.31 30.15
N VAL G 65 18.46 23.44 31.18
CA VAL G 65 19.70 22.78 31.54
C VAL G 65 20.30 22.07 30.32
N ASP G 66 19.47 21.36 29.58
CA ASP G 66 19.92 20.58 28.42
C ASP G 66 19.37 21.23 27.16
N MET G 67 20.21 21.99 26.46
CA MET G 67 19.83 22.60 25.19
C MET G 67 20.64 22.03 24.02
N ARG G 68 21.20 20.82 24.18
CA ARG G 68 22.17 20.30 23.20
C ARG G 68 21.57 20.19 21.80
N GLU G 69 20.25 19.96 21.69
CA GLU G 69 19.55 19.76 20.44
C GLU G 69 19.11 21.05 19.76
N THR G 70 19.02 22.14 20.53
CA THR G 70 18.39 23.37 20.05
C THR G 70 19.31 24.57 20.05
N LEU G 71 20.37 24.55 20.82
CA LEU G 71 21.25 25.70 20.92
C LEU G 71 22.02 25.88 19.62
N ASN G 72 21.84 27.02 18.98
CA ASN G 72 22.61 27.34 17.78
C ASN G 72 22.67 28.86 17.59
N PRO G 73 23.84 29.48 17.73
CA PRO G 73 25.14 28.84 17.98
C PRO G 73 25.28 28.29 19.39
N MET G 74 26.27 27.45 19.61
CA MET G 74 26.58 26.97 20.94
C MET G 74 27.94 27.51 21.37
N GLY G 75 28.05 27.83 22.65
CA GLY G 75 29.31 28.32 23.16
C GLY G 75 30.38 27.25 23.14
N MET G 76 31.60 27.68 22.86
CA MET G 76 32.77 26.82 22.89
C MET G 76 33.89 27.60 23.56
N PHE G 77 34.28 27.20 24.78
CA PHE G 77 35.28 27.90 25.58
C PHE G 77 36.51 26.99 25.67
N GLN G 78 37.66 27.54 25.30
CA GLN G 78 38.94 26.82 25.39
C GLN G 78 39.82 27.51 26.42
N TYR G 79 40.02 26.87 27.57
CA TYR G 79 41.01 27.35 28.52
C TYR G 79 42.39 26.91 28.03
N THR G 80 43.33 27.85 27.95
CA THR G 80 44.74 27.49 27.91
C THR G 80 45.39 28.12 29.13
N VAL G 81 46.22 27.34 29.83
CA VAL G 81 46.77 27.73 31.13
C VAL G 81 48.27 27.90 31.00
N TRP G 82 48.78 29.02 31.54
CA TRP G 82 50.12 29.52 31.26
C TRP G 82 50.80 30.01 32.54
N LYS G 83 52.14 29.92 32.54
CA LYS G 83 52.92 30.53 33.62
C LYS G 83 52.71 32.04 33.68
N ASP G 84 52.52 32.67 32.53
CA ASP G 84 52.38 34.12 32.47
C ASP G 84 51.82 34.50 31.12
N VAL G 85 51.41 35.78 31.01
CA VAL G 85 50.87 36.31 29.77
C VAL G 85 51.89 36.21 28.65
N HIS G 86 53.16 36.52 28.96
CA HIS G 86 54.20 36.54 27.93
C HIS G 86 54.32 35.20 27.24
N SER G 87 54.22 34.10 28.00
CA SER G 87 54.35 32.77 27.40
C SER G 87 53.29 32.54 26.33
N HIS G 88 52.04 32.91 26.62
CA HIS G 88 50.95 32.76 25.67
C HIS G 88 51.12 33.68 24.46
N GLU G 89 51.45 34.96 24.70
CA GLU G 89 51.67 35.86 23.56
C GLU G 89 52.83 35.38 22.71
N GLU G 90 53.89 34.88 23.36
CA GLU G 90 55.05 34.39 22.62
C GLU G 90 54.70 33.14 21.82
N MET G 91 53.92 32.23 22.42
CA MET G 91 53.46 31.06 21.68
C MET G 91 52.71 31.47 20.44
N HIS G 92 51.76 32.41 20.59
CA HIS G 92 50.98 32.90 19.46
C HIS G 92 51.89 33.54 18.42
N HIS G 93 52.90 34.30 18.86
CA HIS G 93 53.80 34.90 17.90
C HIS G 93 54.62 33.83 17.17
N ASP G 94 55.22 32.90 17.93
CA ASP G 94 56.12 31.94 17.28
C ASP G 94 55.40 30.98 16.35
N ASN G 95 54.11 30.75 16.56
CA ASN G 95 53.34 29.79 15.77
C ASN G 95 52.23 30.47 15.01
N PHE G 96 52.43 31.75 14.67
CA PHE G 96 51.33 32.53 14.12
C PHE G 96 50.83 31.95 12.80
N LYS G 97 51.76 31.60 11.91
CA LYS G 97 51.38 31.04 10.61
C LYS G 97 50.60 29.75 10.76
N GLU G 98 51.04 28.84 11.64
CA GLU G 98 50.37 27.53 11.72
C GLU G 98 49.03 27.66 12.43
N ILE G 99 48.96 28.46 13.48
CA ILE G 99 47.67 28.71 14.14
C ILE G 99 46.70 29.37 13.18
N PHE G 100 47.20 30.30 12.36
CA PHE G 100 46.34 30.93 11.37
C PHE G 100 45.83 29.90 10.38
N GLU G 101 46.70 28.99 9.92
CA GLU G 101 46.26 27.96 8.99
C GLU G 101 45.16 27.09 9.62
N LEU G 102 45.33 26.69 10.86
CA LEU G 102 44.39 25.81 11.53
C LEU G 102 43.07 26.54 11.80
N CSS G 103 43.16 27.75 12.34
CA CSS G 103 41.98 28.46 12.73
CB CSS G 103 42.37 29.58 13.65
SG CSS G 103 42.73 28.88 15.25
SD CSS G 103 41.23 27.67 15.86
C CSS G 103 41.21 28.95 11.54
O CSS G 103 39.99 29.19 11.63
N SER G 104 41.89 29.11 10.42
CA SER G 104 41.21 29.46 9.18
C SER G 104 40.23 28.36 8.80
N GLY G 105 40.61 27.11 9.06
CA GLY G 105 39.65 26.02 8.88
C GLY G 105 38.46 26.11 9.82
N CYS G 106 38.70 26.53 11.06
CA CYS G 106 37.64 26.59 12.07
C CYS G 106 36.62 27.71 11.81
N LEU G 107 37.01 28.75 11.07
CA LEU G 107 36.14 29.89 10.86
C LEU G 107 34.86 29.52 10.10
N GLY G 108 34.87 28.40 9.37
CA GLY G 108 33.69 27.92 8.70
C GLY G 108 32.58 27.47 9.60
N MET G 109 32.84 27.31 10.90
CA MET G 109 31.80 26.97 11.84
C MET G 109 31.58 28.06 12.87
N VAL G 110 32.30 29.17 12.78
CA VAL G 110 32.24 30.23 13.78
C VAL G 110 31.10 31.20 13.43
N ILE G 111 30.26 31.49 14.42
CA ILE G 111 29.19 32.46 14.29
C ILE G 111 29.54 33.74 15.04
N GLU G 112 30.31 33.62 16.12
CA GLU G 112 30.72 34.76 16.90
C GLU G 112 32.04 34.42 17.59
N GLY G 113 32.90 35.42 17.76
CA GLY G 113 34.22 35.22 18.33
C GLY G 113 35.28 35.01 17.26
N PRO G 114 36.50 34.62 17.66
CA PRO G 114 36.91 34.36 19.04
C PRO G 114 37.19 35.67 19.79
N TRP G 115 37.00 35.63 21.10
CA TRP G 115 37.40 36.69 22.02
C TRP G 115 38.17 36.00 23.13
N GLU G 116 39.41 36.42 23.41
CA GLU G 116 40.27 35.67 24.31
C GLU G 116 40.76 36.55 25.47
N PRO G 117 39.95 36.70 26.51
CA PRO G 117 40.42 37.42 27.70
C PRO G 117 41.32 36.56 28.55
N TYR G 118 42.17 37.27 29.31
CA TYR G 118 43.07 36.71 30.30
C TYR G 118 42.44 36.81 31.68
N PHE G 119 42.57 35.74 32.45
CA PHE G 119 41.98 35.67 33.78
C PHE G 119 43.02 35.36 34.84
N GLU G 120 42.92 36.09 35.94
CA GLU G 120 43.69 35.75 37.14
C GLU G 120 42.86 34.80 37.99
N VAL G 121 43.49 33.76 38.51
CA VAL G 121 42.83 32.82 39.43
C VAL G 121 42.90 33.42 40.82
N VAL G 122 41.80 34.04 41.26
CA VAL G 122 41.74 34.73 42.54
C VAL G 122 41.81 33.74 43.70
N LYS G 123 41.04 32.67 43.62
CA LYS G 123 41.02 31.64 44.64
C LYS G 123 40.45 30.41 43.97
N SER G 124 40.81 29.24 44.49
CA SER G 124 40.33 28.01 43.87
C SER G 124 40.31 26.90 44.90
N ASP G 125 39.46 25.91 44.63
CA ASP G 125 39.45 24.62 45.31
C ASP G 125 39.03 23.59 44.25
N LEU G 126 39.97 23.25 43.36
CA LEU G 126 39.74 22.39 42.20
C LEU G 126 40.54 21.12 42.37
N PRO G 127 39.93 19.94 42.35
CA PRO G 127 40.71 18.70 42.43
C PRO G 127 41.38 18.35 41.12
N GLN G 128 42.41 17.50 41.22
CA GLN G 128 42.97 16.88 40.04
C GLN G 128 41.92 16.00 39.39
N ILE G 129 41.93 15.93 38.06
CA ILE G 129 41.01 15.03 37.37
C ILE G 129 41.56 13.60 37.39
N MET G 130 40.66 12.64 37.32
CA MET G 130 41.01 11.23 37.39
C MET G 130 39.87 10.45 36.74
N SER G 131 40.03 9.13 36.70
CA SER G 131 38.96 8.28 36.20
C SER G 131 38.55 7.31 37.29
N MET G 132 37.43 6.61 37.04
CA MET G 132 36.90 5.67 38.02
C MET G 132 37.95 4.63 38.45
N THR G 133 38.68 4.04 37.50
CA THR G 133 39.64 3.01 37.89
C THR G 133 40.83 3.57 38.67
N ASP G 134 40.96 4.91 38.77
CA ASP G 134 41.97 5.55 39.61
C ASP G 134 41.53 5.74 41.04
N VAL G 135 40.23 5.65 41.32
CA VAL G 135 39.72 6.14 42.62
C VAL G 135 40.25 5.31 43.79
N PRO G 136 40.27 3.97 43.75
CA PRO G 136 40.85 3.23 44.88
C PRO G 136 42.27 3.65 45.20
N GLN G 137 43.11 3.86 44.19
CA GLN G 137 44.49 4.26 44.45
C GLN G 137 44.57 5.69 45.01
N VAL G 138 43.74 6.60 44.50
CA VAL G 138 43.70 7.95 45.08
C VAL G 138 43.28 7.88 46.53
N LEU G 139 42.29 7.04 46.84
CA LEU G 139 41.87 6.85 48.22
C LEU G 139 43.01 6.30 49.08
N GLY G 140 43.66 5.23 48.62
CA GLY G 140 44.79 4.67 49.37
C GLY G 140 45.93 5.65 49.52
N ASP G 141 46.25 6.39 48.46
CA ASP G 141 47.33 7.38 48.53
C ASP G 141 46.99 8.53 49.48
N SER G 142 45.71 8.93 49.52
CA SER G 142 45.30 9.98 50.43
C SER G 142 45.49 9.56 51.88
N PHE G 143 45.11 8.33 52.22
CA PHE G 143 45.30 7.83 53.58
C PHE G 143 46.79 7.74 53.92
N ALA G 144 47.58 7.21 53.00
CA ALA G 144 49.02 7.09 53.24
C ALA G 144 49.65 8.46 53.50
N LYS G 145 49.37 9.43 52.62
CA LYS G 145 49.93 10.77 52.78
C LYS G 145 49.20 11.59 53.83
N GLN G 146 48.28 10.96 54.58
CA GLN G 146 47.52 11.63 55.64
C GLN G 146 46.75 12.86 55.14
N GLU G 147 46.36 12.86 53.86
CA GLU G 147 45.68 13.98 53.23
C GLU G 147 44.19 13.69 53.04
N ARG G 148 43.43 14.76 52.83
CA ARG G 148 41.99 14.61 52.63
C ARG G 148 41.71 14.02 51.26
N VAL G 149 40.78 13.10 51.22
CA VAL G 149 40.39 12.52 49.94
C VAL G 149 39.61 13.57 49.16
N PRO G 150 39.94 13.82 47.90
CA PRO G 150 39.25 14.88 47.13
C PRO G 150 37.89 14.42 46.65
N LYS G 151 37.08 15.41 46.25
CA LYS G 151 35.93 15.14 45.39
C LYS G 151 36.43 14.50 44.10
N VAL G 152 35.65 13.59 43.53
CA VAL G 152 36.07 12.88 42.32
C VAL G 152 35.69 13.72 41.10
N ALA G 153 36.71 14.26 40.41
CA ALA G 153 36.52 15.01 39.18
C ALA G 153 36.86 14.08 38.02
N LEU G 154 35.84 13.50 37.40
CA LEU G 154 36.06 12.50 36.36
C LEU G 154 36.45 13.18 35.05
N SER G 155 37.61 12.78 34.50
CA SER G 155 38.13 13.31 33.25
C SER G 155 37.10 13.20 32.14
N SER G 156 36.79 14.35 31.51
CA SER G 156 35.83 14.42 30.41
C SER G 156 34.49 13.74 30.74
N GLN G 157 34.09 13.68 32.02
CA GLN G 157 32.84 13.01 32.39
C GLN G 157 32.20 13.69 33.58
N ARG G 158 31.99 14.99 33.49
CA ARG G 158 31.32 15.77 34.53
C ARG G 158 30.84 17.06 33.88
N THR G 159 30.27 17.94 34.68
CA THR G 159 29.68 19.18 34.20
C THR G 159 30.48 20.37 34.71
N VAL G 160 30.78 21.29 33.82
CA VAL G 160 31.42 22.54 34.20
C VAL G 160 30.42 23.66 34.00
N VAL G 161 30.28 24.47 35.00
CA VAL G 161 29.38 25.62 34.99
C VAL G 161 30.20 26.89 35.11
N ILE G 162 29.87 27.90 34.30
CA ILE G 162 30.53 29.21 34.36
C ILE G 162 29.49 30.30 34.62
N GLY G 163 29.61 30.96 35.77
CA GLY G 163 28.72 32.05 36.14
C GLY G 163 29.38 33.38 35.86
N ASP G 164 28.77 34.14 34.95
CA ASP G 164 29.27 35.43 34.51
C ASP G 164 28.74 36.52 35.44
N HIS G 165 29.66 37.28 36.04
CA HIS G 165 29.34 38.36 36.96
C HIS G 165 30.07 39.62 36.53
N TRP G 166 29.36 40.75 36.42
CA TRP G 166 30.02 42.05 36.31
C TRP G 166 29.88 42.75 37.65
N VAL G 167 31.00 43.14 38.22
CA VAL G 167 31.05 43.64 39.59
C VAL G 167 31.14 45.18 39.57
N MET G 168 30.37 45.81 40.45
CA MET G 168 30.36 47.26 40.56
C MET G 168 31.75 47.81 40.90
N ASP G 169 32.09 48.93 40.25
CA ASP G 169 33.33 49.65 40.51
C ASP G 169 33.52 49.84 42.01
N GLY G 170 34.66 49.37 42.51
CA GLY G 170 34.96 49.48 43.93
C GLY G 170 34.45 48.33 44.79
N HIS G 171 33.68 47.40 44.24
CA HIS G 171 33.18 46.30 45.05
C HIS G 171 33.96 45.00 44.82
N GLU G 172 35.08 45.07 44.11
CA GLU G 172 35.79 43.87 43.68
C GLU G 172 36.19 43.01 44.87
N LYS G 173 36.80 43.63 45.88
CA LYS G 173 37.31 42.86 47.01
C LYS G 173 36.17 42.24 47.80
N ALA G 174 35.10 42.98 48.02
CA ALA G 174 33.94 42.43 48.70
C ALA G 174 33.36 41.26 47.91
N PHE G 175 33.27 41.40 46.58
CA PHE G 175 32.79 40.29 45.76
C PHE G 175 33.67 39.05 45.92
N GLU G 176 34.98 39.23 45.88
CA GLU G 176 35.85 38.07 45.96
C GLU G 176 35.64 37.35 47.29
N GLN G 177 35.54 38.10 48.41
CA GLN G 177 35.32 37.43 49.68
C GLN G 177 33.91 36.82 49.77
N GLY G 178 32.89 37.50 49.23
CA GLY G 178 31.57 36.92 49.27
C GLY G 178 31.45 35.68 48.41
N ALA G 179 32.02 35.72 47.21
CA ALA G 179 31.98 34.53 46.35
C ALA G 179 32.76 33.38 46.98
N THR G 180 33.90 33.67 47.59
CA THR G 180 34.66 32.64 48.29
C THR G 180 33.82 32.00 49.40
N GLU G 181 33.20 32.81 50.24
CA GLU G 181 32.40 32.24 51.31
C GLU G 181 31.23 31.43 50.74
N THR G 182 30.62 31.91 49.65
CA THR G 182 29.53 31.16 49.02
C THR G 182 30.00 29.79 48.54
N LEU G 183 31.12 29.77 47.81
CA LEU G 183 31.58 28.53 47.19
C LEU G 183 32.10 27.56 48.24
N GLU G 184 32.77 28.07 49.28
CA GLU G 184 33.23 27.17 50.32
C GLU G 184 32.07 26.52 51.05
N TRP G 185 31.00 27.28 51.29
CA TRP G 185 29.80 26.72 51.91
C TRP G 185 29.24 25.62 51.04
N MET G 186 29.14 25.89 49.75
CA MET G 186 28.59 24.93 48.80
C MET G 186 29.43 23.68 48.70
N LYS G 187 30.76 23.81 48.65
CA LYS G 187 31.57 22.61 48.52
C LYS G 187 31.47 21.74 49.76
N ALA G 188 31.25 22.35 50.94
CA ALA G 188 31.09 21.60 52.18
C ALA G 188 29.72 20.95 52.32
N ASN G 189 28.70 21.53 51.71
CA ASN G 189 27.33 21.22 52.11
C ASN G 189 26.41 20.74 51.00
N VAL G 190 26.78 20.85 49.73
CA VAL G 190 25.86 20.57 48.62
C VAL G 190 26.30 19.32 47.89
N PRO G 191 25.41 18.35 47.67
CA PRO G 191 25.83 17.09 47.02
C PRO G 191 26.38 17.33 45.63
N GLY G 192 27.42 16.59 45.30
CA GLY G 192 27.90 16.60 43.93
C GLY G 192 28.72 17.79 43.51
N MET G 193 29.08 18.69 44.41
CA MET G 193 29.94 19.79 44.03
C MET G 193 31.38 19.32 43.97
N VAL G 194 31.98 19.35 42.78
CA VAL G 194 33.32 18.78 42.63
C VAL G 194 34.40 19.79 42.97
N GLY G 195 34.24 21.06 42.59
CA GLY G 195 35.25 22.04 42.87
C GLY G 195 34.89 23.39 42.27
N TRP G 196 35.73 24.38 42.53
CA TRP G 196 35.40 25.71 42.07
C TRP G 196 36.66 26.53 41.87
N MET G 197 36.50 27.66 41.19
CA MET G 197 37.58 28.59 40.88
C MET G 197 36.94 29.93 40.58
N ILE G 198 37.47 31.02 41.16
CA ILE G 198 37.05 32.39 40.87
C ILE G 198 38.08 33.03 39.94
N MET G 199 37.67 33.46 38.75
CA MET G 199 38.58 34.00 37.76
C MET G 199 38.24 35.46 37.51
N LYS G 200 39.25 36.31 37.50
CA LYS G 200 39.07 37.74 37.31
C LYS G 200 39.69 38.15 35.99
N GLN G 201 38.89 38.71 35.08
CA GLN G 201 39.43 39.17 33.81
C GLN G 201 40.27 40.43 34.04
N PHE G 202 41.51 40.44 33.55
CA PHE G 202 42.36 41.60 33.70
C PHE G 202 42.95 42.07 32.36
N GLY G 203 42.55 41.47 31.25
CA GLY G 203 43.06 41.93 29.97
C GLY G 203 42.58 40.99 28.89
N VAL G 204 42.94 41.31 27.65
CA VAL G 204 42.54 40.51 26.48
C VAL G 204 43.72 40.36 25.53
N SER G 205 43.84 39.19 24.90
CA SER G 205 44.83 38.98 23.85
C SER G 205 44.27 39.48 22.52
N ALA G 206 44.97 40.42 21.87
CA ALA G 206 44.53 40.89 20.56
C ALA G 206 44.71 39.79 19.51
N ILE G 207 45.92 39.21 19.45
CA ILE G 207 46.19 38.14 18.49
C ILE G 207 45.26 36.96 18.73
N GLY G 208 45.09 36.56 20.00
CA GLY G 208 44.22 35.44 20.29
C GLY G 208 42.76 35.70 19.99
N SER G 209 42.36 36.98 19.98
CA SER G 209 41.01 37.38 19.61
C SER G 209 40.87 37.70 18.13
N PHE G 210 41.91 37.42 17.35
CA PHE G 210 41.92 37.69 15.91
C PHE G 210 41.70 39.18 15.59
N GLN G 211 42.12 40.06 16.48
CA GLN G 211 41.99 41.50 16.28
C GLN G 211 43.31 42.02 15.75
N LEU G 212 43.44 42.04 14.42
CA LEU G 212 44.69 42.42 13.76
C LEU G 212 44.69 43.92 13.45
N ASP G 213 45.82 44.40 12.92
CA ASP G 213 45.87 45.73 12.30
C ASP G 213 44.99 45.72 11.04
N PRO G 214 44.62 46.89 10.51
CA PRO G 214 43.69 46.88 9.36
C PRO G 214 44.22 46.10 8.16
N GLU G 215 45.50 46.21 7.83
CA GLU G 215 46.00 45.47 6.68
C GLU G 215 46.01 43.96 6.95
N GLY G 216 46.39 43.55 8.15
CA GLY G 216 46.30 42.14 8.51
C GLY G 216 44.87 41.62 8.45
N ALA G 217 43.91 42.43 8.89
CA ALA G 217 42.51 42.03 8.81
C ALA G 217 42.07 41.82 7.36
N MET G 218 42.51 42.69 6.44
CA MET G 218 42.24 42.49 5.01
C MET G 218 42.88 41.20 4.49
N LYS G 219 44.18 41.03 4.78
CA LYS G 219 44.86 39.83 4.28
C LYS G 219 44.28 38.57 4.87
N ALA G 220 43.78 38.64 6.11
CA ALA G 220 43.23 37.46 6.76
C ALA G 220 42.08 36.86 5.94
N VAL G 221 41.28 37.69 5.26
CA VAL G 221 40.19 37.16 4.45
C VAL G 221 40.55 37.08 2.97
N SER G 222 41.79 37.40 2.60
CA SER G 222 42.29 37.22 1.24
C SER G 222 42.98 35.88 1.06
N THR G 223 42.75 34.94 1.97
CA THR G 223 43.45 33.66 1.94
C THR G 223 42.50 32.61 2.52
N LEU G 224 42.77 31.36 2.20
CA LEU G 224 42.09 30.24 2.84
C LEU G 224 42.91 29.63 3.96
N GLY G 225 44.07 30.21 4.28
CA GLY G 225 44.89 29.76 5.39
C GLY G 225 46.38 29.63 5.07
N ALA G 226 46.72 29.53 3.79
CA ALA G 226 48.09 29.28 3.40
C ALA G 226 48.95 30.55 3.32
N ASN G 227 48.33 31.74 3.27
CA ASN G 227 49.08 32.98 3.10
C ASN G 227 48.68 33.93 4.21
N PRO G 228 49.23 33.76 5.40
CA PRO G 228 48.77 34.51 6.57
C PRO G 228 49.17 35.97 6.50
N PRO G 229 48.49 36.84 7.22
CA PRO G 229 48.98 38.21 7.39
C PRO G 229 50.24 38.23 8.22
N GLU G 230 50.93 39.37 8.18
CA GLU G 230 52.00 39.65 9.10
C GLU G 230 51.46 39.74 10.51
N TYR G 231 52.25 39.26 11.47
CA TYR G 231 51.93 39.40 12.88
C TYR G 231 51.87 40.89 13.22
N ASN G 232 50.70 41.44 13.51
CA ASN G 232 50.57 42.86 13.82
C ASN G 232 49.17 43.10 14.38
N THR G 233 49.06 44.13 15.22
CA THR G 233 47.80 44.50 15.86
C THR G 233 47.75 46.01 15.91
N ASN G 234 46.62 46.53 16.40
CA ASN G 234 46.52 47.97 16.67
C ASN G 234 47.41 48.38 17.83
N TYR G 235 48.01 47.41 18.51
CA TYR G 235 49.00 47.66 19.54
C TYR G 235 50.40 47.33 19.07
N GLY G 236 50.62 47.26 17.75
CA GLY G 236 51.95 47.01 17.22
C GLY G 236 52.27 45.53 17.08
N ASN G 237 53.54 45.24 16.78
CA ASN G 237 53.91 43.87 16.41
C ASN G 237 54.87 43.22 17.40
N LYS G 238 54.99 43.75 18.62
CA LYS G 238 55.89 43.16 19.59
C LYS G 238 55.16 42.12 20.44
N VAL G 239 55.93 41.22 21.03
CA VAL G 239 55.37 40.22 21.93
C VAL G 239 55.21 40.87 23.31
N HIS G 240 53.96 41.00 23.76
CA HIS G 240 53.68 41.76 24.97
C HIS G 240 53.87 40.92 26.24
N ASP G 241 54.36 41.58 27.30
CA ASP G 241 54.46 41.00 28.63
C ASP G 241 53.15 41.10 29.40
N LYS G 242 52.35 42.12 29.10
CA LYS G 242 51.06 42.38 29.67
C LYS G 242 50.03 42.35 28.55
N PRO G 243 48.77 42.03 28.85
CA PRO G 243 47.74 41.99 27.79
C PRO G 243 47.72 43.29 27.02
N PRO G 244 47.70 43.24 25.70
CA PRO G 244 47.61 44.50 24.93
C PRO G 244 46.29 45.22 25.14
N ILE G 245 45.19 44.48 25.23
CA ILE G 245 43.86 45.06 25.36
C ILE G 245 43.49 45.08 26.84
N PRO G 246 43.08 46.22 27.40
CA PRO G 246 42.72 46.26 28.83
C PRO G 246 41.54 45.37 29.14
N GLY G 247 41.50 44.90 30.39
CA GLY G 247 40.31 44.22 30.87
C GLY G 247 39.09 45.13 30.85
N GLN G 248 37.93 44.53 30.61
CA GLN G 248 36.72 45.34 30.57
C GLN G 248 36.39 45.90 31.95
N THR G 249 35.69 47.03 31.95
CA THR G 249 35.00 47.50 33.13
C THR G 249 33.52 47.67 32.77
N PRO G 250 32.60 47.40 33.69
CA PRO G 250 32.79 46.86 35.04
C PRO G 250 33.55 45.51 35.01
N THR G 251 34.38 45.28 36.03
CA THR G 251 35.23 44.09 36.09
C THR G 251 34.40 42.82 35.95
N GLN G 252 34.84 41.94 35.05
CA GLN G 252 34.19 40.65 34.89
C GLN G 252 34.85 39.60 35.77
N TYR G 253 34.05 38.86 36.53
CA TYR G 253 34.48 37.65 37.18
C TYR G 253 33.68 36.49 36.59
N LEU G 254 34.38 35.41 36.27
CA LEU G 254 33.77 34.15 35.87
C LEU G 254 33.90 33.19 37.04
N VAL G 255 32.77 32.66 37.52
CA VAL G 255 32.79 31.69 38.61
C VAL G 255 32.67 30.31 37.99
N HIS G 256 33.74 29.54 38.09
CA HIS G 256 33.88 28.20 37.50
C HIS G 256 33.56 27.17 38.57
N ILE G 257 32.50 26.38 38.36
CA ILE G 257 32.08 25.36 39.32
C ILE G 257 31.92 24.03 38.59
N GLU G 258 32.52 22.99 39.15
CA GLU G 258 32.41 21.65 38.57
C GLU G 258 31.44 20.82 39.41
N TRP G 259 30.63 20.05 38.72
CA TRP G 259 29.57 19.28 39.34
C TRP G 259 29.57 17.89 38.75
N GLU G 260 29.01 16.94 39.50
CA GLU G 260 28.95 15.56 39.03
C GLU G 260 28.19 15.46 37.71
N SER G 261 27.10 16.21 37.56
CA SER G 261 26.20 16.04 36.43
C SER G 261 25.41 17.31 36.26
N PRO G 262 24.73 17.48 35.11
CA PRO G 262 23.90 18.68 34.94
C PRO G 262 22.83 18.82 36.00
N GLU G 263 22.25 17.71 36.44
CA GLU G 263 21.22 17.74 37.47
C GLU G 263 21.80 18.17 38.81
N HIS G 264 22.97 17.66 39.19
CA HIS G 264 23.58 18.12 40.44
C HIS G 264 23.91 19.61 40.35
N ALA G 265 24.35 20.06 39.17
CA ALA G 265 24.63 21.49 38.98
C ALA G 265 23.36 22.32 39.11
N HIS G 266 22.27 21.86 38.47
CA HIS G 266 21.04 22.63 38.50
C HIS G 266 20.51 22.75 39.92
N GLN G 267 20.36 21.61 40.61
CA GLN G 267 19.89 21.63 41.98
C GLN G 267 20.89 22.29 42.92
N GLY G 268 22.19 22.07 42.68
CA GLY G 268 23.20 22.63 43.57
C GLY G 268 23.25 24.15 43.53
N LEU G 269 23.27 24.73 42.32
CA LEU G 269 23.23 26.18 42.21
C LEU G 269 21.97 26.76 42.83
N GLY G 270 20.86 26.02 42.80
CA GLY G 270 19.63 26.53 43.37
C GLY G 270 19.69 26.76 44.88
N HIS G 271 20.69 26.18 45.56
CA HIS G 271 20.78 26.36 47.00
C HIS G 271 20.99 27.80 47.43
N VAL G 272 21.56 28.66 46.58
CA VAL G 272 21.70 30.07 46.95
C VAL G 272 20.35 30.75 47.08
N MET G 273 19.28 30.07 46.65
CA MET G 273 17.92 30.59 46.80
C MET G 273 17.09 29.81 47.80
N VAL G 274 17.31 28.51 47.96
CA VAL G 274 16.38 27.70 48.77
C VAL G 274 17.00 27.25 50.08
N ASP G 275 18.21 27.71 50.40
CA ASP G 275 18.77 27.53 51.72
C ASP G 275 18.95 28.91 52.34
N TYR G 276 18.29 29.14 53.48
CA TYR G 276 18.27 30.46 54.09
C TYR G 276 19.67 30.96 54.39
N GLU G 277 20.52 30.11 54.97
CA GLU G 277 21.85 30.55 55.37
C GLU G 277 22.71 30.90 54.17
N LEU G 278 22.77 30.01 53.17
CA LEU G 278 23.53 30.31 51.96
C LEU G 278 22.96 31.53 51.23
N ARG G 279 21.63 31.65 51.25
CA ARG G 279 20.99 32.80 50.62
C ARG G 279 21.48 34.12 51.20
N GLN G 280 21.63 34.20 52.53
CA GLN G 280 22.15 35.44 53.13
C GLN G 280 23.59 35.69 52.73
N ILE G 281 24.41 34.63 52.70
CA ILE G 281 25.80 34.77 52.31
C ILE G 281 25.90 35.27 50.86
N HIS G 282 25.13 34.64 49.98
CA HIS G 282 25.20 34.96 48.57
C HIS G 282 24.57 36.31 48.27
N ASN G 283 23.41 36.60 48.89
CA ASN G 283 22.76 37.89 48.68
C ASN G 283 23.65 39.05 49.06
N ASN G 284 24.21 39.00 50.27
CA ASN G 284 25.01 40.11 50.79
C ASN G 284 26.43 40.10 50.22
N GLY G 285 26.95 38.92 49.90
CA GLY G 285 28.33 38.77 49.50
C GLY G 285 28.57 38.78 48.00
N VAL G 286 27.53 38.49 47.21
CA VAL G 286 27.69 38.44 45.76
C VAL G 286 26.68 39.37 45.09
N LEU G 287 25.38 39.11 45.27
CA LEU G 287 24.35 39.85 44.53
C LEU G 287 24.41 41.35 44.80
N ALA G 288 24.73 41.75 46.04
CA ALA G 288 24.79 43.16 46.40
C ALA G 288 25.90 43.91 45.67
N HIS G 289 26.82 43.23 45.00
CA HIS G 289 27.98 43.88 44.39
C HIS G 289 27.97 43.83 42.87
N LEU G 290 26.85 43.43 42.26
CA LEU G 290 26.80 43.18 40.83
C LEU G 290 26.15 44.32 40.07
N ASP G 291 26.76 44.70 38.96
CA ASP G 291 26.10 45.44 37.90
C ASP G 291 25.36 44.52 36.94
N LYS G 292 25.85 43.29 36.74
CA LYS G 292 25.26 42.36 35.80
C LYS G 292 25.42 40.92 36.28
N GLY G 293 24.38 40.12 36.04
CA GLY G 293 24.44 38.70 36.33
C GLY G 293 23.79 38.41 37.65
N PRO G 294 23.98 37.20 38.19
CA PRO G 294 24.80 36.15 37.58
C PRO G 294 24.10 35.43 36.44
N TYR G 295 24.88 34.97 35.46
CA TYR G 295 24.36 34.17 34.37
C TYR G 295 25.23 32.92 34.25
N TYR G 296 24.60 31.75 34.35
CA TYR G 296 25.32 30.47 34.41
C TYR G 296 25.12 29.69 33.13
N MET G 297 26.22 29.44 32.42
CA MET G 297 26.23 28.56 31.26
C MET G 297 26.78 27.20 31.67
N PHE G 298 26.15 26.15 31.14
CA PHE G 298 26.53 24.75 31.40
C PHE G 298 27.40 24.24 30.27
N PHE G 299 28.47 23.55 30.62
CA PHE G 299 29.42 23.03 29.65
C PHE G 299 29.75 21.57 29.92
N SER G 300 30.12 20.87 28.87
CA SER G 300 30.72 19.57 29.03
C SER G 300 32.19 19.62 28.61
N PRO G 301 33.12 19.14 29.43
CA PRO G 301 34.53 19.08 29.02
C PRO G 301 34.76 17.95 28.02
N MET G 302 35.06 18.33 26.78
CA MET G 302 35.29 17.33 25.73
C MET G 302 36.71 16.75 25.78
N MET G 303 37.72 17.60 26.04
CA MET G 303 39.10 17.16 26.16
C MET G 303 39.77 18.00 27.23
N GLU G 304 40.66 17.37 28.00
CA GLU G 304 41.35 18.07 29.07
C GLU G 304 42.77 17.59 29.11
N GLN G 305 43.69 18.53 29.29
CA GLN G 305 45.05 18.22 29.71
C GLN G 305 45.12 18.94 31.04
N GLY G 306 44.92 18.17 32.13
CA GLY G 306 44.60 18.75 33.42
C GLY G 306 45.75 18.89 34.40
N LEU G 307 47.00 18.76 33.93
CA LEU G 307 48.13 18.83 34.87
C LEU G 307 48.28 20.19 35.53
N TRP G 308 47.78 21.27 34.90
CA TRP G 308 47.84 22.58 35.53
C TRP G 308 47.16 22.61 36.88
N ARG G 309 46.13 21.78 37.08
CA ARG G 309 45.44 21.76 38.36
C ARG G 309 46.34 21.28 39.47
N LYS G 310 47.32 20.44 39.15
CA LYS G 310 48.15 19.84 40.19
C LYS G 310 48.98 20.88 40.93
N HIS G 311 49.26 22.05 40.32
CA HIS G 311 49.95 23.13 41.04
C HIS G 311 49.10 24.41 41.00
N LEU G 312 48.04 24.43 41.82
CA LEU G 312 47.28 25.65 42.09
C LEU G 312 47.45 25.99 43.57
N LYS G 313 46.47 26.68 44.17
CA LYS G 313 46.48 27.02 45.60
C LYS G 313 47.72 27.79 45.97
N GLU H 4 71.49 -1.62 -17.50
CA GLU H 4 70.92 -0.76 -16.48
C GLU H 4 69.94 -1.52 -15.56
N ASN H 5 70.31 -1.71 -14.29
CA ASN H 5 69.37 -2.24 -13.30
CA ASN H 5 69.32 -2.22 -13.33
C ASN H 5 68.95 -1.12 -12.36
N PRO H 6 67.76 -0.54 -12.52
CA PRO H 6 67.33 0.56 -11.67
C PRO H 6 66.97 0.06 -10.28
N ILE H 7 66.76 1.01 -9.39
CA ILE H 7 66.32 0.78 -8.03
C ILE H 7 64.83 1.06 -7.96
N ILE H 8 64.11 0.30 -7.14
CA ILE H 8 62.67 0.50 -6.99
C ILE H 8 62.38 0.85 -5.55
N ALA H 9 61.80 2.02 -5.33
CA ALA H 9 61.26 2.38 -4.03
C ALA H 9 59.79 2.00 -4.03
N ILE H 10 59.37 1.24 -3.04
CA ILE H 10 57.98 0.81 -2.98
C ILE H 10 57.36 1.45 -1.77
N ASN H 11 56.53 2.47 -2.02
CA ASN H 11 55.77 3.11 -0.95
C ASN H 11 54.57 2.23 -0.61
N MET H 12 54.58 1.67 0.60
CA MET H 12 53.56 0.72 1.03
C MET H 12 52.64 1.40 2.03
N ALA H 13 51.34 1.39 1.76
CA ALA H 13 50.38 1.95 2.67
C ALA H 13 49.14 1.08 2.70
N LYS H 14 48.37 1.22 3.76
CA LYS H 14 47.05 0.62 3.85
C LYS H 14 46.05 1.76 4.01
N ILE H 15 45.08 1.81 3.10
CA ILE H 15 44.17 2.95 3.03
C ILE H 15 42.73 2.46 3.20
N ALA H 16 41.88 3.40 3.60
CA ALA H 16 40.47 3.09 3.82
C ALA H 16 39.80 2.76 2.49
N ASN H 17 38.97 1.73 2.51
CA ASN H 17 38.24 1.30 1.32
C ASN H 17 36.89 1.98 1.33
N LYS H 18 36.84 3.20 0.78
CA LYS H 18 35.60 3.97 0.74
C LYS H 18 35.69 4.90 -0.45
N PRO H 19 34.56 5.42 -0.93
CA PRO H 19 34.58 6.29 -2.14
C PRO H 19 35.55 7.47 -2.06
N ASP H 20 35.68 8.09 -0.88
CA ASP H 20 36.58 9.23 -0.73
C ASP H 20 38.01 8.86 -1.10
N SER H 21 38.43 7.63 -0.77
CA SER H 21 39.80 7.22 -1.04
C SER H 21 40.07 7.16 -2.53
N TYR H 22 39.11 6.60 -3.30
CA TYR H 22 39.27 6.60 -4.75
C TYR H 22 39.25 8.02 -5.29
N GLU H 23 38.49 8.91 -4.66
CA GLU H 23 38.44 10.30 -5.09
C GLU H 23 39.81 10.96 -4.94
N THR H 24 40.41 10.88 -3.75
CA THR H 24 41.69 11.52 -3.53
C THR H 24 42.85 10.84 -4.27
N MET H 25 42.74 9.55 -4.60
CA MET H 25 43.80 8.89 -5.36
C MET H 25 43.89 9.41 -6.79
N MET H 26 42.76 9.80 -7.38
CA MET H 26 42.71 10.34 -8.72
C MET H 26 43.00 11.84 -8.77
N LYS H 27 42.81 12.55 -7.65
CA LYS H 27 43.03 14.00 -7.57
C LYS H 27 44.44 14.36 -7.09
N VAL H 28 44.98 13.62 -6.12
CA VAL H 28 46.29 13.91 -5.55
C VAL H 28 47.37 13.01 -6.14
N GLY H 29 47.03 11.76 -6.42
CA GLY H 29 47.94 10.78 -6.97
C GLY H 29 48.73 11.29 -8.17
N PRO H 30 48.03 11.77 -9.21
CA PRO H 30 48.77 12.35 -10.35
C PRO H 30 49.70 13.48 -9.95
N LYS H 31 49.30 14.31 -8.98
CA LYS H 31 50.11 15.47 -8.61
C LYS H 31 51.44 15.08 -8.00
N VAL H 32 51.49 13.99 -7.22
CA VAL H 32 52.74 13.51 -6.64
C VAL H 32 53.70 13.04 -7.73
N CSS H 33 53.15 12.31 -8.72
CA CSS H 33 53.93 11.80 -9.84
CB CSS H 33 53.09 10.87 -10.66
SG CSS H 33 52.68 9.42 -9.74
SD CSS H 33 54.32 8.66 -8.82
C CSS H 33 54.46 12.93 -10.69
O CSS H 33 55.60 12.84 -11.24
N ILE H 34 53.68 14.00 -10.79
CA ILE H 34 54.12 15.18 -11.55
C ILE H 34 55.32 15.78 -10.83
N THR H 35 55.23 15.86 -9.51
CA THR H 35 56.36 16.31 -8.71
C THR H 35 57.57 15.39 -8.89
N THR H 36 57.35 14.09 -8.85
CA THR H 36 58.45 13.13 -8.97
C THR H 36 59.18 13.28 -10.31
N ALA H 37 58.44 13.48 -11.41
CA ALA H 37 58.98 13.50 -12.76
C ALA H 37 59.76 14.76 -13.07
N SER H 38 59.97 15.65 -12.11
CA SER H 38 60.90 16.76 -12.29
C SER H 38 62.36 16.30 -12.21
N HIS H 39 62.64 15.10 -11.74
CA HIS H 39 64.03 14.71 -11.51
C HIS H 39 64.55 13.83 -12.64
N PRO H 40 65.75 14.10 -13.17
CA PRO H 40 66.22 13.30 -14.31
C PRO H 40 66.52 11.84 -13.96
N GLY H 41 66.64 11.51 -12.68
CA GLY H 41 66.84 10.12 -12.35
C GLY H 41 65.58 9.29 -12.27
N PHE H 42 64.41 9.92 -12.48
CA PHE H 42 63.14 9.23 -12.36
C PHE H 42 62.81 8.48 -13.64
N LEU H 43 62.55 7.18 -13.50
CA LEU H 43 62.39 6.31 -14.66
C LEU H 43 60.97 5.82 -14.90
N GLY H 44 60.11 5.85 -13.89
CA GLY H 44 58.74 5.40 -14.08
C GLY H 44 58.11 4.99 -12.78
N PHE H 45 56.84 4.60 -12.88
CA PHE H 45 56.11 4.26 -11.66
C PHE H 45 55.02 3.23 -11.94
N GLU H 46 54.55 2.63 -10.86
CA GLU H 46 53.44 1.68 -10.85
C GLU H 46 52.55 1.97 -9.66
N GLN H 47 51.29 2.28 -9.90
CA GLN H 47 50.33 2.44 -8.81
C GLN H 47 49.47 1.18 -8.70
N LEU H 48 49.67 0.43 -7.62
CA LEU H 48 49.03 -0.86 -7.42
C LEU H 48 48.04 -0.79 -6.27
N LEU H 49 46.80 -1.19 -6.54
CA LEU H 49 45.76 -1.24 -5.52
C LEU H 49 45.44 -2.70 -5.23
N GLN H 50 45.48 -3.06 -3.96
CA GLN H 50 45.22 -4.45 -3.58
C GLN H 50 43.77 -4.82 -3.87
N THR H 51 43.60 -5.99 -4.48
CA THR H 51 42.26 -6.50 -4.75
C THR H 51 41.95 -7.77 -3.98
N GLY H 52 42.96 -8.42 -3.41
CA GLY H 52 42.72 -9.66 -2.70
C GLY H 52 44.05 -10.33 -2.36
N ILE H 53 43.96 -11.64 -2.08
CA ILE H 53 45.13 -12.48 -1.76
C ILE H 53 44.96 -13.85 -2.42
N HIS H 54 46.03 -14.65 -2.38
CA HIS H 54 45.94 -16.04 -2.75
C HIS H 54 45.63 -16.87 -1.51
N PRO H 55 44.48 -17.54 -1.44
CA PRO H 55 44.16 -18.29 -0.22
C PRO H 55 45.02 -19.54 -0.02
N MET H 56 45.78 -19.97 -1.03
CA MET H 56 46.74 -21.08 -0.92
C MET H 56 46.13 -22.32 -0.30
N ALA H 57 45.06 -22.80 -0.94
CA ALA H 57 44.42 -24.07 -0.58
C ALA H 57 43.94 -24.08 0.87
N GLY H 58 43.49 -22.92 1.36
CA GLY H 58 42.93 -22.83 2.68
C GLY H 58 43.90 -22.35 3.73
N ARG H 59 45.18 -22.21 3.39
CA ARG H 59 46.15 -21.67 4.34
C ARG H 59 45.76 -20.28 4.83
N TYR H 60 45.15 -19.47 3.96
CA TYR H 60 44.58 -18.19 4.38
C TYR H 60 43.11 -18.18 3.96
N GLY H 61 42.33 -19.10 4.55
CA GLY H 61 40.96 -19.34 4.14
C GLY H 61 39.99 -18.24 4.46
N GLY H 62 40.36 -17.31 5.33
CA GLY H 62 39.51 -16.15 5.53
C GLY H 62 39.59 -15.14 4.41
N GLY H 63 40.55 -15.27 3.51
CA GLY H 63 40.70 -14.35 2.40
C GLY H 63 40.13 -14.91 1.13
N ALA H 64 40.33 -14.16 0.05
CA ALA H 64 39.82 -14.58 -1.25
C ALA H 64 40.58 -13.82 -2.32
N VAL H 65 40.59 -14.40 -3.53
CA VAL H 65 41.18 -13.73 -4.68
C VAL H 65 40.58 -12.36 -4.87
N ASP H 66 39.26 -12.26 -4.76
CA ASP H 66 38.56 -11.00 -4.97
C ASP H 66 37.98 -10.55 -3.62
N MET H 67 38.66 -9.58 -2.99
CA MET H 67 38.18 -8.99 -1.76
C MET H 67 37.84 -7.52 -1.94
N ARG H 68 37.57 -7.11 -3.18
CA ARG H 68 37.43 -5.68 -3.47
C ARG H 68 36.32 -5.03 -2.65
N GLU H 69 35.28 -5.79 -2.29
CA GLU H 69 34.15 -5.26 -1.54
C GLU H 69 34.35 -5.24 -0.04
N THR H 70 35.27 -6.06 0.49
CA THR H 70 35.33 -6.28 1.93
C THR H 70 36.65 -5.88 2.59
N LEU H 71 37.72 -5.74 1.82
CA LEU H 71 39.03 -5.45 2.37
C LEU H 71 39.07 -4.02 2.93
N ASN H 72 39.38 -3.87 4.20
CA ASN H 72 39.53 -2.52 4.75
C ASN H 72 40.39 -2.57 6.01
N PRO H 73 41.61 -1.99 5.98
CA PRO H 73 42.19 -1.22 4.88
C PRO H 73 42.58 -2.09 3.69
N MET H 74 42.85 -1.47 2.54
CA MET H 74 43.36 -2.17 1.37
C MET H 74 44.79 -1.72 1.10
N GLY H 75 45.62 -2.65 0.67
CA GLY H 75 47.00 -2.32 0.37
C GLY H 75 47.09 -1.38 -0.82
N MET H 76 48.02 -0.47 -0.74
CA MET H 76 48.27 0.42 -1.87
C MET H 76 49.78 0.57 -1.98
N PHE H 77 50.34 0.00 -3.06
CA PHE H 77 51.78 0.00 -3.28
C PHE H 77 52.09 0.93 -4.44
N GLN H 78 53.00 1.86 -4.21
CA GLN H 78 53.44 2.80 -5.23
C GLN H 78 54.91 2.52 -5.53
N TYR H 79 55.19 1.90 -6.69
CA TYR H 79 56.56 1.79 -7.17
C TYR H 79 56.95 3.09 -7.80
N THR H 80 58.08 3.67 -7.39
CA THR H 80 58.76 4.66 -8.22
C THR H 80 60.15 4.11 -8.51
N VAL H 81 60.56 4.21 -9.77
CA VAL H 81 61.74 3.53 -10.28
C VAL H 81 62.79 4.59 -10.59
N TRP H 82 64.03 4.34 -10.18
CA TRP H 82 65.06 5.37 -10.12
C TRP H 82 66.39 4.85 -10.66
N LYS H 83 67.19 5.77 -11.21
CA LYS H 83 68.55 5.41 -11.58
C LYS H 83 69.34 4.95 -10.36
N ASP H 84 69.08 5.56 -9.21
CA ASP H 84 69.83 5.23 -7.99
C ASP H 84 69.09 5.80 -6.78
N VAL H 85 69.54 5.39 -5.59
CA VAL H 85 68.96 5.87 -4.34
C VAL H 85 69.09 7.38 -4.21
N HIS H 86 70.25 7.93 -4.60
CA HIS H 86 70.47 9.37 -4.42
C HIS H 86 69.41 10.18 -5.15
N SER H 87 69.02 9.74 -6.35
CA SER H 87 68.03 10.45 -7.15
C SER H 87 66.71 10.57 -6.39
N HIS H 88 66.26 9.47 -5.81
CA HIS H 88 65.01 9.47 -5.08
C HIS H 88 65.10 10.34 -3.84
N GLU H 89 66.17 10.20 -3.06
CA GLU H 89 66.30 11.04 -1.86
C GLU H 89 66.40 12.50 -2.26
N GLU H 90 67.10 12.79 -3.35
CA GLU H 90 67.24 14.17 -3.78
C GLU H 90 65.91 14.74 -4.25
N MET H 91 65.14 13.98 -5.02
CA MET H 91 63.81 14.44 -5.41
C MET H 91 62.95 14.75 -4.18
N HIS H 92 62.92 13.82 -3.21
CA HIS H 92 62.16 14.06 -1.99
C HIS H 92 62.63 15.31 -1.25
N HIS H 93 63.94 15.53 -1.19
CA HIS H 93 64.45 16.73 -0.53
C HIS H 93 64.06 17.98 -1.31
N ASP H 94 64.30 17.98 -2.63
CA ASP H 94 64.07 19.19 -3.41
C ASP H 94 62.60 19.55 -3.48
N ASN H 95 61.71 18.59 -3.34
CA ASN H 95 60.28 18.83 -3.46
C ASN H 95 59.57 18.55 -2.14
N PHE H 96 60.31 18.72 -1.03
CA PHE H 96 59.79 18.31 0.27
C PHE H 96 58.51 19.07 0.63
N LYS H 97 58.50 20.41 0.45
CA LYS H 97 57.32 21.21 0.78
C LYS H 97 56.10 20.76 -0.02
N GLU H 98 56.29 20.53 -1.33
CA GLU H 98 55.13 20.23 -2.16
C GLU H 98 54.62 18.81 -1.92
N ILE H 99 55.53 17.84 -1.78
CA ILE H 99 55.11 16.48 -1.45
C ILE H 99 54.45 16.43 -0.07
N PHE H 100 54.97 17.20 0.88
CA PHE H 100 54.33 17.26 2.19
C PHE H 100 52.91 17.82 2.07
N GLU H 101 52.73 18.88 1.28
CA GLU H 101 51.40 19.43 1.08
C GLU H 101 50.45 18.39 0.48
N LEU H 102 50.92 17.67 -0.54
CA LEU H 102 50.10 16.70 -1.24
C LEU H 102 49.80 15.51 -0.33
N CSS H 103 50.81 14.98 0.34
CA CSS H 103 50.57 13.81 1.13
CB CSS H 103 51.85 13.13 1.49
SG CSS H 103 52.43 12.27 0.04
SD CSS H 103 51.00 11.12 -0.78
C CSS H 103 49.77 14.16 2.37
O CSS H 103 49.09 13.25 2.90
N SER H 104 49.79 15.40 2.85
CA SER H 104 48.93 15.75 3.97
C SER H 104 47.46 15.50 3.65
N GLY H 105 47.05 15.76 2.41
CA GLY H 105 45.71 15.39 2.02
C GLY H 105 45.49 13.88 2.05
N CYS H 106 46.52 13.12 1.66
CA CYS H 106 46.39 11.67 1.60
C CYS H 106 46.33 11.00 2.97
N LEU H 107 46.87 11.64 4.01
CA LEU H 107 46.86 11.00 5.32
C LEU H 107 45.44 10.82 5.86
N GLY H 108 44.47 11.59 5.37
CA GLY H 108 43.08 11.43 5.76
C GLY H 108 42.46 10.11 5.33
N MET H 109 43.13 9.33 4.48
CA MET H 109 42.64 8.02 4.11
C MET H 109 43.57 6.90 4.57
N VAL H 110 44.66 7.23 5.26
CA VAL H 110 45.69 6.27 5.64
C VAL H 110 45.33 5.60 6.96
N ILE H 111 45.38 4.27 6.98
CA ILE H 111 45.17 3.50 8.20
C ILE H 111 46.50 2.97 8.71
N GLU H 112 47.43 2.69 7.79
CA GLU H 112 48.76 2.21 8.14
C GLU H 112 49.75 2.69 7.07
N GLY H 113 50.99 2.94 7.49
CA GLY H 113 51.99 3.44 6.59
C GLY H 113 52.08 4.96 6.60
N PRO H 114 52.82 5.53 5.65
CA PRO H 114 53.56 4.83 4.60
C PRO H 114 54.91 4.26 5.09
N TRP H 115 55.36 3.18 4.45
CA TRP H 115 56.69 2.63 4.64
C TRP H 115 57.28 2.37 3.26
N GLU H 116 58.44 2.96 2.97
CA GLU H 116 58.99 2.95 1.60
C GLU H 116 60.39 2.31 1.58
N PRO H 117 60.46 0.99 1.48
CA PRO H 117 61.76 0.34 1.35
C PRO H 117 62.27 0.47 -0.06
N TYR H 118 63.59 0.34 -0.17
CA TYR H 118 64.32 0.29 -1.43
C TYR H 118 64.59 -1.15 -1.83
N PHE H 119 64.41 -1.45 -3.12
CA PHE H 119 64.57 -2.81 -3.60
C PHE H 119 65.53 -2.87 -4.78
N GLU H 120 66.37 -3.89 -4.76
CA GLU H 120 67.21 -4.19 -5.89
C GLU H 120 66.49 -5.21 -6.76
N VAL H 121 66.53 -5.00 -8.07
CA VAL H 121 65.95 -5.96 -9.03
C VAL H 121 67.00 -7.04 -9.28
N VAL H 122 66.86 -8.17 -8.59
CA VAL H 122 67.84 -9.24 -8.66
C VAL H 122 67.79 -9.91 -10.02
N LYS H 123 66.58 -10.17 -10.52
CA LYS H 123 66.43 -10.77 -11.83
C LYS H 123 65.02 -10.47 -12.32
N SER H 124 64.84 -10.47 -13.63
CA SER H 124 63.51 -10.14 -14.13
C SER H 124 63.32 -10.73 -15.52
N ASP H 125 62.05 -10.93 -15.87
CA ASP H 125 61.61 -11.22 -17.23
C ASP H 125 60.28 -10.47 -17.38
N LEU H 126 60.36 -9.16 -17.58
CA LEU H 126 59.19 -8.30 -17.60
C LEU H 126 59.01 -7.68 -18.97
N PRO H 127 57.93 -7.91 -19.69
CA PRO H 127 57.74 -7.25 -20.98
C PRO H 127 57.33 -5.78 -20.79
N GLN H 128 57.53 -5.01 -21.84
CA GLN H 128 56.99 -3.67 -21.90
C GLN H 128 55.46 -3.72 -21.92
N ILE H 129 54.82 -2.71 -21.33
CA ILE H 129 53.36 -2.69 -21.36
C ILE H 129 52.90 -2.10 -22.70
N MET H 130 51.70 -2.49 -23.12
CA MET H 130 51.09 -2.11 -24.39
C MET H 130 49.59 -2.23 -24.25
N SER H 131 48.89 -1.92 -25.34
CA SER H 131 47.44 -2.11 -25.38
C SER H 131 47.11 -3.05 -26.52
N MET H 132 45.85 -3.47 -26.58
CA MET H 132 45.41 -4.39 -27.64
C MET H 132 45.74 -3.85 -29.03
N THR H 133 45.45 -2.58 -29.29
CA THR H 133 45.64 -2.04 -30.62
C THR H 133 47.11 -1.88 -30.99
N ASP H 134 48.02 -2.06 -30.04
CA ASP H 134 49.44 -2.10 -30.34
C ASP H 134 49.94 -3.48 -30.76
N VAL H 135 49.19 -4.54 -30.48
CA VAL H 135 49.71 -5.90 -30.56
C VAL H 135 50.07 -6.29 -31.99
N PRO H 136 49.23 -6.01 -33.00
CA PRO H 136 49.67 -6.36 -34.36
C PRO H 136 50.99 -5.72 -34.75
N GLN H 137 51.21 -4.44 -34.40
CA GLN H 137 52.47 -3.80 -34.77
C GLN H 137 53.64 -4.38 -33.98
N VAL H 138 53.43 -4.68 -32.69
CA VAL H 138 54.47 -5.33 -31.89
C VAL H 138 54.84 -6.68 -32.50
N LEU H 139 53.84 -7.43 -32.95
CA LEU H 139 54.08 -8.69 -33.64
C LEU H 139 54.90 -8.45 -34.89
N GLY H 140 54.47 -7.48 -35.72
CA GLY H 140 55.23 -7.18 -36.93
C GLY H 140 56.64 -6.72 -36.65
N ASP H 141 56.81 -5.85 -35.65
CA ASP H 141 58.14 -5.35 -35.32
C ASP H 141 59.03 -6.47 -34.80
N SER H 142 58.47 -7.40 -34.03
CA SER H 142 59.28 -8.50 -33.52
C SER H 142 59.82 -9.35 -34.66
N PHE H 143 58.95 -9.70 -35.62
CA PHE H 143 59.39 -10.52 -36.74
C PHE H 143 60.44 -9.82 -37.58
N ALA H 144 60.23 -8.53 -37.86
CA ALA H 144 61.20 -7.77 -38.65
C ALA H 144 62.56 -7.80 -37.98
N LYS H 145 62.61 -7.54 -36.67
CA LYS H 145 63.84 -7.51 -35.90
C LYS H 145 64.34 -8.90 -35.53
N GLN H 146 63.72 -9.96 -36.06
CA GLN H 146 64.11 -11.33 -35.75
C GLN H 146 64.07 -11.60 -34.23
N GLU H 147 63.22 -10.88 -33.50
CA GLU H 147 63.17 -10.98 -32.05
C GLU H 147 61.93 -11.75 -31.59
N ARG H 148 61.99 -12.20 -30.35
CA ARG H 148 60.89 -12.96 -29.81
C ARG H 148 59.70 -12.04 -29.47
N VAL H 149 58.51 -12.50 -29.81
CA VAL H 149 57.30 -11.78 -29.41
C VAL H 149 57.10 -11.96 -27.91
N PRO H 150 56.89 -10.90 -27.15
CA PRO H 150 56.72 -11.02 -25.71
C PRO H 150 55.30 -11.48 -25.34
N LYS H 151 55.14 -11.88 -24.08
CA LYS H 151 53.79 -11.94 -23.51
C LYS H 151 53.16 -10.55 -23.52
N VAL H 152 51.84 -10.51 -23.67
CA VAL H 152 51.13 -9.24 -23.76
C VAL H 152 50.78 -8.75 -22.36
N ALA H 153 51.41 -7.65 -21.96
CA ALA H 153 51.16 -6.99 -20.69
C ALA H 153 50.30 -5.76 -20.95
N LEU H 154 48.98 -5.89 -20.76
CA LEU H 154 48.08 -4.79 -21.08
C LEU H 154 48.19 -3.68 -20.02
N SER H 155 48.49 -2.48 -20.48
CA SER H 155 48.59 -1.31 -19.63
C SER H 155 47.32 -1.13 -18.81
N SER H 156 47.47 -1.10 -17.49
CA SER H 156 46.36 -0.96 -16.54
C SER H 156 45.22 -1.96 -16.79
N GLN H 157 45.51 -3.16 -17.31
CA GLN H 157 44.46 -4.14 -17.58
C GLN H 157 44.98 -5.56 -17.38
N ARG H 158 45.54 -5.84 -16.21
CA ARG H 158 46.05 -7.17 -15.91
C ARG H 158 46.21 -7.27 -14.41
N THR H 159 46.69 -8.41 -13.94
CA THR H 159 46.84 -8.66 -12.51
C THR H 159 48.31 -8.69 -12.15
N VAL H 160 48.66 -8.00 -11.08
CA VAL H 160 50.00 -8.07 -10.49
C VAL H 160 49.87 -8.72 -9.12
N VAL H 161 50.71 -9.72 -8.90
CA VAL H 161 50.74 -10.43 -7.65
C VAL H 161 52.09 -10.21 -7.01
N ILE H 162 52.11 -10.00 -5.69
CA ILE H 162 53.37 -9.81 -4.96
C ILE H 162 53.45 -10.84 -3.85
N GLY H 163 54.47 -11.71 -3.92
CA GLY H 163 54.72 -12.71 -2.91
C GLY H 163 55.81 -12.27 -1.95
N ASP H 164 55.44 -12.16 -0.68
CA ASP H 164 56.34 -11.71 0.38
C ASP H 164 57.08 -12.91 0.94
N HIS H 165 58.43 -12.84 0.93
CA HIS H 165 59.29 -13.90 1.44
C HIS H 165 60.32 -13.30 2.38
N TRP H 166 60.47 -13.87 3.58
CA TRP H 166 61.60 -13.57 4.44
C TRP H 166 62.56 -14.75 4.38
N VAL H 167 63.81 -14.49 4.00
CA VAL H 167 64.77 -15.55 3.69
C VAL H 167 65.71 -15.75 4.88
N MET H 168 65.96 -17.03 5.21
CA MET H 168 66.86 -17.39 6.30
C MET H 168 68.26 -16.82 6.10
N ASP H 169 68.84 -16.32 7.18
CA ASP H 169 70.20 -15.80 7.13
C ASP H 169 71.13 -16.82 6.46
N GLY H 170 71.84 -16.35 5.43
CA GLY H 170 72.77 -17.19 4.71
C GLY H 170 72.18 -17.96 3.55
N HIS H 171 70.87 -17.91 3.36
CA HIS H 171 70.22 -18.62 2.25
C HIS H 171 69.86 -17.69 1.09
N GLU H 172 70.32 -16.44 1.09
CA GLU H 172 69.86 -15.47 0.10
C GLU H 172 70.15 -15.94 -1.32
N LYS H 173 71.39 -16.37 -1.59
CA LYS H 173 71.73 -16.77 -2.95
C LYS H 173 70.99 -18.02 -3.38
N ALA H 174 70.87 -19.00 -2.48
CA ALA H 174 70.09 -20.19 -2.82
C ALA H 174 68.64 -19.82 -3.14
N PHE H 175 68.05 -18.91 -2.35
CA PHE H 175 66.69 -18.46 -2.64
C PHE H 175 66.62 -17.79 -4.01
N GLU H 176 67.57 -16.90 -4.30
CA GLU H 176 67.52 -16.22 -5.59
C GLU H 176 67.58 -17.21 -6.74
N GLN H 177 68.43 -18.23 -6.64
CA GLN H 177 68.48 -19.22 -7.71
C GLN H 177 67.21 -20.06 -7.77
N GLY H 178 66.67 -20.46 -6.61
CA GLY H 178 65.45 -21.25 -6.63
C GLY H 178 64.25 -20.48 -7.15
N ALA H 179 64.10 -19.23 -6.72
CA ALA H 179 62.97 -18.43 -7.19
C ALA H 179 63.09 -18.18 -8.69
N THR H 180 64.29 -17.90 -9.17
CA THR H 180 64.52 -17.73 -10.60
C THR H 180 64.11 -18.98 -11.36
N GLU H 181 64.52 -20.14 -10.89
CA GLU H 181 64.16 -21.37 -11.60
C GLU H 181 62.66 -21.61 -11.56
N THR H 182 62.03 -21.35 -10.41
CA THR H 182 60.58 -21.49 -10.33
C THR H 182 59.89 -20.58 -11.34
N LEU H 183 60.29 -19.31 -11.38
CA LEU H 183 59.58 -18.33 -12.21
C LEU H 183 59.79 -18.59 -13.68
N GLU H 184 61.00 -19.02 -14.07
CA GLU H 184 61.26 -19.37 -15.47
C GLU H 184 60.42 -20.56 -15.92
N TRP H 185 60.32 -21.58 -15.07
CA TRP H 185 59.44 -22.70 -15.38
C TRP H 185 58.01 -22.21 -15.54
N MET H 186 57.56 -21.34 -14.64
CA MET H 186 56.18 -20.86 -14.74
C MET H 186 55.96 -20.09 -16.03
N LYS H 187 56.92 -19.23 -16.41
CA LYS H 187 56.71 -18.47 -17.63
C LYS H 187 56.72 -19.35 -18.86
N ALA H 188 57.49 -20.42 -18.85
CA ALA H 188 57.50 -21.31 -20.00
C ALA H 188 56.25 -22.19 -20.05
N ASN H 189 55.61 -22.49 -18.92
CA ASN H 189 54.66 -23.61 -18.88
C ASN H 189 53.27 -23.29 -18.37
N VAL H 190 53.03 -22.13 -17.79
CA VAL H 190 51.76 -21.85 -17.13
C VAL H 190 51.01 -20.83 -17.95
N PRO H 191 49.73 -21.07 -18.30
CA PRO H 191 48.99 -20.13 -19.15
C PRO H 191 48.84 -18.77 -18.49
N GLY H 192 48.97 -17.72 -19.29
CA GLY H 192 48.65 -16.39 -18.78
C GLY H 192 49.70 -15.74 -17.91
N MET H 193 50.88 -16.35 -17.78
CA MET H 193 51.93 -15.71 -17.01
C MET H 193 52.60 -14.66 -17.89
N VAL H 194 52.48 -13.41 -17.50
CA VAL H 194 52.91 -12.31 -18.35
C VAL H 194 54.39 -11.99 -18.11
N GLY H 195 54.84 -12.01 -16.87
CA GLY H 195 56.22 -11.65 -16.56
C GLY H 195 56.44 -11.70 -15.06
N TRP H 196 57.69 -11.48 -14.67
CA TRP H 196 58.05 -11.59 -13.26
C TRP H 196 59.29 -10.76 -12.97
N MET H 197 59.52 -10.55 -11.67
CA MET H 197 60.64 -9.77 -11.19
C MET H 197 60.93 -10.19 -9.76
N ILE H 198 62.20 -10.39 -9.42
CA ILE H 198 62.61 -10.71 -8.06
C ILE H 198 63.24 -9.46 -7.45
N MET H 199 62.68 -9.00 -6.33
CA MET H 199 63.10 -7.76 -5.68
C MET H 199 63.64 -8.05 -4.29
N LYS H 200 64.79 -7.47 -3.96
CA LYS H 200 65.46 -7.68 -2.69
C LYS H 200 65.49 -6.36 -1.94
N GLN H 201 64.91 -6.31 -0.72
CA GLN H 201 64.96 -5.09 0.09
C GLN H 201 66.36 -4.88 0.66
N PHE H 202 66.94 -3.68 0.45
CA PHE H 202 68.27 -3.40 1.00
C PHE H 202 68.33 -2.13 1.83
N GLY H 203 67.21 -1.47 2.05
CA GLY H 203 67.18 -0.28 2.87
C GLY H 203 65.80 0.34 2.79
N VAL H 204 65.63 1.42 3.55
CA VAL H 204 64.36 2.13 3.61
C VAL H 204 64.63 3.63 3.58
N SER H 205 63.76 4.37 2.92
CA SER H 205 63.83 5.83 2.91
C SER H 205 63.16 6.38 4.17
N ALA H 206 63.89 7.17 4.96
CA ALA H 206 63.25 7.78 6.13
C ALA H 206 62.21 8.82 5.70
N ILE H 207 62.60 9.74 4.81
CA ILE H 207 61.69 10.78 4.36
C ILE H 207 60.47 10.17 3.68
N GLY H 208 60.70 9.20 2.79
CA GLY H 208 59.60 8.56 2.08
C GLY H 208 58.67 7.80 2.98
N SER H 209 59.14 7.38 4.16
CA SER H 209 58.32 6.69 5.15
C SER H 209 57.74 7.65 6.18
N PHE H 210 57.90 8.96 5.97
CA PHE H 210 57.38 9.97 6.87
C PHE H 210 57.96 9.83 8.28
N GLN H 211 59.21 9.39 8.40
CA GLN H 211 59.88 9.20 9.68
C GLN H 211 60.86 10.35 9.89
N LEU H 212 60.39 11.38 10.54
CA LEU H 212 61.14 12.61 10.74
C LEU H 212 61.84 12.56 12.09
N ASP H 213 62.64 13.59 12.35
CA ASP H 213 63.13 13.83 13.69
C ASP H 213 61.96 14.19 14.60
N PRO H 214 62.14 14.15 15.92
CA PRO H 214 60.98 14.38 16.80
C PRO H 214 60.30 15.73 16.58
N GLU H 215 61.08 16.81 16.42
CA GLU H 215 60.44 18.11 16.27
C GLU H 215 59.69 18.21 14.95
N GLY H 216 60.27 17.65 13.88
CA GLY H 216 59.56 17.59 12.63
C GLY H 216 58.27 16.77 12.73
N ALA H 217 58.31 15.68 13.49
CA ALA H 217 57.10 14.87 13.67
C ALA H 217 56.00 15.69 14.32
N MET H 218 56.36 16.49 15.32
CA MET H 218 55.38 17.36 15.97
C MET H 218 54.83 18.38 14.99
N LYS H 219 55.70 19.08 14.25
CA LYS H 219 55.19 20.08 13.32
C LYS H 219 54.37 19.45 12.21
N ALA H 220 54.68 18.19 11.83
CA ALA H 220 53.95 17.53 10.75
C ALA H 220 52.46 17.45 11.03
N VAL H 221 52.07 17.31 12.31
CA VAL H 221 50.67 17.25 12.67
C VAL H 221 50.16 18.57 13.24
N SER H 222 51.00 19.60 13.23
CA SER H 222 50.62 20.95 13.63
C SER H 222 50.17 21.80 12.44
N THR H 223 49.86 21.17 11.32
CA THR H 223 49.55 21.85 10.08
C THR H 223 48.60 20.96 9.28
N LEU H 224 47.90 21.58 8.33
CA LEU H 224 47.09 20.82 7.39
C LEU H 224 47.79 20.63 6.07
N GLY H 225 49.04 21.09 5.95
CA GLY H 225 49.80 20.89 4.75
C GLY H 225 50.53 22.14 4.29
N ALA H 226 50.11 23.31 4.75
CA ALA H 226 50.69 24.56 4.27
C ALA H 226 51.97 24.97 4.99
N ASN H 227 52.24 24.40 6.17
CA ASN H 227 53.41 24.80 6.97
C ASN H 227 54.21 23.56 7.31
N PRO H 228 55.04 23.09 6.37
CA PRO H 228 55.74 21.82 6.55
C PRO H 228 56.80 21.92 7.63
N PRO H 229 57.19 20.79 8.22
CA PRO H 229 58.38 20.78 9.07
C PRO H 229 59.62 20.99 8.23
N GLU H 230 60.74 21.27 8.91
CA GLU H 230 62.04 21.26 8.27
C GLU H 230 62.39 19.86 7.80
N TYR H 231 63.07 19.77 6.67
CA TYR H 231 63.59 18.49 6.23
C TYR H 231 64.62 17.99 7.23
N ASN H 232 64.30 16.91 7.94
CA ASN H 232 65.21 16.37 8.94
C ASN H 232 64.70 15.00 9.37
N THR H 233 65.63 14.13 9.80
CA THR H 233 65.31 12.78 10.23
C THR H 233 66.21 12.43 11.41
N ASN H 234 65.98 11.24 11.99
CA ASN H 234 66.90 10.78 13.02
C ASN H 234 68.27 10.43 12.46
N TYR H 235 68.44 10.48 11.13
CA TYR H 235 69.70 10.33 10.43
C TYR H 235 70.19 11.66 9.88
N GLY H 236 69.72 12.78 10.42
CA GLY H 236 70.19 14.08 9.98
C GLY H 236 69.43 14.62 8.78
N ASN H 237 69.94 15.72 8.24
CA ASN H 237 69.20 16.47 7.24
C ASN H 237 69.90 16.51 5.88
N LYS H 238 70.85 15.62 5.64
CA LYS H 238 71.54 15.58 4.36
C LYS H 238 70.87 14.62 3.38
N VAL H 239 71.12 14.84 2.10
CA VAL H 239 70.61 13.95 1.05
C VAL H 239 71.53 12.75 0.96
N HIS H 240 71.00 11.57 1.22
CA HIS H 240 71.79 10.35 1.34
C HIS H 240 72.03 9.71 -0.02
N ASP H 241 73.23 9.14 -0.20
CA ASP H 241 73.59 8.27 -1.34
C ASP H 241 73.10 6.83 -1.18
N LYS H 242 73.03 6.33 0.06
CA LYS H 242 72.57 5.01 0.44
C LYS H 242 71.37 5.18 1.35
N PRO H 243 70.47 4.20 1.41
CA PRO H 243 69.29 4.33 2.27
C PRO H 243 69.70 4.61 3.70
N PRO H 244 69.09 5.62 4.32
CA PRO H 244 69.43 5.90 5.73
C PRO H 244 69.03 4.79 6.68
N ILE H 245 67.88 4.15 6.45
CA ILE H 245 67.44 3.07 7.31
C ILE H 245 67.89 1.73 6.73
N PRO H 246 68.55 0.88 7.52
CA PRO H 246 69.02 -0.41 6.98
C PRO H 246 67.88 -1.29 6.50
N GLY H 247 68.17 -2.16 5.54
CA GLY H 247 67.21 -3.19 5.18
C GLY H 247 66.94 -4.10 6.36
N GLN H 248 65.70 -4.61 6.41
CA GLN H 248 65.33 -5.48 7.52
C GLN H 248 66.06 -6.82 7.41
N THR H 249 66.24 -7.47 8.56
CA THR H 249 66.58 -8.87 8.61
C THR H 249 65.51 -9.63 9.41
N PRO H 250 65.19 -10.89 9.04
CA PRO H 250 65.69 -11.65 7.88
C PRO H 250 65.40 -10.92 6.55
N THR H 251 66.26 -11.11 5.55
CA THR H 251 66.10 -10.39 4.30
C THR H 251 64.73 -10.61 3.67
N GLN H 252 64.07 -9.51 3.28
CA GLN H 252 62.81 -9.60 2.56
C GLN H 252 63.05 -9.59 1.06
N TYR H 253 62.43 -10.55 0.36
CA TYR H 253 62.33 -10.54 -1.08
C TYR H 253 60.85 -10.47 -1.45
N LEU H 254 60.51 -9.58 -2.38
CA LEU H 254 59.19 -9.53 -2.98
C LEU H 254 59.26 -10.12 -4.37
N VAL H 255 58.43 -11.12 -4.65
CA VAL H 255 58.37 -11.75 -5.96
C VAL H 255 57.19 -11.14 -6.71
N HIS H 256 57.49 -10.38 -7.76
CA HIS H 256 56.49 -9.63 -8.51
C HIS H 256 56.13 -10.46 -9.76
N ILE H 257 54.88 -10.88 -9.87
CA ILE H 257 54.44 -11.70 -11.00
C ILE H 257 53.22 -11.07 -11.64
N GLU H 258 53.24 -10.92 -12.96
CA GLU H 258 52.13 -10.36 -13.70
C GLU H 258 51.39 -11.47 -14.43
N TRP H 259 50.07 -11.37 -14.44
CA TRP H 259 49.21 -12.42 -14.99
C TRP H 259 48.10 -11.75 -15.79
N GLU H 260 47.52 -12.54 -16.71
CA GLU H 260 46.43 -12.02 -17.53
C GLU H 260 45.24 -11.55 -16.68
N SER H 261 44.94 -12.27 -15.62
CA SER H 261 43.72 -12.00 -14.85
C SER H 261 43.88 -12.60 -13.47
N PRO H 262 43.00 -12.23 -12.53
CA PRO H 262 43.07 -12.86 -11.20
C PRO H 262 42.92 -14.36 -11.24
N GLU H 263 42.09 -14.88 -12.16
CA GLU H 263 41.91 -16.32 -12.26
C GLU H 263 43.18 -17.01 -12.75
N HIS H 264 43.85 -16.43 -13.75
CA HIS H 264 45.10 -16.99 -14.22
C HIS H 264 46.17 -16.97 -13.14
N ALA H 265 46.20 -15.89 -12.34
CA ALA H 265 47.15 -15.80 -11.25
C ALA H 265 46.86 -16.86 -10.18
N HIS H 266 45.59 -17.03 -9.83
CA HIS H 266 45.20 -17.97 -8.80
C HIS H 266 45.57 -19.39 -9.19
N GLN H 267 45.09 -19.83 -10.36
CA GLN H 267 45.41 -21.16 -10.83
C GLN H 267 46.90 -21.29 -11.18
N GLY H 268 47.50 -20.23 -11.69
CA GLY H 268 48.90 -20.31 -12.07
C GLY H 268 49.82 -20.50 -10.87
N LEU H 269 49.63 -19.68 -9.83
CA LEU H 269 50.43 -19.85 -8.61
C LEU H 269 50.21 -21.22 -8.01
N GLY H 270 49.02 -21.80 -8.17
CA GLY H 270 48.78 -23.11 -7.60
C GLY H 270 49.66 -24.21 -8.17
N HIS H 271 50.29 -23.97 -9.34
CA HIS H 271 51.12 -25.01 -9.95
C HIS H 271 52.31 -25.41 -9.09
N VAL H 272 52.77 -24.56 -8.17
CA VAL H 272 53.85 -24.98 -7.29
C VAL H 272 53.38 -26.06 -6.32
N MET H 273 52.08 -26.32 -6.28
CA MET H 273 51.57 -27.40 -5.47
C MET H 273 50.99 -28.55 -6.26
N VAL H 274 50.45 -28.31 -7.47
CA VAL H 274 49.74 -29.35 -8.21
C VAL H 274 50.50 -29.79 -9.47
N ASP H 275 51.72 -29.30 -9.69
CA ASP H 275 52.60 -29.87 -10.70
C ASP H 275 53.81 -30.48 -10.00
N TYR H 276 54.00 -31.79 -10.17
CA TYR H 276 55.03 -32.50 -9.41
C TYR H 276 56.41 -31.88 -9.63
N GLU H 277 56.76 -31.63 -10.88
CA GLU H 277 58.08 -31.10 -11.18
C GLU H 277 58.26 -29.69 -10.63
N LEU H 278 57.28 -28.80 -10.85
CA LEU H 278 57.43 -27.46 -10.30
C LEU H 278 57.47 -27.51 -8.78
N ARG H 279 56.68 -28.42 -8.19
CA ARG H 279 56.67 -28.58 -6.74
C ARG H 279 58.05 -28.90 -6.18
N GLN H 280 58.82 -29.78 -6.84
CA GLN H 280 60.17 -30.08 -6.34
C GLN H 280 61.06 -28.85 -6.43
N ILE H 281 61.00 -28.13 -7.55
CA ILE H 281 61.82 -26.94 -7.74
C ILE H 281 61.50 -25.91 -6.67
N HIS H 282 60.22 -25.65 -6.45
CA HIS H 282 59.78 -24.62 -5.51
C HIS H 282 60.03 -25.06 -4.07
N ASN H 283 59.73 -26.32 -3.74
CA ASN H 283 59.98 -26.80 -2.38
C ASN H 283 61.45 -26.69 -2.03
N ASN H 284 62.33 -27.19 -2.90
CA ASN H 284 63.74 -27.22 -2.58
C ASN H 284 64.43 -25.89 -2.85
N GLY H 285 63.97 -25.13 -3.84
CA GLY H 285 64.66 -23.91 -4.21
C GLY H 285 64.14 -22.67 -3.49
N VAL H 286 62.90 -22.73 -2.98
CA VAL H 286 62.27 -21.57 -2.36
C VAL H 286 61.85 -21.86 -0.93
N LEU H 287 60.90 -22.80 -0.76
CA LEU H 287 60.31 -23.01 0.56
C LEU H 287 61.35 -23.43 1.61
N ALA H 288 62.37 -24.20 1.20
CA ALA H 288 63.38 -24.65 2.14
C ALA H 288 64.22 -23.50 2.69
N HIS H 289 64.13 -22.30 2.15
CA HIS H 289 65.02 -21.22 2.57
C HIS H 289 64.31 -20.10 3.32
N LEU H 290 63.04 -20.30 3.70
CA LEU H 290 62.21 -19.22 4.22
C LEU H 290 62.13 -19.26 5.73
N ASP H 291 62.25 -18.08 6.35
CA ASP H 291 61.77 -17.88 7.71
C ASP H 291 60.28 -17.54 7.73
N LYS H 292 59.78 -16.84 6.70
CA LYS H 292 58.39 -16.40 6.65
C LYS H 292 57.90 -16.42 5.20
N GLY H 293 56.63 -16.78 5.02
CA GLY H 293 56.02 -16.80 3.70
C GLY H 293 55.97 -18.19 3.07
N PRO H 294 55.61 -18.26 1.79
CA PRO H 294 55.26 -17.10 0.98
C PRO H 294 53.83 -16.60 1.26
N TYR H 295 53.61 -15.29 1.07
CA TYR H 295 52.29 -14.68 1.19
C TYR H 295 52.07 -13.83 -0.04
N TYR H 296 51.00 -14.11 -0.78
CA TYR H 296 50.75 -13.46 -2.07
C TYR H 296 49.56 -12.51 -1.97
N MET H 297 49.81 -11.22 -2.19
CA MET H 297 48.76 -10.23 -2.29
C MET H 297 48.48 -9.98 -3.78
N PHE H 298 47.19 -9.85 -4.13
CA PHE H 298 46.78 -9.53 -5.50
C PHE H 298 46.56 -8.03 -5.63
N PHE H 299 47.03 -7.44 -6.73
CA PHE H 299 46.88 -6.02 -7.00
C PHE H 299 46.40 -5.78 -8.41
N SER H 300 45.75 -4.65 -8.61
CA SER H 300 45.44 -4.17 -9.94
C SER H 300 46.25 -2.90 -10.24
N PRO H 301 46.97 -2.83 -11.36
CA PRO H 301 47.70 -1.58 -11.68
C PRO H 301 46.79 -0.46 -12.13
N MET H 302 46.58 0.54 -11.26
CA MET H 302 45.65 1.63 -11.56
C MET H 302 46.22 2.59 -12.60
N MET H 303 47.45 3.04 -12.40
CA MET H 303 48.13 3.95 -13.30
C MET H 303 49.55 3.43 -13.47
N GLU H 304 50.11 3.56 -14.66
CA GLU H 304 51.46 3.10 -14.92
C GLU H 304 52.17 4.07 -15.85
N GLN H 305 53.41 4.37 -15.51
CA GLN H 305 54.33 4.98 -16.46
C GLN H 305 55.45 3.94 -16.58
N GLY H 306 55.39 3.11 -17.62
CA GLY H 306 56.15 1.88 -17.72
C GLY H 306 57.41 1.93 -18.56
N LEU H 307 57.93 3.11 -18.89
CA LEU H 307 59.13 3.14 -19.71
C LEU H 307 60.35 2.54 -18.99
N TRP H 308 60.34 2.53 -17.66
CA TRP H 308 61.44 1.91 -16.93
C TRP H 308 61.61 0.46 -17.30
N ARG H 309 60.52 -0.23 -17.68
CA ARG H 309 60.66 -1.61 -18.09
C ARG H 309 61.55 -1.74 -19.31
N LYS H 310 61.59 -0.71 -20.14
CA LYS H 310 62.31 -0.81 -21.41
C LYS H 310 63.81 -0.96 -21.21
N HIS H 311 64.37 -0.51 -20.09
CA HIS H 311 65.79 -0.71 -19.83
C HIS H 311 66.00 -1.47 -18.51
N LEU H 312 65.70 -2.77 -18.56
CA LEU H 312 66.05 -3.79 -17.58
C LEU H 312 66.98 -4.79 -18.27
N LYS H 313 67.46 -5.77 -17.49
CA LYS H 313 68.33 -6.86 -17.95
C LYS H 313 69.68 -6.26 -18.27
N GLU I 4 37.47 60.21 -17.86
CA GLU I 4 38.18 58.97 -17.58
C GLU I 4 37.64 57.83 -18.44
N ASN I 5 38.49 57.15 -19.21
CA ASN I 5 38.12 55.92 -19.90
CA ASN I 5 38.06 55.91 -19.85
C ASN I 5 38.94 54.78 -19.34
N PRO I 6 38.42 54.02 -18.39
CA PRO I 6 39.18 52.92 -17.82
C PRO I 6 39.25 51.80 -18.85
N ILE I 7 40.12 50.84 -18.55
CA ILE I 7 40.21 49.62 -19.34
C ILE I 7 39.53 48.50 -18.55
N ILE I 8 38.93 47.55 -19.25
CA ILE I 8 38.21 46.46 -18.61
C ILE I 8 38.89 45.14 -18.94
N ALA I 9 39.31 44.43 -17.90
CA ALA I 9 39.74 43.05 -18.00
C ALA I 9 38.53 42.16 -17.72
N ILE I 10 38.23 41.27 -18.65
CA ILE I 10 37.10 40.37 -18.53
C ILE I 10 37.65 38.96 -18.41
N ASN I 11 37.62 38.44 -17.20
CA ASN I 11 38.02 37.06 -16.97
C ASN I 11 36.88 36.14 -17.41
N MET I 12 37.12 35.36 -18.45
CA MET I 12 36.11 34.49 -19.04
C MET I 12 36.38 33.05 -18.66
N ALA I 13 35.38 32.39 -18.06
CA ALA I 13 35.50 30.99 -17.73
C ALA I 13 34.17 30.31 -18.00
N LYS I 14 34.21 29.00 -18.16
CA LYS I 14 33.00 28.19 -18.22
C LYS I 14 33.05 27.24 -17.03
N ILE I 15 32.01 27.25 -16.19
CA ILE I 15 32.04 26.52 -14.93
C ILE I 15 30.91 25.51 -14.89
N ALA I 16 31.09 24.50 -14.04
CA ALA I 16 30.08 23.44 -13.92
C ALA I 16 28.82 24.02 -13.31
N ASN I 17 27.68 23.64 -13.87
CA ASN I 17 26.40 24.13 -13.40
C ASN I 17 25.86 23.12 -12.39
N LYS I 18 26.31 23.26 -11.15
CA LYS I 18 25.87 22.35 -10.11
C LYS I 18 26.02 23.05 -8.78
N PRO I 19 25.29 22.59 -7.74
CA PRO I 19 25.29 23.31 -6.44
C PRO I 19 26.66 23.60 -5.86
N ASP I 20 27.66 22.73 -6.03
CA ASP I 20 28.99 23.00 -5.49
C ASP I 20 29.59 24.27 -6.08
N SER I 21 29.31 24.56 -7.35
CA SER I 21 29.90 25.75 -7.98
C SER I 21 29.36 27.04 -7.38
N TYR I 22 28.05 27.11 -7.13
CA TYR I 22 27.49 28.28 -6.46
C TYR I 22 28.05 28.40 -5.05
N GLU I 23 28.27 27.26 -4.38
CA GLU I 23 28.88 27.28 -3.05
C GLU I 23 30.30 27.85 -3.11
N THR I 24 31.13 27.32 -4.01
CA THR I 24 32.49 27.83 -4.08
C THR I 24 32.52 29.26 -4.62
N MET I 25 31.53 29.68 -5.42
CA MET I 25 31.51 31.06 -5.91
C MET I 25 31.26 32.09 -4.80
N MET I 26 30.42 31.76 -3.83
CA MET I 26 30.15 32.67 -2.73
C MET I 26 31.16 32.59 -1.59
N LYS I 27 31.90 31.49 -1.48
CA LYS I 27 32.88 31.41 -0.40
C LYS I 27 34.25 31.94 -0.86
N VAL I 28 34.64 31.70 -2.10
CA VAL I 28 35.94 32.10 -2.62
C VAL I 28 35.86 33.40 -3.42
N GLY I 29 34.76 33.58 -4.15
CA GLY I 29 34.54 34.77 -4.94
C GLY I 29 34.82 36.09 -4.24
N PRO I 30 34.18 36.31 -3.07
CA PRO I 30 34.47 37.54 -2.31
C PRO I 30 35.94 37.73 -2.00
N LYS I 31 36.65 36.63 -1.72
CA LYS I 31 38.05 36.72 -1.33
C LYS I 31 38.93 37.22 -2.47
N VAL I 32 38.64 36.82 -3.72
CA VAL I 32 39.42 37.30 -4.85
C VAL I 32 39.22 38.81 -5.02
N CSS I 33 37.97 39.26 -4.95
CA CSS I 33 37.63 40.67 -5.06
CB CSS I 33 36.13 40.84 -4.99
SG CSS I 33 35.36 40.18 -6.44
SD CSS I 33 36.40 40.99 -7.99
C CSS I 33 38.31 41.49 -3.99
O CSS I 33 38.73 42.63 -4.26
N ILE I 34 38.42 40.95 -2.78
CA ILE I 34 39.10 41.68 -1.72
C ILE I 34 40.58 41.86 -2.05
N THR I 35 41.19 40.80 -2.58
CA THR I 35 42.58 40.89 -3.00
C THR I 35 42.75 41.95 -4.09
N THR I 36 41.87 41.93 -5.09
CA THR I 36 41.92 42.87 -6.20
C THR I 36 41.83 44.32 -5.72
N ALA I 37 40.94 44.58 -4.76
CA ALA I 37 40.71 45.94 -4.28
C ALA I 37 41.82 46.49 -3.38
N SER I 38 42.90 45.74 -3.15
CA SER I 38 44.04 46.30 -2.44
C SER I 38 44.84 47.29 -3.29
N HIS I 39 44.58 47.34 -4.60
CA HIS I 39 45.40 48.13 -5.52
C HIS I 39 44.73 49.46 -5.83
N PRO I 40 45.48 50.57 -5.79
CA PRO I 40 44.86 51.90 -6.00
C PRO I 40 44.34 52.13 -7.41
N GLY I 41 44.75 51.35 -8.39
CA GLY I 41 44.19 51.51 -9.71
C GLY I 41 42.89 50.79 -9.96
N PHE I 42 42.39 50.05 -8.97
CA PHE I 42 41.19 49.23 -9.13
C PHE I 42 39.95 50.09 -8.96
N LEU I 43 39.05 50.01 -9.94
CA LEU I 43 37.89 50.90 -10.00
C LEU I 43 36.52 50.23 -9.79
N GLY I 44 36.42 48.91 -9.93
CA GLY I 44 35.14 48.24 -9.74
C GLY I 44 35.10 46.92 -10.49
N PHE I 45 33.96 46.22 -10.33
CA PHE I 45 33.84 44.92 -10.96
C PHE I 45 32.38 44.60 -11.27
N GLU I 46 32.19 43.61 -12.15
CA GLU I 46 30.89 43.06 -12.51
C GLU I 46 31.04 41.56 -12.54
N GLN I 47 30.29 40.83 -11.71
CA GLN I 47 30.29 39.38 -11.75
C GLN I 47 29.06 38.92 -12.53
N LEU I 48 29.29 38.39 -13.73
CA LEU I 48 28.21 38.02 -14.64
C LEU I 48 28.12 36.51 -14.75
N LEU I 49 26.94 35.96 -14.48
CA LEU I 49 26.70 34.53 -14.64
C LEU I 49 25.75 34.33 -15.82
N GLN I 50 26.13 33.48 -16.76
CA GLN I 50 25.32 33.29 -17.93
C GLN I 50 23.99 32.61 -17.57
N THR I 51 22.90 33.12 -18.12
CA THR I 51 21.57 32.54 -17.94
C THR I 51 20.99 31.97 -19.22
N GLY I 52 21.54 32.32 -20.38
CA GLY I 52 21.03 31.81 -21.64
C GLY I 52 21.65 32.53 -22.81
N ILE I 53 20.96 32.48 -23.95
CA ILE I 53 21.43 33.16 -25.17
C ILE I 53 20.23 33.76 -25.88
N HIS I 54 20.52 34.59 -26.89
CA HIS I 54 19.46 35.03 -27.79
C HIS I 54 19.38 34.06 -28.96
N PRO I 55 18.26 33.33 -29.12
CA PRO I 55 18.16 32.37 -30.25
C PRO I 55 18.08 33.03 -31.63
N MET I 56 17.85 34.34 -31.70
CA MET I 56 17.89 35.10 -32.95
C MET I 56 17.04 34.45 -34.04
N ALA I 57 15.76 34.24 -33.70
CA ALA I 57 14.76 33.77 -34.64
C ALA I 57 15.12 32.41 -35.22
N GLY I 58 15.75 31.56 -34.41
CA GLY I 58 16.04 30.20 -34.79
C GLY I 58 17.44 29.97 -35.31
N ARG I 59 18.21 31.04 -35.54
CA ARG I 59 19.60 30.87 -35.94
C ARG I 59 20.38 30.05 -34.92
N TYR I 60 20.05 30.18 -33.63
CA TYR I 60 20.58 29.30 -32.59
C TYR I 60 19.41 28.62 -31.89
N GLY I 61 18.66 27.81 -32.64
CA GLY I 61 17.41 27.25 -32.16
C GLY I 61 17.56 26.23 -31.04
N GLY I 62 18.75 25.68 -30.83
CA GLY I 62 18.92 24.76 -29.72
C GLY I 62 19.03 25.42 -28.37
N GLY I 63 19.25 26.74 -28.34
CA GLY I 63 19.34 27.48 -27.10
C GLY I 63 18.03 28.18 -26.79
N ALA I 64 18.06 28.97 -25.71
CA ALA I 64 16.89 29.68 -25.25
C ALA I 64 17.35 30.84 -24.39
N VAL I 65 16.45 31.81 -24.23
CA VAL I 65 16.72 32.94 -23.35
C VAL I 65 17.08 32.46 -21.96
N ASP I 66 16.31 31.49 -21.43
CA ASP I 66 16.53 30.97 -20.09
C ASP I 66 16.99 29.51 -20.20
N MET I 67 18.30 29.29 -20.06
CA MET I 67 18.90 27.97 -20.01
C MET I 67 19.46 27.67 -18.63
N ARG I 68 18.97 28.35 -17.60
CA ARG I 68 19.61 28.25 -16.29
C ARG I 68 19.63 26.82 -15.79
N GLU I 69 18.65 26.02 -16.19
CA GLU I 69 18.53 24.65 -15.72
C GLU I 69 19.36 23.66 -16.54
N THR I 70 19.73 24.00 -17.78
CA THR I 70 20.30 23.01 -18.67
C THR I 70 21.72 23.31 -19.12
N LEU I 71 22.15 24.55 -19.03
CA LEU I 71 23.45 24.94 -19.53
C LEU I 71 24.55 24.32 -18.66
N ASN I 72 25.43 23.52 -19.28
CA ASN I 72 26.58 23.01 -18.54
C ASN I 72 27.71 22.66 -19.50
N PRO I 73 28.84 23.37 -19.44
CA PRO I 73 29.16 24.43 -18.49
C PRO I 73 28.39 25.75 -18.75
N MET I 74 28.40 26.65 -17.79
CA MET I 74 27.80 27.96 -17.96
C MET I 74 28.90 29.01 -17.94
N GLY I 75 28.72 30.04 -18.77
CA GLY I 75 29.69 31.11 -18.81
C GLY I 75 29.69 31.90 -17.52
N MET I 76 30.88 32.32 -17.12
CA MET I 76 31.04 33.18 -15.96
C MET I 76 32.05 34.25 -16.34
N PHE I 77 31.59 35.50 -16.44
CA PHE I 77 32.42 36.63 -16.85
C PHE I 77 32.62 37.55 -15.67
N GLN I 78 33.87 37.82 -15.35
CA GLN I 78 34.20 38.74 -14.26
C GLN I 78 34.85 39.97 -14.90
N TYR I 79 34.14 41.11 -14.90
CA TYR I 79 34.79 42.37 -15.28
C TYR I 79 35.58 42.88 -14.10
N THR I 80 36.83 43.24 -14.32
CA THR I 80 37.51 44.14 -13.39
C THR I 80 37.95 45.37 -14.16
N VAL I 81 37.72 46.53 -13.57
CA VAL I 81 37.86 47.81 -14.24
C VAL I 81 39.04 48.54 -13.63
N TRP I 82 39.90 49.10 -14.47
CA TRP I 82 41.23 49.56 -14.05
C TRP I 82 41.57 50.91 -14.68
N LYS I 83 42.41 51.66 -13.96
CA LYS I 83 42.95 52.90 -14.52
C LYS I 83 43.78 52.61 -15.77
N ASP I 84 44.49 51.49 -15.77
CA ASP I 84 45.33 51.14 -16.91
C ASP I 84 45.69 49.66 -16.78
N VAL I 85 46.32 49.16 -17.84
CA VAL I 85 46.77 47.76 -17.86
C VAL I 85 47.77 47.51 -16.75
N HIS I 86 48.70 48.45 -16.52
CA HIS I 86 49.76 48.23 -15.55
C HIS I 86 49.20 47.99 -14.15
N SER I 87 48.11 48.68 -13.79
CA SER I 87 47.49 48.47 -12.49
C SER I 87 46.99 47.04 -12.35
N HIS I 88 46.32 46.52 -13.37
CA HIS I 88 45.84 45.15 -13.29
C HIS I 88 47.02 44.17 -13.22
N GLU I 89 48.02 44.36 -14.08
CA GLU I 89 49.16 43.46 -14.07
C GLU I 89 49.92 43.53 -12.76
N GLU I 90 50.02 44.74 -12.18
CA GLU I 90 50.71 44.90 -10.91
C GLU I 90 49.95 44.24 -9.76
N MET I 91 48.62 44.42 -9.73
CA MET I 91 47.82 43.75 -8.71
C MET I 91 48.05 42.26 -8.74
N HIS I 92 47.99 41.67 -9.93
CA HIS I 92 48.22 40.24 -10.07
C HIS I 92 49.62 39.86 -9.59
N HIS I 93 50.61 40.69 -9.89
CA HIS I 93 51.97 40.39 -9.43
C HIS I 93 52.06 40.48 -7.91
N ASP I 94 51.56 41.58 -7.34
CA ASP I 94 51.70 41.80 -5.90
C ASP I 94 50.91 40.78 -5.08
N ASN I 95 49.88 40.16 -5.64
CA ASN I 95 49.03 39.25 -4.90
C ASN I 95 49.07 37.85 -5.51
N PHE I 96 50.16 37.52 -6.20
CA PHE I 96 50.19 36.31 -7.01
C PHE I 96 49.98 35.05 -6.15
N LYS I 97 50.68 34.97 -5.02
CA LYS I 97 50.55 33.80 -4.14
C LYS I 97 49.12 33.64 -3.66
N GLU I 98 48.50 34.75 -3.23
CA GLU I 98 47.16 34.63 -2.66
C GLU I 98 46.12 34.38 -3.75
N ILE I 99 46.25 35.04 -4.89
CA ILE I 99 45.32 34.76 -6.00
C ILE I 99 45.47 33.31 -6.45
N PHE I 100 46.72 32.82 -6.53
CA PHE I 100 46.93 31.42 -6.88
C PHE I 100 46.27 30.49 -5.88
N GLU I 101 46.42 30.77 -4.57
CA GLU I 101 45.77 29.93 -3.56
C GLU I 101 44.26 29.92 -3.74
N LEU I 102 43.66 31.08 -3.97
CA LEU I 102 42.20 31.18 -4.07
C LEU I 102 41.70 30.48 -5.34
N CSS I 103 42.35 30.75 -6.47
CA CSS I 103 41.85 30.24 -7.71
CB CSS I 103 42.44 31.00 -8.86
SG CSS I 103 41.68 32.61 -9.01
SD CSS I 103 39.66 32.49 -8.99
C CSS I 103 42.09 28.76 -7.80
O CSS I 103 41.37 28.05 -8.55
N SER I 104 43.11 28.26 -7.10
CA SER I 104 43.33 26.81 -7.04
C SER I 104 42.10 26.13 -6.50
N GLY I 105 41.46 26.79 -5.53
CA GLY I 105 40.18 26.27 -5.05
C GLY I 105 39.10 26.32 -6.12
N CYS I 106 39.08 27.40 -6.91
CA CYS I 106 38.05 27.58 -7.93
C CYS I 106 38.20 26.62 -9.11
N LEU I 107 39.42 26.11 -9.36
CA LEU I 107 39.67 25.28 -10.52
C LEU I 107 38.87 23.99 -10.49
N GLY I 108 38.41 23.56 -9.31
CA GLY I 108 37.58 22.40 -9.20
C GLY I 108 36.22 22.54 -9.85
N MET I 109 35.83 23.74 -10.26
CA MET I 109 34.58 23.92 -10.97
C MET I 109 34.78 24.38 -12.41
N VAL I 110 36.03 24.54 -12.83
CA VAL I 110 36.31 25.12 -14.13
C VAL I 110 36.29 24.03 -15.20
N ILE I 111 35.52 24.27 -16.25
CA ILE I 111 35.51 23.39 -17.40
C ILE I 111 36.27 24.00 -18.58
N GLU I 112 36.29 25.33 -18.69
CA GLU I 112 37.06 26.00 -19.73
C GLU I 112 37.51 27.34 -19.19
N GLY I 113 38.71 27.78 -19.59
CA GLY I 113 39.24 29.02 -19.09
C GLY I 113 40.14 28.85 -17.88
N PRO I 114 40.51 29.95 -17.23
CA PRO I 114 40.11 31.33 -17.59
C PRO I 114 40.92 31.90 -18.74
N TRP I 115 40.31 32.82 -19.47
CA TRP I 115 40.95 33.61 -20.51
C TRP I 115 40.55 35.05 -20.23
N GLU I 116 41.53 35.93 -20.07
CA GLU I 116 41.27 37.28 -19.59
C GLU I 116 41.76 38.34 -20.57
N PRO I 117 40.97 38.68 -21.58
CA PRO I 117 41.35 39.76 -22.50
C PRO I 117 41.10 41.13 -21.89
N TYR I 118 41.84 42.10 -22.42
CA TYR I 118 41.71 43.51 -22.09
C TYR I 118 40.86 44.21 -23.13
N PHE I 119 39.95 45.08 -22.67
CA PHE I 119 39.03 45.78 -23.55
C PHE I 119 39.11 47.27 -23.33
N GLU I 120 39.12 48.00 -24.43
CA GLU I 120 39.02 49.44 -24.41
C GLU I 120 37.53 49.79 -24.52
N VAL I 121 37.07 50.74 -23.71
CA VAL I 121 35.69 51.21 -23.81
C VAL I 121 35.65 52.26 -24.92
N VAL I 122 35.20 51.84 -26.10
CA VAL I 122 35.16 52.72 -27.27
C VAL I 122 34.12 53.82 -27.09
N LYS I 123 32.92 53.46 -26.66
CA LYS I 123 31.86 54.42 -26.40
C LYS I 123 30.90 53.74 -25.44
N SER I 124 30.16 54.55 -24.69
CA SER I 124 29.25 54.00 -23.70
C SER I 124 28.15 55.01 -23.41
N ASP I 125 27.01 54.48 -22.96
CA ASP I 125 25.93 55.26 -22.34
C ASP I 125 25.38 54.35 -21.25
N LEU I 126 26.08 54.31 -20.12
CA LEU I 126 25.81 53.39 -19.02
C LEU I 126 25.43 54.19 -17.78
N PRO I 127 24.25 54.00 -17.21
CA PRO I 127 23.92 54.73 -15.98
C PRO I 127 24.59 54.08 -14.79
N GLN I 128 24.71 54.87 -13.72
CA GLN I 128 25.10 54.34 -12.42
C GLN I 128 24.04 53.36 -11.93
N ILE I 129 24.46 52.34 -11.20
CA ILE I 129 23.51 51.38 -10.65
C ILE I 129 22.91 51.93 -9.37
N MET I 130 21.69 51.48 -9.07
CA MET I 130 20.94 52.00 -7.92
C MET I 130 19.92 50.95 -7.52
N SER I 131 19.16 51.26 -6.48
CA SER I 131 18.07 50.38 -6.09
C SER I 131 16.78 51.18 -6.14
N MET I 132 15.66 50.45 -6.04
CA MET I 132 14.35 51.09 -6.05
C MET I 132 14.23 52.19 -5.01
N THR I 133 14.69 51.95 -3.79
CA THR I 133 14.50 52.97 -2.76
C THR I 133 15.38 54.21 -2.99
N ASP I 134 16.32 54.16 -3.94
CA ASP I 134 17.12 55.33 -4.34
C ASP I 134 16.45 56.17 -5.42
N VAL I 135 15.46 55.63 -6.11
CA VAL I 135 14.96 56.28 -7.33
C VAL I 135 14.35 57.64 -7.03
N PRO I 136 13.51 57.82 -6.01
CA PRO I 136 13.00 59.18 -5.74
C PRO I 136 14.10 60.20 -5.51
N GLN I 137 15.16 59.85 -4.77
CA GLN I 137 16.22 60.84 -4.56
C GLN I 137 16.98 61.12 -5.86
N VAL I 138 17.21 60.10 -6.68
CA VAL I 138 17.87 60.31 -7.97
C VAL I 138 17.05 61.24 -8.85
N LEU I 139 15.73 61.05 -8.86
CA LEU I 139 14.85 61.94 -9.63
C LEU I 139 14.95 63.37 -9.11
N GLY I 140 14.79 63.55 -7.79
CA GLY I 140 14.87 64.88 -7.22
C GLY I 140 16.21 65.54 -7.46
N ASP I 141 17.31 64.77 -7.31
CA ASP I 141 18.64 65.29 -7.55
C ASP I 141 18.83 65.66 -9.02
N SER I 142 18.27 64.86 -9.92
CA SER I 142 18.37 65.17 -11.35
C SER I 142 17.67 66.49 -11.66
N PHE I 143 16.46 66.69 -11.14
CA PHE I 143 15.77 67.95 -11.40
C PHE I 143 16.53 69.11 -10.82
N ALA I 144 17.02 68.96 -9.58
CA ALA I 144 17.76 70.03 -8.92
C ALA I 144 18.98 70.45 -9.75
N LYS I 145 19.75 69.48 -10.23
CA LYS I 145 20.95 69.75 -11.02
C LYS I 145 20.67 70.05 -12.48
N GLN I 146 19.41 70.21 -12.89
CA GLN I 146 19.07 70.48 -14.27
C GLN I 146 19.62 69.40 -15.21
N GLU I 147 19.77 68.18 -14.70
CA GLU I 147 20.34 67.07 -15.46
C GLU I 147 19.24 66.08 -15.85
N ARG I 148 19.55 65.24 -16.83
CA ARG I 148 18.58 64.25 -17.28
C ARG I 148 18.47 63.10 -16.27
N VAL I 149 17.25 62.65 -16.03
CA VAL I 149 17.03 61.47 -15.19
C VAL I 149 17.49 60.23 -15.97
N PRO I 150 18.32 59.36 -15.41
CA PRO I 150 18.81 58.21 -16.18
C PRO I 150 17.78 57.10 -16.28
N LYS I 151 18.07 56.15 -17.17
CA LYS I 151 17.42 54.84 -17.07
C LYS I 151 17.81 54.20 -15.73
N VAL I 152 16.87 53.46 -15.15
CA VAL I 152 17.11 52.83 -13.85
C VAL I 152 17.81 51.49 -14.05
N ALA I 153 19.07 51.40 -13.62
CA ALA I 153 19.88 50.19 -13.66
C ALA I 153 19.88 49.63 -12.25
N LEU I 154 19.01 48.64 -11.99
CA LEU I 154 18.85 48.12 -10.63
C LEU I 154 20.04 47.23 -10.29
N SER I 155 20.71 47.55 -9.18
CA SER I 155 21.87 46.81 -8.72
C SER I 155 21.56 45.32 -8.53
N SER I 156 22.32 44.47 -9.23
CA SER I 156 22.16 43.01 -9.19
C SER I 156 20.72 42.57 -9.47
N GLN I 157 19.97 43.33 -10.28
CA GLN I 157 18.56 43.02 -10.54
C GLN I 157 18.15 43.46 -11.95
N ARG I 158 18.89 43.02 -12.96
CA ARG I 158 18.56 43.36 -14.34
C ARG I 158 19.31 42.36 -15.21
N THR I 159 19.23 42.54 -16.52
CA THR I 159 19.84 41.60 -17.45
C THR I 159 20.99 42.28 -18.19
N VAL I 160 22.12 41.59 -18.27
CA VAL I 160 23.24 42.05 -19.07
C VAL I 160 23.37 41.08 -20.24
N VAL I 161 23.43 41.64 -21.44
CA VAL I 161 23.58 40.88 -22.67
C VAL I 161 24.92 41.28 -23.30
N ILE I 162 25.66 40.31 -23.82
CA ILE I 162 26.95 40.57 -24.46
C ILE I 162 26.93 40.00 -25.86
N GLY I 163 27.05 40.88 -26.86
CA GLY I 163 27.09 40.46 -28.24
C GLY I 163 28.52 40.40 -28.76
N ASP I 164 28.91 39.21 -29.19
CA ASP I 164 30.25 38.92 -29.68
C ASP I 164 30.29 39.17 -31.18
N HIS I 165 31.21 40.06 -31.62
CA HIS I 165 31.38 40.42 -33.02
C HIS I 165 32.85 40.29 -33.38
N TRP I 166 33.15 39.62 -34.49
CA TRP I 166 34.49 39.68 -35.09
C TRP I 166 34.39 40.52 -36.34
N VAL I 167 35.19 41.60 -36.38
CA VAL I 167 35.06 42.63 -37.41
C VAL I 167 36.12 42.43 -38.48
N MET I 168 35.71 42.58 -39.74
CA MET I 168 36.63 42.44 -40.86
C MET I 168 37.79 43.41 -40.77
N ASP I 169 38.99 42.93 -41.12
CA ASP I 169 40.19 43.76 -41.16
C ASP I 169 39.94 45.06 -41.95
N GLY I 170 40.18 46.21 -41.30
CA GLY I 170 39.98 47.51 -41.92
C GLY I 170 38.59 48.09 -41.76
N HIS I 171 37.64 47.35 -41.18
CA HIS I 171 36.28 47.83 -40.99
C HIS I 171 36.03 48.30 -39.57
N GLU I 172 37.09 48.42 -38.74
CA GLU I 172 36.93 48.67 -37.30
C GLU I 172 36.18 49.97 -37.03
N LYS I 173 36.59 51.05 -37.69
CA LYS I 173 35.98 52.35 -37.48
C LYS I 173 34.53 52.36 -37.97
N ALA I 174 34.28 51.76 -39.15
CA ALA I 174 32.92 51.70 -39.65
C ALA I 174 32.03 50.93 -38.68
N PHE I 175 32.54 49.82 -38.15
CA PHE I 175 31.78 49.06 -37.16
C PHE I 175 31.48 49.92 -35.94
N GLU I 176 32.49 50.62 -35.43
CA GLU I 176 32.27 51.42 -34.21
C GLU I 176 31.18 52.45 -34.43
N GLN I 177 31.17 53.10 -35.60
CA GLN I 177 30.14 54.08 -35.90
C GLN I 177 28.77 53.43 -36.09
N GLY I 178 28.71 52.28 -36.77
CA GLY I 178 27.43 51.61 -36.95
C GLY I 178 26.84 51.07 -35.66
N ALA I 179 27.68 50.46 -34.82
CA ALA I 179 27.20 49.97 -33.52
C ALA I 179 26.73 51.13 -32.65
N THR I 180 27.47 52.24 -32.66
CA THR I 180 27.05 53.43 -31.90
C THR I 180 25.67 53.91 -32.33
N GLU I 181 25.47 54.05 -33.65
CA GLU I 181 24.18 54.53 -34.12
C GLU I 181 23.07 53.53 -33.79
N THR I 182 23.35 52.23 -33.94
CA THR I 182 22.37 51.21 -33.58
C THR I 182 21.97 51.35 -32.12
N LEU I 183 22.96 51.43 -31.23
CA LEU I 183 22.70 51.43 -29.80
C LEU I 183 22.00 52.71 -29.35
N GLU I 184 22.38 53.84 -29.95
CA GLU I 184 21.73 55.11 -29.63
C GLU I 184 20.27 55.09 -30.06
N TRP I 185 19.98 54.53 -31.22
CA TRP I 185 18.60 54.36 -31.65
C TRP I 185 17.82 53.49 -30.66
N MET I 186 18.41 52.36 -30.29
CA MET I 186 17.71 51.46 -29.38
C MET I 186 17.46 52.10 -28.02
N LYS I 187 18.45 52.83 -27.48
CA LYS I 187 18.25 53.44 -26.17
C LYS I 187 17.19 54.51 -26.20
N ALA I 188 17.02 55.19 -27.34
CA ALA I 188 16.00 56.22 -27.45
C ALA I 188 14.62 55.62 -27.68
N ASN I 189 14.53 54.43 -28.28
CA ASN I 189 13.29 53.98 -28.87
C ASN I 189 12.78 52.63 -28.39
N VAL I 190 13.56 51.85 -27.67
CA VAL I 190 13.20 50.47 -27.34
C VAL I 190 12.92 50.37 -25.85
N PRO I 191 11.77 49.84 -25.45
CA PRO I 191 11.44 49.79 -24.02
C PRO I 191 12.41 48.92 -23.23
N GLY I 192 12.74 49.37 -22.03
CA GLY I 192 13.54 48.57 -21.13
C GLY I 192 15.03 48.57 -21.42
N MET I 193 15.50 49.37 -22.36
CA MET I 193 16.93 49.45 -22.60
C MET I 193 17.57 50.35 -21.56
N VAL I 194 18.44 49.78 -20.76
CA VAL I 194 19.00 50.51 -19.63
C VAL I 194 20.30 51.24 -20.01
N GLY I 195 21.17 50.62 -20.81
CA GLY I 195 22.41 51.28 -21.15
C GLY I 195 23.24 50.37 -22.02
N TRP I 196 24.39 50.89 -22.47
CA TRP I 196 25.19 50.09 -23.38
C TRP I 196 26.64 50.54 -23.32
N MET I 197 27.52 49.69 -23.87
CA MET I 197 28.95 49.93 -23.88
C MET I 197 29.52 49.11 -25.03
N ILE I 198 30.40 49.73 -25.84
CA ILE I 198 31.10 49.04 -26.93
C ILE I 198 32.53 48.80 -26.49
N MET I 199 32.96 47.54 -26.46
CA MET I 199 34.27 47.17 -25.93
C MET I 199 35.12 46.55 -27.02
N LYS I 200 36.38 46.97 -27.12
CA LYS I 200 37.29 46.51 -28.16
C LYS I 200 38.44 45.75 -27.50
N GLN I 201 38.60 44.48 -27.87
CA GLN I 201 39.70 43.69 -27.32
C GLN I 201 41.00 44.17 -27.93
N PHE I 202 41.98 44.51 -27.08
CA PHE I 202 43.28 44.95 -27.58
C PHE I 202 44.43 44.18 -26.98
N GLY I 203 44.17 43.14 -26.21
CA GLY I 203 45.25 42.35 -25.65
C GLY I 203 44.66 41.36 -24.68
N VAL I 204 45.55 40.52 -24.13
CA VAL I 204 45.18 39.48 -23.18
C VAL I 204 46.22 39.47 -22.06
N SER I 205 45.76 39.22 -20.84
CA SER I 205 46.65 39.04 -19.70
C SER I 205 47.10 37.59 -19.62
N ALA I 206 48.42 37.36 -19.64
CA ALA I 206 48.93 36.01 -19.48
C ALA I 206 48.69 35.50 -18.05
N ILE I 207 49.10 36.28 -17.05
CA ILE I 207 48.92 35.86 -15.65
C ILE I 207 47.43 35.69 -15.35
N GLY I 208 46.61 36.65 -15.78
CA GLY I 208 45.18 36.53 -15.55
C GLY I 208 44.54 35.36 -16.26
N SER I 209 45.16 34.87 -17.34
CA SER I 209 44.67 33.69 -18.06
C SER I 209 45.34 32.40 -17.59
N PHE I 210 46.10 32.44 -16.50
CA PHE I 210 46.76 31.25 -15.97
C PHE I 210 47.67 30.62 -17.02
N GLN I 211 48.26 31.44 -17.87
CA GLN I 211 49.16 30.98 -18.94
C GLN I 211 50.57 31.28 -18.46
N LEU I 212 51.18 30.31 -17.82
CA LEU I 212 52.50 30.50 -17.24
C LEU I 212 53.59 29.95 -18.18
N ASP I 213 54.83 30.13 -17.78
CA ASP I 213 55.95 29.46 -18.41
C ASP I 213 55.85 27.95 -18.19
N PRO I 214 56.59 27.12 -18.94
CA PRO I 214 56.43 25.67 -18.76
C PRO I 214 56.70 25.20 -17.34
N GLU I 215 57.75 25.68 -16.68
CA GLU I 215 58.00 25.19 -15.32
C GLU I 215 56.91 25.63 -14.36
N GLY I 216 56.44 26.88 -14.50
CA GLY I 216 55.35 27.32 -13.65
C GLY I 216 54.09 26.49 -13.84
N ALA I 217 53.80 26.11 -15.09
CA ALA I 217 52.64 25.28 -15.37
C ALA I 217 52.76 23.91 -14.69
N MET I 218 53.96 23.33 -14.70
CA MET I 218 54.18 22.06 -13.98
C MET I 218 53.93 22.25 -12.48
N LYS I 219 54.54 23.29 -11.90
CA LYS I 219 54.38 23.51 -10.46
C LYS I 219 52.93 23.84 -10.11
N ALA I 220 52.21 24.48 -11.03
CA ALA I 220 50.84 24.89 -10.76
C ALA I 220 49.94 23.71 -10.43
N VAL I 221 50.16 22.55 -11.07
CA VAL I 221 49.35 21.36 -10.81
C VAL I 221 50.05 20.34 -9.92
N SER I 222 51.24 20.66 -9.42
CA SER I 222 51.91 19.83 -8.43
C SER I 222 51.67 20.34 -7.00
N THR I 223 50.65 21.18 -6.82
CA THR I 223 50.30 21.80 -5.55
C THR I 223 48.79 21.90 -5.51
N LEU I 224 48.24 22.02 -4.29
CA LEU I 224 46.83 22.25 -4.09
C LEU I 224 46.51 23.71 -3.81
N GLY I 225 47.53 24.59 -3.82
CA GLY I 225 47.34 26.02 -3.63
C GLY I 225 48.34 26.66 -2.70
N ALA I 226 48.99 25.85 -1.85
CA ALA I 226 49.91 26.36 -0.84
C ALA I 226 51.33 26.59 -1.35
N ASN I 227 51.71 26.02 -2.49
CA ASN I 227 53.07 26.15 -3.00
C ASN I 227 53.01 26.67 -4.42
N PRO I 228 52.83 27.97 -4.60
CA PRO I 228 52.59 28.52 -5.93
C PRO I 228 53.83 28.47 -6.81
N PRO I 229 53.67 28.49 -8.12
CA PRO I 229 54.82 28.72 -9.00
C PRO I 229 55.38 30.12 -8.82
N GLU I 230 56.57 30.31 -9.37
CA GLU I 230 57.13 31.66 -9.49
C GLU I 230 56.31 32.47 -10.48
N TYR I 231 56.23 33.78 -10.22
CA TYR I 231 55.61 34.68 -11.18
C TYR I 231 56.43 34.70 -12.48
N ASN I 232 55.89 34.12 -13.54
CA ASN I 232 56.60 34.02 -14.80
C ASN I 232 55.65 33.53 -15.87
N THR I 233 55.90 33.96 -17.11
CA THR I 233 55.07 33.63 -18.25
C THR I 233 55.98 33.43 -19.45
N ASN I 234 55.40 33.08 -20.59
CA ASN I 234 56.16 33.06 -21.82
C ASN I 234 56.54 34.46 -22.28
N TYR I 235 56.06 35.50 -21.60
CA TYR I 235 56.47 36.88 -21.82
C TYR I 235 57.32 37.39 -20.67
N GLY I 236 57.89 36.48 -19.89
CA GLY I 236 58.79 36.88 -18.83
C GLY I 236 58.09 37.18 -17.53
N ASN I 237 58.87 37.76 -16.62
CA ASN I 237 58.43 38.02 -15.27
C ASN I 237 58.33 39.51 -14.98
N LYS I 238 58.38 40.35 -16.00
CA LYS I 238 58.22 41.76 -15.70
C LYS I 238 56.74 42.09 -15.58
N VAL I 239 56.45 43.18 -14.90
CA VAL I 239 55.07 43.67 -14.78
C VAL I 239 54.80 44.52 -16.02
N HIS I 240 53.89 44.07 -16.88
CA HIS I 240 53.71 44.72 -18.18
C HIS I 240 52.86 45.98 -18.10
N ASP I 241 53.24 46.99 -18.91
CA ASP I 241 52.50 48.23 -19.15
C ASP I 241 51.45 48.06 -20.22
N LYS I 242 51.70 47.19 -21.17
CA LYS I 242 50.84 46.84 -22.26
C LYS I 242 50.54 45.34 -22.20
N PRO I 243 49.39 44.91 -22.71
CA PRO I 243 49.04 43.49 -22.61
C PRO I 243 50.15 42.61 -23.17
N PRO I 244 50.57 41.60 -22.41
CA PRO I 244 51.65 40.72 -22.91
C PRO I 244 51.25 39.96 -24.16
N ILE I 245 50.01 39.50 -24.21
CA ILE I 245 49.51 38.70 -25.32
C ILE I 245 48.79 39.64 -26.27
N PRO I 246 49.10 39.62 -27.57
CA PRO I 246 48.42 40.55 -28.49
C PRO I 246 46.92 40.29 -28.56
N GLY I 247 46.16 41.35 -28.89
CA GLY I 247 44.76 41.15 -29.19
C GLY I 247 44.55 40.24 -30.37
N GLN I 248 43.45 39.48 -30.35
CA GLN I 248 43.19 38.57 -31.46
C GLN I 248 42.84 39.35 -32.73
N THR I 249 43.07 38.71 -33.87
CA THR I 249 42.48 39.16 -35.12
C THR I 249 41.74 37.98 -35.73
N PRO I 250 40.62 38.23 -36.45
CA PRO I 250 39.96 39.52 -36.67
C PRO I 250 39.57 40.19 -35.35
N THR I 251 39.60 41.54 -35.30
CA THR I 251 39.35 42.26 -34.05
C THR I 251 37.99 41.86 -33.44
N GLN I 252 38.01 41.53 -32.16
CA GLN I 252 36.77 41.23 -31.43
C GLN I 252 36.24 42.48 -30.74
N TYR I 253 34.93 42.73 -30.92
CA TYR I 253 34.19 43.72 -30.15
C TYR I 253 33.12 43.00 -29.36
N LEU I 254 32.98 43.34 -28.08
CA LEU I 254 31.88 42.87 -27.26
C LEU I 254 30.93 44.04 -27.05
N VAL I 255 29.68 43.86 -27.43
CA VAL I 255 28.66 44.88 -27.25
C VAL I 255 27.89 44.53 -25.98
N HIS I 256 28.06 45.34 -24.94
CA HIS I 256 27.48 45.15 -23.62
C HIS I 256 26.18 45.96 -23.54
N ILE I 257 25.04 45.29 -23.39
CA ILE I 257 23.75 45.98 -23.32
C ILE I 257 23.01 45.53 -22.05
N GLU I 258 22.51 46.49 -21.29
CA GLU I 258 21.74 46.20 -20.09
C GLU I 258 20.26 46.42 -20.36
N TRP I 259 19.43 45.54 -19.82
CA TRP I 259 17.99 45.56 -20.05
C TRP I 259 17.30 45.31 -18.71
N GLU I 260 16.05 45.76 -18.64
CA GLU I 260 15.28 45.59 -17.41
C GLU I 260 15.17 44.11 -17.03
N SER I 261 15.04 43.23 -18.02
CA SER I 261 14.68 41.84 -17.79
C SER I 261 15.07 41.03 -19.02
N PRO I 262 15.10 39.71 -18.92
CA PRO I 262 15.40 38.87 -20.10
C PRO I 262 14.39 39.04 -21.22
N GLU I 263 13.12 39.24 -20.89
CA GLU I 263 12.10 39.45 -21.91
C GLU I 263 12.34 40.74 -22.67
N HIS I 264 12.66 41.83 -21.97
CA HIS I 264 12.94 43.10 -22.63
C HIS I 264 14.18 42.97 -23.51
N ALA I 265 15.19 42.24 -23.06
CA ALA I 265 16.39 42.03 -23.86
C ALA I 265 16.06 41.23 -25.11
N HIS I 266 15.31 40.14 -24.96
CA HIS I 266 14.98 39.29 -26.09
C HIS I 266 14.19 40.06 -27.13
N GLN I 267 13.13 40.73 -26.70
CA GLN I 267 12.32 41.52 -27.61
C GLN I 267 13.07 42.75 -28.12
N GLY I 268 13.88 43.38 -27.26
CA GLY I 268 14.58 44.60 -27.67
C GLY I 268 15.63 44.34 -28.73
N LEU I 269 16.48 43.33 -28.52
CA LEU I 269 17.45 42.95 -29.53
C LEU I 269 16.77 42.57 -30.84
N GLY I 270 15.54 42.06 -30.76
CA GLY I 270 14.82 41.69 -31.99
C GLY I 270 14.51 42.86 -32.89
N HIS I 271 14.56 44.09 -32.37
CA HIS I 271 14.24 45.25 -33.17
C HIS I 271 15.20 45.44 -34.35
N VAL I 272 16.43 44.92 -34.27
CA VAL I 272 17.34 45.03 -35.41
C VAL I 272 16.83 44.24 -36.61
N MET I 273 15.79 43.42 -36.40
CA MET I 273 15.14 42.69 -37.48
C MET I 273 13.70 43.10 -37.73
N VAL I 274 12.96 43.59 -36.75
CA VAL I 274 11.53 43.84 -36.97
C VAL I 274 11.19 45.32 -37.01
N ASP I 275 12.17 46.21 -36.91
CA ASP I 275 11.93 47.62 -37.18
C ASP I 275 12.70 48.01 -38.44
N TYR I 276 11.98 48.48 -39.47
CA TYR I 276 12.62 48.71 -40.77
C TYR I 276 13.80 49.66 -40.66
N GLU I 277 13.63 50.77 -39.94
CA GLU I 277 14.67 51.78 -39.84
C GLU I 277 15.88 51.28 -39.06
N LEU I 278 15.65 50.68 -37.89
CA LEU I 278 16.78 50.12 -37.16
C LEU I 278 17.47 49.02 -37.96
N ARG I 279 16.68 48.24 -38.70
CA ARG I 279 17.23 47.17 -39.51
C ARG I 279 18.23 47.68 -40.54
N GLN I 280 17.92 48.81 -41.20
CA GLN I 280 18.88 49.34 -42.18
C GLN I 280 20.14 49.83 -41.48
N ILE I 281 20.00 50.49 -40.33
CA ILE I 281 21.16 50.98 -39.60
C ILE I 281 22.07 49.83 -39.21
N HIS I 282 21.48 48.76 -38.67
CA HIS I 282 22.25 47.64 -38.16
C HIS I 282 22.85 46.83 -39.31
N ASN I 283 22.06 46.61 -40.37
CA ASN I 283 22.55 45.87 -41.54
C ASN I 283 23.78 46.54 -42.13
N ASN I 284 23.69 47.84 -42.40
CA ASN I 284 24.76 48.54 -43.09
C ASN I 284 25.88 48.95 -42.15
N GLY I 285 25.55 49.23 -40.88
CA GLY I 285 26.51 49.73 -39.92
C GLY I 285 27.23 48.68 -39.09
N VAL I 286 26.65 47.49 -38.98
CA VAL I 286 27.21 46.41 -38.16
C VAL I 286 27.41 45.13 -38.99
N LEU I 287 26.31 44.56 -39.51
CA LEU I 287 26.41 43.25 -40.16
C LEU I 287 27.34 43.28 -41.37
N ALA I 288 27.35 44.39 -42.13
CA ALA I 288 28.17 44.48 -43.33
C ALA I 288 29.67 44.44 -43.02
N HIS I 289 30.06 44.54 -41.74
CA HIS I 289 31.47 44.65 -41.38
C HIS I 289 31.97 43.44 -40.57
N LEU I 290 31.21 42.35 -40.50
CA LEU I 290 31.55 41.23 -39.61
C LEU I 290 32.18 40.06 -40.35
N ASP I 291 33.21 39.48 -39.73
CA ASP I 291 33.64 38.12 -40.04
C ASP I 291 32.84 37.07 -39.27
N LYS I 292 32.43 37.39 -38.05
CA LYS I 292 31.75 36.43 -37.21
C LYS I 292 30.72 37.14 -36.35
N GLY I 293 29.59 36.49 -36.11
CA GLY I 293 28.58 37.03 -35.21
C GLY I 293 27.47 37.71 -35.98
N PRO I 294 26.57 38.41 -35.26
CA PRO I 294 26.62 38.57 -33.80
C PRO I 294 26.10 37.34 -33.07
N TYR I 295 26.65 37.14 -31.88
CA TYR I 295 26.18 36.10 -30.99
C TYR I 295 25.98 36.75 -29.63
N TYR I 296 24.76 36.64 -29.08
CA TYR I 296 24.39 37.31 -27.85
C TYR I 296 24.24 36.30 -26.71
N MET I 297 25.04 36.47 -25.67
CA MET I 297 24.90 35.72 -24.43
C MET I 297 24.17 36.58 -23.40
N PHE I 298 23.27 35.94 -22.64
CA PHE I 298 22.49 36.56 -21.57
C PHE I 298 23.14 36.26 -20.23
N PHE I 299 23.25 37.28 -19.38
CA PHE I 299 23.86 37.15 -18.06
C PHE I 299 23.02 37.82 -17.00
N SER I 300 23.20 37.35 -15.78
CA SER I 300 22.69 38.04 -14.61
C SER I 300 23.86 38.60 -13.80
N PRO I 301 23.83 39.88 -13.43
CA PRO I 301 24.87 40.42 -12.53
C PRO I 301 24.66 39.95 -11.11
N MET I 302 25.55 39.07 -10.64
CA MET I 302 25.39 38.50 -9.30
C MET I 302 25.89 39.46 -8.24
N MET I 303 27.05 40.07 -8.47
CA MET I 303 27.68 41.01 -7.56
C MET I 303 28.26 42.13 -8.40
N GLU I 304 28.19 43.36 -7.90
CA GLU I 304 28.69 44.52 -8.62
C GLU I 304 29.31 45.50 -7.64
N GLN I 305 30.44 46.05 -8.01
CA GLN I 305 30.95 47.24 -7.34
C GLN I 305 31.01 48.25 -8.49
N GLY I 306 29.98 49.11 -8.58
CA GLY I 306 29.71 49.88 -9.78
C GLY I 306 30.22 51.32 -9.80
N LEU I 307 31.14 51.67 -8.90
CA LEU I 307 31.61 53.05 -8.89
C LEU I 307 32.36 53.44 -10.16
N TRP I 308 32.95 52.46 -10.86
CA TRP I 308 33.64 52.76 -12.11
C TRP I 308 32.71 53.42 -13.11
N ARG I 309 31.41 53.10 -13.05
CA ARG I 309 30.48 53.71 -14.00
C ARG I 309 30.37 55.21 -13.80
N LYS I 310 30.54 55.69 -12.56
CA LYS I 310 30.27 57.10 -12.29
C LYS I 310 31.21 58.03 -13.04
N HIS I 311 32.41 57.57 -13.40
CA HIS I 311 33.35 58.38 -14.17
C HIS I 311 33.68 57.67 -15.49
N LEU I 312 32.73 57.75 -16.43
CA LEU I 312 32.96 57.36 -17.81
C LEU I 312 32.81 58.59 -18.70
N LYS I 313 32.45 58.39 -19.98
CA LYS I 313 32.23 59.47 -20.96
C LYS I 313 33.46 60.37 -21.06
N GLU J 4 0.51 62.08 -39.02
CA GLU J 4 0.51 60.77 -39.69
C GLU J 4 -0.71 59.91 -39.31
N ASN J 5 -1.53 59.54 -40.30
CA ASN J 5 -2.62 58.59 -40.08
C ASN J 5 -2.23 57.30 -40.77
N PRO J 6 -1.62 56.36 -40.07
CA PRO J 6 -1.28 55.10 -40.73
C PRO J 6 -2.50 54.20 -40.85
N ILE J 7 -2.35 53.19 -41.66
CA ILE J 7 -3.35 52.17 -41.88
C ILE J 7 -2.96 50.96 -41.07
N ILE J 8 -3.94 50.27 -40.51
CA ILE J 8 -3.69 49.08 -39.69
C ILE J 8 -4.39 47.90 -40.34
N ALA J 9 -3.61 46.89 -40.72
CA ALA J 9 -4.16 45.61 -41.12
C ALA J 9 -4.24 44.71 -39.90
N ILE J 10 -5.40 44.12 -39.65
CA ILE J 10 -5.54 43.24 -38.50
C ILE J 10 -5.79 41.84 -39.03
N ASN J 11 -4.77 40.99 -38.92
CA ASN J 11 -4.91 39.58 -39.28
C ASN J 11 -5.63 38.88 -38.13
N MET J 12 -6.84 38.38 -38.40
CA MET J 12 -7.69 37.76 -37.39
C MET J 12 -7.76 36.25 -37.60
N ALA J 13 -7.39 35.50 -36.56
CA ALA J 13 -7.46 34.06 -36.64
C ALA J 13 -7.92 33.51 -35.29
N LYS J 14 -8.42 32.28 -35.33
CA LYS J 14 -8.74 31.53 -34.13
C LYS J 14 -7.90 30.26 -34.17
N ILE J 15 -7.11 30.04 -33.13
CA ILE J 15 -6.11 28.98 -33.11
C ILE J 15 -6.39 28.02 -31.96
N ALA J 16 -5.89 26.80 -32.10
CA ALA J 16 -6.04 25.79 -31.06
C ALA J 16 -5.30 26.22 -29.80
N ASN J 17 -5.95 26.04 -28.66
CA ASN J 17 -5.35 26.41 -27.38
C ASN J 17 -4.72 25.15 -26.79
N LYS J 18 -3.48 24.90 -27.21
CA LYS J 18 -2.75 23.73 -26.76
C LYS J 18 -1.27 24.03 -26.85
N PRO J 19 -0.43 23.31 -26.12
CA PRO J 19 1.01 23.67 -26.08
C PRO J 19 1.65 23.81 -27.46
N ASP J 20 1.26 22.98 -28.43
CA ASP J 20 1.87 23.04 -29.76
C ASP J 20 1.70 24.43 -30.38
N SER J 21 0.56 25.08 -30.13
CA SER J 21 0.28 26.38 -30.75
C SER J 21 1.22 27.46 -30.22
N TYR J 22 1.48 27.49 -28.91
CA TYR J 22 2.47 28.42 -28.39
C TYR J 22 3.84 28.12 -28.94
N GLU J 23 4.11 26.83 -29.17
CA GLU J 23 5.39 26.42 -29.73
C GLU J 23 5.58 26.98 -31.14
N THR J 24 4.60 26.77 -32.02
CA THR J 24 4.78 27.30 -33.38
C THR J 24 4.66 28.83 -33.43
N MET J 25 3.95 29.45 -32.48
CA MET J 25 3.89 30.91 -32.45
C MET J 25 5.22 31.54 -32.09
N MET J 26 6.02 30.89 -31.24
CA MET J 26 7.32 31.43 -30.90
C MET J 26 8.40 31.06 -31.92
N LYS J 27 8.20 29.99 -32.70
CA LYS J 27 9.18 29.58 -33.72
C LYS J 27 8.89 30.20 -35.10
N VAL J 28 7.63 30.33 -35.48
CA VAL J 28 7.27 30.82 -36.81
C VAL J 28 6.86 32.28 -36.79
N GLY J 29 6.16 32.71 -35.73
CA GLY J 29 5.69 34.08 -35.59
C GLY J 29 6.75 35.14 -35.84
N PRO J 30 7.86 35.07 -35.11
CA PRO J 30 8.94 36.06 -35.33
C PRO J 30 9.43 36.11 -36.77
N LYS J 31 9.49 34.97 -37.47
CA LYS J 31 9.98 34.97 -38.85
C LYS J 31 9.03 35.73 -39.77
N VAL J 32 7.72 35.68 -39.52
CA VAL J 32 6.76 36.41 -40.34
C VAL J 32 7.01 37.92 -40.22
N CSS J 33 7.15 38.41 -38.99
CA CSS J 33 7.42 39.80 -38.75
CB CSS J 33 7.49 40.08 -37.28
SG CSS J 33 5.90 39.86 -36.50
SD CSS J 33 4.56 40.87 -37.63
C CSS J 33 8.70 40.25 -39.40
O CSS J 33 8.78 41.40 -39.92
N ILE J 34 9.74 39.41 -39.37
CA ILE J 34 11.03 39.74 -40.00
C ILE J 34 10.85 39.97 -41.49
N THR J 35 10.07 39.09 -42.11
CA THR J 35 9.70 39.25 -43.51
C THR J 35 8.93 40.55 -43.73
N THR J 36 7.99 40.86 -42.83
CA THR J 36 7.18 42.07 -42.96
C THR J 36 8.04 43.33 -42.92
N ALA J 37 9.03 43.37 -42.02
CA ALA J 37 9.86 44.55 -41.80
C ALA J 37 10.90 44.77 -42.88
N SER J 38 10.90 43.95 -43.93
CA SER J 38 11.70 44.24 -45.11
C SER J 38 11.11 45.39 -45.92
N HIS J 39 9.88 45.79 -45.64
CA HIS J 39 9.30 46.78 -46.53
C HIS J 39 9.38 48.17 -45.92
N PRO J 40 9.79 49.20 -46.67
CA PRO J 40 9.95 50.53 -46.07
C PRO J 40 8.65 51.16 -45.61
N GLY J 41 7.51 50.68 -46.07
CA GLY J 41 6.27 51.23 -45.54
C GLY J 41 5.82 50.62 -44.21
N PHE J 42 6.58 49.68 -43.66
CA PHE J 42 6.18 48.98 -42.43
C PHE J 42 6.57 49.79 -41.18
N LEU J 43 5.57 50.06 -40.33
CA LEU J 43 5.74 50.95 -39.19
C LEU J 43 5.72 50.25 -37.83
N GLY J 44 5.21 49.02 -37.74
CA GLY J 44 5.22 48.32 -36.48
C GLY J 44 4.11 47.28 -36.41
N PHE J 45 4.05 46.60 -35.26
CA PHE J 45 3.09 45.53 -35.12
C PHE J 45 2.68 45.33 -33.66
N GLU J 46 1.56 44.63 -33.50
CA GLU J 46 1.01 44.22 -32.22
C GLU J 46 0.52 42.79 -32.39
N GLN J 47 1.06 41.87 -31.61
CA GLN J 47 0.58 40.49 -31.59
C GLN J 47 -0.30 40.31 -30.35
N LEU J 48 -1.60 40.11 -30.57
CA LEU J 48 -2.54 40.06 -29.46
C LEU J 48 -3.10 38.65 -29.34
N LEU J 49 -2.98 38.07 -28.15
CA LEU J 49 -3.54 36.75 -27.87
C LEU J 49 -4.72 36.91 -26.92
N GLN J 50 -5.87 36.36 -27.30
CA GLN J 50 -7.08 36.50 -26.51
C GLN J 50 -6.93 35.76 -25.19
N THR J 51 -7.33 36.41 -24.10
CA THR J 51 -7.36 35.79 -22.80
C THR J 51 -8.76 35.65 -22.23
N GLY J 52 -9.74 36.33 -22.81
CA GLY J 52 -11.09 36.26 -22.30
C GLY J 52 -12.00 37.28 -22.96
N ILE J 53 -13.11 37.57 -22.28
CA ILE J 53 -14.10 38.54 -22.77
C ILE J 53 -14.64 39.34 -21.60
N HIS J 54 -15.39 40.40 -21.91
CA HIS J 54 -16.17 41.07 -20.89
C HIS J 54 -17.55 40.46 -20.81
N PRO J 55 -17.94 39.86 -19.68
CA PRO J 55 -19.27 39.23 -19.57
C PRO J 55 -20.42 40.23 -19.56
N MET J 56 -20.11 41.52 -19.34
CA MET J 56 -21.07 42.61 -19.40
C MET J 56 -22.30 42.32 -18.54
N ALA J 57 -22.04 42.06 -17.26
CA ALA J 57 -23.07 41.88 -16.25
C ALA J 57 -24.01 40.73 -16.59
N GLY J 58 -23.49 39.68 -17.23
CA GLY J 58 -24.25 38.49 -17.49
C GLY J 58 -24.82 38.40 -18.89
N ARG J 59 -24.68 39.44 -19.69
CA ARG J 59 -25.08 39.35 -21.10
C ARG J 59 -24.29 38.24 -21.82
N TYR J 60 -23.03 38.01 -21.42
CA TYR J 60 -22.29 36.86 -21.90
C TYR J 60 -21.83 36.03 -20.71
N GLY J 61 -22.81 35.48 -19.97
CA GLY J 61 -22.53 34.81 -18.70
C GLY J 61 -21.76 33.51 -18.84
N GLY J 62 -21.70 32.96 -20.04
CA GLY J 62 -20.86 31.80 -20.24
C GLY J 62 -19.39 32.10 -20.34
N GLY J 63 -19.05 33.38 -20.53
CA GLY J 63 -17.66 33.79 -20.63
C GLY J 63 -17.15 34.32 -19.29
N ALA J 64 -15.90 34.80 -19.32
CA ALA J 64 -15.25 35.30 -18.13
C ALA J 64 -14.10 36.20 -18.56
N VAL J 65 -13.69 37.09 -17.65
CA VAL J 65 -12.52 37.92 -17.93
C VAL J 65 -11.32 37.03 -18.26
N ASP J 66 -11.13 35.96 -17.49
CA ASP J 66 -9.99 35.07 -17.69
C ASP J 66 -10.48 33.70 -18.18
N MET J 67 -10.33 33.44 -19.48
CA MET J 67 -10.65 32.15 -20.07
C MET J 67 -9.40 31.43 -20.60
N ARG J 68 -8.22 31.80 -20.10
CA ARG J 68 -6.98 31.29 -20.67
C ARG J 68 -6.90 29.77 -20.61
N GLU J 69 -7.53 29.14 -19.63
CA GLU J 69 -7.48 27.69 -19.52
C GLU J 69 -8.53 26.96 -20.34
N THR J 70 -9.61 27.63 -20.71
CA THR J 70 -10.78 26.96 -21.27
C THR J 70 -11.13 27.36 -22.69
N LEU J 71 -10.67 28.51 -23.16
CA LEU J 71 -10.99 29.00 -24.49
C LEU J 71 -10.32 28.15 -25.56
N ASN J 72 -11.12 27.57 -26.46
CA ASN J 72 -10.58 26.84 -27.59
C ASN J 72 -11.61 26.77 -28.72
N PRO J 73 -11.38 27.44 -29.85
CA PRO J 73 -10.16 28.21 -30.17
C PRO J 73 -10.05 29.54 -29.43
N MET J 74 -8.85 30.10 -29.45
CA MET J 74 -8.62 31.42 -28.87
C MET J 74 -8.27 32.40 -29.99
N GLY J 75 -8.76 33.61 -29.84
CA GLY J 75 -8.48 34.63 -30.82
C GLY J 75 -7.00 34.99 -30.82
N MET J 76 -6.49 35.28 -32.00
CA MET J 76 -5.13 35.77 -32.15
C MET J 76 -5.20 36.88 -33.18
N PHE J 77 -4.94 38.11 -32.75
CA PHE J 77 -5.00 39.27 -33.63
C PHE J 77 -3.60 39.83 -33.81
N GLN J 78 -3.21 39.98 -35.07
CA GLN J 78 -1.92 40.53 -35.42
C GLN J 78 -2.14 41.87 -36.13
N TYR J 79 -1.86 42.98 -35.43
CA TYR J 79 -1.82 44.28 -36.10
C TYR J 79 -0.52 44.39 -36.86
N THR J 80 -0.58 44.77 -38.13
CA THR J 80 0.59 45.31 -38.81
C THR J 80 0.20 46.71 -39.28
N VAL J 81 1.09 47.67 -39.07
CA VAL J 81 0.80 49.09 -39.24
C VAL J 81 1.60 49.65 -40.40
N TRP J 82 0.93 50.39 -41.29
CA TRP J 82 1.51 50.70 -42.59
C TRP J 82 1.29 52.15 -42.95
N LYS J 83 2.21 52.67 -43.77
CA LYS J 83 2.03 54.00 -44.34
C LYS J 83 0.77 54.07 -45.19
N ASP J 84 0.46 52.99 -45.91
CA ASP J 84 -0.70 52.97 -46.80
C ASP J 84 -1.01 51.52 -47.16
N VAL J 85 -2.17 51.33 -47.79
CA VAL J 85 -2.57 50.00 -48.21
C VAL J 85 -1.56 49.38 -49.18
N HIS J 86 -1.06 50.20 -50.12
CA HIS J 86 -0.18 49.65 -51.16
C HIS J 86 1.08 48.99 -50.57
N SER J 87 1.64 49.59 -49.51
CA SER J 87 2.83 49.02 -48.89
C SER J 87 2.58 47.61 -48.38
N HIS J 88 1.43 47.40 -47.73
CA HIS J 88 1.11 46.06 -47.22
C HIS J 88 0.92 45.07 -48.37
N GLU J 89 0.13 45.46 -49.38
CA GLU J 89 -0.11 44.57 -50.52
C GLU J 89 1.19 44.27 -51.27
N GLU J 90 2.07 45.27 -51.39
CA GLU J 90 3.34 45.06 -52.07
C GLU J 90 4.23 44.11 -51.30
N MET J 91 4.29 44.27 -49.98
CA MET J 91 5.04 43.36 -49.12
C MET J 91 4.56 41.93 -49.29
N HIS J 92 3.24 41.72 -49.21
CA HIS J 92 2.69 40.38 -49.40
C HIS J 92 3.05 39.81 -50.75
N HIS J 93 3.03 40.67 -51.79
CA HIS J 93 3.38 40.21 -53.12
C HIS J 93 4.87 39.86 -53.22
N ASP J 94 5.74 40.78 -52.79
CA ASP J 94 7.19 40.57 -52.93
C ASP J 94 7.69 39.42 -52.08
N ASN J 95 6.98 39.08 -51.01
CA ASN J 95 7.41 38.01 -50.13
C ASN J 95 6.42 36.86 -50.13
N PHE J 96 5.70 36.68 -51.24
CA PHE J 96 4.58 35.75 -51.25
C PHE J 96 5.04 34.32 -50.95
N LYS J 97 6.11 33.86 -51.61
CA LYS J 97 6.61 32.50 -51.40
C LYS J 97 6.99 32.26 -49.95
N GLU J 98 7.70 33.22 -49.35
CA GLU J 98 8.22 33.01 -48.00
C GLU J 98 7.11 33.10 -46.96
N ILE J 99 6.19 34.06 -47.12
CA ILE J 99 5.05 34.11 -46.22
C ILE J 99 4.22 32.84 -46.34
N PHE J 100 4.03 32.36 -47.57
CA PHE J 100 3.27 31.12 -47.75
C PHE J 100 3.94 29.95 -47.04
N GLU J 101 5.26 29.84 -47.19
CA GLU J 101 5.98 28.76 -46.51
C GLU J 101 5.79 28.84 -45.00
N LEU J 102 5.89 30.04 -44.44
CA LEU J 102 5.81 30.19 -42.99
C LEU J 102 4.40 29.92 -42.47
N CSS J 103 3.41 30.53 -43.11
CA CSS J 103 2.05 30.38 -42.66
CB CSS J 103 1.16 31.39 -43.32
SG CSS J 103 1.41 32.97 -42.54
SD CSS J 103 1.29 32.83 -40.53
C CSS J 103 1.58 28.98 -42.93
O CSS J 103 0.63 28.54 -42.25
N SER J 104 2.22 28.25 -43.85
CA SER J 104 1.89 26.84 -44.04
C SER J 104 2.11 26.06 -42.75
N GLY J 105 3.17 26.42 -42.03
CA GLY J 105 3.38 25.88 -40.70
C GLY J 105 2.30 26.30 -39.71
N CYS J 106 1.83 27.54 -39.81
CA CYS J 106 0.85 28.05 -38.85
C CYS J 106 -0.52 27.40 -39.04
N LEU J 107 -0.83 26.91 -40.24
CA LEU J 107 -2.16 26.36 -40.51
C LEU J 107 -2.46 25.12 -39.68
N GLY J 108 -1.44 24.41 -39.18
CA GLY J 108 -1.67 23.26 -38.33
C GLY J 108 -2.31 23.58 -36.99
N MET J 109 -2.39 24.85 -36.63
CA MET J 109 -3.07 25.27 -35.40
C MET J 109 -4.29 26.12 -35.67
N VAL J 110 -4.62 26.38 -36.93
CA VAL J 110 -5.70 27.30 -37.28
C VAL J 110 -7.03 26.58 -37.27
N ILE J 111 -7.99 27.14 -36.58
CA ILE J 111 -9.35 26.64 -36.58
C ILE J 111 -10.28 27.53 -37.38
N GLU J 112 -10.01 28.83 -37.44
CA GLU J 112 -10.80 29.75 -38.24
C GLU J 112 -9.90 30.89 -38.65
N GLY J 113 -10.15 31.44 -39.85
CA GLY J 113 -9.31 32.49 -40.38
C GLY J 113 -8.22 31.94 -41.28
N PRO J 114 -7.23 32.79 -41.66
CA PRO J 114 -7.15 34.21 -41.30
C PRO J 114 -8.08 35.06 -42.16
N TRP J 115 -8.50 36.16 -41.56
CA TRP J 115 -9.28 37.20 -42.21
C TRP J 115 -8.59 38.50 -41.84
N GLU J 116 -8.20 39.30 -42.83
CA GLU J 116 -7.36 40.47 -42.60
C GLU J 116 -7.96 41.75 -43.16
N PRO J 117 -8.85 42.40 -42.42
CA PRO J 117 -9.38 43.69 -42.87
C PRO J 117 -8.38 44.80 -42.60
N TYR J 118 -8.55 45.86 -43.38
CA TYR J 118 -7.84 47.12 -43.24
C TYR J 118 -8.67 48.09 -42.41
N PHE J 119 -8.01 48.81 -41.52
CA PHE J 119 -8.69 49.74 -40.62
C PHE J 119 -8.04 51.11 -40.71
N GLU J 120 -8.89 52.12 -40.72
CA GLU J 120 -8.49 53.50 -40.60
C GLU J 120 -8.52 53.90 -39.12
N VAL J 121 -7.50 54.62 -38.68
CA VAL J 121 -7.49 55.13 -37.30
C VAL J 121 -8.29 56.43 -37.30
N VAL J 122 -9.54 56.34 -36.86
CA VAL J 122 -10.41 57.51 -36.88
C VAL J 122 -9.91 58.55 -35.89
N LYS J 123 -9.58 58.12 -34.68
CA LYS J 123 -9.08 59.00 -33.63
C LYS J 123 -8.36 58.14 -32.61
N SER J 124 -7.45 58.74 -31.87
CA SER J 124 -6.67 57.96 -30.91
C SER J 124 -6.14 58.85 -29.79
N ASP J 125 -5.89 58.20 -28.64
CA ASP J 125 -5.11 58.78 -27.55
C ASP J 125 -4.33 57.58 -26.96
N LEU J 126 -3.27 57.18 -27.66
CA LEU J 126 -2.46 56.00 -27.36
C LEU J 126 -1.05 56.46 -27.00
N PRO J 127 -0.56 56.20 -25.79
CA PRO J 127 0.81 56.57 -25.46
C PRO J 127 1.84 55.59 -26.02
N GLN J 128 3.09 56.07 -26.07
CA GLN J 128 4.22 55.20 -26.38
C GLN J 128 4.36 54.10 -25.32
N ILE J 129 4.76 52.91 -25.75
CA ILE J 129 5.00 51.84 -24.78
C ILE J 129 6.39 52.02 -24.18
N MET J 130 6.56 51.56 -22.94
CA MET J 130 7.79 51.74 -22.19
C MET J 130 7.84 50.65 -21.12
N SER J 131 8.90 50.66 -20.32
CA SER J 131 9.00 49.73 -19.21
C SER J 131 9.12 50.53 -17.92
N MET J 132 9.04 49.82 -16.79
CA MET J 132 9.12 50.46 -15.47
C MET J 132 10.41 51.27 -15.33
N THR J 133 11.54 50.67 -15.72
CA THR J 133 12.82 51.37 -15.56
C THR J 133 12.96 52.55 -16.51
N ASP J 134 12.05 52.70 -17.48
CA ASP J 134 12.02 53.90 -18.31
C ASP J 134 11.22 55.03 -17.69
N VAL J 135 10.39 54.74 -16.68
CA VAL J 135 9.40 55.72 -16.22
C VAL J 135 10.05 56.94 -15.58
N PRO J 136 11.06 56.83 -14.70
CA PRO J 136 11.68 58.05 -14.17
C PRO J 136 12.21 59.00 -15.26
N GLN J 137 12.85 58.46 -16.29
CA GLN J 137 13.37 59.33 -17.34
C GLN J 137 12.24 59.94 -18.18
N VAL J 138 11.18 59.17 -18.47
CA VAL J 138 10.04 59.72 -19.20
C VAL J 138 9.42 60.87 -18.41
N LEU J 139 9.32 60.71 -17.09
CA LEU J 139 8.84 61.80 -16.25
C LEU J 139 9.74 63.03 -16.33
N GLY J 140 11.06 62.83 -16.19
CA GLY J 140 11.97 63.95 -16.26
C GLY J 140 11.95 64.65 -17.60
N ASP J 141 11.91 63.89 -18.69
CA ASP J 141 11.88 64.47 -20.03
C ASP J 141 10.61 65.25 -20.25
N SER J 142 9.49 64.74 -19.74
CA SER J 142 8.21 65.47 -19.88
C SER J 142 8.27 66.81 -19.16
N PHE J 143 8.82 66.84 -17.94
CA PHE J 143 8.96 68.11 -17.24
C PHE J 143 9.88 69.05 -18.01
N ALA J 144 11.01 68.53 -18.48
CA ALA J 144 11.96 69.35 -19.23
C ALA J 144 11.29 69.95 -20.47
N LYS J 145 10.56 69.11 -21.22
CA LYS J 145 9.88 69.51 -22.45
C LYS J 145 8.54 70.20 -22.20
N GLN J 146 8.21 70.49 -20.94
CA GLN J 146 6.95 71.16 -20.59
C GLN J 146 5.74 70.40 -21.14
N GLU J 147 5.85 69.10 -21.30
CA GLU J 147 4.78 68.27 -21.85
C GLU J 147 4.13 67.44 -20.75
N ARG J 148 2.93 66.98 -21.05
CA ARG J 148 2.20 66.18 -20.07
C ARG J 148 2.79 64.79 -19.98
N VAL J 149 2.90 64.29 -18.76
CA VAL J 149 3.34 62.91 -18.52
C VAL J 149 2.25 61.95 -18.98
N PRO J 150 2.56 60.93 -19.78
CA PRO J 150 1.52 60.01 -20.25
C PRO J 150 1.11 59.01 -19.19
N LYS J 151 -0.03 58.36 -19.44
CA LYS J 151 -0.29 57.08 -18.78
C LYS J 151 0.81 56.11 -19.15
N VAL J 152 1.17 55.22 -18.23
CA VAL J 152 2.24 54.26 -18.44
C VAL J 152 1.67 53.02 -19.14
N ALA J 153 2.08 52.80 -20.38
CA ALA J 153 1.71 51.63 -21.18
C ALA J 153 2.93 50.69 -21.16
N LEU J 154 2.88 49.68 -20.28
CA LEU J 154 4.02 48.78 -20.10
C LEU J 154 4.11 47.81 -21.27
N SER J 155 5.26 47.79 -21.94
CA SER J 155 5.51 46.91 -23.08
C SER J 155 5.25 45.46 -22.71
N SER J 156 4.38 44.81 -23.48
CA SER J 156 4.02 43.40 -23.28
C SER J 156 3.60 43.10 -21.83
N GLN J 157 3.05 44.07 -21.11
CA GLN J 157 2.67 43.88 -19.71
C GLN J 157 1.44 44.70 -19.32
N ARG J 158 0.37 44.56 -20.10
CA ARG J 158 -0.88 45.25 -19.84
C ARG J 158 -1.99 44.53 -20.61
N THR J 159 -3.20 45.07 -20.54
CA THR J 159 -4.34 44.43 -21.16
C THR J 159 -4.85 45.28 -22.31
N VAL J 160 -5.11 44.64 -23.43
CA VAL J 160 -5.74 45.27 -24.59
C VAL J 160 -7.11 44.65 -24.73
N VAL J 161 -8.11 45.51 -24.83
CA VAL J 161 -9.50 45.13 -25.01
C VAL J 161 -9.96 45.65 -26.36
N ILE J 162 -10.68 44.83 -27.10
CA ILE J 162 -11.20 45.25 -28.41
C ILE J 162 -12.71 45.12 -28.42
N GLY J 163 -13.40 46.24 -28.61
CA GLY J 163 -14.85 46.26 -28.66
C GLY J 163 -15.36 46.28 -30.08
N ASP J 164 -16.10 45.23 -30.43
CA ASP J 164 -16.62 45.05 -31.79
C ASP J 164 -17.99 45.74 -31.89
N HIS J 165 -18.13 46.66 -32.84
CA HIS J 165 -19.38 47.40 -33.06
C HIS J 165 -19.75 47.34 -34.54
N TRP J 166 -20.98 46.98 -34.86
CA TRP J 166 -21.51 47.19 -36.21
C TRP J 166 -22.45 48.38 -36.13
N VAL J 167 -22.19 49.40 -36.93
CA VAL J 167 -22.88 50.67 -36.82
C VAL J 167 -23.95 50.77 -37.90
N MET J 168 -25.13 51.28 -37.53
CA MET J 168 -26.23 51.44 -38.46
C MET J 168 -25.85 52.34 -39.63
N ASP J 169 -26.27 51.94 -40.82
CA ASP J 169 -26.07 52.72 -42.03
C ASP J 169 -26.50 54.18 -41.82
N GLY J 170 -25.58 55.10 -42.07
CA GLY J 170 -25.83 56.51 -41.87
C GLY J 170 -25.54 57.02 -40.48
N HIS J 171 -25.18 56.15 -39.53
CA HIS J 171 -24.87 56.60 -38.18
C HIS J 171 -23.36 56.65 -37.90
N GLU J 172 -22.53 56.48 -38.94
CA GLU J 172 -21.09 56.32 -38.73
C GLU J 172 -20.49 57.52 -38.02
N LYS J 173 -20.81 58.71 -38.50
CA LYS J 173 -20.22 59.92 -37.94
C LYS J 173 -20.71 60.17 -36.52
N ALA J 174 -22.01 59.98 -36.27
CA ALA J 174 -22.52 60.13 -34.91
C ALA J 174 -21.83 59.15 -33.97
N PHE J 175 -21.63 57.92 -34.44
CA PHE J 175 -20.91 56.93 -33.63
C PHE J 175 -19.51 57.42 -33.29
N GLU J 176 -18.77 57.91 -34.30
CA GLU J 176 -17.39 58.33 -34.06
C GLU J 176 -17.32 59.40 -33.00
N GLN J 177 -18.25 60.37 -33.04
CA GLN J 177 -18.32 61.41 -32.02
C GLN J 177 -18.68 60.83 -30.65
N GLY J 178 -19.69 59.96 -30.61
CA GLY J 178 -20.11 59.40 -29.32
C GLY J 178 -19.05 58.52 -28.68
N ALA J 179 -18.39 57.68 -29.47
CA ALA J 179 -17.28 56.88 -28.94
C ALA J 179 -16.13 57.77 -28.51
N THR J 180 -15.86 58.84 -29.26
CA THR J 180 -14.82 59.76 -28.84
C THR J 180 -15.10 60.35 -27.47
N GLU J 181 -16.32 60.86 -27.27
CA GLU J 181 -16.68 61.44 -25.98
C GLU J 181 -16.64 60.39 -24.88
N THR J 182 -17.11 59.18 -25.17
CA THR J 182 -17.07 58.11 -24.17
C THR J 182 -15.64 57.83 -23.75
N LEU J 183 -14.75 57.67 -24.72
CA LEU J 183 -13.37 57.30 -24.42
C LEU J 183 -12.60 58.44 -23.77
N GLU J 184 -12.87 59.69 -24.19
CA GLU J 184 -12.20 60.82 -23.52
C GLU J 184 -12.65 60.94 -22.07
N TRP J 185 -13.94 60.74 -21.79
CA TRP J 185 -14.41 60.73 -20.41
C TRP J 185 -13.72 59.62 -19.62
N MET J 186 -13.63 58.41 -20.18
CA MET J 186 -13.00 57.30 -19.45
C MET J 186 -11.54 57.58 -19.17
N LYS J 187 -10.80 58.11 -20.17
CA LYS J 187 -9.37 58.33 -19.94
C LYS J 187 -9.15 59.41 -18.90
N ALA J 188 -10.04 60.39 -18.81
CA ALA J 188 -9.89 61.40 -17.77
C ALA J 188 -10.32 60.90 -16.38
N ASN J 189 -11.21 59.92 -16.30
CA ASN J 189 -11.91 59.68 -15.03
C ASN J 189 -11.84 58.27 -14.46
N VAL J 190 -11.39 57.27 -15.22
CA VAL J 190 -11.46 55.87 -14.80
C VAL J 190 -10.06 55.37 -14.50
N PRO J 191 -9.81 54.79 -13.32
CA PRO J 191 -8.45 54.32 -12.99
C PRO J 191 -7.98 53.22 -13.93
N GLY J 192 -6.68 53.28 -14.27
CA GLY J 192 -6.04 52.22 -15.02
C GLY J 192 -6.26 52.27 -16.51
N MET J 193 -6.90 53.33 -17.00
CA MET J 193 -7.17 53.51 -18.43
C MET J 193 -5.90 54.03 -19.09
N VAL J 194 -5.30 53.22 -19.95
CA VAL J 194 -3.99 53.56 -20.48
C VAL J 194 -4.10 54.36 -21.77
N GLY J 195 -5.01 53.99 -22.66
CA GLY J 195 -5.15 54.70 -23.92
C GLY J 195 -6.21 54.04 -24.76
N TRP J 196 -6.47 54.63 -25.93
CA TRP J 196 -7.56 54.10 -26.73
C TRP J 196 -7.36 54.48 -28.19
N MET J 197 -8.10 53.80 -29.06
CA MET J 197 -8.04 54.04 -30.49
C MET J 197 -9.36 53.58 -31.12
N ILE J 198 -9.91 54.38 -32.02
CA ILE J 198 -11.12 54.00 -32.75
C ILE J 198 -10.72 53.61 -34.17
N MET J 199 -11.05 52.39 -34.57
CA MET J 199 -10.65 51.88 -35.87
C MET J 199 -11.87 51.56 -36.71
N LYS J 200 -11.84 51.97 -37.98
CA LYS J 200 -12.94 51.79 -38.90
C LYS J 200 -12.49 50.88 -40.03
N GLN J 201 -13.19 49.77 -40.22
CA GLN J 201 -12.87 48.86 -41.33
C GLN J 201 -13.32 49.46 -42.65
N PHE J 202 -12.41 49.51 -43.64
CA PHE J 202 -12.75 50.02 -44.95
C PHE J 202 -12.40 49.07 -46.08
N GLY J 203 -11.91 47.88 -45.80
CA GLY J 203 -11.59 46.95 -46.85
C GLY J 203 -10.92 45.73 -46.24
N VAL J 204 -10.63 44.76 -47.10
CA VAL J 204 -10.01 43.50 -46.68
C VAL J 204 -8.92 43.15 -47.68
N SER J 205 -7.79 42.64 -47.17
CA SER J 205 -6.76 42.12 -48.06
C SER J 205 -7.12 40.71 -48.48
N ALA J 206 -7.17 40.47 -49.78
CA ALA J 206 -7.45 39.12 -50.27
C ALA J 206 -6.27 38.19 -49.98
N ILE J 207 -5.06 38.61 -50.34
CA ILE J 207 -3.88 37.78 -50.10
C ILE J 207 -3.69 37.56 -48.60
N GLY J 208 -3.84 38.61 -47.80
CA GLY J 208 -3.69 38.46 -46.37
C GLY J 208 -4.71 37.55 -45.75
N SER J 209 -5.87 37.37 -46.39
CA SER J 209 -6.90 36.47 -45.90
C SER J 209 -6.78 35.09 -46.52
N PHE J 210 -5.71 34.83 -47.26
CA PHE J 210 -5.51 33.55 -47.91
C PHE J 210 -6.69 33.22 -48.81
N GLN J 211 -7.24 34.24 -49.47
CA GLN J 211 -8.37 34.08 -50.39
C GLN J 211 -7.80 34.19 -51.81
N LEU J 212 -7.44 33.05 -52.38
CA LEU J 212 -6.81 32.99 -53.69
C LEU J 212 -7.86 32.72 -54.77
N ASP J 213 -7.42 32.74 -56.03
CA ASP J 213 -8.20 32.25 -57.16
C ASP J 213 -8.41 30.74 -56.99
N PRO J 214 -9.33 30.13 -57.75
CA PRO J 214 -9.62 28.70 -57.52
C PRO J 214 -8.42 27.79 -57.71
N GLU J 215 -7.62 28.01 -58.76
CA GLU J 215 -6.49 27.13 -58.97
C GLU J 215 -5.44 27.35 -57.89
N GLY J 216 -5.27 28.60 -57.44
CA GLY J 216 -4.38 28.85 -56.31
C GLY J 216 -4.86 28.16 -55.04
N ALA J 217 -6.17 28.16 -54.82
CA ALA J 217 -6.70 27.46 -53.65
C ALA J 217 -6.38 25.98 -53.71
N MET J 218 -6.49 25.39 -54.91
CA MET J 218 -6.13 23.99 -55.06
C MET J 218 -4.66 23.76 -54.77
N LYS J 219 -3.77 24.57 -55.39
CA LYS J 219 -2.34 24.38 -55.19
C LYS J 219 -1.94 24.61 -53.75
N ALA J 220 -2.62 25.52 -53.04
CA ALA J 220 -2.25 25.81 -51.65
C ALA J 220 -2.33 24.58 -50.76
N VAL J 221 -3.28 23.67 -51.03
CA VAL J 221 -3.41 22.48 -50.20
C VAL J 221 -2.77 21.25 -50.82
N SER J 222 -2.14 21.41 -51.98
CA SER J 222 -1.37 20.34 -52.61
C SER J 222 0.13 20.43 -52.30
N THR J 223 0.49 21.15 -51.25
CA THR J 223 1.88 21.40 -50.88
C THR J 223 1.93 21.49 -49.35
N LEU J 224 3.13 21.30 -48.80
CA LEU J 224 3.39 21.52 -47.39
C LEU J 224 4.05 22.86 -47.13
N GLY J 225 4.29 23.65 -48.17
CA GLY J 225 4.85 24.97 -48.02
C GLY J 225 5.95 25.26 -49.03
N ALA J 226 6.53 24.22 -49.64
CA ALA J 226 7.67 24.44 -50.53
C ALA J 226 7.27 24.80 -51.95
N ASN J 227 6.02 24.54 -52.36
CA ASN J 227 5.59 24.75 -53.73
C ASN J 227 4.38 25.66 -53.71
N PRO J 228 4.60 26.97 -53.54
CA PRO J 228 3.48 27.89 -53.35
C PRO J 228 2.69 28.03 -54.63
N PRO J 229 1.41 28.40 -54.52
CA PRO J 229 0.64 28.77 -55.73
C PRO J 229 1.16 30.05 -56.33
N GLU J 230 0.71 30.31 -57.55
CA GLU J 230 0.98 31.62 -58.14
C GLU J 230 0.22 32.69 -57.36
N TYR J 231 0.83 33.86 -57.24
CA TYR J 231 0.19 35.02 -56.65
C TYR J 231 -1.02 35.38 -57.50
N ASN J 232 -2.24 35.19 -56.97
CA ASN J 232 -3.44 35.49 -57.75
C ASN J 232 -4.65 35.40 -56.83
N THR J 233 -5.69 36.16 -57.19
CA THR J 233 -6.92 36.25 -56.41
C THR J 233 -8.09 36.34 -57.36
N ASN J 234 -9.30 36.34 -56.80
CA ASN J 234 -10.49 36.56 -57.62
C ASN J 234 -10.56 37.99 -58.12
N TYR J 235 -9.65 38.84 -57.67
CA TYR J 235 -9.49 40.20 -58.17
C TYR J 235 -8.25 40.35 -59.04
N GLY J 236 -7.70 39.25 -59.58
CA GLY J 236 -6.50 39.33 -60.40
C GLY J 236 -5.22 39.28 -59.58
N ASN J 237 -4.10 39.53 -60.27
CA ASN J 237 -2.78 39.32 -59.69
C ASN J 237 -1.94 40.60 -59.61
N LYS J 238 -2.57 41.77 -59.71
CA LYS J 238 -1.82 43.01 -59.59
C LYS J 238 -1.76 43.47 -58.13
N VAL J 239 -0.78 44.31 -57.83
CA VAL J 239 -0.65 44.89 -56.50
C VAL J 239 -1.55 46.11 -56.40
N HIS J 240 -2.51 46.05 -55.48
CA HIS J 240 -3.56 47.05 -55.34
C HIS J 240 -3.12 48.22 -54.48
N ASP J 241 -3.57 49.41 -54.86
CA ASP J 241 -3.45 50.63 -54.07
C ASP J 241 -4.54 50.76 -53.02
N LYS J 242 -5.70 50.15 -53.27
CA LYS J 242 -6.89 50.09 -52.44
C LYS J 242 -7.23 48.64 -52.13
N PRO J 243 -7.87 48.36 -50.99
CA PRO J 243 -8.21 46.99 -50.65
C PRO J 243 -9.01 46.34 -51.77
N PRO J 244 -8.64 45.12 -52.17
CA PRO J 244 -9.42 44.44 -53.21
C PRO J 244 -10.83 44.08 -52.75
N ILE J 245 -10.98 43.67 -51.48
CA ILE J 245 -12.28 43.29 -50.96
C ILE J 245 -12.89 44.50 -50.26
N PRO J 246 -14.14 44.88 -50.58
CA PRO J 246 -14.77 46.02 -49.91
C PRO J 246 -14.89 45.77 -48.41
N GLY J 247 -14.93 46.86 -47.64
CA GLY J 247 -15.27 46.74 -46.23
C GLY J 247 -16.67 46.16 -46.09
N GLN J 248 -16.90 45.42 -45.01
CA GLN J 248 -18.23 44.87 -44.80
C GLN J 248 -19.22 45.98 -44.48
N THR J 249 -20.49 45.72 -44.78
CA THR J 249 -21.55 46.52 -44.19
C THR J 249 -22.52 45.61 -43.44
N PRO J 250 -23.12 46.08 -42.32
CA PRO J 250 -22.93 47.37 -41.65
C PRO J 250 -21.46 47.63 -41.28
N THR J 251 -21.06 48.90 -41.32
CA THR J 251 -19.67 49.25 -41.05
C THR J 251 -19.22 48.72 -39.70
N GLN J 252 -18.06 48.05 -39.70
CA GLN J 252 -17.48 47.59 -38.45
C GLN J 252 -16.51 48.63 -37.90
N TYR J 253 -16.66 48.93 -36.62
CA TYR J 253 -15.70 49.71 -35.87
C TYR J 253 -15.14 48.85 -34.75
N LEU J 254 -13.81 48.86 -34.60
CA LEU J 254 -13.14 48.24 -33.47
C LEU J 254 -12.64 49.33 -32.52
N VAL J 255 -13.08 49.26 -31.27
CA VAL J 255 -12.68 50.19 -30.23
C VAL J 255 -11.59 49.51 -29.41
N HIS J 256 -10.36 49.99 -29.56
CA HIS J 256 -9.16 49.42 -28.95
C HIS J 256 -8.87 50.23 -27.69
N ILE J 257 -8.91 49.58 -26.52
CA ILE J 257 -8.71 50.24 -25.24
C ILE J 257 -7.67 49.46 -24.47
N GLU J 258 -6.67 50.18 -23.95
CA GLU J 258 -5.61 49.57 -23.18
C GLU J 258 -5.80 49.90 -21.71
N TRP J 259 -5.56 48.89 -20.86
CA TRP J 259 -5.77 49.01 -19.44
C TRP J 259 -4.57 48.41 -18.71
N GLU J 260 -4.40 48.85 -17.46
CA GLU J 260 -3.29 48.35 -16.64
C GLU J 260 -3.35 46.84 -16.48
N SER J 261 -4.55 46.29 -16.30
CA SER J 261 -4.70 44.88 -15.99
C SER J 261 -6.11 44.46 -16.39
N PRO J 262 -6.38 43.15 -16.42
CA PRO J 262 -7.75 42.71 -16.75
C PRO J 262 -8.79 43.22 -15.76
N GLU J 263 -8.44 43.33 -14.47
CA GLU J 263 -9.37 43.82 -13.47
C GLU J 263 -9.70 45.29 -13.71
N HIS J 264 -8.67 46.11 -14.02
CA HIS J 264 -8.96 47.51 -14.34
C HIS J 264 -9.82 47.61 -15.57
N ALA J 265 -9.58 46.74 -16.55
CA ALA J 265 -10.40 46.74 -17.76
C ALA J 265 -11.83 46.34 -17.45
N HIS J 266 -12.02 45.29 -16.65
CA HIS J 266 -13.36 44.81 -16.35
C HIS J 266 -14.15 45.86 -15.58
N GLN J 267 -13.58 46.36 -14.48
CA GLN J 267 -14.27 47.40 -13.72
C GLN J 267 -14.39 48.68 -14.54
N GLY J 268 -13.36 48.98 -15.35
CA GLY J 268 -13.37 50.22 -16.11
C GLY J 268 -14.42 50.26 -17.20
N LEU J 269 -14.49 49.21 -18.02
CA LEU J 269 -15.54 49.16 -19.01
C LEU J 269 -16.91 49.21 -18.35
N GLY J 270 -17.03 48.69 -17.12
CA GLY J 270 -18.30 48.68 -16.43
C GLY J 270 -18.85 50.04 -16.11
N HIS J 271 -18.00 51.08 -16.14
CA HIS J 271 -18.48 52.43 -15.83
C HIS J 271 -19.54 52.92 -16.83
N VAL J 272 -19.61 52.40 -18.05
CA VAL J 272 -20.69 52.82 -18.95
C VAL J 272 -22.05 52.40 -18.44
N MET J 273 -22.09 51.56 -17.41
CA MET J 273 -23.33 51.15 -16.80
C MET J 273 -23.52 51.68 -15.38
N VAL J 274 -22.46 51.92 -14.61
CA VAL J 274 -22.63 52.27 -13.19
C VAL J 274 -22.24 53.70 -12.88
N ASP J 275 -21.90 54.51 -13.87
CA ASP J 275 -21.77 55.94 -13.65
C ASP J 275 -22.84 56.64 -14.49
N TYR J 276 -23.71 57.40 -13.83
CA TYR J 276 -24.85 57.98 -14.53
C TYR J 276 -24.40 58.84 -15.71
N GLU J 277 -23.39 59.68 -15.50
CA GLU J 277 -22.98 60.62 -16.54
C GLU J 277 -22.38 59.88 -17.75
N LEU J 278 -21.45 58.96 -17.52
CA LEU J 278 -20.89 58.21 -18.64
C LEU J 278 -21.99 57.38 -19.30
N ARG J 279 -22.91 56.87 -18.50
CA ARG J 279 -24.03 56.08 -19.04
C ARG J 279 -24.82 56.87 -20.09
N GLN J 280 -25.09 58.17 -19.84
CA GLN J 280 -25.81 58.92 -20.87
C GLN J 280 -24.96 59.11 -22.12
N ILE J 281 -23.67 59.42 -21.94
CA ILE J 281 -22.77 59.65 -23.07
C ILE J 281 -22.71 58.41 -23.96
N HIS J 282 -22.53 57.25 -23.34
CA HIS J 282 -22.37 56.00 -24.08
C HIS J 282 -23.70 55.55 -24.66
N ASN J 283 -24.79 55.68 -23.89
CA ASN J 283 -26.11 55.32 -24.42
C ASN J 283 -26.43 56.14 -25.65
N ASN J 284 -26.29 57.48 -25.54
CA ASN J 284 -26.70 58.35 -26.64
C ASN J 284 -25.66 58.38 -27.75
N GLY J 285 -24.39 58.21 -27.40
CA GLY J 285 -23.33 58.38 -28.36
C GLY J 285 -22.85 57.12 -29.04
N VAL J 286 -23.11 55.97 -28.45
CA VAL J 286 -22.64 54.69 -28.97
C VAL J 286 -23.78 53.69 -29.18
N LEU J 287 -24.46 53.29 -28.08
CA LEU J 287 -25.43 52.20 -28.16
C LEU J 287 -26.58 52.50 -29.10
N ALA J 288 -27.00 53.78 -29.17
CA ALA J 288 -28.10 54.19 -30.04
C ALA J 288 -27.79 54.04 -31.52
N HIS J 289 -26.54 53.81 -31.90
CA HIS J 289 -26.18 53.79 -33.30
C HIS J 289 -25.81 52.42 -33.80
N LEU J 290 -26.07 51.36 -33.03
CA LEU J 290 -25.53 50.04 -33.33
C LEU J 290 -26.55 49.12 -33.96
N ASP J 291 -26.10 48.40 -34.99
CA ASP J 291 -26.79 47.17 -35.41
C ASP J 291 -26.36 45.97 -34.57
N LYS J 292 -25.09 45.92 -34.13
CA LYS J 292 -24.57 44.75 -33.43
C LYS J 292 -23.57 45.20 -32.37
N GLY J 293 -23.56 44.50 -31.23
CA GLY J 293 -22.60 44.79 -30.20
C GLY J 293 -23.15 45.69 -29.10
N PRO J 294 -22.26 46.20 -28.25
CA PRO J 294 -20.82 45.99 -28.29
C PRO J 294 -20.40 44.61 -27.75
N TYR J 295 -19.29 44.05 -28.24
CA TYR J 295 -18.74 42.80 -27.72
C TYR J 295 -17.26 43.02 -27.48
N TYR J 296 -16.81 42.79 -26.26
CA TYR J 296 -15.44 43.12 -25.85
C TYR J 296 -14.64 41.84 -25.61
N MET J 297 -13.58 41.66 -26.41
CA MET J 297 -12.62 40.57 -26.23
C MET J 297 -11.41 41.13 -25.50
N PHE J 298 -10.88 40.35 -24.56
CA PHE J 298 -9.69 40.70 -23.80
C PHE J 298 -8.49 40.02 -24.43
N PHE J 299 -7.39 40.77 -24.57
CA PHE J 299 -6.17 40.26 -25.18
C PHE J 299 -4.98 40.60 -24.31
N SER J 300 -3.95 39.78 -24.45
CA SER J 300 -2.66 40.09 -23.92
C SER J 300 -1.72 40.38 -25.07
N PRO J 301 -1.01 41.49 -25.05
CA PRO J 301 -0.04 41.79 -26.11
C PRO J 301 1.23 40.98 -25.91
N MET J 302 1.43 39.98 -26.76
CA MET J 302 2.55 39.05 -26.57
C MET J 302 3.86 39.66 -27.02
N MET J 303 3.88 40.22 -28.22
CA MET J 303 5.05 40.88 -28.80
C MET J 303 4.57 42.20 -29.36
N GLU J 304 5.40 43.24 -29.25
CA GLU J 304 5.04 44.53 -29.78
C GLU J 304 6.28 45.18 -30.34
N GLN J 305 6.14 45.79 -31.52
CA GLN J 305 7.09 46.76 -32.03
C GLN J 305 6.29 48.06 -32.17
N GLY J 306 6.40 48.93 -31.17
CA GLY J 306 5.44 50.00 -30.96
C GLY J 306 5.87 51.36 -31.50
N LEU J 307 6.88 51.41 -32.37
CA LEU J 307 7.27 52.75 -32.85
C LEU J 307 6.19 53.44 -33.67
N TRP J 308 5.26 52.67 -34.26
CA TRP J 308 4.16 53.29 -34.99
C TRP J 308 3.36 54.25 -34.13
N ARG J 309 3.28 53.98 -32.81
CA ARG J 309 2.52 54.87 -31.93
C ARG J 309 3.13 56.26 -31.87
N LYS J 310 4.46 56.36 -32.06
CA LYS J 310 5.17 57.62 -31.86
C LYS J 310 4.74 58.69 -32.86
N HIS J 311 4.24 58.32 -34.02
CA HIS J 311 3.75 59.31 -34.98
C HIS J 311 2.29 59.03 -35.32
N LEU J 312 1.41 59.34 -34.36
CA LEU J 312 -0.02 59.43 -34.54
C LEU J 312 -0.44 60.87 -34.26
N LYS J 313 -1.74 61.14 -34.44
CA LYS J 313 -2.38 62.40 -34.02
C LYS J 313 -1.78 63.55 -34.83
N GLU K 4 49.90 13.33 -51.29
CA GLU K 4 48.68 14.13 -51.24
C GLU K 4 48.54 14.85 -49.88
N ASN K 5 48.59 16.18 -49.90
CA ASN K 5 48.43 17.01 -48.71
C ASN K 5 47.07 17.68 -48.77
N PRO K 6 46.01 17.03 -48.34
CA PRO K 6 44.68 17.63 -48.44
C PRO K 6 44.51 18.70 -47.38
N ILE K 7 43.48 19.52 -47.59
CA ILE K 7 43.09 20.51 -46.59
C ILE K 7 41.82 20.00 -45.91
N ILE K 8 41.67 20.35 -44.64
CA ILE K 8 40.54 19.88 -43.84
C ILE K 8 39.73 21.08 -43.39
N ALA K 9 38.45 21.08 -43.77
CA ALA K 9 37.48 22.03 -43.24
C ALA K 9 36.82 21.37 -42.04
N ILE K 10 36.85 22.06 -40.91
CA ILE K 10 36.27 21.53 -39.69
C ILE K 10 35.09 22.41 -39.33
N ASN K 11 33.90 21.88 -39.57
CA ASN K 11 32.67 22.55 -39.16
C ASN K 11 32.48 22.32 -37.67
N MET K 12 32.60 23.40 -36.89
CA MET K 12 32.55 23.35 -35.44
C MET K 12 31.23 23.93 -34.98
N ALA K 13 30.48 23.16 -34.20
CA ALA K 13 29.23 23.63 -33.65
C ALA K 13 29.12 23.10 -32.24
N LYS K 14 28.24 23.72 -31.46
CA LYS K 14 27.87 23.20 -30.14
C LYS K 14 26.38 22.93 -30.18
N ILE K 15 25.97 21.70 -29.89
CA ILE K 15 24.60 21.29 -30.09
C ILE K 15 23.99 20.87 -28.77
N ALA K 16 22.66 20.92 -28.71
CA ALA K 16 21.96 20.55 -27.50
C ALA K 16 22.14 19.06 -27.23
N ASN K 17 22.39 18.71 -25.98
CA ASN K 17 22.58 17.32 -25.59
C ASN K 17 21.22 16.81 -25.13
N LYS K 18 20.43 16.33 -26.07
CA LYS K 18 19.11 15.80 -25.76
C LYS K 18 18.73 14.80 -26.85
N PRO K 19 17.80 13.88 -26.57
CA PRO K 19 17.53 12.81 -27.55
C PRO K 19 17.17 13.32 -28.95
N ASP K 20 16.43 14.42 -29.04
CA ASP K 20 16.03 14.96 -30.34
C ASP K 20 17.23 15.27 -31.22
N SER K 21 18.35 15.71 -30.63
CA SER K 21 19.51 16.08 -31.43
C SER K 21 20.15 14.87 -32.10
N TYR K 22 20.23 13.74 -31.41
CA TYR K 22 20.75 12.53 -32.05
C TYR K 22 19.86 12.08 -33.19
N GLU K 23 18.53 12.27 -33.07
CA GLU K 23 17.64 11.86 -34.16
C GLU K 23 17.90 12.70 -35.41
N THR K 24 17.93 14.02 -35.27
CA THR K 24 18.15 14.84 -36.46
C THR K 24 19.55 14.62 -37.03
N MET K 25 20.51 14.21 -36.20
CA MET K 25 21.82 13.85 -36.73
C MET K 25 21.74 12.57 -37.55
N MET K 26 20.83 11.66 -37.21
CA MET K 26 20.68 10.42 -37.95
C MET K 26 19.83 10.60 -39.21
N LYS K 27 18.94 11.58 -39.20
CA LYS K 27 18.07 11.82 -40.35
C LYS K 27 18.67 12.83 -41.32
N VAL K 28 19.34 13.85 -40.81
CA VAL K 28 19.87 14.93 -41.64
C VAL K 28 21.37 14.78 -41.90
N GLY K 29 22.11 14.26 -40.93
CA GLY K 29 23.54 14.06 -41.05
C GLY K 29 23.98 13.37 -42.33
N PRO K 30 23.45 12.15 -42.58
CA PRO K 30 23.80 11.46 -43.84
C PRO K 30 23.48 12.27 -45.08
N LYS K 31 22.37 13.02 -45.06
CA LYS K 31 21.98 13.76 -46.26
C LYS K 31 22.99 14.85 -46.60
N VAL K 32 23.61 15.47 -45.60
CA VAL K 32 24.61 16.50 -45.86
C VAL K 32 25.87 15.88 -46.49
N CSS K 33 26.30 14.73 -45.98
CA CSS K 33 27.47 14.07 -46.52
CB CSS K 33 27.83 12.86 -45.70
SG CSS K 33 28.36 13.30 -44.07
SD CSS K 33 29.68 14.82 -44.29
C CSS K 33 27.25 13.66 -47.96
O CSS K 33 28.20 13.72 -48.78
N ILE K 34 26.03 13.26 -48.29
CA ILE K 34 25.70 12.83 -49.65
C ILE K 34 25.79 14.02 -50.62
N THR K 35 25.34 15.18 -50.15
CA THR K 35 25.51 16.42 -50.92
C THR K 35 26.98 16.73 -51.13
N THR K 36 27.78 16.67 -50.07
CA THR K 36 29.21 16.96 -50.13
C THR K 36 29.92 16.03 -51.12
N ALA K 37 29.57 14.74 -51.11
CA ALA K 37 30.21 13.72 -51.94
C ALA K 37 29.82 13.81 -53.40
N SER K 38 29.04 14.82 -53.80
CA SER K 38 28.79 15.07 -55.21
C SER K 38 29.99 15.70 -55.90
N HIS K 39 30.98 16.20 -55.13
CA HIS K 39 32.07 16.96 -55.74
C HIS K 39 33.33 16.11 -55.88
N PRO K 40 34.00 16.16 -57.03
CA PRO K 40 35.18 15.30 -57.24
C PRO K 40 36.36 15.69 -56.37
N GLY K 41 36.39 16.88 -55.79
CA GLY K 41 37.48 17.19 -54.87
C GLY K 41 37.28 16.68 -53.45
N PHE K 42 36.16 16.03 -53.17
CA PHE K 42 35.84 15.58 -51.82
C PHE K 42 36.51 14.25 -51.51
N LEU K 43 37.27 14.20 -50.40
CA LEU K 43 38.11 13.04 -50.10
C LEU K 43 37.64 12.20 -48.91
N GLY K 44 36.80 12.73 -48.05
CA GLY K 44 36.32 11.97 -46.92
C GLY K 44 35.84 12.87 -45.81
N PHE K 45 35.40 12.23 -44.73
CA PHE K 45 34.87 13.00 -43.61
C PHE K 45 35.05 12.23 -42.31
N GLU K 46 34.96 12.98 -41.21
CA GLU K 46 35.00 12.48 -39.84
C GLU K 46 33.92 13.22 -39.07
N GLN K 47 32.96 12.50 -38.50
CA GLN K 47 31.94 13.11 -37.67
C GLN K 47 32.31 12.86 -36.20
N LEU K 48 32.67 13.91 -35.49
CA LEU K 48 33.17 13.78 -34.12
C LEU K 48 32.19 14.40 -33.12
N LEU K 49 31.80 13.62 -32.13
CA LEU K 49 30.91 14.11 -31.08
C LEU K 49 31.67 14.20 -29.77
N GLN K 50 31.62 15.36 -29.12
CA GLN K 50 32.37 15.50 -27.88
C GLN K 50 31.80 14.59 -26.80
N THR K 51 32.69 13.90 -26.09
CA THR K 51 32.29 13.07 -24.95
C THR K 51 32.84 13.56 -23.62
N GLY K 52 33.84 14.45 -23.63
CA GLY K 52 34.41 14.98 -22.40
C GLY K 52 35.63 15.82 -22.69
N ILE K 53 36.49 15.97 -21.68
CA ILE K 53 37.73 16.73 -21.78
C ILE K 53 38.79 16.01 -20.98
N HIS K 54 40.04 16.46 -21.14
CA HIS K 54 41.12 16.07 -20.25
C HIS K 54 41.21 17.08 -19.11
N PRO K 55 40.95 16.69 -17.84
CA PRO K 55 41.03 17.66 -16.74
C PRO K 55 42.45 18.10 -16.43
N MET K 56 43.47 17.44 -16.98
CA MET K 56 44.87 17.87 -16.87
C MET K 56 45.27 18.11 -15.42
N ALA K 57 45.10 17.06 -14.60
CA ALA K 57 45.54 17.07 -13.21
C ALA K 57 44.90 18.21 -12.41
N GLY K 58 43.66 18.55 -12.73
CA GLY K 58 42.90 19.51 -11.97
C GLY K 58 42.89 20.91 -12.56
N ARG K 59 43.67 21.17 -13.61
CA ARG K 59 43.61 22.46 -14.27
C ARG K 59 42.20 22.75 -14.80
N TYR K 60 41.48 21.71 -15.21
CA TYR K 60 40.06 21.83 -15.53
C TYR K 60 39.26 20.86 -14.66
N GLY K 61 39.27 21.08 -13.34
CA GLY K 61 38.69 20.14 -12.40
C GLY K 61 37.18 20.04 -12.47
N GLY K 62 36.51 21.00 -13.10
CA GLY K 62 35.08 20.85 -13.26
C GLY K 62 34.69 19.88 -14.35
N GLY K 63 35.62 19.51 -15.22
CA GLY K 63 35.36 18.58 -16.30
C GLY K 63 35.77 17.16 -15.95
N ALA K 64 35.62 16.28 -16.94
CA ALA K 64 35.90 14.88 -16.73
C ALA K 64 36.10 14.28 -18.10
N VAL K 65 36.82 13.14 -18.12
CA VAL K 65 37.01 12.40 -19.36
C VAL K 65 35.67 12.05 -19.98
N ASP K 66 34.73 11.60 -19.17
CA ASP K 66 33.40 11.21 -19.64
C ASP K 66 32.38 12.21 -19.09
N MET K 67 31.91 13.11 -19.95
CA MET K 67 30.85 14.03 -19.59
C MET K 67 29.59 13.76 -20.41
N ARG K 68 29.44 12.54 -20.96
CA ARG K 68 28.39 12.32 -21.95
C ARG K 68 27.00 12.62 -21.42
N GLU K 69 26.79 12.48 -20.12
CA GLU K 69 25.47 12.74 -19.56
C GLU K 69 25.22 14.19 -19.18
N THR K 70 26.27 14.99 -19.00
CA THR K 70 26.11 16.30 -18.40
C THR K 70 26.49 17.46 -19.31
N LEU K 71 27.26 17.23 -20.35
CA LEU K 71 27.69 18.31 -21.21
C LEU K 71 26.49 18.83 -22.00
N ASN K 72 26.21 20.11 -21.86
CA ASN K 72 25.20 20.74 -22.69
C ASN K 72 25.46 22.23 -22.76
N PRO K 73 25.82 22.76 -23.94
CA PRO K 73 25.92 22.03 -25.22
C PRO K 73 27.15 21.11 -25.34
N MET K 74 27.13 20.19 -26.30
CA MET K 74 28.28 19.34 -26.57
C MET K 74 28.87 19.68 -27.93
N GLY K 75 30.19 19.62 -28.02
CA GLY K 75 30.87 19.92 -29.28
C GLY K 75 30.55 18.88 -30.34
N MET K 76 30.43 19.35 -31.58
CA MET K 76 30.26 18.49 -32.74
C MET K 76 31.16 19.02 -33.84
N PHE K 77 32.19 18.26 -34.20
CA PHE K 77 33.16 18.65 -35.21
C PHE K 77 32.98 17.74 -36.41
N GLN K 78 32.76 18.32 -37.57
CA GLN K 78 32.64 17.58 -38.82
C GLN K 78 33.83 17.94 -39.70
N TYR K 79 34.78 17.01 -39.84
CA TYR K 79 35.86 17.17 -40.82
C TYR K 79 35.32 16.84 -42.20
N THR K 80 35.56 17.72 -43.16
CA THR K 80 35.47 17.33 -44.54
C THR K 80 36.82 17.61 -45.17
N VAL K 81 37.29 16.64 -45.95
CA VAL K 81 38.65 16.62 -46.46
C VAL K 81 38.60 16.84 -47.95
N TRP K 82 39.45 17.75 -48.45
CA TRP K 82 39.32 18.27 -49.80
C TRP K 82 40.68 18.31 -50.46
N LYS K 83 40.66 18.19 -51.79
CA LYS K 83 41.89 18.39 -52.55
C LYS K 83 42.41 19.81 -52.36
N ASP K 84 41.50 20.78 -52.24
CA ASP K 84 41.89 22.17 -52.09
C ASP K 84 40.69 22.98 -51.61
N VAL K 85 40.96 24.23 -51.24
CA VAL K 85 39.89 25.12 -50.77
C VAL K 85 38.84 25.34 -51.85
N HIS K 86 39.27 25.49 -53.09
CA HIS K 86 38.32 25.78 -54.15
C HIS K 86 37.25 24.68 -54.25
N SER K 87 37.64 23.42 -54.06
CA SER K 87 36.67 22.33 -54.14
C SER K 87 35.59 22.45 -53.10
N HIS K 88 35.97 22.76 -51.86
CA HIS K 88 34.97 22.93 -50.80
C HIS K 88 34.06 24.12 -51.09
N GLU K 89 34.65 25.26 -51.47
CA GLU K 89 33.83 26.45 -51.77
C GLU K 89 32.92 26.19 -52.95
N GLU K 90 33.43 25.48 -53.96
CA GLU K 90 32.60 25.22 -55.13
C GLU K 90 31.44 24.29 -54.77
N MET K 91 31.73 23.24 -53.98
CA MET K 91 30.66 22.36 -53.52
C MET K 91 29.60 23.16 -52.76
N HIS K 92 30.04 24.02 -51.84
CA HIS K 92 29.10 24.83 -51.09
C HIS K 92 28.28 25.72 -52.02
N HIS K 93 28.91 26.26 -53.06
CA HIS K 93 28.17 27.10 -53.99
C HIS K 93 27.19 26.28 -54.82
N ASP K 94 27.66 25.17 -55.42
CA ASP K 94 26.83 24.39 -56.33
C ASP K 94 25.65 23.74 -55.63
N ASN K 95 25.74 23.53 -54.32
CA ASN K 95 24.70 22.87 -53.56
C ASN K 95 24.13 23.79 -52.48
N PHE K 96 24.19 25.10 -52.71
CA PHE K 96 23.87 26.05 -51.66
C PHE K 96 22.44 25.88 -51.17
N LYS K 97 21.48 25.77 -52.10
CA LYS K 97 20.06 25.63 -51.74
C LYS K 97 19.81 24.38 -50.93
N GLU K 98 20.37 23.25 -51.36
CA GLU K 98 20.10 21.97 -50.71
C GLU K 98 20.80 21.91 -49.36
N ILE K 99 22.04 22.40 -49.28
CA ILE K 99 22.70 22.47 -47.97
C ILE K 99 21.91 23.39 -47.04
N PHE K 100 21.42 24.50 -47.58
CA PHE K 100 20.62 25.39 -46.76
C PHE K 100 19.36 24.69 -46.25
N GLU K 101 18.68 23.95 -47.11
CA GLU K 101 17.50 23.24 -46.66
C GLU K 101 17.83 22.26 -45.54
N LEU K 102 18.91 21.50 -45.70
CA LEU K 102 19.27 20.48 -44.76
C LEU K 102 19.71 21.09 -43.42
N CSS K 103 20.51 22.15 -43.47
CA CSS K 103 21.06 22.74 -42.28
CB CSS K 103 22.24 23.59 -42.59
SG CSS K 103 23.68 22.60 -42.94
SD CSS K 103 23.92 21.20 -41.50
C CSS K 103 20.02 23.52 -41.55
O CSS K 103 20.11 23.73 -40.32
N SER K 104 19.01 24.00 -42.27
CA SER K 104 17.90 24.69 -41.63
C SER K 104 17.24 23.77 -40.60
N GLY K 105 17.18 22.48 -40.94
CA GLY K 105 16.72 21.50 -39.97
C GLY K 105 17.67 21.36 -38.80
N CYS K 106 18.98 21.45 -39.06
CA CYS K 106 19.94 21.24 -38.00
C CYS K 106 19.93 22.39 -37.00
N LEU K 107 19.54 23.60 -37.42
CA LEU K 107 19.65 24.77 -36.55
C LEU K 107 18.78 24.66 -35.30
N GLY K 108 17.74 23.83 -35.30
CA GLY K 108 16.94 23.64 -34.10
C GLY K 108 17.69 22.99 -32.95
N MET K 109 18.89 22.46 -33.20
CA MET K 109 19.68 21.88 -32.11
C MET K 109 20.96 22.64 -31.84
N VAL K 110 21.21 23.71 -32.59
CA VAL K 110 22.45 24.45 -32.51
C VAL K 110 22.35 25.50 -31.42
N ILE K 111 23.33 25.50 -30.53
CA ILE K 111 23.46 26.52 -29.51
C ILE K 111 24.57 27.52 -29.84
N GLU K 112 25.61 27.10 -30.54
CA GLU K 112 26.68 27.98 -30.98
C GLU K 112 27.23 27.41 -32.27
N GLY K 113 27.69 28.29 -33.16
CA GLY K 113 28.19 27.85 -34.45
C GLY K 113 27.11 27.87 -35.53
N PRO K 114 27.42 27.30 -36.69
CA PRO K 114 28.71 26.70 -37.04
C PRO K 114 29.78 27.74 -37.36
N TRP K 115 31.02 27.35 -37.10
CA TRP K 115 32.21 28.10 -37.48
C TRP K 115 33.10 27.09 -38.19
N GLU K 116 33.50 27.37 -39.44
CA GLU K 116 34.17 26.37 -40.28
C GLU K 116 35.53 26.84 -40.77
N PRO K 117 36.58 26.70 -39.95
CA PRO K 117 37.93 27.05 -40.42
C PRO K 117 38.52 25.99 -41.31
N TYR K 118 39.46 26.44 -42.15
CA TYR K 118 40.28 25.60 -43.01
C TYR K 118 41.61 25.30 -42.33
N PHE K 119 42.05 24.04 -42.41
CA PHE K 119 43.27 23.60 -41.74
C PHE K 119 44.20 22.92 -42.71
N GLU K 120 45.46 23.26 -42.59
CA GLU K 120 46.52 22.56 -43.30
C GLU K 120 47.02 21.42 -42.42
N VAL K 121 47.26 20.27 -43.03
CA VAL K 121 47.86 19.15 -42.32
C VAL K 121 49.38 19.35 -42.35
N VAL K 122 49.93 19.86 -41.26
CA VAL K 122 51.35 20.16 -41.21
C VAL K 122 52.17 18.87 -41.25
N LYS K 123 51.76 17.87 -40.48
CA LYS K 123 52.43 16.58 -40.42
C LYS K 123 51.46 15.58 -39.82
N SER K 124 51.67 14.31 -40.14
CA SER K 124 50.73 13.32 -39.62
C SER K 124 51.41 11.97 -39.57
N ASP K 125 50.89 11.14 -38.68
CA ASP K 125 51.16 9.71 -38.63
C ASP K 125 49.83 9.04 -38.23
N LEU K 126 48.94 8.92 -39.22
CA LEU K 126 47.58 8.45 -39.07
C LEU K 126 47.40 7.17 -39.85
N PRO K 127 47.04 6.07 -39.22
CA PRO K 127 46.77 4.84 -39.96
C PRO K 127 45.41 4.89 -40.63
N GLN K 128 45.26 4.01 -41.62
CA GLN K 128 43.97 3.75 -42.23
C GLN K 128 43.03 3.13 -41.19
N ILE K 129 41.74 3.44 -41.29
CA ILE K 129 40.81 2.80 -40.37
C ILE K 129 40.44 1.42 -40.90
N MET K 130 40.10 0.53 -39.98
CA MET K 130 39.78 -0.85 -40.30
C MET K 130 38.92 -1.39 -39.16
N SER K 131 38.53 -2.65 -39.28
CA SER K 131 37.79 -3.31 -38.22
C SER K 131 38.57 -4.53 -37.76
N MET K 132 38.09 -5.10 -36.66
CA MET K 132 38.71 -6.28 -36.06
C MET K 132 38.87 -7.39 -37.08
N THR K 133 37.82 -7.66 -37.86
CA THR K 133 37.88 -8.78 -38.80
C THR K 133 38.79 -8.50 -39.99
N ASP K 134 39.29 -7.26 -40.13
CA ASP K 134 40.29 -6.95 -41.14
C ASP K 134 41.71 -7.17 -40.65
N VAL K 135 41.91 -7.26 -39.34
CA VAL K 135 43.25 -7.18 -38.78
C VAL K 135 44.15 -8.31 -39.26
N PRO K 136 43.71 -9.58 -39.24
CA PRO K 136 44.62 -10.64 -39.75
C PRO K 136 45.07 -10.40 -41.18
N GLN K 137 44.18 -9.96 -42.07
CA GLN K 137 44.59 -9.76 -43.45
C GLN K 137 45.52 -8.56 -43.58
N VAL K 138 45.26 -7.48 -42.83
CA VAL K 138 46.17 -6.34 -42.84
C VAL K 138 47.55 -6.77 -42.37
N LEU K 139 47.60 -7.65 -41.38
CA LEU K 139 48.86 -8.20 -40.88
C LEU K 139 49.58 -8.99 -41.98
N GLY K 140 48.85 -9.90 -42.63
CA GLY K 140 49.45 -10.68 -43.70
C GLY K 140 49.92 -9.81 -44.85
N ASP K 141 49.12 -8.81 -45.23
CA ASP K 141 49.49 -7.93 -46.31
C ASP K 141 50.74 -7.12 -45.97
N SER K 142 50.87 -6.72 -44.71
CA SER K 142 52.05 -5.98 -44.28
C SER K 142 53.31 -6.82 -44.44
N PHE K 143 53.27 -8.08 -44.04
CA PHE K 143 54.44 -8.93 -44.24
C PHE K 143 54.76 -9.07 -45.72
N ALA K 144 53.74 -9.30 -46.54
CA ALA K 144 53.96 -9.46 -47.97
C ALA K 144 54.63 -8.22 -48.58
N LYS K 145 54.11 -7.04 -48.29
CA LYS K 145 54.68 -5.83 -48.87
C LYS K 145 55.93 -5.35 -48.14
N GLN K 146 56.48 -6.16 -47.22
CA GLN K 146 57.66 -5.80 -46.44
C GLN K 146 57.42 -4.49 -45.68
N GLU K 147 56.18 -4.19 -45.35
CA GLU K 147 55.84 -2.94 -44.72
C GLU K 147 55.54 -3.12 -43.24
N ARG K 148 55.60 -2.01 -42.52
CA ARG K 148 55.34 -2.02 -41.09
C ARG K 148 53.86 -2.23 -40.84
N VAL K 149 53.54 -3.05 -39.84
CA VAL K 149 52.14 -3.20 -39.42
C VAL K 149 51.71 -1.93 -38.69
N PRO K 150 50.58 -1.33 -39.04
CA PRO K 150 50.15 -0.10 -38.36
C PRO K 150 49.53 -0.37 -36.99
N LYS K 151 49.41 0.70 -36.22
CA LYS K 151 48.49 0.69 -35.09
C LYS K 151 47.08 0.45 -35.62
N VAL K 152 46.26 -0.24 -34.84
CA VAL K 152 44.91 -0.59 -35.26
C VAL K 152 43.96 0.55 -34.89
N ALA K 153 43.44 1.23 -35.91
CA ALA K 153 42.46 2.31 -35.76
C ALA K 153 41.09 1.76 -36.11
N LEU K 154 40.33 1.36 -35.09
CA LEU K 154 39.05 0.72 -35.34
C LEU K 154 38.02 1.75 -35.79
N SER K 155 37.43 1.50 -36.96
CA SER K 155 36.41 2.37 -37.53
C SER K 155 35.28 2.61 -36.55
N SER K 156 35.03 3.89 -36.24
CA SER K 156 33.95 4.30 -35.33
C SER K 156 34.00 3.57 -33.99
N GLN K 157 35.19 3.16 -33.53
CA GLN K 157 35.34 2.40 -32.28
C GLN K 157 36.67 2.74 -31.61
N ARG K 158 36.93 4.03 -31.41
CA ARG K 158 38.15 4.46 -30.73
C ARG K 158 37.93 5.89 -30.26
N THR K 159 38.96 6.48 -29.65
CA THR K 159 38.85 7.82 -29.10
C THR K 159 39.67 8.77 -29.93
N VAL K 160 39.09 9.93 -30.25
CA VAL K 160 39.80 11.03 -30.89
C VAL K 160 39.86 12.18 -29.90
N VAL K 161 41.05 12.71 -29.70
CA VAL K 161 41.31 13.83 -28.81
C VAL K 161 41.83 15.00 -29.64
N ILE K 162 41.38 16.21 -29.33
CA ILE K 162 41.82 17.39 -30.05
C ILE K 162 42.37 18.40 -29.05
N GLY K 163 43.64 18.76 -29.22
CA GLY K 163 44.28 19.75 -28.37
C GLY K 163 44.37 21.09 -29.04
N ASP K 164 43.69 22.08 -28.44
CA ASP K 164 43.62 23.44 -28.97
C ASP K 164 44.82 24.23 -28.45
N HIS K 165 45.61 24.78 -29.37
CA HIS K 165 46.79 25.59 -29.06
C HIS K 165 46.73 26.88 -29.85
N TRP K 166 46.92 28.02 -29.17
CA TRP K 166 47.20 29.29 -29.83
C TRP K 166 48.69 29.58 -29.67
N VAL K 167 49.40 29.76 -30.77
CA VAL K 167 50.87 29.82 -30.74
C VAL K 167 51.33 31.28 -30.83
N MET K 168 52.31 31.64 -30.02
CA MET K 168 52.84 33.01 -30.06
C MET K 168 53.34 33.36 -31.44
N ASP K 169 53.04 34.59 -31.87
CA ASP K 169 53.52 35.13 -33.13
C ASP K 169 55.01 34.91 -33.30
N GLY K 170 55.41 34.30 -34.42
CA GLY K 170 56.80 34.01 -34.71
C GLY K 170 57.30 32.69 -34.18
N HIS K 171 56.51 31.98 -33.38
CA HIS K 171 56.91 30.70 -32.82
C HIS K 171 56.28 29.53 -33.55
N GLU K 172 55.61 29.78 -34.68
CA GLU K 172 54.82 28.73 -35.32
C GLU K 172 55.69 27.52 -35.69
N LYS K 173 56.82 27.77 -36.34
CA LYS K 173 57.61 26.65 -36.82
C LYS K 173 58.25 25.91 -35.65
N ALA K 174 58.70 26.62 -34.61
CA ALA K 174 59.20 25.94 -33.41
C ALA K 174 58.12 25.09 -32.78
N PHE K 175 56.88 25.60 -32.68
CA PHE K 175 55.79 24.77 -32.16
C PHE K 175 55.60 23.51 -32.99
N GLU K 176 55.62 23.65 -34.33
CA GLU K 176 55.39 22.51 -35.18
C GLU K 176 56.44 21.43 -34.94
N GLN K 177 57.70 21.84 -34.78
CA GLN K 177 58.76 20.85 -34.53
C GLN K 177 58.62 20.21 -33.16
N GLY K 178 58.34 21.03 -32.13
CA GLY K 178 58.20 20.49 -30.78
C GLY K 178 57.01 19.59 -30.66
N ALA K 179 55.90 19.96 -31.29
CA ALA K 179 54.73 19.10 -31.31
C ALA K 179 55.04 17.80 -32.03
N THR K 180 55.75 17.90 -33.16
CA THR K 180 56.17 16.70 -33.88
C THR K 180 57.00 15.80 -32.97
N GLU K 181 57.97 16.37 -32.26
CA GLU K 181 58.81 15.55 -31.40
C GLU K 181 57.99 14.89 -30.30
N THR K 182 57.07 15.64 -29.70
CA THR K 182 56.22 15.09 -28.67
C THR K 182 55.42 13.90 -29.18
N LEU K 183 54.74 14.06 -30.33
CA LEU K 183 53.83 13.03 -30.81
C LEU K 183 54.59 11.79 -31.27
N GLU K 184 55.73 11.99 -31.91
CA GLU K 184 56.51 10.85 -32.35
C GLU K 184 57.00 10.03 -31.16
N TRP K 185 57.45 10.70 -30.10
CA TRP K 185 57.82 9.99 -28.87
C TRP K 185 56.62 9.24 -28.29
N MET K 186 55.47 9.90 -28.21
CA MET K 186 54.32 9.25 -27.62
C MET K 186 53.90 8.02 -28.44
N LYS K 187 53.94 8.13 -29.76
CA LYS K 187 53.51 7.00 -30.58
C LYS K 187 54.47 5.83 -30.46
N ALA K 188 55.76 6.09 -30.23
CA ALA K 188 56.72 5.02 -30.04
C ALA K 188 56.65 4.43 -28.63
N ASN K 189 56.19 5.18 -27.65
CA ASN K 189 56.43 4.79 -26.27
C ASN K 189 55.21 4.64 -25.39
N VAL K 190 54.04 5.07 -25.84
CA VAL K 190 52.87 5.18 -24.97
C VAL K 190 51.82 4.17 -25.42
N PRO K 191 51.31 3.33 -24.52
CA PRO K 191 50.36 2.30 -24.94
C PRO K 191 49.06 2.90 -25.47
N GLY K 192 48.52 2.27 -26.52
CA GLY K 192 47.22 2.66 -27.01
C GLY K 192 47.19 3.91 -27.88
N MET K 193 48.34 4.47 -28.21
CA MET K 193 48.33 5.60 -29.13
C MET K 193 48.19 5.13 -30.56
N VAL K 194 47.09 5.50 -31.21
CA VAL K 194 46.80 4.98 -32.52
C VAL K 194 47.41 5.84 -33.62
N GLY K 195 47.37 7.16 -33.47
CA GLY K 195 47.96 8.02 -34.50
C GLY K 195 47.75 9.49 -34.16
N TRP K 196 48.29 10.36 -35.03
CA TRP K 196 48.20 11.79 -34.77
C TRP K 196 48.29 12.58 -36.07
N MET K 197 47.93 13.85 -35.94
CA MET K 197 47.91 14.79 -37.06
C MET K 197 48.01 16.19 -36.47
N ILE K 198 48.87 17.04 -37.04
CA ILE K 198 49.00 18.43 -36.61
C ILE K 198 48.32 19.31 -37.66
N MET K 199 47.32 20.10 -37.25
CA MET K 199 46.52 20.91 -38.15
C MET K 199 46.69 22.39 -37.83
N LYS K 200 46.90 23.19 -38.88
CA LYS K 200 47.13 24.63 -38.76
C LYS K 200 45.98 25.39 -39.40
N GLN K 201 45.31 26.25 -38.62
CA GLN K 201 44.23 27.03 -39.19
C GLN K 201 44.81 28.12 -40.08
N PHE K 202 44.38 28.18 -41.34
CA PHE K 202 44.89 29.21 -42.24
C PHE K 202 43.77 30.03 -42.89
N GLY K 203 42.53 29.81 -42.50
CA GLY K 203 41.43 30.59 -43.05
C GLY K 203 40.11 30.02 -42.58
N VAL K 204 39.03 30.69 -42.96
CA VAL K 204 37.68 30.29 -42.57
C VAL K 204 36.76 30.41 -43.78
N SER K 205 35.85 29.46 -43.91
CA SER K 205 34.84 29.55 -44.95
C SER K 205 33.69 30.44 -44.47
N ALA K 206 33.36 31.46 -45.25
CA ALA K 206 32.22 32.30 -44.89
C ALA K 206 30.91 31.55 -45.07
N ILE K 207 30.73 30.92 -46.24
CA ILE K 207 29.48 30.19 -46.49
C ILE K 207 29.31 29.04 -45.50
N GLY K 208 30.37 28.27 -45.26
CA GLY K 208 30.28 27.14 -44.33
C GLY K 208 30.04 27.57 -42.91
N SER K 209 30.37 28.81 -42.56
CA SER K 209 30.12 29.35 -41.23
C SER K 209 28.81 30.10 -41.17
N PHE K 210 28.01 30.04 -42.22
CA PHE K 210 26.72 30.73 -42.27
C PHE K 210 26.88 32.23 -42.07
N GLN K 211 27.95 32.81 -42.61
CA GLN K 211 28.21 34.24 -42.45
C GLN K 211 27.93 34.93 -43.78
N LEU K 212 26.69 35.36 -43.95
CA LEU K 212 26.22 35.90 -45.21
C LEU K 212 26.30 37.42 -45.22
N ASP K 213 25.96 38.01 -46.37
CA ASP K 213 25.73 39.43 -46.42
C ASP K 213 24.51 39.78 -45.58
N PRO K 214 24.33 41.07 -45.22
CA PRO K 214 23.23 41.42 -44.30
C PRO K 214 21.86 41.03 -44.81
N GLU K 215 21.57 41.24 -46.10
CA GLU K 215 20.26 40.84 -46.59
C GLU K 215 20.12 39.33 -46.61
N GLY K 216 21.20 38.61 -46.95
CA GLY K 216 21.13 37.16 -46.88
C GLY K 216 20.84 36.67 -45.47
N ALA K 217 21.47 37.31 -44.49
CA ALA K 217 21.22 36.96 -43.10
C ALA K 217 19.75 37.19 -42.74
N MET K 218 19.15 38.27 -43.25
CA MET K 218 17.72 38.50 -43.01
C MET K 218 16.88 37.38 -43.60
N LYS K 219 17.11 37.06 -44.88
CA LYS K 219 16.31 36.03 -45.53
C LYS K 219 16.51 34.66 -44.90
N ALA K 220 17.70 34.40 -44.37
CA ALA K 220 18.00 33.09 -43.79
C ALA K 220 17.04 32.74 -42.67
N VAL K 221 16.58 33.74 -41.91
CA VAL K 221 15.62 33.49 -40.85
C VAL K 221 14.19 33.83 -41.28
N SER K 222 14.00 34.20 -42.54
CA SER K 222 12.66 34.43 -43.07
C SER K 222 12.09 33.19 -43.75
N THR K 223 12.66 32.03 -43.47
CA THR K 223 12.29 30.80 -44.14
C THR K 223 12.52 29.65 -43.18
N LEU K 224 11.85 28.54 -43.45
CA LEU K 224 12.09 27.30 -42.73
C LEU K 224 13.02 26.37 -43.50
N GLY K 225 13.50 26.81 -44.65
CA GLY K 225 14.48 26.01 -45.38
C GLY K 225 14.19 25.95 -46.86
N ALA K 226 12.94 26.22 -47.26
CA ALA K 226 12.53 26.07 -48.64
C ALA K 226 12.82 27.30 -49.51
N ASN K 227 13.10 28.46 -48.93
CA ASN K 227 13.34 29.69 -49.67
C ASN K 227 14.69 30.28 -49.27
N PRO K 228 15.77 29.72 -49.79
CA PRO K 228 17.10 30.14 -49.34
C PRO K 228 17.42 31.54 -49.80
N PRO K 229 18.34 32.21 -49.13
CA PRO K 229 18.87 33.48 -49.65
C PRO K 229 19.73 33.23 -50.87
N GLU K 230 20.04 34.31 -51.58
CA GLU K 230 21.02 34.25 -52.64
C GLU K 230 22.40 33.99 -52.07
N TYR K 231 23.20 33.20 -52.79
CA TYR K 231 24.59 32.97 -52.42
C TYR K 231 25.36 34.29 -52.42
N ASN K 232 25.77 34.76 -51.23
CA ASN K 232 26.47 36.04 -51.12
C ASN K 232 27.03 36.18 -49.71
N THR K 233 28.12 36.93 -49.58
CA THR K 233 28.82 37.10 -48.31
C THR K 233 29.32 38.54 -48.23
N ASN K 234 29.95 38.88 -47.11
CA ASN K 234 30.64 40.17 -47.02
C ASN K 234 31.89 40.22 -47.89
N TYR K 235 32.27 39.10 -48.50
CA TYR K 235 33.34 39.04 -49.49
C TYR K 235 32.79 38.86 -50.90
N GLY K 236 31.50 39.15 -51.11
CA GLY K 236 30.91 39.01 -52.43
C GLY K 236 30.40 37.61 -52.69
N ASN K 237 30.04 37.36 -53.96
CA ASN K 237 29.34 36.12 -54.31
C ASN K 237 30.14 35.23 -55.24
N LYS K 238 31.46 35.40 -55.34
CA LYS K 238 32.24 34.51 -56.20
C LYS K 238 32.73 33.30 -55.42
N VAL K 239 33.05 32.25 -56.15
CA VAL K 239 33.64 31.04 -55.57
C VAL K 239 35.14 31.28 -55.39
N HIS K 240 35.60 31.26 -54.14
CA HIS K 240 36.97 31.62 -53.81
C HIS K 240 37.94 30.45 -53.98
N ASP K 241 39.15 30.76 -54.41
CA ASP K 241 40.28 29.82 -54.43
C ASP K 241 40.97 29.75 -53.08
N LYS K 242 40.93 30.85 -52.34
CA LYS K 242 41.51 31.04 -51.02
C LYS K 242 40.40 31.33 -50.03
N PRO K 243 40.59 31.00 -48.76
CA PRO K 243 39.54 31.28 -47.78
C PRO K 243 39.19 32.75 -47.78
N PRO K 244 37.89 33.10 -47.82
CA PRO K 244 37.51 34.52 -47.80
C PRO K 244 37.90 35.19 -46.50
N ILE K 245 37.74 34.51 -45.38
CA ILE K 245 38.00 35.05 -44.05
C ILE K 245 39.42 34.64 -43.63
N PRO K 246 40.27 35.58 -43.20
CA PRO K 246 41.64 35.21 -42.81
C PRO K 246 41.63 34.29 -41.59
N GLY K 247 42.68 33.46 -41.51
CA GLY K 247 42.90 32.70 -40.29
C GLY K 247 43.09 33.61 -39.11
N GLN K 248 42.67 33.14 -37.95
CA GLN K 248 42.81 33.95 -36.75
C GLN K 248 44.29 34.07 -36.36
N THR K 249 44.60 35.16 -35.65
CA THR K 249 45.83 35.29 -34.91
C THR K 249 45.48 35.57 -33.45
N PRO K 250 46.26 35.07 -32.48
CA PRO K 250 47.42 34.17 -32.65
C PRO K 250 47.04 32.89 -33.41
N THR K 251 47.95 32.34 -34.20
CA THR K 251 47.68 31.16 -35.01
C THR K 251 47.17 30.00 -34.16
N GLN K 252 46.05 29.40 -34.58
CA GLN K 252 45.52 28.21 -33.91
C GLN K 252 46.07 26.93 -34.53
N TYR K 253 46.54 26.02 -33.67
CA TYR K 253 46.86 24.65 -34.08
C TYR K 253 45.95 23.68 -33.33
N LEU K 254 45.39 22.71 -34.06
CA LEU K 254 44.66 21.60 -33.45
C LEU K 254 45.51 20.35 -33.56
N VAL K 255 45.80 19.74 -32.42
CA VAL K 255 46.56 18.50 -32.40
C VAL K 255 45.55 17.36 -32.23
N HIS K 256 45.41 16.59 -33.31
CA HIS K 256 44.44 15.50 -33.41
C HIS K 256 45.19 14.21 -33.03
N ILE K 257 44.76 13.55 -31.95
CA ILE K 257 45.41 12.32 -31.49
C ILE K 257 44.36 11.26 -31.30
N GLU K 258 44.60 10.08 -31.87
CA GLU K 258 43.68 8.96 -31.75
C GLU K 258 44.26 7.95 -30.77
N TRP K 259 43.39 7.37 -29.96
CA TRP K 259 43.74 6.47 -28.87
C TRP K 259 42.77 5.31 -28.90
N GLU K 260 43.20 4.19 -28.31
CA GLU K 260 42.35 3.01 -28.25
C GLU K 260 41.05 3.30 -27.52
N SER K 261 41.10 4.10 -26.46
CA SER K 261 39.94 4.30 -25.60
C SER K 261 40.18 5.56 -24.80
N PRO K 262 39.14 6.08 -24.13
CA PRO K 262 39.34 7.28 -23.31
C PRO K 262 40.37 7.10 -22.20
N GLU K 263 40.45 5.91 -21.61
CA GLU K 263 41.42 5.66 -20.54
C GLU K 263 42.83 5.74 -21.07
N HIS K 264 43.10 5.15 -22.23
CA HIS K 264 44.42 5.26 -22.85
C HIS K 264 44.73 6.71 -23.22
N ALA K 265 43.71 7.46 -23.66
CA ALA K 265 43.93 8.87 -23.97
C ALA K 265 44.26 9.66 -22.72
N HIS K 266 43.48 9.43 -21.66
CA HIS K 266 43.69 10.18 -20.42
C HIS K 266 45.07 9.87 -19.83
N GLN K 267 45.37 8.58 -19.65
CA GLN K 267 46.68 8.23 -19.12
C GLN K 267 47.79 8.60 -20.11
N GLY K 268 47.52 8.45 -21.41
CA GLY K 268 48.57 8.67 -22.39
C GLY K 268 49.01 10.13 -22.46
N LEU K 269 48.04 11.05 -22.56
CA LEU K 269 48.35 12.47 -22.58
C LEU K 269 49.08 12.90 -21.31
N GLY K 270 48.79 12.23 -20.19
CA GLY K 270 49.44 12.59 -18.95
C GLY K 270 50.94 12.36 -18.97
N HIS K 271 51.45 11.59 -19.93
CA HIS K 271 52.89 11.33 -19.96
C HIS K 271 53.70 12.60 -20.17
N VAL K 272 53.11 13.66 -20.76
CA VAL K 272 53.86 14.90 -20.91
C VAL K 272 54.16 15.56 -19.57
N MET K 273 53.56 15.06 -18.49
CA MET K 273 53.87 15.52 -17.14
C MET K 273 54.57 14.48 -16.27
N VAL K 274 54.37 13.19 -16.50
CA VAL K 274 54.87 12.18 -15.57
C VAL K 274 56.00 11.35 -16.15
N ASP K 275 56.47 11.66 -17.36
CA ASP K 275 57.69 11.07 -17.89
C ASP K 275 58.74 12.16 -18.06
N TYR K 276 59.90 12.00 -17.39
CA TYR K 276 60.88 13.09 -17.37
C TYR K 276 61.29 13.50 -18.78
N GLU K 277 61.56 12.52 -19.64
CA GLU K 277 62.09 12.82 -20.94
C GLU K 277 61.06 13.51 -21.80
N LEU K 278 59.83 12.98 -21.86
CA LEU K 278 58.79 13.61 -22.64
C LEU K 278 58.46 14.99 -22.08
N ARG K 279 58.50 15.14 -20.76
CA ARG K 279 58.22 16.44 -20.17
C ARG K 279 59.16 17.53 -20.71
N GLN K 280 60.46 17.23 -20.83
CA GLN K 280 61.38 18.23 -21.38
C GLN K 280 61.03 18.56 -22.82
N ILE K 281 60.74 17.53 -23.62
CA ILE K 281 60.39 17.72 -25.03
C ILE K 281 59.16 18.62 -25.17
N HIS K 282 58.12 18.33 -24.37
CA HIS K 282 56.87 19.06 -24.49
C HIS K 282 56.98 20.46 -23.87
N ASN K 283 57.66 20.57 -22.73
CA ASN K 283 57.83 21.89 -22.12
C ASN K 283 58.56 22.82 -23.07
N ASN K 284 59.71 22.37 -23.59
CA ASN K 284 60.52 23.24 -24.43
C ASN K 284 59.97 23.32 -25.84
N GLY K 285 59.35 22.26 -26.35
CA GLY K 285 58.91 22.25 -27.74
C GLY K 285 57.49 22.71 -27.97
N VAL K 286 56.65 22.68 -26.95
CA VAL K 286 55.24 23.06 -27.11
C VAL K 286 54.86 24.19 -26.17
N LEU K 287 54.97 23.94 -24.86
CA LEU K 287 54.44 24.87 -23.86
C LEU K 287 55.13 26.23 -23.93
N ALA K 288 56.42 26.25 -24.26
CA ALA K 288 57.19 27.48 -24.33
C ALA K 288 56.69 28.42 -25.42
N HIS K 289 55.86 27.94 -26.34
CA HIS K 289 55.48 28.69 -27.53
C HIS K 289 54.02 29.11 -27.58
N LEU K 290 53.28 28.98 -26.48
CA LEU K 290 51.83 29.15 -26.49
C LEU K 290 51.40 30.49 -25.92
N ASP K 291 50.42 31.13 -26.59
CA ASP K 291 49.60 32.16 -25.99
C ASP K 291 48.43 31.56 -25.21
N LYS K 292 47.88 30.44 -25.68
CA LYS K 292 46.71 29.83 -25.06
C LYS K 292 46.80 28.31 -25.16
N GLY K 293 46.33 27.63 -24.13
CA GLY K 293 46.27 26.18 -24.15
C GLY K 293 47.42 25.55 -23.41
N PRO K 294 47.58 24.23 -23.56
CA PRO K 294 46.71 23.37 -24.37
C PRO K 294 45.40 23.03 -23.67
N TYR K 295 44.36 22.80 -24.48
CA TYR K 295 43.06 22.35 -24.01
C TYR K 295 42.64 21.18 -24.88
N TYR K 296 42.41 20.04 -24.25
CA TYR K 296 42.15 18.78 -24.94
C TYR K 296 40.69 18.40 -24.73
N MET K 297 39.94 18.32 -25.83
CA MET K 297 38.56 17.82 -25.85
C MET K 297 38.56 16.38 -26.32
N PHE K 298 37.73 15.53 -25.69
CA PHE K 298 37.58 14.13 -26.07
C PHE K 298 36.37 13.99 -26.99
N PHE K 299 36.52 13.20 -28.05
CA PHE K 299 35.47 13.00 -29.04
C PHE K 299 35.29 11.52 -29.35
N SER K 300 34.09 11.18 -29.79
CA SER K 300 33.84 9.88 -30.38
C SER K 300 33.58 10.02 -31.88
N PRO K 301 34.25 9.26 -32.73
CA PRO K 301 33.92 9.32 -34.16
C PRO K 301 32.64 8.54 -34.43
N MET K 302 31.57 9.27 -34.77
CA MET K 302 30.28 8.61 -34.96
C MET K 302 30.17 8.00 -36.34
N MET K 303 30.61 8.73 -37.37
CA MET K 303 30.65 8.25 -38.75
C MET K 303 31.98 8.68 -39.35
N GLU K 304 32.54 7.81 -40.20
CA GLU K 304 33.79 8.11 -40.86
C GLU K 304 33.73 7.60 -42.28
N GLN K 305 34.24 8.42 -43.20
CA GLN K 305 34.60 7.95 -44.53
C GLN K 305 36.08 8.24 -44.62
N GLY K 306 36.90 7.21 -44.36
CA GLY K 306 38.30 7.40 -44.04
C GLY K 306 39.30 7.20 -45.17
N LEU K 307 38.85 7.12 -46.42
CA LEU K 307 39.81 6.88 -47.50
C LEU K 307 40.80 8.01 -47.69
N TRP K 308 40.46 9.23 -47.26
CA TRP K 308 41.42 10.33 -47.32
C TRP K 308 42.69 10.00 -46.56
N ARG K 309 42.60 9.18 -45.52
CA ARG K 309 43.80 8.81 -44.79
C ARG K 309 44.76 8.04 -45.67
N LYS K 310 44.23 7.27 -46.63
CA LYS K 310 45.08 6.37 -47.40
C LYS K 310 46.12 7.12 -48.21
N HIS K 311 45.85 8.36 -48.59
CA HIS K 311 46.84 9.16 -49.30
C HIS K 311 47.15 10.41 -48.48
N LEU K 312 47.93 10.22 -47.43
CA LEU K 312 48.57 11.30 -46.66
C LEU K 312 50.09 11.15 -46.82
N LYS K 313 50.86 11.63 -45.85
CA LYS K 313 52.33 11.63 -45.90
C LYS K 313 52.78 12.35 -47.17
N GLU L 4 -16.31 1.74 -71.14
CA GLU L 4 -15.04 2.33 -70.73
C GLU L 4 -14.19 1.34 -69.94
N ASN L 5 -13.05 0.95 -70.50
CA ASN L 5 -12.10 0.11 -69.78
CA ASN L 5 -12.10 0.11 -69.78
C ASN L 5 -10.91 0.97 -69.37
N PRO L 6 -10.86 1.45 -68.14
CA PRO L 6 -9.74 2.28 -67.70
C PRO L 6 -8.58 1.40 -67.24
N ILE L 7 -7.43 2.04 -67.05
CA ILE L 7 -6.28 1.38 -66.49
C ILE L 7 -6.13 1.82 -65.05
N ILE L 8 -5.65 0.90 -64.21
CA ILE L 8 -5.48 1.14 -62.79
C ILE L 8 -4.01 1.06 -62.47
N ALA L 9 -3.47 2.13 -61.92
CA ALA L 9 -2.14 2.11 -61.33
C ALA L 9 -2.30 1.78 -59.84
N ILE L 10 -1.59 0.77 -59.38
CA ILE L 10 -1.67 0.35 -57.98
C ILE L 10 -0.33 0.66 -57.33
N ASN L 11 -0.29 1.72 -56.55
CA ASN L 11 0.92 2.09 -55.81
C ASN L 11 1.01 1.19 -54.59
N MET L 12 2.02 0.31 -54.57
CA MET L 12 2.19 -0.70 -53.53
C MET L 12 3.33 -0.32 -52.60
N ALA L 13 3.04 -0.22 -51.32
CA ALA L 13 4.04 0.10 -50.33
C ALA L 13 3.79 -0.74 -49.08
N LYS L 14 4.81 -0.87 -48.26
CA LYS L 14 4.67 -1.47 -46.94
C LYS L 14 5.12 -0.44 -45.90
N ILE L 15 4.23 -0.13 -44.96
CA ILE L 15 4.45 0.99 -44.05
C ILE L 15 4.44 0.52 -42.61
N ALA L 16 5.07 1.33 -41.77
CA ALA L 16 5.18 1.04 -40.35
C ALA L 16 3.80 1.08 -39.71
N ASN L 17 3.53 0.08 -38.88
CA ASN L 17 2.25 -0.01 -38.20
C ASN L 17 2.42 0.67 -36.85
N LYS L 18 2.27 1.99 -36.83
CA LYS L 18 2.36 2.75 -35.60
C LYS L 18 1.53 4.00 -35.77
N PRO L 19 1.12 4.65 -34.68
CA PRO L 19 0.23 5.82 -34.81
C PRO L 19 0.76 6.92 -35.73
N ASP L 20 2.08 7.19 -35.75
CA ASP L 20 2.60 8.24 -36.61
C ASP L 20 2.24 8.01 -38.07
N SER L 21 2.22 6.75 -38.49
CA SER L 21 1.88 6.43 -39.87
C SER L 21 0.42 6.74 -40.17
N TYR L 22 -0.49 6.42 -39.24
CA TYR L 22 -1.88 6.81 -39.44
C TYR L 22 -2.02 8.33 -39.47
N GLU L 23 -1.21 9.02 -38.66
CA GLU L 23 -1.25 10.49 -38.63
C GLU L 23 -0.81 11.08 -39.97
N THR L 24 0.33 10.64 -40.51
CA THR L 24 0.78 11.20 -41.78
C THR L 24 -0.09 10.77 -42.95
N MET L 25 -0.77 9.62 -42.85
CA MET L 25 -1.70 9.23 -43.91
C MET L 25 -2.90 10.18 -43.98
N MET L 26 -3.31 10.72 -42.83
CA MET L 26 -4.45 11.63 -42.77
C MET L 26 -4.06 13.06 -43.13
N LYS L 27 -2.80 13.44 -42.93
CA LYS L 27 -2.35 14.79 -43.22
C LYS L 27 -1.74 14.93 -44.62
N VAL L 28 -1.00 13.92 -45.09
CA VAL L 28 -0.32 13.99 -46.37
C VAL L 28 -1.09 13.25 -47.46
N GLY L 29 -1.73 12.13 -47.12
CA GLY L 29 -2.51 11.34 -48.05
C GLY L 29 -3.50 12.13 -48.88
N PRO L 30 -4.40 12.88 -48.21
CA PRO L 30 -5.36 13.71 -48.97
C PRO L 30 -4.69 14.67 -49.94
N LYS L 31 -3.53 15.23 -49.57
CA LYS L 31 -2.86 16.20 -50.43
C LYS L 31 -2.40 15.56 -51.74
N VAL L 32 -1.98 14.30 -51.70
CA VAL L 32 -1.57 13.56 -52.90
C VAL L 32 -2.74 13.37 -53.84
N CSS L 33 -3.91 13.07 -53.29
CA CSS L 33 -5.08 12.83 -54.08
CB CSS L 33 -6.17 12.26 -53.23
SG CSS L 33 -5.62 10.66 -52.70
SD CSS L 33 -4.86 9.66 -54.30
C CSS L 33 -5.53 14.09 -54.75
O CSS L 33 -6.01 14.06 -55.91
N ILE L 34 -5.37 15.23 -54.05
CA ILE L 34 -5.74 16.54 -54.60
C ILE L 34 -4.86 16.89 -55.79
N THR L 35 -3.56 16.63 -55.66
CA THR L 35 -2.65 16.83 -56.77
C THR L 35 -3.04 15.98 -57.97
N THR L 36 -3.37 14.70 -57.73
CA THR L 36 -3.73 13.78 -58.81
C THR L 36 -4.96 14.24 -59.58
N ALA L 37 -5.98 14.72 -58.88
CA ALA L 37 -7.25 15.09 -59.51
C ALA L 37 -7.17 16.39 -60.29
N SER L 38 -5.99 17.00 -60.41
CA SER L 38 -5.83 18.13 -61.31
C SER L 38 -5.84 17.71 -62.77
N HIS L 39 -5.73 16.40 -63.08
CA HIS L 39 -5.59 15.94 -64.46
C HIS L 39 -6.90 15.40 -64.98
N PRO L 40 -7.31 15.77 -66.20
CA PRO L 40 -8.62 15.33 -66.71
C PRO L 40 -8.72 13.84 -66.99
N GLY L 41 -7.60 13.12 -67.07
CA GLY L 41 -7.70 11.68 -67.21
C GLY L 41 -7.92 10.90 -65.91
N PHE L 42 -7.97 11.58 -64.76
CA PHE L 42 -8.10 10.91 -63.46
C PHE L 42 -9.56 10.59 -63.17
N LEU L 43 -9.83 9.32 -62.90
CA LEU L 43 -11.19 8.83 -62.76
C LEU L 43 -11.56 8.45 -61.33
N GLY L 44 -10.61 8.27 -60.43
CA GLY L 44 -10.94 7.94 -59.05
C GLY L 44 -9.81 7.18 -58.38
N PHE L 45 -10.05 6.84 -57.11
CA PHE L 45 -9.00 6.15 -56.36
C PHE L 45 -9.58 5.23 -55.29
N GLU L 46 -8.72 4.34 -54.81
CA GLU L 46 -8.99 3.44 -53.69
C GLU L 46 -7.75 3.42 -52.80
N GLN L 47 -7.91 3.82 -51.56
CA GLN L 47 -6.83 3.70 -50.58
C GLN L 47 -7.12 2.50 -49.70
N LEU L 48 -6.31 1.45 -49.85
CA LEU L 48 -6.53 0.19 -49.16
C LEU L 48 -5.44 -0.02 -48.13
N LEU L 49 -5.83 -0.29 -46.88
CA LEU L 49 -4.87 -0.60 -45.83
C LEU L 49 -5.00 -2.06 -45.44
N GLN L 50 -3.89 -2.79 -45.47
CA GLN L 50 -3.95 -4.22 -45.18
C GLN L 50 -4.36 -4.46 -43.73
N THR L 51 -5.27 -5.40 -43.53
CA THR L 51 -5.71 -5.79 -42.19
C THR L 51 -5.34 -7.22 -41.84
N GLY L 52 -4.96 -8.04 -42.81
CA GLY L 52 -4.61 -9.41 -42.52
C GLY L 52 -4.43 -10.19 -43.81
N ILE L 53 -4.54 -11.51 -43.70
CA ILE L 53 -4.42 -12.41 -44.84
C ILE L 53 -5.44 -13.52 -44.68
N HIS L 54 -5.61 -14.29 -45.75
CA HIS L 54 -6.37 -15.54 -45.66
C HIS L 54 -5.40 -16.66 -45.32
N PRO L 55 -5.52 -17.30 -44.14
CA PRO L 55 -4.60 -18.40 -43.81
C PRO L 55 -4.79 -19.65 -44.66
N MET L 56 -5.88 -19.76 -45.41
CA MET L 56 -6.13 -20.85 -46.35
C MET L 56 -5.94 -22.20 -45.68
N ALA L 57 -6.69 -22.41 -44.61
CA ALA L 57 -6.75 -23.70 -43.93
C ALA L 57 -5.37 -24.17 -43.47
N GLY L 58 -4.56 -23.22 -43.02
CA GLY L 58 -3.27 -23.53 -42.46
C GLY L 58 -2.11 -23.40 -43.41
N ARG L 59 -2.37 -23.21 -44.71
CA ARG L 59 -1.29 -22.99 -45.64
C ARG L 59 -0.45 -21.78 -45.24
N TYR L 60 -1.08 -20.77 -44.64
CA TYR L 60 -0.35 -19.67 -44.02
C TYR L 60 -0.75 -19.53 -42.56
N GLY L 61 -0.50 -20.57 -41.78
CA GLY L 61 -0.97 -20.64 -40.41
C GLY L 61 -0.34 -19.64 -39.48
N GLY L 62 0.74 -18.99 -39.91
CA GLY L 62 1.31 -17.92 -39.11
C GLY L 62 0.55 -16.61 -39.21
N GLY L 63 -0.33 -16.47 -40.19
CA GLY L 63 -1.14 -15.29 -40.35
C GLY L 63 -2.54 -15.50 -39.81
N ALA L 64 -3.37 -14.48 -40.01
CA ALA L 64 -4.74 -14.46 -39.53
C ALA L 64 -5.54 -13.47 -40.36
N VAL L 65 -6.86 -13.65 -40.34
CA VAL L 65 -7.76 -12.70 -40.98
C VAL L 65 -7.54 -11.30 -40.43
N ASP L 66 -7.43 -11.20 -39.10
CA ASP L 66 -7.28 -9.92 -38.43
C ASP L 66 -5.88 -9.87 -37.81
N MET L 67 -4.97 -9.16 -38.47
CA MET L 67 -3.62 -8.93 -37.97
C MET L 67 -3.35 -7.45 -37.69
N ARG L 68 -4.39 -6.64 -37.47
CA ARG L 68 -4.20 -5.19 -37.41
C ARG L 68 -3.25 -4.77 -36.30
N GLU L 69 -3.18 -5.51 -35.20
CA GLU L 69 -2.31 -5.14 -34.09
C GLU L 69 -0.88 -5.64 -34.26
N THR L 70 -0.65 -6.63 -35.10
CA THR L 70 0.63 -7.31 -35.13
C THR L 70 1.39 -7.17 -36.43
N LEU L 71 0.72 -6.84 -37.52
CA LEU L 71 1.36 -6.76 -38.83
C LEU L 71 2.31 -5.57 -38.85
N ASN L 72 3.58 -5.81 -39.15
CA ASN L 72 4.52 -4.70 -39.32
C ASN L 72 5.72 -5.15 -40.16
N PRO L 73 5.90 -4.61 -41.37
CA PRO L 73 5.13 -3.52 -41.99
C PRO L 73 3.71 -3.97 -42.39
N MET L 74 2.83 -3.03 -42.69
CA MET L 74 1.52 -3.38 -43.21
C MET L 74 1.43 -2.91 -44.66
N GLY L 75 0.77 -3.70 -45.50
CA GLY L 75 0.62 -3.32 -46.88
C GLY L 75 -0.27 -2.10 -47.02
N MET L 76 0.07 -1.24 -47.97
CA MET L 76 -0.73 -0.08 -48.29
C MET L 76 -0.80 0.01 -49.80
N PHE L 77 -1.99 -0.21 -50.36
CA PHE L 77 -2.20 -0.20 -51.80
C PHE L 77 -3.05 1.00 -52.17
N GLN L 78 -2.57 1.81 -53.13
CA GLN L 78 -3.32 2.96 -53.63
C GLN L 78 -3.65 2.72 -55.09
N TYR L 79 -4.93 2.47 -55.37
CA TYR L 79 -5.42 2.47 -56.75
C TYR L 79 -5.60 3.91 -57.18
N THR L 80 -5.05 4.26 -58.34
CA THR L 80 -5.49 5.43 -59.07
C THR L 80 -5.95 4.97 -60.44
N VAL L 81 -7.12 5.44 -60.87
CA VAL L 81 -7.79 4.95 -62.07
C VAL L 81 -7.76 6.03 -63.14
N TRP L 82 -7.41 5.64 -64.35
CA TRP L 82 -7.02 6.57 -65.39
C TRP L 82 -7.66 6.20 -66.72
N LYS L 83 -7.89 7.22 -67.55
CA LYS L 83 -8.33 6.96 -68.92
C LYS L 83 -7.28 6.18 -69.68
N ASP L 84 -6.00 6.41 -69.39
CA ASP L 84 -4.90 5.75 -70.09
C ASP L 84 -3.62 5.95 -69.30
N VAL L 85 -2.58 5.23 -69.74
CA VAL L 85 -1.27 5.33 -69.12
C VAL L 85 -0.71 6.74 -69.24
N HIS L 86 -0.87 7.36 -70.42
CA HIS L 86 -0.29 8.67 -70.64
C HIS L 86 -0.82 9.69 -69.65
N SER L 87 -2.10 9.58 -69.28
CA SER L 87 -2.67 10.51 -68.31
C SER L 87 -1.96 10.42 -66.97
N HIS L 88 -1.70 9.20 -66.51
CA HIS L 88 -1.00 9.01 -65.24
C HIS L 88 0.43 9.52 -65.31
N GLU L 89 1.16 9.16 -66.38
CA GLU L 89 2.53 9.63 -66.54
C GLU L 89 2.58 11.15 -66.68
N GLU L 90 1.62 11.72 -67.41
CA GLU L 90 1.60 13.17 -67.58
C GLU L 90 1.30 13.89 -66.27
N MET L 91 0.35 13.37 -65.48
CA MET L 91 0.10 13.95 -64.17
C MET L 91 1.35 13.94 -63.31
N HIS L 92 2.05 12.79 -63.26
CA HIS L 92 3.27 12.69 -62.47
C HIS L 92 4.31 13.69 -62.95
N HIS L 93 4.42 13.87 -64.27
CA HIS L 93 5.41 14.81 -64.82
C HIS L 93 5.05 16.25 -64.45
N ASP L 94 3.80 16.65 -64.70
CA ASP L 94 3.37 18.03 -64.49
C ASP L 94 3.37 18.44 -63.02
N ASN L 95 3.27 17.48 -62.11
CA ASN L 95 3.20 17.76 -60.67
C ASN L 95 4.40 17.17 -59.94
N PHE L 96 5.52 17.01 -60.64
CA PHE L 96 6.63 16.24 -60.08
C PHE L 96 7.16 16.88 -58.80
N LYS L 97 7.38 18.19 -58.81
CA LYS L 97 7.92 18.88 -57.63
C LYS L 97 7.00 18.69 -56.43
N GLU L 98 5.69 18.84 -56.63
CA GLU L 98 4.77 18.79 -55.52
C GLU L 98 4.57 17.36 -55.03
N ILE L 99 4.46 16.38 -55.94
CA ILE L 99 4.36 14.99 -55.48
C ILE L 99 5.61 14.60 -54.72
N PHE L 100 6.78 15.03 -55.19
CA PHE L 100 8.02 14.75 -54.48
C PHE L 100 8.00 15.36 -53.08
N GLU L 101 7.55 16.61 -52.94
CA GLU L 101 7.52 17.22 -51.62
C GLU L 101 6.63 16.42 -50.67
N LEU L 102 5.46 16.00 -51.15
CA LEU L 102 4.50 15.28 -50.32
C LEU L 102 5.01 13.90 -49.91
N CSS L 103 5.49 13.14 -50.89
CA CSS L 103 5.93 11.79 -50.66
CB CSS L 103 6.11 11.08 -51.97
SG CSS L 103 4.50 10.65 -52.58
SD CSS L 103 3.36 9.71 -51.19
C CSS L 103 7.19 11.76 -49.85
O CSS L 103 7.48 10.73 -49.21
N SER L 104 7.95 12.86 -49.82
CA SER L 104 9.11 12.93 -48.95
C SER L 104 8.69 12.83 -47.48
N GLY L 105 7.54 13.41 -47.16
CA GLY L 105 6.98 13.21 -45.83
C GLY L 105 6.59 11.77 -45.59
N CYS L 106 6.05 11.11 -46.62
CA CYS L 106 5.59 9.73 -46.43
C CYS L 106 6.77 8.76 -46.29
N LEU L 107 7.94 9.10 -46.82
CA LEU L 107 9.07 8.16 -46.77
C LEU L 107 9.51 7.83 -45.36
N GLY L 108 9.23 8.70 -44.39
CA GLY L 108 9.57 8.39 -43.01
C GLY L 108 8.81 7.22 -42.42
N MET L 109 7.77 6.73 -43.09
CA MET L 109 7.03 5.56 -42.64
C MET L 109 7.14 4.38 -43.59
N VAL L 110 7.90 4.52 -44.67
CA VAL L 110 7.99 3.48 -45.69
C VAL L 110 9.04 2.46 -45.29
N ILE L 111 8.65 1.20 -45.31
CA ILE L 111 9.58 0.10 -45.08
C ILE L 111 9.93 -0.60 -46.39
N GLU L 112 9.02 -0.66 -47.35
CA GLU L 112 9.26 -1.26 -48.65
C GLU L 112 8.38 -0.55 -49.67
N GLY L 113 8.90 -0.43 -50.89
CA GLY L 113 8.19 0.29 -51.93
C GLY L 113 8.60 1.76 -52.01
N PRO L 114 7.86 2.56 -52.79
CA PRO L 114 6.69 2.18 -53.57
C PRO L 114 7.06 1.44 -54.85
N TRP L 115 6.16 0.56 -55.29
CA TRP L 115 6.24 -0.10 -56.59
C TRP L 115 4.86 0.05 -57.20
N GLU L 116 4.79 0.64 -58.40
CA GLU L 116 3.50 1.01 -58.99
C GLU L 116 3.28 0.37 -60.36
N PRO L 117 2.79 -0.86 -60.41
CA PRO L 117 2.46 -1.47 -61.71
C PRO L 117 1.16 -0.93 -62.29
N TYR L 118 1.05 -1.06 -63.60
CA TYR L 118 -0.18 -0.75 -64.32
C TYR L 118 -0.98 -2.03 -64.54
N PHE L 119 -2.29 -1.95 -64.35
CA PHE L 119 -3.14 -3.12 -64.49
C PHE L 119 -4.25 -2.86 -65.49
N GLU L 120 -4.50 -3.85 -66.34
CA GLU L 120 -5.65 -3.83 -67.22
C GLU L 120 -6.80 -4.53 -66.54
N VAL L 121 -8.00 -3.95 -66.64
CA VAL L 121 -9.20 -4.59 -66.07
C VAL L 121 -9.71 -5.59 -67.11
N VAL L 122 -9.39 -6.87 -66.89
CA VAL L 122 -9.77 -7.91 -67.83
C VAL L 122 -11.28 -8.12 -67.81
N LYS L 123 -11.87 -8.20 -66.62
CA LYS L 123 -13.29 -8.42 -66.52
C LYS L 123 -13.70 -7.97 -65.12
N SER L 124 -14.95 -7.54 -64.95
CA SER L 124 -15.33 -7.06 -63.63
C SER L 124 -16.82 -7.15 -63.45
N ASP L 125 -17.23 -7.28 -62.18
CA ASP L 125 -18.62 -7.15 -61.75
C ASP L 125 -18.57 -6.42 -60.41
N LEU L 126 -18.38 -5.10 -60.50
CA LEU L 126 -18.17 -4.23 -59.34
C LEU L 126 -19.31 -3.24 -59.22
N PRO L 127 -20.07 -3.25 -58.13
CA PRO L 127 -21.11 -2.24 -57.96
C PRO L 127 -20.50 -0.89 -57.57
N GLN L 128 -21.30 0.14 -57.79
CA GLN L 128 -21.02 1.47 -57.28
C GLN L 128 -21.05 1.45 -55.75
N ILE L 129 -20.20 2.26 -55.13
CA ILE L 129 -20.22 2.33 -53.67
C ILE L 129 -21.32 3.28 -53.23
N MET L 130 -21.87 3.03 -52.05
CA MET L 130 -23.00 3.80 -51.56
C MET L 130 -22.97 3.68 -50.05
N SER L 131 -23.94 4.32 -49.40
CA SER L 131 -24.09 4.22 -47.95
C SER L 131 -25.47 3.64 -47.65
N MET L 132 -25.65 3.26 -46.38
CA MET L 132 -26.92 2.69 -45.93
C MET L 132 -28.10 3.60 -46.26
N THR L 133 -27.95 4.90 -45.99
CA THR L 133 -29.05 5.84 -46.25
C THR L 133 -29.33 6.03 -47.74
N ASP L 134 -28.47 5.49 -48.61
CA ASP L 134 -28.71 5.49 -50.05
C ASP L 134 -29.52 4.29 -50.53
N VAL L 135 -29.59 3.22 -49.74
CA VAL L 135 -30.07 1.94 -50.28
C VAL L 135 -31.53 2.02 -50.70
N PRO L 136 -32.46 2.60 -49.92
CA PRO L 136 -33.83 2.67 -50.43
C PRO L 136 -33.94 3.37 -51.77
N GLN L 137 -33.20 4.47 -51.97
CA GLN L 137 -33.30 5.16 -53.26
C GLN L 137 -32.67 4.34 -54.38
N VAL L 138 -31.55 3.67 -54.10
CA VAL L 138 -30.94 2.80 -55.12
C VAL L 138 -31.89 1.65 -55.46
N LEU L 139 -32.58 1.10 -54.46
CA LEU L 139 -33.59 0.09 -54.72
C LEU L 139 -34.69 0.66 -55.60
N GLY L 140 -35.23 1.82 -55.22
CA GLY L 140 -36.29 2.42 -56.01
C GLY L 140 -35.87 2.76 -57.42
N ASP L 141 -34.67 3.32 -57.57
CA ASP L 141 -34.15 3.68 -58.90
C ASP L 141 -33.88 2.45 -59.76
N SER L 142 -33.49 1.32 -59.15
CA SER L 142 -33.26 0.11 -59.92
C SER L 142 -34.56 -0.37 -60.57
N PHE L 143 -35.67 -0.34 -59.83
CA PHE L 143 -36.96 -0.74 -60.41
C PHE L 143 -37.36 0.21 -61.52
N ALA L 144 -37.20 1.51 -61.29
CA ALA L 144 -37.54 2.50 -62.29
C ALA L 144 -36.77 2.26 -63.58
N LYS L 145 -35.46 2.05 -63.48
CA LYS L 145 -34.65 1.83 -64.67
C LYS L 145 -34.71 0.39 -65.17
N GLN L 146 -35.58 -0.45 -64.61
CA GLN L 146 -35.69 -1.85 -65.00
C GLN L 146 -34.35 -2.57 -64.93
N GLU L 147 -33.49 -2.13 -64.02
CA GLU L 147 -32.17 -2.71 -63.83
C GLU L 147 -32.14 -3.57 -62.58
N ARG L 148 -31.13 -4.43 -62.52
CA ARG L 148 -30.97 -5.29 -61.35
C ARG L 148 -30.44 -4.48 -60.17
N VAL L 149 -30.97 -4.77 -58.99
CA VAL L 149 -30.44 -4.17 -57.76
C VAL L 149 -29.07 -4.76 -57.46
N PRO L 150 -28.04 -3.95 -57.21
CA PRO L 150 -26.71 -4.48 -56.95
C PRO L 150 -26.57 -5.02 -55.53
N LYS L 151 -25.49 -5.77 -55.32
CA LYS L 151 -24.99 -5.98 -53.96
C LYS L 151 -24.63 -4.61 -53.39
N VAL L 152 -24.80 -4.46 -52.08
CA VAL L 152 -24.54 -3.19 -51.42
C VAL L 152 -23.07 -3.10 -51.07
N ALA L 153 -22.35 -2.19 -51.74
CA ALA L 153 -20.94 -1.92 -51.48
C ALA L 153 -20.85 -0.65 -50.66
N LEU L 154 -20.72 -0.81 -49.34
CA LEU L 154 -20.74 0.35 -48.45
C LEU L 154 -19.42 1.09 -48.52
N SER L 155 -19.50 2.39 -48.83
CA SER L 155 -18.34 3.24 -48.95
C SER L 155 -17.51 3.22 -47.66
N SER L 156 -16.23 2.82 -47.81
CA SER L 156 -15.28 2.75 -46.71
C SER L 156 -15.82 1.92 -45.54
N GLN L 157 -16.65 0.91 -45.82
CA GLN L 157 -17.25 0.08 -44.77
C GLN L 157 -17.45 -1.34 -45.27
N ARG L 158 -16.41 -1.95 -45.80
CA ARG L 158 -16.51 -3.32 -46.26
C ARG L 158 -15.09 -3.87 -46.39
N THR L 159 -14.96 -5.11 -46.84
CA THR L 159 -13.66 -5.73 -46.91
C THR L 159 -13.27 -5.94 -48.36
N VAL L 160 -12.05 -5.53 -48.69
CA VAL L 160 -11.46 -5.76 -50.01
C VAL L 160 -10.34 -6.77 -49.85
N VAL L 161 -10.39 -7.79 -50.66
CA VAL L 161 -9.40 -8.85 -50.67
C VAL L 161 -8.70 -8.84 -52.02
N ILE L 162 -7.37 -9.01 -52.02
CA ILE L 162 -6.60 -9.09 -53.26
C ILE L 162 -5.84 -10.42 -53.30
N GLY L 163 -6.14 -11.25 -54.31
CA GLY L 163 -5.46 -12.52 -54.49
C GLY L 163 -4.39 -12.46 -55.56
N ASP L 164 -3.16 -12.72 -55.15
CA ASP L 164 -2.00 -12.61 -56.03
C ASP L 164 -1.80 -13.93 -56.76
N HIS L 165 -1.81 -13.90 -58.09
CA HIS L 165 -1.63 -15.07 -58.93
C HIS L 165 -0.53 -14.79 -59.95
N TRP L 166 0.44 -15.68 -60.06
CA TRP L 166 1.38 -15.71 -61.17
C TRP L 166 0.98 -16.87 -62.08
N VAL L 167 0.71 -16.58 -63.34
CA VAL L 167 0.13 -17.54 -64.26
C VAL L 167 1.20 -18.08 -65.19
N MET L 168 1.20 -19.40 -65.40
CA MET L 168 2.19 -20.03 -66.26
C MET L 168 2.14 -19.44 -67.66
N ASP L 169 3.33 -19.21 -68.22
CA ASP L 169 3.46 -18.72 -69.59
C ASP L 169 2.61 -19.53 -70.55
N GLY L 170 1.76 -18.83 -71.30
CA GLY L 170 0.87 -19.46 -72.25
C GLY L 170 -0.48 -19.87 -71.68
N HIS L 171 -0.71 -19.73 -70.37
CA HIS L 171 -1.98 -20.09 -69.78
C HIS L 171 -2.85 -18.88 -69.46
N GLU L 172 -2.49 -17.70 -69.96
CA GLU L 172 -3.16 -16.46 -69.56
C GLU L 172 -4.66 -16.49 -69.87
N LYS L 173 -5.02 -16.86 -71.10
CA LYS L 173 -6.43 -16.85 -71.47
C LYS L 173 -7.20 -17.91 -70.71
N ALA L 174 -6.60 -19.10 -70.54
CA ALA L 174 -7.24 -20.13 -69.73
C ALA L 174 -7.46 -19.64 -68.30
N PHE L 175 -6.46 -18.97 -67.72
CA PHE L 175 -6.62 -18.42 -66.38
C PHE L 175 -7.76 -17.41 -66.33
N GLU L 176 -7.81 -16.49 -67.28
CA GLU L 176 -8.83 -15.46 -67.27
C GLU L 176 -10.23 -16.05 -67.31
N GLN L 177 -10.44 -17.05 -68.18
CA GLN L 177 -11.75 -17.69 -68.28
C GLN L 177 -12.07 -18.48 -67.02
N GLY L 178 -11.11 -19.22 -66.48
CA GLY L 178 -11.36 -19.98 -65.26
C GLY L 178 -11.62 -19.09 -64.06
N ALA L 179 -10.84 -18.01 -63.92
CA ALA L 179 -11.10 -17.07 -62.82
C ALA L 179 -12.45 -16.40 -63.01
N THR L 180 -12.80 -16.04 -64.24
CA THR L 180 -14.12 -15.46 -64.48
C THR L 180 -15.22 -16.41 -64.01
N GLU L 181 -15.13 -17.68 -64.40
CA GLU L 181 -16.17 -18.62 -64.01
C GLU L 181 -16.23 -18.79 -62.50
N THR L 182 -15.07 -18.86 -61.84
CA THR L 182 -15.04 -18.99 -60.39
C THR L 182 -15.75 -17.81 -59.73
N LEU L 183 -15.41 -16.59 -60.15
CA LEU L 183 -15.95 -15.42 -59.48
C LEU L 183 -17.43 -15.26 -59.77
N GLU L 184 -17.85 -15.59 -60.99
CA GLU L 184 -19.26 -15.53 -61.33
C GLU L 184 -20.07 -16.51 -60.49
N TRP L 185 -19.53 -17.72 -60.29
CA TRP L 185 -20.17 -18.69 -59.42
C TRP L 185 -20.29 -18.15 -58.00
N MET L 186 -19.19 -17.60 -57.47
CA MET L 186 -19.18 -17.11 -56.11
C MET L 186 -20.16 -15.96 -55.92
N LYS L 187 -20.22 -15.03 -56.89
CA LYS L 187 -21.12 -13.90 -56.73
C LYS L 187 -22.58 -14.34 -56.76
N ALA L 188 -22.87 -15.39 -57.50
CA ALA L 188 -24.24 -15.89 -57.54
C ALA L 188 -24.62 -16.68 -56.29
N ASN L 189 -23.65 -17.30 -55.61
CA ASN L 189 -23.96 -18.36 -54.67
C ASN L 189 -23.44 -18.21 -53.25
N VAL L 190 -22.53 -17.29 -52.98
CA VAL L 190 -21.85 -17.21 -51.68
C VAL L 190 -22.30 -15.95 -50.96
N PRO L 191 -22.74 -16.05 -49.71
CA PRO L 191 -23.23 -14.87 -49.00
C PRO L 191 -22.15 -13.81 -48.79
N GLY L 192 -22.57 -12.56 -48.94
CA GLY L 192 -21.72 -11.42 -48.67
C GLY L 192 -20.74 -11.07 -49.76
N MET L 193 -20.79 -11.73 -50.92
CA MET L 193 -19.90 -11.31 -52.00
C MET L 193 -20.46 -10.07 -52.67
N VAL L 194 -19.72 -8.99 -52.57
CA VAL L 194 -20.20 -7.70 -53.06
C VAL L 194 -19.83 -7.49 -54.52
N GLY L 195 -18.63 -7.90 -54.93
CA GLY L 195 -18.23 -7.72 -56.30
C GLY L 195 -16.82 -8.21 -56.53
N TRP L 196 -16.38 -8.11 -57.78
CA TRP L 196 -15.05 -8.62 -58.10
C TRP L 196 -14.51 -7.94 -59.34
N MET L 197 -13.20 -8.11 -59.54
CA MET L 197 -12.49 -7.53 -60.67
C MET L 197 -11.21 -8.34 -60.89
N ILE L 198 -10.93 -8.70 -62.13
CA ILE L 198 -9.69 -9.40 -62.48
C ILE L 198 -8.75 -8.41 -63.15
N MET L 199 -7.57 -8.24 -62.58
CA MET L 199 -6.60 -7.23 -63.05
C MET L 199 -5.34 -7.89 -63.54
N LYS L 200 -4.85 -7.47 -64.71
CA LYS L 200 -3.67 -8.06 -65.35
C LYS L 200 -2.57 -7.02 -65.41
N GLN L 201 -1.43 -7.32 -64.81
CA GLN L 201 -0.30 -6.39 -64.86
C GLN L 201 0.35 -6.42 -66.24
N PHE L 202 0.49 -5.23 -66.87
CA PHE L 202 1.12 -5.14 -68.17
C PHE L 202 2.29 -4.15 -68.22
N GLY L 203 2.67 -3.54 -67.10
CA GLY L 203 3.79 -2.62 -67.10
C GLY L 203 3.91 -1.94 -65.74
N VAL L 204 4.95 -1.13 -65.61
CA VAL L 204 5.22 -0.43 -64.36
C VAL L 204 5.63 1.00 -64.66
N SER L 205 5.17 1.93 -63.81
CA SER L 205 5.57 3.32 -63.87
C SER L 205 6.90 3.52 -63.15
N ALA L 206 7.91 4.04 -63.86
CA ALA L 206 9.19 4.30 -63.23
C ALA L 206 9.08 5.44 -62.22
N ILE L 207 8.50 6.57 -62.65
CA ILE L 207 8.35 7.72 -61.77
C ILE L 207 7.49 7.37 -60.58
N GLY L 208 6.38 6.66 -60.82
CA GLY L 208 5.52 6.26 -59.73
C GLY L 208 6.17 5.28 -58.76
N SER L 209 7.16 4.52 -59.21
CA SER L 209 7.88 3.62 -58.32
C SER L 209 9.12 4.26 -57.74
N PHE L 210 9.28 5.57 -57.94
CA PHE L 210 10.43 6.31 -57.45
C PHE L 210 11.75 5.73 -57.99
N GLN L 211 11.72 5.20 -59.20
CA GLN L 211 12.91 4.63 -59.83
C GLN L 211 13.43 5.67 -60.82
N LEU L 212 14.30 6.54 -60.33
CA LEU L 212 14.88 7.61 -61.11
C LEU L 212 16.21 7.17 -61.73
N ASP L 213 16.78 8.07 -62.54
CA ASP L 213 18.15 7.92 -63.00
C ASP L 213 19.09 8.02 -61.80
N PRO L 214 20.36 7.59 -61.96
CA PRO L 214 21.27 7.58 -60.81
C PRO L 214 21.51 8.93 -60.17
N GLU L 215 21.66 10.00 -60.95
CA GLU L 215 21.88 11.31 -60.33
C GLU L 215 20.63 11.81 -59.60
N GLY L 216 19.45 11.57 -60.19
CA GLY L 216 18.21 11.91 -59.48
C GLY L 216 18.05 11.14 -58.19
N ALA L 217 18.45 9.86 -58.21
CA ALA L 217 18.41 9.05 -57.01
C ALA L 217 19.29 9.65 -55.93
N MET L 218 20.46 10.16 -56.30
CA MET L 218 21.31 10.85 -55.32
C MET L 218 20.62 12.12 -54.82
N LYS L 219 20.13 12.96 -55.74
CA LYS L 219 19.49 14.20 -55.29
C LYS L 219 18.26 13.92 -54.45
N ALA L 220 17.56 12.81 -54.73
CA ALA L 220 16.34 12.49 -54.01
C ALA L 220 16.59 12.37 -52.51
N VAL L 221 17.76 11.89 -52.07
CA VAL L 221 18.07 11.79 -50.64
C VAL L 221 18.95 12.93 -50.16
N SER L 222 19.24 13.91 -51.01
CA SER L 222 19.99 15.10 -50.62
C SER L 222 19.08 16.25 -50.23
N THR L 223 17.81 15.97 -49.98
CA THR L 223 16.81 16.99 -49.73
C THR L 223 15.78 16.40 -48.78
N LEU L 224 15.05 17.27 -48.10
CA LEU L 224 13.92 16.84 -47.29
C LEU L 224 12.59 17.02 -48.02
N GLY L 225 12.62 17.48 -49.27
CA GLY L 225 11.42 17.63 -50.08
C GLY L 225 11.38 18.94 -50.86
N ALA L 226 12.17 19.94 -50.46
CA ALA L 226 12.07 21.27 -51.09
C ALA L 226 12.89 21.41 -52.36
N ASN L 227 13.86 20.54 -52.59
CA ASN L 227 14.76 20.65 -53.74
C ASN L 227 14.73 19.33 -54.50
N PRO L 228 13.70 19.12 -55.32
CA PRO L 228 13.53 17.83 -56.00
C PRO L 228 14.59 17.62 -57.06
N PRO L 229 14.84 16.37 -57.43
CA PRO L 229 15.68 16.10 -58.61
C PRO L 229 14.95 16.51 -59.88
N GLU L 230 15.71 16.53 -60.97
CA GLU L 230 15.10 16.66 -62.29
C GLU L 230 14.27 15.43 -62.60
N TYR L 231 13.16 15.66 -63.31
CA TYR L 231 12.36 14.56 -63.83
C TYR L 231 13.21 13.74 -64.81
N ASN L 232 13.59 12.51 -64.45
CA ASN L 232 14.41 11.68 -65.31
C ASN L 232 14.46 10.25 -64.76
N THR L 233 14.60 9.28 -65.65
CA THR L 233 14.62 7.87 -65.28
C THR L 233 15.65 7.16 -66.15
N ASN L 234 15.82 5.86 -65.91
CA ASN L 234 16.65 5.05 -66.80
C ASN L 234 16.01 4.83 -68.16
N TYR L 235 14.78 5.32 -68.36
CA TYR L 235 14.11 5.34 -69.66
C TYR L 235 14.03 6.75 -70.24
N GLY L 236 14.89 7.65 -69.79
CA GLY L 236 14.87 9.01 -70.29
C GLY L 236 13.88 9.86 -69.53
N ASN L 237 13.66 11.07 -70.03
CA ASN L 237 12.87 12.03 -69.27
C ASN L 237 11.58 12.41 -69.98
N LYS L 238 11.13 11.61 -70.96
CA LYS L 238 9.92 11.94 -71.69
C LYS L 238 8.69 11.33 -71.01
N VAL L 239 7.53 11.91 -71.31
CA VAL L 239 6.26 11.39 -70.81
C VAL L 239 5.79 10.28 -71.73
N HIS L 240 5.70 9.07 -71.19
CA HIS L 240 5.45 7.86 -71.96
C HIS L 240 3.95 7.64 -72.17
N ASP L 241 3.61 7.13 -73.36
CA ASP L 241 2.25 6.67 -73.67
C ASP L 241 2.01 5.23 -73.21
N LYS L 242 3.05 4.43 -73.14
CA LYS L 242 3.07 3.06 -72.66
C LYS L 242 4.01 2.97 -71.45
N PRO L 243 3.78 2.03 -70.54
CA PRO L 243 4.65 1.93 -69.35
C PRO L 243 6.11 1.78 -69.71
N PRO L 244 7.00 2.58 -69.11
CA PRO L 244 8.44 2.41 -69.43
C PRO L 244 9.00 1.09 -68.96
N ILE L 245 8.60 0.59 -67.80
CA ILE L 245 9.12 -0.67 -67.25
C ILE L 245 8.17 -1.79 -67.69
N PRO L 246 8.69 -2.86 -68.29
CA PRO L 246 7.82 -3.94 -68.76
C PRO L 246 7.10 -4.64 -67.62
N GLY L 247 5.94 -5.19 -67.94
CA GLY L 247 5.28 -6.05 -66.98
C GLY L 247 6.12 -7.26 -66.64
N GLN L 248 6.02 -7.71 -65.39
CA GLN L 248 6.83 -8.84 -64.98
C GLN L 248 6.34 -10.12 -65.67
N THR L 249 7.26 -11.06 -65.84
CA THR L 249 6.89 -12.43 -66.18
C THR L 249 7.40 -13.35 -65.09
N PRO L 250 6.67 -14.43 -64.73
CA PRO L 250 5.34 -14.83 -65.20
C PRO L 250 4.29 -13.75 -64.95
N THR L 251 3.31 -13.66 -65.84
CA THR L 251 2.29 -12.63 -65.76
C THR L 251 1.62 -12.63 -64.40
N GLN L 252 1.53 -11.47 -63.77
CA GLN L 252 0.81 -11.33 -62.52
C GLN L 252 -0.64 -10.93 -62.77
N TYR L 253 -1.56 -11.65 -62.12
CA TYR L 253 -2.95 -11.26 -62.02
C TYR L 253 -3.29 -11.02 -60.56
N LEU L 254 -3.95 -9.91 -60.29
CA LEU L 254 -4.51 -9.63 -58.97
C LEU L 254 -6.02 -9.82 -59.08
N VAL L 255 -6.57 -10.68 -58.22
CA VAL L 255 -8.01 -10.91 -58.20
C VAL L 255 -8.58 -10.07 -57.06
N HIS L 256 -9.32 -9.03 -57.41
CA HIS L 256 -9.88 -8.08 -56.46
C HIS L 256 -11.30 -8.52 -56.16
N ILE L 257 -11.57 -8.88 -54.91
CA ILE L 257 -12.89 -9.34 -54.50
C ILE L 257 -13.34 -8.53 -53.29
N GLU L 258 -14.56 -8.02 -53.36
CA GLU L 258 -15.12 -7.25 -52.27
C GLU L 258 -16.15 -8.07 -51.53
N TRP L 259 -16.15 -7.94 -50.21
CA TRP L 259 -16.98 -8.76 -49.32
C TRP L 259 -17.59 -7.88 -48.25
N GLU L 260 -18.71 -8.34 -47.71
CA GLU L 260 -19.40 -7.58 -46.68
C GLU L 260 -18.50 -7.31 -45.49
N SER L 261 -17.71 -8.29 -45.09
CA SER L 261 -16.96 -8.23 -43.84
C SER L 261 -15.78 -9.18 -43.94
N PRO L 262 -14.81 -9.09 -43.02
CA PRO L 262 -13.69 -10.05 -43.04
C PRO L 262 -14.15 -11.50 -42.87
N GLU L 263 -15.16 -11.72 -42.02
CA GLU L 263 -15.66 -13.06 -41.80
C GLU L 263 -16.34 -13.62 -43.05
N HIS L 264 -17.14 -12.79 -43.73
CA HIS L 264 -17.74 -13.23 -44.99
C HIS L 264 -16.68 -13.53 -46.03
N ALA L 265 -15.60 -12.74 -46.04
CA ALA L 265 -14.51 -12.99 -46.98
C ALA L 265 -13.79 -14.31 -46.67
N HIS L 266 -13.50 -14.55 -45.38
CA HIS L 266 -12.78 -15.76 -44.99
C HIS L 266 -13.57 -17.02 -45.33
N GLN L 267 -14.81 -17.07 -44.87
CA GLN L 267 -15.67 -18.21 -45.17
C GLN L 267 -15.99 -18.26 -46.65
N GLY L 268 -16.16 -17.09 -47.29
CA GLY L 268 -16.51 -17.06 -48.69
C GLY L 268 -15.42 -17.57 -49.59
N LEU L 269 -14.18 -17.12 -49.36
CA LEU L 269 -13.06 -17.66 -50.12
C LEU L 269 -12.91 -19.15 -49.92
N GLY L 270 -13.26 -19.66 -48.73
CA GLY L 270 -13.12 -21.08 -48.44
C GLY L 270 -13.99 -21.97 -49.31
N HIS L 271 -14.97 -21.40 -50.01
CA HIS L 271 -15.86 -22.22 -50.83
C HIS L 271 -15.12 -22.92 -51.98
N VAL L 272 -13.98 -22.39 -52.43
CA VAL L 272 -13.22 -23.08 -53.48
C VAL L 272 -12.64 -24.39 -52.99
N MET L 273 -12.73 -24.66 -51.70
CA MET L 273 -12.27 -25.92 -51.15
C MET L 273 -13.39 -26.80 -50.61
N VAL L 274 -14.49 -26.22 -50.11
CA VAL L 274 -15.51 -26.98 -49.39
C VAL L 274 -16.83 -27.10 -50.14
N ASP L 275 -16.92 -26.56 -51.36
CA ASP L 275 -18.05 -26.82 -52.25
C ASP L 275 -17.53 -27.61 -53.43
N TYR L 276 -18.07 -28.82 -53.63
CA TYR L 276 -17.50 -29.71 -54.65
C TYR L 276 -17.53 -29.06 -56.03
N GLU L 277 -18.66 -28.45 -56.40
CA GLU L 277 -18.80 -27.91 -57.75
C GLU L 277 -17.82 -26.76 -57.97
N LEU L 278 -17.78 -25.79 -57.06
CA LEU L 278 -16.84 -24.67 -57.21
C LEU L 278 -15.42 -25.17 -57.17
N ARG L 279 -15.16 -26.18 -56.35
CA ARG L 279 -13.82 -26.74 -56.26
C ARG L 279 -13.35 -27.23 -57.61
N GLN L 280 -14.23 -27.88 -58.38
CA GLN L 280 -13.83 -28.31 -59.71
C GLN L 280 -13.57 -27.11 -60.62
N ILE L 281 -14.45 -26.11 -60.57
CA ILE L 281 -14.25 -24.92 -61.40
C ILE L 281 -12.93 -24.25 -61.06
N HIS L 282 -12.65 -24.07 -59.78
CA HIS L 282 -11.45 -23.35 -59.39
C HIS L 282 -10.18 -24.17 -59.64
N ASN L 283 -10.20 -25.46 -59.31
CA ASN L 283 -9.03 -26.31 -59.51
C ASN L 283 -8.61 -26.32 -60.99
N ASN L 284 -9.55 -26.55 -61.90
CA ASN L 284 -9.21 -26.66 -63.31
C ASN L 284 -9.03 -25.32 -64.00
N GLY L 285 -9.74 -24.28 -63.55
CA GLY L 285 -9.71 -23.00 -64.23
C GLY L 285 -8.70 -22.00 -63.73
N VAL L 286 -8.22 -22.17 -62.49
CA VAL L 286 -7.29 -21.23 -61.88
C VAL L 286 -6.03 -21.96 -61.42
N LEU L 287 -6.17 -22.89 -60.47
CA LEU L 287 -4.99 -23.50 -59.85
C LEU L 287 -4.12 -24.24 -60.87
N ALA L 288 -4.72 -24.83 -61.90
CA ALA L 288 -3.95 -25.57 -62.89
C ALA L 288 -3.04 -24.67 -63.73
N HIS L 289 -3.22 -23.35 -63.69
CA HIS L 289 -2.50 -22.45 -64.59
C HIS L 289 -1.49 -21.56 -63.87
N LEU L 290 -1.20 -21.85 -62.60
CA LEU L 290 -0.40 -20.96 -61.76
C LEU L 290 1.04 -21.43 -61.62
N ASP L 291 1.98 -20.48 -61.73
CA ASP L 291 3.32 -20.68 -61.21
C ASP L 291 3.39 -20.34 -59.72
N LYS L 292 2.59 -19.37 -59.28
CA LYS L 292 2.66 -18.91 -57.91
C LYS L 292 1.27 -18.53 -57.43
N GLY L 293 1.00 -18.80 -56.15
CA GLY L 293 -0.26 -18.43 -55.55
C GLY L 293 -1.25 -19.60 -55.51
N PRO L 294 -2.51 -19.31 -55.16
CA PRO L 294 -3.00 -17.97 -54.83
C PRO L 294 -2.61 -17.52 -53.42
N TYR L 295 -2.46 -16.21 -53.23
CA TYR L 295 -2.20 -15.63 -51.92
C TYR L 295 -3.13 -14.44 -51.72
N TYR L 296 -3.91 -14.47 -50.65
CA TYR L 296 -4.98 -13.51 -50.44
C TYR L 296 -4.66 -12.57 -49.28
N MET L 297 -4.53 -11.28 -49.58
CA MET L 297 -4.39 -10.25 -48.58
C MET L 297 -5.73 -9.56 -48.33
N PHE L 298 -6.01 -9.28 -47.07
CA PHE L 298 -7.23 -8.59 -46.67
C PHE L 298 -6.93 -7.11 -46.49
N PHE L 299 -7.81 -6.25 -47.01
CA PHE L 299 -7.66 -4.80 -46.93
C PHE L 299 -8.95 -4.15 -46.45
N SER L 300 -8.78 -2.99 -45.84
CA SER L 300 -9.89 -2.11 -45.53
C SER L 300 -9.80 -0.87 -46.41
N PRO L 301 -10.85 -0.48 -47.13
CA PRO L 301 -10.83 0.78 -47.89
C PRO L 301 -10.95 1.99 -46.98
N MET L 302 -9.85 2.73 -46.82
CA MET L 302 -9.85 3.91 -45.95
C MET L 302 -10.60 5.06 -46.60
N MET L 303 -10.20 5.44 -47.82
CA MET L 303 -10.81 6.52 -48.56
C MET L 303 -11.10 6.02 -49.96
N GLU L 304 -12.21 6.45 -50.53
CA GLU L 304 -12.56 6.05 -51.88
C GLU L 304 -13.17 7.24 -52.60
N GLN L 305 -12.74 7.43 -53.83
CA GLN L 305 -13.44 8.27 -54.78
C GLN L 305 -13.82 7.29 -55.88
N GLY L 306 -15.06 6.80 -55.81
CA GLY L 306 -15.50 5.63 -56.53
C GLY L 306 -16.27 5.87 -57.81
N LEU L 307 -16.22 7.09 -58.35
CA LEU L 307 -16.97 7.35 -59.59
C LEU L 307 -16.46 6.55 -60.77
N TRP L 308 -15.19 6.13 -60.74
CA TRP L 308 -14.67 5.29 -61.82
C TRP L 308 -15.46 4.00 -61.98
N ARG L 309 -16.02 3.46 -60.90
CA ARG L 309 -16.81 2.24 -60.98
C ARG L 309 -18.06 2.44 -61.83
N LYS L 310 -18.58 3.66 -61.89
CA LYS L 310 -19.85 3.91 -62.56
C LYS L 310 -19.79 3.66 -64.06
N HIS L 311 -18.62 3.73 -64.69
CA HIS L 311 -18.51 3.42 -66.11
C HIS L 311 -17.54 2.25 -66.28
N LEU L 312 -18.00 1.07 -65.89
CA LEU L 312 -17.34 -0.20 -66.21
C LEU L 312 -18.29 -1.08 -67.03
N LYS L 313 -18.00 -2.39 -67.06
CA LYS L 313 -18.78 -3.38 -67.81
C LYS L 313 -18.94 -2.90 -69.23
N GLU M 4 19.20 18.91 67.77
CA GLU M 4 18.06 19.64 67.21
C GLU M 4 16.96 18.69 66.70
N ASN M 5 15.75 18.80 67.27
CA ASN M 5 14.59 18.09 66.73
C ASN M 5 13.68 19.10 66.04
N PRO M 6 13.78 19.24 64.74
CA PRO M 6 12.90 20.17 64.03
C PRO M 6 11.53 19.54 63.86
N ILE M 7 10.60 20.36 63.46
CA ILE M 7 9.27 19.86 63.15
C ILE M 7 9.14 19.84 61.65
N ILE M 8 8.36 18.88 61.14
CA ILE M 8 8.17 18.69 59.72
C ILE M 8 6.71 18.91 59.37
N ALA M 9 6.45 19.85 58.47
CA ALA M 9 5.15 20.00 57.85
C ALA M 9 5.15 19.25 56.53
N ILE M 10 4.17 18.38 56.33
CA ILE M 10 4.09 17.60 55.10
C ILE M 10 2.85 18.03 54.34
N ASN M 11 3.05 18.79 53.25
CA ASN M 11 1.95 19.18 52.38
C ASN M 11 1.61 18.00 51.48
N MET M 12 0.43 17.44 51.68
CA MET M 12 -0.02 16.24 50.98
C MET M 12 -1.06 16.62 49.95
N ALA M 13 -0.83 16.24 48.71
CA ALA M 13 -1.78 16.46 47.66
C ALA M 13 -1.77 15.25 46.75
N LYS M 14 -2.82 15.13 45.98
CA LYS M 14 -2.91 14.15 44.91
C LYS M 14 -3.13 14.91 43.62
N ILE M 15 -2.24 14.69 42.64
CA ILE M 15 -2.24 15.51 41.44
C ILE M 15 -2.42 14.64 40.21
N ALA M 16 -2.86 15.29 39.13
CA ALA M 16 -3.08 14.59 37.87
C ALA M 16 -1.76 14.11 37.30
N ASN M 17 -1.77 12.87 36.80
CA ASN M 17 -0.60 12.24 36.22
C ASN M 17 -0.66 12.50 34.72
N LYS M 18 -0.15 13.66 34.31
CA LYS M 18 -0.21 14.06 32.92
C LYS M 18 0.94 15.00 32.66
N PRO M 19 1.35 15.15 31.40
CA PRO M 19 2.55 15.97 31.11
C PRO M 19 2.47 17.38 31.67
N ASP M 20 1.28 18.00 31.67
CA ASP M 20 1.11 19.35 32.18
C ASP M 20 1.51 19.47 33.64
N SER M 21 1.23 18.44 34.44
CA SER M 21 1.54 18.49 35.88
C SER M 21 3.04 18.54 36.14
N TYR M 22 3.81 17.76 35.38
CA TYR M 22 5.25 17.83 35.53
C TYR M 22 5.79 19.20 35.13
N GLU M 23 5.17 19.81 34.12
CA GLU M 23 5.59 21.14 33.70
C GLU M 23 5.35 22.17 34.79
N THR M 24 4.14 22.21 35.36
CA THR M 24 3.91 23.20 36.40
C THR M 24 4.75 22.89 37.65
N MET M 25 5.12 21.62 37.87
CA MET M 25 5.96 21.28 39.01
C MET M 25 7.36 21.85 38.85
N MET M 26 7.88 21.94 37.62
CA MET M 26 9.19 22.55 37.39
C MET M 26 9.11 24.06 37.28
N LYS M 27 7.94 24.61 36.92
CA LYS M 27 7.75 26.05 36.73
C LYS M 27 7.31 26.78 38.00
N VAL M 28 6.43 26.18 38.80
CA VAL M 28 5.92 26.81 40.01
C VAL M 28 6.63 26.30 41.26
N GLY M 29 6.97 25.01 41.31
CA GLY M 29 7.61 24.39 42.44
C GLY M 29 8.81 25.10 43.03
N PRO M 30 9.82 25.38 42.19
CA PRO M 30 10.96 26.16 42.70
C PRO M 30 10.56 27.51 43.27
N LYS M 31 9.55 28.16 42.69
CA LYS M 31 9.18 29.50 43.17
C LYS M 31 8.60 29.44 44.58
N VAL M 32 7.85 28.38 44.90
CA VAL M 32 7.28 28.18 46.23
C VAL M 32 8.39 27.96 47.25
N CSS M 33 9.36 27.10 46.93
CA CSS M 33 10.47 26.88 47.82
CB CSS M 33 11.39 25.82 47.30
SG CSS M 33 10.57 24.26 47.32
SD CSS M 33 9.66 24.10 49.13
C CSS M 33 11.26 28.13 48.04
O CSS M 33 11.73 28.36 49.18
N ILE M 34 11.43 28.97 47.02
CA ILE M 34 12.18 30.21 47.17
C ILE M 34 11.47 31.13 48.17
N THR M 35 10.14 31.19 48.07
CA THR M 35 9.34 31.93 49.04
C THR M 35 9.53 31.36 50.44
N THR M 36 9.50 30.03 50.56
CA THR M 36 9.64 29.38 51.87
C THR M 36 10.98 29.72 52.51
N ALA M 37 12.06 29.76 51.69
CA ALA M 37 13.41 29.99 52.17
C ALA M 37 13.72 31.44 52.53
N SER M 38 12.72 32.34 52.48
CA SER M 38 12.94 33.68 53.02
C SER M 38 12.91 33.69 54.55
N HIS M 39 12.46 32.60 55.21
CA HIS M 39 12.26 32.68 56.65
C HIS M 39 13.44 32.06 57.38
N PRO M 40 13.98 32.72 58.42
CA PRO M 40 15.16 32.20 59.10
C PRO M 40 14.92 30.91 59.86
N GLY M 41 13.67 30.54 60.11
CA GLY M 41 13.40 29.25 60.72
C GLY M 41 13.33 28.09 59.76
N PHE M 42 13.52 28.33 58.46
CA PHE M 42 13.40 27.27 57.45
C PHE M 42 14.68 26.46 57.32
N LEU M 43 14.56 25.13 57.43
CA LEU M 43 15.73 24.25 57.52
C LEU M 43 15.94 23.36 56.32
N GLY M 44 14.94 23.17 55.47
CA GLY M 44 15.11 22.32 54.29
C GLY M 44 13.79 21.75 53.80
N PHE M 45 13.89 20.97 52.72
CA PHE M 45 12.68 20.41 52.13
C PHE M 45 12.97 19.10 51.41
N GLU M 46 11.90 18.34 51.18
CA GLU M 46 11.93 17.11 50.40
C GLU M 46 10.71 17.13 49.49
N GLN M 47 10.91 17.08 48.18
CA GLN M 47 9.79 17.02 47.25
C GLN M 47 9.63 15.57 46.81
N LEU M 48 8.57 14.90 47.27
CA LEU M 48 8.39 13.48 47.02
C LEU M 48 7.24 13.24 46.05
N LEU M 49 7.53 12.54 44.95
CA LEU M 49 6.51 12.18 43.96
C LEU M 49 6.24 10.68 44.05
N GLN M 50 4.98 10.30 44.23
CA GLN M 50 4.65 8.89 44.38
C GLN M 50 4.92 8.13 43.09
N THR M 51 5.54 6.96 43.22
CA THR M 51 5.76 6.10 42.08
C THR M 51 5.03 4.77 42.17
N GLY M 52 4.49 4.42 43.33
CA GLY M 52 3.78 3.16 43.48
C GLY M 52 3.47 2.90 44.95
N ILE M 53 3.22 1.63 45.27
CA ILE M 53 2.93 1.20 46.64
C ILE M 53 3.61 -0.15 46.88
N HIS M 54 3.62 -0.56 48.13
CA HIS M 54 4.00 -1.94 48.41
C HIS M 54 2.75 -2.81 48.40
N PRO M 55 2.65 -3.78 47.50
CA PRO M 55 1.45 -4.64 47.45
C PRO M 55 1.30 -5.58 48.65
N MET M 56 2.33 -5.73 49.47
CA MET M 56 2.30 -6.51 50.71
C MET M 56 1.73 -7.91 50.46
N ALA M 57 2.35 -8.61 49.52
CA ALA M 57 2.06 -10.03 49.28
C ALA M 57 0.60 -10.24 48.88
N GLY M 58 0.05 -9.30 48.12
CA GLY M 58 -1.29 -9.42 47.59
C GLY M 58 -2.37 -8.73 48.39
N ARG M 59 -2.04 -8.23 49.59
CA ARG M 59 -2.99 -7.45 50.38
C ARG M 59 -3.48 -6.23 49.59
N TYR M 60 -2.62 -5.66 48.75
CA TYR M 60 -3.05 -4.62 47.81
C TYR M 60 -2.71 -5.05 46.40
N GLY M 61 -3.34 -6.14 45.93
CA GLY M 61 -2.95 -6.77 44.68
C GLY M 61 -3.25 -5.96 43.44
N GLY M 62 -4.11 -4.94 43.54
CA GLY M 62 -4.31 -4.07 42.39
C GLY M 62 -3.20 -3.06 42.14
N GLY M 63 -2.32 -2.86 43.12
CA GLY M 63 -1.21 -1.94 42.97
C GLY M 63 0.08 -2.66 42.61
N ALA M 64 1.16 -1.88 42.55
CA ALA M 64 2.44 -2.42 42.17
C ALA M 64 3.50 -1.46 42.67
N VAL M 65 4.73 -1.98 42.80
CA VAL M 65 5.87 -1.13 43.15
C VAL M 65 5.99 0.03 42.17
N ASP M 66 5.87 -0.27 40.89
CA ASP M 66 6.00 0.76 39.85
C ASP M 66 4.63 0.98 39.21
N MET M 67 3.98 2.07 39.58
CA MET M 67 2.71 2.47 39.00
C MET M 67 2.85 3.81 38.27
N ARG M 68 4.07 4.17 37.86
CA ARG M 68 4.35 5.51 37.37
C ARG M 68 3.50 5.86 36.15
N GLU M 69 3.14 4.85 35.35
CA GLU M 69 2.38 5.04 34.14
C GLU M 69 0.87 5.07 34.34
N THR M 70 0.36 4.48 35.43
CA THR M 70 -1.07 4.27 35.60
C THR M 70 -1.68 4.97 36.80
N LEU M 71 -0.87 5.40 37.75
CA LEU M 71 -1.46 6.06 38.92
C LEU M 71 -2.03 7.40 38.51
N ASN M 72 -3.33 7.62 38.75
CA ASN M 72 -3.91 8.95 38.54
C ASN M 72 -5.17 9.14 39.38
N PRO M 73 -5.16 10.04 40.39
CA PRO M 73 -4.05 10.95 40.73
C PRO M 73 -2.83 10.25 41.36
N MET M 74 -1.70 10.96 41.39
CA MET M 74 -0.51 10.48 42.06
C MET M 74 -0.23 11.36 43.27
N GLY M 75 0.24 10.74 44.35
CA GLY M 75 0.57 11.47 45.56
C GLY M 75 1.77 12.39 45.34
N MET M 76 1.72 13.54 45.97
CA MET M 76 2.85 14.46 45.95
C MET M 76 2.96 15.01 47.37
N PHE M 77 4.06 14.68 48.05
CA PHE M 77 4.30 15.09 49.44
C PHE M 77 5.47 16.07 49.46
N GLN M 78 5.26 17.23 50.06
CA GLN M 78 6.31 18.23 50.20
C GLN M 78 6.60 18.39 51.69
N TYR M 79 7.77 17.89 52.11
CA TYR M 79 8.25 18.18 53.45
C TYR M 79 8.85 19.56 53.45
N THR M 80 8.44 20.41 54.40
CA THR M 80 9.23 21.59 54.75
C THR M 80 9.59 21.44 56.22
N VAL M 81 10.86 21.70 56.54
CA VAL M 81 11.41 21.41 57.86
C VAL M 81 11.70 22.73 58.57
N TRP M 82 11.32 22.82 59.83
CA TRP M 82 11.25 24.09 60.52
C TRP M 82 11.79 23.98 61.92
N LYS M 83 12.33 25.09 62.43
CA LYS M 83 12.74 25.15 63.83
C LYS M 83 11.54 24.93 64.76
N ASP M 84 10.36 25.42 64.37
CA ASP M 84 9.17 25.32 65.19
C ASP M 84 7.94 25.65 64.34
N VAL M 85 6.76 25.41 64.91
CA VAL M 85 5.50 25.67 64.21
C VAL M 85 5.36 27.15 63.85
N HIS M 86 5.71 28.03 64.78
CA HIS M 86 5.53 29.46 64.58
C HIS M 86 6.27 29.94 63.32
N SER M 87 7.47 29.41 63.07
CA SER M 87 8.24 29.83 61.90
C SER M 87 7.50 29.54 60.62
N HIS M 88 6.92 28.34 60.52
CA HIS M 88 6.16 27.95 59.34
C HIS M 88 4.90 28.81 59.19
N GLU M 89 4.16 29.00 60.29
CA GLU M 89 2.95 29.80 60.24
C GLU M 89 3.28 31.25 59.89
N GLU M 90 4.38 31.78 60.44
CA GLU M 90 4.76 33.16 60.15
C GLU M 90 5.18 33.32 58.70
N MET M 91 5.94 32.35 58.19
CA MET M 91 6.31 32.37 56.78
C MET M 91 5.06 32.39 55.91
N HIS M 92 4.09 31.52 56.21
CA HIS M 92 2.86 31.50 55.45
C HIS M 92 2.13 32.83 55.57
N HIS M 93 2.16 33.42 56.75
CA HIS M 93 1.49 34.71 56.90
C HIS M 93 2.22 35.81 56.11
N ASP M 94 3.54 35.92 56.28
CA ASP M 94 4.29 36.99 55.65
C ASP M 94 4.29 36.89 54.14
N ASN M 95 4.09 35.70 53.60
CA ASN M 95 4.15 35.50 52.15
C ASN M 95 2.82 35.04 51.58
N PHE M 96 1.73 35.43 52.25
CA PHE M 96 0.43 34.84 51.92
C PHE M 96 0.02 35.15 50.48
N LYS M 97 0.16 36.41 50.07
CA LYS M 97 -0.22 36.82 48.72
C LYS M 97 0.57 36.07 47.66
N GLU M 98 1.87 35.94 47.85
CA GLU M 98 2.71 35.34 46.82
C GLU M 98 2.50 33.83 46.77
N ILE M 99 2.40 33.18 47.94
CA ILE M 99 2.12 31.75 47.94
C ILE M 99 0.75 31.49 47.32
N PHE M 100 -0.22 32.36 47.61
CA PHE M 100 -1.53 32.18 47.01
C PHE M 100 -1.45 32.30 45.49
N GLU M 101 -0.71 33.29 44.99
CA GLU M 101 -0.56 33.42 43.53
C GLU M 101 0.06 32.17 42.93
N LEU M 102 1.11 31.64 43.57
CA LEU M 102 1.82 30.46 43.06
C LEU M 102 0.95 29.20 43.13
N CSS M 103 0.31 28.96 44.26
CA CSS M 103 -0.45 27.75 44.39
CB CSS M 103 -0.68 27.42 45.83
SG CSS M 103 0.83 26.75 46.50
SD CSS M 103 1.61 25.26 45.38
C CSS M 103 -1.74 27.86 43.63
O CSS M 103 -2.31 26.81 43.24
N SER M 104 -2.22 29.06 43.33
CA SER M 104 -3.38 29.19 42.44
C SER M 104 -3.08 28.58 41.09
N GLY M 105 -1.84 28.74 40.62
CA GLY M 105 -1.46 28.06 39.40
C GLY M 105 -1.47 26.55 39.57
N CYS M 106 -1.06 26.06 40.73
CA CYS M 106 -0.97 24.61 40.95
C CYS M 106 -2.33 23.94 41.07
N LEU M 107 -3.36 24.68 41.48
CA LEU M 107 -4.65 24.05 41.72
C LEU M 107 -5.25 23.42 40.47
N GLY M 108 -4.82 23.87 39.28
CA GLY M 108 -5.25 23.27 38.02
C GLY M 108 -4.79 21.84 37.82
N MET M 109 -3.88 21.35 38.64
CA MET M 109 -3.48 19.94 38.56
C MET M 109 -3.88 19.17 39.81
N VAL M 110 -4.52 19.80 40.78
CA VAL M 110 -4.83 19.16 42.05
C VAL M 110 -6.14 18.40 41.96
N ILE M 111 -6.12 17.14 42.37
CA ILE M 111 -7.34 16.35 42.40
C ILE M 111 -7.82 16.20 43.85
N GLU M 112 -6.87 16.20 44.78
CA GLU M 112 -7.20 16.11 46.20
C GLU M 112 -6.12 16.84 46.99
N GLY M 113 -6.52 17.46 48.10
CA GLY M 113 -5.61 18.25 48.91
C GLY M 113 -5.65 19.73 48.54
N PRO M 114 -4.72 20.52 49.08
CA PRO M 114 -3.64 20.07 49.97
C PRO M 114 -4.11 19.91 51.41
N TRP M 115 -3.46 19.00 52.13
CA TRP M 115 -3.65 18.84 53.56
C TRP M 115 -2.26 18.86 54.17
N GLU M 116 -2.00 19.75 55.14
CA GLU M 116 -0.64 19.93 55.66
C GLU M 116 -0.54 19.71 57.16
N PRO M 117 -0.40 18.46 57.59
CA PRO M 117 -0.17 18.20 59.03
C PRO M 117 1.26 18.51 59.43
N TYR M 118 1.42 18.75 60.73
CA TYR M 118 2.70 18.93 61.40
C TYR M 118 3.14 17.63 62.06
N PHE M 119 4.43 17.32 61.94
CA PHE M 119 4.96 16.07 62.46
C PHE M 119 6.13 16.35 63.39
N GLU M 120 6.14 15.65 64.50
CA GLU M 120 7.28 15.60 65.41
C GLU M 120 8.17 14.47 64.97
N VAL M 121 9.49 14.71 64.95
CA VAL M 121 10.43 13.65 64.64
C VAL M 121 10.68 12.89 65.94
N VAL M 122 10.02 11.74 66.09
CA VAL M 122 10.15 10.94 67.30
C VAL M 122 11.53 10.34 67.39
N LYS M 123 12.00 9.74 66.31
CA LYS M 123 13.32 9.13 66.29
C LYS M 123 13.73 9.04 64.83
N SER M 124 15.03 9.00 64.59
CA SER M 124 15.54 8.96 63.23
C SER M 124 16.93 8.34 63.23
N ASP M 125 17.29 7.75 62.08
CA ASP M 125 18.66 7.35 61.74
C ASP M 125 18.75 7.61 60.24
N LEU M 126 18.94 8.88 59.91
CA LEU M 126 18.91 9.39 58.54
C LEU M 126 20.28 9.96 58.18
N PRO M 127 20.96 9.47 57.15
CA PRO M 127 22.24 10.05 56.76
C PRO M 127 22.06 11.35 55.99
N GLN M 128 23.14 12.13 55.95
CA GLN M 128 23.23 13.27 55.05
C GLN M 128 23.15 12.77 53.62
N ILE M 129 22.52 13.53 52.76
CA ILE M 129 22.50 13.13 51.36
C ILE M 129 23.78 13.60 50.68
N MET M 130 24.16 12.88 49.63
CA MET M 130 25.42 13.09 48.94
C MET M 130 25.25 12.54 47.54
N SER M 131 26.31 12.62 46.76
CA SER M 131 26.35 12.05 45.43
C SER M 131 27.51 11.04 45.36
N MET M 132 27.53 10.26 44.28
CA MET M 132 28.60 9.26 44.09
C MET M 132 29.99 9.88 44.20
N THR M 133 30.22 11.01 43.52
CA THR M 133 31.56 11.59 43.51
C THR M 133 31.95 12.17 44.87
N ASP M 134 31.01 12.23 45.83
CA ASP M 134 31.31 12.63 47.22
C ASP M 134 31.76 11.47 48.09
N VAL M 135 31.52 10.23 47.68
CA VAL M 135 31.64 9.08 48.58
C VAL M 135 33.08 8.85 49.04
N PRO M 136 34.08 8.88 48.15
CA PRO M 136 35.47 8.72 48.66
C PRO M 136 35.82 9.74 49.74
N GLN M 137 35.42 11.01 49.57
CA GLN M 137 35.74 12.01 50.58
C GLN M 137 34.93 11.79 51.87
N VAL M 138 33.66 11.41 51.74
CA VAL M 138 32.88 11.10 52.93
C VAL M 138 33.52 9.94 53.69
N LEU M 139 33.98 8.93 52.95
CA LEU M 139 34.69 7.82 53.57
C LEU M 139 35.97 8.30 54.25
N GLY M 140 36.79 9.08 53.54
CA GLY M 140 38.01 9.59 54.15
C GLY M 140 37.74 10.46 55.36
N ASP M 141 36.72 11.33 55.27
CA ASP M 141 36.40 12.19 56.40
C ASP M 141 35.88 11.38 57.59
N SER M 142 35.13 10.31 57.32
CA SER M 142 34.64 9.45 58.41
C SER M 142 35.78 8.83 59.19
N PHE M 143 36.79 8.32 58.49
CA PHE M 143 37.95 7.73 59.16
C PHE M 143 38.70 8.77 59.96
N ALA M 144 38.89 9.96 59.38
CA ALA M 144 39.59 11.03 60.09
C ALA M 144 38.91 11.37 61.40
N LYS M 145 37.58 11.53 61.36
CA LYS M 145 36.81 11.87 62.54
C LYS M 145 36.50 10.65 63.43
N GLN M 146 37.07 9.48 63.12
CA GLN M 146 36.81 8.24 63.89
C GLN M 146 35.32 7.93 63.97
N GLU M 147 34.55 8.36 62.98
CA GLU M 147 33.10 8.14 62.98
C GLU M 147 32.74 7.03 62.02
N ARG M 148 31.53 6.49 62.19
CA ARG M 148 31.09 5.41 61.33
C ARG M 148 30.74 5.97 59.95
N VAL M 149 31.09 5.22 58.90
CA VAL M 149 30.70 5.60 57.53
C VAL M 149 29.19 5.39 57.37
N PRO M 150 28.43 6.35 56.86
CA PRO M 150 26.98 6.16 56.74
C PRO M 150 26.63 5.25 55.56
N LYS M 151 25.38 4.79 55.56
CA LYS M 151 24.79 4.33 54.31
C LYS M 151 24.80 5.50 53.32
N VAL M 152 24.96 5.18 52.05
CA VAL M 152 25.03 6.20 51.01
C VAL M 152 23.60 6.56 50.59
N ALA M 153 23.19 7.79 50.90
CA ALA M 153 21.87 8.31 50.50
C ALA M 153 22.09 9.26 49.31
N LEU M 154 21.87 8.77 48.11
CA LEU M 154 22.17 9.57 46.91
C LEU M 154 21.09 10.64 46.71
N SER M 155 21.54 11.90 46.62
CA SER M 155 20.67 13.06 46.38
C SER M 155 19.81 12.85 45.13
N SER M 156 18.48 12.93 45.30
CA SER M 156 17.49 12.77 44.22
C SER M 156 17.69 11.49 43.41
N GLN M 157 18.24 10.43 44.01
CA GLN M 157 18.56 9.19 43.29
C GLN M 157 18.40 7.97 44.20
N ARG M 158 17.27 7.85 44.88
CA ARG M 158 17.03 6.71 45.76
C ARG M 158 15.52 6.64 45.99
N THR M 159 15.07 5.67 46.78
CA THR M 159 13.63 5.47 46.98
C THR M 159 13.24 5.87 48.38
N VAL M 160 12.16 6.64 48.50
CA VAL M 160 11.59 6.99 49.80
C VAL M 160 10.25 6.28 49.93
N VAL M 161 10.09 5.57 51.01
CA VAL M 161 8.88 4.83 51.31
C VAL M 161 8.29 5.44 52.57
N ILE M 162 6.97 5.64 52.57
CA ILE M 162 6.27 6.16 53.74
C ILE M 162 5.19 5.15 54.13
N GLY M 163 5.28 4.65 55.36
CA GLY M 163 4.29 3.73 55.90
C GLY M 163 3.33 4.45 56.82
N ASP M 164 2.05 4.44 56.44
CA ASP M 164 1.02 5.14 57.19
C ASP M 164 0.45 4.22 58.26
N HIS M 165 0.52 4.63 59.53
CA HIS M 165 0.04 3.84 60.65
C HIS M 165 -0.89 4.70 61.50
N TRP M 166 -2.10 4.18 61.85
CA TRP M 166 -2.94 4.80 62.89
C TRP M 166 -2.83 3.95 64.15
N VAL M 167 -2.42 4.57 65.23
CA VAL M 167 -2.05 3.87 66.45
C VAL M 167 -3.20 3.94 67.44
N MET M 168 -3.49 2.80 68.06
CA MET M 168 -4.55 2.71 69.06
C MET M 168 -4.31 3.67 70.21
N ASP M 169 -5.39 4.31 70.66
CA ASP M 169 -5.36 5.20 71.81
C ASP M 169 -4.65 4.53 72.99
N GLY M 170 -3.61 5.19 73.52
CA GLY M 170 -2.87 4.63 74.61
C GLY M 170 -1.72 3.70 74.22
N HIS M 171 -1.56 3.38 72.94
CA HIS M 171 -0.47 2.50 72.52
C HIS M 171 0.69 3.27 71.91
N GLU M 172 0.67 4.61 71.98
CA GLU M 172 1.64 5.43 71.24
C GLU M 172 3.09 5.10 71.64
N LYS M 173 3.37 5.05 72.94
CA LYS M 173 4.75 4.82 73.36
C LYS M 173 5.22 3.43 72.95
N ALA M 174 4.35 2.42 73.11
CA ALA M 174 4.67 1.06 72.69
C ALA M 174 4.92 1.00 71.18
N PHE M 175 4.13 1.71 70.37
CA PHE M 175 4.40 1.74 68.93
C PHE M 175 5.77 2.35 68.65
N GLU M 176 6.07 3.48 69.30
CA GLU M 176 7.34 4.15 69.06
C GLU M 176 8.52 3.24 69.39
N GLN M 177 8.44 2.50 70.50
CA GLN M 177 9.49 1.55 70.86
C GLN M 177 9.55 0.38 69.88
N GLY M 178 8.40 -0.17 69.51
CA GLY M 178 8.40 -1.29 68.59
C GLY M 178 8.86 -0.91 67.20
N ALA M 179 8.39 0.24 66.70
CA ALA M 179 8.85 0.69 65.39
C ALA M 179 10.34 0.98 65.40
N THR M 180 10.83 1.61 66.48
CA THR M 180 12.27 1.87 66.58
C THR M 180 13.05 0.56 66.50
N GLU M 181 12.63 -0.44 67.27
CA GLU M 181 13.33 -1.73 67.27
C GLU M 181 13.27 -2.37 65.91
N THR M 182 12.11 -2.29 65.24
CA THR M 182 11.99 -2.83 63.89
C THR M 182 12.97 -2.17 62.94
N LEU M 183 13.02 -0.84 62.97
CA LEU M 183 13.80 -0.11 61.99
C LEU M 183 15.29 -0.27 62.25
N GLU M 184 15.70 -0.30 63.52
CA GLU M 184 17.11 -0.53 63.82
C GLU M 184 17.57 -1.92 63.36
N TRP M 185 16.72 -2.93 63.57
CA TRP M 185 17.01 -4.27 63.06
C TRP M 185 17.17 -4.26 61.55
N MET M 186 16.25 -3.59 60.86
CA MET M 186 16.31 -3.57 59.41
C MET M 186 17.56 -2.83 58.92
N LYS M 187 17.90 -1.71 59.56
CA LYS M 187 19.06 -0.95 59.08
C LYS M 187 20.35 -1.71 59.30
N ALA M 188 20.39 -2.55 60.34
CA ALA M 188 21.55 -3.37 60.60
C ALA M 188 21.64 -4.58 59.68
N ASN M 189 20.51 -5.08 59.20
CA ASN M 189 20.47 -6.44 58.66
C ASN M 189 19.95 -6.58 57.25
N VAL M 190 19.31 -5.58 56.68
CA VAL M 190 18.61 -5.74 55.41
C VAL M 190 19.35 -4.95 54.33
N PRO M 191 19.67 -5.56 53.19
CA PRO M 191 20.47 -4.85 52.19
C PRO M 191 19.75 -3.63 51.63
N GLY M 192 20.54 -2.58 51.40
CA GLY M 192 20.02 -1.42 50.74
C GLY M 192 19.19 -0.49 51.58
N MET M 193 19.12 -0.72 52.90
CA MET M 193 18.37 0.17 53.76
C MET M 193 19.21 1.40 54.07
N VAL M 194 18.77 2.55 53.62
CA VAL M 194 19.60 3.74 53.70
C VAL M 194 19.40 4.49 55.02
N GLY M 195 18.16 4.61 55.50
CA GLY M 195 17.88 5.33 56.74
C GLY M 195 16.40 5.34 57.04
N TRP M 196 16.05 5.95 58.18
CA TRP M 196 14.65 5.95 58.57
C TRP M 196 14.36 7.08 59.54
N MET M 197 13.07 7.35 59.71
CA MET M 197 12.59 8.42 60.57
C MET M 197 11.16 8.07 60.98
N ILE M 198 10.83 8.24 62.25
CA ILE M 198 9.47 8.03 62.75
C ILE M 198 8.85 9.40 63.01
N MET M 199 7.73 9.69 62.36
CA MET M 199 7.06 10.99 62.47
C MET M 199 5.67 10.83 63.09
N LYS M 200 5.33 11.70 64.04
CA LYS M 200 4.06 11.64 64.76
C LYS M 200 3.25 12.90 64.45
N GLN M 201 2.04 12.74 63.91
CA GLN M 201 1.23 13.91 63.62
C GLN M 201 0.71 14.51 64.91
N PHE M 202 0.95 15.81 65.13
CA PHE M 202 0.45 16.46 66.34
C PHE M 202 -0.40 17.69 66.07
N GLY M 203 -0.65 18.02 64.81
CA GLY M 203 -1.47 19.16 64.48
C GLY M 203 -1.47 19.35 62.99
N VAL M 204 -2.26 20.34 62.54
CA VAL M 204 -2.42 20.61 61.11
C VAL M 204 -2.44 22.13 60.92
N SER M 205 -1.83 22.59 59.83
CA SER M 205 -1.86 23.99 59.44
C SER M 205 -3.11 24.30 58.62
N ALA M 206 -3.93 25.25 59.10
CA ALA M 206 -5.12 25.64 58.35
C ALA M 206 -4.75 26.37 57.07
N ILE M 207 -3.87 27.37 57.18
CA ILE M 207 -3.43 28.12 56.02
C ILE M 207 -2.75 27.21 55.00
N GLY M 208 -1.84 26.36 55.46
CA GLY M 208 -1.16 25.45 54.54
C GLY M 208 -2.07 24.42 53.89
N SER M 209 -3.20 24.11 54.53
CA SER M 209 -4.19 23.21 53.97
C SER M 209 -5.25 23.94 53.18
N PHE M 210 -5.07 25.24 52.96
CA PHE M 210 -6.02 26.05 52.22
C PHE M 210 -7.41 25.96 52.85
N GLN M 211 -7.45 25.94 54.19
CA GLN M 211 -8.72 25.92 54.95
C GLN M 211 -8.95 27.31 55.53
N LEU M 212 -9.58 28.19 54.75
CA LEU M 212 -9.80 29.58 55.13
C LEU M 212 -11.16 29.75 55.82
N ASP M 213 -11.41 30.96 56.32
CA ASP M 213 -12.74 31.33 56.76
C ASP M 213 -13.69 31.31 55.56
N PRO M 214 -15.00 31.29 55.79
CA PRO M 214 -15.94 31.16 54.65
C PRO M 214 -15.78 32.25 53.62
N GLU M 215 -15.60 33.51 54.03
CA GLU M 215 -15.44 34.57 53.03
C GLU M 215 -14.13 34.42 52.26
N GLY M 216 -13.05 34.07 52.96
CA GLY M 216 -11.81 33.82 52.26
C GLY M 216 -11.95 32.68 51.26
N ALA M 217 -12.70 31.64 51.62
CA ALA M 217 -12.94 30.56 50.69
C ALA M 217 -13.67 31.04 49.44
N MET M 218 -14.65 31.94 49.60
CA MET M 218 -15.33 32.51 48.43
C MET M 218 -14.36 33.30 47.55
N LYS M 219 -13.58 34.19 48.16
CA LYS M 219 -12.65 35.00 47.36
C LYS M 219 -11.59 34.15 46.70
N ALA M 220 -11.17 33.05 47.34
CA ALA M 220 -10.12 32.20 46.77
C ALA M 220 -10.50 31.67 45.40
N VAL M 221 -11.78 31.43 45.14
CA VAL M 221 -12.19 30.96 43.81
C VAL M 221 -12.77 32.09 42.96
N SER M 222 -12.76 33.32 43.46
CA SER M 222 -13.15 34.49 42.69
C SER M 222 -11.95 35.18 42.04
N THR M 223 -10.84 34.48 41.93
CA THR M 223 -9.61 35.07 41.40
C THR M 223 -8.82 33.98 40.70
N LEU M 224 -7.93 34.40 39.82
CA LEU M 224 -6.98 33.48 39.22
C LEU M 224 -5.65 33.51 39.92
N GLY M 225 -5.54 34.31 40.98
CA GLY M 225 -4.30 34.36 41.76
C GLY M 225 -3.83 35.75 42.12
N ALA M 226 -4.33 36.77 41.41
CA ALA M 226 -3.86 38.14 41.61
C ALA M 226 -4.58 38.87 42.73
N ASN M 227 -5.74 38.39 43.18
CA ASN M 227 -6.55 39.08 44.17
C ASN M 227 -6.83 38.11 45.30
N PRO M 228 -5.86 37.91 46.20
CA PRO M 228 -6.00 36.89 47.24
C PRO M 228 -7.02 37.30 48.27
N PRO M 229 -7.60 36.34 48.99
CA PRO M 229 -8.42 36.68 50.16
C PRO M 229 -7.53 37.25 51.25
N GLU M 230 -8.18 37.84 52.25
CA GLU M 230 -7.46 38.25 53.45
C GLU M 230 -6.96 37.01 54.20
N TYR M 231 -5.81 37.15 54.87
CA TYR M 231 -5.32 36.08 55.73
C TYR M 231 -6.31 35.85 56.86
N ASN M 232 -7.01 34.72 56.86
CA ASN M 232 -7.98 34.44 57.91
C ASN M 232 -8.40 32.99 57.77
N THR M 233 -8.80 32.39 58.90
CA THR M 233 -9.20 31.00 58.99
C THR M 233 -10.35 30.91 59.96
N ASN M 234 -10.89 29.70 60.13
CA ASN M 234 -11.88 29.44 61.18
C ASN M 234 -11.29 29.55 62.58
N TYR M 235 -9.98 29.71 62.71
CA TYR M 235 -9.30 29.98 63.97
C TYR M 235 -8.77 31.41 64.06
N GLY M 236 -9.34 32.33 63.28
CA GLY M 236 -8.90 33.72 63.33
C GLY M 236 -7.71 33.99 62.40
N ASN M 237 -7.17 35.21 62.54
CA ASN M 237 -6.15 35.69 61.61
C ASN M 237 -4.80 35.94 62.29
N LYS M 238 -4.60 35.40 63.47
CA LYS M 238 -3.32 35.60 64.12
C LYS M 238 -2.36 34.50 63.71
N VAL M 239 -1.07 34.80 63.84
CA VAL M 239 -0.02 33.83 63.53
C VAL M 239 0.16 32.91 64.74
N HIS M 240 -0.12 31.63 64.57
CA HIS M 240 -0.17 30.69 65.69
C HIS M 240 1.22 30.16 66.05
N ASP M 241 1.44 29.95 67.36
CA ASP M 241 2.62 29.27 67.87
C ASP M 241 2.46 27.76 67.85
N LYS M 242 1.23 27.28 67.98
CA LYS M 242 0.86 25.89 67.94
C LYS M 242 -0.13 25.66 66.80
N PRO M 243 -0.17 24.46 66.22
CA PRO M 243 -1.06 24.20 65.11
C PRO M 243 -2.49 24.59 65.44
N PRO M 244 -3.16 25.30 64.53
CA PRO M 244 -4.56 25.67 64.77
C PRO M 244 -5.48 24.48 64.80
N ILE M 245 -5.26 23.52 63.91
CA ILE M 245 -6.13 22.36 63.79
C ILE M 245 -5.51 21.25 64.62
N PRO M 246 -6.26 20.60 65.52
CA PRO M 246 -5.67 19.52 66.32
C PRO M 246 -5.20 18.38 65.44
N GLY M 247 -4.19 17.66 65.92
CA GLY M 247 -3.80 16.41 65.27
C GLY M 247 -4.95 15.43 65.27
N GLN M 248 -4.99 14.56 64.26
CA GLN M 248 -6.08 13.62 64.21
C GLN M 248 -5.93 12.55 65.29
N THR M 249 -7.07 11.98 65.71
CA THR M 249 -7.05 10.72 66.43
C THR M 249 -7.90 9.72 65.65
N PRO M 250 -7.55 8.42 65.66
CA PRO M 250 -6.36 7.83 66.28
C PRO M 250 -5.04 8.45 65.76
N THR M 251 -4.03 8.56 66.63
CA THR M 251 -2.78 9.21 66.25
C THR M 251 -2.19 8.58 65.00
N GLN M 252 -1.83 9.43 64.03
CA GLN M 252 -1.15 8.98 62.82
C GLN M 252 0.37 9.05 63.02
N TYR M 253 1.05 7.97 62.68
CA TYR M 253 2.50 7.94 62.54
C TYR M 253 2.85 7.66 61.08
N LEU M 254 3.79 8.40 60.53
CA LEU M 254 4.36 8.10 59.22
C LEU M 254 5.76 7.54 59.45
N VAL M 255 6.00 6.34 58.95
CA VAL M 255 7.32 5.73 59.02
C VAL M 255 8.01 5.97 57.67
N HIS M 256 9.04 6.83 57.69
CA HIS M 256 9.79 7.25 56.51
C HIS M 256 11.04 6.38 56.43
N ILE M 257 11.15 5.58 55.36
CA ILE M 257 12.28 4.69 55.17
C ILE M 257 12.88 4.94 53.80
N GLU M 258 14.19 5.10 53.75
CA GLU M 258 14.91 5.32 52.51
C GLU M 258 15.63 4.05 52.10
N TRP M 259 15.62 3.77 50.80
CA TRP M 259 16.17 2.55 50.24
C TRP M 259 16.92 2.87 48.98
N GLU M 260 17.85 1.98 48.62
CA GLU M 260 18.66 2.20 47.43
C GLU M 260 17.81 2.30 46.17
N SER M 261 16.75 1.51 46.08
CA SER M 261 15.98 1.37 44.84
C SER M 261 14.61 0.82 45.20
N PRO M 262 13.65 0.88 44.26
CA PRO M 262 12.33 0.28 44.54
C PRO M 262 12.41 -1.20 44.85
N GLU M 263 13.28 -1.92 44.15
CA GLU M 263 13.45 -3.35 44.39
C GLU M 263 13.99 -3.62 45.80
N HIS M 264 15.00 -2.85 46.25
CA HIS M 264 15.48 -3.03 47.62
C HIS M 264 14.40 -2.70 48.63
N ALA M 265 13.58 -1.68 48.34
CA ALA M 265 12.50 -1.33 49.25
C ALA M 265 11.47 -2.45 49.33
N HIS M 266 11.10 -2.98 48.16
CA HIS M 266 10.09 -4.02 48.10
C HIS M 266 10.56 -5.28 48.83
N GLN M 267 11.75 -5.74 48.48
CA GLN M 267 12.30 -6.91 49.16
C GLN M 267 12.61 -6.60 50.62
N GLY M 268 13.06 -5.37 50.90
CA GLY M 268 13.46 -5.03 52.26
C GLY M 268 12.30 -5.03 53.24
N LEU M 269 11.21 -4.33 52.89
CA LEU M 269 10.02 -4.31 53.73
C LEU M 269 9.44 -5.71 53.93
N GLY M 270 9.61 -6.58 52.94
CA GLY M 270 9.09 -7.94 53.06
C GLY M 270 9.73 -8.73 54.18
N HIS M 271 10.88 -8.29 54.72
CA HIS M 271 11.54 -9.03 55.79
C HIS M 271 10.70 -9.10 57.06
N VAL M 272 9.78 -8.15 57.29
CA VAL M 272 8.92 -8.23 58.46
C VAL M 272 8.00 -9.43 58.36
N MET M 273 7.95 -10.09 57.20
CA MET M 273 7.16 -11.29 57.03
C MET M 273 7.99 -12.55 56.80
N VAL M 274 9.19 -12.44 56.21
CA VAL M 274 9.94 -13.63 55.83
C VAL M 274 11.19 -13.84 56.66
N ASP M 275 11.46 -12.99 57.65
CA ASP M 275 12.51 -13.26 58.63
C ASP M 275 11.84 -13.50 59.98
N TYR M 276 12.05 -14.69 60.55
CA TYR M 276 11.31 -15.05 61.75
C TYR M 276 11.54 -14.05 62.88
N GLU M 277 12.79 -13.66 63.10
CA GLU M 277 13.11 -12.78 64.23
C GLU M 277 12.49 -11.40 64.06
N LEU M 278 12.65 -10.80 62.88
CA LEU M 278 12.06 -9.49 62.62
C LEU M 278 10.55 -9.54 62.66
N ARG M 279 9.98 -10.64 62.18
CA ARG M 279 8.53 -10.81 62.22
C ARG M 279 7.97 -10.73 63.65
N GLN M 280 8.65 -11.36 64.62
CA GLN M 280 8.21 -11.23 66.00
C GLN M 280 8.34 -9.80 66.50
N ILE M 281 9.45 -9.13 66.18
CA ILE M 281 9.66 -7.74 66.63
C ILE M 281 8.55 -6.85 66.07
N HIS M 282 8.29 -6.98 64.78
CA HIS M 282 7.31 -6.14 64.09
C HIS M 282 5.88 -6.51 64.47
N ASN M 283 5.56 -7.81 64.58
CA ASN M 283 4.21 -8.21 65.01
C ASN M 283 3.87 -7.64 66.38
N ASN M 284 4.75 -7.85 67.36
CA ASN M 284 4.46 -7.44 68.73
C ASN M 284 4.69 -5.96 68.97
N GLY M 285 5.64 -5.37 68.27
CA GLY M 285 6.00 -4.00 68.55
C GLY M 285 5.31 -2.96 67.70
N VAL M 286 4.75 -3.38 66.56
CA VAL M 286 4.14 -2.45 65.62
C VAL M 286 2.70 -2.87 65.32
N LEU M 287 2.54 -4.04 64.69
CA LEU M 287 1.23 -4.46 64.18
C LEU M 287 0.20 -4.56 65.28
N ALA M 288 0.61 -5.00 66.47
CA ALA M 288 -0.30 -5.18 67.60
C ALA M 288 -0.90 -3.86 68.09
N HIS M 289 -0.38 -2.71 67.66
CA HIS M 289 -0.80 -1.44 68.23
C HIS M 289 -1.58 -0.59 67.25
N LEU M 290 -2.01 -1.17 66.12
CA LEU M 290 -2.58 -0.40 65.03
C LEU M 290 -4.10 -0.50 65.02
N ASP M 291 -4.73 0.66 64.82
CA ASP M 291 -6.09 0.74 64.32
C ASP M 291 -6.14 0.64 62.81
N LYS M 292 -5.12 1.16 62.11
CA LYS M 292 -5.12 1.17 60.64
C LYS M 292 -3.71 0.99 60.10
N GLY M 293 -3.59 0.26 58.99
CA GLY M 293 -2.31 0.13 58.34
C GLY M 293 -1.64 -1.18 58.69
N PRO M 294 -0.36 -1.34 58.33
CA PRO M 294 0.41 -0.33 57.61
C PRO M 294 0.10 -0.27 56.12
N TYR M 295 0.27 0.92 55.55
CA TYR M 295 0.14 1.11 54.11
C TYR M 295 1.38 1.87 53.65
N TYR M 296 2.11 1.31 52.69
CA TYR M 296 3.40 1.84 52.26
C TYR M 296 3.28 2.41 50.85
N MET M 297 3.47 3.72 50.74
CA MET M 297 3.58 4.39 49.44
C MET M 297 5.05 4.55 49.10
N PHE M 298 5.37 4.33 47.83
CA PHE M 298 6.71 4.50 47.27
C PHE M 298 6.79 5.88 46.62
N PHE M 299 7.91 6.58 46.87
CA PHE M 299 8.13 7.91 46.32
C PHE M 299 9.52 8.04 45.72
N SER M 300 9.65 8.95 44.77
CA SER M 300 10.95 9.36 44.30
C SER M 300 11.22 10.78 44.81
N PRO M 301 12.37 11.03 45.44
CA PRO M 301 12.68 12.41 45.85
C PRO M 301 13.13 13.24 44.66
N MET M 302 12.24 14.12 44.16
CA MET M 302 12.54 14.88 42.93
C MET M 302 13.53 16.00 43.19
N MET M 303 13.34 16.74 44.26
CA MET M 303 14.21 17.84 44.66
C MET M 303 14.38 17.77 46.17
N GLU M 304 15.59 18.08 46.63
CA GLU M 304 15.85 18.01 48.07
C GLU M 304 16.74 19.16 48.44
N GLN M 305 16.44 19.79 49.56
CA GLN M 305 17.36 20.67 50.27
C GLN M 305 17.57 20.00 51.62
N GLY M 306 18.67 19.25 51.74
CA GLY M 306 18.85 18.28 52.81
C GLY M 306 19.69 18.71 53.99
N LEU M 307 19.96 20.00 54.15
CA LEU M 307 20.78 20.40 55.28
C LEU M 307 20.12 20.17 56.63
N TRP M 308 18.78 20.11 56.66
CA TRP M 308 18.10 19.83 57.92
C TRP M 308 18.54 18.49 58.50
N ARG M 309 18.90 17.54 57.64
CA ARG M 309 19.35 16.24 58.14
C ARG M 309 20.63 16.35 58.94
N LYS M 310 21.47 17.33 58.63
CA LYS M 310 22.78 17.42 59.27
C LYS M 310 22.67 17.67 60.77
N HIS M 311 21.58 18.27 61.23
CA HIS M 311 21.36 18.47 62.67
C HIS M 311 20.05 17.79 63.09
N LEU M 312 20.11 16.47 63.24
CA LEU M 312 19.06 15.67 63.86
C LEU M 312 19.62 15.03 65.14
N LYS M 313 18.87 14.08 65.68
CA LYS M 313 19.35 13.18 66.76
C LYS M 313 19.83 13.99 67.96
N GLU N 4 17.07 68.53 18.09
CA GLU N 4 16.87 67.56 19.17
C GLU N 4 17.77 66.31 19.01
N ASN N 5 18.65 66.04 19.98
CA ASN N 5 19.36 64.76 20.02
CA ASN N 5 19.33 64.75 19.99
C ASN N 5 18.84 63.94 21.19
N PRO N 6 17.95 63.00 20.96
CA PRO N 6 17.41 62.19 22.05
C PRO N 6 18.38 61.11 22.51
N ILE N 7 18.00 60.48 23.60
CA ILE N 7 18.71 59.34 24.16
C ILE N 7 17.99 58.09 23.68
N ILE N 8 18.73 57.02 23.43
CA ILE N 8 18.15 55.75 23.02
C ILE N 8 18.52 54.67 24.03
N ALA N 9 17.50 54.08 24.65
CA ALA N 9 17.65 52.90 25.48
C ALA N 9 17.43 51.69 24.60
N ILE N 10 18.38 50.76 24.57
CA ILE N 10 18.25 49.59 23.72
C ILE N 10 18.14 48.38 24.63
N ASN N 11 16.93 47.84 24.72
CA ASN N 11 16.73 46.63 25.48
C ASN N 11 17.18 45.46 24.63
N MET N 12 18.26 44.78 25.05
CA MET N 12 18.85 43.69 24.30
C MET N 12 18.55 42.37 24.98
N ALA N 13 17.96 41.43 24.24
CA ALA N 13 17.66 40.11 24.77
C ALA N 13 17.89 39.09 23.68
N LYS N 14 18.06 37.84 24.09
CA LYS N 14 18.09 36.71 23.17
C LYS N 14 16.96 35.77 23.56
N ILE N 15 16.08 35.46 22.62
CA ILE N 15 14.85 34.76 22.91
C ILE N 15 14.83 33.47 22.12
N ALA N 16 14.01 32.53 22.59
CA ALA N 16 13.89 31.25 21.94
C ALA N 16 13.24 31.45 20.58
N ASN N 17 13.77 30.75 19.58
CA ASN N 17 13.22 30.83 18.22
C ASN N 17 12.24 29.69 18.07
N LYS N 18 10.99 29.94 18.48
CA LYS N 18 9.94 28.93 18.45
C LYS N 18 8.60 29.66 18.33
N PRO N 19 7.55 28.96 17.85
CA PRO N 19 6.26 29.64 17.63
C PRO N 19 5.70 30.38 18.83
N ASP N 20 5.88 29.84 20.05
CA ASP N 20 5.37 30.51 21.25
C ASP N 20 5.94 31.91 21.41
N SER N 21 7.21 32.11 21.04
CA SER N 21 7.82 33.42 21.24
C SER N 21 7.21 34.47 20.32
N TYR N 22 6.91 34.11 19.08
CA TYR N 22 6.25 35.08 18.20
C TYR N 22 4.85 35.43 18.72
N GLU N 23 4.17 34.44 19.30
CA GLU N 23 2.85 34.68 19.88
C GLU N 23 2.91 35.66 21.04
N THR N 24 3.80 35.42 22.01
CA THR N 24 3.87 36.33 23.14
C THR N 24 4.41 37.70 22.75
N MET N 25 5.18 37.79 21.65
CA MET N 25 5.66 39.08 21.19
C MET N 25 4.53 39.96 20.65
N MET N 26 3.55 39.36 19.98
CA MET N 26 2.41 40.15 19.49
C MET N 26 1.31 40.33 20.51
N LYS N 27 1.25 39.47 21.53
CA LYS N 27 0.25 39.58 22.59
C LYS N 27 0.72 40.47 23.74
N VAL N 28 1.99 40.37 24.11
CA VAL N 28 2.50 41.09 25.26
C VAL N 28 3.21 42.34 24.77
N GLY N 29 3.86 42.23 23.61
CA GLY N 29 4.62 43.30 23.01
C GLY N 29 3.94 44.67 22.93
N PRO N 30 2.77 44.74 22.28
CA PRO N 30 2.06 46.03 22.22
C PRO N 30 1.79 46.62 23.59
N LYS N 31 1.53 45.77 24.59
CA LYS N 31 1.18 46.24 25.92
C LYS N 31 2.34 46.97 26.59
N VAL N 32 3.57 46.53 26.35
CA VAL N 32 4.73 47.21 26.92
C VAL N 32 4.88 48.62 26.34
N CSS N 33 4.77 48.73 25.01
CA CSS N 33 4.85 50.00 24.32
CB CSS N 33 4.71 49.80 22.85
SG CSS N 33 6.08 48.90 22.19
SD CSS N 33 7.73 49.75 22.97
C CSS N 33 3.80 50.97 24.78
O CSS N 33 4.09 52.20 24.86
N ILE N 34 2.60 50.49 25.10
CA ILE N 34 1.48 51.32 25.56
C ILE N 34 1.78 51.89 26.95
N THR N 35 2.35 51.05 27.81
CA THR N 35 2.80 51.53 29.11
C THR N 35 3.88 52.62 28.93
N THR N 36 4.83 52.36 28.04
CA THR N 36 5.91 53.31 27.80
C THR N 36 5.39 54.66 27.28
N ALA N 37 4.40 54.63 26.40
CA ALA N 37 3.90 55.87 25.80
C ALA N 37 3.05 56.70 26.76
N SER N 38 2.89 56.27 28.01
CA SER N 38 2.22 57.13 28.99
C SER N 38 3.08 58.30 29.46
N HIS N 39 4.40 58.29 29.16
CA HIS N 39 5.33 59.29 29.68
C HIS N 39 5.60 60.36 28.64
N PRO N 40 5.51 61.64 28.98
CA PRO N 40 5.63 62.69 27.95
C PRO N 40 7.02 62.83 27.36
N GLY N 41 8.05 62.25 27.98
CA GLY N 41 9.38 62.23 27.41
C GLY N 41 9.63 61.14 26.39
N PHE N 42 8.63 60.30 26.12
CA PHE N 42 8.76 59.17 25.21
C PHE N 42 8.57 59.62 23.76
N LEU N 43 9.54 59.28 22.90
CA LEU N 43 9.57 59.80 21.54
C LEU N 43 9.32 58.77 20.43
N GLY N 44 9.47 57.48 20.71
CA GLY N 44 9.23 56.47 19.70
C GLY N 44 9.99 55.20 20.04
N PHE N 45 9.81 54.20 19.17
CA PHE N 45 10.44 52.90 19.43
C PHE N 45 10.69 52.18 18.11
N GLU N 46 11.58 51.19 18.19
CA GLU N 46 11.91 50.27 17.11
C GLU N 46 12.03 48.90 17.72
N GLN N 47 11.20 47.95 17.26
CA GLN N 47 11.30 46.55 17.67
C GLN N 47 12.02 45.77 16.57
N LEU N 48 13.24 45.34 16.86
CA LEU N 48 14.11 44.70 15.88
C LEU N 48 14.31 43.23 16.22
N LEU N 49 14.01 42.36 15.26
CA LEU N 49 14.19 40.92 15.42
C LEU N 49 15.35 40.43 14.56
N GLN N 50 16.31 39.72 15.18
CA GLN N 50 17.49 39.30 14.44
C GLN N 50 17.12 38.25 13.40
N THR N 51 17.64 38.42 12.18
CA THR N 51 17.41 37.46 11.11
C THR N 51 18.69 36.75 10.67
N GLY N 52 19.86 37.26 11.05
CA GLY N 52 21.11 36.67 10.64
C GLY N 52 22.28 37.54 11.01
N ILE N 53 23.42 37.33 10.33
CA ILE N 53 24.63 38.10 10.53
C ILE N 53 25.28 38.36 9.17
N HIS N 54 26.29 39.27 9.16
CA HIS N 54 27.14 39.38 7.97
C HIS N 54 28.33 38.44 8.13
N PRO N 55 28.52 37.44 7.27
CA PRO N 55 29.65 36.52 7.45
C PRO N 55 31.01 37.17 7.18
N MET N 56 31.04 38.36 6.59
CA MET N 56 32.26 39.14 6.36
C MET N 56 33.35 38.31 5.68
N ALA N 57 32.99 37.72 4.54
CA ALA N 57 33.90 36.98 3.67
C ALA N 57 34.57 35.81 4.39
N GLY N 58 33.81 35.15 5.26
CA GLY N 58 34.25 33.94 5.92
C GLY N 58 34.80 34.14 7.30
N ARG N 59 34.98 35.39 7.72
CA ARG N 59 35.40 35.64 9.09
C ARG N 59 34.41 35.06 10.10
N TYR N 60 33.11 35.04 9.77
CA TYR N 60 32.10 34.33 10.55
C TYR N 60 31.38 33.34 9.65
N GLY N 61 32.14 32.36 9.14
CA GLY N 61 31.64 31.42 8.14
C GLY N 61 30.59 30.48 8.64
N GLY N 62 30.43 30.33 9.96
CA GLY N 62 29.33 29.51 10.44
C GLY N 62 27.97 30.20 10.39
N GLY N 63 27.93 31.51 10.21
CA GLY N 63 26.69 32.24 10.13
C GLY N 63 26.29 32.50 8.69
N ALA N 64 25.21 33.27 8.54
CA ALA N 64 24.67 33.56 7.21
C ALA N 64 23.78 34.78 7.33
N VAL N 65 23.55 35.46 6.19
CA VAL N 65 22.64 36.59 6.18
C VAL N 65 21.26 36.18 6.69
N ASP N 66 20.77 35.02 6.23
CA ASP N 66 19.45 34.53 6.61
C ASP N 66 19.62 33.28 7.47
N MET N 67 19.46 33.44 8.77
CA MET N 67 19.46 32.37 9.74
C MET N 67 18.10 32.23 10.44
N ARG N 68 17.02 32.71 9.80
CA ARG N 68 15.74 32.78 10.49
C ARG N 68 15.26 31.41 10.94
N GLU N 69 15.64 30.35 10.24
CA GLU N 69 15.20 29.01 10.57
C GLU N 69 16.08 28.31 11.60
N THR N 70 17.33 28.77 11.79
CA THR N 70 18.29 28.03 12.59
C THR N 70 18.82 28.79 13.79
N LEU N 71 18.67 30.11 13.83
CA LEU N 71 19.20 30.88 14.94
C LEU N 71 18.40 30.58 16.20
N ASN N 72 19.08 30.11 17.24
CA ASN N 72 18.39 29.92 18.51
C ASN N 72 19.39 29.93 19.65
N PRO N 73 19.37 30.93 20.53
CA PRO N 73 18.38 32.02 20.60
C PRO N 73 18.60 33.08 19.49
N MET N 74 17.61 33.92 19.27
CA MET N 74 17.72 34.98 18.29
C MET N 74 17.71 36.32 19.03
N GLY N 75 18.49 37.26 18.53
CA GLY N 75 18.55 38.57 19.15
C GLY N 75 17.22 39.30 18.99
N MET N 76 16.86 40.06 20.01
CA MET N 76 15.72 40.94 19.96
C MET N 76 16.09 42.24 20.66
N PHE N 77 16.18 43.32 19.89
CA PHE N 77 16.59 44.63 20.38
C PHE N 77 15.38 45.53 20.32
N GLN N 78 15.03 46.16 21.44
CA GLN N 78 13.95 47.14 21.47
C GLN N 78 14.56 48.50 21.75
N TYR N 79 14.55 49.38 20.73
CA TYR N 79 14.90 50.78 20.95
C TYR N 79 13.74 51.49 21.58
N THR N 80 13.96 52.21 22.67
CA THR N 80 13.01 53.21 23.11
C THR N 80 13.75 54.54 23.16
N VAL N 81 13.13 55.58 22.59
CA VAL N 81 13.77 56.86 22.33
C VAL N 81 13.17 57.90 23.26
N TRP N 82 14.03 58.69 23.89
CA TRP N 82 13.65 59.50 25.05
C TRP N 82 14.27 60.87 24.95
N LYS N 83 13.59 61.86 25.54
CA LYS N 83 14.17 63.19 25.66
C LYS N 83 15.44 63.16 26.49
N ASP N 84 15.51 62.28 27.49
CA ASP N 84 16.64 62.23 28.40
C ASP N 84 16.50 60.93 29.22
N VAL N 85 17.57 60.64 29.96
CA VAL N 85 17.60 59.45 30.82
C VAL N 85 16.50 59.50 31.86
N HIS N 86 16.27 60.67 32.45
CA HIS N 86 15.33 60.77 33.55
C HIS N 86 13.93 60.33 33.13
N SER N 87 13.53 60.66 31.89
CA SER N 87 12.20 60.27 31.40
C SER N 87 12.04 58.75 31.39
N HIS N 88 13.04 58.05 30.88
CA HIS N 88 12.99 56.60 30.83
C HIS N 88 13.00 56.00 32.24
N GLU N 89 13.89 56.47 33.10
CA GLU N 89 13.94 55.94 34.45
C GLU N 89 12.65 56.23 35.19
N GLU N 90 12.08 57.41 34.96
CA GLU N 90 10.84 57.76 35.64
C GLU N 90 9.67 56.90 35.17
N MET N 91 9.59 56.67 33.85
CA MET N 91 8.58 55.77 33.30
C MET N 91 8.69 54.40 33.94
N HIS N 92 9.90 53.84 33.97
CA HIS N 92 10.11 52.53 34.59
C HIS N 92 9.68 52.54 36.05
N HIS N 93 9.96 53.64 36.75
CA HIS N 93 9.55 53.74 38.14
C HIS N 93 8.04 53.84 38.26
N ASP N 94 7.43 54.75 37.49
CA ASP N 94 5.99 55.00 37.63
C ASP N 94 5.15 53.81 37.20
N ASN N 95 5.68 52.96 36.34
CA ASN N 95 4.96 51.82 35.80
C ASN N 95 5.62 50.51 36.22
N PHE N 96 6.30 50.52 37.36
CA PHE N 96 7.14 49.37 37.71
C PHE N 96 6.30 48.10 37.85
N LYS N 97 5.19 48.18 38.58
CA LYS N 97 4.34 47.02 38.78
C LYS N 97 3.85 46.44 37.45
N GLU N 98 3.41 47.32 36.54
CA GLU N 98 2.81 46.84 35.29
C GLU N 98 3.87 46.31 34.32
N ILE N 99 5.01 46.98 34.22
CA ILE N 99 6.09 46.43 33.38
C ILE N 99 6.54 45.09 33.95
N PHE N 100 6.63 44.99 35.27
CA PHE N 100 7.01 43.71 35.86
C PHE N 100 6.01 42.62 35.50
N GLU N 101 4.71 42.91 35.57
CA GLU N 101 3.71 41.90 35.21
C GLU N 101 3.87 41.45 33.76
N LEU N 102 4.05 42.39 32.85
CA LEU N 102 4.16 42.10 31.44
C LEU N 102 5.47 41.35 31.14
N CSS N 103 6.58 41.80 31.71
CA CSS N 103 7.83 41.18 31.38
CB CSS N 103 8.98 42.06 31.76
SG CSS N 103 9.07 43.34 30.53
SD CSS N 103 9.05 42.61 28.65
C CSS N 103 7.94 39.84 32.04
O CSS N 103 8.70 38.97 31.55
N SER N 104 7.19 39.59 33.10
CA SER N 104 7.17 38.26 33.70
C SER N 104 6.67 37.25 32.67
N GLY N 105 5.70 37.67 31.85
CA GLY N 105 5.26 36.82 30.76
C GLY N 105 6.35 36.58 29.72
N CYS N 106 7.14 37.61 29.42
CA CYS N 106 8.17 37.49 28.40
C CYS N 106 9.35 36.63 28.84
N LEU N 107 9.58 36.49 30.16
CA LEU N 107 10.74 35.77 30.64
C LEU N 107 10.68 34.29 30.28
N GLY N 108 9.50 33.75 30.02
CA GLY N 108 9.38 32.37 29.57
C GLY N 108 10.00 32.10 28.22
N MET N 109 10.37 33.13 27.46
CA MET N 109 11.03 32.93 26.19
C MET N 109 12.46 33.47 26.18
N VAL N 110 12.93 34.00 27.30
CA VAL N 110 14.23 34.65 27.36
C VAL N 110 15.31 33.62 27.67
N ILE N 111 16.35 33.62 26.86
CA ILE N 111 17.51 32.76 27.08
C ILE N 111 18.64 33.59 27.64
N GLU N 112 18.71 34.88 27.26
CA GLU N 112 19.74 35.78 27.76
C GLU N 112 19.20 37.20 27.77
N GLY N 113 19.65 38.01 28.73
CA GLY N 113 19.15 39.35 28.92
C GLY N 113 18.00 39.41 29.91
N PRO N 114 17.33 40.56 30.01
CA PRO N 114 17.59 41.77 29.23
C PRO N 114 18.79 42.57 29.74
N TRP N 115 19.46 43.28 28.83
CA TRP N 115 20.50 44.24 29.19
C TRP N 115 20.16 45.50 28.43
N GLU N 116 19.95 46.61 29.14
CA GLU N 116 19.41 47.80 28.52
C GLU N 116 20.37 48.99 28.69
N PRO N 117 21.36 49.12 27.80
CA PRO N 117 22.27 50.28 27.86
C PRO N 117 21.63 51.52 27.25
N TYR N 118 22.15 52.67 27.68
CA TYR N 118 21.79 53.96 27.13
C TYR N 118 22.80 54.38 26.06
N PHE N 119 22.27 54.92 24.95
CA PHE N 119 23.10 55.32 23.82
C PHE N 119 22.90 56.78 23.47
N GLU N 120 24.01 57.45 23.21
CA GLU N 120 24.02 58.80 22.68
C GLU N 120 24.08 58.71 21.16
N VAL N 121 23.28 59.53 20.49
CA VAL N 121 23.30 59.57 19.03
C VAL N 121 24.42 60.52 18.64
N VAL N 122 25.56 59.97 18.24
CA VAL N 122 26.70 60.80 17.88
C VAL N 122 26.41 61.57 16.61
N LYS N 123 25.87 60.89 15.61
CA LYS N 123 25.49 61.52 14.34
C LYS N 123 24.53 60.57 13.66
N SER N 124 23.73 61.12 12.75
CA SER N 124 22.73 60.31 12.10
C SER N 124 22.44 60.91 10.73
N ASP N 125 21.98 60.06 9.82
CA ASP N 125 21.39 60.48 8.57
C ASP N 125 20.27 59.48 8.32
N LEU N 126 19.17 59.65 9.06
CA LEU N 126 18.10 58.66 9.05
C LEU N 126 16.86 59.32 8.50
N PRO N 127 16.29 58.85 7.40
CA PRO N 127 15.04 59.44 6.92
C PRO N 127 13.83 59.00 7.75
N GLN N 128 12.79 59.82 7.64
CA GLN N 128 11.50 59.44 8.19
C GLN N 128 11.00 58.19 7.49
N ILE N 129 10.33 57.31 8.23
CA ILE N 129 9.79 56.11 7.60
C ILE N 129 8.47 56.47 6.92
N MET N 130 8.16 55.74 5.86
CA MET N 130 6.98 56.00 5.03
C MET N 130 6.61 54.70 4.34
N SER N 131 5.55 54.77 3.55
CA SER N 131 5.11 53.65 2.73
C SER N 131 5.12 54.05 1.27
N MET N 132 4.99 53.04 0.41
CA MET N 132 4.99 53.26 -1.04
C MET N 132 3.95 54.30 -1.44
N THR N 133 2.74 54.19 -0.91
CA THR N 133 1.69 55.11 -1.33
C THR N 133 1.92 56.54 -0.83
N ASP N 134 2.90 56.74 0.06
CA ASP N 134 3.31 58.08 0.50
C ASP N 134 4.35 58.72 -0.42
N VAL N 135 5.00 57.92 -1.27
CA VAL N 135 6.18 58.39 -1.98
C VAL N 135 5.87 59.53 -2.95
N PRO N 136 4.83 59.46 -3.79
CA PRO N 136 4.57 60.60 -4.68
C PRO N 136 4.36 61.91 -3.94
N GLN N 137 3.65 61.87 -2.81
CA GLN N 137 3.45 63.10 -2.08
C GLN N 137 4.73 63.59 -1.41
N VAL N 138 5.56 62.68 -0.90
CA VAL N 138 6.85 63.08 -0.32
C VAL N 138 7.69 63.76 -1.39
N LEU N 139 7.69 63.19 -2.60
CA LEU N 139 8.41 63.79 -3.73
C LEU N 139 7.88 65.19 -4.05
N GLY N 140 6.56 65.32 -4.21
CA GLY N 140 5.98 66.62 -4.50
C GLY N 140 6.24 67.63 -3.40
N ASP N 141 6.11 67.20 -2.14
CA ASP N 141 6.36 68.12 -1.02
C ASP N 141 7.84 68.52 -0.99
N SER N 142 8.74 67.59 -1.32
CA SER N 142 10.15 67.94 -1.38
C SER N 142 10.40 68.99 -2.44
N PHE N 143 9.80 68.83 -3.62
CA PHE N 143 9.98 69.83 -4.66
C PHE N 143 9.40 71.16 -4.22
N ALA N 144 8.20 71.16 -3.63
CA ALA N 144 7.58 72.41 -3.21
C ALA N 144 8.47 73.15 -2.20
N LYS N 145 8.98 72.44 -1.20
CA LYS N 145 9.79 73.02 -0.13
C LYS N 145 11.25 73.25 -0.53
N GLN N 146 11.61 73.06 -1.81
CA GLN N 146 12.99 73.22 -2.27
C GLN N 146 13.96 72.30 -1.52
N GLU N 147 13.48 71.16 -1.02
CA GLU N 147 14.28 70.27 -0.21
C GLU N 147 14.68 69.00 -0.95
N ARG N 148 15.70 68.32 -0.41
CA ARG N 148 16.17 67.10 -1.03
C ARG N 148 15.19 65.95 -0.80
N VAL N 149 14.94 65.16 -1.85
CA VAL N 149 14.10 63.96 -1.69
C VAL N 149 14.88 62.90 -0.91
N PRO N 150 14.31 62.30 0.12
CA PRO N 150 15.07 61.34 0.92
C PRO N 150 15.16 59.95 0.26
N LYS N 151 16.07 59.15 0.79
CA LYS N 151 15.98 57.71 0.58
C LYS N 151 14.66 57.21 1.14
N VAL N 152 14.04 56.22 0.49
CA VAL N 152 12.75 55.70 0.94
C VAL N 152 13.01 54.62 1.99
N ALA N 153 12.63 54.90 3.24
CA ALA N 153 12.71 53.95 4.36
C ALA N 153 11.30 53.39 4.59
N LEU N 154 11.04 52.20 4.07
CA LEU N 154 9.69 51.63 4.13
C LEU N 154 9.38 51.12 5.53
N SER N 155 8.26 51.61 6.09
CA SER N 155 7.83 51.22 7.43
C SER N 155 7.73 49.70 7.54
N SER N 156 8.49 49.12 8.49
CA SER N 156 8.49 47.68 8.74
C SER N 156 8.71 46.85 7.48
N GLN N 157 9.44 47.38 6.48
CA GLN N 157 9.67 46.68 5.21
C GLN N 157 11.07 47.02 4.66
N ARG N 158 12.10 46.87 5.48
CA ARG N 158 13.49 47.08 5.08
C ARG N 158 14.38 46.34 6.07
N THR N 159 15.69 46.46 5.91
CA THR N 159 16.64 45.71 6.73
C THR N 159 17.41 46.67 7.62
N VAL N 160 17.55 46.32 8.90
CA VAL N 160 18.38 47.07 9.81
C VAL N 160 19.56 46.19 10.19
N VAL N 161 20.75 46.73 10.06
CA VAL N 161 21.99 46.06 10.39
C VAL N 161 22.62 46.83 11.53
N ILE N 162 23.12 46.13 12.54
CA ILE N 162 23.77 46.80 13.66
C ILE N 162 25.19 46.25 13.80
N GLY N 163 26.18 47.14 13.66
CA GLY N 163 27.57 46.77 13.80
C GLY N 163 28.12 47.11 15.17
N ASP N 164 28.54 46.08 15.87
CA ASP N 164 29.06 46.21 17.24
C ASP N 164 30.55 46.46 17.17
N HIS N 165 30.99 47.56 17.81
CA HIS N 165 32.40 47.97 17.87
C HIS N 165 32.79 48.28 19.32
N TRP N 166 33.92 47.75 19.78
CA TRP N 166 34.58 48.23 21.00
C TRP N 166 35.80 49.03 20.58
N VAL N 167 35.88 50.27 21.05
CA VAL N 167 36.90 51.22 20.61
C VAL N 167 37.99 51.36 21.65
N MET N 168 39.24 51.36 21.18
CA MET N 168 40.40 51.53 22.05
C MET N 168 40.32 52.82 22.86
N ASP N 169 40.75 52.74 24.12
CA ASP N 169 40.80 53.88 25.02
C ASP N 169 41.52 55.05 24.34
N GLY N 170 40.86 56.21 24.29
CA GLY N 170 41.43 57.39 23.68
C GLY N 170 41.20 57.54 22.19
N HIS N 171 40.64 56.52 21.55
CA HIS N 171 40.34 56.55 20.12
C HIS N 171 38.87 56.85 19.84
N GLU N 172 38.10 57.29 20.84
CA GLU N 172 36.66 57.44 20.65
C GLU N 172 36.35 58.42 19.52
N LYS N 173 36.94 59.60 19.56
CA LYS N 173 36.67 60.62 18.54
C LYS N 173 37.16 60.18 17.17
N ALA N 174 38.34 59.56 17.11
CA ALA N 174 38.83 59.08 15.81
C ALA N 174 37.85 58.05 15.23
N PHE N 175 37.32 57.15 16.06
CA PHE N 175 36.30 56.22 15.56
C PHE N 175 35.07 56.97 15.05
N GLU N 176 34.58 57.94 15.82
CA GLU N 176 33.37 58.65 15.42
C GLU N 176 33.55 59.31 14.06
N GLN N 177 34.69 59.96 13.84
CA GLN N 177 34.98 60.63 12.56
C GLN N 177 35.05 59.63 11.43
N GLY N 178 35.79 58.55 11.68
CA GLY N 178 36.03 57.56 10.63
C GLY N 178 34.77 56.81 10.24
N ALA N 179 33.97 56.44 11.23
CA ALA N 179 32.68 55.82 10.94
C ALA N 179 31.78 56.79 10.20
N THR N 180 31.77 58.06 10.62
CA THR N 180 30.99 59.08 9.92
C THR N 180 31.44 59.17 8.47
N GLU N 181 32.76 59.23 8.26
CA GLU N 181 33.23 59.34 6.89
C GLU N 181 32.88 58.10 6.09
N THR N 182 33.01 56.91 6.68
CA THR N 182 32.64 55.67 6.00
C THR N 182 31.16 55.68 5.62
N LEU N 183 30.31 56.03 6.59
CA LEU N 183 28.87 55.93 6.37
C LEU N 183 28.38 56.98 5.37
N GLU N 184 28.94 58.20 5.41
CA GLU N 184 28.56 59.23 4.46
C GLU N 184 28.96 58.86 3.04
N TRP N 185 30.16 58.29 2.88
CA TRP N 185 30.56 57.76 1.58
C TRP N 185 29.59 56.69 1.10
N MET N 186 29.22 55.74 1.97
CA MET N 186 28.32 54.67 1.55
C MET N 186 26.95 55.23 1.16
N LYS N 187 26.45 56.21 1.93
CA LYS N 187 25.13 56.73 1.62
C LYS N 187 25.13 57.46 0.29
N ALA N 188 26.25 58.08 -0.08
CA ALA N 188 26.34 58.76 -1.36
C ALA N 188 26.53 57.80 -2.52
N ASN N 189 27.14 56.63 -2.30
CA ASN N 189 27.69 55.87 -3.41
C ASN N 189 27.21 54.43 -3.55
N VAL N 190 26.55 53.84 -2.56
CA VAL N 190 26.23 52.41 -2.55
C VAL N 190 24.72 52.21 -2.70
N PRO N 191 24.27 51.39 -3.64
CA PRO N 191 22.81 51.25 -3.86
C PRO N 191 22.07 50.68 -2.65
N GLY N 192 20.85 51.21 -2.44
CA GLY N 192 19.97 50.67 -1.43
C GLY N 192 20.31 51.07 -0.02
N MET N 193 21.26 51.98 0.17
CA MET N 193 21.62 52.43 1.50
C MET N 193 20.60 53.46 1.96
N VAL N 194 19.82 53.13 2.99
CA VAL N 194 18.68 53.98 3.34
C VAL N 194 19.06 55.05 4.35
N GLY N 195 19.89 54.71 5.33
CA GLY N 195 20.30 55.68 6.34
C GLY N 195 21.19 55.03 7.37
N TRP N 196 21.65 55.83 8.31
CA TRP N 196 22.55 55.30 9.30
C TRP N 196 22.50 56.19 10.53
N MET N 197 23.05 55.66 11.62
CA MET N 197 23.11 56.34 12.91
C MET N 197 24.29 55.74 13.67
N ILE N 198 25.10 56.59 14.32
CA ILE N 198 26.21 56.13 15.15
C ILE N 198 25.80 56.31 16.61
N MET N 199 25.80 55.23 17.39
CA MET N 199 25.35 55.25 18.77
C MET N 199 26.48 54.87 19.71
N LYS N 200 26.65 55.64 20.79
CA LYS N 200 27.71 55.46 21.78
C LYS N 200 27.11 55.10 23.12
N GLN N 201 27.51 53.95 23.67
CA GLN N 201 27.00 53.58 24.98
C GLN N 201 27.66 54.43 26.04
N PHE N 202 26.83 55.05 26.91
CA PHE N 202 27.37 55.87 27.98
C PHE N 202 26.84 55.48 29.35
N GLY N 203 26.02 54.44 29.44
CA GLY N 203 25.51 53.97 30.71
C GLY N 203 24.48 52.86 30.49
N VAL N 204 23.98 52.32 31.60
CA VAL N 204 23.03 51.21 31.57
C VAL N 204 21.92 51.44 32.58
N SER N 205 20.69 51.06 32.23
CA SER N 205 19.60 51.14 33.18
C SER N 205 19.57 49.86 34.02
N ALA N 206 19.64 50.00 35.34
CA ALA N 206 19.56 48.83 36.22
C ALA N 206 18.16 48.24 36.19
N ILE N 207 17.14 49.08 36.38
CA ILE N 207 15.76 48.60 36.37
C ILE N 207 15.41 47.99 35.02
N GLY N 208 15.78 48.67 33.94
CA GLY N 208 15.50 48.11 32.61
C GLY N 208 16.24 46.82 32.31
N SER N 209 17.36 46.57 32.99
CA SER N 209 18.11 45.33 32.84
C SER N 209 17.74 44.30 33.88
N PHE N 210 16.67 44.56 34.65
CA PHE N 210 16.20 43.61 35.65
C PHE N 210 17.31 43.28 36.65
N GLN N 211 18.13 44.28 36.97
CA GLN N 211 19.20 44.14 37.94
C GLN N 211 18.75 44.85 39.23
N LEU N 212 18.06 44.11 40.09
CA LEU N 212 17.51 44.65 41.32
C LEU N 212 18.49 44.46 42.48
N ASP N 213 18.13 45.00 43.62
CA ASP N 213 18.81 44.70 44.88
C ASP N 213 18.63 43.21 45.18
N PRO N 214 19.41 42.63 46.10
CA PRO N 214 19.28 41.18 46.32
C PRO N 214 17.90 40.74 46.76
N GLU N 215 17.24 41.49 47.63
CA GLU N 215 15.92 41.05 48.07
C GLU N 215 14.90 41.15 46.94
N GLY N 216 14.99 42.20 46.13
CA GLY N 216 14.13 42.28 44.96
C GLY N 216 14.35 41.12 43.99
N ALA N 217 15.60 40.71 43.81
CA ALA N 217 15.88 39.59 42.91
C ALA N 217 15.22 38.31 43.41
N MET N 218 15.22 38.08 44.73
CA MET N 218 14.53 36.92 45.30
C MET N 218 13.02 37.02 45.03
N LYS N 219 12.42 38.17 45.34
CA LYS N 219 10.98 38.31 45.17
C LYS N 219 10.57 38.23 43.70
N ALA N 220 11.45 38.68 42.79
CA ALA N 220 11.16 38.66 41.36
C ALA N 220 10.87 37.25 40.85
N VAL N 221 11.52 36.22 41.41
CA VAL N 221 11.20 34.85 41.01
C VAL N 221 10.29 34.14 42.01
N SER N 222 9.80 34.84 43.03
CA SER N 222 8.80 34.30 43.94
C SER N 222 7.38 34.66 43.50
N THR N 223 7.20 35.06 42.25
CA THR N 223 5.90 35.49 41.77
C THR N 223 5.81 35.11 40.31
N LEU N 224 4.59 35.04 39.80
CA LEU N 224 4.35 34.88 38.38
C LEU N 224 4.06 36.20 37.69
N GLY N 225 4.09 37.31 38.43
CA GLY N 225 3.94 38.63 37.87
C GLY N 225 3.03 39.56 38.65
N ALA N 226 2.15 38.98 39.48
CA ALA N 226 1.15 39.78 40.19
C ALA N 226 1.70 40.39 41.47
N ASN N 227 2.84 39.91 41.98
CA ASN N 227 3.41 40.37 43.24
C ASN N 227 4.85 40.82 43.03
N PRO N 228 5.03 42.03 42.50
CA PRO N 228 6.37 42.49 42.14
C PRO N 228 7.22 42.81 43.36
N PRO N 229 8.54 42.80 43.22
CA PRO N 229 9.39 43.35 44.26
C PRO N 229 9.21 44.85 44.37
N GLU N 230 9.74 45.40 45.46
CA GLU N 230 9.84 46.83 45.59
C GLU N 230 10.84 47.38 44.59
N TYR N 231 10.55 48.55 44.06
CA TYR N 231 11.48 49.25 43.19
C TYR N 231 12.77 49.51 43.96
N ASN N 232 13.85 48.85 43.59
CA ASN N 232 15.11 49.01 44.32
C ASN N 232 16.22 48.35 43.51
N THR N 233 17.43 48.87 43.67
CA THR N 233 18.59 48.36 42.93
C THR N 233 19.78 48.45 43.85
N ASN N 234 20.93 47.95 43.37
CA ASN N 234 22.17 48.16 44.11
C ASN N 234 22.62 49.60 44.10
N TYR N 235 21.95 50.46 43.34
CA TYR N 235 22.16 51.90 43.36
C TYR N 235 21.03 52.61 44.07
N GLY N 236 20.26 51.89 44.91
CA GLY N 236 19.20 52.51 45.68
C GLY N 236 17.88 52.59 44.93
N ASN N 237 16.93 53.33 45.53
CA ASN N 237 15.56 53.30 45.04
C ASN N 237 15.09 54.64 44.48
N LYS N 238 15.99 55.57 44.18
CA LYS N 238 15.59 56.86 43.63
C LYS N 238 15.58 56.82 42.10
N VAL N 239 14.86 57.76 41.50
CA VAL N 239 14.82 57.91 40.05
C VAL N 239 16.03 58.70 39.60
N HIS N 240 16.89 58.07 38.81
CA HIS N 240 18.16 58.68 38.43
C HIS N 240 18.03 59.62 37.24
N ASP N 241 18.82 60.70 37.27
CA ASP N 241 19.01 61.64 36.17
C ASP N 241 20.05 61.14 35.16
N LYS N 242 21.02 60.38 35.65
CA LYS N 242 22.11 59.78 34.91
C LYS N 242 22.03 58.27 35.05
N PRO N 243 22.51 57.51 34.07
CA PRO N 243 22.44 56.06 34.20
C PRO N 243 23.10 55.62 35.48
N PRO N 244 22.42 54.77 36.27
CA PRO N 244 23.05 54.25 37.50
C PRO N 244 24.28 53.41 37.23
N ILE N 245 24.25 52.58 36.19
CA ILE N 245 25.35 51.68 35.87
C ILE N 245 26.24 52.39 34.85
N PRO N 246 27.55 52.46 35.09
CA PRO N 246 28.46 53.15 34.16
C PRO N 246 28.49 52.48 32.79
N GLY N 247 28.75 53.27 31.75
CA GLY N 247 29.02 52.68 30.45
C GLY N 247 30.23 51.76 30.52
N GLN N 248 30.20 50.69 29.73
CA GLN N 248 31.30 49.75 29.73
C GLN N 248 32.54 50.35 29.08
N THR N 249 33.71 49.87 29.50
CA THR N 249 34.94 50.10 28.75
C THR N 249 35.57 48.76 28.38
N PRO N 250 36.23 48.66 27.20
CA PRO N 250 36.35 49.72 26.16
C PRO N 250 34.97 50.18 25.65
N THR N 251 34.89 51.44 25.26
CA THR N 251 33.62 52.03 24.84
C THR N 251 32.95 51.24 23.72
N GLN N 252 31.67 50.95 23.91
CA GLN N 252 30.89 50.30 22.87
C GLN N 252 30.22 51.33 21.96
N TYR N 253 30.36 51.14 20.65
CA TYR N 253 29.60 51.88 19.65
C TYR N 253 28.81 50.88 18.84
N LEU N 254 27.53 51.18 18.61
CA LEU N 254 26.69 50.42 17.69
C LEU N 254 26.46 51.27 16.45
N VAL N 255 26.76 50.73 15.29
CA VAL N 255 26.52 51.41 14.03
C VAL N 255 25.24 50.84 13.41
N HIS N 256 24.19 51.67 13.36
CA HIS N 256 22.88 51.29 12.87
C HIS N 256 22.79 51.71 11.40
N ILE N 257 22.65 50.74 10.49
CA ILE N 257 22.56 51.06 9.07
C ILE N 257 21.30 50.43 8.50
N GLU N 258 20.53 51.21 7.75
CA GLU N 258 19.31 50.73 7.13
C GLU N 258 19.53 50.52 5.64
N TRP N 259 18.96 49.45 5.13
CA TRP N 259 19.16 49.03 3.75
C TRP N 259 17.82 48.60 3.19
N GLU N 260 17.72 48.62 1.85
CA GLU N 260 16.49 48.22 1.20
C GLU N 260 16.12 46.77 1.50
N SER N 261 17.11 45.88 1.58
CA SER N 261 16.87 44.44 1.66
C SER N 261 18.12 43.79 2.23
N PRO N 262 18.03 42.53 2.66
CA PRO N 262 19.24 41.83 3.15
C PRO N 262 20.34 41.73 2.11
N GLU N 263 20.00 41.51 0.84
CA GLU N 263 21.02 41.42 -0.20
C GLU N 263 21.73 42.76 -0.37
N HIS N 264 20.99 43.89 -0.35
CA HIS N 264 21.64 45.20 -0.44
C HIS N 264 22.54 45.45 0.76
N ALA N 265 22.11 45.03 1.95
CA ALA N 265 22.95 45.19 3.13
C ALA N 265 24.21 44.36 3.01
N HIS N 266 24.06 43.12 2.56
CA HIS N 266 25.20 42.22 2.48
C HIS N 266 26.22 42.74 1.47
N GLN N 267 25.77 43.00 0.26
CA GLN N 267 26.66 43.55 -0.76
C GLN N 267 27.15 44.93 -0.37
N GLY N 268 26.29 45.74 0.25
CA GLY N 268 26.66 47.11 0.58
C GLY N 268 27.76 47.19 1.63
N LEU N 269 27.60 46.44 2.74
CA LEU N 269 28.67 46.39 3.74
C LEU N 269 29.97 45.89 3.15
N GLY N 270 29.89 45.00 2.16
CA GLY N 270 31.10 44.48 1.53
C GLY N 270 31.94 45.53 0.82
N HIS N 271 31.38 46.71 0.56
CA HIS N 271 32.13 47.76 -0.12
C HIS N 271 33.33 48.25 0.70
N VAL N 272 33.31 48.10 2.03
CA VAL N 272 34.48 48.47 2.82
C VAL N 272 35.67 47.57 2.55
N MET N 273 35.47 46.49 1.79
CA MET N 273 36.54 45.62 1.37
C MET N 273 36.80 45.62 -0.13
N VAL N 274 35.79 45.89 -0.98
CA VAL N 274 35.98 45.71 -2.41
C VAL N 274 35.96 47.04 -3.16
N ASP N 275 35.91 48.15 -2.47
CA ASP N 275 36.12 49.45 -3.09
C ASP N 275 37.38 50.04 -2.49
N TYR N 276 38.38 50.31 -3.34
CA TYR N 276 39.70 50.72 -2.84
C TYR N 276 39.57 51.96 -1.97
N GLU N 277 38.84 52.96 -2.46
CA GLU N 277 38.73 54.22 -1.75
C GLU N 277 38.00 54.06 -0.41
N LEU N 278 36.85 53.40 -0.40
CA LEU N 278 36.16 53.21 0.88
C LEU N 278 36.99 52.34 1.81
N ARG N 279 37.71 51.37 1.26
CA ARG N 279 38.57 50.52 2.09
C ARG N 279 39.60 51.34 2.87
N GLN N 280 40.22 52.35 2.23
CA GLN N 280 41.17 53.17 2.98
C GLN N 280 40.47 53.96 4.07
N ILE N 281 39.28 54.51 3.76
CA ILE N 281 38.53 55.28 4.76
C ILE N 281 38.20 54.43 5.96
N HIS N 282 37.70 53.22 5.72
CA HIS N 282 37.26 52.35 6.81
C HIS N 282 38.45 51.76 7.56
N ASN N 283 39.50 51.33 6.84
CA ASN N 283 40.67 50.80 7.51
C ASN N 283 41.27 51.82 8.46
N ASN N 284 41.49 53.04 7.97
CA ASN N 284 42.14 54.05 8.80
C ASN N 284 41.19 54.71 9.77
N GLY N 285 39.90 54.84 9.43
CA GLY N 285 38.97 55.56 10.28
C GLY N 285 38.23 54.69 11.28
N VAL N 286 38.14 53.38 11.04
CA VAL N 286 37.38 52.49 11.93
C VAL N 286 38.27 51.35 12.42
N LEU N 287 38.78 50.52 11.51
CA LEU N 287 39.49 49.31 11.93
C LEU N 287 40.72 49.64 12.78
N ALA N 288 41.40 50.75 12.48
CA ALA N 288 42.60 51.11 13.22
C ALA N 288 42.30 51.43 14.68
N HIS N 289 41.03 51.61 15.05
CA HIS N 289 40.70 52.09 16.38
C HIS N 289 39.97 51.08 17.24
N LEU N 290 39.89 49.81 16.81
CA LEU N 290 39.03 48.83 17.47
C LEU N 290 39.81 47.92 18.39
N ASP N 291 39.27 47.69 19.59
CA ASP N 291 39.63 46.53 20.39
C ASP N 291 38.82 45.31 20.00
N LYS N 292 37.57 45.49 19.55
CA LYS N 292 36.71 44.37 19.22
C LYS N 292 35.82 44.74 18.05
N GLY N 293 35.59 43.77 17.16
CA GLY N 293 34.69 43.97 16.06
C GLY N 293 35.43 44.30 14.79
N PRO N 294 34.71 44.75 13.75
CA PRO N 294 33.26 44.95 13.77
C PRO N 294 32.50 43.64 13.65
N TYR N 295 31.30 43.57 14.22
CA TYR N 295 30.42 42.40 14.06
C TYR N 295 29.04 42.90 13.69
N TYR N 296 28.52 42.48 12.54
CA TYR N 296 27.26 42.99 12.03
C TYR N 296 26.15 41.95 12.13
N MET N 297 25.10 42.27 12.89
CA MET N 297 23.88 41.49 13.00
C MET N 297 22.79 42.07 12.10
N PHE N 298 22.05 41.20 11.40
CA PHE N 298 20.94 41.61 10.54
C PHE N 298 19.63 41.51 11.33
N PHE N 299 18.78 42.52 11.17
CA PHE N 299 17.51 42.61 11.86
C PHE N 299 16.39 43.00 10.91
N SER N 300 15.19 42.58 11.29
CA SER N 300 13.98 43.04 10.64
C SER N 300 13.20 43.93 11.59
N PRO N 301 12.82 45.13 11.19
CA PRO N 301 12.01 46.00 12.08
C PRO N 301 10.57 45.52 12.08
N MET N 302 10.15 44.91 13.19
CA MET N 302 8.80 44.32 13.27
C MET N 302 7.73 45.39 13.47
N MET N 303 7.87 46.21 14.51
CA MET N 303 7.00 47.33 14.78
C MET N 303 7.87 48.56 14.94
N GLU N 304 7.36 49.69 14.51
CA GLU N 304 8.08 50.95 14.63
C GLU N 304 7.10 52.03 14.97
N GLN N 305 7.49 52.89 15.90
CA GLN N 305 6.84 54.18 16.06
C GLN N 305 7.95 55.19 15.78
N GLY N 306 7.98 55.71 14.55
CA GLY N 306 9.15 56.39 14.04
C GLY N 306 9.14 57.91 14.11
N LEU N 307 8.23 58.51 14.89
CA LEU N 307 8.20 59.97 14.91
C LEU N 307 9.48 60.59 15.50
N TRP N 308 10.21 59.86 16.34
CA TRP N 308 11.48 60.37 16.88
C TRP N 308 12.45 60.74 15.76
N ARG N 309 12.40 60.06 14.63
CA ARG N 309 13.32 60.37 13.55
C ARG N 309 13.10 61.77 13.00
N LYS N 310 11.85 62.26 13.07
CA LYS N 310 11.51 63.54 12.46
C LYS N 310 12.23 64.70 13.12
N HIS N 311 12.61 64.58 14.38
CA HIS N 311 13.38 65.62 15.04
C HIS N 311 14.71 65.04 15.54
N LEU N 312 15.60 64.78 14.59
CA LEU N 312 17.01 64.49 14.79
C LEU N 312 17.78 65.63 14.12
N LYS N 313 19.10 65.46 14.00
CA LYS N 313 20.02 66.45 13.40
C LYS N 313 20.03 67.67 14.29
N ASN O 5 -40.62 43.40 41.00
N ASN O 5 -41.10 44.31 39.43
CA ASN O 5 -40.29 43.40 39.57
CA ASN O 5 -40.31 43.26 38.79
C ASN O 5 -38.77 43.60 39.30
C ASN O 5 -38.82 43.58 38.81
N PRO O 6 -38.01 42.55 38.98
CA PRO O 6 -36.54 42.74 38.91
C PRO O 6 -36.09 43.26 37.55
N ILE O 7 -34.85 43.80 37.52
CA ILE O 7 -34.22 44.27 36.29
C ILE O 7 -33.18 43.25 35.86
N ILE O 8 -32.99 43.14 34.55
CA ILE O 8 -32.06 42.18 33.95
C ILE O 8 -30.96 42.93 33.24
N ALA O 9 -29.72 42.70 33.65
CA ALA O 9 -28.56 43.16 32.89
C ALA O 9 -28.15 42.03 31.95
N ILE O 10 -28.07 42.34 30.66
CA ILE O 10 -27.69 41.35 29.65
C ILE O 10 -26.34 41.73 29.08
N ASN O 11 -25.32 40.98 29.50
CA ASN O 11 -23.99 41.16 28.97
C ASN O 11 -23.92 40.47 27.61
N MET O 12 -23.78 41.26 26.54
CA MET O 12 -23.78 40.75 25.17
C MET O 12 -22.36 40.78 24.62
N ALA O 13 -21.87 39.63 24.16
CA ALA O 13 -20.56 39.55 23.53
C ALA O 13 -20.65 38.60 22.34
N LYS O 14 -19.69 38.69 21.43
CA LYS O 14 -19.53 37.72 20.36
C LYS O 14 -18.15 37.09 20.52
N ILE O 15 -18.11 35.77 20.63
CA ILE O 15 -16.86 35.09 20.98
C ILE O 15 -16.46 34.12 19.89
N ALA O 16 -15.17 33.83 19.85
CA ALA O 16 -14.63 32.92 18.85
C ALA O 16 -15.20 31.52 19.08
N ASN O 17 -15.58 30.87 17.99
CA ASN O 17 -16.12 29.51 18.03
C ASN O 17 -14.98 28.56 17.78
N LYS O 18 -14.26 28.25 18.84
CA LYS O 18 -13.11 27.36 18.77
C LYS O 18 -12.95 26.71 20.14
N PRO O 19 -12.27 25.54 20.20
CA PRO O 19 -12.21 24.78 21.46
C PRO O 19 -11.73 25.58 22.66
N ASP O 20 -10.74 26.47 22.49
CA ASP O 20 -10.25 27.26 23.61
C ASP O 20 -11.35 28.10 24.25
N SER O 21 -12.31 28.60 23.45
CA SER O 21 -13.37 29.43 24.03
C SER O 21 -14.26 28.63 24.97
N TYR O 22 -14.62 27.40 24.57
CA TYR O 22 -15.38 26.55 25.48
C TYR O 22 -14.58 26.24 26.73
N GLU O 23 -13.26 26.09 26.59
CA GLU O 23 -12.40 25.83 27.74
C GLU O 23 -12.42 26.97 28.74
N THR O 24 -12.22 28.22 28.27
CA THR O 24 -12.19 29.33 29.20
C THR O 24 -13.56 29.61 29.80
N MET O 25 -14.65 29.24 29.11
CA MET O 25 -15.97 29.46 29.68
C MET O 25 -16.24 28.56 30.89
N MET O 26 -15.73 27.32 30.90
CA MET O 26 -15.92 26.48 32.08
C MET O 26 -14.86 26.76 33.15
N LYS O 27 -13.77 27.40 32.79
CA LYS O 27 -12.72 27.73 33.75
C LYS O 27 -12.94 29.08 34.42
N VAL O 28 -13.33 30.10 33.67
CA VAL O 28 -13.46 31.46 34.20
C VAL O 28 -14.92 31.83 34.49
N GLY O 29 -15.86 31.35 33.66
CA GLY O 29 -17.28 31.65 33.80
C GLY O 29 -17.86 31.49 35.19
N PRO O 30 -17.71 30.30 35.78
CA PRO O 30 -18.17 30.12 37.17
C PRO O 30 -17.58 31.13 38.14
N LYS O 31 -16.32 31.52 37.96
CA LYS O 31 -15.68 32.43 38.92
C LYS O 31 -16.34 33.81 38.92
N VAL O 32 -16.76 34.29 37.75
CA VAL O 32 -17.45 35.57 37.64
C VAL O 32 -18.80 35.51 38.35
N CSS O 33 -19.52 34.40 38.13
CA CSS O 33 -20.79 34.22 38.76
CB CSS O 33 -21.44 32.97 38.27
SG CSS O 33 -21.87 33.20 36.56
SD CSS O 33 -22.74 35.01 36.34
C CSS O 33 -20.60 34.18 40.25
O CSS O 33 -21.46 34.68 40.99
N ILE O 34 -19.49 33.62 40.73
CA ILE O 34 -19.24 33.55 42.17
C ILE O 34 -19.02 34.95 42.74
N THR O 35 -18.25 35.74 42.00
CA THR O 35 -18.05 37.13 42.39
C THR O 35 -19.37 37.90 42.43
N THR O 36 -20.19 37.70 41.39
CA THR O 36 -21.48 38.38 41.30
C THR O 36 -22.39 38.03 42.49
N ALA O 37 -22.40 36.76 42.90
CA ALA O 37 -23.28 36.31 43.96
C ALA O 37 -22.83 36.76 45.35
N SER O 38 -21.77 37.55 45.45
CA SER O 38 -21.43 38.15 46.73
C SER O 38 -22.38 39.28 47.12
N HIS O 39 -23.20 39.74 46.20
CA HIS O 39 -24.00 40.93 46.48
C HIS O 39 -25.44 40.55 46.84
N PRO O 40 -26.00 41.12 47.90
CA PRO O 40 -27.35 40.70 48.34
C PRO O 40 -28.47 41.06 47.38
N GLY O 41 -28.26 41.97 46.43
CA GLY O 41 -29.25 42.24 45.42
C GLY O 41 -29.24 41.30 44.23
N PHE O 42 -28.34 40.33 44.23
CA PHE O 42 -28.21 39.41 43.09
C PHE O 42 -29.24 38.30 43.18
N LEU O 43 -30.03 38.13 42.12
CA LEU O 43 -31.13 37.18 42.15
C LEU O 43 -30.93 35.94 41.29
N GLY O 44 -30.02 35.97 40.33
CA GLY O 44 -29.77 34.80 39.51
C GLY O 44 -29.17 35.18 38.17
N PHE O 45 -28.90 34.15 37.37
CA PHE O 45 -28.26 34.37 36.08
C PHE O 45 -28.70 33.33 35.07
N GLU O 46 -28.47 33.67 33.79
CA GLU O 46 -28.69 32.80 32.65
C GLU O 46 -27.49 32.95 31.72
N GLN O 47 -26.78 31.86 31.48
CA GLN O 47 -25.67 31.86 30.53
C GLN O 47 -26.17 31.27 29.21
N LEU O 48 -26.31 32.11 28.18
CA LEU O 48 -26.87 31.69 26.90
C LEU O 48 -25.80 31.74 25.80
N LEU O 49 -25.63 30.64 25.11
CA LEU O 49 -24.71 30.53 23.99
C LEU O 49 -25.52 30.38 22.71
N GLN O 50 -25.22 31.21 21.71
CA GLN O 50 -25.96 31.16 20.47
C GLN O 50 -25.71 29.87 19.70
N THR O 51 -26.79 29.27 19.21
CA THR O 51 -26.68 28.07 18.39
C THR O 51 -27.10 28.29 16.95
N GLY O 52 -27.78 29.39 16.66
CA GLY O 52 -28.25 29.67 15.31
C GLY O 52 -29.23 30.83 15.32
N ILE O 53 -30.05 30.88 14.27
CA ILE O 53 -31.05 31.93 14.06
C ILE O 53 -32.30 31.31 13.46
N HIS O 54 -33.38 32.11 13.42
CA HIS O 54 -34.55 31.73 12.65
C HIS O 54 -34.44 32.29 11.25
N PRO O 55 -34.37 31.47 10.20
CA PRO O 55 -34.25 32.00 8.83
C PRO O 55 -35.51 32.72 8.36
N MET O 56 -36.64 32.56 9.04
CA MET O 56 -37.88 33.30 8.78
C MET O 56 -38.26 33.22 7.30
N ALA O 57 -38.40 31.98 6.83
CA ALA O 57 -38.87 31.65 5.49
C ALA O 57 -37.99 32.27 4.42
N GLY O 58 -36.68 32.34 4.68
CA GLY O 58 -35.73 32.83 3.70
C GLY O 58 -35.37 34.29 3.86
N ARG O 59 -36.02 35.03 4.75
CA ARG O 59 -35.62 36.40 5.00
C ARG O 59 -34.17 36.49 5.46
N TYR O 60 -33.69 35.48 6.19
CA TYR O 60 -32.27 35.33 6.51
C TYR O 60 -31.78 33.99 6.01
N GLY O 61 -31.85 33.78 4.68
CA GLY O 61 -31.60 32.49 4.09
C GLY O 61 -30.17 31.99 4.19
N GLY O 62 -29.22 32.88 4.53
CA GLY O 62 -27.86 32.43 4.76
C GLY O 62 -27.62 31.77 6.11
N GLY O 63 -28.56 31.92 7.05
CA GLY O 63 -28.45 31.31 8.35
C GLY O 63 -29.28 30.04 8.46
N ALA O 64 -29.28 29.48 9.67
CA ALA O 64 -29.99 28.23 9.91
C ALA O 64 -30.30 28.12 11.40
N VAL O 65 -31.29 27.28 11.71
CA VAL O 65 -31.60 27.00 13.10
C VAL O 65 -30.36 26.51 13.83
N ASP O 66 -29.62 25.60 13.21
CA ASP O 66 -28.44 25.01 13.82
C ASP O 66 -27.22 25.50 13.04
N MET O 67 -26.51 26.47 13.62
CA MET O 67 -25.26 26.96 13.06
C MET O 67 -24.08 26.67 14.00
N ARG O 68 -24.20 25.68 14.88
CA ARG O 68 -23.20 25.47 15.93
C ARG O 68 -21.83 25.17 15.37
N GLU O 69 -21.74 24.54 14.20
CA GLU O 69 -20.44 24.20 13.61
C GLU O 69 -19.83 25.35 12.82
N THR O 70 -20.62 26.34 12.41
CA THR O 70 -20.14 27.34 11.46
C THR O 70 -20.15 28.77 11.98
N LEU O 71 -20.93 29.07 13.02
CA LEU O 71 -21.04 30.43 13.51
C LEU O 71 -19.73 30.86 14.16
N ASN O 72 -19.13 31.93 13.64
CA ASN O 72 -17.91 32.49 14.25
C ASN O 72 -17.73 33.96 13.86
N PRO O 73 -17.88 34.91 14.81
CA PRO O 73 -18.09 34.66 16.24
C PRO O 73 -19.50 34.19 16.53
N MET O 74 -19.69 33.66 17.74
CA MET O 74 -21.00 33.27 18.19
C MET O 74 -21.43 34.17 19.34
N GLY O 75 -22.73 34.46 19.36
CA GLY O 75 -23.26 35.28 20.44
C GLY O 75 -23.19 34.56 21.78
N MET O 76 -22.90 35.32 22.82
CA MET O 76 -22.90 34.82 24.19
C MET O 76 -23.58 35.86 25.05
N PHE O 77 -24.76 35.55 25.55
CA PHE O 77 -25.54 36.47 26.36
C PHE O 77 -25.55 35.99 27.79
N GLN O 78 -25.16 36.86 28.72
CA GLN O 78 -25.19 36.57 30.15
C GLN O 78 -26.23 37.47 30.81
N TYR O 79 -27.36 36.87 31.22
CA TYR O 79 -28.32 37.56 32.07
C TYR O 79 -27.80 37.56 33.51
N THR O 80 -27.75 38.72 34.14
CA THR O 80 -27.70 38.76 35.59
C THR O 80 -28.90 39.54 36.06
N VAL O 81 -29.58 39.02 37.09
CA VAL O 81 -30.88 39.53 37.52
C VAL O 81 -30.71 40.15 38.90
N TRP O 82 -31.26 41.34 39.07
CA TRP O 82 -30.92 42.21 40.19
C TRP O 82 -32.17 42.84 40.76
N LYS O 83 -32.12 43.12 42.06
CA LYS O 83 -33.20 43.86 42.69
C LYS O 83 -33.34 45.24 42.07
N ASP O 84 -32.25 45.85 41.66
CA ASP O 84 -32.26 47.20 41.09
C ASP O 84 -30.93 47.45 40.40
N VAL O 85 -30.89 48.56 39.65
CA VAL O 85 -29.68 48.95 38.94
C VAL O 85 -28.54 49.18 39.92
N HIS O 86 -28.82 49.83 41.04
CA HIS O 86 -27.77 50.17 42.00
C HIS O 86 -27.04 48.94 42.51
N SER O 87 -27.77 47.84 42.74
CA SER O 87 -27.13 46.61 43.20
C SER O 87 -26.10 46.13 42.20
N HIS O 88 -26.45 46.16 40.92
CA HIS O 88 -25.51 45.71 39.89
C HIS O 88 -24.30 46.61 39.82
N GLU O 89 -24.53 47.91 39.80
CA GLU O 89 -23.43 48.87 39.74
C GLU O 89 -22.56 48.79 40.99
N GLU O 90 -23.19 48.60 42.16
CA GLU O 90 -22.41 48.49 43.39
C GLU O 90 -21.57 47.22 43.38
N MET O 91 -22.13 46.10 42.92
CA MET O 91 -21.37 44.85 42.82
C MET O 91 -20.15 45.04 41.93
N HIS O 92 -20.34 45.62 40.74
CA HIS O 92 -19.24 45.88 39.83
C HIS O 92 -18.19 46.75 40.47
N HIS O 93 -18.63 47.74 41.25
CA HIS O 93 -17.66 48.61 41.91
C HIS O 93 -16.89 47.86 42.99
N ASP O 94 -17.60 47.15 43.86
CA ASP O 94 -16.98 46.48 45.00
C ASP O 94 -16.05 45.36 44.56
N ASN O 95 -16.26 44.79 43.38
CA ASN O 95 -15.48 43.68 42.89
C ASN O 95 -14.73 44.06 41.61
N PHE O 96 -14.42 45.34 41.45
CA PHE O 96 -13.88 45.80 40.19
C PHE O 96 -12.56 45.11 39.85
N LYS O 97 -11.64 45.02 40.83
CA LYS O 97 -10.35 44.39 40.59
C LYS O 97 -10.52 42.95 40.18
N GLU O 98 -11.40 42.22 40.89
CA GLU O 98 -11.51 40.79 40.64
C GLU O 98 -12.22 40.52 39.33
N ILE O 99 -13.27 41.30 39.03
CA ILE O 99 -13.94 41.16 37.74
C ILE O 99 -13.00 41.50 36.61
N PHE O 100 -12.19 42.55 36.78
CA PHE O 100 -11.24 42.91 35.74
C PHE O 100 -10.24 41.77 35.50
N GLU O 101 -9.71 41.19 36.59
CA GLU O 101 -8.78 40.07 36.44
C GLU O 101 -9.42 38.91 35.69
N LEU O 102 -10.65 38.57 36.06
CA LEU O 102 -11.33 37.43 35.46
C LEU O 102 -11.67 37.70 34.00
N CSS O 103 -12.21 38.88 33.70
CA CSS O 103 -12.62 39.13 32.34
CB CSS O 103 -13.57 40.29 32.26
SG CSS O 103 -15.18 39.77 32.82
SD CSS O 103 -15.71 38.02 31.96
C CSS O 103 -11.41 39.36 31.46
O CSS O 103 -11.50 39.14 30.23
N SER O 104 -10.26 39.78 32.02
CA SER O 104 -9.03 39.89 31.22
C SER O 104 -8.66 38.57 30.55
N GLY O 105 -8.88 37.45 31.24
CA GLY O 105 -8.69 36.16 30.60
C GLY O 105 -9.68 35.95 29.46
N CYS O 106 -10.92 36.40 29.65
CA CYS O 106 -11.95 36.18 28.65
C CYS O 106 -11.76 36.99 27.39
N LEU O 107 -11.05 38.13 27.44
CA LEU O 107 -10.93 38.95 26.25
C LEU O 107 -10.16 38.24 25.12
N GLY O 108 -9.37 37.23 25.46
CA GLY O 108 -8.68 36.47 24.43
C GLY O 108 -9.60 35.70 23.50
N MET O 109 -10.90 35.62 23.83
CA MET O 109 -11.88 34.99 22.96
C MET O 109 -12.94 35.95 22.44
N VAL O 110 -12.88 37.23 22.82
CA VAL O 110 -13.90 38.22 22.47
C VAL O 110 -13.57 38.80 21.10
N ILE O 111 -14.57 38.79 20.22
CA ILE O 111 -14.45 39.39 18.90
C ILE O 111 -15.23 40.68 18.90
N GLU O 112 -16.32 40.72 19.69
CA GLU O 112 -17.12 41.93 19.78
C GLU O 112 -17.78 41.98 21.14
N GLY O 113 -17.95 43.20 21.66
CA GLY O 113 -18.50 43.40 22.99
C GLY O 113 -17.41 43.48 24.02
N PRO O 114 -17.78 43.45 25.32
CA PRO O 114 -19.14 43.35 25.83
C PRO O 114 -19.90 44.65 25.78
N TRP O 115 -21.22 44.53 25.65
CA TRP O 115 -22.14 45.64 25.76
C TRP O 115 -23.22 45.16 26.71
N GLU O 116 -23.48 45.90 27.79
CA GLU O 116 -24.35 45.41 28.86
C GLU O 116 -25.52 46.36 29.11
N PRO O 117 -26.59 46.26 28.34
CA PRO O 117 -27.77 47.09 28.61
C PRO O 117 -28.58 46.52 29.78
N TYR O 118 -29.35 47.42 30.38
CA TYR O 118 -30.32 47.13 31.41
C TYR O 118 -31.71 46.99 30.80
N PHE O 119 -32.46 46.00 31.24
CA PHE O 119 -33.78 45.71 30.72
C PHE O 119 -34.81 45.66 31.84
N GLU O 120 -35.97 46.24 31.57
CA GLU O 120 -37.13 46.11 32.43
C GLU O 120 -37.93 44.92 31.91
N VAL O 121 -38.40 44.09 32.82
CA VAL O 121 -39.27 42.98 32.44
C VAL O 121 -40.68 43.58 32.34
N VAL O 122 -41.13 43.87 31.12
CA VAL O 122 -42.43 44.52 30.92
C VAL O 122 -43.56 43.56 31.26
N LYS O 123 -43.47 42.32 30.79
CA LYS O 123 -44.48 41.34 31.12
C LYS O 123 -43.82 39.97 30.91
N SER O 124 -44.35 38.97 31.60
CA SER O 124 -43.75 37.65 31.49
C SER O 124 -44.76 36.58 31.85
N ASP O 125 -44.51 35.38 31.34
CA ASP O 125 -45.16 34.15 31.73
C ASP O 125 -44.06 33.07 31.69
N LEU O 126 -43.22 33.05 32.73
CA LEU O 126 -42.02 32.21 32.76
C LEU O 126 -42.12 31.16 33.85
N PRO O 127 -42.09 29.88 33.52
CA PRO O 127 -42.11 28.85 34.56
C PRO O 127 -40.76 28.75 35.26
N GLN O 128 -40.83 28.16 36.46
CA GLN O 128 -39.64 27.75 37.19
C GLN O 128 -38.91 26.67 36.39
N ILE O 129 -37.60 26.67 36.45
CA ILE O 129 -36.90 25.58 35.79
C ILE O 129 -36.85 24.38 36.73
N MET O 130 -36.81 23.19 36.15
CA MET O 130 -36.87 21.94 36.89
C MET O 130 -36.19 20.87 36.04
N SER O 131 -36.14 19.66 36.57
CA SER O 131 -35.66 18.53 35.80
C SER O 131 -36.77 17.50 35.69
N MET O 132 -36.55 16.51 34.82
CA MET O 132 -37.52 15.44 34.62
C MET O 132 -37.92 14.76 35.92
N THR O 133 -36.93 14.42 36.77
CA THR O 133 -37.25 13.73 37.99
C THR O 133 -37.98 14.61 39.00
N ASP O 134 -38.12 15.91 38.72
CA ASP O 134 -38.94 16.80 39.55
C ASP O 134 -40.41 16.84 39.14
N VAL O 135 -40.72 16.39 37.93
CA VAL O 135 -42.02 16.65 37.32
C VAL O 135 -43.16 15.96 38.07
N PRO O 136 -43.06 14.69 38.46
CA PRO O 136 -44.18 14.10 39.23
C PRO O 136 -44.49 14.90 40.49
N GLN O 137 -43.48 15.38 41.19
CA GLN O 137 -43.73 16.13 42.43
C GLN O 137 -44.34 17.50 42.13
N VAL O 138 -43.86 18.16 41.08
CA VAL O 138 -44.47 19.42 40.67
C VAL O 138 -45.93 19.20 40.29
N LEU O 139 -46.21 18.11 39.59
CA LEU O 139 -47.58 17.78 39.25
C LEU O 139 -48.41 17.60 40.51
N GLY O 140 -47.92 16.79 41.46
CA GLY O 140 -48.65 16.59 42.70
C GLY O 140 -48.81 17.87 43.49
N ASP O 141 -47.75 18.68 43.56
CA ASP O 141 -47.80 19.93 44.31
C ASP O 141 -48.78 20.91 43.68
N SER O 142 -48.88 20.90 42.35
CA SER O 142 -49.85 21.75 41.68
C SER O 142 -51.28 21.37 42.07
N PHE O 143 -51.58 20.07 42.10
CA PHE O 143 -52.92 19.67 42.50
C PHE O 143 -53.19 20.03 43.96
N ALA O 144 -52.20 19.81 44.83
CA ALA O 144 -52.36 20.15 46.24
C ALA O 144 -52.70 21.63 46.40
N LYS O 145 -51.97 22.50 45.71
CA LYS O 145 -52.20 23.93 45.79
C LYS O 145 -53.36 24.40 44.91
N GLN O 146 -54.11 23.47 44.30
CA GLN O 146 -55.21 23.82 43.39
C GLN O 146 -54.72 24.75 42.27
N GLU O 147 -53.45 24.65 41.91
CA GLU O 147 -52.85 25.52 40.92
C GLU O 147 -52.66 24.80 39.59
N ARG O 148 -52.46 25.61 38.56
CA ARG O 148 -52.25 25.06 37.23
C ARG O 148 -50.84 24.48 37.11
N VAL O 149 -50.74 23.31 36.49
CA VAL O 149 -49.42 22.71 36.26
C VAL O 149 -48.68 23.54 35.20
N PRO O 150 -47.44 23.93 35.44
CA PRO O 150 -46.73 24.75 34.47
C PRO O 150 -46.24 23.94 33.27
N LYS O 151 -45.87 24.69 32.23
CA LYS O 151 -45.03 24.09 31.20
C LYS O 151 -43.73 23.65 31.83
N VAL O 152 -43.18 22.55 31.32
CA VAL O 152 -41.95 21.98 31.86
C VAL O 152 -40.76 22.69 31.21
N ALA O 153 -40.02 23.47 32.01
CA ALA O 153 -38.80 24.17 31.58
C ALA O 153 -37.60 23.40 32.11
N LEU O 154 -37.01 22.55 31.28
CA LEU O 154 -35.93 21.68 31.74
C LEU O 154 -34.64 22.47 31.90
N SER O 155 -34.07 22.41 33.11
CA SER O 155 -32.84 23.10 33.45
C SER O 155 -31.72 22.75 32.47
N SER O 156 -31.15 23.80 31.84
CA SER O 156 -30.04 23.65 30.88
C SER O 156 -30.34 22.62 29.80
N GLN O 157 -31.61 22.41 29.46
CA GLN O 157 -32.01 21.38 28.48
C GLN O 157 -33.25 21.85 27.68
N ARG O 158 -33.18 23.03 27.09
CA ARG O 158 -34.27 23.53 26.26
C ARG O 158 -33.70 24.65 25.40
N THR O 159 -34.56 25.27 24.60
CA THR O 159 -34.12 26.30 23.66
C THR O 159 -34.65 27.65 24.11
N VAL O 160 -33.78 28.66 24.11
CA VAL O 160 -34.14 30.03 24.40
C VAL O 160 -33.98 30.82 23.11
N VAL O 161 -35.02 31.54 22.73
CA VAL O 161 -34.98 32.36 21.52
C VAL O 161 -35.15 33.80 21.93
N ILE O 162 -34.38 34.69 21.32
CA ILE O 162 -34.47 36.11 21.61
C ILE O 162 -34.76 36.86 20.31
N GLY O 163 -35.90 37.54 20.27
CA GLY O 163 -36.29 38.34 19.14
C GLY O 163 -36.03 39.81 19.39
N ASP O 164 -35.17 40.38 18.56
CA ASP O 164 -34.74 41.76 18.66
C ASP O 164 -35.72 42.64 17.88
N HIS O 165 -36.32 43.62 18.57
CA HIS O 165 -37.28 44.56 17.97
C HIS O 165 -36.85 45.98 18.31
N TRP O 166 -36.81 46.86 17.29
CA TRP O 166 -36.70 48.30 17.52
C TRP O 166 -38.08 48.90 17.23
N VAL O 167 -38.63 49.61 18.19
CA VAL O 167 -40.01 50.09 18.14
C VAL O 167 -40.05 51.58 17.79
N MET O 168 -40.95 51.94 16.89
CA MET O 168 -41.12 53.33 16.48
C MET O 168 -41.42 54.23 17.68
N ASP O 169 -40.79 55.40 17.70
CA ASP O 169 -41.05 56.42 18.70
C ASP O 169 -42.56 56.64 18.85
N GLY O 170 -43.05 56.52 20.08
CA GLY O 170 -44.46 56.68 20.36
C GLY O 170 -45.30 55.42 20.23
N HIS O 171 -44.73 54.33 19.75
CA HIS O 171 -45.50 53.10 19.60
C HIS O 171 -45.23 52.10 20.71
N GLU O 172 -44.50 52.50 21.76
CA GLU O 172 -44.01 51.56 22.76
C GLU O 172 -45.17 50.81 23.43
N LYS O 173 -46.18 51.54 23.88
CA LYS O 173 -47.27 50.86 24.61
C LYS O 173 -48.05 49.93 23.69
N ALA O 174 -48.32 50.37 22.45
CA ALA O 174 -48.99 49.51 21.48
C ALA O 174 -48.18 48.25 21.21
N PHE O 175 -46.85 48.38 21.06
CA PHE O 175 -46.03 47.17 20.88
C PHE O 175 -46.16 46.22 22.06
N GLU O 176 -46.06 46.75 23.29
CA GLU O 176 -46.10 45.89 24.48
C GLU O 176 -47.41 45.11 24.54
N GLN O 177 -48.52 45.77 24.25
CA GLN O 177 -49.82 45.09 24.26
C GLN O 177 -49.93 44.08 23.13
N GLY O 178 -49.45 44.44 21.93
CA GLY O 178 -49.49 43.50 20.82
C GLY O 178 -48.57 42.31 21.01
N ALA O 179 -47.35 42.55 21.51
CA ALA O 179 -46.47 41.42 21.81
C ALA O 179 -47.06 40.55 22.91
N THR O 180 -47.66 41.17 23.93
CA THR O 180 -48.30 40.39 25.00
C THR O 180 -49.39 39.49 24.41
N GLU O 181 -50.27 40.05 23.58
CA GLU O 181 -51.36 39.25 23.02
C GLU O 181 -50.81 38.16 22.12
N THR O 182 -49.78 38.47 21.34
CA THR O 182 -49.14 37.47 20.50
C THR O 182 -48.62 36.30 21.32
N LEU O 183 -47.88 36.60 22.39
CA LEU O 183 -47.20 35.55 23.15
C LEU O 183 -48.20 34.72 23.95
N GLU O 184 -49.25 35.37 24.48
CA GLU O 184 -50.28 34.62 25.20
C GLU O 184 -51.00 33.66 24.25
N TRP O 185 -51.26 34.10 23.02
CA TRP O 185 -51.85 33.20 22.03
C TRP O 185 -50.93 32.01 21.76
N MET O 186 -49.64 32.29 21.55
CA MET O 186 -48.71 31.20 21.27
C MET O 186 -48.60 30.26 22.46
N LYS O 187 -48.55 30.79 23.67
CA LYS O 187 -48.42 29.90 24.82
C LYS O 187 -49.67 29.04 25.01
N ALA O 188 -50.85 29.56 24.63
CA ALA O 188 -52.05 28.75 24.73
C ALA O 188 -52.19 27.73 23.61
N ASN O 189 -51.59 27.98 22.45
CA ASN O 189 -52.00 27.23 21.26
C ASN O 189 -50.90 26.51 20.50
N VAL O 190 -49.63 26.75 20.77
CA VAL O 190 -48.53 26.25 19.95
C VAL O 190 -47.76 25.20 20.74
N PRO O 191 -47.52 24.01 20.19
CA PRO O 191 -46.85 22.95 20.96
C PRO O 191 -45.42 23.35 21.33
N GLY O 192 -45.00 22.95 22.54
CA GLY O 192 -43.62 23.10 22.96
C GLY O 192 -43.25 24.49 23.44
N MET O 193 -44.23 25.38 23.56
CA MET O 193 -44.04 26.74 24.01
C MET O 193 -43.91 26.73 25.53
N VAL O 194 -42.72 27.04 26.03
CA VAL O 194 -42.47 26.87 27.44
C VAL O 194 -42.77 28.14 28.23
N GLY O 195 -42.38 29.30 27.73
CA GLY O 195 -42.63 30.54 28.46
C GLY O 195 -42.06 31.69 27.67
N TRP O 196 -42.31 32.89 28.17
CA TRP O 196 -41.89 34.07 27.43
C TRP O 196 -41.70 35.23 28.39
N MET O 197 -41.05 36.27 27.88
CA MET O 197 -40.75 37.46 28.67
C MET O 197 -40.53 38.59 27.69
N ILE O 198 -41.12 39.75 27.97
CA ILE O 198 -40.89 40.94 27.17
C ILE O 198 -39.97 41.85 27.96
N MET O 199 -38.82 42.20 27.38
CA MET O 199 -37.80 43.00 28.04
C MET O 199 -37.57 44.31 27.26
N LYS O 200 -37.49 45.42 27.99
CA LYS O 200 -37.34 46.75 27.40
C LYS O 200 -36.00 47.36 27.84
N GLN O 201 -35.14 47.69 26.88
CA GLN O 201 -33.89 48.36 27.24
C GLN O 201 -34.16 49.80 27.68
N PHE O 202 -33.67 50.17 28.87
CA PHE O 202 -33.83 51.53 29.38
C PHE O 202 -32.51 52.16 29.80
N GLY O 203 -31.39 51.49 29.58
CA GLY O 203 -30.09 52.06 29.89
C GLY O 203 -29.00 51.04 29.69
N VAL O 204 -27.76 51.50 29.89
CA VAL O 204 -26.58 50.66 29.71
C VAL O 204 -25.63 50.91 30.87
N SER O 205 -24.96 49.83 31.33
CA SER O 205 -23.91 49.94 32.33
C SER O 205 -22.59 50.28 31.64
N ALA O 206 -21.96 51.39 32.04
CA ALA O 206 -20.67 51.74 31.46
C ALA O 206 -19.59 50.77 31.92
N ILE O 207 -19.51 50.52 33.23
CA ILE O 207 -18.51 49.59 33.74
C ILE O 207 -18.71 48.20 33.14
N GLY O 208 -19.97 47.73 33.10
CA GLY O 208 -20.23 46.40 32.56
C GLY O 208 -19.93 46.25 31.09
N SER O 209 -19.93 47.36 30.36
CA SER O 209 -19.60 47.35 28.94
C SER O 209 -18.13 47.64 28.72
N PHE O 210 -17.33 47.66 29.79
CA PHE O 210 -15.90 47.94 29.70
C PHE O 210 -15.65 49.31 29.05
N GLN O 211 -16.53 50.27 29.30
CA GLN O 211 -16.42 51.60 28.70
C GLN O 211 -15.89 52.52 29.78
N LEU O 212 -14.58 52.62 29.87
CA LEU O 212 -13.94 53.38 30.93
C LEU O 212 -13.63 54.80 30.48
N ASP O 213 -13.15 55.61 31.41
CA ASP O 213 -12.57 56.89 31.04
C ASP O 213 -11.30 56.64 30.22
N PRO O 214 -10.80 57.67 29.52
CA PRO O 214 -9.65 57.43 28.61
C PRO O 214 -8.41 56.89 29.27
N GLU O 215 -8.04 57.39 30.46
CA GLU O 215 -6.85 56.85 31.11
C GLU O 215 -7.08 55.42 31.56
N GLY O 216 -8.28 55.12 32.06
CA GLY O 216 -8.60 53.75 32.41
C GLY O 216 -8.53 52.81 31.21
N ALA O 217 -9.00 53.28 30.06
CA ALA O 217 -8.92 52.47 28.84
C ALA O 217 -7.46 52.15 28.50
N MET O 218 -6.56 53.14 28.64
CA MET O 218 -5.14 52.90 28.41
C MET O 218 -4.59 51.86 29.37
N LYS O 219 -4.86 52.01 30.67
CA LYS O 219 -4.35 51.04 31.63
C LYS O 219 -4.93 49.65 31.43
N ALA O 220 -6.18 49.56 30.95
CA ALA O 220 -6.82 48.26 30.78
C ALA O 220 -6.03 47.34 29.83
N VAL O 221 -5.35 47.90 28.83
CA VAL O 221 -4.55 47.08 27.93
C VAL O 221 -3.06 47.17 28.27
N SER O 222 -2.69 47.84 29.35
CA SER O 222 -1.32 47.86 29.85
C SER O 222 -1.08 46.79 30.92
N THR O 223 -1.96 45.80 31.01
CA THR O 223 -1.91 44.78 32.05
C THR O 223 -2.50 43.51 31.46
N LEU O 224 -2.15 42.38 32.07
CA LEU O 224 -2.76 41.10 31.76
C LEU O 224 -3.87 40.75 32.73
N GLY O 225 -4.17 41.63 33.68
CA GLY O 225 -5.26 41.39 34.59
C GLY O 225 -4.90 41.72 36.02
N ALA O 226 -3.59 41.76 36.31
CA ALA O 226 -3.14 41.94 37.69
C ALA O 226 -3.08 43.39 38.15
N ASN O 227 -3.05 44.35 37.24
CA ASN O 227 -2.93 45.76 37.60
C ASN O 227 -4.07 46.54 36.97
N PRO O 228 -5.24 46.49 37.56
CA PRO O 228 -6.43 47.07 36.95
C PRO O 228 -6.37 48.58 36.94
N PRO O 229 -7.10 49.24 36.05
CA PRO O 229 -7.27 50.68 36.15
C PRO O 229 -8.09 51.03 37.38
N GLU O 230 -8.09 52.31 37.73
CA GLU O 230 -9.01 52.82 38.73
C GLU O 230 -10.43 52.75 38.20
N TYR O 231 -11.38 52.50 39.11
CA TYR O 231 -12.80 52.57 38.76
C TYR O 231 -13.19 53.99 38.32
N ASN O 232 -13.55 54.16 37.06
CA ASN O 232 -13.89 55.49 36.56
C ASN O 232 -14.48 55.33 35.16
N THR O 233 -15.34 56.26 34.76
CA THR O 233 -15.99 56.23 33.46
C THR O 233 -16.07 57.64 32.93
N ASN O 234 -16.61 57.78 31.72
CA ASN O 234 -16.93 59.12 31.23
C ASN O 234 -18.11 59.73 31.99
N TYR O 235 -18.75 58.98 32.88
CA TYR O 235 -19.75 59.50 33.80
C TYR O 235 -19.23 59.58 35.23
N GLY O 236 -17.91 59.63 35.40
CA GLY O 236 -17.35 59.73 36.71
C GLY O 236 -17.16 58.38 37.36
N ASN O 237 -16.79 58.44 38.65
CA ASN O 237 -16.36 57.24 39.38
C ASN O 237 -17.30 56.91 40.53
N LYS O 238 -18.50 57.45 40.53
CA LYS O 238 -19.49 57.17 41.56
C LYS O 238 -20.34 55.98 41.17
N VAL O 239 -20.94 55.34 42.18
CA VAL O 239 -21.86 54.21 41.96
C VAL O 239 -23.25 54.76 41.66
N HIS O 240 -23.75 54.47 40.46
CA HIS O 240 -25.00 55.06 39.97
C HIS O 240 -26.20 54.26 40.43
N ASP O 241 -27.28 55.00 40.74
CA ASP O 241 -28.61 54.45 41.02
C ASP O 241 -29.40 54.17 39.76
N LYS O 242 -29.12 54.91 38.70
CA LYS O 242 -29.74 54.83 37.40
C LYS O 242 -28.66 54.52 36.39
N PRO O 243 -28.98 53.87 35.27
CA PRO O 243 -27.95 53.55 34.29
C PRO O 243 -27.24 54.81 33.86
N PRO O 244 -25.90 54.80 33.86
CA PRO O 244 -25.17 56.00 33.41
C PRO O 244 -25.37 56.29 31.93
N ILE O 245 -25.42 55.25 31.10
CA ILE O 245 -25.59 55.44 29.66
C ILE O 245 -27.08 55.33 29.35
N PRO O 246 -27.64 56.30 28.63
CA PRO O 246 -29.07 56.23 28.31
C PRO O 246 -29.38 55.02 27.45
N GLY O 247 -30.62 54.53 27.57
CA GLY O 247 -31.11 53.53 26.65
C GLY O 247 -31.12 54.07 25.22
N GLN O 248 -30.89 53.18 24.27
CA GLN O 248 -30.88 53.62 22.89
C GLN O 248 -32.29 54.00 22.43
N THR O 249 -32.34 54.87 21.42
CA THR O 249 -33.53 55.07 20.61
C THR O 249 -33.20 54.77 19.16
N PRO O 250 -34.14 54.19 18.38
CA PRO O 250 -35.47 53.71 18.82
C PRO O 250 -35.37 52.63 19.90
N THR O 251 -36.38 52.61 20.76
CA THR O 251 -36.39 51.71 21.91
C THR O 251 -36.25 50.27 21.46
N GLN O 252 -35.31 49.56 22.07
CA GLN O 252 -35.12 48.15 21.79
C GLN O 252 -35.95 47.32 22.77
N TYR O 253 -36.70 46.36 22.23
CA TYR O 253 -37.34 45.33 23.04
C TYR O 253 -36.77 43.99 22.62
N LEU O 254 -36.41 43.18 23.60
CA LEU O 254 -36.01 41.80 23.38
C LEU O 254 -37.14 40.89 23.84
N VAL O 255 -37.64 40.07 22.91
CA VAL O 255 -38.68 39.09 23.22
C VAL O 255 -38.01 37.75 23.44
N HIS O 256 -38.03 37.31 24.70
CA HIS O 256 -37.40 36.09 25.18
C HIS O 256 -38.47 34.99 25.22
N ILE O 257 -38.29 33.94 24.40
CA ILE O 257 -39.26 32.84 24.32
C ILE O 257 -38.54 31.52 24.51
N GLU O 258 -39.05 30.68 25.41
CA GLU O 258 -38.44 29.38 25.66
C GLU O 258 -39.28 28.30 24.99
N TRP O 259 -38.58 27.31 24.44
CA TRP O 259 -39.17 26.24 23.65
C TRP O 259 -38.53 24.93 24.06
N GLU O 260 -39.27 23.85 23.80
CA GLU O 260 -38.78 22.53 24.14
C GLU O 260 -37.48 22.22 23.42
N SER O 261 -37.37 22.63 22.16
CA SER O 261 -36.26 22.22 21.31
C SER O 261 -36.14 23.22 20.18
N PRO O 262 -35.02 23.20 19.43
CA PRO O 262 -34.92 24.12 18.29
C PRO O 262 -36.02 23.91 17.26
N GLU O 263 -36.42 22.67 17.02
CA GLU O 263 -37.46 22.41 16.03
C GLU O 263 -38.79 23.00 16.47
N HIS O 264 -39.13 22.87 17.74
CA HIS O 264 -40.35 23.47 18.23
C HIS O 264 -40.27 24.99 18.13
N ALA O 265 -39.09 25.55 18.39
CA ALA O 265 -38.91 26.99 18.27
C ALA O 265 -39.09 27.41 16.82
N HIS O 266 -38.48 26.67 15.90
CA HIS O 266 -38.54 27.03 14.49
C HIS O 266 -39.98 26.97 13.98
N GLN O 267 -40.63 25.83 14.18
CA GLN O 267 -42.01 25.67 13.75
C GLN O 267 -42.95 26.58 14.54
N GLY O 268 -42.68 26.79 15.84
CA GLY O 268 -43.59 27.59 16.66
C GLY O 268 -43.61 29.06 16.27
N LEU O 269 -42.42 29.66 16.13
CA LEU O 269 -42.33 31.04 15.69
C LEU O 269 -42.97 31.23 14.33
N GLY O 270 -42.94 30.19 13.50
CA GLY O 270 -43.56 30.27 12.17
C GLY O 270 -45.07 30.45 12.20
N HIS O 271 -45.72 30.20 13.35
CA HIS O 271 -47.17 30.34 13.43
C HIS O 271 -47.63 31.79 13.20
N VAL O 272 -46.78 32.78 13.49
CA VAL O 272 -47.18 34.16 13.21
C VAL O 272 -47.33 34.42 11.72
N MET O 273 -46.94 33.46 10.88
CA MET O 273 -47.12 33.58 9.43
C MET O 273 -48.10 32.58 8.86
N VAL O 274 -48.25 31.41 9.49
CA VAL O 274 -49.05 30.32 8.91
C VAL O 274 -50.33 30.05 9.69
N ASP O 275 -50.63 30.81 10.73
CA ASP O 275 -51.94 30.76 11.35
C ASP O 275 -52.62 32.11 11.11
N TYR O 276 -53.78 32.08 10.44
CA TYR O 276 -54.42 33.33 10.03
C TYR O 276 -54.68 34.23 11.22
N GLU O 277 -55.24 33.64 12.29
CA GLU O 277 -55.63 34.42 13.45
C GLU O 277 -54.42 35.03 14.14
N LEU O 278 -53.39 34.21 14.41
CA LEU O 278 -52.20 34.74 15.05
C LEU O 278 -51.53 35.77 14.16
N ARG O 279 -51.57 35.53 12.84
CA ARG O 279 -50.99 36.45 11.86
C ARG O 279 -51.59 37.85 11.97
N GLN O 280 -52.92 37.92 12.13
CA GLN O 280 -53.55 39.23 12.28
C GLN O 280 -53.10 39.91 13.57
N ILE O 281 -53.06 39.14 14.66
CA ILE O 281 -52.61 39.70 15.95
C ILE O 281 -51.19 40.22 15.84
N HIS O 282 -50.29 39.42 15.25
CA HIS O 282 -48.88 39.80 15.20
C HIS O 282 -48.64 40.92 14.20
N ASN O 283 -49.29 40.87 13.03
CA ASN O 283 -49.11 41.94 12.05
C ASN O 283 -49.52 43.28 12.62
N ASN O 284 -50.71 43.36 13.23
CA ASN O 284 -51.23 44.63 13.71
C ASN O 284 -50.63 45.04 15.05
N GLY O 285 -50.30 44.07 15.90
CA GLY O 285 -49.85 44.39 17.23
C GLY O 285 -48.35 44.50 17.39
N VAL O 286 -47.59 43.92 16.47
CA VAL O 286 -46.13 43.86 16.61
C VAL O 286 -45.46 44.48 15.38
N LEU O 287 -45.70 43.90 14.20
CA LEU O 287 -44.96 44.35 13.01
C LEU O 287 -45.26 45.81 12.66
N ALA O 288 -46.51 46.25 12.87
CA ALA O 288 -46.85 47.64 12.51
C ALA O 288 -46.11 48.68 13.32
N HIS O 289 -45.42 48.28 14.38
CA HIS O 289 -44.83 49.25 15.29
C HIS O 289 -43.30 49.23 15.24
N LEU O 290 -42.72 48.55 14.27
CA LEU O 290 -41.28 48.33 14.27
C LEU O 290 -40.56 49.28 13.32
N ASP O 291 -39.45 49.84 13.79
CA ASP O 291 -38.42 50.38 12.92
C ASP O 291 -37.46 49.31 12.44
N LYS O 292 -37.21 48.28 13.24
CA LYS O 292 -36.24 47.25 12.90
C LYS O 292 -36.70 45.91 13.45
N GLY O 293 -36.45 44.85 12.68
CA GLY O 293 -36.75 43.50 13.14
C GLY O 293 -38.07 43.00 12.60
N PRO O 294 -38.56 41.89 13.14
CA PRO O 294 -37.91 41.12 14.20
C PRO O 294 -36.76 40.22 13.70
N TYR O 295 -35.77 40.00 14.56
CA TYR O 295 -34.68 39.08 14.25
C TYR O 295 -34.53 38.13 15.44
N TYR O 296 -34.61 36.83 15.17
CA TYR O 296 -34.62 35.83 16.23
C TYR O 296 -33.32 35.04 16.22
N MET O 297 -32.56 35.16 17.31
CA MET O 297 -31.37 34.35 17.57
C MET O 297 -31.74 33.17 18.47
N PHE O 298 -31.18 32.00 18.18
CA PHE O 298 -31.38 30.79 18.96
C PHE O 298 -30.22 30.58 19.94
N PHE O 299 -30.55 30.22 21.19
CA PHE O 299 -29.54 30.01 22.22
C PHE O 299 -29.76 28.71 22.95
N SER O 300 -28.67 28.19 23.51
CA SER O 300 -28.76 27.13 24.47
C SER O 300 -28.37 27.66 25.84
N PRO O 301 -29.18 27.44 26.87
CA PRO O 301 -28.80 27.84 28.23
C PRO O 301 -27.77 26.87 28.80
N MET O 302 -26.51 27.30 28.87
CA MET O 302 -25.45 26.41 29.30
C MET O 302 -25.45 26.22 30.81
N MET O 303 -25.64 27.30 31.56
CA MET O 303 -25.72 27.30 33.01
C MET O 303 -26.84 28.24 33.41
N GLU O 304 -27.57 27.89 34.46
CA GLU O 304 -28.67 28.72 34.93
C GLU O 304 -28.66 28.68 36.45
N GLN O 305 -28.87 29.83 37.05
CA GLN O 305 -29.24 29.94 38.45
C GLN O 305 -30.59 30.64 38.39
N GLY O 306 -31.66 29.85 38.45
CA GLY O 306 -32.98 30.29 38.05
C GLY O 306 -33.93 30.73 39.14
N LEU O 307 -33.44 30.99 40.36
CA LEU O 307 -34.36 31.37 41.43
C LEU O 307 -35.05 32.72 41.19
N TRP O 308 -34.46 33.59 40.37
CA TRP O 308 -35.09 34.86 40.04
C TRP O 308 -36.48 34.67 39.42
N ARG O 309 -36.71 33.56 38.73
CA ARG O 309 -38.02 33.34 38.13
C ARG O 309 -39.12 33.26 39.17
N LYS O 310 -38.78 32.79 40.37
CA LYS O 310 -39.75 32.51 41.42
C LYS O 310 -40.45 33.76 41.91
N HIS O 311 -39.85 34.95 41.75
CA HIS O 311 -40.53 36.18 42.11
C HIS O 311 -40.58 37.09 40.87
N LEU O 312 -41.46 36.73 39.94
CA LEU O 312 -41.85 37.60 38.84
C LEU O 312 -43.34 37.91 39.01
N LYS O 313 -44.01 38.33 37.94
CA LYS O 313 -45.44 38.70 37.98
C LYS O 313 -45.67 39.68 39.10
N GLU P 4 -67.58 22.45 14.91
CA GLU P 4 -67.67 22.72 13.47
C GLU P 4 -67.02 21.59 12.67
N ASN P 5 -67.40 21.45 11.40
CA ASN P 5 -66.81 20.43 10.52
CA ASN P 5 -66.76 20.45 10.55
C ASN P 5 -66.20 21.10 9.30
N PRO P 6 -64.90 21.19 9.20
CA PRO P 6 -64.26 21.81 8.04
C PRO P 6 -64.10 20.83 6.90
N ILE P 7 -63.72 21.38 5.76
CA ILE P 7 -63.40 20.62 4.55
C ILE P 7 -61.88 20.49 4.50
N ILE P 8 -61.39 19.36 4.01
CA ILE P 8 -59.95 19.15 3.88
C ILE P 8 -59.64 18.96 2.42
N ALA P 9 -58.79 19.83 1.89
CA ALA P 9 -58.19 19.62 0.57
C ALA P 9 -56.87 18.89 0.78
N ILE P 10 -56.70 17.78 0.07
CA ILE P 10 -55.46 17.00 0.17
C ILE P 10 -54.77 17.07 -1.18
N ASN P 11 -53.69 17.83 -1.22
CA ASN P 11 -52.85 17.91 -2.40
C ASN P 11 -51.95 16.67 -2.42
N MET P 12 -52.16 15.79 -3.39
CA MET P 12 -51.44 14.53 -3.45
C MET P 12 -50.40 14.60 -4.57
N ALA P 13 -49.15 14.32 -4.23
CA ALA P 13 -48.09 14.30 -5.21
C ALA P 13 -47.14 13.16 -4.91
N LYS P 14 -46.39 12.76 -5.93
CA LYS P 14 -45.28 11.83 -5.80
C LYS P 14 -44.02 12.55 -6.26
N ILE P 15 -43.02 12.63 -5.38
CA ILE P 15 -41.84 13.42 -5.62
C ILE P 15 -40.60 12.54 -5.58
N ALA P 16 -39.53 13.04 -6.21
CA ALA P 16 -38.26 12.34 -6.23
C ALA P 16 -37.67 12.26 -4.84
N ASN P 17 -37.17 11.08 -4.49
CA ASN P 17 -36.56 10.82 -3.17
C ASN P 17 -35.06 11.04 -3.31
N LYS P 18 -34.65 12.29 -3.17
CA LYS P 18 -33.24 12.63 -3.26
C LYS P 18 -33.02 13.95 -2.51
N PRO P 19 -31.78 14.24 -2.09
CA PRO P 19 -31.55 15.43 -1.23
C PRO P 19 -32.13 16.73 -1.78
N ASP P 20 -32.11 16.92 -3.11
CA ASP P 20 -32.64 18.14 -3.70
C ASP P 20 -34.11 18.34 -3.34
N SER P 21 -34.87 17.25 -3.26
CA SER P 21 -36.30 17.37 -2.95
C SER P 21 -36.52 17.85 -1.52
N TYR P 22 -35.74 17.32 -0.57
CA TYR P 22 -35.84 17.82 0.79
C TYR P 22 -35.40 19.27 0.87
N GLU P 23 -34.43 19.64 0.03
CA GLU P 23 -33.98 21.02 -0.04
C GLU P 23 -35.08 21.98 -0.48
N THR P 24 -35.76 21.67 -1.61
CA THR P 24 -36.81 22.57 -2.06
C THR P 24 -38.04 22.52 -1.16
N MET P 25 -38.26 21.41 -0.44
CA MET P 25 -39.39 21.34 0.49
C MET P 25 -39.22 22.25 1.69
N MET P 26 -37.98 22.46 2.15
CA MET P 26 -37.77 23.36 3.28
C MET P 26 -37.64 24.82 2.85
N LYS P 27 -37.32 25.08 1.58
CA LYS P 27 -37.18 26.46 1.11
C LYS P 27 -38.48 27.03 0.54
N VAL P 28 -39.23 26.22 -0.20
CA VAL P 28 -40.42 26.70 -0.90
C VAL P 28 -41.69 26.36 -0.15
N GLY P 29 -41.71 25.19 0.50
CA GLY P 29 -42.85 24.71 1.24
C GLY P 29 -43.46 25.72 2.20
N PRO P 30 -42.65 26.29 3.11
CA PRO P 30 -43.19 27.33 4.01
C PRO P 30 -43.82 28.49 3.25
N LYS P 31 -43.24 28.87 2.10
CA LYS P 31 -43.75 30.02 1.36
C LYS P 31 -45.16 29.79 0.85
N VAL P 32 -45.48 28.56 0.45
CA VAL P 32 -46.82 28.22 0.01
C VAL P 32 -47.80 28.36 1.18
N CSS P 33 -47.42 27.82 2.35
CA CSS P 33 -48.26 27.90 3.53
CB CSS P 33 -47.65 27.12 4.65
SG CSS P 33 -47.67 25.39 4.25
SD CSS P 33 -49.53 24.93 3.61
C CSS P 33 -48.48 29.33 3.95
O CSS P 33 -49.60 29.68 4.44
N ILE P 34 -47.48 30.18 3.78
CA ILE P 34 -47.60 31.59 4.13
C ILE P 34 -48.61 32.26 3.21
N THR P 35 -48.56 31.90 1.92
CA THR P 35 -49.53 32.39 0.95
C THR P 35 -50.94 31.94 1.33
N THR P 36 -51.07 30.65 1.65
CA THR P 36 -52.36 30.09 2.02
C THR P 36 -52.94 30.76 3.25
N ALA P 37 -52.12 31.03 4.25
CA ALA P 37 -52.64 31.59 5.51
C ALA P 37 -53.02 33.06 5.40
N SER P 38 -52.97 33.64 4.22
CA SER P 38 -53.48 34.98 4.03
C SER P 38 -55.01 35.05 4.05
N HIS P 39 -55.70 33.89 3.97
CA HIS P 39 -57.15 33.84 3.79
C HIS P 39 -57.86 33.54 5.09
N PRO P 40 -58.93 34.29 5.40
CA PRO P 40 -59.60 34.13 6.70
C PRO P 40 -60.31 32.78 6.87
N GLY P 41 -60.58 32.06 5.79
CA GLY P 41 -61.15 30.73 5.92
C GLY P 41 -60.17 29.61 6.16
N PHE P 42 -58.86 29.90 6.20
CA PHE P 42 -57.82 28.87 6.34
C PHE P 42 -57.63 28.49 7.81
N LEU P 43 -57.73 27.18 8.10
CA LEU P 43 -57.76 26.70 9.47
C LEU P 43 -56.52 25.93 9.91
N GLY P 44 -55.71 25.46 8.99
CA GLY P 44 -54.51 24.73 9.36
C GLY P 44 -54.08 23.81 8.25
N PHE P 45 -52.97 23.11 8.50
CA PHE P 45 -52.44 22.23 7.47
C PHE P 45 -51.70 21.07 8.11
N GLU P 46 -51.49 20.03 7.29
CA GLU P 46 -50.68 18.87 7.63
C GLU P 46 -49.79 18.55 6.44
N GLN P 47 -48.48 18.60 6.64
CA GLN P 47 -47.54 18.20 5.59
C GLN P 47 -47.07 16.78 5.89
N LEU P 48 -47.48 15.82 5.06
CA LEU P 48 -47.21 14.40 5.27
C LEU P 48 -46.26 13.86 4.21
N LEU P 49 -45.17 13.24 4.64
CA LEU P 49 -44.21 12.61 3.74
C LEU P 49 -44.26 11.10 3.92
N GLN P 50 -44.42 10.37 2.80
CA GLN P 50 -44.56 8.92 2.89
C GLN P 50 -43.27 8.26 3.36
N THR P 51 -43.37 7.33 4.32
CA THR P 51 -42.21 6.60 4.79
C THR P 51 -42.27 5.13 4.48
N GLY P 52 -43.44 4.61 4.09
CA GLY P 52 -43.57 3.19 3.77
C GLY P 52 -45.03 2.83 3.58
N ILE P 53 -45.31 1.53 3.71
CA ILE P 53 -46.67 1.01 3.58
C ILE P 53 -46.84 -0.08 4.62
N HIS P 54 -48.09 -0.53 4.81
CA HIS P 54 -48.34 -1.73 5.58
C HIS P 54 -48.35 -2.93 4.63
N PRO P 55 -47.42 -3.88 4.76
CA PRO P 55 -47.42 -5.04 3.86
C PRO P 55 -48.62 -5.96 4.03
N MET P 56 -49.36 -5.82 5.13
CA MET P 56 -50.60 -6.57 5.38
C MET P 56 -50.35 -8.07 5.21
N ALA P 57 -49.39 -8.58 6.00
CA ALA P 57 -49.13 -10.01 6.09
C ALA P 57 -48.76 -10.62 4.75
N GLY P 58 -48.04 -9.85 3.92
CA GLY P 58 -47.52 -10.35 2.66
C GLY P 58 -48.35 -9.99 1.45
N ARG P 59 -49.54 -9.39 1.63
CA ARG P 59 -50.35 -8.93 0.50
C ARG P 59 -49.63 -7.89 -0.35
N TYR P 60 -48.81 -7.06 0.27
CA TYR P 60 -47.92 -6.20 -0.49
C TYR P 60 -46.50 -6.50 -0.07
N GLY P 61 -46.07 -7.74 -0.36
CA GLY P 61 -44.79 -8.21 0.16
C GLY P 61 -43.58 -7.50 -0.40
N GLY P 62 -43.74 -6.76 -1.50
CA GLY P 62 -42.63 -5.98 -2.02
C GLY P 62 -42.34 -4.71 -1.26
N GLY P 63 -43.26 -4.26 -0.42
CA GLY P 63 -43.06 -3.06 0.36
C GLY P 63 -42.69 -3.37 1.80
N ALA P 64 -42.59 -2.30 2.60
CA ALA P 64 -42.21 -2.42 4.00
C ALA P 64 -42.71 -1.20 4.75
N VAL P 65 -42.81 -1.35 6.07
CA VAL P 65 -43.15 -0.22 6.93
C VAL P 65 -42.18 0.93 6.72
N ASP P 66 -40.88 0.62 6.67
CA ASP P 66 -39.85 1.65 6.48
C ASP P 66 -39.24 1.47 5.10
N MET P 67 -39.69 2.30 4.15
CA MET P 67 -39.13 2.34 2.80
C MET P 67 -38.41 3.66 2.55
N ARG P 68 -38.00 4.35 3.62
CA ARG P 68 -37.50 5.71 3.46
C ARG P 68 -36.30 5.77 2.53
N GLU P 69 -35.52 4.68 2.47
CA GLU P 69 -34.32 4.66 1.64
C GLU P 69 -34.58 4.29 0.19
N THR P 70 -35.66 3.57 -0.09
CA THR P 70 -35.84 2.94 -1.40
C THR P 70 -37.03 3.47 -2.17
N LEU P 71 -37.98 4.12 -1.51
CA LEU P 71 -39.17 4.60 -2.19
C LEU P 71 -38.81 5.75 -3.14
N ASN P 72 -39.10 5.58 -4.43
CA ASN P 72 -38.91 6.69 -5.39
C ASN P 72 -39.81 6.47 -6.60
N PRO P 73 -40.85 7.29 -6.80
CA PRO P 73 -41.18 8.48 -6.00
C PRO P 73 -41.74 8.14 -4.63
N MET P 74 -41.79 9.14 -3.76
CA MET P 74 -42.43 8.99 -2.46
C MET P 74 -43.65 9.90 -2.41
N GLY P 75 -44.70 9.41 -1.75
CA GLY P 75 -45.92 10.18 -1.63
C GLY P 75 -45.71 11.42 -0.76
N MET P 76 -46.37 12.49 -1.16
CA MET P 76 -46.33 13.71 -0.37
C MET P 76 -47.75 14.28 -0.38
N PHE P 77 -48.40 14.25 0.78
CA PHE P 77 -49.77 14.72 0.95
C PHE P 77 -49.75 15.99 1.79
N GLN P 78 -50.36 17.04 1.28
CA GLN P 78 -50.50 18.30 2.03
C GLN P 78 -51.98 18.52 2.29
N TYR P 79 -52.39 18.36 3.55
CA TYR P 79 -53.74 18.75 3.95
C TYR P 79 -53.78 20.26 4.12
N THR P 80 -54.76 20.92 3.52
CA THR P 80 -55.12 22.25 3.97
C THR P 80 -56.59 22.19 4.39
N VAL P 81 -56.89 22.80 5.53
CA VAL P 81 -58.18 22.67 6.18
C VAL P 81 -58.91 24.01 6.11
N TRP P 82 -60.18 23.98 5.71
CA TRP P 82 -60.86 25.20 5.30
C TRP P 82 -62.27 25.26 5.89
N LYS P 83 -62.77 26.47 6.10
CA LYS P 83 -64.17 26.63 6.49
C LYS P 83 -65.10 26.06 5.44
N ASP P 84 -64.73 26.18 4.16
CA ASP P 84 -65.59 25.72 3.09
C ASP P 84 -64.77 25.67 1.80
N VAL P 85 -65.37 25.06 0.78
CA VAL P 85 -64.70 24.96 -0.52
C VAL P 85 -64.39 26.34 -1.08
N HIS P 86 -65.32 27.28 -0.93
CA HIS P 86 -65.14 28.60 -1.55
C HIS P 86 -63.88 29.29 -1.05
N SER P 87 -63.57 29.16 0.25
CA SER P 87 -62.39 29.80 0.80
C SER P 87 -61.12 29.29 0.11
N HIS P 88 -61.02 27.99 -0.08
CA HIS P 88 -59.85 27.43 -0.74
C HIS P 88 -59.77 27.86 -2.20
N GLU P 89 -60.89 27.78 -2.94
CA GLU P 89 -60.86 28.21 -4.33
C GLU P 89 -60.55 29.71 -4.44
N GLU P 90 -61.08 30.52 -3.52
CA GLU P 90 -60.81 31.94 -3.56
C GLU P 90 -59.35 32.23 -3.23
N MET P 91 -58.78 31.53 -2.24
CA MET P 91 -57.35 31.70 -1.95
C MET P 91 -56.51 31.37 -3.18
N HIS P 92 -56.80 30.25 -3.84
CA HIS P 92 -56.05 29.89 -5.04
C HIS P 92 -56.20 30.97 -6.10
N HIS P 93 -57.39 31.54 -6.24
CA HIS P 93 -57.59 32.60 -7.23
C HIS P 93 -56.83 33.87 -6.83
N ASP P 94 -57.02 34.33 -5.59
CA ASP P 94 -56.45 35.60 -5.18
C ASP P 94 -54.92 35.56 -5.16
N ASN P 95 -54.31 34.39 -5.02
CA ASN P 95 -52.87 34.26 -4.93
C ASN P 95 -52.32 33.41 -6.08
N PHE P 96 -53.03 33.41 -7.22
CA PHE P 96 -52.70 32.50 -8.31
C PHE P 96 -51.29 32.71 -8.83
N LYS P 97 -50.91 33.97 -9.10
CA LYS P 97 -49.58 34.27 -9.62
C LYS P 97 -48.48 33.81 -8.67
N GLU P 98 -48.64 34.08 -7.38
CA GLU P 98 -47.58 33.74 -6.44
C GLU P 98 -47.51 32.24 -6.23
N ILE P 99 -48.66 31.58 -6.12
CA ILE P 99 -48.63 30.12 -5.99
C ILE P 99 -48.03 29.49 -7.25
N PHE P 100 -48.38 30.01 -8.42
CA PHE P 100 -47.78 29.47 -9.64
C PHE P 100 -46.28 29.62 -9.63
N GLU P 101 -45.78 30.79 -9.18
CA GLU P 101 -44.34 30.99 -9.13
C GLU P 101 -43.68 29.97 -8.20
N LEU P 102 -44.25 29.75 -7.03
CA LEU P 102 -43.68 28.86 -6.04
C LEU P 102 -43.72 27.41 -6.50
N CSS P 103 -44.88 26.97 -6.94
CA CSS P 103 -45.01 25.60 -7.33
CB CSS P 103 -46.45 25.27 -7.45
SG CSS P 103 -47.08 25.10 -5.80
SD CSS P 103 -45.93 23.83 -4.74
C CSS P 103 -44.22 25.35 -8.58
O CSS P 103 -43.84 24.19 -8.86
N SER P 104 -43.92 26.40 -9.34
CA SER P 104 -43.08 26.22 -10.51
C SER P 104 -41.71 25.76 -10.09
N GLY P 105 -41.24 26.28 -8.96
CA GLY P 105 -40.00 25.76 -8.40
C GLY P 105 -40.12 24.30 -7.99
N CYS P 106 -41.29 23.92 -7.45
CA CYS P 106 -41.49 22.56 -6.93
C CYS P 106 -41.61 21.52 -8.04
N LEU P 107 -42.05 21.91 -9.24
CA LEU P 107 -42.29 20.91 -10.29
C LEU P 107 -41.01 20.20 -10.72
N GLY P 108 -39.85 20.78 -10.46
CA GLY P 108 -38.59 20.10 -10.74
C GLY P 108 -38.34 18.86 -9.92
N MET P 109 -39.17 18.59 -8.89
CA MET P 109 -39.06 17.37 -8.12
C MET P 109 -40.30 16.48 -8.23
N VAL P 110 -41.30 16.88 -9.02
CA VAL P 110 -42.58 16.18 -9.10
C VAL P 110 -42.49 15.06 -10.13
N ILE P 111 -42.91 13.86 -9.75
CA ILE P 111 -42.97 12.75 -10.68
C ILE P 111 -44.42 12.46 -11.09
N GLU P 112 -45.37 12.74 -10.20
CA GLU P 112 -46.79 12.53 -10.48
C GLU P 112 -47.60 13.52 -9.65
N GLY P 113 -48.75 13.95 -10.19
CA GLY P 113 -49.56 14.92 -9.50
C GLY P 113 -49.19 16.31 -9.94
N PRO P 114 -49.68 17.33 -9.22
CA PRO P 114 -50.55 17.20 -8.04
C PRO P 114 -51.98 16.91 -8.44
N TRP P 115 -52.69 16.24 -7.56
CA TRP P 115 -54.11 16.02 -7.65
C TRP P 115 -54.65 16.37 -6.28
N GLU P 116 -55.64 17.29 -6.22
CA GLU P 116 -56.12 17.84 -4.96
C GLU P 116 -57.62 17.63 -4.77
N PRO P 117 -58.04 16.47 -4.23
CA PRO P 117 -59.46 16.27 -3.91
C PRO P 117 -59.90 16.96 -2.62
N TYR P 118 -61.20 17.22 -2.57
CA TYR P 118 -61.86 17.75 -1.39
C TYR P 118 -62.47 16.62 -0.60
N PHE P 119 -62.30 16.66 0.71
CA PHE P 119 -62.75 15.60 1.60
C PHE P 119 -63.63 16.17 2.69
N GLU P 120 -64.69 15.45 2.96
CA GLU P 120 -65.57 15.72 4.07
C GLU P 120 -65.17 14.87 5.29
N VAL P 121 -65.12 15.51 6.46
CA VAL P 121 -64.81 14.80 7.69
C VAL P 121 -66.09 14.16 8.19
N VAL P 122 -66.27 12.86 7.90
CA VAL P 122 -67.48 12.17 8.29
C VAL P 122 -67.53 12.00 9.80
N LYS P 123 -66.43 11.58 10.40
CA LYS P 123 -66.35 11.41 11.83
C LYS P 123 -64.88 11.40 12.18
N SER P 124 -64.58 11.75 13.43
CA SER P 124 -63.20 11.85 13.87
C SER P 124 -63.14 11.68 15.37
N ASP P 125 -61.96 11.27 15.83
CA ASP P 125 -61.59 11.28 17.24
C ASP P 125 -60.10 11.65 17.20
N LEU P 126 -59.82 12.94 16.98
CA LEU P 126 -58.48 13.44 16.77
C LEU P 126 -58.12 14.38 17.90
N PRO P 127 -57.10 14.09 18.69
CA PRO P 127 -56.68 15.01 19.74
C PRO P 127 -55.88 16.17 19.18
N GLN P 128 -55.83 17.24 19.98
CA GLN P 128 -54.93 18.36 19.72
C GLN P 128 -53.47 17.88 19.76
N ILE P 129 -52.63 18.47 18.91
CA ILE P 129 -51.21 18.11 18.96
C ILE P 129 -50.53 18.93 20.05
N MET P 130 -49.48 18.36 20.62
CA MET P 130 -48.76 18.94 21.73
C MET P 130 -47.34 18.39 21.73
N SER P 131 -46.54 18.80 22.69
CA SER P 131 -45.21 18.27 22.85
C SER P 131 -45.07 17.67 24.25
N MET P 132 -43.95 16.96 24.45
CA MET P 132 -43.70 16.32 25.74
C MET P 132 -43.81 17.31 26.89
N THR P 133 -43.18 18.48 26.76
CA THR P 133 -43.17 19.43 27.87
C THR P 133 -44.55 20.05 28.12
N ASP P 134 -45.52 19.83 27.23
CA ASP P 134 -46.89 20.26 27.42
C ASP P 134 -47.73 19.25 28.20
N VAL P 135 -47.27 18.01 28.31
CA VAL P 135 -48.14 16.93 28.79
C VAL P 135 -48.57 17.14 30.23
N PRO P 136 -47.68 17.47 31.18
CA PRO P 136 -48.16 17.70 32.55
C PRO P 136 -49.24 18.76 32.65
N GLN P 137 -49.11 19.88 31.93
CA GLN P 137 -50.13 20.92 32.01
C GLN P 137 -51.45 20.46 31.36
N VAL P 138 -51.36 19.76 30.23
CA VAL P 138 -52.56 19.19 29.61
C VAL P 138 -53.23 18.21 30.57
N LEU P 139 -52.43 17.40 31.28
CA LEU P 139 -52.99 16.50 32.29
C LEU P 139 -53.68 17.28 33.39
N GLY P 140 -53.00 18.29 33.95
CA GLY P 140 -53.61 19.11 34.98
C GLY P 140 -54.85 19.84 34.50
N ASP P 141 -54.79 20.40 33.28
CA ASP P 141 -55.95 21.11 32.74
C ASP P 141 -57.14 20.17 32.57
N SER P 142 -56.87 18.91 32.20
CA SER P 142 -57.96 17.93 32.07
C SER P 142 -58.62 17.64 33.41
N PHE P 143 -57.83 17.45 34.47
CA PHE P 143 -58.43 17.21 35.78
C PHE P 143 -59.25 18.40 36.26
N ALA P 144 -58.72 19.62 36.06
CA ALA P 144 -59.44 20.81 36.48
C ALA P 144 -60.80 20.92 35.79
N LYS P 145 -60.83 20.74 34.47
CA LYS P 145 -62.06 20.82 33.71
C LYS P 145 -62.89 19.53 33.77
N GLN P 146 -62.47 18.56 34.60
CA GLN P 146 -63.17 17.27 34.72
C GLN P 146 -63.36 16.60 33.37
N GLU P 147 -62.41 16.82 32.45
CA GLU P 147 -62.48 16.27 31.12
C GLU P 147 -61.53 15.08 31.01
N ARG P 148 -61.75 14.28 29.98
CA ARG P 148 -60.90 13.12 29.79
C ARG P 148 -59.52 13.53 29.29
N VAL P 149 -58.50 12.90 29.81
CA VAL P 149 -57.15 13.15 29.29
C VAL P 149 -57.03 12.52 27.90
N PRO P 150 -56.57 13.25 26.90
CA PRO P 150 -56.46 12.69 25.55
C PRO P 150 -55.27 11.76 25.41
N LYS P 151 -55.25 11.02 24.32
CA LYS P 151 -54.01 10.42 23.83
C LYS P 151 -53.02 11.53 23.44
N VAL P 152 -51.73 11.26 23.62
CA VAL P 152 -50.69 12.27 23.33
C VAL P 152 -50.29 12.18 21.87
N ALA P 153 -50.61 13.24 21.10
CA ALA P 153 -50.25 13.34 19.69
C ALA P 153 -49.08 14.32 19.62
N LEU P 154 -47.86 13.79 19.55
CA LEU P 154 -46.68 14.65 19.59
C LEU P 154 -46.51 15.37 18.26
N SER P 155 -46.43 16.70 18.34
CA SER P 155 -46.26 17.53 17.15
C SER P 155 -45.05 17.11 16.34
N SER P 156 -45.27 16.76 15.06
CA SER P 156 -44.19 16.35 14.14
C SER P 156 -43.35 15.22 14.71
N GLN P 157 -43.93 14.35 15.53
CA GLN P 157 -43.21 13.25 16.16
C GLN P 157 -44.12 12.05 16.36
N ARG P 158 -44.80 11.62 15.30
CA ARG P 158 -45.65 10.44 15.40
C ARG P 158 -45.88 9.93 13.99
N THR P 159 -46.68 8.88 13.87
CA THR P 159 -46.93 8.25 12.58
C THR P 159 -48.37 8.50 12.16
N VAL P 160 -48.55 8.90 10.91
CA VAL P 160 -49.87 9.01 10.30
C VAL P 160 -49.96 7.93 9.23
N VAL P 161 -51.03 7.18 9.28
CA VAL P 161 -51.31 6.13 8.33
C VAL P 161 -52.60 6.51 7.61
N ILE P 162 -52.66 6.32 6.30
CA ILE P 162 -53.85 6.62 5.51
C ILE P 162 -54.26 5.36 4.79
N GLY P 163 -55.48 4.88 5.08
CA GLY P 163 -56.01 3.72 4.41
C GLY P 163 -56.97 4.15 3.31
N ASP P 164 -56.62 3.79 2.08
CA ASP P 164 -57.38 4.12 0.88
C ASP P 164 -58.44 3.07 0.66
N HIS P 165 -59.72 3.47 0.63
CA HIS P 165 -60.85 2.57 0.43
C HIS P 165 -61.75 3.11 -0.68
N TRP P 166 -62.07 2.25 -1.66
CA TRP P 166 -63.14 2.53 -2.63
C TRP P 166 -64.37 1.71 -2.26
N VAL P 167 -65.48 2.40 -2.03
CA VAL P 167 -66.66 1.78 -1.45
C VAL P 167 -67.68 1.50 -2.56
N MET P 168 -68.28 0.31 -2.49
CA MET P 168 -69.28 -0.10 -3.47
C MET P 168 -70.46 0.87 -3.49
N ASP P 169 -70.95 1.14 -4.67
CA ASP P 169 -72.11 2.01 -4.85
C ASP P 169 -73.26 1.59 -3.92
N GLY P 170 -73.73 2.54 -3.11
CA GLY P 170 -74.82 2.28 -2.20
C GLY P 170 -74.42 1.75 -0.85
N HIS P 171 -73.14 1.45 -0.63
CA HIS P 171 -72.68 0.94 0.65
C HIS P 171 -72.03 2.01 1.50
N GLU P 172 -72.14 3.28 1.09
CA GLU P 172 -71.40 4.35 1.74
C GLU P 172 -71.73 4.45 3.22
N LYS P 173 -73.02 4.40 3.56
CA LYS P 173 -73.44 4.53 4.95
C LYS P 173 -73.03 3.31 5.79
N ALA P 174 -73.18 2.10 5.24
CA ALA P 174 -72.72 0.91 5.96
C ALA P 174 -71.22 0.98 6.22
N PHE P 175 -70.44 1.42 5.22
CA PHE P 175 -69.01 1.58 5.43
C PHE P 175 -68.72 2.58 6.54
N GLU P 176 -69.39 3.73 6.53
CA GLU P 176 -69.12 4.75 7.54
C GLU P 176 -69.37 4.22 8.96
N GLN P 177 -70.47 3.48 9.16
CA GLN P 177 -70.74 2.90 10.46
C GLN P 177 -69.73 1.80 10.82
N GLY P 178 -69.39 0.95 9.87
CA GLY P 178 -68.44 -0.11 10.14
C GLY P 178 -67.04 0.40 10.42
N ALA P 179 -66.58 1.37 9.63
CA ALA P 179 -65.27 1.96 9.88
C ALA P 179 -65.26 2.67 11.22
N THR P 180 -66.33 3.40 11.55
CA THR P 180 -66.42 4.05 12.84
C THR P 180 -66.31 3.02 13.95
N GLU P 181 -67.06 1.93 13.83
CA GLU P 181 -67.02 0.89 14.86
C GLU P 181 -65.63 0.27 14.96
N THR P 182 -64.99 0.01 13.82
CA THR P 182 -63.62 -0.53 13.83
C THR P 182 -62.66 0.41 14.55
N LEU P 183 -62.71 1.70 14.21
CA LEU P 183 -61.72 2.65 14.74
C LEU P 183 -61.97 2.95 16.22
N GLU P 184 -63.23 3.01 16.63
CA GLU P 184 -63.53 3.21 18.03
C GLU P 184 -63.06 2.03 18.87
N TRP P 185 -63.23 0.81 18.36
CA TRP P 185 -62.67 -0.36 19.05
C TRP P 185 -61.16 -0.27 19.16
N MET P 186 -60.50 0.09 18.06
CA MET P 186 -59.05 0.20 18.08
C MET P 186 -58.60 1.25 19.07
N LYS P 187 -59.28 2.40 19.10
CA LYS P 187 -58.83 3.46 20.02
C LYS P 187 -59.04 3.06 21.47
N ALA P 188 -60.04 2.23 21.74
CA ALA P 188 -60.26 1.77 23.12
C ALA P 188 -59.29 0.67 23.54
N ASN P 189 -58.77 -0.13 22.60
CA ASN P 189 -58.15 -1.41 22.96
C ASN P 189 -56.74 -1.64 22.44
N VAL P 190 -56.22 -0.82 21.53
CA VAL P 190 -54.97 -1.11 20.85
C VAL P 190 -53.93 -0.11 21.32
N PRO P 191 -52.77 -0.56 21.82
CA PRO P 191 -51.77 0.38 22.34
C PRO P 191 -51.24 1.31 21.25
N GLY P 192 -50.96 2.56 21.63
CA GLY P 192 -50.31 3.51 20.75
C GLY P 192 -51.21 4.12 19.71
N MET P 193 -52.51 3.84 19.78
CA MET P 193 -53.52 4.41 18.89
C MET P 193 -53.80 5.84 19.33
N VAL P 194 -53.37 6.80 18.53
CA VAL P 194 -53.46 8.19 18.97
C VAL P 194 -54.79 8.81 18.58
N GLY P 195 -55.29 8.54 17.38
CA GLY P 195 -56.55 9.13 16.98
C GLY P 195 -56.89 8.73 15.56
N TRP P 196 -58.06 9.21 15.11
CA TRP P 196 -58.50 8.81 13.78
C TRP P 196 -59.47 9.84 13.20
N MET P 197 -59.71 9.70 11.90
CA MET P 197 -60.60 10.55 11.12
C MET P 197 -61.01 9.76 9.88
N ILE P 198 -62.30 9.80 9.54
CA ILE P 198 -62.82 9.20 8.32
C ILE P 198 -63.12 10.34 7.34
N MET P 199 -62.49 10.31 6.16
CA MET P 199 -62.62 11.37 5.16
C MET P 199 -63.23 10.81 3.89
N LYS P 200 -64.20 11.54 3.35
CA LYS P 200 -64.93 11.15 2.16
C LYS P 200 -64.68 12.15 1.05
N GLN P 201 -64.16 11.67 -0.08
CA GLN P 201 -63.94 12.53 -1.22
C GLN P 201 -65.26 12.88 -1.89
N PHE P 202 -65.52 14.19 -2.07
CA PHE P 202 -66.73 14.64 -2.72
C PHE P 202 -66.48 15.59 -3.87
N GLY P 203 -65.23 15.83 -4.25
CA GLY P 203 -64.95 16.68 -5.38
C GLY P 203 -63.45 16.91 -5.47
N VAL P 204 -63.06 17.62 -6.52
CA VAL P 204 -61.65 17.90 -6.78
C VAL P 204 -61.51 19.36 -7.20
N SER P 205 -60.42 19.99 -6.76
CA SER P 205 -60.09 21.36 -7.17
C SER P 205 -59.31 21.32 -8.48
N ALA P 206 -59.80 22.01 -9.50
CA ALA P 206 -59.10 22.06 -10.77
C ALA P 206 -57.83 22.88 -10.65
N ILE P 207 -57.93 24.08 -10.08
CA ILE P 207 -56.75 24.93 -9.93
C ILE P 207 -55.71 24.23 -9.05
N GLY P 208 -56.15 23.65 -7.93
CA GLY P 208 -55.22 22.97 -7.04
C GLY P 208 -54.55 21.76 -7.64
N SER P 209 -55.17 21.13 -8.64
CA SER P 209 -54.61 19.99 -9.35
C SER P 209 -53.87 20.40 -10.61
N PHE P 210 -53.67 21.70 -10.80
CA PHE P 210 -52.97 22.22 -11.97
C PHE P 210 -53.62 21.77 -13.28
N GLN P 211 -54.95 21.69 -13.27
CA GLN P 211 -55.72 21.31 -14.46
C GLN P 211 -56.31 22.60 -15.03
N LEU P 212 -55.60 23.19 -15.98
CA LEU P 212 -55.98 24.47 -16.56
C LEU P 212 -56.70 24.26 -17.89
N ASP P 213 -57.20 25.36 -18.45
CA ASP P 213 -57.68 25.34 -19.81
C ASP P 213 -56.52 25.02 -20.74
N PRO P 214 -56.81 24.57 -21.97
CA PRO P 214 -55.72 24.16 -22.87
C PRO P 214 -54.72 25.27 -23.10
N GLU P 215 -55.18 26.50 -23.27
CA GLU P 215 -54.23 27.57 -23.52
C GLU P 215 -53.40 27.86 -22.28
N GLY P 216 -54.03 27.81 -21.11
CA GLY P 216 -53.28 27.98 -19.87
C GLY P 216 -52.21 26.92 -19.67
N ALA P 217 -52.52 25.67 -20.04
CA ALA P 217 -51.54 24.60 -19.94
C ALA P 217 -50.31 24.86 -20.81
N MET P 218 -50.51 25.38 -22.04
CA MET P 218 -49.37 25.71 -22.89
C MET P 218 -48.49 26.77 -22.23
N LYS P 219 -49.11 27.83 -21.73
CA LYS P 219 -48.36 28.92 -21.10
C LYS P 219 -47.68 28.48 -19.80
N ALA P 220 -48.26 27.50 -19.11
CA ALA P 220 -47.68 27.02 -17.86
C ALA P 220 -46.27 26.47 -18.08
N VAL P 221 -46.00 25.87 -19.24
CA VAL P 221 -44.67 25.37 -19.54
C VAL P 221 -43.88 26.31 -20.44
N SER P 222 -44.42 27.48 -20.75
CA SER P 222 -43.71 28.52 -21.49
C SER P 222 -43.04 29.54 -20.57
N THR P 223 -42.89 29.21 -19.30
CA THR P 223 -42.35 30.13 -18.31
C THR P 223 -41.63 29.30 -17.26
N LEU P 224 -40.75 29.96 -16.52
CA LEU P 224 -40.09 29.35 -15.37
C LEU P 224 -40.75 29.76 -14.06
N GLY P 225 -41.84 30.51 -14.13
CA GLY P 225 -42.61 30.89 -12.95
C GLY P 225 -43.03 32.34 -12.90
N ALA P 226 -42.32 33.20 -13.66
CA ALA P 226 -42.54 34.64 -13.57
C ALA P 226 -43.67 35.16 -14.46
N ASN P 227 -44.12 34.37 -15.43
CA ASN P 227 -45.15 34.78 -16.40
C ASN P 227 -46.26 33.75 -16.36
N PRO P 228 -47.13 33.82 -15.36
CA PRO P 228 -48.14 32.77 -15.15
C PRO P 228 -49.22 32.84 -16.20
N PRO P 229 -49.94 31.73 -16.42
CA PRO P 229 -51.14 31.79 -17.27
C PRO P 229 -52.25 32.59 -16.60
N GLU P 230 -53.27 32.90 -17.39
CA GLU P 230 -54.48 33.44 -16.82
C GLU P 230 -55.17 32.37 -15.98
N TYR P 231 -55.81 32.82 -14.91
CA TYR P 231 -56.62 31.91 -14.10
C TYR P 231 -57.74 31.37 -14.97
N ASN P 232 -57.72 30.08 -15.29
CA ASN P 232 -58.77 29.53 -16.15
C ASN P 232 -58.69 28.01 -16.12
N THR P 233 -59.84 27.36 -16.33
CA THR P 233 -59.93 25.91 -16.30
C THR P 233 -60.91 25.46 -17.37
N ASN P 234 -61.07 24.13 -17.50
CA ASN P 234 -62.12 23.60 -18.35
C ASN P 234 -63.51 23.84 -17.77
N TYR P 235 -63.60 24.37 -16.54
CA TYR P 235 -64.86 24.77 -15.92
C TYR P 235 -64.99 26.29 -15.84
N GLY P 236 -64.25 27.02 -16.67
CA GLY P 236 -64.32 28.47 -16.65
C GLY P 236 -63.38 29.10 -15.64
N ASN P 237 -63.52 30.43 -15.49
CA ASN P 237 -62.57 31.22 -14.72
C ASN P 237 -63.19 31.85 -13.48
N LYS P 238 -64.35 31.35 -13.04
CA LYS P 238 -64.97 31.89 -11.85
C LYS P 238 -64.51 31.11 -10.62
N VAL P 239 -64.64 31.75 -9.46
CA VAL P 239 -64.33 31.11 -8.18
C VAL P 239 -65.53 30.31 -7.71
N HIS P 240 -65.35 28.99 -7.58
CA HIS P 240 -66.45 28.07 -7.30
C HIS P 240 -66.77 27.94 -5.81
N ASP P 241 -68.07 27.78 -5.52
CA ASP P 241 -68.57 27.43 -4.19
C ASP P 241 -68.51 25.93 -3.94
N LYS P 242 -68.61 25.15 -5.01
CA LYS P 242 -68.58 23.70 -4.99
C LYS P 242 -67.42 23.23 -5.85
N PRO P 243 -66.85 22.05 -5.55
CA PRO P 243 -65.72 21.56 -6.37
C PRO P 243 -66.10 21.51 -7.84
N PRO P 244 -65.24 22.07 -8.71
CA PRO P 244 -65.54 22.03 -10.14
C PRO P 244 -65.52 20.63 -10.72
N ILE P 245 -64.58 19.80 -10.28
CA ILE P 245 -64.41 18.44 -10.77
C ILE P 245 -65.21 17.55 -9.82
N PRO P 246 -66.10 16.68 -10.30
CA PRO P 246 -66.88 15.82 -9.40
C PRO P 246 -65.99 14.85 -8.64
N GLY P 247 -66.45 14.45 -7.46
CA GLY P 247 -65.78 13.36 -6.77
C GLY P 247 -65.81 12.10 -7.61
N GLN P 248 -64.77 11.28 -7.47
CA GLN P 248 -64.69 10.06 -8.24
C GLN P 248 -65.71 9.04 -7.75
N THR P 249 -66.12 8.15 -8.64
CA THR P 249 -66.82 6.94 -8.23
C THR P 249 -66.01 5.75 -8.73
N PRO P 250 -66.02 4.61 -8.00
CA PRO P 250 -66.67 4.36 -6.70
C PRO P 250 -66.19 5.34 -5.63
N THR P 251 -67.03 5.70 -4.67
CA THR P 251 -66.65 6.70 -3.67
C THR P 251 -65.36 6.32 -2.95
N GLN P 252 -64.41 7.28 -2.89
CA GLN P 252 -63.17 7.07 -2.13
C GLN P 252 -63.34 7.56 -0.70
N TYR P 253 -62.97 6.71 0.26
CA TYR P 253 -62.78 7.11 1.66
C TYR P 253 -61.32 6.92 2.02
N LEU P 254 -60.73 7.92 2.66
CA LEU P 254 -59.40 7.81 3.24
C LEU P 254 -59.56 7.73 4.75
N VAL P 255 -59.02 6.68 5.35
CA VAL P 255 -59.07 6.47 6.79
C VAL P 255 -57.74 6.92 7.37
N HIS P 256 -57.78 8.01 8.10
CA HIS P 256 -56.61 8.64 8.68
C HIS P 256 -56.47 8.18 10.12
N ILE P 257 -55.36 7.49 10.43
CA ILE P 257 -55.13 6.97 11.77
C ILE P 257 -53.76 7.42 12.23
N GLU P 258 -53.70 7.98 13.43
CA GLU P 258 -52.44 8.42 14.00
C GLU P 258 -51.97 7.42 15.06
N TRP P 259 -50.67 7.19 15.07
CA TRP P 259 -50.05 6.18 15.93
C TRP P 259 -48.79 6.76 16.55
N GLU P 260 -48.40 6.17 17.68
CA GLU P 260 -47.21 6.64 18.37
C GLU P 260 -45.96 6.53 17.49
N SER P 261 -45.85 5.46 16.72
CA SER P 261 -44.64 5.14 15.98
C SER P 261 -45.02 4.20 14.84
N PRO P 262 -44.12 3.97 13.88
CA PRO P 262 -44.44 2.99 12.81
C PRO P 262 -44.68 1.59 13.35
N GLU P 263 -43.97 1.19 14.40
CA GLU P 263 -44.14 -0.15 14.96
C GLU P 263 -45.54 -0.32 15.56
N HIS P 264 -46.00 0.68 16.34
CA HIS P 264 -47.36 0.62 16.88
C HIS P 264 -48.39 0.62 15.75
N ALA P 265 -48.14 1.40 14.69
CA ALA P 265 -49.09 1.42 13.58
C ALA P 265 -49.14 0.06 12.90
N HIS P 266 -47.97 -0.53 12.64
CA HIS P 266 -47.93 -1.80 11.93
C HIS P 266 -48.63 -2.89 12.74
N GLN P 267 -48.23 -3.04 14.01
CA GLN P 267 -48.84 -4.01 14.90
C GLN P 267 -50.31 -3.66 15.20
N GLY P 268 -50.61 -2.37 15.33
CA GLY P 268 -51.98 -1.99 15.66
C GLY P 268 -52.96 -2.28 14.55
N LEU P 269 -52.63 -1.88 13.31
CA LEU P 269 -53.50 -2.17 12.18
C LEU P 269 -53.71 -3.67 12.00
N GLY P 270 -52.70 -4.48 12.36
CA GLY P 270 -52.78 -5.94 12.27
C GLY P 270 -53.84 -6.56 13.15
N HIS P 271 -54.36 -5.83 14.14
CA HIS P 271 -55.40 -6.37 15.00
C HIS P 271 -56.69 -6.68 14.24
N VAL P 272 -56.93 -6.04 13.09
CA VAL P 272 -58.11 -6.41 12.30
C VAL P 272 -57.99 -7.81 11.74
N MET P 273 -56.82 -8.44 11.86
CA MET P 273 -56.62 -9.81 11.44
C MET P 273 -56.39 -10.77 12.60
N VAL P 274 -55.79 -10.31 13.70
CA VAL P 274 -55.36 -11.22 14.76
C VAL P 274 -56.18 -11.11 16.03
N ASP P 275 -57.21 -10.27 16.06
CA ASP P 275 -58.15 -10.25 17.17
C ASP P 275 -59.52 -10.70 16.64
N TYR P 276 -60.05 -11.78 17.21
CA TYR P 276 -61.27 -12.39 16.65
C TYR P 276 -62.41 -11.38 16.57
N GLU P 277 -62.62 -10.61 17.64
CA GLU P 277 -63.74 -9.69 17.75
C GLU P 277 -63.62 -8.53 16.76
N LEU P 278 -62.45 -7.87 16.71
CA LEU P 278 -62.26 -6.79 15.76
C LEU P 278 -62.34 -7.30 14.34
N ARG P 279 -61.85 -8.52 14.11
CA ARG P 279 -61.92 -9.11 12.79
C ARG P 279 -63.35 -9.21 12.29
N GLN P 280 -64.27 -9.63 13.17
CA GLN P 280 -65.69 -9.68 12.77
C GLN P 280 -66.21 -8.28 12.48
N ILE P 281 -65.89 -7.32 13.34
CA ILE P 281 -66.34 -5.95 13.12
C ILE P 281 -65.81 -5.43 11.79
N HIS P 282 -64.51 -5.61 11.55
CA HIS P 282 -63.87 -5.04 10.36
C HIS P 282 -64.30 -5.77 9.09
N ASN P 283 -64.38 -7.10 9.13
CA ASN P 283 -64.79 -7.87 7.96
C ASN P 283 -66.18 -7.48 7.50
N ASN P 284 -67.15 -7.44 8.42
CA ASN P 284 -68.53 -7.18 8.03
C ASN P 284 -68.80 -5.69 7.82
N GLY P 285 -68.12 -4.84 8.58
CA GLY P 285 -68.43 -3.42 8.55
C GLY P 285 -67.61 -2.63 7.56
N VAL P 286 -66.47 -3.18 7.14
CA VAL P 286 -65.58 -2.47 6.23
C VAL P 286 -65.31 -3.32 4.99
N LEU P 287 -64.70 -4.50 5.18
CA LEU P 287 -64.22 -5.27 4.03
C LEU P 287 -65.33 -5.68 3.08
N ALA P 288 -66.53 -5.97 3.62
CA ALA P 288 -67.68 -6.38 2.83
C ALA P 288 -68.23 -5.30 1.92
N HIS P 289 -67.81 -4.05 2.08
CA HIS P 289 -68.39 -2.95 1.32
C HIS P 289 -67.41 -2.35 0.32
N LEU P 290 -66.27 -3.00 0.07
CA LEU P 290 -65.20 -2.40 -0.72
C LEU P 290 -65.18 -2.92 -2.15
N ASP P 291 -65.00 -1.99 -3.10
CA ASP P 291 -64.54 -2.33 -4.44
C ASP P 291 -63.03 -2.43 -4.51
N LYS P 292 -62.33 -1.61 -3.74
CA LYS P 292 -60.87 -1.58 -3.79
C LYS P 292 -60.33 -1.29 -2.39
N GLY P 293 -59.21 -1.93 -2.06
CA GLY P 293 -58.55 -1.70 -0.80
C GLY P 293 -58.86 -2.77 0.23
N PRO P 294 -58.48 -2.52 1.49
CA PRO P 294 -57.80 -1.30 1.92
C PRO P 294 -56.31 -1.33 1.58
N TYR P 295 -55.74 -0.14 1.39
CA TYR P 295 -54.31 0.02 1.17
C TYR P 295 -53.81 1.11 2.11
N TYR P 296 -52.81 0.77 2.93
CA TYR P 296 -52.34 1.65 3.98
C TYR P 296 -50.95 2.17 3.64
N MET P 297 -50.85 3.48 3.47
CA MET P 297 -49.58 4.18 3.32
C MET P 297 -49.19 4.81 4.66
N PHE P 298 -47.91 4.71 5.00
CA PHE P 298 -47.36 5.29 6.22
C PHE P 298 -46.71 6.63 5.91
N PHE P 299 -46.94 7.62 6.80
CA PHE P 299 -46.42 8.96 6.59
C PHE P 299 -45.79 9.51 7.87
N SER P 300 -44.88 10.45 7.69
CA SER P 300 -44.40 11.21 8.80
C SER P 300 -44.87 12.65 8.68
N PRO P 301 -45.47 13.24 9.72
CA PRO P 301 -45.87 14.65 9.64
C PRO P 301 -44.66 15.58 9.78
N MET P 302 -44.19 16.14 8.67
CA MET P 302 -43.03 17.02 8.71
C MET P 302 -43.36 18.36 9.37
N MET P 303 -44.41 19.01 8.92
CA MET P 303 -44.85 20.28 9.47
C MET P 303 -46.35 20.22 9.65
N GLU P 304 -46.82 20.82 10.74
CA GLU P 304 -48.22 20.85 11.09
C GLU P 304 -48.53 22.21 11.65
N GLN P 305 -49.68 22.76 11.26
CA GLN P 305 -50.31 23.86 11.96
C GLN P 305 -51.66 23.28 12.37
N GLY P 306 -51.75 22.81 13.62
CA GLY P 306 -52.84 21.92 13.98
C GLY P 306 -54.02 22.55 14.70
N LEU P 307 -54.16 23.88 14.65
CA LEU P 307 -55.28 24.48 15.38
C LEU P 307 -56.63 24.05 14.84
N TRP P 308 -56.70 23.62 13.58
CA TRP P 308 -57.96 23.11 13.04
C TRP P 308 -58.50 21.95 13.85
N ARG P 309 -57.64 21.14 14.47
CA ARG P 309 -58.13 20.03 15.27
C ARG P 309 -58.95 20.50 16.46
N LYS P 310 -58.67 21.70 16.98
CA LYS P 310 -59.33 22.19 18.18
C LYS P 310 -60.82 22.41 17.99
N HIS P 311 -61.31 22.57 16.76
CA HIS P 311 -62.74 22.69 16.50
C HIS P 311 -63.19 21.57 15.56
N LEU P 312 -63.27 20.35 16.08
CA LEU P 312 -63.89 19.24 15.37
C LEU P 312 -65.12 18.74 16.11
N LYS P 313 -65.35 17.42 16.08
CA LYS P 313 -66.44 16.71 16.80
C LYS P 313 -67.75 17.49 16.82
N GLU Q 4 -19.59 70.55 -2.83
CA GLU Q 4 -20.78 69.88 -2.30
C GLU Q 4 -20.39 68.72 -1.39
N ASN Q 5 -21.24 68.39 -0.41
CA ASN Q 5 -21.03 67.20 0.42
CA ASN Q 5 -21.01 67.19 0.38
C ASN Q 5 -22.20 66.26 0.22
N PRO Q 6 -22.03 65.16 -0.49
CA PRO Q 6 -23.14 64.24 -0.70
C PRO Q 6 -23.46 63.48 0.58
N ILE Q 7 -24.57 62.77 0.54
CA ILE Q 7 -24.95 61.90 1.64
C ILE Q 7 -24.59 60.48 1.25
N ILE Q 8 -24.25 59.67 2.25
CA ILE Q 8 -23.85 58.29 2.00
C ILE Q 8 -24.84 57.36 2.68
N ALA Q 9 -25.47 56.51 1.89
CA ALA Q 9 -26.24 55.39 2.43
C ALA Q 9 -25.33 54.17 2.53
N ILE Q 10 -25.26 53.56 3.70
CA ILE Q 10 -24.44 52.38 3.90
C ILE Q 10 -25.36 51.20 4.16
N ASN Q 11 -25.50 50.34 3.17
CA ASN Q 11 -26.24 49.10 3.34
C ASN Q 11 -25.34 48.12 4.06
N MET Q 12 -25.70 47.79 5.31
CA MET Q 12 -24.90 46.94 6.17
C MET Q 12 -25.59 45.59 6.27
N ALA Q 13 -24.86 44.54 5.91
CA ALA Q 13 -25.37 43.18 6.00
C ALA Q 13 -24.26 42.26 6.49
N LYS Q 14 -24.64 41.11 7.04
CA LYS Q 14 -23.66 40.08 7.36
C LYS Q 14 -24.03 38.85 6.54
N ILE Q 15 -23.08 38.34 5.77
CA ILE Q 15 -23.36 37.28 4.78
C ILE Q 15 -22.55 36.04 5.08
N ALA Q 16 -23.02 34.92 4.56
CA ALA Q 16 -22.32 33.66 4.76
C ALA Q 16 -20.99 33.68 4.04
N ASN Q 17 -19.95 33.20 4.71
CA ASN Q 17 -18.61 33.13 4.14
C ASN Q 17 -18.44 31.74 3.55
N LYS Q 18 -18.86 31.58 2.30
CA LYS Q 18 -18.74 30.33 1.59
C LYS Q 18 -18.66 30.66 0.10
N PRO Q 19 -18.10 29.76 -0.72
CA PRO Q 19 -17.90 30.08 -2.15
C PRO Q 19 -19.16 30.57 -2.86
N ASP Q 20 -20.33 30.05 -2.50
CA ASP Q 20 -21.57 30.48 -3.16
C ASP Q 20 -21.82 31.98 -3.00
N SER Q 21 -21.47 32.55 -1.84
CA SER Q 21 -21.72 33.97 -1.60
C SER Q 21 -20.89 34.85 -2.52
N TYR Q 22 -19.62 34.50 -2.74
CA TYR Q 22 -18.82 35.26 -3.68
C TYR Q 22 -19.38 35.13 -5.10
N GLU Q 23 -19.93 33.97 -5.45
CA GLU Q 23 -20.52 33.80 -6.78
C GLU Q 23 -21.70 34.74 -6.96
N THR Q 24 -22.65 34.72 -6.03
CA THR Q 24 -23.81 35.59 -6.21
C THR Q 24 -23.43 37.07 -6.08
N MET Q 25 -22.33 37.40 -5.39
CA MET Q 25 -21.93 38.80 -5.31
C MET Q 25 -21.46 39.34 -6.67
N MET Q 26 -20.80 38.53 -7.49
CA MET Q 26 -20.37 39.03 -8.79
C MET Q 26 -21.45 38.92 -9.85
N LYS Q 27 -22.48 38.09 -9.62
CA LYS Q 27 -23.59 37.98 -10.57
C LYS Q 27 -24.72 38.99 -10.27
N VAL Q 28 -25.02 39.23 -9.00
CA VAL Q 28 -26.13 40.10 -8.63
C VAL Q 28 -25.66 41.49 -8.28
N GLY Q 29 -24.50 41.59 -7.62
CA GLY Q 29 -23.91 42.85 -7.22
C GLY Q 29 -23.87 43.88 -8.34
N PRO Q 30 -23.22 43.55 -9.46
CA PRO Q 30 -23.22 44.50 -10.60
C PRO Q 30 -24.63 44.88 -11.04
N LYS Q 31 -25.57 43.94 -11.03
CA LYS Q 31 -26.92 44.25 -11.50
C LYS Q 31 -27.60 45.27 -10.59
N VAL Q 32 -27.34 45.22 -9.29
CA VAL Q 32 -27.94 46.19 -8.39
C VAL Q 32 -27.39 47.60 -8.69
N CSS Q 33 -26.07 47.71 -8.85
CA CSS Q 33 -25.46 48.97 -9.16
CB CSS Q 33 -23.97 48.82 -9.26
SG CSS Q 33 -23.31 48.43 -7.67
SD CSS Q 33 -24.18 49.77 -6.42
C CSS Q 33 -25.97 49.55 -10.45
O CSS Q 33 -26.12 50.80 -10.54
N ILE Q 34 -26.24 48.71 -11.45
CA ILE Q 34 -26.73 49.16 -12.75
C ILE Q 34 -28.13 49.75 -12.58
N THR Q 35 -28.95 49.08 -11.78
CA THR Q 35 -30.26 49.64 -11.43
C THR Q 35 -30.11 50.99 -10.73
N THR Q 36 -29.21 51.06 -9.75
CA THR Q 36 -29.01 52.29 -9.00
C THR Q 36 -28.53 53.43 -9.89
N ALA Q 37 -27.65 53.13 -10.84
CA ALA Q 37 -27.08 54.18 -11.67
C ALA Q 37 -28.06 54.73 -12.70
N SER Q 38 -29.33 54.31 -12.70
CA SER Q 38 -30.32 54.97 -13.55
C SER Q 38 -30.72 56.33 -13.03
N HIS Q 39 -30.34 56.66 -11.79
CA HIS Q 39 -30.86 57.87 -11.17
C HIS Q 39 -29.83 58.98 -11.25
N PRO Q 40 -30.19 60.18 -11.69
CA PRO Q 40 -29.19 61.25 -11.82
C PRO Q 40 -28.67 61.77 -10.50
N GLY Q 41 -29.30 61.48 -9.36
CA GLY Q 41 -28.68 61.86 -8.11
C GLY Q 41 -27.63 60.87 -7.61
N PHE Q 42 -27.39 59.78 -8.33
CA PHE Q 42 -26.44 58.76 -7.90
C PHE Q 42 -25.01 59.17 -8.27
N LEU Q 43 -24.12 59.19 -7.28
CA LEU Q 43 -22.79 59.73 -7.51
C LEU Q 43 -21.69 58.68 -7.51
N GLY Q 44 -21.94 57.49 -6.96
CA GLY Q 44 -20.94 56.44 -6.92
C GLY Q 44 -21.22 55.46 -5.80
N PHE Q 45 -20.33 54.46 -5.69
CA PHE Q 45 -20.51 53.42 -4.70
C PHE Q 45 -19.16 52.85 -4.27
N GLU Q 46 -19.19 52.14 -3.13
CA GLU Q 46 -18.06 51.38 -2.60
C GLU Q 46 -18.61 50.06 -2.10
N GLN Q 47 -18.16 48.94 -2.65
CA GLN Q 47 -18.56 47.63 -2.15
C GLN Q 47 -17.44 47.11 -1.24
N LEU Q 48 -17.70 47.06 0.07
CA LEU Q 48 -16.68 46.69 1.05
C LEU Q 48 -16.99 45.33 1.66
N LEU Q 49 -16.02 44.42 1.58
CA LEU Q 49 -16.13 43.10 2.19
C LEU Q 49 -15.20 43.04 3.40
N GLN Q 50 -15.74 42.64 4.54
CA GLN Q 50 -14.97 42.60 5.77
C GLN Q 50 -13.89 41.50 5.72
N THR Q 51 -12.67 41.85 6.15
CA THR Q 51 -11.55 40.92 6.21
C THR Q 51 -11.05 40.65 7.63
N GLY Q 52 -11.42 41.47 8.60
CA GLY Q 52 -10.97 41.27 9.97
C GLY Q 52 -11.36 42.44 10.83
N ILE Q 53 -10.68 42.57 11.96
CA ILE Q 53 -10.91 43.67 12.91
C ILE Q 53 -9.56 44.10 13.44
N HIS Q 54 -9.55 45.24 14.13
CA HIS Q 54 -8.38 45.61 14.88
C HIS Q 54 -8.51 45.05 16.29
N PRO Q 55 -7.63 44.14 16.72
CA PRO Q 55 -7.77 43.58 18.08
C PRO Q 55 -7.47 44.57 19.20
N MET Q 56 -6.88 45.73 18.88
CA MET Q 56 -6.62 46.81 19.86
C MET Q 56 -5.93 46.29 21.12
N ALA Q 57 -4.78 45.66 20.90
CA ALA Q 57 -3.87 45.22 21.97
C ALA Q 57 -4.57 44.25 22.93
N GLY Q 58 -5.40 43.38 22.38
CA GLY Q 58 -6.02 42.31 23.16
C GLY Q 58 -7.40 42.65 23.66
N ARG Q 59 -7.84 43.90 23.48
CA ARG Q 59 -9.20 44.27 23.86
C ARG Q 59 -10.22 43.43 23.11
N TYR Q 60 -9.92 43.06 21.86
CA TYR Q 60 -10.73 42.09 21.14
C TYR Q 60 -9.83 40.93 20.74
N GLY Q 61 -9.32 40.21 21.75
CA GLY Q 61 -8.32 39.18 21.52
C GLY Q 61 -8.81 37.96 20.77
N GLY Q 62 -10.11 37.77 20.67
CA GLY Q 62 -10.59 36.66 19.86
C GLY Q 62 -10.54 36.92 18.38
N GLY Q 63 -10.35 38.17 17.98
CA GLY Q 63 -10.28 38.55 16.59
C GLY Q 63 -8.85 38.68 16.11
N ALA Q 64 -8.73 39.12 14.86
CA ALA Q 64 -7.44 39.28 14.21
C ALA Q 64 -7.62 40.22 13.02
N VAL Q 65 -6.50 40.80 12.58
CA VAL Q 65 -6.49 41.63 11.37
C VAL Q 65 -7.02 40.85 10.18
N ASP Q 66 -6.56 39.62 10.01
CA ASP Q 66 -6.97 38.77 8.90
C ASP Q 66 -7.84 37.63 9.42
N MET Q 67 -9.15 37.75 9.26
CA MET Q 67 -10.07 36.68 9.62
C MET Q 67 -10.76 36.10 8.40
N ARG Q 68 -10.17 36.27 7.21
CA ARG Q 68 -10.86 35.95 5.97
C ARG Q 68 -11.29 34.48 5.90
N GLU Q 69 -10.57 33.60 6.57
CA GLU Q 69 -10.87 32.18 6.53
C GLU Q 69 -11.88 31.75 7.59
N THR Q 70 -12.04 32.52 8.66
CA THR Q 70 -12.78 32.07 9.82
C THR Q 70 -14.05 32.88 10.09
N LEU Q 71 -14.13 34.09 9.56
CA LEU Q 71 -15.27 34.95 9.85
C LEU Q 71 -16.53 34.38 9.19
N ASN Q 72 -17.55 34.11 9.97
CA ASN Q 72 -18.83 33.70 9.41
C ASN Q 72 -19.95 34.01 10.41
N PRO Q 73 -20.85 34.96 10.11
CA PRO Q 73 -20.91 35.72 8.86
C PRO Q 73 -19.82 36.80 8.78
N MET Q 74 -19.62 37.32 7.60
CA MET Q 74 -18.70 38.42 7.39
C MET Q 74 -19.49 39.67 7.02
N GLY Q 75 -19.01 40.81 7.51
CA GLY Q 75 -19.68 42.06 7.18
C GLY Q 75 -19.56 42.37 5.71
N MET Q 76 -20.63 42.94 5.17
CA MET Q 76 -20.64 43.42 3.80
C MET Q 76 -21.33 44.78 3.81
N PHE Q 77 -20.56 45.83 3.55
CA PHE Q 77 -21.05 47.21 3.57
C PHE Q 77 -21.02 47.77 2.16
N GLN Q 78 -22.16 48.26 1.68
CA GLN Q 78 -22.26 48.86 0.36
C GLN Q 78 -22.56 50.34 0.55
N TYR Q 79 -21.58 51.20 0.24
CA TYR Q 79 -21.83 52.63 0.18
C TYR Q 79 -22.49 52.94 -1.15
N THR Q 80 -23.61 53.65 -1.13
CA THR Q 80 -24.08 54.36 -2.31
C THR Q 80 -24.11 55.84 -1.94
N VAL Q 81 -23.59 56.68 -2.84
CA VAL Q 81 -23.37 58.08 -2.57
C VAL Q 81 -24.35 58.90 -3.41
N TRP Q 82 -24.99 59.87 -2.78
CA TRP Q 82 -26.17 60.51 -3.36
C TRP Q 82 -26.08 62.01 -3.17
N LYS Q 83 -26.70 62.74 -4.12
CA LYS Q 83 -26.86 64.19 -3.93
C LYS Q 83 -27.67 64.49 -2.68
N ASP Q 84 -28.65 63.65 -2.38
CA ASP Q 84 -29.55 63.91 -1.26
C ASP Q 84 -30.30 62.65 -0.96
N VAL Q 85 -31.00 62.66 0.18
CA VAL Q 85 -31.79 61.52 0.63
C VAL Q 85 -32.90 61.19 -0.38
N HIS Q 86 -33.57 62.22 -0.92
CA HIS Q 86 -34.70 61.99 -1.80
C HIS Q 86 -34.31 61.17 -3.02
N SER Q 87 -33.13 61.42 -3.57
CA SER Q 87 -32.67 60.67 -4.74
C SER Q 87 -32.60 59.18 -4.45
N HIS Q 88 -32.01 58.83 -3.30
CA HIS Q 88 -31.91 57.41 -2.95
C HIS Q 88 -33.29 56.81 -2.73
N GLU Q 89 -34.15 57.50 -1.99
CA GLU Q 89 -35.49 56.98 -1.76
C GLU Q 89 -36.27 56.86 -3.07
N GLU Q 90 -36.09 57.83 -3.96
CA GLU Q 90 -36.79 57.81 -5.23
C GLU Q 90 -36.29 56.66 -6.12
N MET Q 91 -34.98 56.46 -6.17
CA MET Q 91 -34.42 55.32 -6.91
C MET Q 91 -35.01 54.03 -6.36
N HIS Q 92 -35.02 53.86 -5.04
CA HIS Q 92 -35.60 52.65 -4.46
C HIS Q 92 -37.05 52.48 -4.86
N HIS Q 93 -37.81 53.58 -4.89
CA HIS Q 93 -39.23 53.49 -5.28
C HIS Q 93 -39.36 53.15 -6.76
N ASP Q 94 -38.66 53.89 -7.62
CA ASP Q 94 -38.83 53.72 -9.07
C ASP Q 94 -38.35 52.37 -9.57
N ASN Q 95 -37.46 51.74 -8.83
CA ASN Q 95 -36.90 50.46 -9.23
C ASN Q 95 -37.26 49.38 -8.21
N PHE Q 96 -38.38 49.56 -7.52
CA PHE Q 96 -38.69 48.67 -6.39
C PHE Q 96 -38.84 47.23 -6.85
N LYS Q 97 -39.58 46.99 -7.94
CA LYS Q 97 -39.77 45.62 -8.41
C LYS Q 97 -38.44 44.96 -8.75
N GLU Q 98 -37.56 45.68 -9.46
CA GLU Q 98 -36.33 45.05 -9.94
C GLU Q 98 -35.35 44.83 -8.78
N ILE Q 99 -35.24 45.79 -7.88
CA ILE Q 99 -34.35 45.60 -6.73
C ILE Q 99 -34.83 44.44 -5.89
N PHE Q 100 -36.15 44.33 -5.71
CA PHE Q 100 -36.70 43.21 -4.96
C PHE Q 100 -36.31 41.89 -5.59
N GLU Q 101 -36.46 41.79 -6.92
CA GLU Q 101 -36.09 40.57 -7.63
C GLU Q 101 -34.61 40.24 -7.41
N LEU Q 102 -33.75 41.25 -7.47
CA LEU Q 102 -32.30 41.05 -7.31
C LEU Q 102 -31.92 40.61 -5.89
N CSS Q 103 -32.40 41.34 -4.89
CA CSS Q 103 -32.03 41.10 -3.53
CB CSS Q 103 -32.38 42.27 -2.67
SG CSS Q 103 -31.23 43.61 -2.92
SD CSS Q 103 -29.31 42.98 -2.82
C CSS Q 103 -32.69 39.83 -3.06
O CSS Q 103 -32.19 39.19 -2.11
N SER Q 104 -33.79 39.41 -3.69
CA SER Q 104 -34.39 38.11 -3.37
C SER Q 104 -33.38 37.03 -3.60
N GLY Q 105 -32.55 37.21 -4.64
CA GLY Q 105 -31.45 36.30 -4.84
C GLY Q 105 -30.41 36.38 -3.73
N CYS Q 106 -30.13 37.58 -3.24
CA CYS Q 106 -29.07 37.74 -2.25
C CYS Q 106 -29.48 37.17 -0.89
N LEU Q 107 -30.77 37.10 -0.59
CA LEU Q 107 -31.18 36.70 0.75
C LEU Q 107 -30.74 35.29 1.08
N GLY Q 108 -30.50 34.46 0.07
CA GLY Q 108 -30.02 33.11 0.31
C GLY Q 108 -28.65 33.06 0.97
N MET Q 109 -27.95 34.19 1.04
CA MET Q 109 -26.66 34.25 1.72
C MET Q 109 -26.66 35.18 2.92
N VAL Q 110 -27.79 35.82 3.24
CA VAL Q 110 -27.85 36.83 4.29
C VAL Q 110 -28.11 36.17 5.64
N ILE Q 111 -27.29 36.53 6.63
CA ILE Q 111 -27.46 36.07 8.00
C ILE Q 111 -28.01 37.15 8.91
N GLU Q 112 -27.67 38.42 8.65
CA GLU Q 112 -28.13 39.55 9.43
C GLU Q 112 -28.23 40.74 8.48
N GLY Q 113 -29.22 41.62 8.70
CA GLY Q 113 -29.43 42.74 7.82
C GLY Q 113 -30.43 42.42 6.73
N PRO Q 114 -30.56 43.31 5.73
CA PRO Q 114 -29.83 44.57 5.63
C PRO Q 114 -30.38 45.69 6.54
N TRP Q 115 -29.48 46.58 6.96
CA TRP Q 115 -29.80 47.80 7.70
C TRP Q 115 -29.07 48.93 6.97
N GLU Q 116 -29.79 49.95 6.53
CA GLU Q 116 -29.21 50.97 5.65
C GLU Q 116 -29.38 52.37 6.23
N PRO Q 117 -28.50 52.78 7.15
CA PRO Q 117 -28.57 54.15 7.65
C PRO Q 117 -28.00 55.13 6.63
N TYR Q 118 -28.42 56.38 6.79
CA TYR Q 118 -27.91 57.51 6.05
C TYR Q 118 -26.86 58.25 6.86
N PHE Q 119 -25.78 58.67 6.19
CA PHE Q 119 -24.67 59.34 6.85
C PHE Q 119 -24.38 60.69 6.20
N GLU Q 120 -24.13 61.66 7.06
CA GLU Q 120 -23.64 62.96 6.63
C GLU Q 120 -22.12 62.92 6.65
N VAL Q 121 -21.48 63.46 5.61
CA VAL Q 121 -20.02 63.53 5.64
C VAL Q 121 -19.65 64.79 6.41
N VAL Q 122 -19.28 64.62 7.67
CA VAL Q 122 -18.98 65.77 8.51
C VAL Q 122 -17.71 66.45 8.04
N LYS Q 123 -16.68 65.67 7.75
CA LYS Q 123 -15.40 66.20 7.29
C LYS Q 123 -14.67 65.07 6.60
N SER Q 124 -13.77 65.44 5.69
CA SER Q 124 -13.06 64.41 4.95
C SER Q 124 -11.74 64.94 4.43
N ASP Q 125 -10.82 64.01 4.20
CA ASP Q 125 -9.61 64.24 3.44
C ASP Q 125 -9.40 62.94 2.68
N LEU Q 126 -10.13 62.76 1.59
CA LEU Q 126 -10.11 61.51 0.84
C LEU Q 126 -9.62 61.76 -0.58
N PRO Q 127 -8.54 61.15 -1.04
CA PRO Q 127 -8.11 61.36 -2.43
C PRO Q 127 -8.96 60.60 -3.42
N GLN Q 128 -8.87 61.02 -4.67
CA GLN Q 128 -9.42 60.25 -5.79
C GLN Q 128 -8.72 58.91 -5.90
N ILE Q 129 -9.46 57.87 -6.29
CA ILE Q 129 -8.81 56.57 -6.50
C ILE Q 129 -8.17 56.55 -7.89
N MET Q 130 -7.11 55.77 -8.01
CA MET Q 130 -6.32 55.67 -9.24
C MET Q 130 -5.59 54.33 -9.23
N SER Q 131 -4.85 54.09 -10.31
CA SER Q 131 -4.01 52.91 -10.38
C SER Q 131 -2.55 53.33 -10.53
N MET Q 132 -1.67 52.33 -10.38
CA MET Q 132 -0.23 52.55 -10.46
C MET Q 132 0.17 53.23 -11.77
N THR Q 133 -0.37 52.76 -12.88
CA THR Q 133 -0.01 53.35 -14.17
C THR Q 133 -0.54 54.77 -14.34
N ASP Q 134 -1.42 55.24 -13.42
CA ASP Q 134 -1.87 56.63 -13.43
C ASP Q 134 -0.94 57.56 -12.67
N VAL Q 135 -0.06 57.00 -11.83
CA VAL Q 135 0.63 57.82 -10.83
C VAL Q 135 1.59 58.83 -11.49
N PRO Q 136 2.40 58.46 -12.49
CA PRO Q 136 3.26 59.49 -13.10
C PRO Q 136 2.48 60.67 -13.66
N GLN Q 137 1.36 60.44 -14.33
CA GLN Q 137 0.61 61.56 -14.89
C GLN Q 137 -0.03 62.40 -13.79
N VAL Q 138 -0.52 61.76 -12.72
CA VAL Q 138 -1.04 62.50 -11.57
C VAL Q 138 0.04 63.36 -10.95
N LEU Q 139 1.26 62.83 -10.85
CA LEU Q 139 2.39 63.62 -10.34
C LEU Q 139 2.67 64.81 -11.26
N GLY Q 140 2.78 64.56 -12.57
CA GLY Q 140 3.04 65.65 -13.50
C GLY Q 140 1.93 66.71 -13.50
N ASP Q 141 0.67 66.26 -13.49
CA ASP Q 141 -0.44 67.23 -13.48
C ASP Q 141 -0.45 68.04 -12.20
N SER Q 142 -0.07 67.41 -11.07
CA SER Q 142 0.00 68.11 -9.79
C SER Q 142 1.02 69.24 -9.83
N PHE Q 143 2.21 68.98 -10.40
CA PHE Q 143 3.21 70.05 -10.47
C PHE Q 143 2.74 71.17 -11.37
N ALA Q 144 2.21 70.82 -12.54
CA ALA Q 144 1.74 71.83 -13.50
C ALA Q 144 0.68 72.74 -12.88
N LYS Q 145 -0.28 72.15 -12.16
CA LYS Q 145 -1.34 72.91 -11.51
C LYS Q 145 -0.91 73.50 -10.17
N GLN Q 146 0.38 73.41 -9.82
CA GLN Q 146 0.88 73.94 -8.55
C GLN Q 146 0.14 73.33 -7.36
N GLU Q 147 -0.38 72.11 -7.50
CA GLU Q 147 -1.16 71.47 -6.46
C GLU Q 147 -0.37 70.38 -5.75
N ARG Q 148 -0.82 70.05 -4.54
CA ARG Q 148 -0.16 69.01 -3.77
C ARG Q 148 -0.46 67.65 -4.38
N VAL Q 149 0.57 66.81 -4.42
CA VAL Q 149 0.39 65.41 -4.85
C VAL Q 149 -0.36 64.66 -3.76
N PRO Q 150 -1.41 63.90 -4.08
CA PRO Q 150 -2.15 63.18 -3.04
C PRO Q 150 -1.45 61.90 -2.60
N LYS Q 151 -1.91 61.37 -1.47
CA LYS Q 151 -1.67 59.97 -1.15
C LYS Q 151 -2.27 59.12 -2.26
N VAL Q 152 -1.64 57.98 -2.56
CA VAL Q 152 -2.10 57.12 -3.64
C VAL Q 152 -3.15 56.15 -3.10
N ALA Q 153 -4.39 56.30 -3.55
CA ALA Q 153 -5.49 55.40 -3.19
C ALA Q 153 -5.70 54.44 -4.36
N LEU Q 154 -5.12 53.23 -4.27
CA LEU Q 154 -5.17 52.30 -5.40
C LEU Q 154 -6.55 51.67 -5.51
N SER Q 155 -7.15 51.81 -6.69
CA SER Q 155 -8.50 51.31 -6.96
C SER Q 155 -8.60 49.81 -6.66
N SER Q 156 -9.54 49.44 -5.79
CA SER Q 156 -9.76 48.04 -5.41
C SER Q 156 -8.48 47.33 -4.94
N GLN Q 157 -7.52 48.07 -4.38
CA GLN Q 157 -6.25 47.50 -3.96
C GLN Q 157 -5.71 48.24 -2.72
N ARG Q 158 -6.51 48.32 -1.67
CA ARG Q 158 -6.06 48.96 -0.45
C ARG Q 158 -7.00 48.52 0.67
N THR Q 159 -6.80 49.07 1.86
CA THR Q 159 -7.56 48.65 3.03
C THR Q 159 -8.43 49.81 3.50
N VAL Q 160 -9.70 49.50 3.77
CA VAL Q 160 -10.62 50.45 4.37
C VAL Q 160 -10.96 49.96 5.77
N VAL Q 161 -10.80 50.83 6.74
CA VAL Q 161 -11.12 50.52 8.13
C VAL Q 161 -12.27 51.42 8.55
N ILE Q 162 -13.24 50.88 9.29
CA ILE Q 162 -14.37 51.69 9.76
C ILE Q 162 -14.43 51.59 11.28
N GLY Q 163 -14.28 52.72 11.96
CA GLY Q 163 -14.33 52.78 13.41
C GLY Q 163 -15.70 53.22 13.90
N ASP Q 164 -16.37 52.31 14.61
CA ASP Q 164 -17.72 52.55 15.09
C ASP Q 164 -17.65 53.25 16.46
N HIS Q 165 -18.25 54.43 16.55
CA HIS Q 165 -18.28 55.24 17.77
C HIS Q 165 -19.72 55.63 18.08
N TRP Q 166 -20.15 55.45 19.33
CA TRP Q 166 -21.38 56.07 19.85
C TRP Q 166 -20.99 57.21 20.78
N VAL Q 167 -21.47 58.40 20.49
CA VAL Q 167 -21.04 59.63 21.14
C VAL Q 167 -22.05 60.06 22.20
N MET Q 168 -21.57 60.49 23.36
CA MET Q 168 -22.45 60.91 24.44
C MET Q 168 -23.35 62.07 24.02
N ASP Q 169 -24.61 62.02 24.47
CA ASP Q 169 -25.55 63.10 24.21
C ASP Q 169 -24.91 64.45 24.58
N GLY Q 170 -24.92 65.38 23.63
CA GLY Q 170 -24.35 66.70 23.85
C GLY Q 170 -22.86 66.82 23.55
N HIS Q 171 -22.16 65.73 23.24
CA HIS Q 171 -20.72 65.78 22.96
C HIS Q 171 -20.40 65.71 21.48
N GLU Q 172 -21.40 65.82 20.60
CA GLU Q 172 -21.20 65.58 19.18
C GLU Q 172 -20.14 66.50 18.58
N LYS Q 173 -20.24 67.80 18.86
CA LYS Q 173 -19.32 68.77 18.26
C LYS Q 173 -17.90 68.57 18.80
N ALA Q 174 -17.76 68.33 20.10
CA ALA Q 174 -16.44 68.06 20.66
C ALA Q 174 -15.84 66.81 20.01
N PHE Q 175 -16.65 65.76 19.83
CA PHE Q 175 -16.16 64.56 19.19
C PHE Q 175 -15.67 64.84 17.78
N GLU Q 176 -16.46 65.57 16.99
CA GLU Q 176 -16.10 65.85 15.61
C GLU Q 176 -14.77 66.60 15.54
N GLN Q 177 -14.58 67.58 16.42
CA GLN Q 177 -13.32 68.32 16.44
C GLN Q 177 -12.18 67.44 16.88
N GLY Q 178 -12.42 66.59 17.89
CA GLY Q 178 -11.37 65.69 18.36
C GLY Q 178 -11.00 64.64 17.33
N ALA Q 179 -12.00 64.06 16.68
CA ALA Q 179 -11.71 63.10 15.61
C ALA Q 179 -10.99 63.79 14.46
N THR Q 180 -11.43 65.01 14.09
CA THR Q 180 -10.74 65.72 13.02
C THR Q 180 -9.27 65.93 13.34
N GLU Q 181 -8.96 66.39 14.56
CA GLU Q 181 -7.58 66.63 14.93
C GLU Q 181 -6.77 65.33 14.95
N THR Q 182 -7.39 64.24 15.43
CA THR Q 182 -6.74 62.93 15.44
C THR Q 182 -6.36 62.49 14.03
N LEU Q 183 -7.33 62.58 13.10
CA LEU Q 183 -7.12 62.06 11.76
C LEU Q 183 -6.12 62.91 10.98
N GLU Q 184 -6.16 64.23 11.18
CA GLU Q 184 -5.19 65.10 10.52
C GLU Q 184 -3.77 64.83 11.01
N TRP Q 185 -3.61 64.58 12.30
CA TRP Q 185 -2.31 64.19 12.81
C TRP Q 185 -1.84 62.88 12.16
N MET Q 186 -2.74 61.90 12.07
CA MET Q 186 -2.37 60.61 11.48
C MET Q 186 -2.01 60.74 10.00
N LYS Q 187 -2.79 61.52 9.25
CA LYS Q 187 -2.46 61.67 7.83
C LYS Q 187 -1.15 62.42 7.65
N ALA Q 188 -0.81 63.33 8.55
CA ALA Q 188 0.47 64.02 8.43
C ALA Q 188 1.65 63.14 8.85
N ASN Q 189 1.42 62.16 9.72
CA ASN Q 189 2.54 61.59 10.45
C ASN Q 189 2.68 60.08 10.40
N VAL Q 190 1.69 59.32 9.94
CA VAL Q 190 1.68 57.86 10.06
C VAL Q 190 1.85 57.23 8.68
N PRO Q 191 2.77 56.28 8.51
CA PRO Q 191 3.00 55.71 7.17
C PRO Q 191 1.76 55.00 6.62
N GLY Q 192 1.56 55.16 5.31
CA GLY Q 192 0.52 54.40 4.64
C GLY Q 192 -0.88 54.89 4.87
N MET Q 193 -1.04 56.05 5.52
CA MET Q 193 -2.35 56.62 5.80
C MET Q 193 -2.83 57.32 4.53
N VAL Q 194 -3.86 56.76 3.88
CA VAL Q 194 -4.27 57.21 2.56
C VAL Q 194 -5.29 58.35 2.63
N GLY Q 195 -6.27 58.26 3.50
CA GLY Q 195 -7.28 59.32 3.60
C GLY Q 195 -8.31 58.95 4.65
N TRP Q 196 -9.25 59.87 4.87
CA TRP Q 196 -10.22 59.62 5.93
C TRP Q 196 -11.49 60.42 5.68
N MET Q 197 -12.53 60.04 6.42
CA MET Q 197 -13.84 60.63 6.32
C MET Q 197 -14.57 60.37 7.63
N ILE Q 198 -15.21 61.41 8.18
CA ILE Q 198 -16.03 61.28 9.39
C ILE Q 198 -17.49 61.32 8.97
N MET Q 199 -18.22 60.26 9.31
CA MET Q 199 -19.60 60.09 8.90
C MET Q 199 -20.49 60.03 10.12
N LYS Q 200 -21.59 60.77 10.07
CA LYS Q 200 -22.54 60.89 11.17
C LYS Q 200 -23.87 60.32 10.71
N GLN Q 201 -24.38 59.32 11.43
CA GLN Q 201 -25.69 58.77 11.12
C GLN Q 201 -26.79 59.76 11.50
N PHE Q 202 -27.69 60.06 10.56
CA PHE Q 202 -28.80 60.94 10.86
C PHE Q 202 -30.16 60.37 10.52
N GLY Q 203 -30.24 59.14 10.04
CA GLY Q 203 -31.52 58.54 9.71
C GLY Q 203 -31.27 57.20 9.06
N VAL Q 204 -32.37 56.50 8.78
CA VAL Q 204 -32.29 55.17 8.17
C VAL Q 204 -33.36 55.06 7.08
N SER Q 205 -33.02 54.36 5.99
CA SER Q 205 -34.00 54.06 4.94
C SER Q 205 -34.82 52.84 5.33
N ALA Q 206 -36.15 52.97 5.38
CA ALA Q 206 -37.00 51.83 5.65
C ALA Q 206 -36.98 50.86 4.47
N ILE Q 207 -37.19 51.37 3.26
CA ILE Q 207 -37.17 50.52 2.08
C ILE Q 207 -35.80 49.87 1.93
N GLY Q 208 -34.72 50.65 2.07
CA GLY Q 208 -33.37 50.07 1.94
C GLY Q 208 -33.03 49.04 2.99
N SER Q 209 -33.68 49.09 4.15
CA SER Q 209 -33.49 48.11 5.21
C SER Q 209 -34.47 46.96 5.14
N PHE Q 210 -35.26 46.85 4.06
CA PHE Q 210 -36.26 45.81 3.91
C PHE Q 210 -37.27 45.80 5.05
N GLN Q 211 -37.60 46.99 5.56
CA GLN Q 211 -38.56 47.14 6.65
C GLN Q 211 -39.88 47.65 6.07
N LEU Q 212 -40.73 46.72 5.66
CA LEU Q 212 -41.99 47.02 5.01
C LEU Q 212 -43.13 47.13 6.02
N ASP Q 213 -44.31 47.52 5.51
CA ASP Q 213 -45.54 47.38 6.28
C ASP Q 213 -45.79 45.88 6.53
N PRO Q 214 -46.67 45.55 7.49
CA PRO Q 214 -46.84 44.13 7.84
C PRO Q 214 -47.31 43.28 6.68
N GLU Q 215 -48.24 43.79 5.87
CA GLU Q 215 -48.73 42.99 4.75
C GLU Q 215 -47.63 42.79 3.73
N GLY Q 216 -46.84 43.84 3.50
CA GLY Q 216 -45.70 43.71 2.60
C GLY Q 216 -44.69 42.70 3.10
N ALA Q 217 -44.47 42.66 4.42
CA ALA Q 217 -43.54 41.69 4.97
C ALA Q 217 -44.01 40.26 4.67
N MET Q 218 -45.31 39.99 4.78
CA MET Q 218 -45.83 38.68 4.42
C MET Q 218 -45.61 38.36 2.94
N LYS Q 219 -45.96 39.30 2.06
CA LYS Q 219 -45.78 39.03 0.63
C LYS Q 219 -44.31 38.88 0.27
N ALA Q 220 -43.41 39.58 0.97
CA ALA Q 220 -41.99 39.48 0.62
C ALA Q 220 -41.48 38.05 0.70
N VAL Q 221 -42.00 37.24 1.63
CA VAL Q 221 -41.56 35.85 1.72
C VAL Q 221 -42.53 34.88 1.07
N SER Q 222 -43.59 35.36 0.43
CA SER Q 222 -44.50 34.52 -0.33
C SER Q 222 -44.11 34.45 -1.80
N THR Q 223 -42.88 34.84 -2.13
CA THR Q 223 -42.45 34.91 -3.50
C THR Q 223 -40.95 34.61 -3.51
N LEU Q 224 -40.45 34.21 -4.67
CA LEU Q 224 -39.02 34.03 -4.86
C LEU Q 224 -38.39 35.24 -5.51
N GLY Q 225 -39.17 36.29 -5.80
CA GLY Q 225 -38.62 37.51 -6.38
C GLY Q 225 -39.42 38.07 -7.53
N ALA Q 226 -40.30 37.25 -8.12
CA ALA Q 226 -41.05 37.66 -9.30
C ALA Q 226 -42.36 38.36 -8.95
N ASN Q 227 -42.84 38.24 -7.71
CA ASN Q 227 -44.13 38.83 -7.32
C ASN Q 227 -43.91 39.71 -6.10
N PRO Q 228 -43.40 40.92 -6.31
CA PRO Q 228 -43.01 41.78 -5.19
C PRO Q 228 -44.22 42.30 -4.45
N PRO Q 229 -44.05 42.67 -3.19
CA PRO Q 229 -45.11 43.36 -2.47
C PRO Q 229 -45.27 44.76 -3.01
N GLU Q 230 -46.39 45.39 -2.65
CA GLU Q 230 -46.53 46.80 -2.96
C GLU Q 230 -45.51 47.60 -2.15
N TYR Q 231 -45.02 48.67 -2.75
CA TYR Q 231 -44.16 49.63 -2.04
C TYR Q 231 -44.92 50.28 -0.88
N ASN Q 232 -44.53 49.99 0.36
CA ASN Q 232 -45.24 50.53 1.54
C ASN Q 232 -44.39 50.23 2.76
N THR Q 233 -44.51 51.06 3.79
CA THR Q 233 -43.72 50.91 5.02
C THR Q 233 -44.61 51.28 6.18
N ASN Q 234 -44.08 51.15 7.40
CA ASN Q 234 -44.80 51.65 8.58
C ASN Q 234 -44.85 53.16 8.62
N TYR Q 235 -44.18 53.83 7.68
CA TYR Q 235 -44.23 55.26 7.49
C TYR Q 235 -45.00 55.64 6.21
N GLY Q 236 -45.84 54.72 5.70
CA GLY Q 236 -46.63 55.00 4.51
C GLY Q 236 -45.87 54.66 3.24
N ASN Q 237 -46.46 55.05 2.11
CA ASN Q 237 -45.97 54.64 0.79
C ASN Q 237 -45.46 55.82 -0.04
N LYS Q 238 -45.20 56.95 0.58
CA LYS Q 238 -44.70 58.09 -0.17
C LYS Q 238 -43.17 58.08 -0.20
N VAL Q 239 -42.62 58.77 -1.19
CA VAL Q 239 -41.18 58.91 -1.32
C VAL Q 239 -40.73 60.04 -0.42
N HIS Q 240 -39.91 59.71 0.58
CA HIS Q 240 -39.54 60.67 1.61
C HIS Q 240 -38.37 61.55 1.17
N ASP Q 241 -38.43 62.83 1.55
CA ASP Q 241 -37.32 63.77 1.41
C ASP Q 241 -36.34 63.66 2.56
N LYS Q 242 -36.82 63.24 3.72
CA LYS Q 242 -36.04 63.02 4.91
C LYS Q 242 -36.09 61.54 5.24
N PRO Q 243 -35.11 61.00 5.93
CA PRO Q 243 -35.14 59.59 6.29
C PRO Q 243 -36.41 59.25 7.06
N PRO Q 244 -37.12 58.20 6.68
CA PRO Q 244 -38.35 57.84 7.41
C PRO Q 244 -38.07 57.42 8.83
N ILE Q 245 -36.97 56.70 9.05
CA ILE Q 245 -36.60 56.21 10.37
C ILE Q 245 -35.61 57.19 10.99
N PRO Q 246 -35.82 57.63 12.23
CA PRO Q 246 -34.87 58.55 12.87
C PRO Q 246 -33.49 57.90 13.04
N GLY Q 247 -32.46 58.74 13.03
CA GLY Q 247 -31.13 58.28 13.42
C GLY Q 247 -31.13 57.75 14.84
N GLN Q 248 -30.28 56.76 15.10
CA GLN Q 248 -30.26 56.21 16.44
C GLN Q 248 -29.68 57.21 17.42
N THR Q 249 -30.06 57.08 18.68
CA THR Q 249 -29.32 57.73 19.73
C THR Q 249 -28.86 56.67 20.72
N PRO Q 250 -27.68 56.85 21.35
CA PRO Q 250 -26.71 57.93 21.15
C PRO Q 250 -26.19 57.99 19.70
N THR Q 251 -25.83 59.18 19.26
CA THR Q 251 -25.41 59.39 17.87
C THR Q 251 -24.27 58.45 17.47
N GLN Q 252 -24.43 57.76 16.36
CA GLN Q 252 -23.37 56.92 15.81
C GLN Q 252 -22.53 57.72 14.82
N TYR Q 253 -21.21 57.66 14.98
CA TYR Q 253 -20.26 58.15 14.00
C TYR Q 253 -19.43 57.00 13.48
N LEU Q 254 -19.29 56.88 12.18
CA LEU Q 254 -18.38 55.92 11.57
C LEU Q 254 -17.17 56.67 11.05
N VAL Q 255 -15.99 56.28 11.51
CA VAL Q 255 -14.74 56.88 11.07
C VAL Q 255 -14.13 55.97 10.01
N HIS Q 256 -14.11 56.46 8.78
CA HIS Q 256 -13.63 55.73 7.61
C HIS Q 256 -12.19 56.14 7.34
N ILE Q 257 -11.26 55.20 7.45
CA ILE Q 257 -9.85 55.48 7.24
C ILE Q 257 -9.32 54.50 6.21
N GLU Q 258 -8.67 55.02 5.19
CA GLU Q 258 -8.10 54.20 4.13
C GLU Q 258 -6.60 54.09 4.35
N TRP Q 259 -6.08 52.89 4.11
CA TRP Q 259 -4.68 52.55 4.38
C TRP Q 259 -4.12 51.75 3.22
N GLU Q 260 -2.79 51.78 3.09
CA GLU Q 260 -2.13 51.03 2.01
C GLU Q 260 -2.42 49.53 2.11
N SER Q 261 -2.42 48.99 3.31
CA SER Q 261 -2.51 47.55 3.51
C SER Q 261 -3.05 47.29 4.90
N PRO Q 262 -3.49 46.06 5.17
CA PRO Q 262 -3.95 45.74 6.53
C PRO Q 262 -2.87 45.96 7.59
N GLU Q 263 -1.60 45.69 7.26
CA GLU Q 263 -0.53 45.89 8.22
C GLU Q 263 -0.33 47.36 8.52
N HIS Q 264 -0.39 48.21 7.50
CA HIS Q 264 -0.31 49.66 7.74
C HIS Q 264 -1.49 50.13 8.57
N ALA Q 265 -2.68 49.59 8.30
CA ALA Q 265 -3.84 49.97 9.11
C ALA Q 265 -3.65 49.55 10.56
N HIS Q 266 -3.16 48.33 10.76
CA HIS Q 266 -3.01 47.80 12.11
C HIS Q 266 -2.00 48.60 12.90
N GLN Q 267 -0.80 48.76 12.35
CA GLN Q 267 0.20 49.56 13.05
C GLN Q 267 -0.20 51.03 13.11
N GLY Q 268 -0.86 51.52 12.07
CA GLY Q 268 -1.22 52.93 12.03
C GLY Q 268 -2.24 53.32 13.08
N LEU Q 269 -3.31 52.53 13.21
CA LEU Q 269 -4.29 52.79 14.25
C LEU Q 269 -3.67 52.69 15.64
N GLY Q 270 -2.65 51.86 15.82
CA GLY Q 270 -2.02 51.72 17.12
C GLY Q 270 -1.34 52.97 17.63
N HIS Q 271 -1.08 53.95 16.76
CA HIS Q 271 -0.40 55.18 17.18
C HIS Q 271 -1.21 55.96 18.21
N VAL Q 272 -2.54 55.81 18.23
CA VAL Q 272 -3.31 56.50 19.27
C VAL Q 272 -3.00 55.96 20.66
N MET Q 273 -2.25 54.87 20.76
CA MET Q 273 -1.84 54.35 22.06
C MET Q 273 -0.34 54.45 22.29
N VAL Q 274 0.48 54.42 21.23
CA VAL Q 274 1.93 54.32 21.39
C VAL Q 274 2.67 55.57 20.96
N ASP Q 275 1.96 56.63 20.59
CA ASP Q 275 2.57 57.94 20.41
C ASP Q 275 1.98 58.88 21.45
N TYR Q 276 2.85 59.42 22.32
CA TYR Q 276 2.37 60.22 23.45
C TYR Q 276 1.51 61.39 22.98
N GLU Q 277 1.95 62.10 21.94
CA GLU Q 277 1.25 63.29 21.50
C GLU Q 277 -0.13 62.93 20.93
N LEU Q 278 -0.19 61.96 20.01
CA LEU Q 278 -1.48 61.56 19.46
C LEU Q 278 -2.37 60.96 20.54
N ARG Q 279 -1.77 60.25 21.49
CA ARG Q 279 -2.56 59.66 22.57
C ARG Q 279 -3.35 60.72 23.32
N GLN Q 280 -2.70 61.87 23.61
CA GLN Q 280 -3.40 62.96 24.28
C GLN Q 280 -4.51 63.53 23.41
N ILE Q 281 -4.24 63.69 22.12
CA ILE Q 281 -5.26 64.22 21.21
C ILE Q 281 -6.45 63.28 21.17
N HIS Q 282 -6.19 61.99 21.01
CA HIS Q 282 -7.26 61.01 20.86
C HIS Q 282 -8.00 60.77 22.17
N ASN Q 283 -7.27 60.67 23.29
CA ASN Q 283 -7.93 60.46 24.57
C ASN Q 283 -8.90 61.59 24.91
N ASN Q 284 -8.44 62.84 24.83
CA ASN Q 284 -9.26 63.97 25.22
C ASN Q 284 -10.26 64.35 24.15
N GLY Q 285 -9.93 64.13 22.88
CA GLY Q 285 -10.79 64.59 21.82
C GLY Q 285 -11.78 63.55 21.33
N VAL Q 286 -11.52 62.26 21.60
CA VAL Q 286 -12.40 61.21 21.08
C VAL Q 286 -12.90 60.35 22.23
N LEU Q 287 -11.99 59.66 22.93
CA LEU Q 287 -12.40 58.67 23.94
C LEU Q 287 -13.23 59.30 25.05
N ALA Q 288 -12.91 60.54 25.42
CA ALA Q 288 -13.64 61.22 26.48
C ALA Q 288 -15.11 61.46 26.14
N HIS Q 289 -15.49 61.31 24.87
CA HIS Q 289 -16.84 61.67 24.43
C HIS Q 289 -17.68 60.47 24.02
N LEU Q 290 -17.23 59.25 24.33
CA LEU Q 290 -17.87 58.04 23.83
C LEU Q 290 -18.74 57.35 24.87
N ASP Q 291 -19.92 56.93 24.43
CA ASP Q 291 -20.71 55.92 25.11
C ASP Q 291 -20.30 54.51 24.72
N LYS Q 292 -19.88 54.31 23.47
CA LYS Q 292 -19.52 52.99 22.96
C LYS Q 292 -18.39 53.11 21.97
N GLY Q 293 -17.48 52.12 21.97
CA GLY Q 293 -16.41 52.06 21.02
C GLY Q 293 -15.10 52.61 21.58
N PRO Q 294 -14.09 52.82 20.74
CA PRO Q 294 -14.17 52.58 19.29
C PRO Q 294 -14.02 51.11 18.94
N TYR Q 295 -14.66 50.69 17.86
CA TYR Q 295 -14.53 49.33 17.35
C TYR Q 295 -14.23 49.43 15.87
N TYR Q 296 -13.11 48.86 15.44
CA TYR Q 296 -12.60 49.01 14.10
C TYR Q 296 -12.71 47.70 13.30
N MET Q 297 -13.52 47.72 12.24
CA MET Q 297 -13.60 46.61 11.29
C MET Q 297 -12.74 46.90 10.06
N PHE Q 298 -12.04 45.88 9.57
CA PHE Q 298 -11.21 45.98 8.38
C PHE Q 298 -11.99 45.46 7.19
N PHE Q 299 -11.87 46.17 6.06
CA PHE Q 299 -12.57 45.81 4.84
C PHE Q 299 -11.62 45.86 3.64
N SER Q 300 -11.98 45.08 2.62
CA SER Q 300 -11.37 45.20 1.31
C SER Q 300 -12.37 45.78 0.32
N PRO Q 301 -12.02 46.82 -0.42
CA PRO Q 301 -12.93 47.33 -1.46
C PRO Q 301 -12.90 46.44 -2.69
N MET Q 302 -13.99 45.71 -2.91
CA MET Q 302 -14.05 44.78 -4.05
C MET Q 302 -14.35 45.50 -5.35
N MET Q 303 -15.40 46.33 -5.36
CA MET Q 303 -15.77 47.14 -6.52
C MET Q 303 -15.93 48.57 -6.03
N GLU Q 304 -15.52 49.52 -6.86
CA GLU Q 304 -15.64 50.94 -6.55
C GLU Q 304 -16.01 51.70 -7.80
N GLN Q 305 -16.94 52.64 -7.65
CA GLN Q 305 -17.13 53.67 -8.67
C GLN Q 305 -16.88 54.96 -7.89
N GLY Q 306 -15.67 55.51 -8.01
CA GLY Q 306 -15.21 56.52 -7.06
C GLY Q 306 -15.32 57.97 -7.49
N LEU Q 307 -16.09 58.26 -8.54
CA LEU Q 307 -16.17 59.65 -8.98
C LEU Q 307 -16.80 60.56 -7.94
N TRP Q 308 -17.60 60.03 -7.01
CA TRP Q 308 -18.15 60.85 -5.94
C TRP Q 308 -17.06 61.52 -5.12
N ARG Q 309 -15.89 60.89 -5.02
CA ARG Q 309 -14.82 61.47 -4.21
C ARG Q 309 -14.36 62.80 -4.76
N LYS Q 310 -14.46 62.99 -6.07
CA LYS Q 310 -13.94 64.20 -6.71
C LYS Q 310 -14.64 65.46 -6.23
N HIS Q 311 -15.88 65.38 -5.72
CA HIS Q 311 -16.55 66.57 -5.19
C HIS Q 311 -16.87 66.37 -3.71
N LEU Q 312 -15.84 66.40 -2.89
CA LEU Q 312 -15.93 66.50 -1.44
C LEU Q 312 -15.26 67.83 -1.04
N LYS Q 313 -15.04 68.00 0.27
CA LYS Q 313 -14.34 69.17 0.83
C LYS Q 313 -15.03 70.43 0.38
N GLU R 4 -44.46 26.52 -51.74
CA GLU R 4 -44.12 27.53 -50.73
C GLU R 4 -42.63 27.57 -50.43
N ASN R 5 -42.06 28.77 -50.36
CA ASN R 5 -40.68 28.98 -49.92
CA ASN R 5 -40.69 28.93 -49.88
C ASN R 5 -40.70 29.76 -48.61
N PRO R 6 -40.56 29.12 -47.47
CA PRO R 6 -40.59 29.85 -46.20
C PRO R 6 -39.25 30.56 -45.97
N ILE R 7 -39.25 31.43 -45.00
CA ILE R 7 -38.03 32.09 -44.60
C ILE R 7 -37.54 31.42 -43.31
N ILE R 8 -36.22 31.36 -43.15
CA ILE R 8 -35.59 30.71 -42.02
C ILE R 8 -34.83 31.73 -41.22
N ALA R 9 -35.20 31.87 -39.95
CA ALA R 9 -34.40 32.63 -39.01
C ALA R 9 -33.41 31.67 -38.34
N ILE R 10 -32.12 32.00 -38.39
CA ILE R 10 -31.10 31.16 -37.77
C ILE R 10 -30.53 31.93 -36.60
N ASN R 11 -30.91 31.51 -35.40
CA ASN R 11 -30.36 32.10 -34.19
C ASN R 11 -28.99 31.46 -33.96
N MET R 12 -27.93 32.26 -34.07
CA MET R 12 -26.54 31.79 -33.96
C MET R 12 -25.98 32.23 -32.63
N ALA R 13 -25.49 31.28 -31.85
CA ALA R 13 -24.88 31.56 -30.58
C ALA R 13 -23.68 30.63 -30.41
N LYS R 14 -22.77 31.03 -29.52
CA LYS R 14 -21.66 30.20 -29.10
C LYS R 14 -21.78 30.01 -27.60
N ILE R 15 -21.84 28.75 -27.15
CA ILE R 15 -22.15 28.45 -25.76
C ILE R 15 -21.00 27.66 -25.13
N ALA R 16 -20.95 27.72 -23.79
CA ALA R 16 -19.93 27.02 -23.04
C ALA R 16 -20.11 25.52 -23.19
N ASN R 17 -19.00 24.83 -23.45
CA ASN R 17 -19.04 23.39 -23.62
C ASN R 17 -18.76 22.78 -22.25
N LYS R 18 -19.81 22.60 -21.47
CA LYS R 18 -19.70 22.01 -20.14
C LYS R 18 -21.05 21.37 -19.79
N PRO R 19 -21.06 20.40 -18.87
CA PRO R 19 -22.33 19.68 -18.57
C PRO R 19 -23.49 20.60 -18.25
N ASP R 20 -23.20 21.71 -17.56
CA ASP R 20 -24.25 22.66 -17.20
C ASP R 20 -24.99 23.17 -18.42
N SER R 21 -24.28 23.37 -19.54
CA SER R 21 -24.93 23.86 -20.75
C SER R 21 -25.90 22.83 -21.35
N TYR R 22 -25.49 21.54 -21.35
CA TYR R 22 -26.41 20.49 -21.80
C TYR R 22 -27.62 20.37 -20.89
N GLU R 23 -27.42 20.63 -19.59
CA GLU R 23 -28.53 20.60 -18.63
C GLU R 23 -29.57 21.66 -18.96
N THR R 24 -29.14 22.92 -19.09
CA THR R 24 -30.08 24.00 -19.37
C THR R 24 -30.68 23.94 -20.76
N MET R 25 -30.01 23.29 -21.72
CA MET R 25 -30.59 23.17 -23.06
C MET R 25 -31.82 22.28 -23.08
N MET R 26 -31.87 21.25 -22.24
CA MET R 26 -33.01 20.36 -22.14
C MET R 26 -34.09 20.90 -21.23
N LYS R 27 -33.75 21.82 -20.32
CA LYS R 27 -34.72 22.42 -19.42
C LYS R 27 -35.41 23.63 -20.03
N VAL R 28 -34.66 24.48 -20.71
CA VAL R 28 -35.18 25.72 -21.24
C VAL R 28 -35.49 25.62 -22.73
N GLY R 29 -34.68 24.87 -23.47
CA GLY R 29 -34.82 24.72 -24.91
C GLY R 29 -36.22 24.42 -25.40
N PRO R 30 -36.83 23.32 -24.91
CA PRO R 30 -38.22 23.02 -25.30
C PRO R 30 -39.20 24.15 -24.99
N LYS R 31 -39.00 24.90 -23.90
CA LYS R 31 -39.96 25.94 -23.53
C LYS R 31 -39.96 27.10 -24.54
N VAL R 32 -38.80 27.45 -25.08
CA VAL R 32 -38.72 28.49 -26.09
C VAL R 32 -39.48 28.03 -27.34
N CSS R 33 -39.27 26.77 -27.71
CA CSS R 33 -39.94 26.22 -28.86
CB CSS R 33 -39.40 24.85 -29.17
SG CSS R 33 -37.71 24.93 -29.71
SD CSS R 33 -37.55 26.37 -31.12
C CSS R 33 -41.42 26.18 -28.65
O CSS R 33 -42.19 26.43 -29.62
N ILE R 34 -41.87 25.83 -27.44
CA ILE R 34 -43.29 25.80 -27.12
C ILE R 34 -43.89 27.21 -27.27
N THR R 35 -43.15 28.20 -26.78
CA THR R 35 -43.56 29.58 -26.95
C THR R 35 -43.66 29.97 -28.42
N THR R 36 -42.67 29.58 -29.21
CA THR R 36 -42.63 29.91 -30.63
C THR R 36 -43.82 29.33 -31.39
N ALA R 37 -44.20 28.08 -31.08
CA ALA R 37 -45.28 27.38 -31.78
C ALA R 37 -46.67 27.87 -31.39
N SER R 38 -46.76 28.90 -30.56
CA SER R 38 -48.04 29.54 -30.33
C SER R 38 -48.48 30.36 -31.54
N HIS R 39 -47.57 30.63 -32.52
CA HIS R 39 -47.89 31.55 -33.60
C HIS R 39 -48.30 30.80 -34.86
N PRO R 40 -49.40 31.17 -35.52
CA PRO R 40 -49.89 30.37 -36.65
C PRO R 40 -48.96 30.37 -37.84
N GLY R 41 -48.01 31.33 -37.92
CA GLY R 41 -47.00 31.33 -38.97
C GLY R 41 -45.78 30.45 -38.75
N PHE R 42 -45.67 29.78 -37.60
CA PHE R 42 -44.49 28.98 -37.29
C PHE R 42 -44.59 27.61 -37.97
N LEU R 43 -43.55 27.23 -38.73
CA LEU R 43 -43.60 26.03 -39.54
C LEU R 43 -42.72 24.88 -39.04
N GLY R 44 -41.74 25.12 -38.19
CA GLY R 44 -40.88 24.05 -37.69
C GLY R 44 -39.54 24.60 -37.25
N PHE R 45 -38.69 23.68 -36.77
CA PHE R 45 -37.38 24.10 -36.26
C PHE R 45 -36.35 23.00 -36.39
N GLU R 46 -35.09 23.43 -36.28
CA GLU R 46 -33.93 22.55 -36.23
C GLU R 46 -33.01 23.11 -35.16
N GLN R 47 -32.72 22.32 -34.13
CA GLN R 47 -31.75 22.69 -33.11
C GLN R 47 -30.45 21.95 -33.43
N LEU R 48 -29.43 22.70 -33.81
CA LEU R 48 -28.15 22.16 -34.29
C LEU R 48 -27.04 22.49 -33.29
N LEU R 49 -26.31 21.47 -32.86
CA LEU R 49 -25.17 21.62 -31.96
C LEU R 49 -23.88 21.31 -32.71
N GLN R 50 -22.92 22.24 -32.65
CA GLN R 50 -21.70 22.07 -33.40
C GLN R 50 -20.88 20.93 -32.83
N THR R 51 -20.37 20.06 -33.70
CA THR R 51 -19.52 18.97 -33.29
C THR R 51 -18.10 19.08 -33.81
N GLY R 52 -17.85 19.94 -34.79
CA GLY R 52 -16.51 20.08 -35.35
C GLY R 52 -16.55 20.96 -36.59
N ILE R 53 -15.53 20.81 -37.44
CA ILE R 53 -15.40 21.54 -38.69
C ILE R 53 -14.85 20.59 -39.75
N HIS R 54 -14.85 21.04 -41.00
CA HIS R 54 -14.09 20.35 -42.02
C HIS R 54 -12.69 20.94 -42.11
N PRO R 55 -11.63 20.18 -41.82
CA PRO R 55 -10.28 20.75 -41.89
C PRO R 55 -9.81 21.09 -43.29
N MET R 56 -10.53 20.63 -44.31
CA MET R 56 -10.28 20.97 -45.72
C MET R 56 -8.81 20.77 -46.08
N ALA R 57 -8.34 19.56 -45.83
CA ALA R 57 -7.00 19.12 -46.22
C ALA R 57 -5.92 20.01 -45.61
N GLY R 58 -6.13 20.47 -44.38
CA GLY R 58 -5.13 21.21 -43.65
C GLY R 58 -5.28 22.71 -43.71
N ARG R 59 -6.22 23.22 -44.51
CA ARG R 59 -6.49 24.65 -44.50
C ARG R 59 -6.90 25.10 -43.09
N TYR R 60 -7.61 24.25 -42.34
CA TYR R 60 -7.90 24.51 -40.93
C TYR R 60 -7.41 23.36 -40.07
N GLY R 61 -6.10 23.13 -40.09
CA GLY R 61 -5.48 21.98 -39.47
C GLY R 61 -5.51 21.97 -37.96
N GLY R 62 -5.83 23.10 -37.33
CA GLY R 62 -6.04 23.09 -35.90
C GLY R 62 -7.37 22.53 -35.48
N GLY R 63 -8.30 22.37 -36.43
CA GLY R 63 -9.60 21.81 -36.15
C GLY R 63 -9.66 20.33 -36.51
N ALA R 64 -10.87 19.78 -36.37
CA ALA R 64 -11.08 18.37 -36.64
C ALA R 64 -12.57 18.17 -36.89
N VAL R 65 -12.88 17.08 -37.59
CA VAL R 65 -14.27 16.69 -37.80
C VAL R 65 -14.97 16.55 -36.45
N ASP R 66 -14.31 15.89 -35.49
CA ASP R 66 -14.89 15.65 -34.17
C ASP R 66 -14.11 16.47 -33.14
N MET R 67 -14.67 17.60 -32.72
CA MET R 67 -14.10 18.43 -31.68
C MET R 67 -14.99 18.47 -30.45
N ARG R 68 -15.85 17.47 -30.30
CA ARG R 68 -16.90 17.53 -29.28
C ARG R 68 -16.32 17.69 -27.88
N GLU R 69 -15.12 17.16 -27.65
CA GLU R 69 -14.51 17.24 -26.33
C GLU R 69 -13.76 18.53 -26.09
N THR R 70 -13.35 19.23 -27.15
CA THR R 70 -12.43 20.35 -26.99
C THR R 70 -12.99 21.71 -27.40
N LEU R 71 -14.05 21.74 -28.21
CA LEU R 71 -14.58 23.00 -28.68
C LEU R 71 -15.21 23.76 -27.51
N ASN R 72 -14.71 24.95 -27.25
CA ASN R 72 -15.30 25.81 -26.22
C ASN R 72 -14.96 27.28 -26.49
N PRO R 73 -15.94 28.10 -26.88
CA PRO R 73 -17.36 27.74 -27.00
C PRO R 73 -17.63 26.86 -28.21
N MET R 74 -18.82 26.25 -28.25
CA MET R 74 -19.28 25.48 -29.40
C MET R 74 -20.48 26.18 -30.04
N GLY R 75 -20.57 26.08 -31.36
CA GLY R 75 -21.68 26.69 -32.06
C GLY R 75 -23.00 26.04 -31.71
N MET R 76 -24.04 26.85 -31.62
CA MET R 76 -25.40 26.36 -31.44
C MET R 76 -26.31 27.19 -32.34
N PHE R 77 -26.85 26.57 -33.38
CA PHE R 77 -27.70 27.24 -34.35
C PHE R 77 -29.12 26.72 -34.20
N GLN R 78 -30.09 27.61 -34.04
CA GLN R 78 -31.49 27.23 -33.96
C GLN R 78 -32.21 27.79 -35.19
N TYR R 79 -32.57 26.92 -36.12
CA TYR R 79 -33.43 27.33 -37.22
C TYR R 79 -34.86 27.42 -36.71
N THR R 80 -35.52 28.54 -36.96
CA THR R 80 -36.97 28.60 -36.88
C THR R 80 -37.48 29.00 -38.25
N VAL R 81 -38.51 28.29 -38.72
CA VAL R 81 -38.99 28.37 -40.10
C VAL R 81 -40.38 29.01 -40.10
N TRP R 82 -40.60 29.97 -40.99
CA TRP R 82 -41.74 30.88 -40.90
C TRP R 82 -42.36 31.12 -42.26
N LYS R 83 -43.67 31.40 -42.24
CA LYS R 83 -44.34 31.82 -43.46
C LYS R 83 -43.73 33.10 -44.00
N ASP R 84 -43.34 34.01 -43.11
CA ASP R 84 -42.83 35.31 -43.53
C ASP R 84 -42.11 35.95 -42.34
N VAL R 85 -41.40 37.04 -42.63
CA VAL R 85 -40.66 37.74 -41.60
C VAL R 85 -41.58 38.25 -40.50
N HIS R 86 -42.73 38.79 -40.90
CA HIS R 86 -43.66 39.40 -39.96
C HIS R 86 -44.12 38.41 -38.91
N SER R 87 -44.37 37.15 -39.31
CA SER R 87 -44.77 36.13 -38.35
C SER R 87 -43.71 35.94 -37.26
N HIS R 88 -42.44 35.89 -37.64
CA HIS R 88 -41.39 35.72 -36.66
C HIS R 88 -41.32 36.94 -35.73
N GLU R 89 -41.32 38.15 -36.31
CA GLU R 89 -41.26 39.36 -35.48
C GLU R 89 -42.48 39.48 -34.58
N GLU R 90 -43.64 39.10 -35.10
CA GLU R 90 -44.85 39.21 -34.29
C GLU R 90 -44.84 38.21 -33.15
N MET R 91 -44.38 36.98 -33.40
CA MET R 91 -44.22 36.02 -32.33
C MET R 91 -43.31 36.57 -31.24
N HIS R 92 -42.14 37.08 -31.63
CA HIS R 92 -41.21 37.66 -30.66
C HIS R 92 -41.87 38.78 -29.88
N HIS R 93 -42.65 39.61 -30.55
CA HIS R 93 -43.33 40.70 -29.86
C HIS R 93 -44.38 40.15 -28.90
N ASP R 94 -45.25 39.26 -29.39
CA ASP R 94 -46.37 38.79 -28.58
C ASP R 94 -45.90 38.01 -27.37
N ASN R 95 -44.72 37.42 -27.46
CA ASN R 95 -44.23 36.59 -26.37
C ASN R 95 -42.96 37.19 -25.80
N PHE R 96 -42.81 38.51 -25.89
CA PHE R 96 -41.53 39.13 -25.56
C PHE R 96 -41.14 38.86 -24.11
N LYS R 97 -42.07 39.06 -23.18
CA LYS R 97 -41.78 38.85 -21.77
C LYS R 97 -41.36 37.41 -21.48
N GLU R 98 -42.04 36.44 -22.07
CA GLU R 98 -41.73 35.05 -21.75
C GLU R 98 -40.42 34.61 -22.39
N ILE R 99 -40.19 34.99 -23.66
CA ILE R 99 -38.91 34.67 -24.29
C ILE R 99 -37.76 35.30 -23.51
N PHE R 100 -37.96 36.52 -23.02
CA PHE R 100 -36.94 37.16 -22.21
C PHE R 100 -36.67 36.38 -20.91
N GLU R 101 -37.74 35.96 -20.23
CA GLU R 101 -37.53 35.20 -19.00
C GLU R 101 -36.73 33.94 -19.27
N LEU R 102 -37.08 33.22 -20.34
CA LEU R 102 -36.44 31.96 -20.66
C LEU R 102 -34.99 32.17 -21.08
N CSS R 103 -34.77 33.15 -21.95
CA CSS R 103 -33.46 33.38 -22.48
CB CSS R 103 -33.53 34.25 -23.70
SG CSS R 103 -34.12 33.22 -25.01
SD CSS R 103 -33.09 31.50 -25.09
C CSS R 103 -32.57 33.98 -21.44
O CSS R 103 -31.33 33.86 -21.57
N SER R 104 -33.14 34.60 -20.41
CA SER R 104 -32.29 35.08 -19.32
C SER R 104 -31.55 33.94 -18.66
N GLY R 105 -32.23 32.79 -18.53
CA GLY R 105 -31.54 31.61 -18.03
C GLY R 105 -30.46 31.11 -18.96
N CYS R 106 -30.70 31.19 -20.27
CA CYS R 106 -29.72 30.69 -21.23
C CYS R 106 -28.49 31.58 -21.31
N LEU R 107 -28.61 32.88 -20.99
CA LEU R 107 -27.48 33.78 -21.17
C LEU R 107 -26.30 33.39 -20.29
N GLY R 108 -26.56 32.66 -19.21
CA GLY R 108 -25.50 32.18 -18.35
C GLY R 108 -24.57 31.18 -18.99
N MET R 109 -24.91 30.67 -20.17
CA MET R 109 -24.03 29.77 -20.89
C MET R 109 -23.53 30.37 -22.20
N VAL R 110 -23.92 31.60 -22.51
CA VAL R 110 -23.60 32.24 -23.78
C VAL R 110 -22.25 32.95 -23.69
N ILE R 111 -21.38 32.65 -24.66
CA ILE R 111 -20.09 33.31 -24.77
C ILE R 111 -20.13 34.32 -25.90
N GLU R 112 -20.93 34.04 -26.92
CA GLU R 112 -21.09 34.95 -28.05
C GLU R 112 -22.49 34.78 -28.62
N GLY R 113 -23.04 35.86 -29.16
CA GLY R 113 -24.39 35.84 -29.68
C GLY R 113 -25.40 36.26 -28.64
N PRO R 114 -26.70 36.12 -28.94
CA PRO R 114 -27.23 35.59 -30.19
C PRO R 114 -27.20 36.61 -31.33
N TRP R 115 -27.09 36.11 -32.55
CA TRP R 115 -27.22 36.89 -33.76
C TRP R 115 -28.17 36.10 -34.64
N GLU R 116 -29.27 36.71 -35.06
CA GLU R 116 -30.33 35.97 -35.73
C GLU R 116 -30.62 36.58 -37.10
N PRO R 117 -29.89 36.18 -38.13
CA PRO R 117 -30.21 36.62 -39.49
C PRO R 117 -31.38 35.82 -40.06
N TYR R 118 -32.02 36.46 -41.03
CA TYR R 118 -33.10 35.88 -41.84
C TYR R 118 -32.52 35.37 -43.13
N PHE R 119 -32.98 34.20 -43.55
CA PHE R 119 -32.44 33.58 -44.75
C PHE R 119 -33.57 33.23 -45.70
N GLU R 120 -33.32 33.49 -46.97
CA GLU R 120 -34.16 33.01 -48.06
C GLU R 120 -33.65 31.67 -48.57
N VAL R 121 -34.57 30.73 -48.79
CA VAL R 121 -34.22 29.43 -49.35
C VAL R 121 -34.15 29.59 -50.87
N VAL R 122 -32.94 29.75 -51.41
CA VAL R 122 -32.78 29.96 -52.84
C VAL R 122 -33.16 28.71 -53.62
N LYS R 123 -32.69 27.54 -53.16
CA LYS R 123 -33.00 26.27 -53.80
C LYS R 123 -32.72 25.17 -52.77
N SER R 124 -33.40 24.03 -52.93
CA SER R 124 -33.22 22.98 -51.95
C SER R 124 -33.56 21.64 -52.57
N ASP R 125 -32.98 20.57 -51.99
CA ASP R 125 -33.36 19.17 -52.24
C ASP R 125 -33.21 18.47 -50.88
N LEU R 126 -34.19 18.70 -50.00
CA LEU R 126 -34.16 18.25 -48.62
C LEU R 126 -35.30 17.25 -48.40
N PRO R 127 -35.02 16.01 -48.04
CA PRO R 127 -36.11 15.07 -47.75
C PRO R 127 -36.73 15.30 -46.37
N GLN R 128 -37.96 14.79 -46.21
CA GLN R 128 -38.58 14.72 -44.89
C GLN R 128 -37.77 13.81 -43.99
N ILE R 129 -37.76 14.15 -42.73
CA ILE R 129 -37.07 13.32 -41.76
C ILE R 129 -37.97 12.15 -41.38
N MET R 130 -37.34 11.06 -41.00
CA MET R 130 -38.05 9.84 -40.66
C MET R 130 -37.13 9.03 -39.76
N SER R 131 -37.60 7.88 -39.34
CA SER R 131 -36.83 6.95 -38.52
C SER R 131 -36.68 5.65 -39.28
N MET R 132 -35.82 4.77 -38.74
CA MET R 132 -35.59 3.48 -39.38
C MET R 132 -36.89 2.70 -39.60
N THR R 133 -37.72 2.59 -38.56
CA THR R 133 -38.91 1.77 -38.68
C THR R 133 -39.95 2.36 -39.63
N ASP R 134 -39.75 3.59 -40.10
CA ASP R 134 -40.60 4.21 -41.12
C ASP R 134 -40.19 3.85 -42.53
N VAL R 135 -38.97 3.33 -42.71
CA VAL R 135 -38.40 3.24 -44.05
C VAL R 135 -39.18 2.27 -44.94
N PRO R 136 -39.57 1.06 -44.49
CA PRO R 136 -40.36 0.20 -45.38
C PRO R 136 -41.63 0.87 -45.87
N GLN R 137 -42.33 1.60 -45.02
CA GLN R 137 -43.56 2.23 -45.46
C GLN R 137 -43.27 3.38 -46.43
N VAL R 138 -42.21 4.15 -46.18
CA VAL R 138 -41.84 5.20 -47.13
C VAL R 138 -41.52 4.60 -48.49
N LEU R 139 -40.82 3.47 -48.50
CA LEU R 139 -40.54 2.78 -49.75
C LEU R 139 -41.83 2.37 -50.44
N GLY R 140 -42.74 1.74 -49.70
CA GLY R 140 -44.02 1.35 -50.29
C GLY R 140 -44.81 2.54 -50.81
N ASP R 141 -44.82 3.64 -50.06
CA ASP R 141 -45.54 4.84 -50.48
C ASP R 141 -44.93 5.44 -51.75
N SER R 142 -43.60 5.40 -51.87
CA SER R 142 -42.95 5.97 -53.05
C SER R 142 -43.35 5.23 -54.32
N PHE R 143 -43.35 3.89 -54.29
CA PHE R 143 -43.75 3.14 -55.47
C PHE R 143 -45.20 3.40 -55.81
N ALA R 144 -46.06 3.37 -54.79
CA ALA R 144 -47.48 3.63 -55.02
C ALA R 144 -47.70 5.01 -55.63
N LYS R 145 -47.06 6.04 -55.07
CA LYS R 145 -47.24 7.39 -55.55
C LYS R 145 -46.44 7.70 -56.81
N GLN R 146 -45.84 6.70 -57.46
CA GLN R 146 -45.05 6.91 -58.66
C GLN R 146 -43.90 7.88 -58.44
N GLU R 147 -43.44 8.01 -57.19
CA GLU R 147 -42.43 8.97 -56.82
C GLU R 147 -41.08 8.32 -56.58
N ARG R 148 -40.05 9.14 -56.61
CA ARG R 148 -38.72 8.63 -56.33
C ARG R 148 -38.59 8.39 -54.83
N VAL R 149 -37.97 7.28 -54.48
CA VAL R 149 -37.67 7.03 -53.07
C VAL R 149 -36.61 8.03 -52.62
N PRO R 150 -36.79 8.73 -51.50
CA PRO R 150 -35.82 9.73 -51.07
C PRO R 150 -34.59 9.10 -50.42
N LYS R 151 -33.54 9.92 -50.28
CA LYS R 151 -32.49 9.61 -49.32
C LYS R 151 -33.09 9.58 -47.92
N VAL R 152 -32.55 8.70 -47.07
CA VAL R 152 -33.07 8.53 -45.72
C VAL R 152 -32.42 9.55 -44.79
N ALA R 153 -33.23 10.49 -44.29
CA ALA R 153 -32.80 11.50 -43.32
C ALA R 153 -33.32 11.09 -41.96
N LEU R 154 -32.47 10.46 -41.15
CA LEU R 154 -32.91 9.94 -39.86
C LEU R 154 -33.08 11.09 -38.86
N SER R 155 -34.29 11.20 -38.31
CA SER R 155 -34.61 12.22 -37.32
C SER R 155 -33.62 12.19 -36.16
N SER R 156 -32.95 13.32 -35.93
CA SER R 156 -31.98 13.50 -34.85
C SER R 156 -30.87 12.45 -34.85
N GLN R 157 -30.52 11.90 -36.01
CA GLN R 157 -29.48 10.86 -36.13
C GLN R 157 -28.73 10.97 -37.46
N ARG R 158 -28.21 12.15 -37.77
CA ARG R 158 -27.44 12.33 -38.98
C ARG R 158 -26.58 13.57 -38.77
N THR R 159 -25.83 13.96 -39.80
CA THR R 159 -24.90 15.08 -39.68
C THR R 159 -25.39 16.24 -40.53
N VAL R 160 -25.37 17.43 -39.96
CA VAL R 160 -25.68 18.63 -40.72
C VAL R 160 -24.41 19.46 -40.82
N VAL R 161 -24.08 19.83 -42.03
CA VAL R 161 -22.91 20.62 -42.33
C VAL R 161 -23.39 21.95 -42.91
N ILE R 162 -22.78 23.06 -42.49
CA ILE R 162 -23.13 24.38 -43.00
C ILE R 162 -21.86 25.05 -43.52
N GLY R 163 -21.83 25.37 -44.82
CA GLY R 163 -20.72 26.06 -45.42
C GLY R 163 -20.97 27.55 -45.56
N ASP R 164 -20.15 28.35 -44.89
CA ASP R 164 -20.28 29.80 -44.88
C ASP R 164 -19.54 30.38 -46.09
N HIS R 165 -20.26 31.11 -46.94
CA HIS R 165 -19.69 31.74 -48.14
C HIS R 165 -20.04 33.22 -48.14
N TRP R 166 -19.04 34.09 -48.37
CA TRP R 166 -19.29 35.49 -48.69
C TRP R 166 -19.04 35.70 -50.17
N VAL R 167 -20.05 36.20 -50.88
CA VAL R 167 -20.00 36.25 -52.34
C VAL R 167 -19.67 37.66 -52.82
N MET R 168 -18.80 37.75 -53.83
CA MET R 168 -18.43 39.04 -54.40
C MET R 168 -19.65 39.77 -54.93
N ASP R 169 -19.69 41.07 -54.67
CA ASP R 169 -20.74 41.95 -55.17
C ASP R 169 -20.95 41.74 -56.66
N GLY R 170 -22.19 41.48 -57.05
CA GLY R 170 -22.52 41.24 -58.44
C GLY R 170 -22.38 39.79 -58.89
N HIS R 171 -21.86 38.91 -58.04
CA HIS R 171 -21.70 37.51 -58.42
C HIS R 171 -22.78 36.62 -57.83
N GLU R 172 -23.82 37.20 -57.21
CA GLU R 172 -24.76 36.40 -56.43
C GLU R 172 -25.43 35.33 -57.28
N LYS R 173 -25.95 35.72 -58.44
CA LYS R 173 -26.67 34.78 -59.29
C LYS R 173 -25.73 33.71 -59.84
N ALA R 174 -24.52 34.10 -60.24
CA ALA R 174 -23.54 33.12 -60.69
C ALA R 174 -23.22 32.11 -59.58
N PHE R 175 -23.05 32.60 -58.35
CA PHE R 175 -22.84 31.70 -57.23
C PHE R 175 -24.00 30.73 -57.06
N GLU R 176 -25.23 31.25 -57.10
CA GLU R 176 -26.38 30.38 -56.87
C GLU R 176 -26.43 29.25 -57.88
N GLN R 177 -26.18 29.55 -59.15
CA GLN R 177 -26.20 28.50 -60.16
C GLN R 177 -25.05 27.52 -59.97
N GLY R 178 -23.85 28.02 -59.64
CA GLY R 178 -22.70 27.13 -59.45
C GLY R 178 -22.85 26.21 -58.26
N ALA R 179 -23.34 26.75 -57.14
CA ALA R 179 -23.60 25.90 -55.98
C ALA R 179 -24.71 24.89 -56.28
N THR R 180 -25.74 25.32 -57.02
CA THR R 180 -26.80 24.40 -57.39
C THR R 180 -26.24 23.22 -58.18
N GLU R 181 -25.40 23.51 -59.17
CA GLU R 181 -24.84 22.41 -59.96
C GLU R 181 -23.94 21.53 -59.12
N THR R 182 -23.13 22.13 -58.23
CA THR R 182 -22.24 21.35 -57.37
C THR R 182 -23.05 20.39 -56.50
N LEU R 183 -24.08 20.91 -55.85
CA LEU R 183 -24.85 20.11 -54.91
C LEU R 183 -25.66 19.04 -55.62
N GLU R 184 -26.20 19.37 -56.80
CA GLU R 184 -26.91 18.37 -57.58
C GLU R 184 -25.97 17.26 -58.02
N TRP R 185 -24.75 17.62 -58.41
CA TRP R 185 -23.75 16.61 -58.73
C TRP R 185 -23.45 15.74 -57.50
N MET R 186 -23.24 16.38 -56.35
CA MET R 186 -22.91 15.62 -55.15
C MET R 186 -24.05 14.70 -54.75
N LYS R 187 -25.29 15.19 -54.82
CA LYS R 187 -26.41 14.34 -54.43
C LYS R 187 -26.59 13.17 -55.37
N ALA R 188 -26.26 13.36 -56.65
CA ALA R 188 -26.35 12.24 -57.58
C ALA R 188 -25.21 11.24 -57.42
N ASN R 189 -24.03 11.68 -56.97
CA ASN R 189 -22.84 10.87 -57.17
C ASN R 189 -22.05 10.54 -55.91
N VAL R 190 -22.33 11.15 -54.78
CA VAL R 190 -21.47 11.02 -53.60
C VAL R 190 -22.19 10.19 -52.55
N PRO R 191 -21.57 9.14 -52.00
CA PRO R 191 -22.24 8.28 -51.02
C PRO R 191 -22.62 9.06 -49.76
N GLY R 192 -23.80 8.77 -49.24
CA GLY R 192 -24.22 9.34 -47.98
C GLY R 192 -24.73 10.77 -48.01
N MET R 193 -24.90 11.36 -49.21
CA MET R 193 -25.47 12.71 -49.29
C MET R 193 -26.98 12.63 -49.10
N VAL R 194 -27.47 13.22 -48.01
CA VAL R 194 -28.88 13.12 -47.69
C VAL R 194 -29.69 14.24 -48.33
N GLY R 195 -29.16 15.46 -48.33
CA GLY R 195 -29.90 16.54 -48.95
C GLY R 195 -29.16 17.85 -48.77
N TRP R 196 -29.72 18.91 -49.36
CA TRP R 196 -29.03 20.19 -49.32
C TRP R 196 -30.03 21.33 -49.44
N MET R 197 -29.55 22.52 -49.13
CA MET R 197 -30.37 23.73 -49.19
C MET R 197 -29.40 24.89 -49.30
N ILE R 198 -29.68 25.83 -50.21
CA ILE R 198 -28.89 27.06 -50.35
C ILE R 198 -29.68 28.20 -49.72
N MET R 199 -29.10 28.85 -48.71
CA MET R 199 -29.77 29.90 -47.97
C MET R 199 -29.02 31.22 -48.12
N LYS R 200 -29.77 32.30 -48.39
CA LYS R 200 -29.20 33.63 -48.61
C LYS R 200 -29.65 34.57 -47.50
N GLN R 201 -28.70 35.16 -46.78
CA GLN R 201 -29.07 36.12 -45.75
C GLN R 201 -29.57 37.40 -46.40
N PHE R 202 -30.76 37.88 -45.98
CA PHE R 202 -31.28 39.14 -46.52
C PHE R 202 -31.63 40.14 -45.42
N GLY R 203 -31.37 39.82 -44.16
CA GLY R 203 -31.62 40.75 -43.08
C GLY R 203 -31.41 40.06 -41.76
N VAL R 204 -31.56 40.83 -40.69
CA VAL R 204 -31.35 40.33 -39.33
C VAL R 204 -32.47 40.85 -38.44
N SER R 205 -32.92 40.01 -37.51
CA SER R 205 -33.89 40.43 -36.50
C SER R 205 -33.14 41.10 -35.35
N ALA R 206 -33.53 42.34 -35.03
CA ALA R 206 -32.95 43.03 -33.87
C ALA R 206 -33.38 42.37 -32.57
N ILE R 207 -34.68 42.14 -32.42
CA ILE R 207 -35.17 41.52 -31.18
C ILE R 207 -34.54 40.15 -30.98
N GLY R 208 -34.56 39.33 -32.04
CA GLY R 208 -34.02 37.99 -31.94
C GLY R 208 -32.53 37.95 -31.68
N SER R 209 -31.82 39.03 -32.02
CA SER R 209 -30.41 39.15 -31.74
C SER R 209 -30.16 39.85 -30.42
N PHE R 210 -31.22 40.09 -29.64
CA PHE R 210 -31.10 40.78 -28.36
C PHE R 210 -30.47 42.18 -28.52
N GLN R 211 -30.66 42.83 -29.67
CA GLN R 211 -30.13 44.19 -29.87
C GLN R 211 -31.26 45.17 -29.55
N LEU R 212 -31.27 45.65 -28.31
CA LEU R 212 -32.32 46.55 -27.85
C LEU R 212 -31.88 48.01 -27.98
N ASP R 213 -32.81 48.92 -27.71
CA ASP R 213 -32.49 50.32 -27.54
C ASP R 213 -31.59 50.45 -26.31
N PRO R 214 -30.92 51.60 -26.15
CA PRO R 214 -29.95 51.72 -25.03
C PRO R 214 -30.58 51.50 -23.67
N GLU R 215 -31.75 52.08 -23.44
CA GLU R 215 -32.37 51.93 -22.13
C GLU R 215 -32.82 50.49 -21.90
N GLY R 216 -33.34 49.84 -22.95
CA GLY R 216 -33.67 48.43 -22.84
C GLY R 216 -32.46 47.58 -22.53
N ALA R 217 -31.31 47.90 -23.14
CA ALA R 217 -30.09 47.14 -22.84
C ALA R 217 -29.73 47.26 -21.37
N MET R 218 -29.88 48.45 -20.79
CA MET R 218 -29.61 48.65 -19.37
C MET R 218 -30.56 47.80 -18.52
N LYS R 219 -31.87 47.89 -18.79
CA LYS R 219 -32.84 47.13 -17.99
C LYS R 219 -32.66 45.64 -18.15
N ALA R 220 -32.23 45.18 -19.34
CA ALA R 220 -32.05 43.75 -19.59
C ALA R 220 -31.04 43.12 -18.63
N VAL R 221 -30.01 43.86 -18.21
CA VAL R 221 -29.08 43.33 -17.23
C VAL R 221 -29.37 43.83 -15.82
N SER R 222 -30.48 44.56 -15.63
CA SER R 222 -30.94 44.95 -14.30
C SER R 222 -31.95 43.97 -13.73
N THR R 223 -32.04 42.78 -14.30
CA THR R 223 -33.04 41.80 -13.90
C THR R 223 -32.46 40.41 -14.12
N LEU R 224 -33.04 39.45 -13.44
CA LEU R 224 -32.69 38.06 -13.67
C LEU R 224 -33.68 37.37 -14.60
N GLY R 225 -34.68 38.11 -15.10
CA GLY R 225 -35.62 37.53 -16.04
C GLY R 225 -37.09 37.89 -15.79
N ALA R 226 -37.40 38.33 -14.58
CA ALA R 226 -38.77 38.60 -14.18
C ALA R 226 -39.26 40.01 -14.52
N ASN R 227 -38.36 40.94 -14.80
CA ASN R 227 -38.71 42.35 -15.05
C ASN R 227 -38.11 42.77 -16.38
N PRO R 228 -38.74 42.38 -17.49
CA PRO R 228 -38.12 42.62 -18.80
C PRO R 228 -38.15 44.09 -19.16
N PRO R 229 -37.27 44.52 -20.06
CA PRO R 229 -37.40 45.86 -20.63
C PRO R 229 -38.63 45.91 -21.52
N GLU R 230 -38.99 47.13 -21.90
CA GLU R 230 -40.02 47.32 -22.93
C GLU R 230 -39.50 46.79 -24.26
N TYR R 231 -40.44 46.28 -25.07
CA TYR R 231 -40.13 45.91 -26.45
C TYR R 231 -39.71 47.16 -27.22
N ASN R 232 -38.43 47.26 -27.58
CA ASN R 232 -37.90 48.43 -28.27
C ASN R 232 -36.50 48.13 -28.79
N THR R 233 -36.14 48.76 -29.93
CA THR R 233 -34.86 48.56 -30.59
C THR R 233 -34.38 49.90 -31.15
N ASN R 234 -33.21 49.90 -31.75
CA ASN R 234 -32.77 51.10 -32.47
C ASN R 234 -33.58 51.31 -33.74
N TYR R 235 -34.45 50.37 -34.11
CA TYR R 235 -35.40 50.54 -35.18
C TYR R 235 -36.82 50.74 -34.64
N GLY R 236 -36.94 51.12 -33.37
CA GLY R 236 -38.25 51.39 -32.81
C GLY R 236 -38.95 50.17 -32.25
N ASN R 237 -40.24 50.39 -31.93
CA ASN R 237 -41.06 49.41 -31.22
C ASN R 237 -42.19 48.86 -32.08
N LYS R 238 -42.13 49.06 -33.39
CA LYS R 238 -43.15 48.51 -34.26
C LYS R 238 -42.77 47.08 -34.63
N VAL R 239 -43.78 46.28 -34.96
CA VAL R 239 -43.55 44.91 -35.39
C VAL R 239 -43.26 44.95 -36.89
N HIS R 240 -42.05 44.56 -37.29
CA HIS R 240 -41.60 44.76 -38.67
C HIS R 240 -42.10 43.66 -39.61
N ASP R 241 -42.42 44.07 -40.84
CA ASP R 241 -42.76 43.23 -41.99
C ASP R 241 -41.55 42.74 -42.76
N LYS R 242 -40.47 43.52 -42.74
CA LYS R 242 -39.17 43.31 -43.33
C LYS R 242 -38.14 43.33 -42.22
N PRO R 243 -37.01 42.65 -42.38
CA PRO R 243 -35.98 42.66 -41.32
C PRO R 243 -35.58 44.08 -40.99
N PRO R 244 -35.54 44.43 -39.69
CA PRO R 244 -35.12 45.80 -39.33
C PRO R 244 -33.67 46.08 -39.71
N ILE R 245 -32.81 45.10 -39.53
CA ILE R 245 -31.37 45.24 -39.79
C ILE R 245 -31.09 44.71 -41.19
N PRO R 246 -30.42 45.47 -42.05
CA PRO R 246 -30.12 45.00 -43.41
C PRO R 246 -29.24 43.75 -43.40
N GLY R 247 -29.37 42.95 -44.44
CA GLY R 247 -28.42 41.87 -44.64
C GLY R 247 -27.01 42.40 -44.79
N GLN R 248 -26.04 41.61 -44.35
CA GLN R 248 -24.66 42.06 -44.47
C GLN R 248 -24.24 42.03 -45.94
N THR R 249 -23.27 42.87 -46.27
CA THR R 249 -22.53 42.70 -47.51
C THR R 249 -21.05 42.54 -47.16
N PRO R 250 -20.28 41.74 -47.93
CA PRO R 250 -20.70 40.92 -49.07
C PRO R 250 -21.79 39.93 -48.65
N THR R 251 -22.68 39.63 -49.58
CA THR R 251 -23.83 38.78 -49.29
C THR R 251 -23.37 37.45 -48.73
N GLN R 252 -23.99 37.02 -47.63
CA GLN R 252 -23.69 35.71 -47.04
C GLN R 252 -24.63 34.64 -47.58
N TYR R 253 -24.05 33.53 -48.05
CA TYR R 253 -24.80 32.32 -48.32
C TYR R 253 -24.35 31.21 -47.39
N LEU R 254 -25.30 30.52 -46.79
CA LEU R 254 -25.02 29.31 -46.03
C LEU R 254 -25.49 28.13 -46.86
N VAL R 255 -24.58 27.20 -47.11
CA VAL R 255 -24.88 25.97 -47.82
C VAL R 255 -25.06 24.87 -46.79
N HIS R 256 -26.31 24.42 -46.67
CA HIS R 256 -26.75 23.44 -45.68
C HIS R 256 -26.76 22.06 -46.35
N ILE R 257 -25.92 21.14 -45.87
CA ILE R 257 -25.80 19.82 -46.46
C ILE R 257 -25.95 18.76 -45.38
N GLU R 258 -26.81 17.79 -45.62
CA GLU R 258 -27.04 16.73 -44.66
C GLU R 258 -26.41 15.46 -45.17
N TRP R 259 -25.80 14.72 -44.23
CA TRP R 259 -25.01 13.55 -44.53
C TRP R 259 -25.36 12.46 -43.52
N GLU R 260 -25.08 11.22 -43.92
CA GLU R 260 -25.37 10.09 -43.05
C GLU R 260 -24.62 10.20 -41.73
N SER R 261 -23.38 10.63 -41.76
CA SER R 261 -22.48 10.59 -40.61
C SER R 261 -21.38 11.62 -40.83
N PRO R 262 -20.61 11.93 -39.79
CA PRO R 262 -19.49 12.88 -39.98
C PRO R 262 -18.46 12.40 -41.00
N GLU R 263 -18.21 11.10 -41.04
CA GLU R 263 -17.24 10.56 -41.97
C GLU R 263 -17.73 10.68 -43.41
N HIS R 264 -19.02 10.44 -43.63
CA HIS R 264 -19.55 10.65 -44.99
C HIS R 264 -19.48 12.11 -45.40
N ALA R 265 -19.73 13.04 -44.45
CA ALA R 265 -19.61 14.47 -44.76
C ALA R 265 -18.18 14.84 -45.07
N HIS R 266 -17.24 14.34 -44.27
CA HIS R 266 -15.85 14.67 -44.46
C HIS R 266 -15.36 14.19 -45.83
N GLN R 267 -15.56 12.91 -46.10
CA GLN R 267 -15.17 12.37 -47.40
C GLN R 267 -16.00 13.00 -48.51
N GLY R 268 -17.28 13.24 -48.25
CA GLY R 268 -18.16 13.73 -49.31
C GLY R 268 -17.81 15.12 -49.77
N LEU R 269 -17.64 16.06 -48.83
CA LEU R 269 -17.22 17.41 -49.19
C LEU R 269 -15.87 17.42 -49.92
N GLY R 270 -14.99 16.47 -49.60
CA GLY R 270 -13.68 16.42 -50.24
C GLY R 270 -13.73 16.16 -51.73
N HIS R 271 -14.88 15.68 -52.24
CA HIS R 271 -14.99 15.42 -53.67
C HIS R 271 -14.85 16.68 -54.52
N VAL R 272 -15.13 17.86 -53.96
CA VAL R 272 -14.91 19.07 -54.77
C VAL R 272 -13.43 19.28 -55.05
N MET R 273 -12.56 18.49 -54.40
CA MET R 273 -11.13 18.55 -54.67
C MET R 273 -10.56 17.29 -55.31
N VAL R 274 -11.13 16.11 -55.08
CA VAL R 274 -10.48 14.88 -55.54
C VAL R 274 -11.26 14.22 -56.68
N ASP R 275 -12.32 14.85 -57.16
CA ASP R 275 -12.96 14.43 -58.40
C ASP R 275 -12.80 15.55 -59.42
N TYR R 276 -12.17 15.22 -60.55
CA TYR R 276 -11.82 16.25 -61.53
C TYR R 276 -13.05 17.01 -62.03
N GLU R 277 -14.11 16.28 -62.37
CA GLU R 277 -15.30 16.91 -62.93
C GLU R 277 -15.96 17.82 -61.90
N LEU R 278 -16.20 17.32 -60.70
CA LEU R 278 -16.81 18.16 -59.67
C LEU R 278 -15.93 19.34 -59.34
N ARG R 279 -14.62 19.13 -59.36
CA ARG R 279 -13.66 20.20 -59.09
C ARG R 279 -13.81 21.36 -60.07
N GLN R 280 -14.01 21.06 -61.36
CA GLN R 280 -14.19 22.14 -62.33
C GLN R 280 -15.48 22.88 -62.04
N ILE R 281 -16.56 22.15 -61.79
CA ILE R 281 -17.85 22.78 -61.51
C ILE R 281 -17.74 23.68 -60.29
N HIS R 282 -17.13 23.17 -59.21
CA HIS R 282 -17.04 23.91 -57.95
C HIS R 282 -16.05 25.07 -58.05
N ASN R 283 -14.91 24.87 -58.72
CA ASN R 283 -13.94 25.95 -58.91
C ASN R 283 -14.56 27.11 -59.67
N ASN R 284 -15.21 26.84 -60.80
CA ASN R 284 -15.74 27.91 -61.64
C ASN R 284 -17.10 28.39 -61.15
N GLY R 285 -17.88 27.52 -60.53
CA GLY R 285 -19.24 27.88 -60.17
C GLY R 285 -19.35 28.44 -58.77
N VAL R 286 -18.37 28.17 -57.92
CA VAL R 286 -18.45 28.61 -56.52
C VAL R 286 -17.23 29.43 -56.11
N LEU R 287 -16.04 28.82 -56.11
CA LEU R 287 -14.84 29.47 -55.58
C LEU R 287 -14.52 30.76 -56.33
N ALA R 288 -14.77 30.80 -57.63
CA ALA R 288 -14.46 31.98 -58.42
C ALA R 288 -15.29 33.21 -58.01
N HIS R 289 -16.33 33.03 -57.22
CA HIS R 289 -17.26 34.11 -56.92
C HIS R 289 -17.20 34.54 -55.45
N LEU R 290 -16.19 34.10 -54.70
CA LEU R 290 -16.15 34.28 -53.25
C LEU R 290 -15.21 35.42 -52.84
N ASP R 291 -15.66 36.23 -51.88
CA ASP R 291 -14.79 37.05 -51.06
C ASP R 291 -14.28 36.30 -49.84
N LYS R 292 -15.07 35.39 -49.28
CA LYS R 292 -14.68 34.69 -48.08
C LYS R 292 -15.22 33.26 -48.12
N GLY R 293 -14.46 32.33 -47.57
CA GLY R 293 -14.89 30.96 -47.48
C GLY R 293 -14.34 30.10 -48.60
N PRO R 294 -14.85 28.88 -48.73
CA PRO R 294 -15.86 28.29 -47.85
C PRO R 294 -15.28 27.82 -46.51
N TYR R 295 -16.12 27.85 -45.48
CA TYR R 295 -15.79 27.34 -44.16
C TYR R 295 -16.96 26.48 -43.73
N TYR R 296 -16.68 25.21 -43.44
CA TYR R 296 -17.72 24.22 -43.16
C TYR R 296 -17.71 23.83 -41.69
N MET R 297 -18.80 24.12 -40.99
CA MET R 297 -19.00 23.66 -39.61
C MET R 297 -19.89 22.42 -39.62
N PHE R 298 -19.55 21.45 -38.76
CA PHE R 298 -20.31 20.22 -38.58
C PHE R 298 -21.24 20.36 -37.38
N PHE R 299 -22.47 19.89 -37.52
CA PHE R 299 -23.46 19.96 -36.46
C PHE R 299 -24.16 18.62 -36.29
N SER R 300 -24.65 18.39 -35.08
CA SER R 300 -25.57 17.31 -34.83
C SER R 300 -26.96 17.89 -34.55
N PRO R 301 -28.01 17.42 -35.23
CA PRO R 301 -29.37 17.89 -34.94
C PRO R 301 -29.91 17.23 -33.68
N MET R 302 -29.99 18.01 -32.59
CA MET R 302 -30.47 17.50 -31.30
C MET R 302 -31.98 17.31 -31.27
N MET R 303 -32.74 18.33 -31.69
CA MET R 303 -34.20 18.25 -31.77
C MET R 303 -34.63 18.82 -33.10
N GLU R 304 -35.68 18.25 -33.68
CA GLU R 304 -36.20 18.73 -34.95
C GLU R 304 -37.70 18.64 -34.92
N GLN R 305 -38.34 19.67 -35.42
CA GLN R 305 -39.74 19.60 -35.79
C GLN R 305 -39.70 19.87 -37.29
N GLY R 306 -39.77 18.81 -38.09
CA GLY R 306 -39.39 18.89 -39.48
C GLY R 306 -40.51 19.02 -40.48
N LEU R 307 -41.73 19.35 -40.03
CA LEU R 307 -42.83 19.46 -40.99
C LEU R 307 -42.64 20.60 -41.99
N TRP R 308 -41.83 21.60 -41.67
CA TRP R 308 -41.56 22.65 -42.65
C TRP R 308 -40.97 22.08 -43.93
N ARG R 309 -40.23 20.97 -43.83
CA ARG R 309 -39.65 20.36 -45.01
C ARG R 309 -40.73 19.86 -45.97
N LYS R 310 -41.92 19.52 -45.44
CA LYS R 310 -42.95 18.84 -46.23
C LYS R 310 -43.41 19.69 -47.40
N HIS R 311 -43.35 21.02 -47.26
CA HIS R 311 -43.72 21.95 -48.30
C HIS R 311 -42.57 22.92 -48.60
N LEU R 312 -41.59 22.41 -49.35
CA LEU R 312 -40.53 23.18 -49.99
C LEU R 312 -40.72 23.06 -51.51
N LYS R 313 -39.65 23.35 -52.25
CA LYS R 313 -39.65 23.30 -53.71
C LYS R 313 -40.70 24.26 -54.23
N GLU S 4 16.22 -66.25 26.56
CA GLU S 4 17.25 -65.22 26.65
C GLU S 4 16.75 -63.97 27.37
N ASN S 5 17.43 -63.56 28.44
CA ASN S 5 17.15 -62.26 29.05
CA ASN S 5 17.14 -62.24 29.01
C ASN S 5 18.32 -61.33 28.76
N PRO S 6 18.25 -60.48 27.76
CA PRO S 6 19.36 -59.58 27.46
C PRO S 6 19.43 -58.44 28.46
N ILE S 7 20.53 -57.70 28.37
CA ILE S 7 20.78 -56.49 29.12
C ILE S 7 20.49 -55.31 28.21
N ILE S 8 19.91 -54.25 28.75
CA ILE S 8 19.62 -53.05 27.98
C ILE S 8 20.43 -51.92 28.59
N ALA S 9 21.32 -51.34 27.78
CA ALA S 9 21.99 -50.10 28.12
C ALA S 9 21.14 -48.97 27.55
N ILE S 10 20.79 -48.00 28.37
CA ILE S 10 19.99 -46.88 27.92
C ILE S 10 20.84 -45.62 27.99
N ASN S 11 21.29 -45.14 26.84
CA ASN S 11 21.99 -43.87 26.78
C ASN S 11 20.98 -42.74 26.85
N MET S 12 21.01 -41.97 27.94
CA MET S 12 20.06 -40.90 28.22
C MET S 12 20.76 -39.57 28.05
N ALA S 13 20.20 -38.73 27.19
CA ALA S 13 20.72 -37.39 26.97
C ALA S 13 19.54 -36.44 26.79
N LYS S 14 19.81 -35.16 26.98
CA LYS S 14 18.85 -34.10 26.67
C LYS S 14 19.48 -33.19 25.63
N ILE S 15 18.83 -33.03 24.50
CA ILE S 15 19.41 -32.34 23.36
C ILE S 15 18.57 -31.13 22.99
N ALA S 16 19.23 -30.17 22.33
CA ALA S 16 18.54 -28.95 21.91
C ALA S 16 17.48 -29.28 20.89
N ASN S 17 16.30 -28.69 21.06
CA ASN S 17 15.18 -28.92 20.16
C ASN S 17 15.22 -27.86 19.08
N LYS S 18 15.98 -28.13 18.03
CA LYS S 18 16.13 -27.20 16.93
C LYS S 18 16.48 -27.99 15.68
N PRO S 19 16.23 -27.43 14.48
CA PRO S 19 16.45 -28.20 13.24
C PRO S 19 17.85 -28.80 13.09
N ASP S 20 18.91 -28.11 13.54
CA ASP S 20 20.26 -28.66 13.44
C ASP S 20 20.36 -29.99 14.16
N SER S 21 19.64 -30.15 15.27
CA SER S 21 19.69 -31.39 16.04
C SER S 21 19.10 -32.56 15.25
N TYR S 22 17.97 -32.35 14.57
CA TYR S 22 17.41 -33.41 13.74
C TYR S 22 18.34 -33.78 12.60
N GLU S 23 19.04 -32.78 12.04
CA GLU S 23 19.99 -33.05 10.96
C GLU S 23 21.11 -33.96 11.40
N THR S 24 21.77 -33.61 12.52
CA THR S 24 22.91 -34.41 12.97
C THR S 24 22.48 -35.79 13.51
N MET S 25 21.23 -35.95 13.98
CA MET S 25 20.75 -37.27 14.39
C MET S 25 20.59 -38.20 13.21
N MET S 26 20.27 -37.65 12.04
CA MET S 26 20.09 -38.41 10.81
C MET S 26 21.40 -38.67 10.07
N LYS S 27 22.44 -37.87 10.31
CA LYS S 27 23.73 -38.01 9.67
C LYS S 27 24.70 -38.85 10.50
N VAL S 28 24.67 -38.67 11.81
CA VAL S 28 25.58 -39.35 12.73
C VAL S 28 24.94 -40.58 13.37
N GLY S 29 23.63 -40.51 13.66
CA GLY S 29 22.91 -41.60 14.28
C GLY S 29 23.14 -42.96 13.64
N PRO S 30 22.88 -43.07 12.33
CA PRO S 30 23.15 -44.35 11.66
C PRO S 30 24.59 -44.81 11.82
N LYS S 31 25.55 -43.88 11.82
CA LYS S 31 26.96 -44.27 11.90
C LYS S 31 27.30 -44.87 13.26
N VAL S 32 26.70 -44.35 14.33
CA VAL S 32 26.96 -44.91 15.65
C VAL S 32 26.38 -46.33 15.72
N CSS S 33 25.16 -46.53 15.22
CA CSS S 33 24.54 -47.83 15.26
CB CSS S 33 23.14 -47.77 14.76
SG CSS S 33 22.22 -46.87 15.97
SD CSS S 33 22.71 -47.76 17.73
C CSS S 33 25.33 -48.81 14.46
O CSS S 33 25.43 -50.00 14.88
N ILE S 34 25.86 -48.40 13.31
CA ILE S 34 26.68 -49.26 12.47
C ILE S 34 27.92 -49.71 13.23
N THR S 35 28.53 -48.77 13.94
CA THR S 35 29.67 -49.10 14.79
C THR S 35 29.26 -50.09 15.89
N THR S 36 28.11 -49.84 16.53
CA THR S 36 27.66 -50.72 17.60
C THR S 36 27.44 -52.15 17.10
N ALA S 37 26.85 -52.30 15.91
CA ALA S 37 26.52 -53.60 15.34
C ALA S 37 27.72 -54.35 14.81
N SER S 38 28.93 -53.85 15.02
CA SER S 38 30.12 -54.63 14.71
C SER S 38 30.38 -55.73 15.73
N HIS S 39 29.69 -55.69 16.92
CA HIS S 39 29.99 -56.64 17.99
C HIS S 39 28.98 -57.79 18.01
N PRO S 40 29.44 -59.03 18.14
CA PRO S 40 28.51 -60.16 18.04
C PRO S 40 27.54 -60.26 19.21
N GLY S 41 27.81 -59.59 20.33
CA GLY S 41 26.85 -59.58 21.40
C GLY S 41 25.72 -58.57 21.24
N PHE S 42 25.71 -57.81 20.15
CA PHE S 42 24.73 -56.76 19.93
C PHE S 42 23.42 -57.33 19.40
N LEU S 43 22.31 -57.02 20.07
CA LEU S 43 21.03 -57.63 19.71
C LEU S 43 20.03 -56.68 19.10
N GLY S 44 20.18 -55.37 19.27
CA GLY S 44 19.25 -54.43 18.66
C GLY S 44 19.22 -53.11 19.40
N PHE S 45 18.38 -52.21 18.89
CA PHE S 45 18.34 -50.86 19.46
C PHE S 45 16.96 -50.24 19.30
N GLU S 46 16.71 -49.23 20.12
CA GLU S 46 15.50 -48.39 20.07
C GLU S 46 15.95 -46.95 20.23
N GLN S 47 15.71 -46.12 19.24
CA GLN S 47 16.02 -44.70 19.32
C GLN S 47 14.73 -43.97 19.64
N LEU S 48 14.62 -43.44 20.86
CA LEU S 48 13.40 -42.82 21.38
C LEU S 48 13.61 -41.32 21.55
N LEU S 49 12.75 -40.53 20.93
CA LEU S 49 12.79 -39.07 21.04
C LEU S 49 11.60 -38.60 21.87
N GLN S 50 11.86 -37.81 22.90
CA GLN S 50 10.79 -37.39 23.78
C GLN S 50 9.84 -36.45 23.04
N THR S 51 8.54 -36.69 23.23
CA THR S 51 7.50 -35.84 22.64
C THR S 51 6.67 -35.12 23.69
N GLY S 52 6.76 -35.52 24.96
CA GLY S 52 5.97 -34.87 26.02
C GLY S 52 6.05 -35.68 27.30
N ILE S 53 5.06 -35.46 28.19
CA ILE S 53 4.96 -36.16 29.46
C ILE S 53 3.50 -36.49 29.71
N HIS S 54 3.25 -37.30 30.74
CA HIS S 54 1.89 -37.46 31.25
C HIS S 54 1.64 -36.43 32.33
N PRO S 55 0.71 -35.48 32.15
CA PRO S 55 0.47 -34.47 33.18
C PRO S 55 -0.17 -35.02 34.46
N MET S 56 -0.68 -36.25 34.44
CA MET S 56 -1.20 -36.94 35.63
C MET S 56 -2.22 -36.07 36.38
N ALA S 57 -3.22 -35.63 35.62
CA ALA S 57 -4.36 -34.89 36.18
C ALA S 57 -3.89 -33.63 36.90
N GLY S 58 -2.85 -32.98 36.38
CA GLY S 58 -2.40 -31.71 36.91
C GLY S 58 -1.22 -31.80 37.86
N ARG S 59 -0.80 -33.01 38.24
CA ARG S 59 0.39 -33.15 39.06
C ARG S 59 1.60 -32.53 38.36
N TYR S 60 1.65 -32.60 37.04
CA TYR S 60 2.64 -31.89 36.24
C TYR S 60 1.92 -31.02 35.22
N GLY S 61 1.13 -30.05 35.72
CA GLY S 61 0.25 -29.24 34.88
C GLY S 61 0.98 -28.30 33.95
N GLY S 62 2.27 -28.06 34.17
CA GLY S 62 3.04 -27.30 33.21
C GLY S 62 3.42 -28.07 31.98
N GLY S 63 3.25 -29.39 32.01
CA GLY S 63 3.57 -30.24 30.89
C GLY S 63 2.34 -30.60 30.07
N ALA S 64 2.57 -31.44 29.07
CA ALA S 64 1.52 -31.82 28.16
C ALA S 64 1.93 -33.11 27.47
N VAL S 65 0.93 -33.85 26.99
CA VAL S 65 1.19 -35.05 26.22
C VAL S 65 2.06 -34.74 25.01
N ASP S 66 1.73 -33.66 24.31
CA ASP S 66 2.47 -33.21 23.14
C ASP S 66 3.17 -31.90 23.48
N MET S 67 4.46 -31.98 23.74
CA MET S 67 5.30 -30.81 23.95
C MET S 67 6.34 -30.66 22.84
N ARG S 68 6.07 -31.25 21.66
CA ARG S 68 7.10 -31.31 20.61
C ARG S 68 7.57 -29.93 20.18
N GLU S 69 6.72 -28.92 20.28
CA GLU S 69 7.08 -27.56 19.87
C GLU S 69 7.79 -26.76 20.95
N THR S 70 7.65 -27.14 22.20
CA THR S 70 8.08 -26.29 23.29
C THR S 70 9.20 -26.86 24.12
N LEU S 71 9.40 -28.16 24.08
CA LEU S 71 10.36 -28.83 24.94
C LEU S 71 11.77 -28.49 24.51
N ASN S 72 12.55 -27.93 25.42
CA ASN S 72 13.96 -27.69 25.09
C ASN S 72 14.77 -27.55 26.38
N PRO S 73 15.67 -28.50 26.68
CA PRO S 73 16.00 -29.65 25.84
C PRO S 73 14.91 -30.70 25.82
N MET S 74 15.02 -31.63 24.87
CA MET S 74 14.15 -32.79 24.79
C MET S 74 14.94 -34.04 25.08
N GLY S 75 14.30 -35.00 25.75
CA GLY S 75 14.95 -36.23 26.08
C GLY S 75 15.24 -37.05 24.83
N MET S 76 16.38 -37.72 24.84
CA MET S 76 16.71 -38.62 23.76
C MET S 76 17.30 -39.86 24.41
N PHE S 77 16.59 -40.98 24.34
CA PHE S 77 17.01 -42.24 24.94
C PHE S 77 17.34 -43.22 23.82
N GLN S 78 18.55 -43.77 23.87
CA GLN S 78 19.01 -44.79 22.94
C GLN S 78 19.16 -46.11 23.71
N TYR S 79 18.27 -47.07 23.46
CA TYR S 79 18.45 -48.43 23.95
C TYR S 79 19.41 -49.15 23.02
N THR S 80 20.45 -49.75 23.58
CA THR S 80 21.20 -50.79 22.88
C THR S 80 21.08 -52.06 23.72
N VAL S 81 20.79 -53.18 23.05
CA VAL S 81 20.40 -54.42 23.70
C VAL S 81 21.52 -55.46 23.49
N TRP S 82 21.90 -56.15 24.57
CA TRP S 82 23.15 -56.90 24.59
C TRP S 82 22.97 -58.26 25.26
N LYS S 83 23.79 -59.23 24.82
CA LYS S 83 23.82 -60.52 25.51
C LYS S 83 24.25 -60.35 26.96
N ASP S 84 25.18 -59.42 27.21
CA ASP S 84 25.71 -59.21 28.54
C ASP S 84 26.43 -57.87 28.58
N VAL S 85 26.79 -57.47 29.80
CA VAL S 85 27.51 -56.21 30.00
C VAL S 85 28.85 -56.23 29.27
N HIS S 86 29.56 -57.37 29.32
CA HIS S 86 30.90 -57.41 28.76
C HIS S 86 30.90 -57.04 27.27
N SER S 87 29.89 -57.51 26.54
CA SER S 87 29.80 -57.23 25.11
C SER S 87 29.71 -55.74 24.85
N HIS S 88 28.88 -55.04 25.62
CA HIS S 88 28.74 -53.61 25.44
C HIS S 88 30.03 -52.87 25.80
N GLU S 89 30.63 -53.22 26.95
CA GLU S 89 31.89 -52.58 27.33
C GLU S 89 32.98 -52.86 26.32
N GLU S 90 33.00 -54.09 25.78
CA GLU S 90 34.01 -54.46 24.80
C GLU S 90 33.80 -53.72 23.48
N MET S 91 32.54 -53.60 23.05
CA MET S 91 32.24 -52.82 21.86
C MET S 91 32.75 -51.39 22.02
N HIS S 92 32.43 -50.76 23.15
CA HIS S 92 32.90 -49.41 23.41
C HIS S 92 34.43 -49.37 23.43
N HIS S 93 35.08 -50.38 24.00
CA HIS S 93 36.53 -50.39 23.99
C HIS S 93 37.07 -50.56 22.57
N ASP S 94 36.59 -51.57 21.85
CA ASP S 94 37.14 -51.88 20.53
C ASP S 94 36.90 -50.77 19.52
N ASN S 95 35.89 -49.94 19.73
CA ASN S 95 35.56 -48.88 18.78
C ASN S 95 35.69 -47.49 19.42
N PHE S 96 36.57 -47.36 20.41
CA PHE S 96 36.59 -46.13 21.21
C PHE S 96 36.89 -44.91 20.36
N LYS S 97 37.92 -44.99 19.52
CA LYS S 97 38.31 -43.87 18.67
C LYS S 97 37.18 -43.46 17.75
N GLU S 98 36.51 -44.43 17.13
CA GLU S 98 35.47 -44.10 16.17
C GLU S 98 34.22 -43.58 16.86
N ILE S 99 33.83 -44.19 17.99
CA ILE S 99 32.70 -43.65 18.72
C ILE S 99 32.98 -42.24 19.20
N PHE S 100 34.20 -42.01 19.66
CA PHE S 100 34.57 -40.68 20.11
C PHE S 100 34.42 -39.67 18.97
N GLU S 101 34.91 -40.01 17.78
CA GLU S 101 34.75 -39.09 16.65
C GLU S 101 33.28 -38.81 16.36
N LEU S 102 32.44 -39.83 16.38
CA LEU S 102 31.04 -39.64 16.06
C LEU S 102 30.37 -38.81 17.15
N CSS S 103 30.56 -39.17 18.41
CA CSS S 103 29.86 -38.49 19.45
CB CSS S 103 29.92 -39.29 20.73
SG CSS S 103 28.78 -40.64 20.58
SD CSS S 103 26.97 -39.99 19.95
C CSS S 103 30.42 -37.11 19.64
O CSS S 103 29.68 -36.22 20.17
N SER S 104 31.65 -36.86 19.24
CA SER S 104 32.19 -35.49 19.32
C SER S 104 31.38 -34.55 18.47
N GLY S 105 30.93 -35.03 17.31
CA GLY S 105 30.01 -34.23 16.52
C GLY S 105 28.68 -34.01 17.22
N CYS S 106 28.19 -35.04 17.93
CA CYS S 106 26.89 -34.97 18.58
C CYS S 106 26.85 -34.02 19.75
N LEU S 107 27.99 -33.76 20.40
CA LEU S 107 27.99 -32.93 21.59
C LEU S 107 27.56 -31.50 21.31
N GLY S 108 27.65 -31.04 20.06
CA GLY S 108 27.20 -29.70 19.71
C GLY S 108 25.72 -29.48 19.90
N MET S 109 24.95 -30.54 20.13
CA MET S 109 23.53 -30.41 20.42
C MET S 109 23.16 -30.89 21.81
N VAL S 110 24.13 -31.35 22.62
CA VAL S 110 23.85 -31.94 23.92
C VAL S 110 23.76 -30.84 24.97
N ILE S 111 22.71 -30.88 25.77
CA ILE S 111 22.56 -29.98 26.90
C ILE S 111 22.80 -30.68 28.23
N GLU S 112 22.47 -31.97 28.32
CA GLU S 112 22.69 -32.75 29.52
C GLU S 112 22.93 -34.19 29.09
N GLY S 113 23.78 -34.90 29.83
CA GLY S 113 24.15 -36.26 29.49
C GLY S 113 25.42 -36.28 28.67
N PRO S 114 25.78 -37.44 28.10
CA PRO S 114 25.04 -38.70 28.23
C PRO S 114 25.27 -39.38 29.59
N TRP S 115 24.26 -40.13 30.04
CA TRP S 115 24.37 -41.01 31.20
C TRP S 115 23.81 -42.35 30.77
N GLU S 116 24.60 -43.41 30.89
CA GLU S 116 24.21 -44.68 30.29
C GLU S 116 24.12 -45.78 31.34
N PRO S 117 22.99 -45.90 32.03
CA PRO S 117 22.82 -47.00 32.99
C PRO S 117 22.50 -48.30 32.27
N TYR S 118 22.82 -49.39 32.96
CA TYR S 118 22.49 -50.74 32.54
C TYR S 118 21.22 -51.19 33.25
N PHE S 119 20.34 -51.87 32.51
CA PHE S 119 19.08 -52.32 33.05
C PHE S 119 18.90 -53.81 32.82
N GLU S 120 18.38 -54.49 33.81
CA GLU S 120 17.92 -55.87 33.69
C GLU S 120 16.43 -55.88 33.35
N VAL S 121 16.03 -56.77 32.44
CA VAL S 121 14.63 -56.95 32.08
C VAL S 121 13.99 -57.88 33.11
N VAL S 122 13.27 -57.32 34.08
CA VAL S 122 12.68 -58.12 35.14
C VAL S 122 11.57 -59.01 34.60
N LYS S 123 10.67 -58.44 33.82
CA LYS S 123 9.60 -59.18 33.20
C LYS S 123 9.12 -58.35 32.03
N SER S 124 8.51 -59.00 31.04
CA SER S 124 8.11 -58.27 29.86
C SER S 124 6.96 -59.00 29.20
N ASP S 125 6.17 -58.25 28.44
CA ASP S 125 5.18 -58.78 27.51
C ASP S 125 5.23 -57.83 26.31
N LEU S 126 6.26 -57.99 25.49
CA LEU S 126 6.55 -57.09 24.38
C LEU S 126 6.41 -57.86 23.09
N PRO S 127 5.50 -57.49 22.19
CA PRO S 127 5.41 -58.20 20.91
C PRO S 127 6.53 -57.75 19.97
N GLN S 128 6.78 -58.58 18.97
CA GLN S 128 7.62 -58.17 17.85
C GLN S 128 6.97 -57.03 17.08
N ILE S 129 7.81 -56.12 16.56
CA ILE S 129 7.34 -55.01 15.76
C ILE S 129 7.10 -55.49 14.33
N MET S 130 6.16 -54.83 13.65
CA MET S 130 5.75 -55.23 12.31
C MET S 130 5.16 -54.00 11.65
N SER S 131 4.70 -54.16 10.42
CA SER S 131 4.01 -53.09 9.70
C SER S 131 2.61 -53.57 9.34
N MET S 132 1.78 -52.62 8.88
CA MET S 132 0.42 -52.94 8.48
C MET S 132 0.36 -54.07 7.46
N THR S 133 1.20 -54.00 6.42
CA THR S 133 1.14 -55.01 5.38
C THR S 133 1.64 -56.37 5.83
N ASP S 134 2.20 -56.47 7.05
CA ASP S 134 2.56 -57.76 7.64
C ASP S 134 1.41 -58.41 8.39
N VAL S 135 0.39 -57.63 8.77
CA VAL S 135 -0.59 -58.11 9.74
C VAL S 135 -1.36 -59.32 9.23
N PRO S 136 -1.88 -59.34 8.00
CA PRO S 136 -2.58 -60.57 7.54
C PRO S 136 -1.72 -61.81 7.62
N GLN S 137 -0.44 -61.73 7.27
CA GLN S 137 0.39 -62.92 7.36
C GLN S 137 0.67 -63.28 8.82
N VAL S 138 0.91 -62.29 9.68
CA VAL S 138 1.07 -62.58 11.10
C VAL S 138 -0.19 -63.24 11.67
N LEU S 139 -1.35 -62.78 11.22
CA LEU S 139 -2.61 -63.39 11.61
C LEU S 139 -2.69 -64.84 11.13
N GLY S 140 -2.46 -65.06 9.84
CA GLY S 140 -2.53 -66.41 9.31
C GLY S 140 -1.51 -67.34 9.95
N ASP S 141 -0.29 -66.85 10.16
CA ASP S 141 0.73 -67.68 10.80
C ASP S 141 0.35 -68.01 12.23
N SER S 142 -0.29 -67.08 12.93
CA SER S 142 -0.72 -67.35 14.30
C SER S 142 -1.73 -68.49 14.36
N PHE S 143 -2.72 -68.46 13.46
CA PHE S 143 -3.72 -69.53 13.43
C PHE S 143 -3.09 -70.87 13.08
N ALA S 144 -2.20 -70.88 12.09
CA ALA S 144 -1.54 -72.11 11.68
C ALA S 144 -0.76 -72.73 12.84
N LYS S 145 0.01 -71.91 13.56
CA LYS S 145 0.80 -72.39 14.68
C LYS S 145 0.00 -72.55 15.98
N GLN S 146 -1.34 -72.44 15.94
CA GLN S 146 -2.16 -72.56 17.15
C GLN S 146 -1.75 -71.55 18.23
N GLU S 147 -1.17 -70.41 17.83
CA GLU S 147 -0.69 -69.43 18.78
C GLU S 147 -1.59 -68.21 18.83
N ARG S 148 -1.44 -67.46 19.92
CA ARG S 148 -2.21 -66.23 20.10
C ARG S 148 -1.69 -65.13 19.19
N VAL S 149 -2.62 -64.39 18.61
CA VAL S 149 -2.27 -63.21 17.81
C VAL S 149 -1.82 -62.11 18.76
N PRO S 150 -0.67 -61.48 18.50
CA PRO S 150 -0.18 -60.42 19.40
C PRO S 150 -0.92 -59.10 19.17
N LYS S 151 -0.74 -58.19 20.12
CA LYS S 151 -1.00 -56.79 19.84
C LYS S 151 -0.09 -56.34 18.70
N VAL S 152 -0.59 -55.40 17.89
CA VAL S 152 0.15 -54.91 16.74
C VAL S 152 1.02 -53.73 17.16
N ALA S 153 2.35 -53.91 17.13
CA ALA S 153 3.32 -52.86 17.43
C ALA S 153 3.91 -52.36 16.12
N LEU S 154 3.41 -51.23 15.62
CA LEU S 154 3.82 -50.73 14.32
C LEU S 154 5.22 -50.14 14.42
N SER S 155 6.12 -50.67 13.60
CA SER S 155 7.51 -50.22 13.58
C SER S 155 7.57 -48.72 13.32
N SER S 156 8.21 -47.99 14.25
CA SER S 156 8.38 -46.54 14.18
C SER S 156 7.04 -45.81 14.00
N GLN S 157 5.94 -46.37 14.49
CA GLN S 157 4.62 -45.77 14.32
C GLN S 157 3.74 -46.07 15.53
N ARG S 158 4.24 -45.77 16.72
CA ARG S 158 3.48 -45.96 17.94
C ARG S 158 4.13 -45.11 19.04
N THR S 159 3.58 -45.23 20.23
CA THR S 159 4.02 -44.41 21.34
C THR S 159 4.72 -45.30 22.36
N VAL S 160 5.86 -44.85 22.84
CA VAL S 160 6.57 -45.51 23.93
C VAL S 160 6.53 -44.56 25.12
N VAL S 161 6.12 -45.10 26.25
CA VAL S 161 6.06 -44.36 27.48
C VAL S 161 7.03 -45.01 28.46
N ILE S 162 7.79 -44.18 29.19
CA ILE S 162 8.73 -44.66 30.19
C ILE S 162 8.37 -44.06 31.53
N GLY S 163 8.03 -44.92 32.50
CA GLY S 163 7.71 -44.48 33.85
C GLY S 163 8.88 -44.69 34.79
N ASP S 164 9.36 -43.58 35.35
CA ASP S 164 10.50 -43.54 36.25
C ASP S 164 10.01 -43.71 37.69
N HIS S 165 10.52 -44.74 38.37
CA HIS S 165 10.17 -45.06 39.74
C HIS S 165 11.45 -45.25 40.54
N TRP S 166 11.54 -44.62 41.71
CA TRP S 166 12.55 -44.98 42.70
C TRP S 166 11.84 -45.77 43.80
N VAL S 167 12.34 -46.97 44.06
CA VAL S 167 11.68 -47.92 44.96
C VAL S 167 12.38 -47.89 46.31
N MET S 168 11.58 -47.89 47.38
CA MET S 168 12.11 -47.90 48.74
C MET S 168 13.00 -49.12 48.99
N ASP S 169 14.09 -48.88 49.72
CA ASP S 169 15.01 -49.94 50.13
C ASP S 169 14.24 -51.09 50.77
N GLY S 170 14.44 -52.30 50.23
CA GLY S 170 13.77 -53.47 50.74
C GLY S 170 12.42 -53.75 50.12
N HIS S 171 11.91 -52.87 49.27
CA HIS S 171 10.61 -53.09 48.65
C HIS S 171 10.72 -53.55 47.21
N GLU S 172 11.92 -53.90 46.74
CA GLU S 172 12.12 -54.15 45.30
C GLU S 172 11.21 -55.26 44.80
N LYS S 173 11.19 -56.39 45.51
CA LYS S 173 10.43 -57.54 45.04
C LYS S 173 8.93 -57.26 45.04
N ALA S 174 8.43 -56.61 46.10
CA ALA S 174 7.01 -56.22 46.12
C ALA S 174 6.67 -55.29 44.97
N PHE S 175 7.57 -54.33 44.66
CA PHE S 175 7.35 -53.44 43.51
C PHE S 175 7.25 -54.24 42.22
N GLU S 176 8.18 -55.17 42.01
CA GLU S 176 8.16 -55.96 40.78
C GLU S 176 6.86 -56.74 40.65
N GLN S 177 6.40 -57.34 41.74
CA GLN S 177 5.14 -58.09 41.69
C GLN S 177 3.96 -57.15 41.46
N GLY S 178 3.93 -56.01 42.16
CA GLY S 178 2.83 -55.07 41.99
C GLY S 178 2.81 -54.42 40.62
N ALA S 179 3.97 -54.03 40.10
CA ALA S 179 4.03 -53.48 38.74
C ALA S 179 3.64 -54.53 37.70
N THR S 180 4.09 -55.78 37.88
CA THR S 180 3.68 -56.85 36.97
C THR S 180 2.18 -57.00 36.93
N GLU S 181 1.54 -57.06 38.11
CA GLU S 181 0.08 -57.22 38.16
C GLU S 181 -0.64 -56.02 37.54
N THR S 182 -0.14 -54.81 37.79
CA THR S 182 -0.73 -53.62 37.19
C THR S 182 -0.68 -53.70 35.66
N LEU S 183 0.49 -54.02 35.12
CA LEU S 183 0.67 -54.01 33.68
C LEU S 183 -0.10 -55.14 33.01
N GLU S 184 -0.12 -56.31 33.64
CA GLU S 184 -0.90 -57.41 33.07
C GLU S 184 -2.39 -57.08 33.04
N TRP S 185 -2.91 -56.45 34.11
CA TRP S 185 -4.29 -55.98 34.07
C TRP S 185 -4.52 -54.99 32.93
N MET S 186 -3.60 -54.04 32.75
CA MET S 186 -3.77 -53.04 31.70
C MET S 186 -3.76 -53.67 30.31
N LYS S 187 -2.84 -54.61 30.06
CA LYS S 187 -2.77 -55.19 28.72
C LYS S 187 -4.00 -56.03 28.40
N ALA S 188 -4.62 -56.63 29.41
CA ALA S 188 -5.84 -57.39 29.18
C ALA S 188 -7.07 -56.52 28.98
N ASN S 189 -7.07 -55.30 29.53
CA ASN S 189 -8.31 -54.56 29.71
C ASN S 189 -8.35 -53.15 29.12
N VAL S 190 -7.24 -52.56 28.72
CA VAL S 190 -7.18 -51.15 28.32
C VAL S 190 -6.94 -51.06 26.83
N PRO S 191 -7.75 -50.33 26.08
CA PRO S 191 -7.58 -50.27 24.62
C PRO S 191 -6.24 -49.66 24.23
N GLY S 192 -5.66 -50.19 23.16
CA GLY S 192 -4.47 -49.63 22.59
C GLY S 192 -3.21 -49.95 23.34
N MET S 193 -3.29 -50.81 24.35
CA MET S 193 -2.13 -51.22 25.10
C MET S 193 -1.39 -52.26 24.27
N VAL S 194 -0.20 -51.91 23.82
CA VAL S 194 0.55 -52.74 22.88
C VAL S 194 1.50 -53.69 23.60
N GLY S 195 2.19 -53.23 24.63
CA GLY S 195 3.10 -54.12 25.33
C GLY S 195 3.80 -53.40 26.45
N TRP S 196 4.63 -54.14 27.19
CA TRP S 196 5.29 -53.54 28.34
C TRP S 196 6.55 -54.30 28.73
N MET S 197 7.36 -53.65 29.55
CA MET S 197 8.61 -54.19 30.01
C MET S 197 8.98 -53.48 31.31
N ILE S 198 9.42 -54.24 32.32
CA ILE S 198 9.89 -53.70 33.59
C ILE S 198 11.41 -53.81 33.59
N MET S 199 12.10 -52.68 33.76
CA MET S 199 13.57 -52.62 33.73
C MET S 199 14.11 -52.11 35.05
N LYS S 200 15.14 -52.79 35.57
CA LYS S 200 15.73 -52.48 36.86
C LYS S 200 17.17 -52.05 36.64
N GLN S 201 17.52 -50.83 37.08
CA GLN S 201 18.90 -50.35 36.94
C GLN S 201 19.81 -51.07 37.93
N PHE S 202 20.91 -51.67 37.42
CA PHE S 202 21.85 -52.37 38.29
C PHE S 202 23.30 -51.90 38.14
N GLY S 203 23.55 -50.88 37.32
CA GLY S 203 24.89 -50.36 37.14
C GLY S 203 24.89 -49.30 36.08
N VAL S 204 26.06 -48.71 35.86
CA VAL S 204 26.24 -47.67 34.85
C VAL S 204 27.54 -47.91 34.10
N SER S 205 27.52 -47.65 32.79
CA SER S 205 28.73 -47.71 31.98
C SER S 205 29.50 -46.38 32.11
N ALA S 206 30.75 -46.45 32.55
CA ALA S 206 31.55 -45.23 32.64
C ALA S 206 31.88 -44.68 31.25
N ILE S 207 32.40 -45.53 30.36
CA ILE S 207 32.74 -45.07 29.02
C ILE S 207 31.50 -44.55 28.31
N GLY S 208 30.39 -45.29 28.38
CA GLY S 208 29.18 -44.85 27.71
C GLY S 208 28.63 -43.55 28.27
N SER S 209 28.97 -43.23 29.52
CA SER S 209 28.54 -41.98 30.12
C SER S 209 29.58 -40.87 29.94
N PHE S 210 30.62 -41.13 29.14
CA PHE S 210 31.68 -40.15 28.89
C PHE S 210 32.36 -39.72 30.18
N GLN S 211 32.43 -40.62 31.15
CA GLN S 211 33.06 -40.34 32.43
C GLN S 211 34.45 -40.97 32.39
N LEU S 212 35.43 -40.18 31.94
CA LEU S 212 36.80 -40.63 31.79
C LEU S 212 37.61 -40.30 33.04
N ASP S 213 38.85 -40.78 33.06
CA ASP S 213 39.80 -40.32 34.06
C ASP S 213 40.08 -38.82 33.84
N PRO S 214 40.71 -38.14 34.80
CA PRO S 214 40.89 -36.67 34.66
C PRO S 214 41.67 -36.27 33.42
N GLU S 215 42.73 -37.01 33.09
CA GLU S 215 43.51 -36.65 31.92
C GLU S 215 42.73 -36.89 30.64
N GLY S 216 41.98 -37.99 30.57
CA GLY S 216 41.13 -38.22 29.42
C GLY S 216 40.09 -37.12 29.26
N ALA S 217 39.56 -36.65 30.39
CA ALA S 217 38.58 -35.56 30.34
C ALA S 217 39.18 -34.31 29.73
N MET S 218 40.42 -33.99 30.08
CA MET S 218 41.11 -32.84 29.49
C MET S 218 41.28 -33.01 27.99
N LYS S 219 41.79 -34.18 27.56
CA LYS S 219 42.04 -34.41 26.14
C LYS S 219 40.74 -34.42 25.34
N ALA S 220 39.65 -34.86 25.95
CA ALA S 220 38.35 -34.93 25.27
C ALA S 220 37.89 -33.55 24.78
N VAL S 221 38.20 -32.47 25.50
CA VAL S 221 37.81 -31.15 25.04
C VAL S 221 38.95 -30.41 24.35
N SER S 222 40.11 -31.07 24.16
CA SER S 222 41.25 -30.54 23.42
C SER S 222 41.26 -30.98 21.96
N THR S 223 40.14 -31.49 21.45
CA THR S 223 40.09 -32.05 20.10
C THR S 223 38.69 -31.83 19.55
N LEU S 224 38.56 -31.87 18.23
CA LEU S 224 37.26 -31.85 17.60
C LEU S 224 36.75 -33.24 17.25
N GLY S 225 37.52 -34.28 17.58
CA GLY S 225 37.09 -35.64 17.34
C GLY S 225 38.16 -36.54 16.76
N ALA S 226 39.20 -35.94 16.18
CA ALA S 226 40.26 -36.69 15.52
C ALA S 226 41.36 -37.15 16.47
N ASN S 227 41.45 -36.58 17.67
CA ASN S 227 42.53 -36.93 18.60
C ASN S 227 41.92 -37.36 19.94
N PRO S 228 41.43 -38.59 20.00
CA PRO S 228 40.69 -39.04 21.20
C PRO S 228 41.65 -39.23 22.36
N PRO S 229 41.14 -39.20 23.59
CA PRO S 229 41.95 -39.60 24.74
C PRO S 229 42.18 -41.11 24.71
N GLU S 230 43.13 -41.56 25.54
CA GLU S 230 43.28 -42.98 25.78
C GLU S 230 42.05 -43.53 26.51
N TYR S 231 41.69 -44.76 26.20
CA TYR S 231 40.62 -45.45 26.90
C TYR S 231 41.00 -45.61 28.36
N ASN S 232 40.31 -44.92 29.25
CA ASN S 232 40.62 -44.96 30.67
C ASN S 232 39.49 -44.28 31.44
N THR S 233 39.30 -44.71 32.67
CA THR S 233 38.23 -44.19 33.53
C THR S 233 38.78 -44.13 34.95
N ASN S 234 37.95 -43.62 35.86
CA ASN S 234 38.29 -43.69 37.27
C ASN S 234 38.29 -45.11 37.81
N TYR S 235 37.84 -46.07 37.01
CA TYR S 235 37.91 -47.49 37.35
C TYR S 235 38.97 -48.20 36.50
N GLY S 236 39.93 -47.46 35.95
CA GLY S 236 41.00 -48.09 35.18
C GLY S 236 40.62 -48.29 33.72
N ASN S 237 41.47 -49.04 33.00
CA ASN S 237 41.37 -49.16 31.55
C ASN S 237 41.07 -50.58 31.04
N LYS S 238 40.61 -51.48 31.90
CA LYS S 238 40.25 -52.85 31.51
C LYS S 238 38.81 -52.89 31.03
N VAL S 239 38.51 -53.89 30.23
CA VAL S 239 37.13 -54.11 29.80
C VAL S 239 36.42 -54.88 30.91
N HIS S 240 35.42 -54.27 31.52
CA HIS S 240 34.74 -54.83 32.68
C HIS S 240 33.67 -55.82 32.26
N ASP S 241 33.52 -56.87 33.08
CA ASP S 241 32.44 -57.86 32.98
C ASP S 241 31.14 -57.42 33.64
N LYS S 242 31.24 -56.55 34.64
CA LYS S 242 30.21 -55.94 35.46
C LYS S 242 30.27 -54.42 35.27
N PRO S 243 29.15 -53.72 35.40
CA PRO S 243 29.20 -52.26 35.27
C PRO S 243 30.22 -51.69 36.23
N PRO S 244 31.09 -50.81 35.76
CA PRO S 244 32.06 -50.20 36.70
C PRO S 244 31.40 -49.34 37.75
N ILE S 245 30.38 -48.58 37.37
CA ILE S 245 29.71 -47.65 38.28
C ILE S 245 28.52 -48.37 38.90
N PRO S 246 28.37 -48.39 40.22
CA PRO S 246 27.24 -49.09 40.83
C PRO S 246 25.91 -48.47 40.42
N GLY S 247 24.86 -49.30 40.44
CA GLY S 247 23.51 -48.76 40.27
C GLY S 247 23.17 -47.79 41.38
N GLN S 248 22.34 -46.80 41.05
CA GLN S 248 21.97 -45.85 42.08
C GLN S 248 21.07 -46.51 43.14
N THR S 249 21.09 -45.95 44.35
CA THR S 249 20.06 -46.22 45.33
C THR S 249 19.42 -44.89 45.73
N PRO S 250 18.11 -44.86 46.02
CA PRO S 250 17.15 -45.98 45.94
C PRO S 250 17.08 -46.59 44.54
N THR S 251 16.84 -47.89 44.45
CA THR S 251 16.81 -48.58 43.17
C THR S 251 15.83 -47.92 42.19
N GLN S 252 16.32 -47.64 40.98
CA GLN S 252 15.49 -47.10 39.91
C GLN S 252 14.91 -48.23 39.08
N TYR S 253 13.61 -48.16 38.85
CA TYR S 253 12.93 -49.01 37.87
C TYR S 253 12.32 -48.13 36.79
N LEU S 254 12.53 -48.52 35.54
CA LEU S 254 11.87 -47.90 34.40
C LEU S 254 10.80 -48.87 33.90
N VAL S 255 9.56 -48.38 33.86
CA VAL S 255 8.44 -49.15 33.34
C VAL S 255 8.20 -48.65 31.93
N HIS S 256 8.49 -49.51 30.96
CA HIS S 256 8.39 -49.23 29.54
C HIS S 256 7.05 -49.75 29.04
N ILE S 257 6.18 -48.86 28.54
CA ILE S 257 4.85 -49.25 28.04
C ILE S 257 4.67 -48.72 26.63
N GLU S 258 4.22 -49.57 25.73
CA GLU S 258 3.96 -49.17 24.36
C GLU S 258 2.46 -49.02 24.14
N TRP S 259 2.10 -48.01 23.35
CA TRP S 259 0.70 -47.68 23.13
C TRP S 259 0.51 -47.38 21.65
N GLU S 260 -0.74 -47.54 21.21
CA GLU S 260 -1.05 -47.27 19.81
C GLU S 260 -0.72 -45.83 19.43
N SER S 261 -0.98 -44.90 20.34
CA SER S 261 -0.89 -43.47 20.04
C SER S 261 -0.74 -42.72 21.36
N PRO S 262 -0.35 -41.43 21.30
CA PRO S 262 -0.27 -40.64 22.53
C PRO S 262 -1.59 -40.56 23.28
N GLU S 263 -2.72 -40.50 22.55
CA GLU S 263 -4.02 -40.42 23.20
C GLU S 263 -4.34 -41.72 23.94
N HIS S 264 -4.05 -42.86 23.34
CA HIS S 264 -4.24 -44.12 24.02
C HIS S 264 -3.36 -44.22 25.25
N ALA S 265 -2.14 -43.70 25.14
CA ALA S 265 -1.22 -43.70 26.27
C ALA S 265 -1.76 -42.84 27.40
N HIS S 266 -2.22 -41.64 27.05
CA HIS S 266 -2.71 -40.72 28.07
C HIS S 266 -3.93 -41.29 28.79
N GLN S 267 -4.93 -41.70 28.03
CA GLN S 267 -6.13 -42.28 28.63
C GLN S 267 -5.81 -43.62 29.29
N GLY S 268 -4.95 -44.41 28.67
CA GLY S 268 -4.66 -45.73 29.22
C GLY S 268 -3.97 -45.65 30.57
N LEU S 269 -2.94 -44.82 30.68
CA LEU S 269 -2.27 -44.62 31.97
C LEU S 269 -3.23 -44.08 33.02
N GLY S 270 -4.23 -43.29 32.62
CA GLY S 270 -5.18 -42.76 33.60
C GLY S 270 -6.01 -43.82 34.28
N HIS S 271 -6.06 -45.03 33.72
CA HIS S 271 -6.87 -46.09 34.34
C HIS S 271 -6.37 -46.46 35.74
N VAL S 272 -5.09 -46.22 36.09
CA VAL S 272 -4.63 -46.49 37.45
C VAL S 272 -5.29 -45.57 38.47
N MET S 273 -5.99 -44.52 38.01
CA MET S 273 -6.72 -43.63 38.90
C MET S 273 -8.23 -43.69 38.73
N VAL S 274 -8.75 -44.02 37.54
CA VAL S 274 -10.19 -43.91 37.27
C VAL S 274 -10.85 -45.28 37.09
N ASP S 275 -10.12 -46.38 37.30
CA ASP S 275 -10.73 -47.70 37.44
C ASP S 275 -10.48 -48.19 38.86
N TYR S 276 -11.55 -48.46 39.60
CA TYR S 276 -11.42 -48.77 41.03
C TYR S 276 -10.53 -50.00 41.26
N GLU S 277 -10.75 -51.06 40.49
CA GLU S 277 -10.00 -52.29 40.70
C GLU S 277 -8.51 -52.09 40.39
N LEU S 278 -8.20 -51.48 39.24
CA LEU S 278 -6.80 -51.24 38.91
C LEU S 278 -6.18 -50.29 39.91
N ARG S 279 -6.96 -49.30 40.37
CA ARG S 279 -6.47 -48.35 41.36
C ARG S 279 -6.00 -49.04 42.63
N GLN S 280 -6.73 -50.04 43.11
CA GLN S 280 -6.29 -50.78 44.30
C GLN S 280 -5.01 -51.55 44.01
N ILE S 281 -4.94 -52.21 42.85
CA ILE S 281 -3.75 -52.95 42.47
C ILE S 281 -2.56 -52.00 42.41
N HIS S 282 -2.73 -50.86 41.75
CA HIS S 282 -1.62 -49.94 41.56
C HIS S 282 -1.26 -49.22 42.86
N ASN S 283 -2.25 -48.78 43.63
CA ASN S 283 -1.93 -48.12 44.91
C ASN S 283 -1.11 -49.04 45.81
N ASN S 284 -1.60 -50.27 46.02
CA ASN S 284 -0.96 -51.17 46.97
C ASN S 284 0.28 -51.84 46.39
N GLY S 285 0.31 -52.07 45.08
CA GLY S 285 1.41 -52.81 44.49
C GLY S 285 2.55 -51.97 43.96
N VAL S 286 2.29 -50.66 43.72
CA VAL S 286 3.32 -49.80 43.15
C VAL S 286 3.54 -48.56 44.01
N LEU S 287 2.50 -47.71 44.14
CA LEU S 287 2.67 -46.43 44.82
C LEU S 287 3.14 -46.60 46.26
N ALA S 288 2.72 -47.68 46.93
CA ALA S 288 3.09 -47.90 48.32
C ALA S 288 4.58 -48.17 48.51
N HIS S 289 5.32 -48.44 47.44
CA HIS S 289 6.71 -48.87 47.53
C HIS S 289 7.70 -47.84 46.97
N LEU S 290 7.25 -46.61 46.71
CA LEU S 290 8.07 -45.64 46.00
C LEU S 290 8.66 -44.62 46.97
N ASP S 291 9.94 -44.31 46.77
CA ASP S 291 10.52 -43.06 47.25
C ASP S 291 10.28 -41.90 46.29
N LYS S 292 10.25 -42.18 44.98
CA LYS S 292 10.07 -41.14 43.98
C LYS S 292 9.23 -41.67 42.82
N GLY S 293 8.39 -40.80 42.28
CA GLY S 293 7.60 -41.13 41.13
C GLY S 293 6.17 -41.48 41.48
N PRO S 294 5.40 -41.99 40.51
CA PRO S 294 5.91 -42.21 39.15
C PRO S 294 5.95 -40.95 38.28
N TYR S 295 6.88 -40.91 37.33
CA TYR S 295 6.96 -39.83 36.37
C TYR S 295 7.07 -40.45 34.98
N TYR S 296 6.13 -40.12 34.10
CA TYR S 296 6.00 -40.76 32.78
C TYR S 296 6.37 -39.79 31.67
N MET S 297 7.42 -40.13 30.91
CA MET S 297 7.80 -39.40 29.70
C MET S 297 7.27 -40.09 28.45
N PHE S 298 6.81 -39.30 27.49
CA PHE S 298 6.33 -39.81 26.21
C PHE S 298 7.41 -39.72 25.17
N PHE S 299 7.54 -40.78 24.37
CA PHE S 299 8.56 -40.85 23.33
C PHE S 299 7.99 -41.35 22.02
N SER S 300 8.64 -40.98 20.94
CA SER S 300 8.38 -41.59 19.67
C SER S 300 9.59 -42.42 19.25
N PRO S 301 9.43 -43.68 18.87
CA PRO S 301 10.57 -44.45 18.35
C PRO S 301 10.95 -44.04 16.92
N MET S 302 12.07 -43.33 16.76
CA MET S 302 12.48 -42.85 15.45
C MET S 302 13.06 -43.97 14.59
N MET S 303 13.97 -44.74 15.17
CA MET S 303 14.58 -45.88 14.51
C MET S 303 14.55 -47.06 15.46
N GLU S 304 14.35 -48.24 14.90
CA GLU S 304 14.31 -49.48 15.68
C GLU S 304 14.99 -50.59 14.90
N GLN S 305 15.79 -51.37 15.61
CA GLN S 305 16.23 -52.67 15.14
C GLN S 305 15.73 -53.61 16.22
N GLY S 306 14.57 -54.22 15.97
CA GLY S 306 13.77 -54.86 17.01
C GLY S 306 13.92 -56.37 17.11
N LEU S 307 14.95 -56.95 16.49
CA LEU S 307 15.07 -58.42 16.55
C LEU S 307 15.33 -58.92 17.96
N TRP S 308 15.91 -58.09 18.83
CA TRP S 308 16.11 -58.46 20.23
C TRP S 308 14.81 -58.84 20.91
N ARG S 309 13.70 -58.23 20.50
CA ARG S 309 12.41 -58.57 21.09
C ARG S 309 12.05 -60.02 20.85
N LYS S 310 12.54 -60.61 19.75
CA LYS S 310 12.17 -61.97 19.38
C LYS S 310 12.67 -63.00 20.38
N HIS S 311 13.73 -62.71 21.13
CA HIS S 311 14.20 -63.61 22.18
C HIS S 311 14.17 -62.88 23.51
N LEU S 312 12.95 -62.74 24.06
CA LEU S 312 12.73 -62.33 25.43
C LEU S 312 12.05 -63.51 26.14
N LYS S 313 11.30 -63.26 27.21
CA LYS S 313 10.58 -64.30 27.97
C LYS S 313 11.53 -65.36 28.53
N GLU T 4 55.44 -40.18 -25.29
CA GLU T 4 54.77 -40.52 -24.03
C GLU T 4 53.26 -40.65 -24.25
N ASN T 5 52.74 -41.86 -24.09
CA ASN T 5 51.31 -42.13 -24.14
CA ASN T 5 51.29 -42.04 -24.12
C ASN T 5 50.80 -42.40 -22.73
N PRO T 6 50.39 -41.41 -21.97
CA PRO T 6 49.99 -41.63 -20.58
C PRO T 6 48.65 -42.35 -20.47
N ILE T 7 48.37 -42.75 -19.25
CA ILE T 7 47.10 -43.36 -18.85
C ILE T 7 46.27 -42.27 -18.18
N ILE T 8 44.96 -42.31 -18.39
CA ILE T 8 44.05 -41.33 -17.79
C ILE T 8 43.04 -42.08 -16.93
N ALA T 9 43.03 -41.78 -15.64
CA ALA T 9 41.98 -42.21 -14.74
C ALA T 9 40.92 -41.12 -14.67
N ILE T 10 39.67 -41.49 -14.94
CA ILE T 10 38.57 -40.53 -14.90
C ILE T 10 37.67 -40.91 -13.73
N ASN T 11 37.73 -40.11 -12.67
CA ASN T 11 36.84 -40.28 -11.55
C ASN T 11 35.50 -39.66 -11.91
N MET T 12 34.47 -40.48 -12.04
CA MET T 12 33.14 -40.06 -12.46
C MET T 12 32.20 -40.07 -11.28
N ALA T 13 31.55 -38.93 -11.03
CA ALA T 13 30.55 -38.81 -9.99
C ALA T 13 29.40 -37.94 -10.49
N LYS T 14 28.25 -38.08 -9.85
CA LYS T 14 27.12 -37.18 -10.07
C LYS T 14 26.82 -36.52 -8.73
N ILE T 15 26.85 -35.18 -8.71
CA ILE T 15 26.79 -34.42 -7.47
C ILE T 15 25.57 -33.51 -7.49
N ALA T 16 25.14 -33.13 -6.28
CA ALA T 16 23.97 -32.28 -6.13
C ALA T 16 24.24 -30.91 -6.72
N ASN T 17 23.29 -30.39 -7.49
CA ASN T 17 23.47 -29.08 -8.10
C ASN T 17 22.88 -28.05 -7.16
N LYS T 18 23.68 -27.63 -6.19
CA LYS T 18 23.27 -26.63 -5.22
C LYS T 18 24.52 -25.90 -4.73
N PRO T 19 24.36 -24.66 -4.23
CA PRO T 19 25.55 -23.84 -3.89
C PRO T 19 26.54 -24.53 -2.96
N ASP T 20 26.06 -25.34 -2.00
CA ASP T 20 26.96 -26.01 -1.08
C ASP T 20 27.98 -26.87 -1.82
N SER T 21 27.58 -27.48 -2.94
CA SER T 21 28.49 -28.34 -3.70
C SER T 21 29.62 -27.53 -4.33
N TYR T 22 29.32 -26.34 -4.87
CA TYR T 22 30.39 -25.51 -5.42
C TYR T 22 31.36 -25.08 -4.32
N GLU T 23 30.85 -24.82 -3.10
CA GLU T 23 31.73 -24.43 -2.00
C GLU T 23 32.71 -25.55 -1.67
N THR T 24 32.21 -26.76 -1.46
CA THR T 24 33.09 -27.88 -1.10
C THR T 24 34.03 -28.28 -2.24
N MET T 25 33.66 -28.03 -3.50
CA MET T 25 34.57 -28.31 -4.62
C MET T 25 35.76 -27.34 -4.62
N MET T 26 35.54 -26.11 -4.18
CA MET T 26 36.58 -25.10 -4.13
C MET T 26 37.45 -25.22 -2.89
N LYS T 27 36.94 -25.87 -1.84
CA LYS T 27 37.69 -26.06 -0.60
C LYS T 27 38.41 -27.40 -0.54
N VAL T 28 37.79 -28.47 -1.06
CA VAL T 28 38.36 -29.82 -0.97
C VAL T 28 39.09 -30.21 -2.25
N GLY T 29 38.58 -29.77 -3.40
CA GLY T 29 39.19 -30.05 -4.69
C GLY T 29 40.68 -29.77 -4.75
N PRO T 30 41.11 -28.54 -4.41
CA PRO T 30 42.55 -28.25 -4.42
C PRO T 30 43.35 -29.20 -3.57
N LYS T 31 42.80 -29.62 -2.43
CA LYS T 31 43.51 -30.47 -1.49
C LYS T 31 43.71 -31.87 -2.06
N VAL T 32 42.74 -32.38 -2.81
CA VAL T 32 42.89 -33.69 -3.44
C VAL T 32 44.02 -33.63 -4.49
N CSS T 33 44.02 -32.58 -5.30
CA CSS T 33 45.04 -32.42 -6.31
CB CSS T 33 44.72 -31.26 -7.19
SG CSS T 33 43.26 -31.64 -8.12
SD CSS T 33 43.54 -33.47 -8.95
C CSS T 33 46.41 -32.27 -5.69
O CSS T 33 47.40 -32.78 -6.27
N ILE T 34 46.50 -31.59 -4.56
CA ILE T 34 47.79 -31.42 -3.90
C ILE T 34 48.33 -32.76 -3.42
N THR T 35 47.46 -33.57 -2.82
CA THR T 35 47.85 -34.91 -2.41
C THR T 35 48.28 -35.75 -3.60
N THR T 36 47.52 -35.69 -4.69
CA THR T 36 47.83 -36.47 -5.88
C THR T 36 49.20 -36.08 -6.45
N ALA T 37 49.50 -34.79 -6.49
CA ALA T 37 50.74 -34.30 -7.09
C ALA T 37 51.98 -34.55 -6.25
N SER T 38 51.84 -35.23 -5.11
CA SER T 38 53.00 -35.68 -4.36
C SER T 38 53.74 -36.83 -5.02
N HIS T 39 53.15 -37.49 -6.04
CA HIS T 39 53.71 -38.69 -6.65
C HIS T 39 54.44 -38.38 -7.96
N PRO T 40 55.65 -38.90 -8.17
CA PRO T 40 56.40 -38.55 -9.40
C PRO T 40 55.77 -39.07 -10.68
N GLY T 41 54.84 -40.03 -10.62
CA GLY T 41 54.16 -40.42 -11.84
C GLY T 41 52.99 -39.55 -12.25
N PHE T 42 52.64 -38.55 -11.46
CA PHE T 42 51.48 -37.71 -11.74
C PHE T 42 51.83 -36.65 -12.77
N LEU T 43 51.04 -36.60 -13.85
CA LEU T 43 51.33 -35.72 -14.98
C LEU T 43 50.35 -34.54 -15.15
N GLY T 44 49.16 -34.59 -14.56
CA GLY T 44 48.25 -33.47 -14.69
C GLY T 44 46.81 -33.90 -14.47
N PHE T 45 45.92 -32.90 -14.56
CA PHE T 45 44.50 -33.17 -14.31
C PHE T 45 43.61 -32.20 -15.07
N GLU T 46 42.34 -32.61 -15.17
CA GLU T 46 41.25 -31.83 -15.74
C GLU T 46 40.05 -32.01 -14.83
N GLN T 47 39.52 -30.93 -14.25
CA GLN T 47 38.31 -30.99 -13.45
C GLN T 47 37.15 -30.50 -14.31
N LEU T 48 36.26 -31.41 -14.70
CA LEU T 48 35.19 -31.11 -15.65
C LEU T 48 33.84 -31.15 -14.94
N LEU T 49 33.07 -30.08 -15.06
CA LEU T 49 31.72 -29.98 -14.50
C LEU T 49 30.70 -30.00 -15.63
N GLN T 50 29.74 -30.91 -15.56
CA GLN T 50 28.76 -31.01 -16.64
C GLN T 50 27.86 -29.77 -16.69
N THR T 51 27.66 -29.25 -17.90
CA THR T 51 26.75 -28.13 -18.13
C THR T 51 25.53 -28.49 -18.96
N GLY T 52 25.53 -29.65 -19.63
CA GLY T 52 24.40 -30.02 -20.45
C GLY T 52 24.71 -31.25 -21.28
N ILE T 53 23.93 -31.43 -22.35
CA ILE T 53 24.10 -32.53 -23.28
C ILE T 53 23.87 -32.00 -24.70
N HIS T 54 24.17 -32.84 -25.69
CA HIS T 54 23.76 -32.55 -27.05
C HIS T 54 22.40 -33.20 -27.29
N PRO T 55 21.34 -32.45 -27.58
CA PRO T 55 20.03 -33.08 -27.80
C PRO T 55 19.95 -33.89 -29.08
N MET T 56 20.90 -33.72 -30.00
CA MET T 56 21.01 -34.51 -31.23
C MET T 56 19.70 -34.54 -32.01
N ALA T 57 19.22 -33.33 -32.33
CA ALA T 57 18.07 -33.16 -33.20
C ALA T 57 16.82 -33.84 -32.66
N GLY T 58 16.68 -33.83 -31.33
CA GLY T 58 15.49 -34.33 -30.66
C GLY T 58 15.61 -35.74 -30.13
N ARG T 59 16.70 -36.45 -30.45
CA ARG T 59 16.91 -37.78 -29.88
C ARG T 59 16.92 -37.74 -28.36
N TYR T 60 17.44 -36.67 -27.77
CA TYR T 60 17.33 -36.43 -26.33
C TYR T 60 16.65 -35.10 -26.07
N GLY T 61 15.39 -34.99 -26.49
CA GLY T 61 14.66 -33.74 -26.46
C GLY T 61 14.34 -33.23 -25.07
N GLY T 62 14.46 -34.07 -24.04
CA GLY T 62 14.29 -33.53 -22.71
C GLY T 62 15.48 -32.74 -22.20
N GLY T 63 16.64 -32.88 -22.85
CA GLY T 63 17.83 -32.16 -22.45
C GLY T 63 18.07 -30.91 -23.31
N ALA T 64 19.20 -30.27 -23.04
CA ALA T 64 19.57 -29.04 -23.70
C ALA T 64 21.07 -28.86 -23.55
N VAL T 65 21.65 -28.05 -24.44
CA VAL T 65 23.05 -27.71 -24.35
C VAL T 65 23.37 -27.10 -22.99
N ASP T 66 22.51 -26.21 -22.52
CA ASP T 66 22.70 -25.50 -21.26
C ASP T 66 21.62 -25.97 -20.29
N MET T 67 22.00 -26.88 -19.40
CA MET T 67 21.12 -27.34 -18.33
C MET T 67 21.65 -26.94 -16.96
N ARG T 68 22.51 -25.91 -16.91
CA ARG T 68 23.21 -25.59 -15.68
C ARG T 68 22.25 -25.28 -14.54
N GLU T 69 21.07 -24.80 -14.88
CA GLU T 69 20.06 -24.45 -13.88
C GLU T 69 19.19 -25.62 -13.47
N THR T 70 19.11 -26.66 -14.28
CA THR T 70 18.11 -27.70 -14.08
C THR T 70 18.69 -29.07 -13.79
N LEU T 71 19.95 -29.31 -14.14
CA LEU T 71 20.53 -30.64 -13.99
C LEU T 71 20.73 -30.95 -12.52
N ASN T 72 20.15 -32.02 -12.04
CA ASN T 72 20.45 -32.44 -10.67
C ASN T 72 20.14 -33.92 -10.52
N PRO T 73 21.16 -34.78 -10.32
CA PRO T 73 22.57 -34.43 -10.16
C PRO T 73 23.23 -33.98 -11.45
N MET T 74 24.39 -33.36 -11.34
CA MET T 74 25.20 -33.01 -12.49
C MET T 74 26.49 -33.84 -12.48
N GLY T 75 26.95 -34.22 -13.66
CA GLY T 75 28.17 -35.00 -13.76
C GLY T 75 29.38 -34.17 -13.37
N MET T 76 30.33 -34.83 -12.71
CA MET T 76 31.61 -34.23 -12.35
C MET T 76 32.70 -35.24 -12.66
N PHE T 77 33.53 -34.95 -13.66
CA PHE T 77 34.58 -35.84 -14.12
C PHE T 77 35.94 -35.24 -13.77
N GLN T 78 36.76 -36.01 -13.08
CA GLN T 78 38.12 -35.60 -12.73
C GLN T 78 39.08 -36.51 -13.48
N TYR T 79 39.72 -35.97 -14.51
CA TYR T 79 40.82 -36.69 -15.12
C TYR T 79 42.05 -36.52 -14.24
N THR T 80 42.70 -37.62 -13.89
CA THR T 80 44.08 -37.55 -13.42
C THR T 80 44.92 -38.36 -14.40
N VAL T 81 46.06 -37.79 -14.80
CA VAL T 81 46.88 -38.30 -15.88
C VAL T 81 48.19 -38.84 -15.31
N TRP T 82 48.58 -40.06 -15.74
CA TRP T 82 49.62 -40.84 -15.07
C TRP T 82 50.56 -41.47 -16.09
N LYS T 83 51.81 -41.66 -15.68
CA LYS T 83 52.76 -42.42 -16.50
C LYS T 83 52.27 -43.85 -16.72
N ASP T 84 51.62 -44.43 -15.71
CA ASP T 84 51.14 -45.79 -15.80
C ASP T 84 50.12 -46.02 -14.69
N VAL T 85 49.45 -47.17 -14.76
CA VAL T 85 48.45 -47.53 -13.77
C VAL T 85 49.08 -47.62 -12.38
N HIS T 86 50.30 -48.18 -12.30
CA HIS T 86 50.91 -48.41 -10.99
C HIS T 86 51.09 -47.12 -10.21
N SER T 87 51.46 -46.05 -10.90
CA SER T 87 51.65 -44.76 -10.24
C SER T 87 50.36 -44.29 -9.58
N HIS T 88 49.23 -44.39 -10.30
CA HIS T 88 47.96 -43.96 -9.72
C HIS T 88 47.56 -44.84 -8.53
N GLU T 89 47.67 -46.18 -8.68
CA GLU T 89 47.32 -47.06 -7.57
C GLU T 89 48.24 -46.85 -6.38
N GLU T 90 49.52 -46.58 -6.65
CA GLU T 90 50.47 -46.36 -5.56
C GLU T 90 50.20 -45.04 -4.84
N MET T 91 49.92 -43.98 -5.59
CA MET T 91 49.53 -42.73 -4.96
C MET T 91 48.33 -42.94 -4.05
N HIS T 92 47.32 -43.66 -4.55
CA HIS T 92 46.14 -43.93 -3.72
C HIS T 92 46.50 -44.69 -2.45
N HIS T 93 47.41 -45.66 -2.56
CA HIS T 93 47.81 -46.41 -1.37
C HIS T 93 48.61 -45.53 -0.40
N ASP T 94 49.60 -44.80 -0.91
CA ASP T 94 50.48 -43.99 -0.06
C ASP T 94 49.74 -42.86 0.63
N ASN T 95 48.62 -42.41 0.08
CA ASN T 95 47.88 -41.29 0.64
C ASN T 95 46.46 -41.71 1.01
N PHE T 96 46.28 -43.00 1.32
CA PHE T 96 44.93 -43.53 1.49
C PHE T 96 44.19 -42.82 2.62
N LYS T 97 44.83 -42.66 3.78
CA LYS T 97 44.19 -42.00 4.91
C LYS T 97 43.76 -40.58 4.55
N GLU T 98 44.65 -39.83 3.89
CA GLU T 98 44.37 -38.42 3.63
C GLU T 98 43.33 -38.25 2.54
N ILE T 99 43.40 -39.04 1.47
CA ILE T 99 42.36 -38.99 0.46
C ILE T 99 41.03 -39.41 1.05
N PHE T 100 41.03 -40.42 1.91
CA PHE T 100 39.79 -40.81 2.56
C PHE T 100 39.23 -39.67 3.37
N GLU T 101 40.08 -38.97 4.13
CA GLU T 101 39.60 -37.85 4.91
C GLU T 101 38.96 -36.79 4.00
N LEU T 102 39.59 -36.50 2.87
CA LEU T 102 39.09 -35.48 1.96
C LEU T 102 37.80 -35.92 1.27
N CSS T 103 37.78 -37.12 0.69
CA CSS T 103 36.63 -37.55 -0.05
CB CSS T 103 36.93 -38.78 -0.84
SG CSS T 103 37.87 -38.28 -2.25
SD CSS T 103 36.96 -36.73 -3.15
C CSS T 103 35.47 -37.77 0.88
O CSS T 103 34.31 -37.70 0.43
N SER T 104 35.74 -38.01 2.17
CA SER T 104 34.68 -38.07 3.17
C SER T 104 33.93 -36.76 3.22
N GLY T 105 34.64 -35.65 3.02
CA GLY T 105 33.96 -34.38 2.87
C GLY T 105 33.12 -34.30 1.60
N CYS T 106 33.63 -34.85 0.50
CA CYS T 106 32.93 -34.75 -0.77
C CYS T 106 31.66 -35.61 -0.80
N LEU T 107 31.61 -36.67 0.00
CA LEU T 107 30.47 -37.60 -0.06
C LEU T 107 29.15 -36.93 0.35
N GLY T 108 29.21 -35.81 1.09
CA GLY T 108 27.98 -35.10 1.44
C GLY T 108 27.26 -34.46 0.27
N MET T 109 27.89 -34.38 -0.89
CA MET T 109 27.28 -33.85 -2.10
C MET T 109 27.14 -34.91 -3.19
N VAL T 110 27.53 -36.15 -2.91
CA VAL T 110 27.57 -37.20 -3.92
C VAL T 110 26.23 -37.91 -4.02
N ILE T 111 25.71 -38.01 -5.24
CA ILE T 111 24.49 -38.73 -5.50
C ILE T 111 24.74 -40.06 -6.20
N GLU T 112 25.79 -40.14 -7.01
CA GLU T 112 26.14 -41.39 -7.67
C GLU T 112 27.64 -41.39 -7.87
N GLY T 113 28.25 -42.58 -7.79
CA GLY T 113 29.70 -42.66 -7.88
C GLY T 113 30.35 -42.61 -6.51
N PRO T 114 31.69 -42.47 -6.48
CA PRO T 114 32.55 -42.36 -7.67
C PRO T 114 32.83 -43.69 -8.34
N TRP T 115 33.05 -43.63 -9.64
CA TRP T 115 33.49 -44.77 -10.44
C TRP T 115 34.66 -44.26 -11.27
N GLU T 116 35.82 -44.92 -11.14
CA GLU T 116 37.07 -44.40 -11.69
C GLU T 116 37.71 -45.40 -12.65
N PRO T 117 37.27 -45.42 -13.91
CA PRO T 117 37.91 -46.30 -14.89
C PRO T 117 39.22 -45.72 -15.40
N TYR T 118 40.05 -46.62 -15.89
CA TYR T 118 41.31 -46.28 -16.53
C TYR T 118 41.11 -46.26 -18.05
N PHE T 119 41.69 -45.27 -18.71
CA PHE T 119 41.51 -45.12 -20.15
C PHE T 119 42.86 -45.05 -20.84
N GLU T 120 42.96 -45.74 -21.96
CA GLU T 120 44.10 -45.63 -22.85
C GLU T 120 43.81 -44.56 -23.89
N VAL T 121 44.81 -43.70 -24.14
CA VAL T 121 44.67 -42.68 -25.16
C VAL T 121 45.02 -43.34 -26.48
N VAL T 122 44.00 -43.76 -27.21
CA VAL T 122 44.20 -44.46 -28.47
C VAL T 122 44.80 -43.52 -29.50
N LYS T 123 44.29 -42.30 -29.57
CA LYS T 123 44.82 -41.33 -30.51
C LYS T 123 44.38 -39.94 -30.06
N SER T 124 45.13 -38.92 -30.44
CA SER T 124 44.78 -37.58 -30.01
C SER T 124 45.34 -36.53 -30.96
N ASP T 125 44.69 -35.37 -30.94
CA ASP T 125 45.19 -34.12 -31.52
C ASP T 125 44.73 -33.01 -30.59
N LEU T 126 45.43 -32.85 -29.47
CA LEU T 126 45.09 -31.92 -28.41
C LEU T 126 46.17 -30.86 -28.28
N PRO T 127 45.87 -29.58 -28.48
CA PRO T 127 46.90 -28.55 -28.28
C PRO T 127 47.15 -28.28 -26.80
N GLN T 128 48.30 -27.65 -26.53
CA GLN T 128 48.58 -27.13 -25.21
C GLN T 128 47.54 -26.06 -24.86
N ILE T 129 47.18 -25.97 -23.59
CA ILE T 129 46.27 -24.90 -23.19
C ILE T 129 47.09 -23.63 -22.96
N MET T 130 46.45 -22.49 -23.17
CA MET T 130 47.12 -21.20 -23.09
C MET T 130 46.07 -20.14 -22.79
N SER T 131 46.53 -18.90 -22.68
CA SER T 131 45.62 -17.78 -22.48
C SER T 131 45.75 -16.82 -23.65
N MET T 132 44.80 -15.89 -23.71
CA MET T 132 44.78 -14.90 -24.77
C MET T 132 46.10 -14.14 -24.87
N THR T 133 46.64 -13.73 -23.73
CA THR T 133 47.87 -12.94 -23.76
C THR T 133 49.10 -13.75 -24.14
N ASP T 134 48.97 -15.08 -24.28
CA ASP T 134 50.05 -15.95 -24.76
C ASP T 134 50.06 -16.07 -26.28
N VAL T 135 48.97 -15.72 -26.95
CA VAL T 135 48.81 -16.08 -28.36
C VAL T 135 49.85 -15.41 -29.25
N PRO T 136 50.14 -14.11 -29.11
CA PRO T 136 51.17 -13.53 -29.98
C PRO T 136 52.52 -14.21 -29.88
N GLN T 137 52.94 -14.60 -28.68
CA GLN T 137 54.22 -15.28 -28.55
C GLN T 137 54.15 -16.70 -29.11
N VAL T 138 53.04 -17.41 -28.89
CA VAL T 138 52.87 -18.74 -29.49
C VAL T 138 52.96 -18.64 -31.01
N LEU T 139 52.34 -17.60 -31.57
CA LEU T 139 52.42 -17.36 -33.00
C LEU T 139 53.86 -17.12 -33.42
N GLY T 140 54.53 -16.19 -32.73
CA GLY T 140 55.91 -15.91 -33.05
C GLY T 140 56.82 -17.11 -32.90
N ASP T 141 56.63 -17.88 -31.82
CA ASP T 141 57.44 -19.07 -31.61
C ASP T 141 57.20 -20.11 -32.71
N SER T 142 55.95 -20.24 -33.16
CA SER T 142 55.65 -21.20 -34.23
C SER T 142 56.38 -20.84 -35.52
N PHE T 143 56.37 -19.56 -35.90
CA PHE T 143 57.08 -19.18 -37.13
C PHE T 143 58.57 -19.39 -36.98
N ALA T 144 59.13 -19.05 -35.82
CA ALA T 144 60.55 -19.26 -35.58
C ALA T 144 60.91 -20.75 -35.70
N LYS T 145 60.13 -21.62 -35.08
CA LYS T 145 60.36 -23.06 -35.13
C LYS T 145 59.81 -23.72 -36.39
N GLN T 146 59.28 -22.92 -37.33
CA GLN T 146 58.67 -23.45 -38.56
C GLN T 146 57.60 -24.50 -38.27
N GLU T 147 56.92 -24.39 -37.13
CA GLU T 147 55.89 -25.34 -36.73
C GLU T 147 54.51 -24.73 -36.93
N ARG T 148 53.51 -25.60 -36.99
CA ARG T 148 52.16 -25.13 -37.21
C ARG T 148 51.61 -24.45 -35.97
N VAL T 149 50.93 -23.33 -36.18
CA VAL T 149 50.24 -22.68 -35.06
C VAL T 149 49.05 -23.54 -34.66
N PRO T 150 48.87 -23.84 -33.38
CA PRO T 150 47.76 -24.71 -32.97
C PRO T 150 46.43 -23.95 -32.93
N LYS T 151 45.34 -24.72 -32.85
CA LYS T 151 44.10 -24.12 -32.38
C LYS T 151 44.30 -23.59 -30.97
N VAL T 152 43.61 -22.51 -30.65
CA VAL T 152 43.73 -21.86 -29.35
C VAL T 152 42.81 -22.54 -28.36
N ALA T 153 43.40 -23.23 -27.38
CA ALA T 153 42.69 -23.88 -26.28
C ALA T 153 42.86 -23.00 -25.04
N LEU T 154 41.86 -22.18 -24.76
CA LEU T 154 41.94 -21.22 -23.67
C LEU T 154 41.78 -21.94 -22.33
N SER T 155 42.77 -21.78 -21.47
CA SER T 155 42.77 -22.40 -20.14
C SER T 155 41.51 -22.04 -19.37
N SER T 156 40.77 -23.05 -18.93
CA SER T 156 39.54 -22.90 -18.17
C SER T 156 38.54 -21.97 -18.85
N GLN T 157 38.57 -21.89 -20.18
CA GLN T 157 37.69 -20.95 -20.90
C GLN T 157 37.28 -21.52 -22.25
N ARG T 158 36.75 -22.74 -22.25
CA ARG T 158 36.30 -23.36 -23.49
C ARG T 158 35.36 -24.49 -23.09
N THR T 159 34.86 -25.23 -24.09
CA THR T 159 33.89 -26.28 -23.85
C THR T 159 34.51 -27.64 -24.10
N VAL T 160 34.26 -28.60 -23.20
CA VAL T 160 34.68 -29.99 -23.41
C VAL T 160 33.43 -30.85 -23.56
N VAL T 161 33.43 -31.67 -24.59
CA VAL T 161 32.34 -32.58 -24.90
C VAL T 161 32.87 -34.01 -24.84
N ILE T 162 32.10 -34.92 -24.23
CA ILE T 162 32.51 -36.31 -24.13
C ILE T 162 31.40 -37.18 -24.72
N GLY T 163 31.72 -37.92 -25.77
CA GLY T 163 30.78 -38.81 -26.39
C GLY T 163 30.98 -40.24 -25.94
N ASP T 164 29.96 -40.79 -25.31
CA ASP T 164 30.01 -42.15 -24.75
C ASP T 164 29.59 -43.14 -25.83
N HIS T 165 30.47 -44.09 -26.14
CA HIS T 165 30.22 -45.12 -27.15
C HIS T 165 30.48 -46.50 -26.54
N TRP T 166 29.53 -47.43 -26.71
CA TRP T 166 29.79 -48.85 -26.47
C TRP T 166 29.93 -49.54 -27.82
N VAL T 167 31.07 -50.19 -28.04
CA VAL T 167 31.46 -50.73 -29.34
C VAL T 167 31.22 -52.23 -29.38
N MET T 168 30.65 -52.69 -30.49
CA MET T 168 30.38 -54.12 -30.69
C MET T 168 31.66 -54.94 -30.58
N ASP T 169 31.55 -56.09 -29.90
CA ASP T 169 32.67 -57.02 -29.78
C ASP T 169 33.28 -57.33 -31.15
N GLY T 170 34.59 -57.12 -31.25
CA GLY T 170 35.31 -57.33 -32.50
C GLY T 170 35.37 -56.10 -33.41
N HIS T 171 34.67 -55.01 -33.06
CA HIS T 171 34.69 -53.82 -33.91
C HIS T 171 35.62 -52.73 -33.39
N GLU T 172 36.45 -53.03 -32.39
CA GLU T 172 37.24 -51.99 -31.73
C GLU T 172 38.12 -51.25 -32.72
N LYS T 173 38.87 -51.98 -33.55
CA LYS T 173 39.79 -51.30 -34.45
C LYS T 173 39.04 -50.50 -35.51
N ALA T 174 37.97 -51.07 -36.07
CA ALA T 174 37.19 -50.32 -37.04
C ALA T 174 36.65 -49.04 -36.44
N PHE T 175 36.14 -49.11 -35.20
CA PHE T 175 35.68 -47.91 -34.52
C PHE T 175 36.80 -46.91 -34.36
N GLU T 176 37.97 -47.38 -33.95
CA GLU T 176 39.06 -46.44 -33.70
C GLU T 176 39.44 -45.68 -34.97
N GLN T 177 39.55 -46.38 -36.10
CA GLN T 177 39.90 -45.70 -37.34
C GLN T 177 38.76 -44.80 -37.82
N GLY T 178 37.52 -45.26 -37.68
CA GLY T 178 36.39 -44.45 -38.08
C GLY T 178 36.22 -43.21 -37.22
N ALA T 179 36.40 -43.34 -35.90
CA ALA T 179 36.35 -42.16 -35.06
C ALA T 179 37.49 -41.20 -35.40
N THR T 180 38.69 -41.74 -35.64
CA THR T 180 39.83 -40.90 -36.04
C THR T 180 39.52 -40.12 -37.31
N GLU T 181 39.00 -40.81 -38.33
CA GLU T 181 38.70 -40.14 -39.58
C GLU T 181 37.63 -39.07 -39.38
N THR T 182 36.62 -39.37 -38.57
CA THR T 182 35.60 -38.37 -38.28
C THR T 182 36.20 -37.13 -37.64
N LEU T 183 37.03 -37.33 -36.60
CA LEU T 183 37.54 -36.21 -35.81
C LEU T 183 38.57 -35.40 -36.59
N GLU T 184 39.38 -36.05 -37.41
CA GLU T 184 40.33 -35.29 -38.22
C GLU T 184 39.60 -34.43 -39.25
N TRP T 185 38.53 -34.96 -39.84
CA TRP T 185 37.70 -34.17 -40.75
C TRP T 185 37.12 -32.95 -40.03
N MET T 186 36.60 -33.16 -38.83
CA MET T 186 36.01 -32.07 -38.07
C MET T 186 37.05 -31.01 -37.71
N LYS T 187 38.24 -31.44 -37.32
CA LYS T 187 39.26 -30.46 -36.95
C LYS T 187 39.71 -29.67 -38.17
N ALA T 188 39.68 -30.28 -39.35
CA ALA T 188 40.06 -29.57 -40.55
C ALA T 188 38.96 -28.64 -41.08
N ASN T 189 37.69 -28.95 -40.83
CA ASN T 189 36.62 -28.33 -41.59
C ASN T 189 35.52 -27.63 -40.78
N VAL T 190 35.48 -27.78 -39.46
CA VAL T 190 34.36 -27.29 -38.66
C VAL T 190 34.85 -26.13 -37.80
N PRO T 191 34.20 -24.97 -37.86
CA PRO T 191 34.67 -23.83 -37.06
C PRO T 191 34.65 -24.15 -35.58
N GLY T 192 35.67 -23.66 -34.88
CA GLY T 192 35.71 -23.73 -33.43
C GLY T 192 36.13 -25.06 -32.84
N MET T 193 36.56 -25.99 -33.67
CA MET T 193 37.02 -27.29 -33.19
C MET T 193 38.45 -27.14 -32.67
N VAL T 194 38.64 -27.29 -31.37
CA VAL T 194 39.94 -27.01 -30.75
C VAL T 194 40.83 -28.24 -30.73
N GLY T 195 40.28 -29.42 -30.42
CA GLY T 195 41.07 -30.63 -30.37
C GLY T 195 40.23 -31.83 -29.95
N TRP T 196 40.87 -33.00 -29.96
CA TRP T 196 40.12 -34.22 -29.68
C TRP T 196 41.07 -35.30 -29.15
N MET T 197 40.46 -36.32 -28.58
CA MET T 197 41.18 -37.45 -27.99
C MET T 197 40.21 -38.64 -27.94
N ILE T 198 40.67 -39.81 -28.35
CA ILE T 198 39.88 -41.03 -28.28
C ILE T 198 40.41 -41.87 -27.11
N MET T 199 39.53 -42.18 -26.18
CA MET T 199 39.89 -42.88 -24.95
C MET T 199 39.20 -44.23 -24.87
N LYS T 200 39.95 -45.27 -24.54
CA LYS T 200 39.44 -46.63 -24.47
C LYS T 200 39.55 -47.09 -23.03
N GLN T 201 38.42 -47.47 -22.43
CA GLN T 201 38.47 -48.01 -21.07
C GLN T 201 39.06 -49.41 -21.09
N PHE T 202 40.06 -49.66 -20.26
CA PHE T 202 40.66 -50.99 -20.17
C PHE T 202 40.67 -51.55 -18.74
N GLY T 203 40.09 -50.84 -17.78
CA GLY T 203 40.05 -51.33 -16.42
C GLY T 203 39.48 -50.27 -15.50
N VAL T 204 39.36 -50.64 -14.22
CA VAL T 204 38.79 -49.75 -13.22
C VAL T 204 39.63 -49.83 -11.95
N SER T 205 39.81 -48.68 -11.29
CA SER T 205 40.49 -48.65 -10.00
C SER T 205 39.49 -48.98 -8.91
N ALA T 206 39.77 -50.02 -8.11
CA ALA T 206 38.88 -50.36 -7.01
C ALA T 206 38.93 -49.30 -5.92
N ILE T 207 40.15 -48.94 -5.49
CA ILE T 207 40.31 -47.94 -4.45
C ILE T 207 39.73 -46.60 -4.90
N GLY T 208 40.01 -46.21 -6.14
CA GLY T 208 39.47 -44.96 -6.64
C GLY T 208 37.96 -44.93 -6.79
N SER T 209 37.33 -46.10 -6.91
CA SER T 209 35.87 -46.18 -6.99
C SER T 209 35.22 -46.44 -5.63
N PHE T 210 35.98 -46.34 -4.56
CA PHE T 210 35.47 -46.56 -3.19
C PHE T 210 34.88 -47.95 -3.04
N GLN T 211 35.41 -48.91 -3.77
CA GLN T 211 34.94 -50.30 -3.75
C GLN T 211 35.90 -51.09 -2.89
N LEU T 212 35.63 -51.10 -1.58
CA LEU T 212 36.49 -51.75 -0.60
C LEU T 212 36.03 -53.18 -0.35
N ASP T 213 36.81 -53.91 0.47
CA ASP T 213 36.36 -55.17 1.01
C ASP T 213 35.16 -54.95 1.95
N PRO T 214 34.40 -56.00 2.27
CA PRO T 214 33.18 -55.77 3.08
C PRO T 214 33.45 -55.08 4.40
N GLU T 215 34.53 -55.46 5.11
CA GLU T 215 34.81 -54.81 6.38
C GLU T 215 35.22 -53.35 6.20
N GLY T 216 36.03 -53.06 5.16
CA GLY T 216 36.35 -51.67 4.88
C GLY T 216 35.12 -50.84 4.59
N ALA T 217 34.16 -51.43 3.86
CA ALA T 217 32.93 -50.72 3.56
C ALA T 217 32.18 -50.36 4.85
N MET T 218 32.13 -51.27 5.82
CA MET T 218 31.50 -50.97 7.10
C MET T 218 32.22 -49.83 7.81
N LYS T 219 33.55 -49.94 7.95
CA LYS T 219 34.25 -48.89 8.69
C LYS T 219 34.15 -47.56 7.97
N ALA T 220 34.05 -47.58 6.64
CA ALA T 220 33.99 -46.34 5.87
C ALA T 220 32.83 -45.46 6.28
N VAL T 221 31.71 -46.05 6.69
CA VAL T 221 30.59 -45.25 7.17
C VAL T 221 30.51 -45.22 8.69
N SER T 222 31.50 -45.79 9.37
CA SER T 222 31.61 -45.71 10.81
C SER T 222 32.45 -44.53 11.25
N THR T 223 32.69 -43.58 10.36
CA THR T 223 33.59 -42.47 10.60
C THR T 223 33.13 -41.26 9.80
N LEU T 224 33.58 -40.08 10.21
CA LEU T 224 33.37 -38.86 9.45
C LEU T 224 34.59 -38.50 8.62
N GLY T 225 35.65 -39.32 8.67
CA GLY T 225 36.85 -39.11 7.88
C GLY T 225 38.14 -39.30 8.66
N ALA T 226 38.08 -39.24 9.99
CA ALA T 226 39.29 -39.28 10.81
C ALA T 226 39.75 -40.71 11.11
N ASN T 227 38.90 -41.71 10.91
CA ASN T 227 39.23 -43.11 11.23
C ASN T 227 38.99 -43.96 9.99
N PRO T 228 39.92 -43.95 9.05
CA PRO T 228 39.71 -44.61 7.76
C PRO T 228 39.73 -46.12 7.92
N PRO T 229 39.15 -46.85 6.97
CA PRO T 229 39.36 -48.30 6.93
C PRO T 229 40.79 -48.61 6.56
N GLU T 230 41.15 -49.88 6.75
CA GLU T 230 42.40 -50.39 6.21
C GLU T 230 42.33 -50.44 4.69
N TYR T 231 43.48 -50.17 4.05
CA TYR T 231 43.57 -50.32 2.60
C TYR T 231 43.32 -51.77 2.20
N ASN T 232 42.20 -52.03 1.53
CA ASN T 232 41.89 -53.40 1.15
C ASN T 232 40.72 -53.37 0.19
N THR T 233 40.65 -54.38 -0.69
CA THR T 233 39.58 -54.48 -1.67
C THR T 233 39.18 -55.94 -1.80
N ASN T 234 38.17 -56.20 -2.64
CA ASN T 234 37.86 -57.59 -2.97
C ASN T 234 38.96 -58.25 -3.81
N TYR T 235 39.95 -57.48 -4.23
CA TYR T 235 41.13 -57.98 -4.94
C TYR T 235 42.38 -57.95 -4.06
N GLY T 236 42.20 -57.92 -2.75
CA GLY T 236 43.31 -57.90 -1.82
C GLY T 236 43.82 -56.50 -1.54
N ASN T 237 44.95 -56.44 -0.83
CA ASN T 237 45.47 -55.17 -0.32
C ASN T 237 46.81 -54.78 -0.94
N LYS T 238 47.20 -55.41 -2.03
CA LYS T 238 48.47 -55.06 -2.67
C LYS T 238 48.24 -53.98 -3.72
N VAL T 239 49.33 -53.29 -4.06
CA VAL T 239 49.30 -52.23 -5.07
C VAL T 239 49.44 -52.84 -6.46
N HIS T 240 48.42 -52.66 -7.28
CA HIS T 240 48.36 -53.32 -8.58
C HIS T 240 49.12 -52.55 -9.66
N ASP T 241 49.76 -53.32 -10.56
CA ASP T 241 50.38 -52.84 -11.80
C ASP T 241 49.36 -52.69 -12.92
N LYS T 242 48.29 -53.48 -12.87
CA LYS T 242 47.19 -53.50 -13.80
C LYS T 242 45.90 -53.21 -13.06
N PRO T 243 44.90 -52.62 -13.71
CA PRO T 243 43.66 -52.29 -13.00
C PRO T 243 43.10 -53.54 -12.34
N PRO T 244 42.74 -53.45 -11.06
CA PRO T 244 42.19 -54.64 -10.38
C PRO T 244 40.85 -55.09 -10.95
N ILE T 245 40.00 -54.14 -11.34
CA ILE T 245 38.68 -54.45 -11.88
C ILE T 245 38.78 -54.47 -13.39
N PRO T 246 38.27 -55.51 -14.07
CA PRO T 246 38.37 -55.58 -15.53
C PRO T 246 37.63 -54.43 -16.20
N GLY T 247 38.09 -54.06 -17.39
CA GLY T 247 37.31 -53.15 -18.20
C GLY T 247 35.96 -53.76 -18.53
N GLN T 248 34.97 -52.89 -18.70
CA GLN T 248 33.64 -53.40 -19.02
C GLN T 248 33.61 -53.90 -20.46
N THR T 249 32.69 -54.82 -20.74
CA THR T 249 32.29 -55.13 -22.09
C THR T 249 30.78 -54.92 -22.22
N PRO T 250 30.28 -54.46 -23.38
CA PRO T 250 31.04 -54.05 -24.57
C PRO T 250 32.02 -52.92 -24.26
N THR T 251 33.15 -52.87 -24.98
CA THR T 251 34.19 -51.89 -24.72
C THR T 251 33.65 -50.47 -24.79
N GLN T 252 33.95 -49.67 -23.76
CA GLN T 252 33.55 -48.27 -23.76
C GLN T 252 34.68 -47.43 -24.34
N TYR T 253 34.34 -46.56 -25.29
CA TYR T 253 35.22 -45.50 -25.75
C TYR T 253 34.62 -44.15 -25.39
N LEU T 254 35.45 -43.27 -24.84
CA LEU T 254 35.05 -41.89 -24.59
C LEU T 254 35.72 -41.00 -25.63
N VAL T 255 34.92 -40.28 -26.39
CA VAL T 255 35.42 -39.35 -27.40
C VAL T 255 35.38 -37.97 -26.78
N HIS T 256 36.57 -37.44 -26.51
CA HIS T 256 36.77 -36.16 -25.85
C HIS T 256 37.03 -35.11 -26.93
N ILE T 257 36.13 -34.12 -27.07
CA ILE T 257 36.25 -33.08 -28.10
C ILE T 257 36.19 -31.71 -27.42
N GLU T 258 37.14 -30.84 -27.75
CA GLU T 258 37.18 -29.49 -27.22
C GLU T 258 36.73 -28.51 -28.29
N TRP T 259 35.97 -27.50 -27.87
CA TRP T 259 35.38 -26.50 -28.76
C TRP T 259 35.52 -25.12 -28.14
N GLU T 260 35.43 -24.11 -29.01
CA GLU T 260 35.55 -22.73 -28.54
C GLU T 260 34.47 -22.40 -27.51
N SER T 261 33.25 -22.89 -27.72
CA SER T 261 32.11 -22.47 -26.92
C SER T 261 31.05 -23.56 -27.04
N PRO T 262 30.02 -23.53 -26.18
CA PRO T 262 28.95 -24.54 -26.32
C PRO T 262 28.25 -24.49 -27.66
N GLU T 263 28.03 -23.30 -28.23
CA GLU T 263 27.37 -23.19 -29.53
C GLU T 263 28.21 -23.79 -30.63
N HIS T 264 29.51 -23.52 -30.64
CA HIS T 264 30.37 -24.16 -31.63
C HIS T 264 30.34 -25.67 -31.47
N ALA T 265 30.29 -26.15 -30.23
CA ALA T 265 30.19 -27.59 -30.01
C ALA T 265 28.86 -28.13 -30.52
N HIS T 266 27.76 -27.43 -30.22
CA HIS T 266 26.45 -27.93 -30.64
C HIS T 266 26.35 -27.97 -32.15
N GLN T 267 26.64 -26.84 -32.79
CA GLN T 267 26.63 -26.77 -34.24
C GLN T 267 27.71 -27.68 -34.83
N GLY T 268 28.86 -27.77 -34.16
CA GLY T 268 29.95 -28.54 -34.72
C GLY T 268 29.66 -30.03 -34.78
N LEU T 269 29.22 -30.60 -33.65
CA LEU T 269 28.84 -32.02 -33.64
C LEU T 269 27.72 -32.34 -34.62
N GLY T 270 26.84 -31.37 -34.90
CA GLY T 270 25.74 -31.60 -35.82
C GLY T 270 26.16 -31.87 -37.25
N HIS T 271 27.40 -31.55 -37.59
CA HIS T 271 27.88 -31.80 -38.94
C HIS T 271 27.87 -33.29 -39.29
N VAL T 272 27.91 -34.20 -38.31
CA VAL T 272 27.81 -35.61 -38.67
C VAL T 272 26.45 -35.97 -39.22
N MET T 273 25.49 -35.05 -39.14
CA MET T 273 24.17 -35.24 -39.71
C MET T 273 23.89 -34.32 -40.89
N VAL T 274 24.49 -33.13 -40.92
CA VAL T 274 24.12 -32.15 -41.93
C VAL T 274 25.21 -31.89 -42.96
N ASP T 275 26.35 -32.58 -42.89
CA ASP T 275 27.31 -32.57 -43.98
C ASP T 275 27.39 -33.98 -44.57
N TYR T 276 27.09 -34.09 -45.87
CA TYR T 276 26.95 -35.40 -46.52
C TYR T 276 28.22 -36.26 -46.38
N GLU T 277 29.39 -35.66 -46.64
CA GLU T 277 30.62 -36.43 -46.57
C GLU T 277 30.93 -36.87 -45.14
N LEU T 278 30.86 -35.95 -44.18
CA LEU T 278 31.10 -36.33 -42.79
C LEU T 278 30.09 -37.36 -42.35
N ARG T 279 28.85 -37.23 -42.82
CA ARG T 279 27.80 -38.20 -42.50
C ARG T 279 28.18 -39.62 -42.94
N GLN T 280 28.76 -39.76 -44.14
CA GLN T 280 29.21 -41.07 -44.61
C GLN T 280 30.36 -41.61 -43.76
N ILE T 281 31.34 -40.75 -43.47
CA ILE T 281 32.48 -41.16 -42.66
C ILE T 281 32.02 -41.61 -41.28
N HIS T 282 31.14 -40.82 -40.65
CA HIS T 282 30.70 -41.11 -39.31
C HIS T 282 29.73 -42.29 -39.27
N ASN T 283 28.82 -42.38 -40.25
CA ASN T 283 27.88 -43.48 -40.29
C ASN T 283 28.62 -44.82 -40.39
N ASN T 284 29.56 -44.91 -41.34
CA ASN T 284 30.28 -46.16 -41.60
C ASN T 284 31.43 -46.37 -40.64
N GLY T 285 32.03 -45.30 -40.14
CA GLY T 285 33.22 -45.47 -39.32
C GLY T 285 32.93 -45.55 -37.84
N VAL T 286 31.76 -45.05 -37.42
CA VAL T 286 31.44 -45.02 -35.99
C VAL T 286 30.10 -45.71 -35.73
N LEU T 287 29.01 -45.19 -36.32
CA LEU T 287 27.67 -45.66 -35.95
C LEU T 287 27.49 -47.14 -36.26
N ALA T 288 28.09 -47.62 -37.34
CA ALA T 288 27.94 -49.03 -37.70
C ALA T 288 28.56 -49.98 -36.69
N HIS T 289 29.34 -49.49 -35.73
CA HIS T 289 30.12 -50.36 -34.84
C HIS T 289 29.65 -50.29 -33.39
N LEU T 290 28.50 -49.65 -33.13
CA LEU T 290 28.08 -49.36 -31.78
C LEU T 290 27.00 -50.31 -31.30
N ASP T 291 27.17 -50.77 -30.07
CA ASP T 291 26.07 -51.32 -29.29
C ASP T 291 25.26 -50.24 -28.59
N LYS T 292 25.91 -49.16 -28.17
CA LYS T 292 25.23 -48.11 -27.42
C LYS T 292 25.84 -46.77 -27.79
N GLY T 293 25.01 -45.75 -27.84
CA GLY T 293 25.46 -44.40 -28.10
C GLY T 293 25.30 -44.03 -29.57
N PRO T 294 25.90 -42.89 -29.98
CA PRO T 294 26.70 -42.04 -29.09
C PRO T 294 25.82 -41.16 -28.21
N TYR T 295 26.34 -40.82 -27.05
CA TYR T 295 25.70 -39.88 -26.14
C TYR T 295 26.73 -38.86 -25.70
N TYR T 296 26.44 -37.58 -25.92
CA TYR T 296 27.38 -36.48 -25.72
C TYR T 296 27.00 -35.61 -24.53
N MET T 297 27.88 -35.56 -23.52
CA MET T 297 27.72 -34.65 -22.40
C MET T 297 28.59 -33.41 -22.59
N PHE T 298 28.05 -32.25 -22.24
CA PHE T 298 28.79 -31.00 -22.31
C PHE T 298 29.38 -30.69 -20.95
N PHE T 299 30.65 -30.27 -20.93
CA PHE T 299 31.36 -29.95 -19.71
C PHE T 299 32.08 -28.61 -19.83
N SER T 300 32.30 -27.97 -18.69
CA SER T 300 33.16 -26.83 -18.54
C SER T 300 34.40 -27.23 -17.75
N PRO T 301 35.59 -26.95 -18.23
CA PRO T 301 36.80 -27.22 -17.43
C PRO T 301 36.97 -26.17 -16.35
N MET T 302 36.75 -26.56 -15.10
CA MET T 302 36.83 -25.64 -13.96
C MET T 302 38.28 -25.34 -13.60
N MET T 303 39.10 -26.38 -13.47
CA MET T 303 40.52 -26.28 -13.18
C MET T 303 41.26 -27.27 -14.05
N GLU T 304 42.44 -26.89 -14.50
CA GLU T 304 43.26 -27.74 -15.34
C GLU T 304 44.71 -27.55 -14.92
N GLN T 305 45.44 -28.65 -14.85
CA GLN T 305 46.90 -28.62 -14.83
C GLN T 305 47.25 -29.39 -16.08
N GLY T 306 47.55 -28.65 -17.15
CA GLY T 306 47.58 -29.23 -18.48
C GLY T 306 48.93 -29.62 -19.01
N LEU T 307 49.97 -29.70 -18.17
CA LEU T 307 51.28 -30.03 -18.71
C LEU T 307 51.33 -31.44 -19.29
N TRP T 308 50.42 -32.33 -18.86
CA TRP T 308 50.37 -33.67 -19.44
C TRP T 308 50.14 -33.62 -20.94
N ARG T 309 49.44 -32.60 -21.42
CA ARG T 309 49.22 -32.48 -22.86
C ARG T 309 50.52 -32.29 -23.60
N LYS T 310 51.51 -31.68 -22.94
CA LYS T 310 52.76 -31.35 -23.62
C LYS T 310 53.51 -32.58 -24.09
N HIS T 311 53.29 -33.73 -23.46
CA HIS T 311 53.92 -34.97 -23.91
C HIS T 311 52.85 -36.02 -24.21
N LEU T 312 52.19 -35.87 -25.35
CA LEU T 312 51.35 -36.88 -25.97
C LEU T 312 51.99 -37.27 -27.31
N LYS T 313 51.24 -37.99 -28.14
CA LYS T 313 51.67 -38.43 -29.47
C LYS T 313 52.86 -39.38 -29.36
N GLU U 4 6.69 -71.37 -14.18
CA GLU U 4 6.99 -70.47 -15.29
C GLU U 4 8.01 -69.41 -14.87
N ASN U 5 9.15 -69.35 -15.56
CA ASN U 5 10.14 -68.30 -15.34
C ASN U 5 10.19 -67.41 -16.57
N PRO U 6 9.41 -66.34 -16.60
CA PRO U 6 9.39 -65.45 -17.76
C PRO U 6 10.67 -64.62 -17.83
N ILE U 7 10.80 -63.91 -18.93
CA ILE U 7 11.90 -62.99 -19.18
C ILE U 7 11.39 -61.59 -18.86
N ILE U 8 12.24 -60.73 -18.32
CA ILE U 8 11.85 -59.35 -18.02
C ILE U 8 12.73 -58.42 -18.82
N ALA U 9 12.11 -57.63 -19.67
CA ALA U 9 12.75 -56.52 -20.34
C ALA U 9 12.50 -55.26 -19.53
N ILE U 10 13.56 -54.55 -19.17
CA ILE U 10 13.46 -53.33 -18.40
C ILE U 10 13.91 -52.19 -19.30
N ASN U 11 12.96 -51.41 -19.79
CA ASN U 11 13.31 -50.21 -20.54
C ASN U 11 13.69 -49.11 -19.56
N MET U 12 14.94 -48.68 -19.60
CA MET U 12 15.48 -47.72 -18.65
C MET U 12 15.70 -46.40 -19.36
N ALA U 13 15.11 -45.33 -18.81
CA ALA U 13 15.29 -43.99 -19.32
C ALA U 13 15.39 -43.03 -18.14
N LYS U 14 15.94 -41.86 -18.43
CA LYS U 14 15.97 -40.72 -17.51
C LYS U 14 15.24 -39.58 -18.19
N ILE U 15 14.18 -39.08 -17.54
CA ILE U 15 13.31 -38.12 -18.18
C ILE U 15 13.29 -36.84 -17.35
N ALA U 16 12.90 -35.75 -18.01
CA ALA U 16 12.84 -34.46 -17.37
C ALA U 16 11.76 -34.45 -16.30
N ASN U 17 12.07 -33.85 -15.15
CA ASN U 17 11.13 -33.79 -14.02
C ASN U 17 10.39 -32.46 -14.09
N LYS U 18 9.31 -32.43 -14.87
CA LYS U 18 8.53 -31.21 -15.06
C LYS U 18 7.12 -31.62 -15.45
N PRO U 19 6.14 -30.74 -15.24
CA PRO U 19 4.73 -31.13 -15.49
C PRO U 19 4.46 -31.70 -16.87
N ASP U 20 5.15 -31.21 -17.90
CA ASP U 20 4.95 -31.72 -19.25
C ASP U 20 5.27 -33.22 -19.35
N SER U 21 6.30 -33.68 -18.61
CA SER U 21 6.69 -35.08 -18.69
C SER U 21 5.62 -36.01 -18.12
N TYR U 22 4.99 -35.61 -17.01
CA TYR U 22 3.89 -36.38 -16.46
C TYR U 22 2.70 -36.41 -17.43
N GLU U 23 2.46 -35.29 -18.15
CA GLU U 23 1.38 -35.26 -19.14
C GLU U 23 1.61 -36.26 -20.26
N THR U 24 2.79 -36.24 -20.88
CA THR U 24 3.04 -37.18 -21.97
C THR U 24 3.09 -38.63 -21.48
N MET U 25 3.43 -38.85 -20.22
CA MET U 25 3.41 -40.21 -19.65
C MET U 25 1.98 -40.74 -19.52
N MET U 26 1.02 -39.85 -19.28
CA MET U 26 -0.38 -40.22 -19.16
C MET U 26 -1.07 -40.32 -20.51
N LYS U 27 -0.56 -39.63 -21.55
CA LYS U 27 -1.18 -39.65 -22.86
C LYS U 27 -0.60 -40.75 -23.77
N VAL U 28 0.70 -41.01 -23.70
CA VAL U 28 1.36 -41.96 -24.59
C VAL U 28 1.61 -43.31 -23.91
N GLY U 29 1.91 -43.31 -22.61
CA GLY U 29 2.18 -44.52 -21.88
C GLY U 29 1.19 -45.66 -22.08
N PRO U 30 -0.10 -45.38 -21.82
CA PRO U 30 -1.13 -46.39 -22.09
C PRO U 30 -1.15 -46.88 -23.52
N LYS U 31 -0.87 -46.01 -24.49
CA LYS U 31 -0.90 -46.41 -25.88
C LYS U 31 0.22 -47.40 -26.19
N VAL U 32 1.39 -47.21 -25.58
CA VAL U 32 2.49 -48.14 -25.77
C VAL U 32 2.14 -49.51 -25.15
N CSS U 33 1.51 -49.52 -23.98
CA CSS U 33 1.14 -50.75 -23.35
CB CSS U 33 0.66 -50.51 -21.95
SG CSS U 33 1.99 -49.92 -20.94
SD CSS U 33 3.63 -51.06 -21.22
C CSS U 33 0.08 -51.50 -24.11
O CSS U 33 0.13 -52.76 -24.14
N ILE U 34 -0.86 -50.79 -24.74
CA ILE U 34 -1.92 -51.43 -25.51
C ILE U 34 -1.31 -52.16 -26.71
N THR U 35 -0.34 -51.50 -27.35
CA THR U 35 0.39 -52.12 -28.46
C THR U 35 1.12 -53.37 -28.01
N THR U 36 1.80 -53.28 -26.87
CA THR U 36 2.54 -54.42 -26.33
C THR U 36 1.62 -55.60 -26.06
N ALA U 37 0.44 -55.34 -25.50
CA ALA U 37 -0.48 -56.40 -25.13
C ALA U 37 -1.19 -57.02 -26.33
N SER U 38 -0.84 -56.62 -27.56
CA SER U 38 -1.36 -57.30 -28.74
C SER U 38 -0.70 -58.65 -28.96
N HIS U 39 0.42 -58.96 -28.25
CA HIS U 39 1.20 -60.16 -28.51
C HIS U 39 0.88 -61.25 -27.49
N PRO U 40 0.64 -62.50 -27.93
CA PRO U 40 0.22 -63.53 -26.97
C PRO U 40 1.30 -63.91 -25.99
N GLY U 41 2.55 -63.56 -26.25
CA GLY U 41 3.60 -63.80 -25.28
C GLY U 41 3.74 -62.78 -24.18
N PHE U 42 2.93 -61.72 -24.21
CA PHE U 42 3.04 -60.64 -23.24
C PHE U 42 2.33 -61.02 -21.94
N LEU U 43 3.05 -60.92 -20.83
CA LEU U 43 2.54 -61.38 -19.54
C LEU U 43 2.24 -60.27 -18.54
N GLY U 44 2.74 -59.06 -18.74
CA GLY U 44 2.43 -57.99 -17.83
C GLY U 44 3.51 -56.93 -17.85
N PHE U 45 3.28 -55.89 -17.04
CA PHE U 45 4.24 -54.78 -17.00
C PHE U 45 4.23 -54.11 -15.64
N GLU U 46 5.32 -53.37 -15.39
CA GLU U 46 5.51 -52.52 -14.22
C GLU U 46 6.12 -51.21 -14.70
N GLN U 47 5.41 -50.10 -14.48
CA GLN U 47 5.93 -48.76 -14.80
C GLN U 47 6.41 -48.11 -13.52
N LEU U 48 7.73 -47.96 -13.39
CA LEU U 48 8.35 -47.47 -12.15
C LEU U 48 8.97 -46.10 -12.38
N LEU U 49 8.58 -45.14 -11.55
CA LEU U 49 9.11 -43.79 -11.61
C LEU U 49 9.98 -43.55 -10.38
N GLN U 50 11.22 -43.12 -10.60
CA GLN U 50 12.15 -42.94 -9.49
C GLN U 50 11.71 -41.82 -8.57
N THR U 51 11.77 -42.04 -7.25
CA THR U 51 11.47 -41.03 -6.25
C THR U 51 12.67 -40.62 -5.40
N GLY U 52 13.77 -41.37 -5.44
CA GLY U 52 14.94 -41.04 -4.65
C GLY U 52 15.92 -42.21 -4.69
N ILE U 53 16.81 -42.23 -3.70
CA ILE U 53 17.84 -43.25 -3.57
C ILE U 53 17.98 -43.56 -2.08
N HIS U 54 18.74 -44.62 -1.78
CA HIS U 54 19.14 -44.85 -0.40
C HIS U 54 20.47 -44.16 -0.16
N PRO U 55 20.56 -43.17 0.74
CA PRO U 55 21.84 -42.50 0.99
C PRO U 55 22.86 -43.40 1.66
N MET U 56 22.44 -44.54 2.21
CA MET U 56 23.32 -45.54 2.78
C MET U 56 24.31 -44.92 3.78
N ALA U 57 23.74 -44.25 4.78
CA ALA U 57 24.51 -43.72 5.90
C ALA U 57 25.59 -42.76 5.42
N GLY U 58 25.28 -41.97 4.38
CA GLY U 58 26.18 -40.93 3.94
C GLY U 58 27.08 -41.32 2.79
N ARG U 59 27.10 -42.60 2.41
CA ARG U 59 27.86 -43.00 1.23
C ARG U 59 27.40 -42.23 -0.01
N TYR U 60 26.11 -41.93 -0.10
CA TYR U 60 25.61 -41.04 -1.13
C TYR U 60 24.88 -39.88 -0.46
N GLY U 61 25.62 -39.08 0.30
CA GLY U 61 25.04 -38.04 1.13
C GLY U 61 24.41 -36.89 0.37
N GLY U 62 24.70 -36.77 -0.92
CA GLY U 62 24.01 -35.76 -1.69
C GLY U 62 22.59 -36.12 -2.08
N GLY U 63 22.19 -37.38 -1.93
CA GLY U 63 20.85 -37.82 -2.27
C GLY U 63 19.95 -37.95 -1.07
N ALA U 64 18.75 -38.45 -1.31
CA ALA U 64 17.78 -38.59 -0.24
C ALA U 64 16.74 -39.62 -0.64
N VAL U 65 16.08 -40.21 0.38
CA VAL U 65 14.98 -41.14 0.14
C VAL U 65 13.93 -40.48 -0.74
N ASP U 66 13.58 -39.23 -0.44
CA ASP U 66 12.59 -38.48 -1.19
C ASP U 66 13.29 -37.32 -1.89
N MET U 67 13.52 -37.49 -3.19
CA MET U 67 14.08 -36.46 -4.06
C MET U 67 13.07 -36.03 -5.13
N ARG U 68 11.78 -36.29 -4.91
CA ARG U 68 10.80 -36.08 -5.97
C ARG U 68 10.79 -34.64 -6.49
N GLU U 69 11.17 -33.68 -5.64
CA GLU U 69 11.17 -32.27 -6.02
C GLU U 69 12.45 -31.82 -6.69
N THR U 70 13.55 -32.55 -6.52
CA THR U 70 14.86 -32.06 -6.96
C THR U 70 15.50 -32.92 -8.05
N LEU U 71 15.06 -34.16 -8.20
CA LEU U 71 15.70 -35.07 -9.14
C LEU U 71 15.38 -34.64 -10.57
N ASN U 72 16.42 -34.37 -11.36
CA ASN U 72 16.22 -34.08 -12.77
C ASN U 72 17.53 -34.33 -13.53
N PRO U 73 17.56 -35.32 -14.41
CA PRO U 73 16.43 -36.19 -14.76
C PRO U 73 16.09 -37.20 -13.68
N MET U 74 14.92 -37.81 -13.80
CA MET U 74 14.49 -38.87 -12.90
C MET U 74 14.43 -40.17 -13.67
N GLY U 75 14.80 -41.26 -13.00
CA GLY U 75 14.77 -42.56 -13.64
C GLY U 75 13.34 -42.99 -13.93
N MET U 76 13.18 -43.67 -15.04
CA MET U 76 11.90 -44.24 -15.40
C MET U 76 12.17 -45.64 -15.95
N PHE U 77 11.71 -46.66 -15.24
CA PHE U 77 11.91 -48.05 -15.63
C PHE U 77 10.58 -48.67 -16.00
N GLN U 78 10.51 -49.24 -17.20
CA GLN U 78 9.32 -49.95 -17.65
C GLN U 78 9.67 -51.43 -17.78
N TYR U 79 9.17 -52.25 -16.85
CA TYR U 79 9.23 -53.71 -16.98
C TYR U 79 8.16 -54.18 -17.95
N THR U 80 8.53 -54.99 -18.93
CA THR U 80 7.57 -55.80 -19.67
C THR U 80 7.97 -57.26 -19.50
N VAL U 81 6.99 -58.13 -19.23
CA VAL U 81 7.26 -59.51 -18.85
C VAL U 81 6.77 -60.43 -19.95
N TRP U 82 7.62 -61.37 -20.35
CA TRP U 82 7.44 -62.11 -21.60
C TRP U 82 7.70 -63.58 -21.36
N LYS U 83 7.01 -64.40 -22.16
CA LYS U 83 7.30 -65.83 -22.15
C LYS U 83 8.73 -66.12 -22.54
N ASP U 84 9.31 -65.31 -23.45
CA ASP U 84 10.65 -65.53 -23.96
C ASP U 84 11.12 -64.27 -24.67
N VAL U 85 12.42 -64.26 -25.02
CA VAL U 85 13.01 -63.12 -25.73
C VAL U 85 12.33 -62.91 -27.07
N HIS U 86 12.08 -63.99 -27.80
CA HIS U 86 11.52 -63.87 -29.14
C HIS U 86 10.18 -63.17 -29.15
N SER U 87 9.33 -63.42 -28.15
CA SER U 87 8.02 -62.78 -28.13
C SER U 87 8.14 -61.25 -28.08
N HIS U 88 9.05 -60.76 -27.24
CA HIS U 88 9.27 -59.33 -27.14
C HIS U 88 9.85 -58.76 -28.42
N GLU U 89 10.85 -59.42 -29.00
CA GLU U 89 11.43 -58.93 -30.24
C GLU U 89 10.40 -58.92 -31.37
N GLU U 90 9.53 -59.94 -31.39
CA GLU U 90 8.49 -60.05 -32.41
C GLU U 90 7.44 -58.96 -32.25
N MET U 91 7.01 -58.70 -31.01
CA MET U 91 6.11 -57.59 -30.77
C MET U 91 6.70 -56.28 -31.29
N HIS U 92 7.97 -56.01 -30.95
CA HIS U 92 8.64 -54.80 -31.41
C HIS U 92 8.68 -54.73 -32.93
N HIS U 93 8.94 -55.87 -33.58
CA HIS U 93 9.00 -55.90 -35.05
C HIS U 93 7.62 -55.69 -35.66
N ASP U 94 6.61 -56.43 -35.17
CA ASP U 94 5.27 -56.37 -35.75
C ASP U 94 4.60 -55.02 -35.55
N ASN U 95 5.00 -54.27 -34.52
CA ASN U 95 4.39 -52.99 -34.19
C ASN U 95 5.40 -51.85 -34.29
N PHE U 96 6.41 -52.01 -35.15
CA PHE U 96 7.52 -51.08 -35.16
C PHE U 96 7.06 -49.67 -35.51
N LYS U 97 6.24 -49.52 -36.57
CA LYS U 97 5.77 -48.20 -36.96
C LYS U 97 5.00 -47.52 -35.83
N GLU U 98 4.07 -48.25 -35.20
CA GLU U 98 3.21 -47.61 -34.21
C GLU U 98 3.99 -47.28 -32.93
N ILE U 99 4.87 -48.18 -32.51
CA ILE U 99 5.73 -47.88 -31.36
C ILE U 99 6.66 -46.72 -31.69
N PHE U 100 7.17 -46.66 -32.93
CA PHE U 100 8.00 -45.52 -33.30
C PHE U 100 7.23 -44.22 -33.24
N GLU U 101 5.99 -44.22 -33.75
CA GLU U 101 5.17 -43.00 -33.69
C GLU U 101 4.96 -42.57 -32.24
N LEU U 102 4.66 -43.53 -31.36
CA LEU U 102 4.39 -43.22 -29.97
C LEU U 102 5.62 -42.71 -29.21
N CSS U 103 6.73 -43.43 -29.31
CA CSS U 103 7.91 -43.04 -28.57
CB CSS U 103 8.91 -44.15 -28.56
SG CSS U 103 8.40 -45.40 -27.41
SD CSS U 103 7.92 -44.63 -25.61
C CSS U 103 8.50 -41.79 -29.12
O CSS U 103 9.23 -41.08 -28.39
N SER U 104 8.21 -41.45 -30.38
CA SER U 104 8.70 -40.21 -30.95
C SER U 104 8.18 -39.01 -30.14
N GLY U 105 6.92 -39.10 -29.70
CA GLY U 105 6.41 -38.08 -28.81
C GLY U 105 7.12 -38.10 -27.47
N CYS U 106 7.47 -39.28 -26.98
CA CYS U 106 8.09 -39.40 -25.68
C CYS U 106 9.51 -38.83 -25.67
N LEU U 107 10.18 -38.79 -26.82
CA LEU U 107 11.57 -38.35 -26.85
C LEU U 107 11.73 -36.89 -26.44
N GLY U 108 10.65 -36.10 -26.51
CA GLY U 108 10.69 -34.72 -26.08
C GLY U 108 10.91 -34.52 -24.60
N MET U 109 10.84 -35.59 -23.80
CA MET U 109 11.12 -35.53 -22.38
C MET U 109 12.32 -36.38 -21.96
N VAL U 110 12.98 -37.04 -22.90
CA VAL U 110 14.07 -37.97 -22.60
C VAL U 110 15.38 -37.20 -22.50
N ILE U 111 16.13 -37.45 -21.42
CA ILE U 111 17.47 -36.89 -21.26
C ILE U 111 18.55 -37.95 -21.45
N GLU U 112 18.25 -39.21 -21.13
CA GLU U 112 19.19 -40.31 -21.31
C GLU U 112 18.37 -41.56 -21.56
N GLY U 113 18.93 -42.48 -22.35
CA GLY U 113 18.22 -43.69 -22.71
C GLY U 113 17.47 -43.53 -24.02
N PRO U 114 16.60 -44.50 -24.35
CA PRO U 114 16.32 -45.71 -23.57
C PRO U 114 17.39 -46.76 -23.76
N TRP U 115 17.54 -47.61 -22.74
CA TRP U 115 18.37 -48.80 -22.78
C TRP U 115 17.53 -49.93 -22.21
N GLU U 116 17.37 -51.02 -22.95
CA GLU U 116 16.46 -52.10 -22.56
C GLU U 116 17.19 -53.42 -22.46
N PRO U 117 17.83 -53.69 -21.32
CA PRO U 117 18.43 -55.01 -21.12
C PRO U 117 17.36 -56.05 -20.81
N TYR U 118 17.71 -57.29 -21.11
CA TYR U 118 16.92 -58.47 -20.80
C TYR U 118 17.40 -59.08 -19.50
N PHE U 119 16.46 -59.49 -18.66
CA PHE U 119 16.79 -60.05 -17.36
C PHE U 119 16.15 -61.40 -17.16
N GLU U 120 16.93 -62.30 -16.59
CA GLU U 120 16.43 -63.58 -16.12
C GLU U 120 16.06 -63.46 -14.64
N VAL U 121 14.92 -64.02 -14.27
CA VAL U 121 14.50 -64.02 -12.87
C VAL U 121 15.21 -65.20 -12.19
N VAL U 122 16.28 -64.89 -11.46
CA VAL U 122 17.08 -65.94 -10.84
C VAL U 122 16.29 -66.62 -9.73
N LYS U 123 15.66 -65.84 -8.88
CA LYS U 123 14.86 -66.38 -7.78
C LYS U 123 13.92 -65.26 -7.35
N SER U 124 12.79 -65.64 -6.77
CA SER U 124 11.82 -64.63 -6.36
C SER U 124 10.95 -65.14 -5.21
N ASP U 125 10.44 -64.18 -4.44
CA ASP U 125 9.37 -64.35 -3.48
C ASP U 125 8.56 -63.05 -3.56
N LEU U 126 7.76 -62.95 -4.62
CA LEU U 126 6.97 -61.76 -4.94
C LEU U 126 5.51 -62.12 -4.80
N PRO U 127 4.75 -61.46 -3.94
CA PRO U 127 3.32 -61.74 -3.86
C PRO U 127 2.56 -61.10 -5.02
N GLN U 128 1.37 -61.65 -5.24
CA GLN U 128 0.37 -61.07 -6.13
C GLN U 128 -0.07 -59.70 -5.58
N ILE U 129 -0.32 -58.75 -6.48
CA ILE U 129 -0.74 -57.43 -6.04
C ILE U 129 -2.24 -57.45 -5.76
N MET U 130 -2.67 -56.59 -4.83
CA MET U 130 -4.05 -56.53 -4.42
C MET U 130 -4.30 -55.14 -3.86
N SER U 131 -5.54 -54.89 -3.43
CA SER U 131 -5.92 -53.65 -2.76
C SER U 131 -6.48 -53.98 -1.37
N MET U 132 -6.71 -52.91 -0.60
CA MET U 132 -7.22 -53.02 0.77
C MET U 132 -8.49 -53.86 0.84
N THR U 133 -9.45 -53.56 -0.03
CA THR U 133 -10.75 -54.22 -0.02
C THR U 133 -10.69 -55.66 -0.50
N ASP U 134 -9.56 -56.09 -1.05
CA ASP U 134 -9.37 -57.49 -1.41
C ASP U 134 -8.84 -58.33 -0.25
N VAL U 135 -8.28 -57.70 0.77
CA VAL U 135 -7.50 -58.40 1.78
C VAL U 135 -8.36 -59.36 2.60
N PRO U 136 -9.56 -58.98 3.05
CA PRO U 136 -10.35 -59.98 3.80
C PRO U 136 -10.60 -61.25 3.02
N GLN U 137 -10.88 -61.15 1.72
CA GLN U 137 -11.11 -62.34 0.93
C GLN U 137 -9.83 -63.14 0.70
N VAL U 138 -8.71 -62.44 0.46
CA VAL U 138 -7.43 -63.12 0.30
C VAL U 138 -7.10 -63.90 1.57
N LEU U 139 -7.38 -63.30 2.73
CA LEU U 139 -7.18 -63.99 4.01
C LEU U 139 -8.05 -65.24 4.10
N GLY U 140 -9.34 -65.09 3.82
CA GLY U 140 -10.24 -66.24 3.88
C GLY U 140 -9.86 -67.35 2.92
N ASP U 141 -9.52 -66.99 1.68
CA ASP U 141 -9.16 -68.00 0.69
C ASP U 141 -7.88 -68.72 1.10
N SER U 142 -6.95 -68.00 1.75
CA SER U 142 -5.73 -68.64 2.23
C SER U 142 -6.04 -69.72 3.27
N PHE U 143 -6.96 -69.43 4.21
CA PHE U 143 -7.32 -70.44 5.20
C PHE U 143 -8.05 -71.62 4.56
N ALA U 144 -8.99 -71.33 3.66
CA ALA U 144 -9.71 -72.40 2.99
C ALA U 144 -8.76 -73.33 2.24
N LYS U 145 -7.84 -72.76 1.46
CA LYS U 145 -6.86 -73.52 0.69
C LYS U 145 -5.68 -74.00 1.53
N GLN U 146 -5.73 -73.80 2.85
CA GLN U 146 -4.67 -74.19 3.78
C GLN U 146 -3.30 -73.63 3.39
N GLU U 147 -3.30 -72.48 2.73
CA GLU U 147 -2.10 -71.83 2.21
C GLU U 147 -1.70 -70.65 3.10
N ARG U 148 -0.45 -70.22 2.93
CA ARG U 148 0.06 -69.10 3.71
C ARG U 148 -0.52 -67.78 3.20
N VAL U 149 -0.89 -66.91 4.13
CA VAL U 149 -1.31 -65.56 3.76
C VAL U 149 -0.09 -64.77 3.32
N PRO U 150 -0.13 -64.11 2.16
CA PRO U 150 1.06 -63.38 1.68
C PRO U 150 1.24 -62.04 2.38
N LYS U 151 2.42 -61.47 2.18
CA LYS U 151 2.57 -60.03 2.43
C LYS U 151 1.65 -59.26 1.49
N VAL U 152 1.11 -58.14 1.98
CA VAL U 152 0.16 -57.35 1.21
C VAL U 152 0.92 -56.38 0.31
N ALA U 153 0.86 -56.61 -1.00
CA ALA U 153 1.46 -55.74 -2.02
C ALA U 153 0.35 -54.89 -2.62
N LEU U 154 0.20 -53.66 -2.14
CA LEU U 154 -0.90 -52.83 -2.59
C LEU U 154 -0.62 -52.32 -3.99
N SER U 155 -1.56 -52.59 -4.91
CA SER U 155 -1.42 -52.17 -6.30
C SER U 155 -1.17 -50.67 -6.40
N SER U 156 -0.06 -50.30 -7.02
CA SER U 156 0.33 -48.90 -7.24
C SER U 156 0.31 -48.09 -5.95
N GLN U 157 0.58 -48.74 -4.81
CA GLN U 157 0.53 -48.09 -3.50
C GLN U 157 1.58 -48.69 -2.56
N ARG U 158 2.83 -48.74 -3.01
CA ARG U 158 3.92 -49.26 -2.20
C ARG U 158 5.22 -48.74 -2.82
N THR U 159 6.34 -49.16 -2.26
CA THR U 159 7.64 -48.71 -2.72
C THR U 159 8.38 -49.89 -3.34
N VAL U 160 8.97 -49.66 -4.51
CA VAL U 160 9.84 -50.62 -5.19
C VAL U 160 11.25 -50.05 -5.17
N VAL U 161 12.19 -50.85 -4.71
CA VAL U 161 13.58 -50.46 -4.60
C VAL U 161 14.39 -51.40 -5.49
N ILE U 162 15.33 -50.85 -6.26
CA ILE U 162 16.16 -51.66 -7.15
C ILE U 162 17.61 -51.42 -6.78
N GLY U 163 18.29 -52.51 -6.39
CA GLY U 163 19.69 -52.46 -6.06
C GLY U 163 20.56 -52.92 -7.21
N ASP U 164 21.42 -52.02 -7.69
CA ASP U 164 22.30 -52.29 -8.81
C ASP U 164 23.58 -52.92 -8.29
N HIS U 165 23.93 -54.12 -8.77
CA HIS U 165 25.14 -54.83 -8.39
C HIS U 165 25.90 -55.29 -9.63
N TRP U 166 27.19 -54.98 -9.70
CA TRP U 166 28.06 -55.61 -10.70
C TRP U 166 28.90 -56.66 -9.98
N VAL U 167 28.84 -57.90 -10.44
CA VAL U 167 29.41 -59.03 -9.74
C VAL U 167 30.74 -59.40 -10.38
N MET U 168 31.74 -59.69 -9.56
CA MET U 168 33.04 -60.10 -10.07
C MET U 168 32.94 -61.36 -10.93
N ASP U 169 33.68 -61.37 -12.02
CA ASP U 169 33.76 -62.54 -12.89
C ASP U 169 34.07 -63.81 -12.10
N GLY U 170 33.23 -64.83 -12.26
CA GLY U 170 33.36 -66.09 -11.56
C GLY U 170 32.67 -66.14 -10.21
N HIS U 171 32.12 -65.03 -9.73
CA HIS U 171 31.44 -65.01 -8.44
C HIS U 171 29.93 -65.05 -8.57
N GLU U 172 29.40 -65.30 -9.77
CA GLU U 172 27.96 -65.14 -10.01
C GLU U 172 27.12 -66.03 -9.10
N LYS U 173 27.47 -67.32 -9.03
CA LYS U 173 26.66 -68.26 -8.25
C LYS U 173 26.72 -67.94 -6.76
N ALA U 174 27.92 -67.64 -6.24
CA ALA U 174 28.02 -67.22 -4.84
C ALA U 174 27.17 -65.98 -4.57
N PHE U 175 27.21 -65.01 -5.49
CA PHE U 175 26.37 -63.82 -5.32
C PHE U 175 24.90 -64.20 -5.24
N GLU U 176 24.45 -65.06 -6.16
CA GLU U 176 23.05 -65.42 -6.20
C GLU U 176 22.60 -66.08 -4.90
N GLN U 177 23.43 -66.99 -4.36
CA GLN U 177 23.06 -67.65 -3.11
C GLN U 177 23.14 -66.67 -1.94
N GLY U 178 24.17 -65.82 -1.90
CA GLY U 178 24.28 -64.85 -0.82
C GLY U 178 23.17 -63.81 -0.84
N ALA U 179 22.81 -63.34 -2.05
CA ALA U 179 21.68 -62.43 -2.14
C ALA U 179 20.38 -63.11 -1.72
N THR U 180 20.20 -64.37 -2.13
CA THR U 180 19.02 -65.12 -1.73
C THR U 180 18.90 -65.19 -0.21
N GLU U 181 19.99 -65.58 0.45
CA GLU U 181 19.94 -65.71 1.90
C GLU U 181 19.69 -64.35 2.55
N THR U 182 20.29 -63.28 2.02
CA THR U 182 20.02 -61.97 2.57
C THR U 182 18.54 -61.63 2.47
N LEU U 183 17.96 -61.79 1.28
CA LEU U 183 16.59 -61.35 1.04
C LEU U 183 15.59 -62.21 1.81
N GLU U 184 15.84 -63.52 1.91
CA GLU U 184 14.96 -64.38 2.68
C GLU U 184 14.98 -64.04 4.16
N TRP U 185 16.17 -63.73 4.69
CA TRP U 185 16.28 -63.26 6.07
C TRP U 185 15.49 -61.97 6.25
N MET U 186 15.61 -61.04 5.31
CA MET U 186 14.88 -59.79 5.42
C MET U 186 13.37 -60.03 5.39
N LYS U 187 12.90 -60.93 4.52
CA LYS U 187 11.46 -61.15 4.43
C LYS U 187 10.92 -61.79 5.70
N ALA U 188 11.74 -62.60 6.37
CA ALA U 188 11.33 -63.20 7.63
C ALA U 188 11.40 -62.24 8.80
N ASN U 189 12.28 -61.24 8.76
CA ASN U 189 12.66 -60.54 9.99
C ASN U 189 12.46 -59.02 9.99
N VAL U 190 12.22 -58.37 8.85
CA VAL U 190 12.21 -56.92 8.74
C VAL U 190 10.80 -56.42 8.46
N PRO U 191 10.28 -55.48 9.24
CA PRO U 191 8.89 -55.02 9.04
C PRO U 191 8.70 -54.35 7.69
N GLY U 192 7.55 -54.57 7.09
CA GLY U 192 7.22 -53.89 5.86
C GLY U 192 7.85 -54.46 4.62
N MET U 193 8.54 -55.60 4.74
CA MET U 193 9.15 -56.28 3.60
C MET U 193 8.07 -57.03 2.82
N VAL U 194 7.76 -56.59 1.61
CA VAL U 194 6.62 -57.13 0.87
C VAL U 194 7.03 -58.31 -0.02
N GLY U 195 8.17 -58.20 -0.69
CA GLY U 195 8.61 -59.28 -1.57
C GLY U 195 9.90 -58.88 -2.25
N TRP U 196 10.43 -59.83 -3.03
CA TRP U 196 11.73 -59.58 -3.66
C TRP U 196 11.86 -60.43 -4.90
N MET U 197 12.87 -60.07 -5.70
CA MET U 197 13.19 -60.74 -6.96
C MET U 197 14.65 -60.44 -7.29
N ILE U 198 15.41 -61.45 -7.69
CA ILE U 198 16.80 -61.29 -8.13
C ILE U 198 16.84 -61.43 -9.64
N MET U 199 17.33 -60.40 -10.33
CA MET U 199 17.33 -60.35 -11.78
C MET U 199 18.76 -60.29 -12.31
N LYS U 200 19.05 -61.12 -13.32
CA LYS U 200 20.37 -61.22 -13.93
C LYS U 200 20.27 -60.75 -15.37
N GLN U 201 21.06 -59.73 -15.73
CA GLN U 201 21.09 -59.27 -17.12
C GLN U 201 21.85 -60.26 -17.98
N PHE U 202 21.23 -60.73 -19.07
CA PHE U 202 21.90 -61.65 -19.99
C PHE U 202 21.91 -61.17 -21.44
N GLY U 203 21.41 -59.97 -21.70
CA GLY U 203 21.43 -59.43 -23.05
C GLY U 203 20.66 -58.14 -23.11
N VAL U 204 20.68 -57.52 -24.28
CA VAL U 204 20.00 -56.24 -24.50
C VAL U 204 19.26 -56.30 -25.83
N SER U 205 18.09 -55.67 -25.86
CA SER U 205 17.34 -55.49 -27.10
C SER U 205 17.87 -54.26 -27.85
N ALA U 206 18.31 -54.45 -29.09
CA ALA U 206 18.77 -53.32 -29.90
C ALA U 206 17.61 -52.42 -30.29
N ILE U 207 16.54 -53.02 -30.84
CA ILE U 207 15.36 -52.26 -31.25
C ILE U 207 14.76 -51.56 -30.05
N GLY U 208 14.63 -52.27 -28.93
CA GLY U 208 14.08 -51.67 -27.72
C GLY U 208 14.93 -50.56 -27.14
N SER U 209 16.22 -50.55 -27.45
CA SER U 209 17.11 -49.47 -27.02
C SER U 209 17.24 -48.39 -28.06
N PHE U 210 16.41 -48.45 -29.12
CA PHE U 210 16.45 -47.46 -30.19
C PHE U 210 17.84 -47.37 -30.81
N GLN U 211 18.48 -48.52 -30.92
CA GLN U 211 19.85 -48.64 -31.40
C GLN U 211 19.77 -49.21 -32.83
N LEU U 212 19.65 -48.33 -33.81
CA LEU U 212 19.39 -48.74 -35.17
C LEU U 212 20.69 -48.84 -35.97
N ASP U 213 20.54 -49.31 -37.20
CA ASP U 213 21.62 -49.19 -38.19
C ASP U 213 21.83 -47.70 -38.49
N PRO U 214 22.97 -47.34 -39.09
CA PRO U 214 23.25 -45.90 -39.30
C PRO U 214 22.19 -45.20 -40.13
N GLU U 215 21.71 -45.82 -41.20
CA GLU U 215 20.69 -45.18 -42.01
C GLU U 215 19.38 -45.04 -41.24
N GLY U 216 19.03 -46.06 -40.44
CA GLY U 216 17.85 -45.94 -39.61
C GLY U 216 17.95 -44.80 -38.62
N ALA U 217 19.11 -44.63 -37.99
CA ALA U 217 19.30 -43.54 -37.04
C ALA U 217 19.12 -42.17 -37.71
N MET U 218 19.62 -42.02 -38.94
CA MET U 218 19.39 -40.77 -39.66
C MET U 218 17.91 -40.53 -39.91
N LYS U 219 17.22 -41.55 -40.44
CA LYS U 219 15.81 -41.39 -40.73
C LYS U 219 14.99 -41.12 -39.47
N ALA U 220 15.43 -41.66 -38.33
CA ALA U 220 14.70 -41.49 -37.08
C ALA U 220 14.60 -40.02 -36.65
N VAL U 221 15.63 -39.21 -36.91
CA VAL U 221 15.57 -37.79 -36.55
C VAL U 221 15.18 -36.93 -37.73
N SER U 222 14.88 -37.52 -38.88
CA SER U 222 14.36 -36.82 -40.05
C SER U 222 12.84 -36.83 -40.08
N THR U 223 12.19 -37.17 -38.96
CA THR U 223 10.75 -37.31 -38.94
C THR U 223 10.27 -36.94 -37.55
N LEU U 224 8.98 -36.62 -37.46
CA LEU U 224 8.37 -36.39 -36.16
C LEU U 224 7.66 -37.62 -35.63
N GLY U 225 7.69 -38.72 -36.38
CA GLY U 225 7.10 -39.95 -35.92
C GLY U 225 6.28 -40.62 -36.99
N ALA U 226 5.89 -39.87 -38.02
CA ALA U 226 4.98 -40.40 -39.04
C ALA U 226 5.69 -41.17 -40.15
N ASN U 227 7.01 -41.00 -40.31
CA ASN U 227 7.78 -41.65 -41.36
C ASN U 227 8.93 -42.41 -40.71
N PRO U 228 8.65 -43.59 -40.15
CA PRO U 228 9.67 -44.33 -39.41
C PRO U 228 10.75 -44.87 -40.34
N PRO U 229 11.93 -45.16 -39.80
CA PRO U 229 12.93 -45.91 -40.57
C PRO U 229 12.46 -47.35 -40.74
N GLU U 230 13.16 -48.05 -41.63
CA GLU U 230 12.99 -49.49 -41.76
C GLU U 230 13.48 -50.18 -40.49
N TYR U 231 12.82 -51.28 -40.14
CA TYR U 231 13.30 -52.12 -39.05
C TYR U 231 14.68 -52.66 -39.42
N ASN U 232 15.71 -52.22 -38.72
CA ASN U 232 17.08 -52.64 -38.99
C ASN U 232 17.98 -52.19 -37.84
N THR U 233 19.03 -52.96 -37.60
CA THR U 233 19.97 -52.72 -36.51
C THR U 233 21.35 -53.07 -37.03
N ASN U 234 22.37 -52.86 -36.20
CA ASN U 234 23.71 -53.32 -36.53
C ASN U 234 23.82 -54.85 -36.48
N TYR U 235 22.78 -55.55 -36.05
CA TYR U 235 22.71 -57.01 -36.08
C TYR U 235 21.72 -57.50 -37.14
N GLY U 236 21.40 -56.66 -38.12
CA GLY U 236 20.49 -57.04 -39.17
C GLY U 236 19.04 -56.78 -38.82
N ASN U 237 18.18 -57.29 -39.70
CA ASN U 237 16.75 -56.99 -39.65
C ASN U 237 15.91 -58.21 -39.33
N LYS U 238 16.53 -59.26 -38.78
CA LYS U 238 15.82 -60.46 -38.37
C LYS U 238 15.31 -60.35 -36.93
N VAL U 239 14.26 -61.11 -36.64
CA VAL U 239 13.72 -61.19 -35.30
C VAL U 239 14.49 -62.26 -34.52
N HIS U 240 15.19 -61.84 -33.48
CA HIS U 240 16.14 -62.72 -32.79
C HIS U 240 15.45 -63.59 -31.73
N ASP U 241 15.97 -64.81 -31.57
CA ASP U 241 15.58 -65.69 -30.46
C ASP U 241 16.33 -65.36 -29.18
N LYS U 242 17.54 -64.84 -29.31
CA LYS U 242 18.46 -64.43 -28.28
C LYS U 242 18.72 -62.94 -28.39
N PRO U 243 19.04 -62.28 -27.29
CA PRO U 243 19.31 -60.84 -27.36
C PRO U 243 20.39 -60.58 -28.39
N PRO U 244 20.19 -59.63 -29.29
CA PRO U 244 21.24 -59.33 -30.28
C PRO U 244 22.48 -58.78 -29.64
N ILE U 245 22.31 -57.92 -28.64
CA ILE U 245 23.41 -57.26 -27.95
C ILE U 245 23.77 -58.13 -26.76
N PRO U 246 25.05 -58.46 -26.58
CA PRO U 246 25.44 -59.29 -25.43
C PRO U 246 25.14 -58.59 -24.11
N GLY U 247 24.92 -59.39 -23.08
CA GLY U 247 24.89 -58.83 -21.74
C GLY U 247 26.22 -58.18 -21.41
N GLN U 248 26.17 -57.16 -20.56
CA GLN U 248 27.39 -56.48 -20.16
C GLN U 248 28.21 -57.36 -19.22
N THR U 249 29.52 -57.15 -19.19
CA THR U 249 30.37 -57.65 -18.12
C THR U 249 31.12 -56.48 -17.48
N PRO U 250 31.41 -56.54 -16.16
CA PRO U 250 31.03 -57.56 -15.17
C PRO U 250 29.50 -57.73 -15.11
N THR U 251 29.05 -58.95 -14.79
CA THR U 251 27.63 -59.26 -14.82
C THR U 251 26.84 -58.30 -13.92
N GLN U 252 25.77 -57.72 -14.46
CA GLN U 252 24.87 -56.89 -13.66
C GLN U 252 23.74 -57.73 -13.08
N TYR U 253 23.50 -57.58 -11.79
CA TYR U 253 22.30 -58.07 -11.13
C TYR U 253 21.51 -56.91 -10.58
N LEU U 254 20.21 -56.90 -10.82
CA LEU U 254 19.31 -55.95 -10.19
C LEU U 254 18.52 -56.69 -9.12
N VAL U 255 18.59 -56.22 -7.89
CA VAL U 255 17.84 -56.80 -6.78
C VAL U 255 16.59 -55.94 -6.58
N HIS U 256 15.45 -56.53 -6.87
CA HIS U 256 14.15 -55.86 -6.80
C HIS U 256 13.52 -56.17 -5.45
N ILE U 257 13.30 -55.14 -4.63
CA ILE U 257 12.70 -55.33 -3.31
C ILE U 257 11.51 -54.39 -3.17
N GLU U 258 10.37 -54.94 -2.73
CA GLU U 258 9.16 -54.16 -2.53
C GLU U 258 8.93 -53.95 -1.05
N TRP U 259 8.46 -52.76 -0.69
CA TRP U 259 8.30 -52.34 0.69
C TRP U 259 6.99 -51.61 0.85
N GLU U 260 6.52 -51.56 2.10
CA GLU U 260 5.26 -50.88 2.40
C GLU U 260 5.34 -49.40 2.02
N SER U 261 6.47 -48.77 2.27
CA SER U 261 6.59 -47.32 2.16
C SER U 261 8.07 -46.98 2.03
N PRO U 262 8.41 -45.75 1.64
CA PRO U 262 9.84 -45.39 1.57
C PRO U 262 10.53 -45.53 2.91
N GLU U 263 9.82 -45.21 4.00
CA GLU U 263 10.41 -45.33 5.32
C GLU U 263 10.73 -46.78 5.66
N HIS U 264 9.81 -47.69 5.36
CA HIS U 264 10.11 -49.11 5.61
C HIS U 264 11.28 -49.56 4.75
N ALA U 265 11.36 -49.05 3.51
CA ALA U 265 12.47 -49.40 2.64
C ALA U 265 13.79 -48.88 3.20
N HIS U 266 13.81 -47.62 3.64
CA HIS U 266 15.05 -47.00 4.13
C HIS U 266 15.59 -47.74 5.34
N GLN U 267 14.76 -47.85 6.38
CA GLN U 267 15.15 -48.54 7.61
C GLN U 267 15.37 -50.03 7.36
N GLY U 268 14.60 -50.62 6.45
CA GLY U 268 14.72 -52.05 6.21
C GLY U 268 16.05 -52.41 5.57
N LEU U 269 16.42 -51.70 4.51
CA LEU U 269 17.72 -51.92 3.87
C LEU U 269 18.86 -51.65 4.84
N GLY U 270 18.64 -50.72 5.78
CA GLY U 270 19.69 -50.44 6.75
C GLY U 270 20.04 -51.62 7.64
N HIS U 271 19.18 -52.64 7.70
CA HIS U 271 19.45 -53.79 8.56
C HIS U 271 20.71 -54.53 8.16
N VAL U 272 21.11 -54.47 6.89
CA VAL U 272 22.36 -55.12 6.49
C VAL U 272 23.56 -54.49 7.15
N MET U 273 23.38 -53.34 7.80
CA MET U 273 24.47 -52.73 8.55
C MET U 273 24.26 -52.74 10.05
N VAL U 274 23.02 -52.67 10.54
CA VAL U 274 22.80 -52.50 11.97
C VAL U 274 22.25 -53.74 12.64
N ASP U 275 22.13 -54.85 11.93
CA ASP U 275 21.87 -56.15 12.54
C ASP U 275 23.09 -57.04 12.32
N TYR U 276 23.70 -57.47 13.41
CA TYR U 276 24.97 -58.20 13.32
C TYR U 276 24.83 -59.44 12.44
N GLU U 277 23.75 -60.21 12.64
CA GLU U 277 23.59 -61.46 11.92
C GLU U 277 23.39 -61.22 10.43
N LEU U 278 22.48 -60.31 10.06
CA LEU U 278 22.28 -60.02 8.64
C LEU U 278 23.55 -59.40 8.04
N ARG U 279 24.26 -58.59 8.83
CA ARG U 279 25.49 -57.97 8.36
C ARG U 279 26.51 -59.01 7.89
N GLN U 280 26.67 -60.10 8.66
CA GLN U 280 27.60 -61.14 8.24
C GLN U 280 27.11 -61.82 6.97
N ILE U 281 25.80 -62.12 6.90
CA ILE U 281 25.24 -62.76 5.71
C ILE U 281 25.44 -61.88 4.49
N HIS U 282 25.14 -60.58 4.63
CA HIS U 282 25.24 -59.69 3.48
C HIS U 282 26.70 -59.42 3.12
N ASN U 283 27.56 -59.20 4.13
CA ASN U 283 28.98 -58.97 3.85
C ASN U 283 29.61 -60.15 3.12
N ASN U 284 29.41 -61.36 3.64
CA ASN U 284 30.08 -62.52 3.05
C ASN U 284 29.34 -63.03 1.81
N GLY U 285 28.03 -62.85 1.75
CA GLY U 285 27.27 -63.41 0.66
C GLY U 285 27.05 -62.47 -0.52
N VAL U 286 27.19 -61.16 -0.30
CA VAL U 286 26.92 -60.20 -1.35
C VAL U 286 28.11 -59.27 -1.59
N LEU U 287 28.48 -58.49 -0.57
CA LEU U 287 29.50 -57.45 -0.78
C LEU U 287 30.84 -58.04 -1.20
N ALA U 288 31.17 -59.25 -0.71
CA ALA U 288 32.46 -59.86 -1.06
C ALA U 288 32.58 -60.20 -2.54
N HIS U 289 31.48 -60.15 -3.30
CA HIS U 289 31.47 -60.60 -4.68
C HIS U 289 31.25 -59.48 -5.70
N LEU U 290 31.31 -58.22 -5.28
CA LEU U 290 30.92 -57.09 -6.13
C LEU U 290 32.13 -56.40 -6.71
N ASP U 291 32.08 -56.09 -8.01
CA ASP U 291 32.93 -55.07 -8.60
C ASP U 291 32.35 -53.67 -8.40
N LYS U 292 31.04 -53.56 -8.38
CA LYS U 292 30.39 -52.25 -8.28
C LYS U 292 29.12 -52.40 -7.46
N GLY U 293 28.82 -51.37 -6.66
CA GLY U 293 27.60 -51.33 -5.89
C GLY U 293 27.78 -51.74 -4.45
N PRO U 294 26.66 -51.95 -3.74
CA PRO U 294 25.29 -51.80 -4.24
C PRO U 294 24.86 -50.35 -4.28
N TYR U 295 23.97 -50.04 -5.20
CA TYR U 295 23.35 -48.73 -5.29
C TYR U 295 21.86 -48.96 -5.42
N TYR U 296 21.10 -48.38 -4.49
CA TYR U 296 19.66 -48.62 -4.40
C TYR U 296 18.89 -47.38 -4.82
N MET U 297 18.12 -47.49 -5.89
CA MET U 297 17.19 -46.45 -6.34
C MET U 297 15.78 -46.76 -5.83
N PHE U 298 15.08 -45.72 -5.36
CA PHE U 298 13.70 -45.84 -4.90
C PHE U 298 12.76 -45.48 -6.04
N PHE U 299 11.70 -46.27 -6.19
CA PHE U 299 10.71 -46.08 -7.24
C PHE U 299 9.31 -46.17 -6.65
N SER U 300 8.37 -45.53 -7.34
CA SER U 300 6.94 -45.69 -7.11
C SER U 300 6.31 -46.41 -8.29
N PRO U 301 5.54 -47.47 -8.08
CA PRO U 301 4.87 -48.15 -9.19
C PRO U 301 3.65 -47.36 -9.64
N MET U 302 3.75 -46.70 -10.79
CA MET U 302 2.64 -45.88 -11.28
C MET U 302 1.49 -46.76 -11.76
N MET U 303 1.71 -47.49 -12.83
CA MET U 303 0.75 -48.45 -13.37
C MET U 303 1.34 -49.85 -13.26
N GLU U 304 0.48 -50.82 -13.00
CA GLU U 304 0.91 -52.21 -12.92
C GLU U 304 -0.16 -53.07 -13.57
N GLN U 305 0.29 -54.03 -14.37
CA GLN U 305 -0.53 -55.15 -14.81
C GLN U 305 0.21 -56.36 -14.26
N GLY U 306 -0.25 -56.87 -13.12
CA GLY U 306 0.53 -57.77 -12.30
C GLY U 306 0.24 -59.26 -12.43
N LEU U 307 -0.44 -59.67 -13.50
CA LEU U 307 -0.77 -61.09 -13.64
C LEU U 307 0.45 -61.97 -13.85
N TRP U 308 1.55 -61.42 -14.35
CA TRP U 308 2.76 -62.20 -14.50
C TRP U 308 3.23 -62.76 -13.17
N ARG U 309 2.96 -62.05 -12.08
CA ARG U 309 3.36 -62.53 -10.77
C ARG U 309 2.66 -63.82 -10.40
N LYS U 310 1.44 -64.04 -10.92
CA LYS U 310 0.65 -65.19 -10.51
C LYS U 310 1.31 -66.52 -10.86
N HIS U 311 2.16 -66.54 -11.89
CA HIS U 311 2.85 -67.76 -12.28
C HIS U 311 4.37 -67.53 -12.26
N LEU U 312 4.94 -67.53 -11.04
CA LEU U 312 6.39 -67.55 -10.86
C LEU U 312 6.82 -68.83 -10.11
N LYS U 313 7.71 -68.68 -9.12
CA LYS U 313 8.27 -69.78 -8.31
C LYS U 313 8.62 -70.99 -9.15
N GLU V 4 -34.58 -33.27 -55.73
CA GLU V 4 -33.48 -33.64 -54.84
C GLU V 4 -33.89 -33.58 -53.36
N ASN V 5 -34.25 -34.73 -52.78
CA ASN V 5 -34.42 -34.87 -51.34
C ASN V 5 -33.17 -35.52 -50.79
N PRO V 6 -32.20 -34.77 -50.27
CA PRO V 6 -30.95 -35.36 -49.82
C PRO V 6 -31.07 -35.95 -48.42
N ILE V 7 -30.03 -36.72 -48.05
CA ILE V 7 -29.89 -37.27 -46.71
C ILE V 7 -28.86 -36.46 -45.94
N ILE V 8 -29.08 -36.32 -44.63
CA ILE V 8 -28.20 -35.56 -43.75
C ILE V 8 -27.62 -36.50 -42.71
N ALA V 9 -26.29 -36.57 -42.66
CA ALA V 9 -25.60 -37.21 -41.56
C ALA V 9 -25.29 -36.14 -40.52
N ILE V 10 -25.67 -36.39 -39.28
CA ILE V 10 -25.42 -35.45 -38.19
C ILE V 10 -24.44 -36.11 -37.26
N ASN V 11 -23.20 -35.66 -37.31
CA ASN V 11 -22.17 -36.13 -36.39
C ASN V 11 -22.38 -35.40 -35.07
N MET V 12 -22.75 -36.14 -34.03
CA MET V 12 -23.08 -35.57 -32.73
C MET V 12 -21.97 -35.88 -31.75
N ALA V 13 -21.40 -34.84 -31.14
CA ALA V 13 -20.38 -35.03 -30.14
C ALA V 13 -20.60 -34.03 -29.04
N LYS V 14 -20.00 -34.31 -27.88
CA LYS V 14 -19.94 -33.36 -26.78
C LYS V 14 -18.48 -33.10 -26.48
N ILE V 15 -18.07 -31.84 -26.52
CA ILE V 15 -16.68 -31.46 -26.44
C ILE V 15 -16.45 -30.57 -25.23
N ALA V 16 -15.21 -30.55 -24.77
CA ALA V 16 -14.86 -29.74 -23.61
C ALA V 16 -15.04 -28.27 -23.92
N ASN V 17 -15.61 -27.52 -22.96
CA ASN V 17 -15.84 -26.09 -23.16
C ASN V 17 -14.63 -25.34 -22.60
N LYS V 18 -13.60 -25.25 -23.42
CA LYS V 18 -12.35 -24.63 -23.00
C LYS V 18 -11.63 -24.08 -24.23
N PRO V 19 -10.74 -23.10 -24.04
CA PRO V 19 -10.13 -22.43 -25.20
C PRO V 19 -9.44 -23.36 -26.20
N ASP V 20 -8.79 -24.44 -25.75
CA ASP V 20 -8.15 -25.37 -26.69
C ASP V 20 -9.15 -25.95 -27.69
N SER V 21 -10.40 -26.16 -27.24
CA SER V 21 -11.40 -26.78 -28.11
C SER V 21 -11.75 -25.86 -29.29
N TYR V 22 -11.86 -24.55 -29.05
CA TYR V 22 -12.07 -23.62 -30.14
C TYR V 22 -10.88 -23.59 -31.08
N GLU V 23 -9.67 -23.75 -30.52
CA GLU V 23 -8.45 -23.78 -31.34
C GLU V 23 -8.45 -24.98 -32.30
N THR V 24 -8.64 -26.19 -31.78
CA THR V 24 -8.64 -27.35 -32.67
C THR V 24 -9.86 -27.37 -33.58
N MET V 25 -10.97 -26.72 -33.19
CA MET V 25 -12.11 -26.61 -34.10
C MET V 25 -11.78 -25.70 -35.28
N MET V 26 -10.93 -24.69 -35.06
CA MET V 26 -10.52 -23.77 -36.09
C MET V 26 -9.35 -24.30 -36.92
N LYS V 27 -8.56 -25.23 -36.38
CA LYS V 27 -7.42 -25.79 -37.10
C LYS V 27 -7.77 -27.08 -37.85
N VAL V 28 -8.58 -27.95 -37.26
CA VAL V 28 -8.87 -29.26 -37.84
C VAL V 28 -10.22 -29.22 -38.54
N GLY V 29 -11.16 -28.46 -37.99
CA GLY V 29 -12.50 -28.34 -38.53
C GLY V 29 -12.53 -28.10 -40.02
N PRO V 30 -11.88 -27.02 -40.47
CA PRO V 30 -11.80 -26.78 -41.92
C PRO V 30 -11.16 -27.93 -42.69
N LYS V 31 -10.15 -28.59 -42.12
CA LYS V 31 -9.46 -29.64 -42.86
C LYS V 31 -10.37 -30.85 -43.11
N VAL V 32 -11.26 -31.17 -42.16
CA VAL V 32 -12.18 -32.28 -42.35
C VAL V 32 -13.13 -32.00 -43.51
N CSS V 33 -13.71 -30.81 -43.51
CA CSS V 33 -14.60 -30.34 -44.54
CB CSS V 33 -15.04 -28.94 -44.23
SG CSS V 33 -16.05 -28.83 -42.78
SD CSS V 33 -17.48 -30.25 -42.93
C CSS V 33 -13.96 -30.39 -45.90
O CSS V 33 -14.64 -30.69 -46.90
N ILE V 34 -12.66 -30.10 -45.97
CA ILE V 34 -11.96 -30.11 -47.25
C ILE V 34 -11.89 -31.53 -47.78
N THR V 35 -11.60 -32.47 -46.87
CA THR V 35 -11.60 -33.89 -47.22
C THR V 35 -12.99 -34.33 -47.70
N THR V 36 -14.04 -33.89 -47.00
CA THR V 36 -15.40 -34.26 -47.36
C THR V 36 -15.75 -33.76 -48.76
N ALA V 37 -15.34 -32.53 -49.10
CA ALA V 37 -15.69 -31.90 -50.38
C ALA V 37 -14.92 -32.48 -51.57
N SER V 38 -14.09 -33.51 -51.38
CA SER V 38 -13.51 -34.20 -52.52
C SER V 38 -14.48 -35.12 -53.24
N HIS V 39 -15.65 -35.43 -52.64
CA HIS V 39 -16.58 -36.42 -53.18
C HIS V 39 -17.74 -35.74 -53.91
N PRO V 40 -18.09 -36.21 -55.10
CA PRO V 40 -19.14 -35.53 -55.89
C PRO V 40 -20.54 -35.61 -55.30
N GLY V 41 -20.80 -36.52 -54.37
CA GLY V 41 -22.11 -36.54 -53.76
C GLY V 41 -22.31 -35.57 -52.61
N PHE V 42 -21.27 -34.81 -52.23
CA PHE V 42 -21.34 -33.91 -51.08
C PHE V 42 -22.00 -32.59 -51.47
N LEU V 43 -23.02 -32.19 -50.70
CA LEU V 43 -23.84 -31.04 -51.03
C LEU V 43 -23.65 -29.84 -50.11
N GLY V 44 -23.10 -30.03 -48.92
CA GLY V 44 -22.91 -28.93 -48.01
C GLY V 44 -22.82 -29.41 -46.58
N PHE V 45 -22.64 -28.45 -45.67
CA PHE V 45 -22.47 -28.79 -44.27
C PHE V 45 -22.98 -27.65 -43.39
N GLU V 46 -23.25 -28.00 -42.12
CA GLU V 46 -23.61 -27.04 -41.08
C GLU V 46 -22.82 -27.42 -39.83
N GLN V 47 -22.00 -26.51 -39.34
CA GLN V 47 -21.30 -26.72 -38.08
C GLN V 47 -22.03 -25.95 -36.98
N LEU V 48 -22.68 -26.70 -36.09
CA LEU V 48 -23.52 -26.16 -35.03
C LEU V 48 -22.86 -26.37 -33.67
N LEU V 49 -22.70 -25.29 -32.92
CA LEU V 49 -22.14 -25.34 -31.57
C LEU V 49 -23.25 -25.02 -30.57
N GLN V 50 -23.42 -25.87 -29.56
CA GLN V 50 -24.48 -25.65 -28.59
C GLN V 50 -24.20 -24.39 -27.77
N THR V 51 -25.24 -23.56 -27.62
CA THR V 51 -25.15 -22.38 -26.76
C THR V 51 -26.08 -22.46 -25.56
N GLY V 52 -27.03 -23.40 -25.55
CA GLY V 52 -27.94 -23.52 -24.43
C GLY V 52 -29.07 -24.49 -24.74
N ILE V 53 -30.16 -24.33 -23.98
CA ILE V 53 -31.38 -25.11 -24.14
C ILE V 53 -32.57 -24.19 -23.92
N HIS V 54 -33.75 -24.70 -24.27
CA HIS V 54 -34.98 -24.02 -23.89
C HIS V 54 -35.43 -24.54 -22.55
N PRO V 55 -35.50 -23.69 -21.51
CA PRO V 55 -35.91 -24.19 -20.18
C PRO V 55 -37.36 -24.62 -20.11
N MET V 56 -38.19 -24.25 -21.10
CA MET V 56 -39.58 -24.70 -21.25
C MET V 56 -40.38 -24.48 -19.97
N ALA V 57 -40.39 -23.22 -19.53
CA ALA V 57 -41.18 -22.76 -18.39
C ALA V 57 -40.84 -23.52 -17.11
N GLY V 58 -39.57 -23.89 -16.96
CA GLY V 58 -39.08 -24.52 -15.76
C GLY V 58 -38.98 -26.02 -15.80
N ARG V 59 -39.49 -26.65 -16.86
CA ARG V 59 -39.33 -28.10 -17.02
C ARG V 59 -37.86 -28.51 -17.02
N TYR V 60 -36.97 -27.67 -17.56
CA TYR V 60 -35.53 -27.85 -17.43
C TYR V 60 -34.92 -26.61 -16.78
N GLY V 61 -35.34 -26.35 -15.54
CA GLY V 61 -35.02 -25.12 -14.85
C GLY V 61 -33.56 -24.94 -14.48
N GLY V 62 -32.77 -26.02 -14.53
CA GLY V 62 -31.34 -25.87 -14.30
C GLY V 62 -30.57 -25.33 -15.50
N GLY V 63 -31.21 -25.32 -16.67
CA GLY V 63 -30.60 -24.82 -17.88
C GLY V 63 -31.01 -23.39 -18.17
N ALA V 64 -30.55 -22.92 -19.31
CA ALA V 64 -30.79 -21.53 -19.70
C ALA V 64 -30.65 -21.45 -21.20
N VAL V 65 -31.26 -20.41 -21.77
CA VAL V 65 -31.08 -20.14 -23.19
C VAL V 65 -29.59 -19.98 -23.51
N ASP V 66 -28.88 -19.22 -22.67
CA ASP V 66 -27.46 -18.96 -22.86
C ASP V 66 -26.69 -19.66 -21.74
N MET V 67 -26.06 -20.78 -22.06
CA MET V 67 -25.19 -21.46 -21.12
C MET V 67 -23.74 -21.47 -21.60
N ARG V 68 -23.37 -20.51 -22.47
CA ARG V 68 -22.07 -20.56 -23.14
C ARG V 68 -20.91 -20.57 -22.14
N GLU V 69 -21.10 -19.97 -20.97
CA GLU V 69 -20.05 -19.90 -19.97
C GLU V 69 -20.00 -21.12 -19.08
N THR V 70 -21.08 -21.89 -18.98
CA THR V 70 -21.19 -22.93 -17.97
C THR V 70 -21.31 -24.33 -18.51
N LEU V 71 -21.75 -24.50 -19.75
CA LEU V 71 -21.98 -25.81 -20.33
C LEU V 71 -20.65 -26.53 -20.57
N ASN V 72 -20.48 -27.70 -19.95
CA ASN V 72 -19.30 -28.53 -20.18
C ASN V 72 -19.61 -29.98 -19.84
N PRO V 73 -19.67 -30.87 -20.82
CA PRO V 73 -19.37 -30.61 -22.24
C PRO V 73 -20.46 -29.81 -22.95
N MET V 74 -20.14 -29.28 -24.13
CA MET V 74 -21.13 -28.60 -24.94
C MET V 74 -21.37 -29.41 -26.20
N GLY V 75 -22.62 -29.43 -26.65
CA GLY V 75 -22.96 -30.17 -27.84
C GLY V 75 -22.31 -29.55 -29.06
N MET V 76 -21.90 -30.42 -29.99
CA MET V 76 -21.35 -29.98 -31.26
C MET V 76 -21.92 -30.88 -32.34
N PHE V 77 -22.77 -30.34 -33.20
CA PHE V 77 -23.43 -31.11 -34.25
C PHE V 77 -22.87 -30.66 -35.59
N GLN V 78 -22.39 -31.60 -36.38
CA GLN V 78 -21.92 -31.28 -37.72
C GLN V 78 -22.81 -32.03 -38.73
N TYR V 79 -23.65 -31.26 -39.46
CA TYR V 79 -24.40 -31.78 -40.59
C TYR V 79 -23.49 -31.89 -41.80
N THR V 80 -23.48 -33.05 -42.45
CA THR V 80 -23.00 -33.15 -43.83
C THR V 80 -24.15 -33.69 -44.66
N VAL V 81 -24.38 -33.08 -45.81
CA VAL V 81 -25.55 -33.32 -46.64
C VAL V 81 -25.10 -34.03 -47.92
N TRP V 82 -25.84 -35.06 -48.32
CA TRP V 82 -25.38 -35.99 -49.33
C TRP V 82 -26.50 -36.36 -50.30
N LYS V 83 -26.11 -36.72 -51.52
CA LYS V 83 -27.07 -37.26 -52.47
C LYS V 83 -27.67 -38.58 -51.97
N ASP V 84 -26.89 -39.39 -51.25
CA ASP V 84 -27.33 -40.68 -50.76
C ASP V 84 -26.36 -41.18 -49.70
N VAL V 85 -26.77 -42.26 -49.02
CA VAL V 85 -25.93 -42.86 -47.97
C VAL V 85 -24.62 -43.32 -48.56
N HIS V 86 -24.67 -43.97 -49.73
CA HIS V 86 -23.47 -44.55 -50.32
C HIS V 86 -22.40 -43.49 -50.54
N SER V 87 -22.80 -42.28 -50.93
CA SER V 87 -21.85 -41.20 -51.12
C SER V 87 -21.10 -40.87 -49.83
N HIS V 88 -21.83 -40.77 -48.72
CA HIS V 88 -21.18 -40.50 -47.44
C HIS V 88 -20.28 -41.66 -47.04
N GLU V 89 -20.76 -42.89 -47.16
CA GLU V 89 -19.96 -44.05 -46.78
C GLU V 89 -18.73 -44.17 -47.67
N GLU V 90 -18.88 -43.92 -48.97
CA GLU V 90 -17.74 -44.05 -49.87
C GLU V 90 -16.69 -42.98 -49.56
N MET V 91 -17.12 -41.76 -49.30
CA MET V 91 -16.20 -40.71 -48.89
C MET V 91 -15.41 -41.15 -47.66
N HIS V 92 -16.11 -41.69 -46.65
CA HIS V 92 -15.41 -42.16 -45.45
C HIS V 92 -14.44 -43.28 -45.78
N HIS V 93 -14.82 -44.19 -46.68
CA HIS V 93 -13.91 -45.26 -47.05
C HIS V 93 -12.69 -44.71 -47.80
N ASP V 94 -12.95 -43.89 -48.82
CA ASP V 94 -11.86 -43.40 -49.67
C ASP V 94 -10.89 -42.49 -48.93
N ASN V 95 -11.33 -41.83 -47.86
CA ASN V 95 -10.50 -40.89 -47.12
C ASN V 95 -10.28 -41.34 -45.68
N PHE V 96 -10.31 -42.66 -45.47
CA PHE V 96 -10.30 -43.17 -44.10
C PHE V 96 -9.03 -42.76 -43.36
N LYS V 97 -7.86 -42.94 -44.00
CA LYS V 97 -6.59 -42.63 -43.35
C LYS V 97 -6.52 -41.16 -42.95
N GLU V 98 -6.90 -40.26 -43.85
CA GLU V 98 -6.75 -38.84 -43.58
C GLU V 98 -7.80 -38.36 -42.58
N ILE V 99 -9.03 -38.87 -42.70
CA ILE V 99 -10.05 -38.51 -41.70
C ILE V 99 -9.64 -39.01 -40.32
N PHE V 100 -9.08 -40.21 -40.26
CA PHE V 100 -8.61 -40.73 -38.96
C PHE V 100 -7.54 -39.84 -38.37
N GLU V 101 -6.59 -39.40 -39.20
CA GLU V 101 -5.53 -38.51 -38.71
C GLU V 101 -6.11 -37.21 -38.14
N LEU V 102 -7.07 -36.62 -38.83
CA LEU V 102 -7.60 -35.34 -38.41
C LEU V 102 -8.37 -35.50 -37.10
N CSS V 103 -9.26 -36.49 -37.04
CA CSS V 103 -10.09 -36.66 -35.88
CB CSS V 103 -11.22 -37.58 -36.20
SG CSS V 103 -12.39 -36.67 -37.15
SD CSS V 103 -12.85 -34.90 -36.27
C CSS V 103 -9.30 -37.16 -34.70
O CSS V 103 -9.72 -36.96 -33.54
N SER V 104 -8.14 -37.78 -34.96
CA SER V 104 -7.25 -38.17 -33.87
C SER V 104 -6.80 -36.95 -33.09
N GLY V 105 -6.57 -35.85 -33.81
CA GLY V 105 -6.30 -34.60 -33.15
C GLY V 105 -7.51 -34.10 -32.38
N CYS V 106 -8.71 -34.31 -32.91
CA CYS V 106 -9.93 -33.82 -32.28
C CYS V 106 -10.33 -34.62 -31.05
N LEU V 107 -9.93 -35.90 -30.96
CA LEU V 107 -10.38 -36.72 -29.83
C LEU V 107 -9.89 -36.18 -28.49
N GLY V 108 -8.84 -35.35 -28.48
CA GLY V 108 -8.39 -34.75 -27.24
C GLY V 108 -9.38 -33.77 -26.61
N MET V 109 -10.43 -33.40 -27.32
CA MET V 109 -11.44 -32.50 -26.77
C MET V 109 -12.79 -33.16 -26.62
N VAL V 110 -12.93 -34.42 -26.98
CA VAL V 110 -14.21 -35.13 -26.98
C VAL V 110 -14.47 -35.73 -25.60
N ILE V 111 -15.66 -35.49 -25.07
CA ILE V 111 -16.07 -36.09 -23.81
C ILE V 111 -17.08 -37.22 -24.06
N GLU V 112 -17.86 -37.08 -25.13
CA GLU V 112 -18.86 -38.07 -25.52
C GLU V 112 -19.01 -38.01 -27.03
N GLY V 113 -19.31 -39.16 -27.63
CA GLY V 113 -19.44 -39.25 -29.07
C GLY V 113 -18.14 -39.66 -29.73
N PRO V 114 -18.06 -39.57 -31.07
CA PRO V 114 -19.14 -39.15 -31.99
C PRO V 114 -20.13 -40.26 -32.28
N TRP V 115 -21.37 -39.87 -32.57
CA TRP V 115 -22.43 -40.75 -33.02
C TRP V 115 -23.06 -40.05 -34.21
N GLU V 116 -23.10 -40.72 -35.37
CA GLU V 116 -23.47 -40.07 -36.64
C GLU V 116 -24.67 -40.79 -37.26
N PRO V 117 -25.88 -40.46 -36.84
CA PRO V 117 -27.07 -41.05 -37.48
C PRO V 117 -27.39 -40.37 -38.80
N TYR V 118 -28.11 -41.11 -39.63
CA TYR V 118 -28.63 -40.64 -40.90
C TYR V 118 -30.06 -40.18 -40.71
N PHE V 119 -30.40 -39.06 -41.33
CA PHE V 119 -31.72 -38.48 -41.20
C PHE V 119 -32.29 -38.25 -42.59
N GLU V 120 -33.56 -38.56 -42.73
CA GLU V 120 -34.33 -38.19 -43.90
C GLU V 120 -35.03 -36.86 -43.65
N VAL V 121 -35.02 -36.00 -44.66
CA VAL V 121 -35.74 -34.73 -44.58
C VAL V 121 -37.20 -35.00 -44.92
N VAL V 122 -38.05 -35.10 -43.89
CA VAL V 122 -39.45 -35.41 -44.15
C VAL V 122 -40.13 -34.23 -44.83
N LYS V 123 -39.89 -33.02 -44.32
CA LYS V 123 -40.43 -31.82 -44.94
C LYS V 123 -39.60 -30.64 -44.46
N SER V 124 -39.61 -29.57 -45.26
CA SER V 124 -38.79 -28.42 -44.91
C SER V 124 -39.39 -27.16 -45.51
N ASP V 125 -39.08 -26.05 -44.86
CA ASP V 125 -39.28 -24.71 -45.37
C ASP V 125 -38.06 -23.92 -44.88
N LEU V 126 -36.94 -24.13 -45.57
CA LEU V 126 -35.65 -23.55 -45.20
C LEU V 126 -35.21 -22.59 -46.29
N PRO V 127 -35.03 -21.30 -45.99
CA PRO V 127 -34.52 -20.38 -47.01
C PRO V 127 -33.02 -20.54 -47.21
N GLN V 128 -32.57 -20.08 -48.37
CA GLN V 128 -31.13 -19.98 -48.60
C GLN V 128 -30.53 -18.96 -47.66
N ILE V 129 -29.29 -19.19 -47.26
CA ILE V 129 -28.62 -18.23 -46.40
C ILE V 129 -28.06 -17.09 -47.23
N MET V 130 -27.95 -15.93 -46.60
CA MET V 130 -27.48 -14.73 -47.26
C MET V 130 -26.92 -13.82 -46.19
N SER V 131 -26.43 -12.67 -46.59
CA SER V 131 -25.99 -11.66 -45.64
C SER V 131 -26.76 -10.36 -45.89
N MET V 132 -26.57 -9.41 -44.98
CA MET V 132 -27.26 -8.12 -45.05
C MET V 132 -27.09 -7.46 -46.43
N THR V 133 -25.86 -7.41 -46.94
CA THR V 133 -25.59 -6.72 -48.19
C THR V 133 -26.16 -7.44 -49.40
N ASP V 134 -26.66 -8.67 -49.22
CA ASP V 134 -27.35 -9.39 -50.29
C ASP V 134 -28.83 -9.07 -50.36
N VAL V 135 -29.38 -8.51 -49.28
CA VAL V 135 -30.84 -8.45 -49.13
C VAL V 135 -31.49 -7.57 -50.19
N PRO V 136 -30.99 -6.37 -50.51
CA PRO V 136 -31.65 -5.60 -51.57
C PRO V 136 -31.75 -6.34 -52.89
N GLN V 137 -30.68 -7.02 -53.30
CA GLN V 137 -30.72 -7.74 -54.57
C GLN V 137 -31.66 -8.95 -54.49
N VAL V 138 -31.65 -9.67 -53.36
CA VAL V 138 -32.61 -10.76 -53.21
C VAL V 138 -34.04 -10.20 -53.31
N LEU V 139 -34.28 -9.04 -52.70
CA LEU V 139 -35.58 -8.39 -52.81
C LEU V 139 -35.92 -8.03 -54.25
N GLY V 140 -34.99 -7.36 -54.94
CA GLY V 140 -35.23 -7.01 -56.33
C GLY V 140 -35.40 -8.23 -57.22
N ASP V 141 -34.56 -9.26 -57.02
CA ASP V 141 -34.68 -10.46 -57.83
C ASP V 141 -36.00 -11.17 -57.56
N SER V 142 -36.47 -11.14 -56.32
CA SER V 142 -37.74 -11.78 -55.99
C SER V 142 -38.90 -11.14 -56.74
N PHE V 143 -38.92 -9.81 -56.84
CA PHE V 143 -40.01 -9.15 -57.55
C PHE V 143 -40.00 -9.50 -59.04
N ALA V 144 -38.82 -9.51 -59.65
CA ALA V 144 -38.71 -9.85 -61.07
C ALA V 144 -39.26 -11.25 -61.33
N LYS V 145 -38.90 -12.20 -60.49
CA LYS V 145 -39.35 -13.59 -60.61
C LYS V 145 -40.76 -13.79 -60.08
N GLN V 146 -41.42 -12.72 -59.62
CA GLN V 146 -42.75 -12.77 -59.02
C GLN V 146 -42.84 -13.82 -57.92
N GLU V 147 -41.72 -14.04 -57.24
CA GLU V 147 -41.64 -15.00 -56.17
C GLU V 147 -41.69 -14.29 -54.84
N ARG V 148 -42.03 -15.04 -53.81
CA ARG V 148 -42.14 -14.47 -52.48
C ARG V 148 -40.75 -14.19 -51.95
N VAL V 149 -40.60 -13.05 -51.27
CA VAL V 149 -39.34 -12.76 -50.59
C VAL V 149 -39.20 -13.68 -49.38
N PRO V 150 -38.06 -14.35 -49.20
CA PRO V 150 -37.89 -15.25 -48.06
C PRO V 150 -37.62 -14.51 -46.77
N LYS V 151 -37.76 -15.24 -45.67
CA LYS V 151 -37.17 -14.80 -44.41
C LYS V 151 -35.65 -14.70 -44.59
N VAL V 152 -35.03 -13.73 -43.93
CA VAL V 152 -33.60 -13.53 -44.10
C VAL V 152 -32.87 -14.47 -43.15
N ALA V 153 -32.16 -15.45 -43.72
CA ALA V 153 -31.35 -16.41 -42.96
C ALA V 153 -29.91 -15.96 -43.05
N LEU V 154 -29.44 -15.23 -42.04
CA LEU V 154 -28.11 -14.63 -42.12
C LEU V 154 -27.04 -15.69 -41.93
N SER V 155 -26.14 -15.78 -42.91
CA SER V 155 -25.04 -16.74 -42.83
C SER V 155 -24.23 -16.53 -41.55
N SER V 156 -24.17 -17.60 -40.74
CA SER V 156 -23.41 -17.64 -39.48
C SER V 156 -23.78 -16.50 -38.53
N GLN V 157 -25.03 -16.05 -38.58
CA GLN V 157 -25.50 -14.94 -37.75
C GLN V 157 -26.98 -15.14 -37.40
N ARG V 158 -27.32 -16.30 -36.87
CA ARG V 158 -28.68 -16.55 -36.44
C ARG V 158 -28.62 -17.74 -35.48
N THR V 159 -29.79 -18.16 -35.03
CA THR V 159 -29.90 -19.22 -34.04
C THR V 159 -30.56 -20.43 -34.67
N VAL V 160 -30.00 -21.61 -34.41
CA VAL V 160 -30.58 -22.87 -34.83
C VAL V 160 -31.01 -23.63 -33.57
N VAL V 161 -32.25 -24.07 -33.55
CA VAL V 161 -32.79 -24.80 -32.43
C VAL V 161 -33.17 -26.20 -32.91
N ILE V 162 -32.84 -27.23 -32.12
CA ILE V 162 -33.13 -28.62 -32.49
C ILE V 162 -33.96 -29.28 -31.40
N GLY V 163 -35.17 -29.72 -31.75
CA GLY V 163 -36.04 -30.41 -30.83
C GLY V 163 -36.02 -31.92 -31.01
N ASP V 164 -35.58 -32.61 -29.97
CA ASP V 164 -35.44 -34.05 -29.98
C ASP V 164 -36.78 -34.68 -29.57
N HIS V 165 -37.33 -35.54 -30.43
CA HIS V 165 -38.60 -36.21 -30.19
C HIS V 165 -38.45 -37.71 -30.43
N TRP V 166 -38.91 -38.52 -29.47
CA TRP V 166 -39.07 -39.95 -29.70
C TRP V 166 -40.56 -40.20 -29.85
N VAL V 167 -40.95 -40.76 -30.99
CA VAL V 167 -42.35 -40.89 -31.39
C VAL V 167 -42.82 -42.31 -31.10
N MET V 168 -44.02 -42.43 -30.53
CA MET V 168 -44.58 -43.75 -30.21
C MET V 168 -44.67 -44.60 -31.47
N ASP V 169 -44.34 -45.88 -31.31
CA ASP V 169 -44.44 -46.84 -32.41
C ASP V 169 -45.81 -46.78 -33.06
N GLY V 170 -45.83 -46.62 -34.39
CA GLY V 170 -47.06 -46.53 -35.13
C GLY V 170 -47.66 -45.13 -35.26
N HIS V 171 -47.10 -44.13 -34.57
CA HIS V 171 -47.57 -42.76 -34.64
C HIS V 171 -46.73 -41.89 -35.56
N GLU V 172 -45.82 -42.49 -36.33
CA GLU V 172 -44.85 -41.72 -37.10
C GLU V 172 -45.54 -40.76 -38.06
N LYS V 173 -46.57 -41.26 -38.76
CA LYS V 173 -47.29 -40.45 -39.73
C LYS V 173 -48.04 -39.31 -39.06
N ALA V 174 -48.71 -39.59 -37.94
CA ALA V 174 -49.43 -38.55 -37.21
C ALA V 174 -48.50 -37.45 -36.71
N PHE V 175 -47.35 -37.85 -36.15
CA PHE V 175 -46.37 -36.87 -35.67
C PHE V 175 -45.93 -35.94 -36.79
N GLU V 176 -45.60 -36.52 -37.95
CA GLU V 176 -45.11 -35.71 -39.06
C GLU V 176 -46.14 -34.67 -39.48
N GLN V 177 -47.41 -35.07 -39.58
CA GLN V 177 -48.45 -34.13 -39.97
C GLN V 177 -48.67 -33.08 -38.90
N GLY V 178 -48.67 -33.49 -37.62
CA GLY V 178 -48.85 -32.52 -36.56
C GLY V 178 -47.66 -31.57 -36.45
N ALA V 179 -46.45 -32.11 -36.56
CA ALA V 179 -45.26 -31.25 -36.55
C ALA V 179 -45.26 -30.30 -37.74
N THR V 180 -45.67 -30.78 -38.91
CA THR V 180 -45.77 -29.93 -40.09
C THR V 180 -46.74 -28.79 -39.86
N GLU V 181 -47.93 -29.10 -39.35
CA GLU V 181 -48.93 -28.07 -39.12
C GLU V 181 -48.44 -27.07 -38.08
N THR V 182 -47.79 -27.57 -37.03
CA THR V 182 -47.26 -26.67 -36.02
C THR V 182 -46.26 -25.70 -36.62
N LEU V 183 -45.31 -26.22 -37.40
CA LEU V 183 -44.23 -25.38 -37.90
C LEU V 183 -44.73 -24.39 -38.94
N GLU V 184 -45.68 -24.81 -39.77
CA GLU V 184 -46.27 -23.90 -40.75
C GLU V 184 -47.02 -22.77 -40.08
N TRP V 185 -47.74 -23.08 -39.00
CA TRP V 185 -48.40 -22.03 -38.22
C TRP V 185 -47.36 -21.05 -37.67
N MET V 186 -46.29 -21.59 -37.10
CA MET V 186 -45.27 -20.75 -36.50
C MET V 186 -44.58 -19.87 -37.54
N LYS V 187 -44.26 -20.42 -38.70
CA LYS V 187 -43.57 -19.62 -39.70
C LYS V 187 -44.48 -18.51 -40.23
N ALA V 188 -45.78 -18.76 -40.27
CA ALA V 188 -46.71 -17.74 -40.73
C ALA V 188 -46.97 -16.67 -39.67
N ASN V 189 -46.85 -17.01 -38.37
CA ASN V 189 -47.44 -16.16 -37.34
C ASN V 189 -46.52 -15.66 -36.23
N VAL V 190 -45.32 -16.18 -36.08
CA VAL V 190 -44.46 -15.87 -34.93
C VAL V 190 -43.29 -15.02 -35.42
N PRO V 191 -43.01 -13.87 -34.80
CA PRO V 191 -41.92 -13.02 -35.28
C PRO V 191 -40.57 -13.72 -35.19
N GLY V 192 -39.74 -13.50 -36.20
CA GLY V 192 -38.36 -13.97 -36.19
C GLY V 192 -38.14 -15.43 -36.55
N MET V 193 -39.16 -16.17 -36.97
CA MET V 193 -38.95 -17.55 -37.41
C MET V 193 -38.40 -17.58 -38.83
N VAL V 194 -37.19 -18.11 -38.98
CA VAL V 194 -36.50 -18.06 -40.27
C VAL V 194 -36.87 -19.24 -41.15
N GLY V 195 -36.97 -20.44 -40.59
CA GLY V 195 -37.29 -21.61 -41.38
C GLY V 195 -37.29 -22.84 -40.52
N TRP V 196 -37.63 -23.97 -41.12
CA TRP V 196 -37.72 -25.19 -40.34
C TRP V 196 -37.53 -26.40 -41.24
N MET V 197 -37.29 -27.54 -40.59
CA MET V 197 -37.04 -28.80 -41.28
C MET V 197 -37.35 -29.92 -40.30
N ILE V 198 -38.05 -30.96 -40.77
CA ILE V 198 -38.33 -32.15 -39.97
C ILE V 198 -37.44 -33.29 -40.45
N MET V 199 -36.62 -33.81 -39.55
CA MET V 199 -35.64 -34.84 -39.90
C MET V 199 -35.95 -36.12 -39.15
N LYS V 200 -35.93 -37.25 -39.87
CA LYS V 200 -36.26 -38.56 -39.32
C LYS V 200 -35.03 -39.47 -39.40
N GLN V 201 -34.60 -39.99 -38.24
CA GLN V 201 -33.46 -40.90 -38.20
C GLN V 201 -33.86 -42.27 -38.75
N PHE V 202 -33.09 -42.78 -39.72
CA PHE V 202 -33.38 -44.09 -40.30
C PHE V 202 -32.18 -45.03 -40.28
N GLY V 203 -31.07 -44.64 -39.66
CA GLY V 203 -29.91 -45.49 -39.58
C GLY V 203 -28.75 -44.73 -38.99
N VAL V 204 -27.63 -45.45 -38.82
CA VAL V 204 -26.42 -44.85 -38.27
C VAL V 204 -25.23 -45.33 -39.09
N SER V 205 -24.26 -44.45 -39.29
CA SER V 205 -22.99 -44.81 -39.91
C SER V 205 -22.08 -45.40 -38.85
N ALA V 206 -21.59 -46.62 -39.09
CA ALA V 206 -20.62 -47.22 -38.17
C ALA V 206 -19.28 -46.50 -38.22
N ILE V 207 -18.76 -46.31 -39.43
CA ILE V 207 -17.48 -45.65 -39.59
C ILE V 207 -17.54 -44.23 -39.05
N GLY V 208 -18.60 -43.50 -39.42
CA GLY V 208 -18.74 -42.14 -38.94
C GLY V 208 -18.92 -42.04 -37.44
N SER V 209 -19.39 -43.10 -36.80
CA SER V 209 -19.51 -43.12 -35.35
C SER V 209 -18.27 -43.68 -34.67
N PHE V 210 -17.21 -43.95 -35.44
CA PHE V 210 -15.98 -44.49 -34.88
C PHE V 210 -16.25 -45.81 -34.15
N GLN V 211 -17.10 -46.64 -34.77
CA GLN V 211 -17.50 -47.94 -34.22
C GLN V 211 -16.87 -49.03 -35.09
N LEU V 212 -15.60 -49.30 -34.84
CA LEU V 212 -14.82 -50.23 -35.65
C LEU V 212 -15.00 -51.66 -35.15
N ASP V 213 -14.38 -52.60 -35.88
CA ASP V 213 -14.22 -53.96 -35.39
C ASP V 213 -13.33 -53.95 -34.17
N PRO V 214 -13.33 -55.04 -33.37
CA PRO V 214 -12.56 -55.02 -32.12
C PRO V 214 -11.07 -54.77 -32.31
N GLU V 215 -10.43 -55.40 -33.29
CA GLU V 215 -9.00 -55.15 -33.46
C GLU V 215 -8.75 -53.74 -33.97
N GLY V 216 -9.61 -53.24 -34.88
CA GLY V 216 -9.46 -51.85 -35.30
C GLY V 216 -9.59 -50.87 -34.16
N ALA V 217 -10.49 -51.16 -33.23
CA ALA V 217 -10.60 -50.33 -32.03
C ALA V 217 -9.32 -50.35 -31.20
N MET V 218 -8.68 -51.52 -31.07
CA MET V 218 -7.38 -51.57 -30.39
C MET V 218 -6.34 -50.75 -31.16
N LYS V 219 -6.29 -50.93 -32.48
CA LYS V 219 -5.32 -50.21 -33.29
C LYS V 219 -5.55 -48.71 -33.23
N ALA V 220 -6.82 -48.30 -33.10
CA ALA V 220 -7.16 -46.88 -33.10
C ALA V 220 -6.52 -46.11 -31.95
N VAL V 221 -6.37 -46.74 -30.77
CA VAL V 221 -5.76 -46.06 -29.63
C VAL V 221 -4.31 -46.45 -29.45
N SER V 222 -3.74 -47.22 -30.38
CA SER V 222 -2.32 -47.54 -30.38
C SER V 222 -1.51 -46.57 -31.23
N THR V 223 -2.09 -45.42 -31.59
CA THR V 223 -1.47 -44.45 -32.48
C THR V 223 -1.94 -43.06 -32.11
N LEU V 224 -1.17 -42.06 -32.54
CA LEU V 224 -1.58 -40.67 -32.40
C LEU V 224 -2.21 -40.14 -33.66
N GLY V 225 -2.37 -40.98 -34.69
CA GLY V 225 -3.04 -40.57 -35.90
C GLY V 225 -2.36 -41.00 -37.19
N ALA V 226 -1.07 -41.32 -37.11
CA ALA V 226 -0.28 -41.61 -38.30
C ALA V 226 -0.40 -43.06 -38.75
N ASN V 227 -0.89 -43.95 -37.91
CA ASN V 227 -0.98 -45.38 -38.22
C ASN V 227 -2.42 -45.85 -38.01
N PRO V 228 -3.29 -45.58 -38.97
CA PRO V 228 -4.72 -45.84 -38.78
C PRO V 228 -5.03 -47.32 -38.80
N PRO V 229 -6.15 -47.74 -38.22
CA PRO V 229 -6.60 -49.12 -38.38
C PRO V 229 -7.08 -49.37 -39.81
N GLU V 230 -7.28 -50.65 -40.10
CA GLU V 230 -7.93 -51.06 -41.34
C GLU V 230 -9.40 -50.64 -41.31
N TYR V 231 -9.90 -50.24 -42.48
CA TYR V 231 -11.33 -49.96 -42.61
C TYR V 231 -12.12 -51.25 -42.36
N ASN V 232 -12.84 -51.30 -41.24
CA ASN V 232 -13.63 -52.47 -40.88
C ASN V 232 -14.53 -52.12 -39.71
N THR V 233 -15.68 -52.81 -39.64
CA THR V 233 -16.68 -52.61 -38.61
C THR V 233 -17.22 -53.98 -38.23
N ASN V 234 -18.11 -53.99 -37.24
CA ASN V 234 -18.86 -55.21 -36.93
C ASN V 234 -19.88 -55.57 -38.01
N TYR V 235 -20.03 -54.72 -39.03
CA TYR V 235 -20.84 -55.00 -40.20
C TYR V 235 -19.97 -55.24 -41.44
N GLY V 236 -18.70 -55.60 -41.24
CA GLY V 236 -17.79 -55.87 -42.34
C GLY V 236 -17.08 -54.63 -42.85
N ASN V 237 -16.37 -54.81 -43.96
CA ASN V 237 -15.48 -53.78 -44.50
C ASN V 237 -15.93 -53.26 -45.86
N LYS V 238 -17.17 -53.52 -46.25
CA LYS V 238 -17.66 -53.04 -47.52
C LYS V 238 -18.31 -51.67 -47.39
N VAL V 239 -18.39 -50.97 -48.52
CA VAL V 239 -19.05 -49.67 -48.58
C VAL V 239 -20.55 -49.91 -48.77
N HIS V 240 -21.32 -49.48 -47.77
CA HIS V 240 -22.76 -49.76 -47.71
C HIS V 240 -23.57 -48.72 -48.49
N ASP V 241 -24.64 -49.19 -49.13
CA ASP V 241 -25.64 -48.31 -49.73
C ASP V 241 -26.69 -47.85 -48.73
N LYS V 242 -26.95 -48.65 -47.71
CA LYS V 242 -27.89 -48.39 -46.63
C LYS V 242 -27.11 -48.35 -45.32
N PRO V 243 -27.59 -47.61 -44.32
CA PRO V 243 -26.86 -47.53 -43.05
C PRO V 243 -26.60 -48.90 -42.48
N PRO V 244 -25.36 -49.20 -42.08
CA PRO V 244 -25.08 -50.52 -41.49
C PRO V 244 -25.77 -50.70 -40.16
N ILE V 245 -25.83 -49.67 -39.33
CA ILE V 245 -26.47 -49.74 -38.02
C ILE V 245 -27.91 -49.32 -38.18
N PRO V 246 -28.88 -50.08 -37.69
CA PRO V 246 -30.28 -49.69 -37.84
C PRO V 246 -30.56 -48.39 -37.10
N GLY V 247 -31.57 -47.68 -37.58
CA GLY V 247 -32.10 -46.56 -36.82
C GLY V 247 -32.66 -47.04 -35.49
N GLN V 248 -32.60 -46.16 -34.50
CA GLN V 248 -33.12 -46.49 -33.18
C GLN V 248 -34.64 -46.53 -33.17
N THR V 249 -35.20 -47.31 -32.23
CA THR V 249 -36.60 -47.23 -31.86
C THR V 249 -36.73 -46.94 -30.36
N PRO V 250 -37.74 -46.16 -29.94
CA PRO V 250 -38.74 -45.47 -30.76
C PRO V 250 -38.09 -44.51 -31.76
N THR V 251 -38.73 -44.32 -32.92
CA THR V 251 -38.15 -43.51 -33.97
C THR V 251 -37.85 -42.10 -33.47
N GLN V 252 -36.63 -41.64 -33.74
CA GLN V 252 -36.22 -40.29 -33.37
C GLN V 252 -36.47 -39.31 -34.51
N TYR V 253 -37.11 -38.19 -34.19
CA TYR V 253 -37.24 -37.08 -35.12
C TYR V 253 -36.53 -35.88 -34.53
N LEU V 254 -35.75 -35.18 -35.34
CA LEU V 254 -35.17 -33.91 -34.96
C LEU V 254 -35.91 -32.80 -35.70
N VAL V 255 -36.46 -31.86 -34.94
CA VAL V 255 -37.16 -30.70 -35.50
C VAL V 255 -36.17 -29.55 -35.50
N HIS V 256 -35.73 -29.16 -36.68
CA HIS V 256 -34.71 -28.14 -36.87
C HIS V 256 -35.43 -26.83 -37.15
N ILE V 257 -35.26 -25.84 -36.26
CA ILE V 257 -35.91 -24.54 -36.42
C ILE V 257 -34.85 -23.44 -36.34
N GLU V 258 -34.87 -22.53 -37.30
CA GLU V 258 -33.94 -21.41 -37.35
C GLU V 258 -34.66 -20.12 -36.95
N TRP V 259 -33.97 -19.28 -36.17
CA TRP V 259 -34.56 -18.07 -35.62
C TRP V 259 -33.58 -16.92 -35.75
N GLU V 260 -34.14 -15.70 -35.72
CA GLU V 260 -33.31 -14.50 -35.83
C GLU V 260 -32.28 -14.43 -34.69
N SER V 261 -32.67 -14.83 -33.49
CA SER V 261 -31.83 -14.66 -32.31
C SER V 261 -32.30 -15.65 -31.25
N PRO V 262 -31.50 -15.86 -30.20
CA PRO V 262 -31.96 -16.77 -29.14
C PRO V 262 -33.25 -16.29 -28.49
N GLU V 263 -33.38 -14.97 -28.31
CA GLU V 263 -34.58 -14.41 -27.71
C GLU V 263 -35.78 -14.67 -28.58
N HIS V 264 -35.64 -14.54 -29.90
CA HIS V 264 -36.74 -14.88 -30.78
C HIS V 264 -37.05 -16.37 -30.69
N ALA V 265 -36.02 -17.21 -30.57
CA ALA V 265 -36.24 -18.65 -30.42
C ALA V 265 -36.93 -18.98 -29.11
N HIS V 266 -36.46 -18.36 -28.01
CA HIS V 266 -37.05 -18.64 -26.70
C HIS V 266 -38.51 -18.22 -26.65
N GLN V 267 -38.80 -16.97 -27.00
CA GLN V 267 -40.17 -16.49 -26.99
C GLN V 267 -41.01 -17.18 -28.04
N GLY V 268 -40.40 -17.48 -29.20
CA GLY V 268 -41.14 -18.09 -30.28
C GLY V 268 -41.58 -19.51 -29.96
N LEU V 269 -40.66 -20.33 -29.43
CA LEU V 269 -41.03 -21.69 -29.06
C LEU V 269 -42.14 -21.70 -28.01
N GLY V 270 -42.17 -20.68 -27.14
CA GLY V 270 -43.18 -20.64 -26.11
C GLY V 270 -44.61 -20.52 -26.63
N HIS V 271 -44.78 -20.14 -27.90
CA HIS V 271 -46.12 -19.97 -28.45
C HIS V 271 -46.91 -21.27 -28.46
N VAL V 272 -46.26 -22.44 -28.45
CA VAL V 272 -47.02 -23.68 -28.34
C VAL V 272 -47.69 -23.83 -27.00
N MET V 273 -47.36 -22.96 -26.04
CA MET V 273 -48.01 -22.97 -24.74
C MET V 273 -48.88 -21.75 -24.47
N VAL V 274 -48.56 -20.58 -25.03
CA VAL V 274 -49.24 -19.34 -24.68
C VAL V 274 -50.12 -18.81 -25.79
N ASP V 275 -50.22 -19.52 -26.91
CA ASP V 275 -51.21 -19.22 -27.95
C ASP V 275 -52.21 -20.37 -27.99
N TYR V 276 -53.48 -20.04 -27.76
CA TYR V 276 -54.48 -21.09 -27.60
C TYR V 276 -54.56 -21.98 -28.84
N GLU V 277 -54.58 -21.37 -30.02
CA GLU V 277 -54.76 -22.13 -31.25
C GLU V 277 -53.57 -23.05 -31.52
N LEU V 278 -52.36 -22.51 -31.44
CA LEU V 278 -51.16 -23.34 -31.66
C LEU V 278 -51.05 -24.43 -30.60
N ARG V 279 -51.48 -24.14 -29.37
CA ARG V 279 -51.44 -25.13 -28.30
C ARG V 279 -52.25 -26.37 -28.66
N GLN V 280 -53.44 -26.20 -29.25
CA GLN V 280 -54.24 -27.35 -29.65
C GLN V 280 -53.55 -28.13 -30.77
N ILE V 281 -53.01 -27.43 -31.76
CA ILE V 281 -52.32 -28.08 -32.87
C ILE V 281 -51.15 -28.89 -32.35
N HIS V 282 -50.34 -28.27 -31.49
CA HIS V 282 -49.12 -28.92 -31.00
C HIS V 282 -49.46 -30.03 -30.01
N ASN V 283 -50.42 -29.80 -29.12
CA ASN V 283 -50.80 -30.84 -28.16
C ASN V 283 -51.27 -32.10 -28.88
N ASN V 284 -52.23 -31.96 -29.79
CA ASN V 284 -52.86 -33.11 -30.44
C ASN V 284 -52.01 -33.67 -31.57
N GLY V 285 -51.25 -32.82 -32.25
CA GLY V 285 -50.49 -33.24 -33.41
C GLY V 285 -49.08 -33.66 -33.10
N VAL V 286 -48.52 -33.23 -31.97
CA VAL V 286 -47.14 -33.56 -31.65
C VAL V 286 -47.06 -34.27 -30.29
N LEU V 287 -47.42 -33.55 -29.22
CA LEU V 287 -47.22 -34.08 -27.87
C LEU V 287 -47.95 -35.39 -27.67
N ALA V 288 -49.12 -35.57 -28.31
CA ALA V 288 -49.90 -36.79 -28.15
C ALA V 288 -49.21 -38.03 -28.71
N HIS V 289 -48.15 -37.88 -29.51
CA HIS V 289 -47.55 -39.01 -30.19
C HIS V 289 -46.15 -39.35 -29.70
N LEU V 290 -45.72 -38.79 -28.56
CA LEU V 290 -44.33 -38.88 -28.11
C LEU V 290 -44.15 -39.92 -27.01
N ASP V 291 -43.08 -40.71 -27.14
CA ASP V 291 -42.51 -41.43 -26.01
C ASP V 291 -41.55 -40.57 -25.19
N LYS V 292 -40.83 -39.66 -25.84
CA LYS V 292 -39.86 -38.85 -25.15
C LYS V 292 -39.84 -37.46 -25.78
N GLY V 293 -39.64 -36.45 -24.95
CA GLY V 293 -39.49 -35.10 -25.43
C GLY V 293 -40.76 -34.27 -25.32
N PRO V 294 -40.76 -33.09 -25.95
CA PRO V 294 -39.62 -32.57 -26.71
C PRO V 294 -38.53 -31.96 -25.82
N TYR V 295 -37.29 -31.96 -26.31
CA TYR V 295 -36.17 -31.31 -25.66
C TYR V 295 -35.47 -30.46 -26.71
N TYR V 296 -35.33 -29.17 -26.44
CA TYR V 296 -34.82 -28.21 -27.42
C TYR V 296 -33.44 -27.74 -27.01
N MET V 297 -32.43 -28.03 -27.84
CA MET V 297 -31.09 -27.49 -27.68
C MET V 297 -30.88 -26.30 -28.61
N PHE V 298 -30.19 -25.28 -28.10
CA PHE V 298 -29.85 -24.08 -28.86
C PHE V 298 -28.43 -24.18 -29.41
N PHE V 299 -28.27 -23.79 -30.67
CA PHE V 299 -26.99 -23.84 -31.35
C PHE V 299 -26.70 -22.52 -32.05
N SER V 300 -25.41 -22.25 -32.22
CA SER V 300 -24.99 -21.19 -33.13
C SER V 300 -24.30 -21.80 -34.34
N PRO V 301 -24.67 -21.42 -35.55
CA PRO V 301 -23.97 -21.92 -36.75
C PRO V 301 -22.64 -21.19 -36.90
N MET V 302 -21.54 -21.95 -36.72
CA MET V 302 -20.21 -21.38 -36.87
C MET V 302 -19.81 -21.27 -38.34
N MET V 303 -19.79 -22.38 -39.06
CA MET V 303 -19.51 -22.40 -40.48
C MET V 303 -20.66 -23.06 -41.22
N GLU V 304 -20.94 -22.56 -42.42
CA GLU V 304 -21.98 -23.12 -43.26
C GLU V 304 -21.49 -23.10 -44.70
N GLN V 305 -21.75 -24.19 -45.40
CA GLN V 305 -21.69 -24.21 -46.84
C GLN V 305 -23.12 -24.59 -47.21
N GLY V 306 -23.93 -23.58 -47.55
CA GLY V 306 -25.37 -23.74 -47.58
C GLY V 306 -26.03 -23.99 -48.92
N LEU V 307 -25.26 -24.39 -49.93
CA LEU V 307 -25.84 -24.59 -51.24
C LEU V 307 -26.81 -25.78 -51.29
N TRP V 308 -26.69 -26.74 -50.37
CA TRP V 308 -27.64 -27.85 -50.33
C TRP V 308 -29.08 -27.38 -50.13
N ARG V 309 -29.27 -26.26 -49.44
CA ARG V 309 -30.62 -25.74 -49.24
C ARG V 309 -31.27 -25.34 -50.57
N LYS V 310 -30.45 -25.03 -51.57
CA LYS V 310 -30.97 -24.46 -52.81
C LYS V 310 -31.90 -25.40 -53.55
N HIS V 311 -31.74 -26.71 -53.37
CA HIS V 311 -32.61 -27.70 -54.02
C HIS V 311 -33.26 -28.57 -52.93
N LEU V 312 -34.26 -28.01 -52.27
CA LEU V 312 -35.12 -28.81 -51.39
C LEU V 312 -36.56 -28.78 -51.91
N LYS V 313 -37.52 -29.06 -51.03
CA LYS V 313 -38.94 -29.05 -51.38
C LYS V 313 -39.23 -29.91 -52.62
N GLU W 4 -34.58 -64.19 -5.46
CA GLU W 4 -35.10 -62.89 -5.89
C GLU W 4 -34.23 -62.28 -7.01
N ASN W 5 -34.81 -62.15 -8.20
CA ASN W 5 -34.23 -61.36 -9.30
C ASN W 5 -35.07 -60.09 -9.43
N PRO W 6 -34.75 -59.03 -8.70
CA PRO W 6 -35.61 -57.83 -8.70
C PRO W 6 -35.44 -57.04 -9.98
N ILE W 7 -36.34 -56.06 -10.13
CA ILE W 7 -36.30 -55.10 -11.22
C ILE W 7 -35.66 -53.83 -10.69
N ILE W 8 -34.87 -53.16 -11.53
CA ILE W 8 -34.23 -51.92 -11.16
C ILE W 8 -34.74 -50.85 -12.11
N ALA W 9 -35.40 -49.84 -11.54
CA ALA W 9 -35.72 -48.62 -12.27
C ALA W 9 -34.60 -47.63 -12.02
N ILE W 10 -34.01 -47.10 -13.09
CA ILE W 10 -32.91 -46.15 -12.98
C ILE W 10 -33.38 -44.80 -13.50
N ASN W 11 -33.61 -43.86 -12.60
CA ASN W 11 -33.96 -42.50 -12.98
C ASN W 11 -32.70 -41.75 -13.39
N MET W 12 -32.61 -41.38 -14.66
CA MET W 12 -31.43 -40.75 -15.24
C MET W 12 -31.72 -39.27 -15.49
N ALA W 13 -30.91 -38.42 -14.90
CA ALA W 13 -31.05 -36.98 -15.09
C ALA W 13 -29.67 -36.37 -15.19
N LYS W 14 -29.62 -35.19 -15.77
CA LYS W 14 -28.41 -34.38 -15.79
C LYS W 14 -28.75 -33.07 -15.07
N ILE W 15 -28.00 -32.78 -14.01
CA ILE W 15 -28.33 -31.65 -13.14
C ILE W 15 -27.19 -30.65 -13.13
N ALA W 16 -27.54 -29.42 -12.78
CA ALA W 16 -26.57 -28.35 -12.72
C ALA W 16 -25.55 -28.60 -11.62
N ASN W 17 -24.27 -28.38 -11.95
CA ASN W 17 -23.19 -28.60 -10.98
C ASN W 17 -22.92 -27.28 -10.28
N LYS W 18 -23.67 -27.02 -9.23
CA LYS W 18 -23.48 -25.81 -8.46
C LYS W 18 -23.89 -26.11 -7.04
N PRO W 19 -23.42 -25.32 -6.06
CA PRO W 19 -23.76 -25.61 -4.65
C PRO W 19 -25.26 -25.74 -4.37
N ASP W 20 -26.09 -24.95 -5.05
CA ASP W 20 -27.54 -25.02 -4.83
C ASP W 20 -28.11 -26.41 -5.12
N SER W 21 -27.58 -27.09 -6.13
CA SER W 21 -28.09 -28.41 -6.48
C SER W 21 -27.78 -29.42 -5.39
N TYR W 22 -26.59 -29.33 -4.80
CA TYR W 22 -26.26 -30.20 -3.67
C TYR W 22 -27.20 -29.94 -2.50
N GLU W 23 -27.58 -28.69 -2.29
CA GLU W 23 -28.50 -28.38 -1.19
C GLU W 23 -29.87 -29.03 -1.41
N THR W 24 -30.46 -28.82 -2.58
CA THR W 24 -31.78 -29.40 -2.83
C THR W 24 -31.72 -30.92 -2.87
N MET W 25 -30.55 -31.50 -3.18
CA MET W 25 -30.40 -32.96 -3.08
C MET W 25 -30.46 -33.42 -1.62
N MET W 26 -30.03 -32.56 -0.69
CA MET W 26 -30.05 -32.89 0.73
C MET W 26 -31.41 -32.66 1.39
N LYS W 27 -32.24 -31.78 0.84
CA LYS W 27 -33.56 -31.52 1.42
C LYS W 27 -34.66 -32.36 0.78
N VAL W 28 -34.61 -32.60 -0.53
CA VAL W 28 -35.68 -33.29 -1.24
C VAL W 28 -35.36 -34.77 -1.43
N GLY W 29 -34.08 -35.09 -1.65
CA GLY W 29 -33.67 -36.46 -1.86
C GLY W 29 -34.19 -37.47 -0.87
N PRO W 30 -33.90 -37.27 0.42
CA PRO W 30 -34.47 -38.18 1.44
C PRO W 30 -35.99 -38.23 1.40
N LYS W 31 -36.66 -37.10 1.12
CA LYS W 31 -38.12 -37.08 1.12
C LYS W 31 -38.70 -37.97 0.02
N VAL W 32 -38.05 -38.02 -1.14
CA VAL W 32 -38.50 -38.88 -2.22
C VAL W 32 -38.39 -40.35 -1.82
N CSS W 33 -37.27 -40.72 -1.21
CA CSS W 33 -37.01 -42.07 -0.77
CB CSS W 33 -35.61 -42.16 -0.24
SG CSS W 33 -34.42 -41.90 -1.52
SD CSS W 33 -34.98 -43.04 -3.08
C CSS W 33 -38.01 -42.52 0.26
O CSS W 33 -38.41 -43.71 0.29
N ILE W 34 -38.40 -41.60 1.15
CA ILE W 34 -39.36 -41.90 2.21
C ILE W 34 -40.71 -42.23 1.59
N THR W 35 -41.08 -41.44 0.57
CA THR W 35 -42.29 -41.71 -0.19
C THR W 35 -42.20 -43.05 -0.89
N THR W 36 -41.07 -43.32 -1.54
CA THR W 36 -40.90 -44.56 -2.27
C THR W 36 -41.04 -45.75 -1.32
N ALA W 37 -40.47 -45.63 -0.12
CA ALA W 37 -40.45 -46.71 0.87
C ALA W 37 -41.79 -46.94 1.54
N SER W 38 -42.85 -46.24 1.15
CA SER W 38 -44.17 -46.59 1.66
C SER W 38 -44.73 -47.85 1.02
N HIS W 39 -44.11 -48.33 -0.07
CA HIS W 39 -44.68 -49.43 -0.83
C HIS W 39 -43.99 -50.74 -0.49
N PRO W 40 -44.76 -51.81 -0.25
CA PRO W 40 -44.16 -53.08 0.20
C PRO W 40 -43.31 -53.78 -0.85
N GLY W 41 -43.43 -53.42 -2.13
CA GLY W 41 -42.57 -53.99 -3.14
C GLY W 41 -41.23 -53.30 -3.29
N PHE W 42 -40.98 -52.26 -2.49
CA PHE W 42 -39.75 -51.49 -2.61
C PHE W 42 -38.62 -52.18 -1.85
N LEU W 43 -37.51 -52.42 -2.55
CA LEU W 43 -36.42 -53.22 -1.98
C LEU W 43 -35.17 -52.42 -1.62
N GLY W 44 -34.98 -51.22 -2.15
CA GLY W 44 -33.81 -50.44 -1.82
C GLY W 44 -33.48 -49.42 -2.89
N PHE W 45 -32.40 -48.68 -2.67
CA PHE W 45 -32.04 -47.66 -3.63
C PHE W 45 -30.55 -47.39 -3.61
N GLU W 46 -30.11 -46.75 -4.70
CA GLU W 46 -28.74 -46.29 -4.92
C GLU W 46 -28.82 -44.90 -5.53
N GLN W 47 -28.27 -43.90 -4.85
CA GLN W 47 -28.18 -42.55 -5.40
C GLN W 47 -26.75 -42.35 -5.87
N LEU W 48 -26.57 -42.25 -7.19
CA LEU W 48 -25.25 -42.17 -7.81
C LEU W 48 -25.07 -40.79 -8.43
N LEU W 49 -23.99 -40.11 -8.05
CA LEU W 49 -23.65 -38.81 -8.61
C LEU W 49 -22.40 -38.97 -9.48
N GLN W 50 -22.49 -38.50 -10.72
CA GLN W 50 -21.36 -38.65 -11.63
C GLN W 50 -20.18 -37.81 -11.19
N THR W 51 -19.00 -38.43 -11.22
CA THR W 51 -17.75 -37.76 -10.92
C THR W 51 -16.79 -37.68 -12.09
N GLY W 52 -17.04 -38.44 -13.16
CA GLY W 52 -16.16 -38.38 -14.32
C GLY W 52 -16.51 -39.47 -15.32
N ILE W 53 -15.54 -39.77 -16.18
CA ILE W 53 -15.66 -40.82 -17.20
C ILE W 53 -14.33 -41.54 -17.28
N HIS W 54 -14.33 -42.67 -18.00
CA HIS W 54 -13.07 -43.30 -18.37
C HIS W 54 -12.61 -42.75 -19.72
N PRO W 55 -11.45 -42.10 -19.79
CA PRO W 55 -10.99 -41.54 -21.08
C PRO W 55 -10.60 -42.60 -22.09
N MET W 56 -10.43 -43.85 -21.67
CA MET W 56 -10.18 -45.00 -22.54
C MET W 56 -9.02 -44.73 -23.51
N ALA W 57 -7.87 -44.38 -22.93
CA ALA W 57 -6.63 -44.19 -23.68
C ALA W 57 -6.77 -43.12 -24.76
N GLY W 58 -7.53 -42.08 -24.46
CA GLY W 58 -7.68 -40.94 -25.34
C GLY W 58 -8.91 -40.98 -26.23
N ARG W 59 -9.62 -42.11 -26.25
CA ARG W 59 -10.85 -42.19 -27.04
C ARG W 59 -11.86 -41.14 -26.61
N TYR W 60 -11.89 -40.81 -25.32
CA TYR W 60 -12.67 -39.67 -24.84
C TYR W 60 -11.73 -38.75 -24.10
N GLY W 61 -10.73 -38.24 -24.83
CA GLY W 61 -9.63 -37.46 -24.31
C GLY W 61 -10.00 -36.10 -23.75
N GLY W 62 -11.21 -35.61 -24.06
CA GLY W 62 -11.66 -34.37 -23.44
C GLY W 62 -12.13 -34.51 -22.01
N GLY W 63 -12.39 -35.74 -21.56
CA GLY W 63 -12.83 -36.01 -20.21
C GLY W 63 -11.70 -36.51 -19.32
N ALA W 64 -12.07 -36.88 -18.09
CA ALA W 64 -11.13 -37.28 -17.06
C ALA W 64 -11.84 -38.17 -16.04
N VAL W 65 -11.04 -38.96 -15.33
CA VAL W 65 -11.58 -39.76 -14.24
C VAL W 65 -12.29 -38.85 -13.24
N ASP W 66 -11.65 -37.74 -12.89
CA ASP W 66 -12.19 -36.80 -11.91
C ASP W 66 -12.57 -35.51 -12.63
N MET W 67 -13.87 -35.34 -12.90
CA MET W 67 -14.39 -34.12 -13.50
C MET W 67 -15.29 -33.36 -12.54
N ARG W 68 -15.13 -33.59 -11.22
CA ARG W 68 -16.08 -33.05 -10.26
C ARG W 68 -16.14 -31.52 -10.30
N GLU W 69 -15.04 -30.87 -10.67
CA GLU W 69 -15.00 -29.41 -10.70
C GLU W 69 -15.52 -28.82 -12.01
N THR W 70 -15.56 -29.60 -13.07
CA THR W 70 -15.79 -29.07 -14.41
C THR W 70 -17.03 -29.58 -15.10
N LEU W 71 -17.57 -30.71 -14.70
CA LEU W 71 -18.71 -31.32 -15.38
C LEU W 71 -19.97 -30.50 -15.12
N ASN W 72 -20.62 -30.02 -16.18
CA ASN W 72 -21.91 -29.33 -16.03
C ASN W 72 -22.70 -29.39 -17.33
N PRO W 73 -23.82 -30.11 -17.38
CA PRO W 73 -24.44 -30.81 -16.24
C PRO W 73 -23.68 -32.05 -15.80
N MET W 74 -24.00 -32.57 -14.61
CA MET W 74 -23.43 -33.81 -14.13
C MET W 74 -24.53 -34.85 -14.06
N GLY W 75 -24.17 -36.10 -14.38
CA GLY W 75 -25.15 -37.18 -14.34
C GLY W 75 -25.58 -37.49 -12.92
N MET W 76 -26.86 -37.80 -12.77
CA MET W 76 -27.41 -38.22 -11.48
C MET W 76 -28.32 -39.41 -11.74
N PHE W 77 -27.90 -40.59 -11.27
CA PHE W 77 -28.64 -41.83 -11.48
C PHE W 77 -29.20 -42.29 -10.16
N GLN W 78 -30.52 -42.52 -10.11
CA GLN W 78 -31.19 -43.03 -8.92
C GLN W 78 -31.74 -44.42 -9.23
N TYR W 79 -31.10 -45.45 -8.66
CA TYR W 79 -31.66 -46.80 -8.71
C TYR W 79 -32.76 -46.91 -7.65
N THR W 80 -33.93 -47.38 -8.05
CA THR W 80 -34.88 -47.93 -7.10
C THR W 80 -35.15 -49.37 -7.51
N VAL W 81 -35.15 -50.26 -6.52
CA VAL W 81 -35.17 -51.69 -6.74
C VAL W 81 -36.49 -52.25 -6.24
N TRP W 82 -37.13 -53.09 -7.05
CA TRP W 82 -38.52 -53.44 -6.86
C TRP W 82 -38.73 -54.92 -7.09
N LYS W 83 -39.72 -55.49 -6.40
CA LYS W 83 -40.12 -56.86 -6.66
C LYS W 83 -40.61 -57.03 -8.09
N ASP W 84 -41.24 -56.00 -8.65
CA ASP W 84 -41.80 -56.09 -10.00
C ASP W 84 -42.11 -54.68 -10.51
N VAL W 85 -42.40 -54.60 -11.81
CA VAL W 85 -42.72 -53.34 -12.46
C VAL W 85 -43.96 -52.72 -11.85
N HIS W 86 -44.98 -53.53 -11.56
CA HIS W 86 -46.24 -53.03 -11.04
C HIS W 86 -46.05 -52.29 -9.72
N SER W 87 -45.16 -52.79 -8.86
CA SER W 87 -44.94 -52.13 -7.58
C SER W 87 -44.44 -50.70 -7.76
N HIS W 88 -43.49 -50.52 -8.67
CA HIS W 88 -42.98 -49.17 -8.92
C HIS W 88 -44.05 -48.29 -9.55
N GLU W 89 -44.76 -48.83 -10.55
CA GLU W 89 -45.83 -48.05 -11.18
C GLU W 89 -46.93 -47.75 -10.19
N GLU W 90 -47.26 -48.71 -9.32
CA GLU W 90 -48.30 -48.48 -8.33
C GLU W 90 -47.87 -47.44 -7.31
N MET W 91 -46.61 -47.53 -6.85
CA MET W 91 -46.10 -46.52 -5.93
C MET W 91 -46.21 -45.13 -6.53
N HIS W 92 -45.76 -44.97 -7.78
CA HIS W 92 -45.85 -43.68 -8.45
C HIS W 92 -47.29 -43.19 -8.53
N HIS W 93 -48.22 -44.10 -8.81
CA HIS W 93 -49.63 -43.71 -8.91
C HIS W 93 -50.19 -43.28 -7.54
N ASP W 94 -49.98 -44.10 -6.52
CA ASP W 94 -50.54 -43.85 -5.20
C ASP W 94 -49.97 -42.58 -4.56
N ASN W 95 -48.76 -42.18 -4.95
CA ASN W 95 -48.10 -41.03 -4.36
C ASN W 95 -47.86 -39.93 -5.39
N PHE W 96 -48.70 -39.88 -6.43
CA PHE W 96 -48.43 -39.00 -7.55
C PHE W 96 -48.38 -37.53 -7.11
N LYS W 97 -49.36 -37.12 -6.30
CA LYS W 97 -49.41 -35.73 -5.86
C LYS W 97 -48.15 -35.35 -5.09
N GLU W 98 -47.71 -36.21 -4.18
CA GLU W 98 -46.59 -35.86 -3.30
C GLU W 98 -45.28 -35.91 -4.06
N ILE W 99 -45.10 -36.93 -4.91
CA ILE W 99 -43.89 -36.98 -5.72
C ILE W 99 -43.83 -35.77 -6.65
N PHE W 100 -44.98 -35.37 -7.20
CA PHE W 100 -44.99 -34.20 -8.07
C PHE W 100 -44.56 -32.95 -7.32
N GLU W 101 -45.05 -32.76 -6.10
CA GLU W 101 -44.66 -31.59 -5.30
C GLU W 101 -43.15 -31.57 -5.07
N LEU W 102 -42.56 -32.71 -4.74
CA LEU W 102 -41.14 -32.78 -4.42
C LEU W 102 -40.25 -32.54 -5.63
N CSS W 103 -40.58 -33.20 -6.73
CA CSS W 103 -39.75 -33.12 -7.90
CB CSS W 103 -40.03 -34.25 -8.83
SG CSS W 103 -39.30 -35.70 -8.13
SD CSS W 103 -37.41 -35.37 -7.54
C CSS W 103 -39.90 -31.80 -8.58
O CSS W 103 -38.99 -31.38 -9.32
N SER W 104 -41.01 -31.10 -8.33
CA SER W 104 -41.16 -29.75 -8.85
C SER W 104 -40.05 -28.88 -8.30
N GLY W 105 -39.66 -29.13 -7.05
CA GLY W 105 -38.50 -28.46 -6.49
C GLY W 105 -37.22 -28.88 -7.19
N CYS W 106 -37.11 -30.15 -7.56
CA CYS W 106 -35.87 -30.66 -8.15
C CYS W 106 -35.66 -30.12 -9.57
N LEU W 107 -36.76 -29.77 -10.26
CA LEU W 107 -36.65 -29.35 -11.66
C LEU W 107 -35.86 -28.05 -11.81
N GLY W 108 -35.76 -27.23 -10.76
CA GLY W 108 -34.95 -26.03 -10.83
C GLY W 108 -33.46 -26.28 -10.99
N MET W 109 -33.02 -27.53 -10.83
CA MET W 109 -31.62 -27.87 -11.05
C MET W 109 -31.46 -28.84 -12.21
N VAL W 110 -32.54 -29.21 -12.87
CA VAL W 110 -32.52 -30.23 -13.92
C VAL W 110 -32.18 -29.57 -15.25
N ILE W 111 -31.18 -30.13 -15.92
CA ILE W 111 -30.83 -29.68 -17.26
C ILE W 111 -31.30 -30.66 -18.33
N GLU W 112 -31.38 -31.96 -18.02
CA GLU W 112 -31.85 -32.97 -18.94
C GLU W 112 -32.50 -34.09 -18.12
N GLY W 113 -33.47 -34.77 -18.71
CA GLY W 113 -34.17 -35.83 -18.00
C GLY W 113 -35.41 -35.26 -17.33
N PRO W 114 -36.05 -36.04 -16.44
CA PRO W 114 -35.64 -37.41 -16.09
C PRO W 114 -36.08 -38.41 -17.13
N TRP W 115 -35.31 -39.50 -17.26
CA TRP W 115 -35.66 -40.64 -18.09
C TRP W 115 -35.43 -41.87 -17.23
N GLU W 116 -36.48 -42.71 -17.05
CA GLU W 116 -36.43 -43.80 -16.08
C GLU W 116 -36.72 -45.14 -16.78
N PRO W 117 -35.71 -45.76 -17.37
CA PRO W 117 -35.90 -47.10 -17.93
C PRO W 117 -35.89 -48.16 -16.85
N TYR W 118 -36.48 -49.29 -17.19
CA TYR W 118 -36.49 -50.49 -16.36
C TYR W 118 -35.41 -51.46 -16.82
N PHE W 119 -34.73 -52.09 -15.86
CA PHE W 119 -33.64 -53.00 -16.17
C PHE W 119 -33.84 -54.35 -15.50
N GLU W 120 -33.54 -55.40 -16.27
CA GLU W 120 -33.46 -56.77 -15.77
C GLU W 120 -32.02 -57.05 -15.35
N VAL W 121 -31.86 -57.64 -14.17
CA VAL W 121 -30.53 -58.06 -13.69
C VAL W 121 -30.24 -59.41 -14.34
N VAL W 122 -29.46 -59.40 -15.42
CA VAL W 122 -29.17 -60.64 -16.14
C VAL W 122 -28.29 -61.55 -15.29
N LYS W 123 -27.25 -60.99 -14.68
CA LYS W 123 -26.35 -61.75 -13.83
C LYS W 123 -25.64 -60.75 -12.93
N SER W 124 -25.19 -61.22 -11.76
CA SER W 124 -24.55 -60.29 -10.85
C SER W 124 -23.58 -61.04 -9.94
N ASP W 125 -22.58 -60.31 -9.44
CA ASP W 125 -21.72 -60.78 -8.35
C ASP W 125 -21.44 -59.55 -7.50
N LEU W 126 -22.44 -59.17 -6.71
CA LEU W 126 -22.42 -57.93 -5.93
C LEU W 126 -22.41 -58.26 -4.45
N PRO W 127 -21.42 -57.83 -3.69
CA PRO W 127 -21.45 -58.06 -2.24
C PRO W 127 -22.39 -57.10 -1.54
N GLN W 128 -22.78 -57.50 -0.33
CA GLN W 128 -23.49 -56.63 0.58
C GLN W 128 -22.61 -55.45 0.96
N ILE W 129 -23.21 -54.29 1.17
CA ILE W 129 -22.41 -53.15 1.61
C ILE W 129 -22.20 -53.25 3.11
N MET W 130 -21.09 -52.70 3.59
CA MET W 130 -20.71 -52.77 4.99
C MET W 130 -19.80 -51.59 5.28
N SER W 131 -19.33 -51.49 6.51
CA SER W 131 -18.35 -50.48 6.87
C SER W 131 -17.11 -51.18 7.41
N MET W 132 -16.04 -50.40 7.60
CA MET W 132 -14.81 -50.97 8.12
C MET W 132 -15.03 -51.68 9.44
N THR W 133 -15.73 -51.05 10.37
CA THR W 133 -15.91 -51.64 11.69
C THR W 133 -16.80 -52.88 11.65
N ASP W 134 -17.43 -53.17 10.51
CA ASP W 134 -18.15 -54.43 10.34
C ASP W 134 -17.25 -55.55 9.85
N VAL W 135 -16.08 -55.24 9.33
CA VAL W 135 -15.29 -56.20 8.57
C VAL W 135 -14.81 -57.38 9.43
N PRO W 136 -14.24 -57.16 10.62
CA PRO W 136 -13.84 -58.34 11.41
C PRO W 136 -14.98 -59.31 11.67
N GLN W 137 -16.18 -58.82 11.96
CA GLN W 137 -17.29 -59.74 12.23
C GLN W 137 -17.75 -60.44 10.95
N VAL W 138 -17.76 -59.74 9.82
CA VAL W 138 -18.08 -60.41 8.57
C VAL W 138 -17.08 -61.53 8.31
N LEU W 139 -15.80 -61.28 8.60
CA LEU W 139 -14.76 -62.30 8.49
C LEU W 139 -15.04 -63.47 9.43
N GLY W 140 -15.30 -63.18 10.71
CA GLY W 140 -15.57 -64.24 11.65
C GLY W 140 -16.78 -65.06 11.27
N ASP W 141 -17.85 -64.38 10.85
CA ASP W 141 -19.06 -65.08 10.44
C ASP W 141 -18.85 -65.90 9.18
N SER W 142 -18.02 -65.41 8.25
CA SER W 142 -17.74 -66.18 7.02
C SER W 142 -17.00 -67.47 7.34
N PHE W 143 -16.00 -67.41 8.22
CA PHE W 143 -15.28 -68.64 8.58
C PHE W 143 -16.21 -69.63 9.27
N ALA W 144 -17.03 -69.14 10.21
CA ALA W 144 -17.94 -70.03 10.92
C ALA W 144 -18.89 -70.75 9.97
N LYS W 145 -19.53 -70.00 9.07
CA LYS W 145 -20.53 -70.54 8.15
C LYS W 145 -19.93 -71.28 6.97
N GLN W 146 -18.61 -71.52 6.97
CA GLN W 146 -17.94 -72.20 5.85
C GLN W 146 -18.15 -71.46 4.54
N GLU W 147 -18.38 -70.16 4.58
CA GLU W 147 -18.65 -69.38 3.38
C GLU W 147 -17.45 -68.53 3.00
N ARG W 148 -17.42 -68.10 1.75
CA ARG W 148 -16.31 -67.30 1.27
C ARG W 148 -16.40 -65.88 1.80
N VAL W 149 -15.24 -65.32 2.16
CA VAL W 149 -15.20 -63.92 2.58
C VAL W 149 -15.42 -63.02 1.36
N PRO W 150 -16.33 -62.04 1.42
CA PRO W 150 -16.58 -61.20 0.25
C PRO W 150 -15.53 -60.12 0.03
N LYS W 151 -15.56 -59.55 -1.18
CA LYS W 151 -14.92 -58.26 -1.40
C LYS W 151 -15.61 -57.23 -0.53
N VAL W 152 -14.82 -56.27 -0.04
CA VAL W 152 -15.33 -55.25 0.88
C VAL W 152 -15.89 -54.08 0.06
N ALA W 153 -17.21 -53.89 0.12
CA ALA W 153 -17.92 -52.80 -0.53
C ALA W 153 -18.32 -51.79 0.54
N LEU W 154 -17.53 -50.73 0.71
CA LEU W 154 -17.79 -49.78 1.79
C LEU W 154 -18.97 -48.89 1.46
N SER W 155 -19.94 -48.85 2.37
CA SER W 155 -21.15 -48.05 2.23
C SER W 155 -20.82 -46.58 1.98
N SER W 156 -21.29 -46.05 0.86
CA SER W 156 -21.07 -44.65 0.44
C SER W 156 -19.59 -44.26 0.46
N GLN W 157 -18.69 -45.21 0.21
CA GLN W 157 -17.25 -44.93 0.25
C GLN W 157 -16.52 -45.84 -0.76
N ARG W 158 -16.97 -45.83 -2.01
CA ARG W 158 -16.34 -46.60 -3.06
C ARG W 158 -16.79 -46.00 -4.37
N THR W 159 -16.34 -46.60 -5.47
CA THR W 159 -16.59 -46.08 -6.81
C THR W 159 -17.53 -47.04 -7.57
N VAL W 160 -18.56 -46.47 -8.18
CA VAL W 160 -19.46 -47.20 -9.07
C VAL W 160 -19.25 -46.69 -10.48
N VAL W 161 -19.03 -47.62 -11.40
CA VAL W 161 -18.84 -47.33 -12.81
C VAL W 161 -19.97 -48.00 -13.59
N ILE W 162 -20.52 -47.29 -14.56
CA ILE W 162 -21.59 -47.82 -15.40
C ILE W 162 -21.13 -47.77 -16.85
N GLY W 163 -21.10 -48.94 -17.50
CA GLY W 163 -20.73 -49.05 -18.88
C GLY W 163 -21.95 -49.16 -19.79
N ASP W 164 -22.08 -48.17 -20.67
CA ASP W 164 -23.22 -48.10 -21.58
C ASP W 164 -22.88 -48.85 -22.86
N HIS W 165 -23.68 -49.88 -23.18
CA HIS W 165 -23.50 -50.70 -24.38
C HIS W 165 -24.82 -50.80 -25.14
N TRP W 166 -24.78 -50.53 -26.45
CA TRP W 166 -25.88 -50.87 -27.35
C TRP W 166 -25.48 -52.10 -28.15
N VAL W 167 -26.28 -53.16 -28.07
CA VAL W 167 -25.91 -54.46 -28.63
C VAL W 167 -26.62 -54.67 -29.96
N MET W 168 -25.88 -55.22 -30.93
CA MET W 168 -26.43 -55.52 -32.24
C MET W 168 -27.60 -56.48 -32.12
N ASP W 169 -28.64 -56.23 -32.92
CA ASP W 169 -29.82 -57.09 -32.98
C ASP W 169 -29.42 -58.55 -33.18
N GLY W 170 -29.90 -59.41 -32.27
CA GLY W 170 -29.60 -60.82 -32.31
C GLY W 170 -28.34 -61.24 -31.58
N HIS W 171 -27.54 -60.29 -31.11
CA HIS W 171 -26.31 -60.60 -30.39
C HIS W 171 -26.50 -60.52 -28.88
N GLU W 172 -27.74 -60.36 -28.40
CA GLU W 172 -27.96 -60.11 -26.98
C GLU W 172 -27.38 -61.23 -26.13
N LYS W 173 -27.68 -62.48 -26.49
CA LYS W 173 -27.22 -63.62 -25.71
C LYS W 173 -25.70 -63.75 -25.74
N ALA W 174 -25.09 -63.53 -26.92
CA ALA W 174 -23.64 -63.55 -27.00
C ALA W 174 -23.01 -62.48 -26.13
N PHE W 175 -23.57 -61.28 -26.13
CA PHE W 175 -23.06 -60.21 -25.29
C PHE W 175 -23.14 -60.60 -23.82
N GLU W 176 -24.27 -61.17 -23.40
CA GLU W 176 -24.43 -61.52 -22.00
C GLU W 176 -23.36 -62.50 -21.54
N GLN W 177 -23.09 -63.52 -22.35
CA GLN W 177 -22.08 -64.50 -21.98
C GLN W 177 -20.68 -63.91 -22.00
N GLY W 178 -20.38 -63.09 -23.01
CA GLY W 178 -19.07 -62.47 -23.10
C GLY W 178 -18.83 -61.44 -22.00
N ALA W 179 -19.84 -60.62 -21.72
CA ALA W 179 -19.73 -59.66 -20.61
C ALA W 179 -19.56 -60.39 -19.30
N THR W 180 -20.30 -61.50 -19.10
CA THR W 180 -20.16 -62.30 -17.90
C THR W 180 -18.74 -62.82 -17.76
N GLU W 181 -18.19 -63.40 -18.82
CA GLU W 181 -16.85 -63.97 -18.74
C GLU W 181 -15.81 -62.90 -18.45
N THR W 182 -15.94 -61.74 -19.08
CA THR W 182 -15.03 -60.62 -18.82
C THR W 182 -15.05 -60.24 -17.34
N LEU W 183 -16.26 -60.07 -16.79
CA LEU W 183 -16.39 -59.56 -15.43
C LEU W 183 -15.92 -60.59 -14.40
N GLU W 184 -16.19 -61.87 -14.66
CA GLU W 184 -15.72 -62.92 -13.77
C GLU W 184 -14.19 -62.97 -13.75
N TRP W 185 -13.57 -62.83 -14.92
CA TRP W 185 -12.11 -62.74 -14.98
C TRP W 185 -11.60 -61.55 -14.17
N MET W 186 -12.23 -60.37 -14.35
CA MET W 186 -11.76 -59.17 -13.66
C MET W 186 -11.88 -59.31 -12.15
N LYS W 187 -12.99 -59.90 -11.67
CA LYS W 187 -13.16 -60.05 -10.23
C LYS W 187 -12.13 -61.02 -9.66
N ALA W 188 -11.74 -62.02 -10.45
CA ALA W 188 -10.77 -62.99 -9.99
C ALA W 188 -9.35 -62.43 -10.00
N ASN W 189 -9.07 -61.45 -10.85
CA ASN W 189 -7.69 -61.15 -11.18
C ASN W 189 -7.25 -59.70 -11.05
N VAL W 190 -8.15 -58.75 -10.89
CA VAL W 190 -7.81 -57.32 -10.94
C VAL W 190 -7.97 -56.72 -9.55
N PRO W 191 -6.96 -56.04 -9.00
CA PRO W 191 -7.09 -55.52 -7.63
C PRO W 191 -8.21 -54.50 -7.53
N GLY W 192 -8.92 -54.54 -6.39
CA GLY W 192 -9.93 -53.53 -6.11
C GLY W 192 -11.25 -53.73 -6.80
N MET W 193 -11.45 -54.87 -7.46
CA MET W 193 -12.71 -55.17 -8.11
C MET W 193 -13.71 -55.62 -7.04
N VAL W 194 -14.73 -54.81 -6.81
CA VAL W 194 -15.63 -55.06 -5.69
C VAL W 194 -16.83 -55.91 -6.11
N GLY W 195 -17.40 -55.66 -7.28
CA GLY W 195 -18.52 -56.44 -7.74
C GLY W 195 -19.04 -55.92 -9.06
N TRP W 196 -20.03 -56.61 -9.61
CA TRP W 196 -20.55 -56.24 -10.91
C TRP W 196 -21.97 -56.75 -11.04
N MET W 197 -22.65 -56.20 -12.04
CA MET W 197 -24.04 -56.51 -12.34
C MET W 197 -24.27 -56.15 -13.80
N ILE W 198 -24.90 -57.04 -14.56
CA ILE W 198 -25.24 -56.75 -15.94
C ILE W 198 -26.73 -56.47 -16.01
N MET W 199 -27.09 -55.29 -16.50
CA MET W 199 -28.48 -54.84 -16.53
C MET W 199 -28.94 -54.67 -17.97
N LYS W 200 -30.12 -55.17 -18.27
CA LYS W 200 -30.68 -55.14 -19.61
C LYS W 200 -31.93 -54.26 -19.59
N GLN W 201 -31.96 -53.21 -20.39
CA GLN W 201 -33.15 -52.38 -20.46
C GLN W 201 -34.27 -53.11 -21.21
N PHE W 202 -35.45 -53.20 -20.59
CA PHE W 202 -36.59 -53.82 -21.26
C PHE W 202 -37.82 -52.92 -21.31
N GLY W 203 -37.74 -51.68 -20.82
CA GLY W 203 -38.86 -50.77 -20.88
C GLY W 203 -38.56 -49.48 -20.14
N VAL W 204 -39.52 -48.56 -20.21
CA VAL W 204 -39.40 -47.24 -19.59
C VAL W 204 -40.70 -46.91 -18.88
N SER W 205 -40.58 -46.27 -17.71
CA SER W 205 -41.77 -45.77 -17.02
C SER W 205 -42.12 -44.39 -17.57
N ALA W 206 -43.35 -44.23 -18.05
CA ALA W 206 -43.76 -42.92 -18.53
C ALA W 206 -43.91 -41.94 -17.37
N ILE W 207 -44.61 -42.34 -16.30
CA ILE W 207 -44.78 -41.46 -15.15
C ILE W 207 -43.42 -41.11 -14.55
N GLY W 208 -42.55 -42.11 -14.40
CA GLY W 208 -41.21 -41.84 -13.87
C GLY W 208 -40.37 -40.95 -14.76
N SER W 209 -40.68 -40.90 -16.06
CA SER W 209 -39.98 -40.04 -16.99
C SER W 209 -40.67 -38.69 -17.18
N PHE W 210 -41.69 -38.40 -16.37
CA PHE W 210 -42.44 -37.15 -16.46
C PHE W 210 -43.02 -36.95 -17.86
N GLN W 211 -43.28 -38.05 -18.56
CA GLN W 211 -43.89 -38.01 -19.90
C GLN W 211 -45.39 -38.20 -19.71
N LEU W 212 -46.10 -37.08 -19.59
CA LEU W 212 -47.53 -37.10 -19.37
C LEU W 212 -48.30 -36.98 -20.68
N ASP W 213 -49.63 -37.13 -20.58
CA ASP W 213 -50.50 -36.79 -21.68
C ASP W 213 -50.37 -35.29 -21.95
N PRO W 214 -50.80 -34.82 -23.14
CA PRO W 214 -50.59 -33.40 -23.46
C PRO W 214 -51.22 -32.44 -22.46
N GLU W 215 -52.44 -32.73 -21.99
CA GLU W 215 -53.10 -31.83 -21.05
C GLU W 215 -52.36 -31.82 -19.71
N GLY W 216 -51.87 -32.98 -19.26
CA GLY W 216 -51.05 -33.02 -18.06
C GLY W 216 -49.74 -32.26 -18.20
N ALA W 217 -49.13 -32.32 -19.38
CA ALA W 217 -47.90 -31.59 -19.62
C ALA W 217 -48.12 -30.08 -19.46
N MET W 218 -49.25 -29.57 -19.93
CA MET W 218 -49.58 -28.17 -19.73
C MET W 218 -49.72 -27.86 -18.24
N LYS W 219 -50.49 -28.67 -17.52
CA LYS W 219 -50.71 -28.41 -16.10
C LYS W 219 -49.44 -28.55 -15.30
N ALA W 220 -48.51 -29.41 -15.73
CA ALA W 220 -47.27 -29.58 -14.96
C ALA W 220 -46.48 -28.27 -14.84
N VAL W 221 -46.51 -27.42 -15.85
CA VAL W 221 -45.78 -26.15 -15.78
C VAL W 221 -46.70 -24.98 -15.45
N SER W 222 -47.98 -25.25 -15.18
CA SER W 222 -48.90 -24.22 -14.70
C SER W 222 -48.96 -24.18 -13.16
N THR W 223 -47.98 -24.77 -12.49
CA THR W 223 -47.99 -24.86 -11.04
C THR W 223 -46.54 -24.86 -10.54
N LEU W 224 -46.39 -24.51 -9.26
CA LEU W 224 -45.10 -24.64 -8.60
C LEU W 224 -45.00 -25.93 -7.80
N GLY W 225 -46.03 -26.76 -7.84
CA GLY W 225 -45.97 -28.05 -7.21
C GLY W 225 -47.20 -28.38 -6.41
N ALA W 226 -47.99 -27.36 -6.05
CA ALA W 226 -49.14 -27.60 -5.20
C ALA W 226 -50.38 -28.04 -5.96
N ASN W 227 -50.42 -27.87 -7.29
CA ASN W 227 -51.59 -28.20 -8.11
C ASN W 227 -51.17 -29.15 -9.22
N PRO W 228 -50.99 -30.42 -8.89
CA PRO W 228 -50.44 -31.37 -9.86
C PRO W 228 -51.44 -31.68 -10.97
N PRO W 229 -50.97 -32.15 -12.12
CA PRO W 229 -51.88 -32.64 -13.15
C PRO W 229 -52.53 -33.93 -12.69
N GLU W 230 -53.58 -34.33 -13.40
CA GLU W 230 -54.17 -35.65 -13.19
C GLU W 230 -53.18 -36.70 -13.63
N TYR W 231 -53.15 -37.83 -12.93
CA TYR W 231 -52.33 -38.97 -13.33
C TYR W 231 -52.80 -39.49 -14.69
N ASN W 232 -51.98 -39.32 -15.73
CA ASN W 232 -52.33 -39.69 -17.09
C ASN W 232 -51.08 -39.60 -17.95
N THR W 233 -51.04 -40.43 -18.99
CA THR W 233 -49.93 -40.51 -19.94
C THR W 233 -50.50 -40.73 -21.34
N ASN W 234 -49.61 -40.79 -22.33
CA ASN W 234 -50.06 -41.20 -23.65
C ASN W 234 -50.47 -42.67 -23.71
N TYR W 235 -50.27 -43.43 -22.63
CA TYR W 235 -50.74 -44.81 -22.54
C TYR W 235 -51.91 -44.95 -21.56
N GLY W 236 -52.63 -43.87 -21.31
CA GLY W 236 -53.78 -43.92 -20.42
C GLY W 236 -53.39 -43.71 -18.97
N ASN W 237 -54.38 -43.93 -18.10
CA ASN W 237 -54.25 -43.59 -16.68
C ASN W 237 -54.30 -44.80 -15.77
N LYS W 238 -54.12 -46.01 -16.31
CA LYS W 238 -54.12 -47.22 -15.50
C LYS W 238 -52.70 -47.48 -14.99
N VAL W 239 -52.63 -48.25 -13.92
CA VAL W 239 -51.36 -48.69 -13.36
C VAL W 239 -50.91 -49.92 -14.13
N HIS W 240 -49.76 -49.83 -14.80
CA HIS W 240 -49.32 -50.89 -15.69
C HIS W 240 -48.58 -51.99 -14.95
N ASP W 241 -48.76 -53.23 -15.45
CA ASP W 241 -47.99 -54.40 -15.03
C ASP W 241 -46.67 -54.54 -15.78
N LYS W 242 -46.62 -54.04 -17.00
CA LYS W 242 -45.45 -54.03 -17.86
C LYS W 242 -45.09 -52.58 -18.17
N PRO W 243 -43.82 -52.29 -18.47
CA PRO W 243 -43.45 -50.91 -18.80
C PRO W 243 -44.33 -50.37 -19.91
N PRO W 244 -44.90 -49.17 -19.74
CA PRO W 244 -45.75 -48.63 -20.82
C PRO W 244 -44.96 -48.32 -22.07
N ILE W 245 -43.74 -47.81 -21.91
CA ILE W 245 -42.87 -47.47 -23.04
C ILE W 245 -41.97 -48.66 -23.33
N PRO W 246 -41.90 -49.13 -24.57
CA PRO W 246 -41.02 -50.28 -24.87
C PRO W 246 -39.57 -49.91 -24.61
N GLY W 247 -38.75 -50.92 -24.33
CA GLY W 247 -37.32 -50.71 -24.28
C GLY W 247 -36.80 -50.23 -25.63
N GLN W 248 -35.72 -49.45 -25.59
CA GLN W 248 -35.16 -48.96 -26.86
C GLN W 248 -34.49 -50.09 -27.62
N THR W 249 -34.41 -49.93 -28.94
CA THR W 249 -33.55 -50.74 -29.78
C THR W 249 -32.59 -49.82 -30.54
N PRO W 250 -31.34 -50.25 -30.78
CA PRO W 250 -30.70 -51.51 -30.32
C PRO W 250 -30.69 -51.65 -28.79
N THR W 251 -30.74 -52.90 -28.31
CA THR W 251 -30.84 -53.16 -26.89
C THR W 251 -29.71 -52.50 -26.11
N GLN W 252 -30.07 -51.80 -25.04
CA GLN W 252 -29.09 -51.22 -24.12
C GLN W 252 -28.82 -52.16 -22.95
N TYR W 253 -27.54 -52.40 -22.69
CA TYR W 253 -27.08 -53.03 -21.47
C TYR W 253 -26.21 -52.05 -20.70
N LEU W 254 -26.45 -51.92 -19.40
CA LEU W 254 -25.58 -51.15 -18.53
C LEU W 254 -24.76 -52.14 -17.70
N VAL W 255 -23.45 -52.04 -17.79
CA VAL W 255 -22.54 -52.87 -17.02
C VAL W 255 -22.11 -52.06 -15.82
N HIS W 256 -22.56 -52.50 -14.65
CA HIS W 256 -22.34 -51.83 -13.38
C HIS W 256 -21.16 -52.50 -12.69
N ILE W 257 -20.09 -51.75 -12.46
CA ILE W 257 -18.90 -52.32 -11.82
C ILE W 257 -18.52 -51.45 -10.64
N GLU W 258 -18.29 -52.09 -9.50
CA GLU W 258 -17.91 -51.39 -8.29
C GLU W 258 -16.42 -51.61 -8.03
N TRP W 259 -15.76 -50.56 -7.56
CA TRP W 259 -14.32 -50.56 -7.36
C TRP W 259 -14.02 -49.89 -6.03
N GLU W 260 -12.83 -50.18 -5.50
CA GLU W 260 -12.40 -49.57 -4.26
C GLU W 260 -12.33 -48.06 -4.38
N SER W 261 -11.85 -47.56 -5.52
CA SER W 261 -11.56 -46.13 -5.67
C SER W 261 -11.56 -45.82 -7.16
N PRO W 262 -11.61 -44.53 -7.52
CA PRO W 262 -11.55 -44.19 -8.94
C PRO W 262 -10.27 -44.69 -9.61
N GLU W 263 -9.14 -44.69 -8.89
CA GLU W 263 -7.89 -45.17 -9.47
C GLU W 263 -7.95 -46.66 -9.77
N HIS W 264 -8.48 -47.46 -8.84
CA HIS W 264 -8.62 -48.89 -9.12
C HIS W 264 -9.57 -49.09 -10.29
N ALA W 265 -10.61 -48.27 -10.38
CA ALA W 265 -11.53 -48.38 -11.51
C ALA W 265 -10.83 -48.05 -12.82
N HIS W 266 -10.03 -46.99 -12.84
CA HIS W 266 -9.37 -46.58 -14.08
C HIS W 266 -8.39 -47.65 -14.56
N GLN W 267 -7.46 -48.04 -13.70
CA GLN W 267 -6.49 -49.06 -14.07
C GLN W 267 -7.17 -50.40 -14.29
N GLY W 268 -8.18 -50.72 -13.49
CA GLY W 268 -8.84 -52.02 -13.60
C GLY W 268 -9.57 -52.19 -14.92
N LEU W 269 -10.37 -51.19 -15.30
CA LEU W 269 -11.04 -51.25 -16.59
C LEU W 269 -10.03 -51.33 -17.73
N GLY W 270 -8.85 -50.71 -17.57
CA GLY W 270 -7.84 -50.73 -18.61
C GLY W 270 -7.32 -52.12 -18.91
N HIS W 271 -7.55 -53.09 -18.03
CA HIS W 271 -7.06 -54.44 -18.25
C HIS W 271 -7.67 -55.08 -19.50
N VAL W 272 -8.85 -54.65 -19.94
CA VAL W 272 -9.39 -55.20 -21.18
C VAL W 272 -8.56 -54.84 -22.39
N MET W 273 -7.60 -53.91 -22.25
CA MET W 273 -6.68 -53.56 -23.33
C MET W 273 -5.24 -53.98 -23.09
N VAL W 274 -4.79 -54.04 -21.83
CA VAL W 274 -3.38 -54.27 -21.52
C VAL W 274 -3.12 -55.65 -20.94
N ASP W 275 -4.13 -56.51 -20.84
CA ASP W 275 -3.93 -57.92 -20.53
C ASP W 275 -4.34 -58.72 -21.74
N TYR W 276 -3.39 -59.47 -22.32
CA TYR W 276 -3.65 -60.16 -23.58
C TYR W 276 -4.84 -61.11 -23.46
N GLU W 277 -4.88 -61.89 -22.38
CA GLU W 277 -5.93 -62.90 -22.25
C GLU W 277 -7.31 -62.25 -22.12
N LEU W 278 -7.45 -61.30 -21.21
CA LEU W 278 -8.74 -60.60 -21.06
C LEU W 278 -9.11 -59.85 -22.33
N ARG W 279 -8.12 -59.28 -23.01
CA ARG W 279 -8.37 -58.57 -24.25
C ARG W 279 -9.05 -59.48 -25.27
N GLN W 280 -8.60 -60.74 -25.37
CA GLN W 280 -9.25 -61.67 -26.28
C GLN W 280 -10.67 -61.96 -25.84
N ILE W 281 -10.88 -62.16 -24.53
CA ILE W 281 -12.22 -62.41 -24.01
C ILE W 281 -13.15 -61.24 -24.31
N HIS W 282 -12.67 -60.01 -24.05
CA HIS W 282 -13.50 -58.83 -24.19
C HIS W 282 -13.73 -58.46 -25.66
N ASN W 283 -12.69 -58.54 -26.49
CA ASN W 283 -12.83 -58.22 -27.91
C ASN W 283 -13.91 -59.09 -28.57
N ASN W 284 -13.81 -60.41 -28.38
CA ASN W 284 -14.73 -61.33 -29.04
C ASN W 284 -16.06 -61.46 -28.31
N GLY W 285 -16.06 -61.31 -26.98
CA GLY W 285 -17.28 -61.55 -26.22
C GLY W 285 -18.12 -60.32 -26.02
N VAL W 286 -17.52 -59.13 -26.17
CA VAL W 286 -18.23 -57.87 -25.92
C VAL W 286 -18.15 -56.95 -27.14
N LEU W 287 -16.94 -56.54 -27.52
CA LEU W 287 -16.79 -55.50 -28.55
C LEU W 287 -17.39 -55.94 -29.89
N ALA W 288 -17.26 -57.24 -30.21
CA ALA W 288 -17.73 -57.74 -31.50
C ALA W 288 -19.24 -57.65 -31.67
N HIS W 289 -19.99 -57.38 -30.61
CA HIS W 289 -21.44 -57.44 -30.61
C HIS W 289 -22.10 -56.07 -30.42
N LEU W 290 -21.33 -54.99 -30.52
CA LEU W 290 -21.81 -53.66 -30.17
C LEU W 290 -22.19 -52.85 -31.40
N ASP W 291 -23.32 -52.15 -31.31
CA ASP W 291 -23.58 -51.01 -32.17
C ASP W 291 -22.98 -49.73 -31.63
N LYS W 292 -22.93 -49.58 -30.31
CA LYS W 292 -22.44 -48.35 -29.69
C LYS W 292 -21.73 -48.71 -28.39
N GLY W 293 -20.68 -47.97 -28.10
CA GLY W 293 -19.96 -48.15 -26.86
C GLY W 293 -18.72 -49.00 -27.02
N PRO W 294 -18.12 -49.38 -25.88
CA PRO W 294 -18.60 -49.03 -24.53
C PRO W 294 -18.28 -47.60 -24.09
N TYR W 295 -19.11 -47.02 -23.23
CA TYR W 295 -18.86 -45.71 -22.65
C TYR W 295 -19.04 -45.83 -21.16
N TYR W 296 -18.00 -45.47 -20.39
CA TYR W 296 -17.97 -45.70 -18.95
C TYR W 296 -18.03 -44.38 -18.19
N MET W 297 -19.10 -44.20 -17.41
CA MET W 297 -19.24 -43.07 -16.50
C MET W 297 -18.89 -43.48 -15.08
N PHE W 298 -18.18 -42.61 -14.38
CA PHE W 298 -17.78 -42.83 -13.00
C PHE W 298 -18.76 -42.15 -12.06
N PHE W 299 -19.15 -42.86 -11.01
CA PHE W 299 -20.11 -42.34 -10.05
C PHE W 299 -19.63 -42.53 -8.63
N SER W 300 -20.09 -41.66 -7.76
CA SER W 300 -19.95 -41.88 -6.34
C SER W 300 -21.31 -42.20 -5.73
N PRO W 301 -21.43 -43.28 -4.95
CA PRO W 301 -22.71 -43.52 -4.26
C PRO W 301 -22.87 -42.58 -3.09
N MET W 302 -23.82 -41.66 -3.19
CA MET W 302 -24.06 -40.68 -2.13
C MET W 302 -24.81 -41.32 -0.97
N MET W 303 -26.01 -41.82 -1.23
CA MET W 303 -26.82 -42.55 -0.26
C MET W 303 -27.14 -43.92 -0.83
N GLU W 304 -27.20 -44.92 0.04
CA GLU W 304 -27.53 -46.27 -0.36
C GLU W 304 -28.44 -46.90 0.69
N GLN W 305 -29.44 -47.63 0.21
CA GLN W 305 -30.18 -48.58 1.04
C GLN W 305 -29.98 -49.93 0.36
N GLY W 306 -29.03 -50.72 0.87
CA GLY W 306 -28.51 -51.85 0.12
C GLY W 306 -29.06 -53.23 0.46
N LEU W 307 -30.18 -53.31 1.19
CA LEU W 307 -30.69 -54.63 1.54
C LEU W 307 -31.17 -55.42 0.32
N TRP W 308 -31.49 -54.74 -0.79
CA TRP W 308 -31.87 -55.44 -2.02
C TRP W 308 -30.75 -56.37 -2.49
N ARG W 309 -29.50 -56.03 -2.20
CA ARG W 309 -28.41 -56.89 -2.61
C ARG W 309 -28.48 -58.23 -1.90
N LYS W 310 -29.04 -58.27 -0.68
CA LYS W 310 -29.01 -59.49 0.13
C LYS W 310 -29.78 -60.63 -0.50
N HIS W 311 -30.75 -60.34 -1.36
CA HIS W 311 -31.49 -61.38 -2.06
C HIS W 311 -31.34 -61.18 -3.56
N LEU W 312 -30.16 -61.54 -4.07
CA LEU W 312 -29.93 -61.65 -5.50
C LEU W 312 -29.60 -63.10 -5.86
N LYS W 313 -28.67 -63.29 -6.80
CA LYS W 313 -28.25 -64.62 -7.27
C LYS W 313 -29.42 -65.49 -7.66
N GLU X 4 60.97 -13.42 38.98
CA GLU X 4 60.45 -14.12 37.79
C GLU X 4 60.05 -13.14 36.68
N ASN X 5 60.77 -13.15 35.56
CA ASN X 5 60.36 -12.43 34.36
CA ASN X 5 60.32 -12.44 34.37
C ASN X 5 60.06 -13.44 33.26
N PRO X 6 58.81 -13.72 32.97
CA PRO X 6 58.46 -14.74 31.99
C PRO X 6 58.69 -14.27 30.55
N ILE X 7 58.56 -15.22 29.66
CA ILE X 7 58.65 -15.00 28.23
C ILE X 7 57.23 -14.92 27.70
N ILE X 8 56.99 -14.03 26.75
CA ILE X 8 55.67 -13.90 26.15
C ILE X 8 55.77 -14.22 24.68
N ALA X 9 55.05 -15.24 24.24
CA ALA X 9 54.85 -15.48 22.82
C ALA X 9 53.54 -14.81 22.40
N ILE X 10 53.62 -13.98 21.37
CA ILE X 10 52.44 -13.29 20.87
C ILE X 10 52.12 -13.86 19.50
N ASN X 11 51.06 -14.64 19.44
CA ASN X 11 50.58 -15.17 18.17
C ASN X 11 49.80 -14.08 17.47
N MET X 12 50.31 -13.57 16.34
CA MET X 12 49.70 -12.46 15.64
C MET X 12 49.02 -12.95 14.39
N ALA X 13 47.73 -12.66 14.26
CA ALA X 13 46.98 -13.05 13.08
C ALA X 13 46.02 -11.92 12.73
N LYS X 14 45.57 -11.94 11.48
CA LYS X 14 44.51 -11.05 11.02
C LYS X 14 43.37 -11.92 10.51
N ILE X 15 42.17 -11.69 11.03
CA ILE X 15 41.05 -12.56 10.76
C ILE X 15 39.91 -11.77 10.15
N ALA X 16 39.05 -12.51 9.46
CA ALA X 16 37.89 -11.90 8.82
C ALA X 16 36.95 -11.38 9.89
N ASN X 17 36.44 -10.17 9.69
CA ASN X 17 35.52 -9.54 10.63
C ASN X 17 34.10 -9.88 10.15
N LYS X 18 33.62 -11.04 10.57
CA LYS X 18 32.31 -11.51 10.17
C LYS X 18 31.81 -12.48 11.24
N PRO X 19 30.49 -12.70 11.33
CA PRO X 19 29.95 -13.51 12.45
C PRO X 19 30.58 -14.90 12.62
N ASP X 20 30.91 -15.60 11.53
CA ASP X 20 31.51 -16.93 11.66
C ASP X 20 32.82 -16.90 12.44
N SER X 21 33.60 -15.83 12.30
CA SER X 21 34.89 -15.76 12.98
C SER X 21 34.73 -15.65 14.50
N TYR X 22 33.74 -14.87 14.97
CA TYR X 22 33.49 -14.85 16.41
C TYR X 22 33.03 -16.22 16.90
N GLU X 23 32.26 -16.95 16.07
CA GLU X 23 31.81 -18.29 16.43
C GLU X 23 32.98 -19.27 16.57
N THR X 24 33.89 -19.32 15.58
CA THR X 24 34.97 -20.29 15.72
C THR X 24 35.91 -19.89 16.86
N MET X 25 35.99 -18.60 17.19
CA MET X 25 36.79 -18.17 18.33
C MET X 25 36.22 -18.67 19.65
N MET X 26 34.90 -18.84 19.71
CA MET X 26 34.21 -19.31 20.91
C MET X 26 34.22 -20.83 21.04
N LYS X 27 34.34 -21.57 19.93
CA LYS X 27 34.34 -23.03 19.99
C LYS X 27 35.75 -23.62 20.06
N VAL X 28 36.68 -23.05 19.30
CA VAL X 28 38.01 -23.61 19.17
C VAL X 28 39.01 -22.91 20.08
N GLY X 29 38.85 -21.59 20.25
CA GLY X 29 39.73 -20.80 21.09
C GLY X 29 40.00 -21.42 22.46
N PRO X 30 38.93 -21.69 23.21
CA PRO X 30 39.14 -22.36 24.52
C PRO X 30 39.87 -23.68 24.41
N LYS X 31 39.62 -24.46 23.36
CA LYS X 31 40.22 -25.78 23.24
C LYS X 31 41.74 -25.69 23.11
N VAL X 32 42.22 -24.66 22.40
CA VAL X 32 43.65 -24.40 22.26
C VAL X 32 44.29 -24.06 23.62
N CSS X 33 43.63 -23.20 24.39
CA CSS X 33 44.12 -22.80 25.68
CB CSS X 33 43.26 -21.69 26.24
SG CSS X 33 43.46 -20.24 25.23
SD CSS X 33 45.44 -19.98 24.92
C CSS X 33 44.17 -23.99 26.61
O CSS X 33 45.10 -24.13 27.44
N ILE X 34 43.19 -24.87 26.50
CA ILE X 34 43.17 -26.08 27.33
C ILE X 34 44.37 -26.99 26.97
N THR X 35 44.65 -27.11 25.68
CA THR X 35 45.85 -27.84 25.25
C THR X 35 47.11 -27.20 25.81
N THR X 36 47.19 -25.88 25.70
CA THR X 36 48.36 -25.13 26.17
C THR X 36 48.57 -25.33 27.68
N ALA X 37 47.50 -25.35 28.46
CA ALA X 37 47.60 -25.45 29.91
C ALA X 37 47.95 -26.85 30.40
N SER X 38 48.21 -27.79 29.48
CA SER X 38 48.73 -29.09 29.88
C SER X 38 50.21 -29.03 30.27
N HIS X 39 50.90 -27.92 29.99
CA HIS X 39 52.35 -27.85 30.21
C HIS X 39 52.67 -27.09 31.47
N PRO X 40 53.55 -27.63 32.32
CA PRO X 40 53.82 -27.01 33.62
C PRO X 40 54.52 -25.67 33.50
N GLY X 41 55.11 -25.35 32.36
CA GLY X 41 55.70 -24.04 32.15
C GLY X 41 54.71 -22.95 31.71
N PHE X 42 53.44 -23.26 31.54
CA PHE X 42 52.47 -22.28 31.04
C PHE X 42 51.96 -21.40 32.19
N LEU X 43 52.05 -20.08 32.00
CA LEU X 43 51.72 -19.18 33.09
C LEU X 43 50.43 -18.39 32.91
N GLY X 44 49.89 -18.29 31.70
CA GLY X 44 48.67 -17.55 31.49
C GLY X 44 48.56 -17.06 30.06
N PHE X 45 47.47 -16.35 29.78
CA PHE X 45 47.25 -15.90 28.41
C PHE X 45 46.39 -14.63 28.37
N GLU X 46 46.44 -13.95 27.23
CA GLU X 46 45.62 -12.80 26.94
C GLU X 46 45.13 -12.97 25.52
N GLN X 47 43.82 -13.03 25.30
CA GLN X 47 43.28 -13.04 23.94
C GLN X 47 42.80 -11.62 23.61
N LEU X 48 43.51 -10.95 22.70
CA LEU X 48 43.25 -9.55 22.36
C LEU X 48 42.67 -9.44 20.96
N LEU X 49 41.52 -8.79 20.86
CA LEU X 49 40.85 -8.56 19.58
C LEU X 49 40.92 -7.07 19.24
N GLN X 50 41.42 -6.75 18.05
CA GLN X 50 41.60 -5.37 17.68
C GLN X 50 40.25 -4.67 17.50
N THR X 51 40.11 -3.48 18.08
CA THR X 51 38.93 -2.66 17.92
C THR X 51 39.20 -1.39 17.14
N GLY X 52 40.46 -1.01 16.94
CA GLY X 52 40.76 0.20 16.20
C GLY X 52 42.22 0.56 16.28
N ILE X 53 42.52 1.84 16.04
CA ILE X 53 43.88 2.37 16.11
C ILE X 53 43.83 3.75 16.73
N HIS X 54 45.01 4.27 17.07
CA HIS X 54 45.11 5.68 17.43
C HIS X 54 45.39 6.51 16.18
N PRO X 55 44.50 7.41 15.76
CA PRO X 55 44.77 8.23 14.57
C PRO X 55 45.92 9.23 14.73
N MET X 56 46.34 9.52 15.96
CA MET X 56 47.50 10.38 16.21
C MET X 56 47.40 11.71 15.45
N ALA X 57 46.29 12.40 15.72
CA ALA X 57 46.06 13.76 15.25
C ALA X 57 46.14 13.85 13.72
N GLY X 58 45.67 12.82 13.04
CA GLY X 58 45.60 12.82 11.60
C GLY X 58 46.74 12.11 10.91
N ARG X 59 47.79 11.73 11.64
CA ARG X 59 48.86 10.94 11.04
C ARG X 59 48.30 9.65 10.44
N TYR X 60 47.28 9.07 11.05
CA TYR X 60 46.56 7.95 10.44
C TYR X 60 45.09 8.29 10.34
N GLY X 61 44.77 9.34 9.56
CA GLY X 61 43.41 9.88 9.53
C GLY X 61 42.37 8.96 8.91
N GLY X 62 42.80 7.94 8.18
CA GLY X 62 41.81 7.02 7.66
C GLY X 62 41.27 6.04 8.68
N GLY X 63 41.91 5.90 9.84
CA GLY X 63 41.45 5.01 10.87
C GLY X 63 40.69 5.75 11.96
N ALA X 64 40.36 5.02 13.03
CA ALA X 64 39.60 5.60 14.13
C ALA X 64 39.83 4.75 15.37
N VAL X 65 39.59 5.37 16.53
CA VAL X 65 39.62 4.61 17.78
C VAL X 65 38.69 3.40 17.68
N ASP X 66 37.47 3.60 17.17
CA ASP X 66 36.50 2.52 17.07
C ASP X 66 36.29 2.17 15.60
N MET X 67 36.90 1.08 15.16
CA MET X 67 36.69 0.56 13.81
C MET X 67 36.02 -0.80 13.82
N ARG X 68 35.32 -1.15 14.92
CA ARG X 68 34.85 -2.52 15.10
C ARG X 68 33.93 -2.96 13.97
N GLU X 69 33.24 -2.01 13.34
CA GLU X 69 32.28 -2.32 12.31
C GLU X 69 32.92 -2.43 10.93
N THR X 70 34.08 -1.83 10.72
CA THR X 70 34.64 -1.65 9.40
C THR X 70 35.98 -2.36 9.19
N LEU X 71 36.69 -2.68 10.26
CA LEU X 71 38.00 -3.27 10.12
C LEU X 71 37.87 -4.68 9.55
N ASN X 72 38.50 -4.94 8.43
CA ASN X 72 38.54 -6.29 7.87
C ASN X 72 39.73 -6.45 6.93
N PRO X 73 40.75 -7.25 7.28
CA PRO X 73 40.79 -8.07 8.48
C PRO X 73 40.99 -7.29 9.78
N MET X 74 40.72 -7.94 10.90
CA MET X 74 40.99 -7.35 12.20
C MET X 74 42.09 -8.16 12.89
N GLY X 75 42.96 -7.46 13.61
CA GLY X 75 44.03 -8.13 14.32
C GLY X 75 43.50 -8.97 15.47
N MET X 76 44.15 -10.09 15.69
CA MET X 76 43.87 -10.96 16.82
C MET X 76 45.21 -11.39 17.38
N PHE X 77 45.53 -10.93 18.59
CA PHE X 77 46.80 -11.24 19.23
C PHE X 77 46.51 -12.13 20.43
N GLN X 78 47.19 -13.27 20.51
CA GLN X 78 47.08 -14.19 21.64
C GLN X 78 48.41 -14.21 22.36
N TYR X 79 48.46 -13.64 23.57
CA TYR X 79 49.64 -13.81 24.43
C TYR X 79 49.57 -15.18 25.10
N THR X 80 50.64 -15.96 25.03
CA THR X 80 50.80 -17.06 25.96
C THR X 80 52.10 -16.80 26.72
N VAL X 81 52.04 -16.96 28.05
CA VAL X 81 53.13 -16.52 28.92
C VAL X 81 53.79 -17.75 29.52
N TRP X 82 55.13 -17.78 29.50
CA TRP X 82 55.89 -19.01 29.75
C TRP X 82 57.08 -18.77 30.66
N LYS X 83 57.45 -19.81 31.42
CA LYS X 83 58.68 -19.75 32.21
C LYS X 83 59.89 -19.53 31.31
N ASP X 84 59.87 -20.12 30.12
CA ASP X 84 61.01 -20.03 29.21
C ASP X 84 60.55 -20.44 27.83
N VAL X 85 61.44 -20.22 26.85
CA VAL X 85 61.12 -20.58 25.48
C VAL X 85 60.92 -22.08 25.33
N HIS X 86 61.76 -22.89 25.99
CA HIS X 86 61.68 -24.34 25.82
C HIS X 86 60.31 -24.88 26.18
N SER X 87 59.69 -24.33 27.24
CA SER X 87 58.37 -24.81 27.64
C SER X 87 57.36 -24.64 26.53
N HIS X 88 57.37 -23.49 25.87
CA HIS X 88 56.44 -23.24 24.77
C HIS X 88 56.74 -24.16 23.60
N GLU X 89 58.01 -24.28 23.22
CA GLU X 89 58.37 -25.17 22.11
C GLU X 89 58.04 -26.62 22.45
N GLU X 90 58.24 -27.01 23.70
CA GLU X 90 57.91 -28.37 24.10
C GLU X 90 56.38 -28.59 24.09
N MET X 91 55.62 -27.63 24.60
CA MET X 91 54.16 -27.74 24.52
C MET X 91 53.70 -27.92 23.08
N HIS X 92 54.22 -27.07 22.15
CA HIS X 92 53.85 -27.20 20.75
C HIS X 92 54.21 -28.56 20.19
N HIS X 93 55.38 -29.07 20.55
CA HIS X 93 55.80 -30.38 20.06
C HIS X 93 54.91 -31.50 20.62
N ASP X 94 54.70 -31.51 21.94
CA ASP X 94 53.97 -32.63 22.55
C ASP X 94 52.50 -32.66 22.12
N ASN X 95 51.94 -31.53 21.70
CA ASN X 95 50.54 -31.42 21.36
C ASN X 95 50.36 -31.03 19.90
N PHE X 96 51.33 -31.39 19.07
CA PHE X 96 51.36 -30.90 17.70
C PHE X 96 50.12 -31.36 16.93
N LYS X 97 49.78 -32.66 17.06
CA LYS X 97 48.64 -33.21 16.34
C LYS X 97 47.36 -32.47 16.72
N GLU X 98 47.15 -32.23 18.02
CA GLU X 98 45.90 -31.63 18.46
C GLU X 98 45.87 -30.14 18.14
N ILE X 99 46.99 -29.42 18.34
CA ILE X 99 47.02 -28.01 17.95
C ILE X 99 46.81 -27.87 16.45
N PHE X 100 47.39 -28.78 15.65
CA PHE X 100 47.14 -28.74 14.22
C PHE X 100 45.66 -28.96 13.91
N GLU X 101 45.01 -29.93 14.56
CA GLU X 101 43.59 -30.18 14.32
C GLU X 101 42.76 -28.94 14.63
N LEU X 102 43.04 -28.30 15.75
CA LEU X 102 42.30 -27.15 16.22
C LEU X 102 42.55 -25.95 15.29
N CSS X 103 43.80 -25.74 14.91
CA CSS X 103 44.10 -24.56 14.14
CB CSS X 103 45.54 -24.19 14.29
SG CSS X 103 45.74 -23.42 15.89
SD CSS X 103 44.38 -21.96 16.17
C CSS X 103 43.71 -24.76 12.71
O CSS X 103 43.45 -23.76 12.00
N SER X 104 43.65 -26.01 12.24
CA SER X 104 43.13 -26.25 10.89
C SER X 104 41.72 -25.69 10.73
N GLY X 105 40.94 -25.79 11.80
CA GLY X 105 39.63 -25.16 11.79
C GLY X 105 39.69 -23.64 11.73
N CYS X 106 40.66 -23.04 12.44
CA CYS X 106 40.73 -21.57 12.48
C CYS X 106 41.19 -20.95 11.17
N LEU X 107 41.90 -21.69 10.32
CA LEU X 107 42.47 -21.14 9.09
C LEU X 107 41.40 -20.65 8.12
N GLY X 108 40.15 -21.12 8.26
CA GLY X 108 39.05 -20.63 7.45
C GLY X 108 38.66 -19.19 7.73
N MET X 109 39.17 -18.60 8.80
CA MET X 109 38.92 -17.19 9.09
C MET X 109 40.19 -16.35 9.02
N VAL X 110 41.33 -16.98 8.73
CA VAL X 110 42.62 -16.29 8.76
C VAL X 110 42.89 -15.64 7.41
N ILE X 111 43.24 -14.35 7.44
CA ILE X 111 43.62 -13.63 6.24
C ILE X 111 45.12 -13.39 6.16
N GLU X 112 45.79 -13.25 7.30
CA GLU X 112 47.23 -13.07 7.37
C GLU X 112 47.71 -13.68 8.68
N GLY X 113 48.91 -14.23 8.67
CA GLY X 113 49.42 -14.89 9.85
C GLY X 113 49.13 -16.37 9.86
N PRO X 114 49.38 -17.05 10.99
CA PRO X 114 49.93 -16.49 12.22
C PRO X 114 51.43 -16.30 12.13
N TRP X 115 51.91 -15.33 12.89
CA TRP X 115 53.33 -15.10 13.11
C TRP X 115 53.50 -14.97 14.62
N GLU X 116 54.39 -15.76 15.21
CA GLU X 116 54.46 -15.83 16.68
C GLU X 116 55.86 -15.49 17.18
N PRO X 117 56.16 -14.21 17.37
CA PRO X 117 57.46 -13.84 17.95
C PRO X 117 57.49 -14.01 19.46
N TYR X 118 58.71 -14.16 19.97
CA TYR X 118 58.99 -14.21 21.40
C TYR X 118 59.43 -12.84 21.90
N PHE X 119 58.93 -12.45 23.06
CA PHE X 119 59.22 -11.14 23.62
C PHE X 119 59.74 -11.31 25.03
N GLU X 120 60.76 -10.51 25.34
CA GLU X 120 61.23 -10.34 26.70
C GLU X 120 60.49 -9.18 27.34
N VAL X 121 60.10 -9.33 28.60
CA VAL X 121 59.47 -8.24 29.36
C VAL X 121 60.60 -7.39 29.92
N VAL X 122 60.90 -6.28 29.26
CA VAL X 122 62.01 -5.43 29.67
C VAL X 122 61.69 -4.74 31.00
N LYS X 123 60.50 -4.19 31.12
CA LYS X 123 60.05 -3.52 32.33
C LYS X 123 58.53 -3.52 32.29
N SER X 124 57.91 -3.44 33.46
CA SER X 124 56.46 -3.47 33.53
C SER X 124 56.01 -2.81 34.82
N ASP X 125 54.79 -2.29 34.78
CA ASP X 125 54.03 -1.88 35.96
C ASP X 125 52.57 -2.25 35.64
N LEU X 126 52.25 -3.54 35.78
CA LEU X 126 50.96 -4.10 35.42
C LEU X 126 50.27 -4.61 36.67
N PRO X 127 49.07 -4.15 37.00
CA PRO X 127 48.35 -4.73 38.14
C PRO X 127 47.75 -6.08 37.78
N GLN X 128 47.44 -6.83 38.84
CA GLN X 128 46.62 -8.02 38.71
C GLN X 128 45.23 -7.63 38.23
N ILE X 129 44.61 -8.48 37.43
CA ILE X 129 43.25 -8.19 36.99
C ILE X 129 42.26 -8.58 38.09
N MET X 130 41.13 -7.91 38.11
CA MET X 130 40.14 -8.13 39.15
C MET X 130 38.79 -7.69 38.61
N SER X 131 37.76 -7.80 39.45
CA SER X 131 36.45 -7.30 39.07
C SER X 131 35.98 -6.26 40.09
N MET X 132 34.91 -5.55 39.74
CA MET X 132 34.36 -4.52 40.65
C MET X 132 34.08 -5.08 42.03
N THR X 133 33.45 -6.26 42.11
CA THR X 133 33.12 -6.77 43.43
C THR X 133 34.34 -7.21 44.22
N ASP X 134 35.53 -7.24 43.60
CA ASP X 134 36.79 -7.49 44.30
C ASP X 134 37.39 -6.25 44.91
N VAL X 135 36.97 -5.07 44.46
CA VAL X 135 37.72 -3.86 44.77
C VAL X 135 37.71 -3.56 46.27
N PRO X 136 36.59 -3.63 46.99
CA PRO X 136 36.66 -3.37 48.44
C PRO X 136 37.66 -4.25 49.16
N GLN X 137 37.71 -5.54 48.84
CA GLN X 137 38.66 -6.41 49.52
C GLN X 137 40.10 -6.12 49.10
N VAL X 138 40.33 -5.83 47.82
CA VAL X 138 41.68 -5.44 47.38
C VAL X 138 42.14 -4.19 48.11
N LEU X 139 41.24 -3.21 48.26
CA LEU X 139 41.58 -2.00 49.02
C LEU X 139 41.91 -2.35 50.47
N GLY X 140 41.05 -3.11 51.14
CA GLY X 140 41.32 -3.49 52.51
C GLY X 140 42.60 -4.28 52.66
N ASP X 141 42.83 -5.24 51.75
CA ASP X 141 44.05 -6.06 51.83
C ASP X 141 45.29 -5.21 51.60
N SER X 142 45.20 -4.22 50.71
CA SER X 142 46.31 -3.31 50.49
C SER X 142 46.64 -2.55 51.76
N PHE X 143 45.62 -2.04 52.45
CA PHE X 143 45.86 -1.35 53.71
C PHE X 143 46.41 -2.31 54.76
N ALA X 144 45.86 -3.51 54.84
CA ALA X 144 46.36 -4.48 55.82
C ALA X 144 47.83 -4.75 55.60
N LYS X 145 48.22 -5.05 54.35
CA LYS X 145 49.60 -5.33 54.01
C LYS X 145 50.43 -4.05 53.82
N GLN X 146 49.84 -2.88 54.07
CA GLN X 146 50.53 -1.59 53.91
C GLN X 146 51.15 -1.42 52.52
N GLU X 147 50.44 -1.91 51.51
CA GLU X 147 50.89 -1.83 50.13
C GLU X 147 50.09 -0.74 49.42
N ARG X 148 50.62 -0.28 48.29
CA ARG X 148 49.90 0.73 47.54
C ARG X 148 48.71 0.08 46.85
N VAL X 149 47.58 0.76 46.88
CA VAL X 149 46.41 0.25 46.15
C VAL X 149 46.68 0.36 44.65
N PRO X 150 46.45 -0.70 43.87
CA PRO X 150 46.74 -0.62 42.44
C PRO X 150 45.65 0.14 41.68
N LYS X 151 46.00 0.52 40.45
CA LYS X 151 44.99 0.84 39.46
C LYS X 151 44.10 -0.38 39.26
N VAL X 152 42.82 -0.16 39.00
CA VAL X 152 41.87 -1.25 38.83
C VAL X 152 41.87 -1.70 37.38
N ALA X 153 42.34 -2.92 37.15
CA ALA X 153 42.37 -3.55 35.83
C ALA X 153 41.20 -4.52 35.78
N LEU X 154 40.09 -4.10 35.19
CA LEU X 154 38.88 -4.93 35.17
C LEU X 154 39.04 -6.08 34.17
N SER X 155 38.88 -7.31 34.67
CA SER X 155 38.98 -8.52 33.86
C SER X 155 38.05 -8.47 32.67
N SER X 156 38.62 -8.61 31.47
CA SER X 156 37.86 -8.58 30.21
C SER X 156 36.97 -7.33 30.10
N GLN X 157 37.34 -6.22 30.74
CA GLN X 157 36.52 -5.00 30.70
C GLN X 157 37.39 -3.73 30.73
N ARG X 158 38.34 -3.63 29.82
CA ARG X 158 39.20 -2.45 29.72
C ARG X 158 39.81 -2.49 28.33
N THR X 159 40.70 -1.53 28.05
CA THR X 159 41.28 -1.38 26.71
C THR X 159 42.76 -1.68 26.81
N VAL X 160 43.26 -2.48 25.86
CA VAL X 160 44.70 -2.74 25.72
C VAL X 160 45.14 -2.09 24.41
N VAL X 161 46.18 -1.31 24.51
CA VAL X 161 46.79 -0.62 23.37
C VAL X 161 48.20 -1.17 23.20
N ILE X 162 48.62 -1.40 21.96
CA ILE X 162 49.98 -1.87 21.70
C ILE X 162 50.65 -0.92 20.71
N GLY X 163 51.74 -0.32 21.14
CA GLY X 163 52.51 0.59 20.31
C GLY X 163 53.69 -0.11 19.69
N ASP X 164 53.69 -0.16 18.37
CA ASP X 164 54.73 -0.85 17.61
C ASP X 164 55.86 0.14 17.36
N HIS X 165 57.07 -0.24 17.78
CA HIS X 165 58.27 0.58 17.61
C HIS X 165 59.39 -0.25 17.00
N TRP X 166 60.03 0.28 15.96
CA TRP X 166 61.31 -0.25 15.48
C TRP X 166 62.42 0.71 15.88
N VAL X 167 63.39 0.19 16.63
CA VAL X 167 64.42 1.02 17.25
C VAL X 167 65.71 0.94 16.43
N MET X 168 66.34 2.09 16.22
CA MET X 168 67.58 2.17 15.47
C MET X 168 68.67 1.31 16.09
N ASP X 169 69.41 0.63 15.24
CA ASP X 169 70.55 -0.17 15.65
C ASP X 169 71.45 0.61 16.60
N GLY X 170 71.66 0.06 17.79
CA GLY X 170 72.48 0.68 18.81
C GLY X 170 71.76 1.61 19.75
N HIS X 171 70.48 1.88 19.52
CA HIS X 171 69.71 2.76 20.38
C HIS X 171 68.81 2.01 21.35
N GLU X 172 68.96 0.69 21.45
CA GLU X 172 68.01 -0.13 22.22
C GLU X 172 67.93 0.34 23.67
N LYS X 173 69.08 0.50 24.34
CA LYS X 173 69.07 0.88 25.73
C LYS X 173 68.51 2.28 25.93
N ALA X 174 68.87 3.21 25.05
CA ALA X 174 68.30 4.54 25.16
C ALA X 174 66.77 4.48 25.02
N PHE X 175 66.27 3.68 24.08
CA PHE X 175 64.82 3.55 23.94
C PHE X 175 64.20 2.98 25.20
N GLU X 176 64.77 1.92 25.75
CA GLU X 176 64.15 1.28 26.90
C GLU X 176 64.00 2.24 28.07
N GLN X 177 65.04 3.03 28.33
CA GLN X 177 65.00 4.01 29.42
C GLN X 177 64.02 5.13 29.11
N GLY X 178 64.02 5.63 27.87
CA GLY X 178 63.09 6.69 27.51
C GLY X 178 61.63 6.24 27.53
N ALA X 179 61.35 5.03 27.03
CA ALA X 179 59.98 4.51 27.11
C ALA X 179 59.57 4.33 28.56
N THR X 180 60.50 3.85 29.39
CA THR X 180 60.24 3.70 30.82
C THR X 180 59.86 5.03 31.44
N GLU X 181 60.65 6.07 31.18
CA GLU X 181 60.36 7.36 31.80
C GLU X 181 59.03 7.92 31.31
N THR X 182 58.74 7.76 30.02
CA THR X 182 57.45 8.19 29.46
C THR X 182 56.29 7.49 30.16
N LEU X 183 56.37 6.16 30.27
CA LEU X 183 55.25 5.38 30.81
C LEU X 183 55.08 5.61 32.30
N GLU X 184 56.19 5.79 33.03
CA GLU X 184 56.08 6.08 34.46
C GLU X 184 55.43 7.45 34.69
N TRP X 185 55.79 8.44 33.88
CA TRP X 185 55.13 9.76 33.95
C TRP X 185 53.63 9.63 33.66
N MET X 186 53.27 8.89 32.62
CA MET X 186 51.87 8.75 32.27
C MET X 186 51.09 8.05 33.38
N LYS X 187 51.68 7.01 33.98
CA LYS X 187 50.95 6.30 35.03
C LYS X 187 50.76 7.16 36.26
N ALA X 188 51.70 8.04 36.55
CA ALA X 188 51.55 8.94 37.68
C ALA X 188 50.57 10.08 37.38
N ASN X 189 50.41 10.47 36.12
CA ASN X 189 49.78 11.77 35.86
C ASN X 189 48.57 11.74 34.95
N VAL X 190 48.29 10.66 34.24
CA VAL X 190 47.29 10.67 33.19
C VAL X 190 46.08 9.86 33.66
N PRO X 191 44.87 10.42 33.61
CA PRO X 191 43.70 9.69 34.12
C PRO X 191 43.42 8.41 33.34
N GLY X 192 43.03 7.36 34.08
CA GLY X 192 42.65 6.11 33.45
C GLY X 192 43.77 5.21 32.97
N MET X 193 45.04 5.53 33.25
CA MET X 193 46.12 4.61 32.85
C MET X 193 46.20 3.44 33.85
N VAL X 194 45.94 2.23 33.39
CA VAL X 194 45.86 1.09 34.29
C VAL X 194 47.23 0.42 34.50
N GLY X 195 48.03 0.29 33.46
CA GLY X 195 49.33 -0.36 33.61
C GLY X 195 50.05 -0.38 32.28
N TRP X 196 51.28 -0.89 32.30
CA TRP X 196 52.09 -0.90 31.09
C TRP X 196 53.16 -1.98 31.19
N MET X 197 53.72 -2.32 30.03
CA MET X 197 54.74 -3.34 29.88
C MET X 197 55.52 -3.02 28.60
N ILE X 198 56.86 -3.12 28.66
CA ILE X 198 57.73 -2.95 27.50
C ILE X 198 58.23 -4.32 27.07
N MET X 199 57.93 -4.71 25.84
CA MET X 199 58.26 -6.04 25.33
C MET X 199 59.25 -5.91 24.18
N LYS X 200 60.31 -6.74 24.22
CA LYS X 200 61.36 -6.70 23.22
C LYS X 200 61.35 -8.02 22.46
N GLN X 201 61.19 -7.95 21.15
CA GLN X 201 61.22 -9.18 20.36
C GLN X 201 62.66 -9.69 20.27
N PHE X 202 62.88 -10.97 20.61
CA PHE X 202 64.21 -11.56 20.50
C PHE X 202 64.24 -12.84 19.67
N GLY X 203 63.13 -13.25 19.07
CA GLY X 203 63.10 -14.45 18.25
C GLY X 203 61.66 -14.77 17.86
N VAL X 204 61.52 -15.83 17.06
CA VAL X 204 60.21 -16.24 16.57
C VAL X 204 60.13 -17.77 16.64
N SER X 205 58.94 -18.28 16.98
CA SER X 205 58.67 -19.72 16.94
C SER X 205 58.30 -20.15 15.52
N ALA X 206 59.07 -21.10 14.98
CA ALA X 206 58.74 -21.59 13.65
C ALA X 206 57.44 -22.40 13.68
N ILE X 207 57.34 -23.35 14.61
CA ILE X 207 56.14 -24.16 14.71
C ILE X 207 54.93 -23.28 15.02
N GLY X 208 55.09 -22.36 15.96
CA GLY X 208 53.99 -21.47 16.31
C GLY X 208 53.57 -20.55 15.18
N SER X 209 54.48 -20.25 14.24
CA SER X 209 54.13 -19.45 13.07
C SER X 209 53.68 -20.29 11.90
N PHE X 210 53.47 -21.59 12.10
CA PHE X 210 53.06 -22.49 11.01
C PHE X 210 54.07 -22.47 9.86
N GLN X 211 55.34 -22.30 10.17
CA GLN X 211 56.39 -22.30 9.15
C GLN X 211 57.09 -23.66 9.22
N LEU X 212 56.63 -24.59 8.39
CA LEU X 212 57.14 -25.95 8.43
C LEU X 212 58.19 -26.14 7.34
N ASP X 213 58.82 -27.32 7.34
CA ASP X 213 59.63 -27.74 6.21
C ASP X 213 58.75 -27.87 4.97
N PRO X 214 59.35 -27.93 3.78
CA PRO X 214 58.53 -27.95 2.55
C PRO X 214 57.54 -29.10 2.45
N GLU X 215 57.95 -30.32 2.81
CA GLU X 215 57.01 -31.43 2.71
C GLU X 215 55.90 -31.29 3.74
N GLY X 216 56.24 -30.82 4.94
CA GLY X 216 55.22 -30.56 5.93
C GLY X 216 54.22 -29.51 5.46
N ALA X 217 54.72 -28.48 4.77
CA ALA X 217 53.82 -27.46 4.21
C ALA X 217 52.84 -28.07 3.21
N MET X 218 53.33 -28.96 2.34
CA MET X 218 52.46 -29.64 1.39
C MET X 218 51.39 -30.44 2.12
N LYS X 219 51.82 -31.26 3.10
CA LYS X 219 50.88 -32.12 3.83
C LYS X 219 49.88 -31.30 4.64
N ALA X 220 50.31 -30.14 5.18
CA ALA X 220 49.41 -29.33 6.00
C ALA X 220 48.17 -28.89 5.23
N VAL X 221 48.28 -28.70 3.91
CA VAL X 221 47.09 -28.36 3.11
C VAL X 221 46.55 -29.58 2.37
N SER X 222 47.10 -30.77 2.62
CA SER X 222 46.57 -32.01 2.08
C SER X 222 45.57 -32.68 3.04
N THR X 223 45.09 -31.95 4.03
CA THR X 223 44.22 -32.50 5.08
C THR X 223 43.29 -31.41 5.57
N LEU X 224 42.18 -31.82 6.19
CA LEU X 224 41.27 -30.90 6.88
C LEU X 224 41.53 -30.86 8.37
N GLY X 225 42.59 -31.53 8.84
CA GLY X 225 42.94 -31.45 10.24
C GLY X 225 43.21 -32.80 10.87
N ALA X 226 42.70 -33.88 10.27
CA ALA X 226 42.85 -35.19 10.91
C ALA X 226 44.19 -35.85 10.59
N ASN X 227 44.90 -35.41 9.56
CA ASN X 227 46.15 -36.06 9.14
C ASN X 227 47.29 -35.05 9.11
N PRO X 228 47.84 -34.72 10.27
CA PRO X 228 48.82 -33.63 10.35
C PRO X 228 50.15 -33.99 9.71
N PRO X 229 50.94 -33.00 9.32
CA PRO X 229 52.32 -33.28 8.91
C PRO X 229 53.14 -33.73 10.11
N GLU X 230 54.33 -34.26 9.83
CA GLU X 230 55.32 -34.52 10.88
C GLU X 230 55.83 -33.21 11.45
N TYR X 231 56.12 -33.23 12.75
CA TYR X 231 56.77 -32.08 13.39
C TYR X 231 58.14 -31.88 12.75
N ASN X 232 58.32 -30.78 12.02
CA ASN X 232 59.56 -30.51 11.32
C ASN X 232 59.52 -29.08 10.78
N THR X 233 60.70 -28.45 10.67
CA THR X 233 60.84 -27.07 10.20
C THR X 233 62.08 -26.97 9.34
N ASN X 234 62.33 -25.77 8.81
CA ASN X 234 63.62 -25.52 8.15
C ASN X 234 64.77 -25.48 9.12
N TYR X 235 64.47 -25.53 10.43
CA TYR X 235 65.46 -25.64 11.48
C TYR X 235 65.47 -27.02 12.10
N GLY X 236 64.94 -28.03 11.40
CA GLY X 236 64.94 -29.39 11.91
C GLY X 236 63.74 -29.69 12.78
N ASN X 237 63.79 -30.86 13.45
CA ASN X 237 62.64 -31.39 14.19
C ASN X 237 62.92 -31.51 15.68
N LYS X 238 63.95 -30.84 16.20
CA LYS X 238 64.20 -30.92 17.62
C LYS X 238 63.45 -29.81 18.37
N VAL X 239 63.24 -30.03 19.67
CA VAL X 239 62.62 -29.02 20.51
C VAL X 239 63.70 -28.05 20.96
N HIS X 240 63.55 -26.79 20.58
CA HIS X 240 64.57 -25.78 20.79
C HIS X 240 64.49 -25.16 22.18
N ASP X 241 65.67 -24.84 22.73
CA ASP X 241 65.82 -24.07 23.96
C ASP X 241 65.74 -22.57 23.70
N LYS X 242 66.13 -22.16 22.51
CA LYS X 242 66.14 -20.79 22.01
C LYS X 242 65.25 -20.69 20.77
N PRO X 243 64.70 -19.51 20.48
CA PRO X 243 63.87 -19.39 19.27
C PRO X 243 64.64 -19.86 18.06
N PRO X 244 64.05 -20.71 17.21
CA PRO X 244 64.75 -21.13 15.99
C PRO X 244 64.96 -19.98 15.03
N ILE X 245 63.96 -19.11 14.91
CA ILE X 245 63.99 -17.99 13.97
C ILE X 245 64.52 -16.77 14.72
N PRO X 246 65.55 -16.11 14.19
CA PRO X 246 66.09 -14.93 14.87
C PRO X 246 65.07 -13.79 14.96
N GLY X 247 65.24 -12.95 15.99
CA GLY X 247 64.49 -11.72 16.05
C GLY X 247 64.78 -10.82 14.86
N GLN X 248 63.77 -10.05 14.47
CA GLN X 248 63.96 -9.14 13.34
C GLN X 248 64.87 -7.99 13.73
N THR X 249 65.55 -7.43 12.73
CA THR X 249 66.17 -6.13 12.92
C THR X 249 65.63 -5.20 11.85
N PRO X 250 65.48 -3.91 12.14
CA PRO X 250 65.70 -3.23 13.42
C PRO X 250 64.87 -3.85 14.58
N THR X 251 65.41 -3.80 15.80
CA THR X 251 64.74 -4.42 16.94
C THR X 251 63.31 -3.89 17.11
N GLN X 252 62.36 -4.81 17.20
CA GLN X 252 60.97 -4.42 17.47
C GLN X 252 60.71 -4.40 18.97
N TYR X 253 60.13 -3.29 19.45
CA TYR X 253 59.57 -3.20 20.79
C TYR X 253 58.08 -2.97 20.68
N LEU X 254 57.31 -3.72 21.46
CA LEU X 254 55.88 -3.49 21.60
C LEU X 254 55.64 -2.86 22.97
N VAL X 255 55.01 -1.69 22.99
CA VAL X 255 54.66 -1.03 24.24
C VAL X 255 53.18 -1.30 24.52
N HIS X 256 52.94 -2.09 25.56
CA HIS X 256 51.61 -2.57 25.96
C HIS X 256 51.08 -1.64 27.04
N ILE X 257 49.98 -0.96 26.78
CA ILE X 257 49.44 -0.03 27.76
C ILE X 257 47.98 -0.35 27.97
N GLU X 258 47.58 -0.47 29.22
CA GLU X 258 46.18 -0.76 29.56
C GLU X 258 45.50 0.50 30.06
N TRP X 259 44.25 0.68 29.63
CA TRP X 259 43.49 1.88 29.91
C TRP X 259 42.06 1.51 30.29
N GLU X 260 41.42 2.42 31.04
CA GLU X 260 40.06 2.20 31.50
C GLU X 260 39.11 1.95 30.33
N SER X 261 39.30 2.67 29.24
CA SER X 261 38.34 2.67 28.14
C SER X 261 39.05 3.18 26.91
N PRO X 262 38.45 3.01 25.73
CA PRO X 262 39.09 3.54 24.52
C PRO X 262 39.27 5.06 24.56
N GLU X 263 38.32 5.79 25.14
CA GLU X 263 38.44 7.24 25.22
C GLU X 263 39.60 7.64 26.10
N HIS X 264 39.78 6.96 27.25
CA HIS X 264 40.93 7.27 28.11
C HIS X 264 42.25 6.99 27.39
N ALA X 265 42.29 5.90 26.61
CA ALA X 265 43.48 5.58 25.85
C ALA X 265 43.78 6.64 24.80
N HIS X 266 42.74 7.07 24.08
CA HIS X 266 42.95 8.03 23.01
C HIS X 266 43.47 9.34 23.56
N GLN X 267 42.77 9.89 24.55
CA GLN X 267 43.19 11.13 25.19
C GLN X 267 44.49 10.95 25.97
N GLY X 268 44.68 9.80 26.61
CA GLY X 268 45.89 9.61 27.40
C GLY X 268 47.15 9.54 26.55
N LEU X 269 47.12 8.75 25.47
CA LEU X 269 48.27 8.70 24.56
C LEU X 269 48.55 10.06 23.95
N GLY X 270 47.52 10.89 23.77
CA GLY X 270 47.71 12.23 23.21
C GLY X 270 48.56 13.13 24.08
N HIS X 271 48.75 12.78 25.34
CA HIS X 271 49.56 13.61 26.23
C HIS X 271 51.02 13.71 25.79
N VAL X 272 51.53 12.74 25.02
CA VAL X 272 52.90 12.89 24.52
C VAL X 272 53.01 14.01 23.51
N MET X 273 51.87 14.55 23.08
CA MET X 273 51.87 15.70 22.18
C MET X 273 51.34 16.96 22.84
N VAL X 274 50.43 16.88 23.82
CA VAL X 274 49.80 18.09 24.32
C VAL X 274 50.23 18.43 25.74
N ASP X 275 51.17 17.70 26.33
CA ASP X 275 51.78 18.12 27.58
C ASP X 275 53.26 18.37 27.33
N TYR X 276 53.70 19.61 27.60
CA TYR X 276 55.06 20.02 27.22
C TYR X 276 56.11 19.11 27.86
N GLU X 277 55.95 18.85 29.15
CA GLU X 277 56.97 18.10 29.87
C GLU X 277 57.04 16.66 29.37
N LEU X 278 55.88 16.00 29.21
CA LEU X 278 55.89 14.64 28.67
C LEU X 278 56.39 14.62 27.23
N ARG X 279 56.05 15.66 26.47
CA ARG X 279 56.50 15.77 25.09
C ARG X 279 58.03 15.78 24.99
N GLN X 280 58.69 16.52 25.88
CA GLN X 280 60.16 16.50 25.87
C GLN X 280 60.69 15.12 26.23
N ILE X 281 60.10 14.47 27.24
CA ILE X 281 60.54 13.12 27.62
C ILE X 281 60.40 12.15 26.46
N HIS X 282 59.22 12.16 25.82
CA HIS X 282 58.92 11.19 24.77
C HIS X 282 59.68 11.49 23.49
N ASN X 283 59.78 12.77 23.13
CA ASN X 283 60.53 13.14 21.93
C ASN X 283 61.98 12.67 22.04
N ASN X 284 62.64 13.01 23.14
CA ASN X 284 64.06 12.72 23.25
C ASN X 284 64.35 11.28 23.67
N GLY X 285 63.46 10.68 24.45
CA GLY X 285 63.69 9.35 24.98
C GLY X 285 63.14 8.24 24.13
N VAL X 286 62.18 8.55 23.24
CA VAL X 286 61.54 7.52 22.43
C VAL X 286 61.66 7.84 20.95
N LEU X 287 61.05 8.98 20.52
CA LEU X 287 60.96 9.28 19.08
C LEU X 287 62.34 9.42 18.45
N ALA X 288 63.31 9.96 19.18
CA ALA X 288 64.64 10.14 18.63
C ALA X 288 65.34 8.83 18.31
N HIS X 289 64.83 7.68 18.77
CA HIS X 289 65.55 6.43 18.61
C HIS X 289 64.89 5.47 17.65
N LEU X 290 63.89 5.92 16.90
CA LEU X 290 63.04 5.04 16.11
C LEU X 290 63.41 5.06 14.63
N ASP X 291 63.44 3.87 14.03
CA ASP X 291 63.36 3.73 12.58
C ASP X 291 61.91 3.71 12.09
N LYS X 292 60.99 3.17 12.88
CA LYS X 292 59.61 3.05 12.45
C LYS X 292 58.69 3.26 13.64
N GLY X 293 57.54 3.88 13.40
CA GLY X 293 56.54 4.06 14.43
C GLY X 293 56.64 5.45 15.05
N PRO X 294 55.94 5.64 16.17
CA PRO X 294 55.10 4.62 16.80
C PRO X 294 53.75 4.42 16.13
N TYR X 295 53.24 3.19 16.19
CA TYR X 295 51.91 2.87 15.66
C TYR X 295 51.12 2.13 16.73
N TYR X 296 49.98 2.66 17.12
CA TYR X 296 49.22 2.13 18.24
C TYR X 296 47.92 1.47 17.76
N MET X 297 47.80 0.17 18.01
CA MET X 297 46.56 -0.57 17.76
C MET X 297 45.79 -0.70 19.07
N PHE X 298 44.47 -0.55 19.00
CA PHE X 298 43.58 -0.69 20.15
C PHE X 298 43.00 -2.08 20.17
N PHE X 299 42.95 -2.70 21.35
CA PHE X 299 42.43 -4.05 21.51
C PHE X 299 41.47 -4.13 22.69
N SER X 300 40.56 -5.09 22.58
CA SER X 300 39.75 -5.49 23.70
C SER X 300 40.18 -6.87 24.16
N PRO X 301 40.46 -7.08 25.44
CA PRO X 301 40.82 -8.41 25.93
C PRO X 301 39.57 -9.29 26.06
N MET X 302 39.43 -10.26 25.17
CA MET X 302 38.24 -11.11 25.15
C MET X 302 38.26 -12.13 26.29
N MET X 303 39.35 -12.85 26.45
CA MET X 303 39.52 -13.84 27.52
C MET X 303 40.89 -13.63 28.14
N GLU X 304 41.00 -13.83 29.45
CA GLU X 304 42.27 -13.66 30.12
C GLU X 304 42.42 -14.75 31.18
N GLN X 305 43.62 -15.29 31.27
CA GLN X 305 44.06 -16.05 32.43
C GLN X 305 45.24 -15.25 32.97
N GLY X 306 44.99 -14.41 33.98
CA GLY X 306 45.92 -13.37 34.37
C GLY X 306 46.86 -13.68 35.53
N LEU X 307 46.98 -14.94 35.94
CA LEU X 307 47.88 -15.24 37.06
C LEU X 307 49.35 -14.99 36.75
N TRP X 308 49.74 -15.00 35.48
CA TRP X 308 51.13 -14.66 35.15
C TRP X 308 51.50 -13.27 35.63
N ARG X 309 50.53 -12.34 35.69
CA ARG X 309 50.86 -10.99 36.14
C ARG X 309 51.34 -11.00 37.56
N LYS X 310 50.89 -11.98 38.36
CA LYS X 310 51.17 -11.99 39.79
C LYS X 310 52.66 -12.09 40.08
N HIS X 311 53.46 -12.63 39.18
CA HIS X 311 54.90 -12.67 39.38
C HIS X 311 55.65 -11.94 38.27
N LEU X 312 55.63 -10.61 38.33
CA LEU X 312 56.46 -9.70 37.56
C LEU X 312 57.34 -8.86 38.51
N LYS X 313 58.02 -7.85 37.95
CA LYS X 313 58.91 -6.94 38.69
C LYS X 313 60.04 -7.75 39.30
FE FE Y . 10.38 -27.47 52.06
S SO4 Z . 13.07 -40.07 63.08
O1 SO4 Z . 12.15 -41.17 62.76
O2 SO4 Z . 13.54 -39.49 61.83
O3 SO4 Z . 12.35 -39.06 63.84
O4 SO4 Z . 14.21 -40.55 63.87
S SO4 AA . 24.36 -5.26 55.25
O1 SO4 AA . 23.92 -5.44 53.87
O2 SO4 AA . 25.74 -5.74 55.36
O3 SO4 AA . 23.49 -6.06 56.12
O4 SO4 AA . 24.32 -3.83 55.58
S SO4 BA . 41.63 -11.25 42.53
O1 SO4 BA . 40.85 -11.85 41.46
O2 SO4 BA . 42.71 -12.18 42.86
O3 SO4 BA . 40.77 -10.99 43.69
O4 SO4 BA . 42.21 -10.00 42.04
FE FE CA . -18.88 -4.95 56.35
S SO4 DA . -18.54 -3.78 73.16
O1 SO4 DA . -19.04 -5.02 72.59
O2 SO4 DA . -17.95 -2.94 72.12
O3 SO4 DA . -17.51 -4.06 74.15
O4 SO4 DA . -19.65 -3.06 73.79
S SO4 EA . -41.46 0.78 44.18
O1 SO4 EA . -42.77 0.39 43.63
O2 SO4 EA . -40.44 0.53 43.17
O3 SO4 EA . -41.48 2.21 44.54
O4 SO4 EA . -41.14 0.01 45.39
FE FE FA . -23.19 -38.11 39.97
S SO4 GA . -34.34 -44.78 50.79
O1 SO4 GA . -34.80 -46.17 50.85
O2 SO4 GA . -34.22 -44.36 49.39
O3 SO4 GA . -33.05 -44.65 51.44
O4 SO4 GA . -35.30 -43.89 51.44
S SO4 HA . -9.11 -55.04 24.64
O1 SO4 HA . -9.41 -53.95 23.72
O2 SO4 HA . -10.13 -56.09 24.46
O3 SO4 HA . -9.16 -54.53 26.01
O4 SO4 HA . -7.78 -55.58 24.33
S SO4 IA . -23.47 -55.53 7.61
O1 SO4 IA . -24.92 -55.59 7.41
O2 SO4 IA . -22.81 -56.42 6.65
O3 SO4 IA . -23.01 -54.16 7.36
O4 SO4 IA . -23.12 -55.90 8.98
FE FE JA . 14.36 -26.97 -50.92
S SO4 KA . 13.62 -31.37 -67.65
O1 SO4 KA . 12.47 -31.15 -68.50
O2 SO4 KA . 14.85 -31.08 -68.38
O3 SO4 KA . 13.64 -32.77 -67.21
O4 SO4 KA . 13.54 -30.51 -66.49
S SO4 LA . 38.17 -23.65 -40.49
O1 SO4 LA . 37.93 -24.86 -41.27
O2 SO4 LA . 38.23 -22.51 -41.41
O3 SO4 LA . 37.08 -23.48 -39.56
O4 SO4 LA . 39.43 -23.77 -39.75
FE FE MA . -50.98 -24.35 18.74
S SO4 NA . -62.13 -35.66 25.43
O1 SO4 NA . -61.48 -36.73 24.66
O2 SO4 NA . -62.97 -34.86 24.54
O3 SO4 NA . -61.10 -34.81 26.02
O4 SO4 NA . -62.95 -36.22 26.49
S SO4 OA . -54.77 0.73 26.09
O1 SO4 OA . -53.44 0.42 25.56
O2 SO4 OA . -55.73 -0.17 25.45
O3 SO4 OA . -55.06 2.14 25.80
O4 SO4 OA . -54.79 0.51 27.53
FE FE PA . -56.52 -11.29 -15.24
S SO4 QA . -73.75 -10.87 -15.41
O1 SO4 QA . -73.75 -12.30 -15.71
O2 SO4 QA . -74.52 -10.15 -16.41
O3 SO4 QA . -74.32 -10.63 -14.08
O4 SO4 QA . -72.37 -10.37 -15.41
S SO4 RA . -45.01 -11.86 -38.74
O1 SO4 RA . -45.54 -10.74 -39.52
O2 SO4 RA . -44.12 -12.68 -39.56
O3 SO4 RA . -46.13 -12.66 -38.24
O4 SO4 RA . -44.26 -11.34 -37.59
S SO4 SA . -42.59 10.27 -41.85
O1 SO4 SA . -42.04 10.20 -43.20
O2 SO4 SA . -43.32 9.04 -41.54
O3 SO4 SA . -43.47 11.43 -41.75
O4 SO4 SA . -41.50 10.42 -40.89
FE FE TA . 45.27 31.69 22.60
S SO4 UA . 54.54 45.21 27.41
O1 SO4 UA . 55.35 45.25 26.20
O2 SO4 UA . 53.71 44.01 27.42
O3 SO4 UA . 53.64 46.36 27.44
O4 SO4 UA . 55.40 45.20 28.58
S SO4 VA . 45.42 10.59 38.60
O1 SO4 VA . 44.49 10.49 37.47
O2 SO4 VA . 45.79 9.23 38.99
O3 SO4 VA . 46.58 11.39 38.18
O4 SO4 VA . 44.76 11.26 39.71
FE FE WA . 59.21 8.14 -2.57
S SO4 XA . 75.43 8.24 2.35
O1 SO4 XA . 76.76 7.75 1.99
O2 SO4 XA . 74.42 7.29 1.90
O3 SO4 XA . 75.20 9.54 1.72
O4 SO4 XA . 75.32 8.39 3.80
S SO4 YA . 54.09 0.19 -27.25
O1 SO4 YA . 54.54 -1.21 -27.23
O2 SO4 YA . 53.67 0.57 -28.59
O3 SO4 YA . 55.19 1.03 -26.75
O4 SO4 YA . 52.96 0.34 -26.34
FE FE ZA . 42.58 39.64 -13.58
S SO4 AB . 55.46 46.28 -21.85
O1 SO4 AB . 56.27 45.19 -22.43
O2 SO4 AB . 55.47 47.41 -22.77
O3 SO4 AB . 55.99 46.72 -20.56
O4 SO4 AB . 54.11 45.76 -21.69
S SO4 BB . 23.11 55.64 -5.86
O1 SO4 BB . 23.06 54.17 -5.80
O2 SO4 BB . 22.87 56.09 -7.23
O3 SO4 BB . 24.48 56.02 -5.51
O4 SO4 BB . 22.11 56.20 -4.96
FE FE CB . -0.81 40.78 -43.58
S SO4 DB . -6.17 49.86 -56.96
O1 SO4 DB . -6.99 48.83 -57.60
O2 SO4 DB . -4.85 49.90 -57.59
O3 SO4 DB . -6.04 49.53 -55.56
O4 SO4 DB . -6.79 51.17 -57.10
S SO4 EB . 10.95 54.62 -24.40
O1 SO4 EB . 10.37 53.45 -23.77
O2 SO4 EB . 11.10 54.35 -25.83
O3 SO4 EB . 12.24 54.92 -23.77
O4 SO4 EB . 10.04 55.76 -24.22
FE FE FB . 31.53 22.85 -45.25
S SO4 GB . 40.45 34.11 -54.42
O1 SO4 GB . 39.64 33.59 -55.53
O2 SO4 GB . 41.87 34.09 -54.79
O3 SO4 GB . 40.02 35.47 -54.11
O4 SO4 GB . 40.24 33.29 -53.23
S SO4 HB . 41.09 -1.96 -44.85
O1 SO4 HB . 42.16 -2.07 -45.82
O2 SO4 HB . 40.58 -3.31 -44.58
O3 SO4 HB . 40.03 -1.11 -45.39
O4 SO4 HB . 41.62 -1.35 -43.63
FE FE IB . 1.04 7.30 -59.32
S SO4 JB . 5.75 5.68 -75.69
O1 SO4 JB . 6.87 5.00 -76.33
O2 SO4 JB . 4.59 5.68 -76.59
O3 SO4 JB . 6.13 7.05 -75.37
O4 SO4 JB . 5.40 4.96 -74.48
S SO4 KB . -24.94 6.91 -54.87
O1 SO4 KB . -24.14 7.58 -55.90
O2 SO4 KB . -25.52 5.69 -55.40
O3 SO4 KB . -24.04 6.56 -53.76
O4 SO4 KB . -26.01 7.78 -54.39
FE FE LB . 3.37 24.96 54.12
S SO4 MB . -1.31 29.74 69.86
O1 SO4 MB . -2.50 30.59 69.77
O2 SO4 MB . -1.46 28.63 68.93
O3 SO4 MB . -0.12 30.51 69.53
O4 SO4 MB . -1.17 29.21 71.21
S SO4 NB . 28.24 16.06 51.23
O1 SO4 NB . 27.30 15.63 50.19
O2 SO4 NB . 29.58 16.17 50.64
O3 SO4 NB . 27.76 17.33 51.77
O4 SO4 NB . 28.25 15.08 52.31
FE FE OB . 13.32 50.36 29.20
S SO4 PB . 21.75 60.97 39.48
O1 SO4 PB . 22.46 62.21 39.18
O2 SO4 PB . 21.24 60.40 38.24
O3 SO4 PB . 20.63 61.25 40.37
O4 SO4 PB . 22.67 60.01 40.09
S SO4 QB . 4.83 60.23 5.88
O1 SO4 QB . 4.56 58.80 5.82
O2 SO4 QB . 3.90 60.93 5.00
O3 SO4 QB . 4.70 60.65 7.28
O4 SO4 QB . 6.21 60.51 5.45
FE FE RB . -22.36 43.03 34.75
S SO4 SB . -27.59 58.41 39.76
O1 SO4 SB . -26.92 59.30 38.81
O2 SO4 SB . -27.60 57.06 39.19
O3 SO4 SB . -26.90 58.39 41.05
O4 SO4 SB . -28.97 58.87 39.94
S SO4 TB . -37.85 22.84 41.51
O1 SO4 TB . -36.91 22.44 40.46
O2 SO4 TB . -39.09 23.32 40.90
O3 SO4 TB . -37.26 23.92 42.29
O4 SO4 TB . -38.14 21.66 42.34
FE FE UB . -54.54 23.91 -2.41
S SO4 VB . -70.64 26.88 -8.18
O1 SO4 VB . -70.58 25.99 -9.33
O2 SO4 VB . -70.22 28.23 -8.56
O3 SO4 VB . -69.75 26.39 -7.14
O4 SO4 VB . -72.01 26.94 -7.66
S SO4 WB . -50.98 22.77 23.53
O1 SO4 WB . -49.90 22.45 22.61
O2 SO4 WB . -51.87 23.73 22.88
O3 SO4 WB . -50.41 23.33 24.76
O4 SO4 WB . -51.72 21.55 23.85
FE FE XB . -30.12 51.52 -0.86
S SO4 YB . -40.48 63.91 4.15
O1 SO4 YB . -41.18 63.47 2.94
O2 SO4 YB . -39.24 63.16 4.28
O3 SO4 YB . -41.30 63.65 5.32
O4 SO4 YB . -40.17 65.33 4.04
S SO4 ZB . -7.46 59.16 -12.41
O1 SO4 ZB . -8.70 59.64 -13.03
O2 SO4 ZB . -6.35 59.14 -13.38
O3 SO4 ZB . -7.68 57.81 -11.91
O4 SO4 ZB . -7.13 60.06 -11.30
FE FE AC . -36.10 34.22 -33.20
S SO4 BC . -41.24 47.49 -42.07
O1 SO4 BC . -41.72 47.87 -43.40
O2 SO4 BC . -40.87 46.08 -42.09
O3 SO4 BC . -42.30 47.73 -41.10
O4 SO4 BC . -40.06 48.29 -41.73
FE FE CC . 26.74 -47.46 24.87
S SO4 DC . 35.00 -56.96 36.32
O1 SO4 DC . 35.92 -57.62 35.40
O2 SO4 DC . 33.88 -56.39 35.57
O3 SO4 DC . 35.69 -55.89 37.04
O4 SO4 DC . 34.45 -57.93 37.28
FE FE EC . 42.15 -41.66 -8.36
S SO4 FC . 49.39 -57.12 -10.61
O1 SO4 FC . 49.97 -57.84 -11.73
O2 SO4 FC . 48.97 -55.80 -11.07
O3 SO4 FC . 50.39 -56.96 -9.55
O4 SO4 FC . 48.23 -57.83 -10.08
S SO4 GC . 51.83 -21.47 -22.85
O1 SO4 GC . 50.46 -21.23 -22.38
O2 SO4 GC . 51.80 -21.83 -24.25
O3 SO4 GC . 52.40 -22.57 -22.05
O4 SO4 GC . 52.61 -20.24 -22.69
S SO4 HC . 7.53 -59.34 10.58
O1 SO4 HC . 7.61 -57.96 10.13
O2 SO4 HC . 6.83 -60.14 9.56
O3 SO4 HC . 8.90 -59.83 10.79
O4 SO4 HC . 6.80 -59.43 11.84
FE FE IC . 10.31 -53.16 -25.11
S SO4 JC . 19.37 -65.65 -32.78
O1 SO4 JC . 19.90 -65.20 -34.06
O2 SO4 JC . 17.98 -66.05 -32.95
O3 SO4 JC . 19.46 -64.57 -31.81
O4 SO4 JC . 20.15 -66.81 -32.33
S SO4 KC . -6.44 -60.17 -6.22
O1 SO4 KC . -6.09 -60.73 -7.53
O2 SO4 KC . -7.83 -60.47 -5.87
O3 SO4 KC . -6.28 -58.72 -6.27
O4 SO4 KC . -5.55 -60.73 -5.21
FE FE LC . -19.35 -38.46 -41.38
S SO4 MC . -25.79 -52.45 -48.66
O1 SO4 MC . -24.97 -52.09 -49.82
O2 SO4 MC . -27.18 -52.61 -49.08
O3 SO4 MC . -25.29 -53.69 -48.07
O4 SO4 MC . -25.71 -51.39 -47.66
S SO4 NC . -27.02 -15.33 -52.10
O1 SO4 NC . -26.48 -16.57 -52.66
O2 SO4 NC . -26.69 -14.18 -52.92
O3 SO4 NC . -26.47 -15.15 -50.76
O4 SO4 NC . -28.48 -15.45 -51.99
FE FE OC . -39.45 -43.66 -9.95
S SO4 PC . -50.16 -53.96 -18.72
O1 SO4 PC . -50.83 -54.18 -20.01
O2 SO4 PC . -49.46 -55.18 -18.34
O3 SO4 PC . -51.16 -53.63 -17.71
O4 SO4 PC . -49.21 -52.87 -18.83
FE FE QC . 52.16 -20.83 20.39
S SO4 RC . 68.59 -24.80 20.89
O1 SO4 RC . 68.59 -24.86 19.44
O2 SO4 RC . 68.16 -26.09 21.43
O3 SO4 RC . 67.68 -23.74 21.32
O4 SO4 RC . 69.93 -24.50 21.38
#